data_2E1Q
#
_entry.id   2E1Q
#
_cell.length_a   134.571
_cell.length_b   140.944
_cell.length_c   176.484
_cell.angle_alpha   90.00
_cell.angle_beta   91.49
_cell.angle_gamma   90.00
#
_symmetry.space_group_name_H-M   'P 1 21 1'
#
loop_
_entity.id
_entity.type
_entity.pdbx_description
1 polymer 'Xanthine dehydrogenase/oxidase'
2 non-polymer 'BICARBONATE ION'
3 non-polymer 'CALCIUM ION'
4 non-polymer 'FE2/S2 (INORGANIC) CLUSTER'
5 non-polymer 'FLAVIN-ADENINE DINUCLEOTIDE'
6 non-polymer 'PHOSPHONIC ACIDMONO-(2-AMINO-5,6-DIMERCAPTO-4-OXO-3,7,8A,9,10,10A-HEXAHYDRO-4H-8-OXA-1,3,9,10-TETRAAZA-ANTHRACEN-7-YLMETHYL)ESTER'
7 non-polymer HYDROXY(DIOXO)MOLYBDENUM
8 non-polymer '2-HYDROXYBENZOIC ACID'
9 water water
#
_entity_poly.entity_id   1
_entity_poly.type   'polypeptide(L)'
_entity_poly.pdbx_seq_one_letter_code
;MTADKLVFFVNGRKVVEKNADPETTLLAYLRRKLGLSGTKLGCGEGGCGACTVMLSKYDRLQNKIVHFSANACLAPICSL
HHVAVTTVEGIGSTKTRLHPVQERIAKSHGSQCGFCTPGIVMSMYTLLRNQPEPTMEEIENAFQGNLCRCTGYRPILQGF
RTFARDGGCCGGDGNNPNCCMNQKKDHSVSLSPSLFKPEEFTPLDPTQEPIFPPELLRLKDTPRKQLRFEGERVTWIQAS
TLKELLDLKAQHPDAKLVVGNTEIGIEMKFKNMLFPMIVCPAWIPELNSVEHGPDGISFGAACPLSIVEKTLVDAVAKLP
AQKTEVFRGVLEQLRWFAGKQVKSVASVGGNIITASPISDLNPVFMASGAKLTLVSRGTRRTVQMDHTFFPGYRKTLLSP
EEILLSIEIPYSREGEYFSAFKQASRREDDIAKVTSGMRVLFKPGTTEVQELALCYGGMANRTISALKTTQRQLSKLWKE
ELLQDVCAGLAEELHLPPDAPGGMVDFRCTLTLSFFFKFYLTVLQKLGQENLEDKCGKLDPTFASATLLFQKDPPADVQL
FQEVPKGQSEEDMVGRPLPHLAADMQASGEAVYCDDIPRYENELSLRLVTSTRAHAKIKSIDTSEAKKVPGFVCFISADD
VPGSNITGICNDETVFAKDKVTCVGHIIGAVVADTPEHTQRAAQGVKITYEELPAIITIEDAIKNNSFYGPELKIEKGDL
KKGFSEADNVVSGEIYIGGQEHFYLETHCTIAVPKGEAGEMELFVSTQNTMKTQSFVAKMLGVPANRIVVRVKRMGGGFG
GKVTRSTVVSTAVALAAYKTGRPVRCMLDRDEDMLITGGRHPFLARYKVGFMKTGTVVALEVDHFSNVGNTQDLSQSIME
RALFHMDNCYKIPNIRGTGRLCKTNLPSNTAFRGFGGPQGMLIAECWMSEVAVTCGMPAEEVRRKNLYKEGDLTHFNQKL
EGFTLPRCWEECLASSQYHARKSEVDKFNKENCWKKRGLCIIPTKFGISFTVPFLNQAGALLHVYTDGSVLLTHGGTEMG
QGLHTKMVQVASRALKIPTSKIYISETSTNTVPNTSPTAASVSADLNGQAVYAACQTILKRLEPYKKKNPSGSWEDWVTA
AYMDTVSLSATGFYRTPNLGYSFETNSGNPFHYFSYGVACSEVEIDCLTGDHKNLRTDIVMDVGSSLNPAIDIGQVEGAF
VQGLGLFTLEELHYSPEGSLHTRGPSTYKIPAFGSIPIEFRVSLLRDCPNKKAIYASKAVGEPPLFLAASIFFAIKDAIR
AARAQHTGNNVKELFRLDSPATPEKIRNACVDKFTTLCVTGVPENCKPWSVRV
;
_entity_poly.pdbx_strand_id   A,B,C,D
#
loop_
_chem_comp.id
_chem_comp.type
_chem_comp.name
_chem_comp.formula
BCT non-polymer 'BICARBONATE ION' 'C H O3 -1'
CA non-polymer 'CALCIUM ION' 'Ca 2'
FAD non-polymer 'FLAVIN-ADENINE DINUCLEOTIDE' 'C27 H33 N9 O15 P2'
FES non-polymer 'FE2/S2 (INORGANIC) CLUSTER' 'Fe2 S2'
MOM non-polymer HYDROXY(DIOXO)MOLYBDENUM 'H Mo O3'
MTE non-polymer 'PHOSPHONIC ACIDMONO-(2-AMINO-5,6-DIMERCAPTO-4-OXO-3,7,8A,9,10,10A-HEXAHYDRO-4H-8-OXA-1,3,9,10-TETRAAZA-ANTHRACEN-7-YLMETHYL)ESTER' 'C10 H14 N5 O6 P S2'
SAL non-polymer '2-HYDROXYBENZOIC ACID' 'C7 H6 O3'
#
# COMPACT_ATOMS: atom_id res chain seq x y z
N ALA A 3 -67.96 51.28 17.62
CA ALA A 3 -67.13 50.53 16.62
C ALA A 3 -65.76 51.16 16.52
N ASP A 4 -65.10 50.88 15.41
CA ASP A 4 -63.78 51.44 15.10
C ASP A 4 -62.51 50.86 15.70
N LYS A 5 -62.22 51.21 16.95
CA LYS A 5 -60.98 50.73 17.57
C LYS A 5 -60.92 49.26 17.99
N LEU A 6 -59.95 48.55 17.44
CA LEU A 6 -59.74 47.16 17.76
C LEU A 6 -58.80 47.09 18.96
N VAL A 7 -59.27 46.47 20.04
CA VAL A 7 -58.46 46.36 21.24
C VAL A 7 -58.41 44.91 21.69
N PHE A 8 -57.20 44.42 21.94
CA PHE A 8 -56.99 43.07 22.42
C PHE A 8 -55.64 43.03 23.11
N PHE A 9 -55.19 41.85 23.52
CA PHE A 9 -53.91 41.75 24.22
C PHE A 9 -52.98 40.72 23.61
N VAL A 10 -51.68 40.96 23.77
CA VAL A 10 -50.67 40.04 23.28
C VAL A 10 -49.64 39.91 24.38
N ASN A 11 -49.58 38.75 24.99
CA ASN A 11 -48.65 38.49 26.08
C ASN A 11 -48.79 39.53 27.19
N GLY A 12 -50.03 39.76 27.61
CA GLY A 12 -50.30 40.72 28.67
C GLY A 12 -50.32 42.18 28.26
N ARG A 13 -49.64 42.52 27.17
CA ARG A 13 -49.61 43.90 26.72
C ARG A 13 -50.81 44.26 25.86
N LYS A 14 -51.40 45.41 26.16
CA LYS A 14 -52.58 45.90 25.45
C LYS A 14 -52.24 46.46 24.08
N VAL A 15 -53.06 46.11 23.10
CA VAL A 15 -52.87 46.57 21.72
C VAL A 15 -54.08 47.36 21.25
N VAL A 16 -53.85 48.56 20.77
CA VAL A 16 -54.94 49.41 20.28
C VAL A 16 -54.79 49.72 18.81
N GLU A 17 -55.50 48.98 17.96
CA GLU A 17 -55.46 49.20 16.52
C GLU A 17 -56.62 50.11 16.10
N LYS A 18 -56.31 51.33 15.68
CA LYS A 18 -57.33 52.30 15.29
C LYS A 18 -57.92 52.12 13.89
N ASN A 19 -57.18 51.44 13.02
CA ASN A 19 -57.67 51.20 11.67
C ASN A 19 -57.39 49.76 11.30
N ALA A 20 -58.05 48.85 12.00
CA ALA A 20 -57.89 47.43 11.74
C ALA A 20 -58.40 47.06 10.36
N ASP A 21 -57.63 46.26 9.65
CA ASP A 21 -58.03 45.81 8.33
C ASP A 21 -58.59 44.42 8.50
N PRO A 22 -59.81 44.17 7.99
CA PRO A 22 -60.45 42.86 8.09
C PRO A 22 -59.64 41.75 7.43
N GLU A 23 -58.75 42.10 6.52
CA GLU A 23 -57.95 41.09 5.84
C GLU A 23 -56.62 40.77 6.54
N THR A 24 -56.36 41.46 7.64
CA THR A 24 -55.12 41.26 8.40
C THR A 24 -55.21 40.08 9.35
N THR A 25 -54.34 39.08 9.18
CA THR A 25 -54.37 37.93 10.08
C THR A 25 -53.58 38.23 11.34
N LEU A 26 -53.77 37.39 12.35
CA LEU A 26 -53.05 37.55 13.61
C LEU A 26 -51.57 37.28 13.33
N LEU A 27 -51.29 36.22 12.61
CA LEU A 27 -49.91 35.87 12.28
C LEU A 27 -49.24 37.04 11.59
N ALA A 28 -49.99 37.75 10.76
CA ALA A 28 -49.46 38.92 10.05
C ALA A 28 -49.23 40.09 11.01
N TYR A 29 -50.14 40.28 11.95
CA TYR A 29 -50.02 41.36 12.92
C TYR A 29 -48.87 41.09 13.90
N LEU A 30 -48.78 39.86 14.39
CA LEU A 30 -47.74 39.49 15.34
C LEU A 30 -46.32 39.65 14.77
N ARG A 31 -46.07 39.03 13.64
CA ARG A 31 -44.77 39.07 13.00
C ARG A 31 -44.43 40.41 12.38
N ARG A 32 -45.39 40.98 11.66
CA ARG A 32 -45.15 42.23 10.96
C ARG A 32 -45.54 43.53 11.62
N LYS A 33 -46.13 43.47 12.81
CA LYS A 33 -46.51 44.70 13.47
C LYS A 33 -45.97 44.77 14.88
N LEU A 34 -46.05 43.66 15.60
CA LEU A 34 -45.57 43.61 16.97
C LEU A 34 -44.12 43.15 17.05
N GLY A 35 -43.61 42.55 15.97
CA GLY A 35 -42.23 42.09 15.97
C GLY A 35 -42.00 40.78 16.72
N LEU A 36 -43.06 39.99 16.89
CA LEU A 36 -42.95 38.71 17.57
C LEU A 36 -42.75 37.65 16.49
N SER A 37 -41.49 37.33 16.22
CA SER A 37 -41.15 36.35 15.19
C SER A 37 -41.28 34.92 15.65
N GLY A 38 -41.54 34.72 16.95
CA GLY A 38 -41.67 33.38 17.49
C GLY A 38 -42.71 32.53 16.76
N THR A 39 -43.86 33.12 16.46
CA THR A 39 -44.94 32.41 15.76
C THR A 39 -44.54 32.35 14.27
N LYS A 40 -44.41 31.14 13.73
CA LYS A 40 -43.99 30.98 12.34
C LYS A 40 -45.08 30.74 11.31
N LEU A 41 -44.73 30.99 10.05
CA LEU A 41 -45.63 30.76 8.92
C LEU A 41 -45.15 29.48 8.22
N GLY A 42 -46.00 28.45 8.24
CA GLY A 42 -45.63 27.20 7.63
C GLY A 42 -46.51 26.79 6.44
N CYS A 43 -47.73 27.32 6.38
CA CYS A 43 -48.63 26.97 5.29
C CYS A 43 -49.80 27.94 5.06
N GLY A 44 -50.15 28.72 6.09
CA GLY A 44 -51.25 29.66 5.97
C GLY A 44 -52.51 28.93 5.55
N GLU A 45 -52.51 27.64 5.82
CA GLU A 45 -53.59 26.75 5.43
C GLU A 45 -54.22 26.04 6.63
N GLY A 46 -53.67 26.29 7.82
CA GLY A 46 -54.20 25.69 9.03
C GLY A 46 -53.85 24.23 9.26
N GLY A 47 -52.95 23.67 8.47
CA GLY A 47 -52.61 22.28 8.65
C GLY A 47 -51.26 21.92 9.22
N CYS A 48 -50.44 22.89 9.63
CA CYS A 48 -49.12 22.56 10.15
C CYS A 48 -48.91 22.97 11.60
N GLY A 49 -49.75 23.87 12.09
CA GLY A 49 -49.67 24.33 13.47
C GLY A 49 -48.45 25.14 13.84
N ALA A 50 -47.61 25.47 12.87
CA ALA A 50 -46.41 26.24 13.17
C ALA A 50 -46.78 27.65 13.66
N CYS A 51 -48.02 28.07 13.42
CA CYS A 51 -48.48 29.40 13.81
C CYS A 51 -49.36 29.35 15.06
N THR A 52 -49.40 28.20 15.71
CA THR A 52 -50.22 28.02 16.90
C THR A 52 -49.94 29.00 18.03
N VAL A 53 -51.01 29.57 18.58
CA VAL A 53 -50.91 30.50 19.68
C VAL A 53 -52.04 30.14 20.65
N MET A 54 -52.08 30.77 21.81
CA MET A 54 -53.16 30.48 22.72
C MET A 54 -54.02 31.72 22.81
N LEU A 55 -55.34 31.51 22.87
CA LEU A 55 -56.27 32.61 22.98
C LEU A 55 -57.03 32.45 24.28
N SER A 56 -57.15 33.55 25.01
CA SER A 56 -57.85 33.54 26.28
C SER A 56 -58.90 34.62 26.26
N LYS A 57 -60.09 34.28 26.68
CA LYS A 57 -61.12 35.29 26.71
C LYS A 57 -62.06 35.04 27.85
N TYR A 58 -62.76 36.10 28.25
CA TYR A 58 -63.75 36.01 29.30
C TYR A 58 -65.08 35.64 28.66
N ASP A 59 -65.56 34.44 28.95
CA ASP A 59 -66.82 33.95 28.41
C ASP A 59 -67.97 34.57 29.21
N ARG A 60 -68.64 35.55 28.61
CA ARG A 60 -69.76 36.22 29.28
C ARG A 60 -70.93 35.27 29.53
N LEU A 61 -70.87 34.09 28.92
CA LEU A 61 -71.94 33.11 29.07
C LEU A 61 -71.71 32.24 30.31
N GLN A 62 -70.57 31.55 30.35
CA GLN A 62 -70.25 30.66 31.47
C GLN A 62 -69.64 31.40 32.67
N ASN A 63 -69.31 32.68 32.48
CA ASN A 63 -68.73 33.51 33.54
C ASN A 63 -67.36 33.00 34.00
N LYS A 64 -66.52 32.62 33.04
CA LYS A 64 -65.20 32.11 33.34
C LYS A 64 -64.18 32.51 32.28
N ILE A 65 -62.91 32.33 32.61
CA ILE A 65 -61.80 32.63 31.72
C ILE A 65 -61.55 31.32 30.97
N VAL A 66 -61.60 31.36 29.65
CA VAL A 66 -61.37 30.15 28.87
C VAL A 66 -60.05 30.22 28.11
N HIS A 67 -59.43 29.07 27.88
CA HIS A 67 -58.16 28.99 27.18
C HIS A 67 -58.21 27.94 26.07
N PHE A 68 -57.72 28.28 24.88
CA PHE A 68 -57.72 27.34 23.76
C PHE A 68 -56.69 27.72 22.70
N SER A 69 -56.30 26.75 21.87
CA SER A 69 -55.30 27.03 20.84
C SER A 69 -55.95 27.39 19.50
N ALA A 70 -55.20 28.09 18.65
CA ALA A 70 -55.73 28.49 17.36
C ALA A 70 -54.60 28.78 16.38
N ASN A 71 -54.92 28.73 15.09
CA ASN A 71 -53.95 29.01 14.03
C ASN A 71 -53.96 30.50 13.74
N ALA A 72 -52.87 31.19 14.06
CA ALA A 72 -52.79 32.63 13.85
C ALA A 72 -52.84 33.00 12.37
N CYS A 73 -52.64 32.03 11.48
CA CYS A 73 -52.67 32.31 10.06
C CYS A 73 -54.10 32.35 9.53
N LEU A 74 -55.05 31.91 10.35
CA LEU A 74 -56.45 31.92 9.95
C LEU A 74 -57.28 32.86 10.82
N ALA A 75 -56.70 33.36 11.89
CA ALA A 75 -57.42 34.24 12.80
C ALA A 75 -57.40 35.70 12.38
N PRO A 76 -58.57 36.25 12.02
CA PRO A 76 -58.59 37.66 11.62
C PRO A 76 -58.53 38.46 12.91
N ILE A 77 -57.62 39.43 13.00
CA ILE A 77 -57.55 40.22 14.22
C ILE A 77 -58.89 40.92 14.50
N CYS A 78 -59.65 41.19 13.45
CA CYS A 78 -60.95 41.84 13.61
C CYS A 78 -61.92 41.00 14.41
N SER A 79 -61.60 39.71 14.58
CA SER A 79 -62.46 38.81 15.34
C SER A 79 -61.86 38.57 16.72
N LEU A 80 -60.80 39.30 17.04
CA LEU A 80 -60.13 39.11 18.31
C LEU A 80 -60.34 40.26 19.30
N HIS A 81 -61.38 41.07 19.08
CA HIS A 81 -61.62 42.17 19.98
C HIS A 81 -61.81 41.61 21.40
N HIS A 82 -61.10 42.19 22.36
CA HIS A 82 -61.18 41.76 23.75
C HIS A 82 -60.77 40.31 23.98
N VAL A 83 -59.70 39.91 23.33
CA VAL A 83 -59.18 38.56 23.49
C VAL A 83 -57.71 38.70 23.85
N ALA A 84 -57.19 37.76 24.61
CA ALA A 84 -55.78 37.82 25.00
C ALA A 84 -55.00 36.77 24.25
N VAL A 85 -54.00 37.19 23.50
CA VAL A 85 -53.18 36.26 22.74
C VAL A 85 -51.88 35.95 23.49
N THR A 86 -51.51 34.68 23.52
CA THR A 86 -50.26 34.28 24.17
C THR A 86 -49.39 33.58 23.12
N THR A 87 -48.25 34.19 22.82
CA THR A 87 -47.29 33.62 21.86
C THR A 87 -46.22 32.86 22.62
N VAL A 88 -45.41 32.09 21.89
CA VAL A 88 -44.33 31.33 22.49
C VAL A 88 -43.48 32.22 23.36
N GLU A 89 -43.18 33.41 22.85
CA GLU A 89 -42.35 34.33 23.62
C GLU A 89 -43.06 34.83 24.87
N GLY A 90 -44.35 34.51 24.99
CA GLY A 90 -45.10 34.94 26.15
C GLY A 90 -45.07 34.05 27.40
N ILE A 91 -44.59 32.81 27.25
CA ILE A 91 -44.55 31.89 28.39
C ILE A 91 -43.15 31.65 28.98
N GLY A 92 -42.13 32.14 28.29
CA GLY A 92 -40.77 31.96 28.77
C GLY A 92 -39.73 32.28 27.72
N SER A 93 -38.47 32.25 28.10
CA SER A 93 -37.35 32.53 27.20
C SER A 93 -36.06 32.43 27.99
N THR A 94 -34.96 32.23 27.29
CA THR A 94 -33.66 32.11 27.92
C THR A 94 -33.23 33.44 28.53
N LYS A 95 -33.88 34.53 28.13
CA LYS A 95 -33.53 35.85 28.67
C LYS A 95 -33.96 35.91 30.13
N THR A 96 -35.02 35.18 30.47
CA THR A 96 -35.53 35.13 31.83
C THR A 96 -35.45 33.69 32.33
N ARG A 97 -36.54 32.95 32.12
CA ARG A 97 -36.62 31.56 32.51
C ARG A 97 -37.47 30.80 31.48
N LEU A 98 -36.98 29.66 31.03
CA LEU A 98 -37.73 28.85 30.07
C LEU A 98 -38.87 28.17 30.80
N HIS A 99 -39.98 27.96 30.10
CA HIS A 99 -41.12 27.30 30.69
C HIS A 99 -40.91 25.78 30.54
N PRO A 100 -41.41 24.99 31.49
CA PRO A 100 -41.26 23.53 31.43
C PRO A 100 -41.50 22.91 30.05
N VAL A 101 -42.53 23.36 29.35
CA VAL A 101 -42.82 22.85 28.03
C VAL A 101 -41.61 23.06 27.12
N GLN A 102 -41.08 24.28 27.13
CA GLN A 102 -39.93 24.61 26.30
C GLN A 102 -38.69 23.81 26.73
N GLU A 103 -38.40 23.83 28.02
CA GLU A 103 -37.23 23.13 28.54
C GLU A 103 -37.17 21.65 28.14
N ARG A 104 -38.25 20.93 28.41
CA ARG A 104 -38.29 19.51 28.12
C ARG A 104 -38.19 19.13 26.65
N ILE A 105 -38.93 19.82 25.78
CA ILE A 105 -38.87 19.48 24.36
C ILE A 105 -37.46 19.76 23.86
N ALA A 106 -36.79 20.74 24.46
CA ALA A 106 -35.43 21.10 24.08
C ALA A 106 -34.42 20.08 24.57
N LYS A 107 -34.43 19.82 25.88
CA LYS A 107 -33.49 18.89 26.51
C LYS A 107 -33.74 17.42 26.15
N SER A 108 -34.91 17.15 25.57
CA SER A 108 -35.29 15.80 25.18
C SER A 108 -34.92 15.50 23.73
N HIS A 109 -34.30 16.47 23.06
CA HIS A 109 -33.89 16.34 21.66
C HIS A 109 -35.10 16.30 20.73
N GLY A 110 -36.17 16.97 21.16
CA GLY A 110 -37.38 17.00 20.37
C GLY A 110 -37.44 18.21 19.45
N SER A 111 -36.28 18.82 19.23
CA SER A 111 -36.19 19.99 18.36
C SER A 111 -34.92 19.95 17.50
N GLN A 112 -35.08 19.74 16.20
CA GLN A 112 -33.97 19.70 15.26
C GLN A 112 -33.83 21.05 14.55
N CYS A 113 -34.53 21.29 13.45
CA CYS A 113 -34.39 22.59 12.80
C CYS A 113 -35.08 23.64 13.67
N GLY A 114 -36.04 23.20 14.49
CA GLY A 114 -36.75 24.09 15.39
C GLY A 114 -37.86 24.99 14.85
N PHE A 115 -38.10 24.95 13.55
CA PHE A 115 -39.13 25.81 13.00
C PHE A 115 -40.53 25.48 13.50
N CYS A 116 -40.74 24.22 13.88
CA CYS A 116 -42.05 23.79 14.35
C CYS A 116 -42.17 23.82 15.87
N THR A 117 -41.06 24.04 16.56
CA THR A 117 -41.06 24.02 18.02
C THR A 117 -42.05 24.98 18.68
N PRO A 118 -42.00 26.28 18.35
CA PRO A 118 -42.95 27.19 19.00
C PRO A 118 -44.38 26.64 18.97
N GLY A 119 -44.82 26.23 17.79
CA GLY A 119 -46.16 25.68 17.62
C GLY A 119 -46.45 24.48 18.51
N ILE A 120 -45.54 23.51 18.52
CA ILE A 120 -45.71 22.33 19.34
C ILE A 120 -45.82 22.81 20.79
N VAL A 121 -44.85 23.61 21.20
CA VAL A 121 -44.81 24.14 22.56
C VAL A 121 -46.14 24.79 22.94
N MET A 122 -46.70 25.59 22.04
CA MET A 122 -47.97 26.24 22.31
C MET A 122 -49.14 25.26 22.41
N SER A 123 -49.06 24.15 21.68
CA SER A 123 -50.13 23.17 21.75
C SER A 123 -50.06 22.39 23.05
N MET A 124 -48.86 22.04 23.48
CA MET A 124 -48.68 21.32 24.73
C MET A 124 -49.06 22.25 25.88
N TYR A 125 -48.55 23.47 25.81
CA TYR A 125 -48.80 24.50 26.81
C TYR A 125 -50.28 24.78 27.05
N THR A 126 -51.03 24.87 25.95
CA THR A 126 -52.47 25.13 26.02
C THR A 126 -53.14 23.94 26.67
N LEU A 127 -52.76 22.73 26.25
CA LEU A 127 -53.33 21.52 26.83
C LEU A 127 -53.20 21.57 28.36
N LEU A 128 -51.97 21.71 28.84
CA LEU A 128 -51.70 21.74 30.28
C LEU A 128 -52.51 22.80 31.03
N ARG A 129 -52.92 23.84 30.32
CA ARG A 129 -53.69 24.92 30.91
C ARG A 129 -55.15 24.53 31.22
N ASN A 130 -55.68 23.54 30.50
CA ASN A 130 -57.05 23.10 30.70
C ASN A 130 -57.07 21.76 31.40
N GLN A 131 -56.08 20.91 31.11
CA GLN A 131 -55.97 19.60 31.71
C GLN A 131 -54.56 19.49 32.30
N PRO A 132 -54.41 19.88 33.57
CA PRO A 132 -53.13 19.85 34.30
C PRO A 132 -52.38 18.51 34.33
N GLU A 133 -53.10 17.40 34.35
CA GLU A 133 -52.43 16.10 34.37
C GLU A 133 -53.05 15.16 33.33
N PRO A 134 -52.89 15.50 32.05
CA PRO A 134 -53.41 14.74 30.92
C PRO A 134 -52.87 13.32 30.77
N THR A 135 -53.55 12.53 29.94
CA THR A 135 -53.14 11.15 29.66
C THR A 135 -52.32 11.23 28.38
N MET A 136 -51.47 10.24 28.14
CA MET A 136 -50.66 10.23 26.94
C MET A 136 -51.54 10.46 25.73
N GLU A 137 -52.70 9.81 25.70
CA GLU A 137 -53.63 9.95 24.59
C GLU A 137 -53.97 11.43 24.36
N GLU A 138 -54.29 12.14 25.42
CA GLU A 138 -54.64 13.55 25.32
C GLU A 138 -53.47 14.40 24.82
N ILE A 139 -52.26 14.03 25.21
CA ILE A 139 -51.07 14.76 24.79
C ILE A 139 -50.84 14.59 23.30
N GLU A 140 -50.96 13.38 22.78
CA GLU A 140 -50.75 13.18 21.35
C GLU A 140 -51.88 13.84 20.57
N ASN A 141 -53.08 13.80 21.15
CA ASN A 141 -54.27 14.35 20.53
C ASN A 141 -54.19 15.88 20.38
N ALA A 142 -53.36 16.52 21.21
CA ALA A 142 -53.23 17.97 21.13
C ALA A 142 -52.34 18.39 19.97
N PHE A 143 -51.62 17.43 19.40
CA PHE A 143 -50.73 17.70 18.29
C PHE A 143 -51.25 17.20 16.93
N GLN A 144 -52.55 16.97 16.84
CA GLN A 144 -53.12 16.50 15.59
C GLN A 144 -52.93 17.51 14.48
N GLY A 145 -53.02 18.78 14.84
CA GLY A 145 -52.84 19.86 13.88
C GLY A 145 -51.42 20.36 13.85
N ASN A 146 -50.48 19.57 14.38
CA ASN A 146 -49.08 19.97 14.38
C ASN A 146 -48.20 19.01 13.58
N LEU A 147 -47.29 19.57 12.79
CA LEU A 147 -46.40 18.78 11.97
C LEU A 147 -44.92 19.08 12.18
N CYS A 148 -44.13 18.03 12.22
CA CYS A 148 -42.67 18.14 12.35
C CYS A 148 -42.12 17.24 11.26
N ARG A 149 -41.13 17.74 10.53
CA ARG A 149 -40.55 16.96 9.45
C ARG A 149 -39.17 16.38 9.78
N CYS A 150 -38.56 16.88 10.85
CA CYS A 150 -37.22 16.45 11.26
C CYS A 150 -37.10 15.33 12.30
N THR A 151 -37.69 15.56 13.47
CA THR A 151 -37.61 14.64 14.61
C THR A 151 -38.13 13.22 14.53
N GLY A 152 -39.20 12.99 13.77
CA GLY A 152 -39.77 11.66 13.72
C GLY A 152 -40.76 11.54 14.88
N TYR A 153 -40.98 12.68 15.54
CA TYR A 153 -41.94 12.79 16.65
C TYR A 153 -41.62 12.13 17.99
N ARG A 154 -41.14 10.89 17.98
CA ARG A 154 -40.83 10.14 19.19
C ARG A 154 -40.25 10.95 20.37
N PRO A 155 -39.13 11.66 20.15
CA PRO A 155 -38.54 12.45 21.24
C PRO A 155 -39.53 13.45 21.85
N ILE A 156 -40.34 14.09 21.01
CA ILE A 156 -41.31 15.06 21.48
C ILE A 156 -42.31 14.40 22.44
N LEU A 157 -42.86 13.26 22.04
CA LEU A 157 -43.81 12.56 22.90
C LEU A 157 -43.10 11.98 24.12
N GLN A 158 -41.91 11.41 23.92
CA GLN A 158 -41.15 10.84 25.03
C GLN A 158 -40.89 11.92 26.09
N GLY A 159 -40.47 13.09 25.65
CA GLY A 159 -40.22 14.18 26.58
C GLY A 159 -41.48 14.63 27.32
N PHE A 160 -42.58 14.76 26.59
CA PHE A 160 -43.83 15.21 27.22
C PHE A 160 -44.54 14.12 28.03
N ARG A 161 -44.10 12.88 27.86
CA ARG A 161 -44.71 11.78 28.59
C ARG A 161 -44.65 12.10 30.09
N THR A 162 -43.62 12.87 30.48
CA THR A 162 -43.43 13.26 31.88
C THR A 162 -44.59 14.10 32.44
N PHE A 163 -45.39 14.71 31.56
CA PHE A 163 -46.52 15.51 32.01
C PHE A 163 -47.75 14.61 32.20
N ALA A 164 -47.72 13.44 31.56
CA ALA A 164 -48.83 12.51 31.60
C ALA A 164 -49.09 11.85 32.94
N ARG A 165 -50.37 11.65 33.25
CA ARG A 165 -50.73 10.98 34.48
C ARG A 165 -50.70 9.49 34.15
N ASP A 166 -50.56 9.21 32.86
CA ASP A 166 -50.47 7.86 32.31
C ASP A 166 -49.02 7.40 32.40
N GLY A 167 -48.19 8.20 33.07
CA GLY A 167 -46.78 7.92 33.23
C GLY A 167 -46.23 6.75 32.44
N SER A 192 -26.05 0.53 28.58
CA SER A 192 -26.52 1.60 27.65
C SER A 192 -27.12 2.79 28.40
N PRO A 193 -26.51 3.98 28.27
CA PRO A 193 -27.00 5.19 28.94
C PRO A 193 -28.20 5.78 28.20
N SER A 194 -28.82 6.81 28.75
CA SER A 194 -29.99 7.41 28.12
C SER A 194 -29.69 8.76 27.46
N LEU A 195 -30.53 9.14 26.52
CA LEU A 195 -30.35 10.39 25.79
C LEU A 195 -30.60 11.62 26.65
N PHE A 196 -31.39 11.46 27.69
CA PHE A 196 -31.65 12.59 28.59
C PHE A 196 -32.11 12.13 29.98
N LYS A 197 -32.12 13.08 30.91
CA LYS A 197 -32.50 12.80 32.28
C LYS A 197 -33.77 13.53 32.70
N PRO A 198 -34.92 12.84 32.62
CA PRO A 198 -36.24 13.39 32.98
C PRO A 198 -36.33 13.83 34.43
N GLU A 199 -35.54 13.20 35.29
CA GLU A 199 -35.55 13.53 36.72
C GLU A 199 -35.04 14.95 36.94
N GLU A 200 -34.29 15.46 35.97
CA GLU A 200 -33.71 16.79 36.06
C GLU A 200 -34.60 17.93 35.54
N PHE A 201 -35.70 17.60 34.89
CA PHE A 201 -36.59 18.65 34.40
C PHE A 201 -37.10 19.47 35.59
N THR A 202 -37.14 20.78 35.46
CA THR A 202 -37.62 21.57 36.58
C THR A 202 -39.13 21.32 36.68
N PRO A 203 -39.64 21.23 37.91
CA PRO A 203 -41.07 20.98 38.18
C PRO A 203 -41.97 22.10 37.70
N LEU A 204 -43.19 21.74 37.30
CA LEU A 204 -44.16 22.70 36.80
C LEU A 204 -45.11 23.19 37.88
N ASP A 205 -45.11 24.50 38.09
CA ASP A 205 -45.99 25.15 39.06
C ASP A 205 -46.98 25.98 38.26
N PRO A 206 -48.18 25.43 38.00
CA PRO A 206 -49.23 26.12 37.24
C PRO A 206 -49.75 27.44 37.80
N THR A 207 -49.32 27.81 38.99
CA THR A 207 -49.77 29.07 39.59
C THR A 207 -48.86 30.20 39.14
N GLN A 208 -47.76 29.84 38.49
CA GLN A 208 -46.80 30.82 38.01
C GLN A 208 -47.00 31.16 36.54
N GLU A 209 -48.18 30.85 36.02
CA GLU A 209 -48.49 31.16 34.64
C GLU A 209 -48.93 32.62 34.54
N PRO A 210 -48.75 33.24 33.37
CA PRO A 210 -49.14 34.63 33.19
C PRO A 210 -50.61 34.86 33.52
N ILE A 211 -50.88 35.94 34.25
CA ILE A 211 -52.22 36.31 34.67
C ILE A 211 -53.08 36.65 33.47
N PHE A 212 -54.39 36.49 33.62
CA PHE A 212 -55.30 36.87 32.56
C PHE A 212 -55.37 38.38 32.74
N PRO A 213 -55.11 39.15 31.68
CA PRO A 213 -55.14 40.61 31.75
C PRO A 213 -56.28 41.17 32.57
N PRO A 214 -55.96 41.79 33.72
CA PRO A 214 -56.96 42.38 34.61
C PRO A 214 -57.77 43.46 33.91
N GLU A 215 -57.15 44.09 32.91
CA GLU A 215 -57.83 45.14 32.17
C GLU A 215 -59.03 44.57 31.41
N LEU A 216 -58.85 43.41 30.81
CA LEU A 216 -59.94 42.76 30.07
C LEU A 216 -61.07 42.39 30.99
N LEU A 217 -60.73 42.03 32.23
CA LEU A 217 -61.74 41.64 33.20
C LEU A 217 -62.57 42.84 33.64
N ARG A 218 -62.00 44.03 33.56
CA ARG A 218 -62.74 45.23 33.94
C ARG A 218 -63.60 45.71 32.77
N LEU A 219 -63.20 45.36 31.55
CA LEU A 219 -63.95 45.76 30.36
C LEU A 219 -65.15 44.83 30.16
N LYS A 220 -65.24 43.79 30.98
CA LYS A 220 -66.34 42.82 30.86
C LYS A 220 -67.66 43.41 31.34
N ASP A 221 -67.57 44.53 32.05
CA ASP A 221 -68.77 45.16 32.57
C ASP A 221 -69.39 46.16 31.60
N THR A 222 -68.57 46.67 30.69
CA THR A 222 -69.05 47.61 29.68
C THR A 222 -69.82 46.74 28.68
N PRO A 223 -71.13 46.98 28.53
CA PRO A 223 -71.94 46.18 27.59
C PRO A 223 -71.38 46.11 26.17
N ARG A 224 -71.69 45.02 25.47
CA ARG A 224 -71.22 44.83 24.10
C ARG A 224 -72.07 45.63 23.13
N LYS A 225 -71.41 46.20 22.13
CA LYS A 225 -72.11 46.95 21.11
C LYS A 225 -71.43 46.63 19.78
N GLN A 226 -72.22 46.66 18.71
CA GLN A 226 -71.74 46.36 17.38
C GLN A 226 -70.53 47.21 16.98
N LEU A 227 -69.57 46.57 16.31
CA LEU A 227 -68.35 47.22 15.86
C LEU A 227 -68.17 47.14 14.33
N ARG A 228 -67.58 48.18 13.76
CA ARG A 228 -67.36 48.25 12.32
C ARG A 228 -65.89 48.56 12.01
N PHE A 229 -65.28 47.73 11.18
CA PHE A 229 -63.88 47.93 10.80
C PHE A 229 -63.85 48.06 9.28
N GLU A 230 -63.02 48.95 8.77
CA GLU A 230 -62.92 49.17 7.32
C GLU A 230 -61.49 49.06 6.81
N GLY A 231 -61.23 48.02 6.03
CA GLY A 231 -59.91 47.84 5.45
C GLY A 231 -59.85 48.41 4.05
N GLU A 232 -58.82 48.05 3.31
CA GLU A 232 -58.67 48.54 1.94
C GLU A 232 -59.78 48.05 1.03
N ARG A 233 -60.26 46.83 1.27
CA ARG A 233 -61.30 46.24 0.42
C ARG A 233 -62.47 45.57 1.13
N VAL A 234 -62.31 45.27 2.42
CA VAL A 234 -63.37 44.60 3.16
C VAL A 234 -63.88 45.37 4.35
N THR A 235 -65.20 45.30 4.56
CA THR A 235 -65.83 45.93 5.72
C THR A 235 -66.25 44.78 6.61
N TRP A 236 -65.86 44.86 7.87
CA TRP A 236 -66.15 43.82 8.83
C TRP A 236 -67.09 44.35 9.91
N ILE A 237 -68.18 43.62 10.14
CA ILE A 237 -69.15 44.00 11.17
C ILE A 237 -69.29 42.92 12.23
N GLN A 238 -68.96 43.29 13.46
CA GLN A 238 -69.01 42.38 14.61
C GLN A 238 -70.36 42.53 15.32
N ALA A 239 -71.35 41.75 14.87
CA ALA A 239 -72.70 41.81 15.44
C ALA A 239 -72.75 41.41 16.91
N SER A 240 -73.37 42.26 17.73
CA SER A 240 -73.46 41.98 19.16
C SER A 240 -74.76 41.26 19.54
N THR A 241 -75.82 41.47 18.75
CA THR A 241 -77.12 40.85 19.02
C THR A 241 -77.67 40.14 17.79
N LEU A 242 -78.63 39.25 18.01
CA LEU A 242 -79.25 38.49 16.93
C LEU A 242 -80.06 39.41 16.01
N LYS A 243 -80.67 40.44 16.60
CA LYS A 243 -81.45 41.38 15.82
C LYS A 243 -80.53 42.05 14.81
N GLU A 244 -79.40 42.55 15.29
CA GLU A 244 -78.45 43.22 14.42
C GLU A 244 -78.05 42.30 13.28
N LEU A 245 -77.74 41.05 13.61
CA LEU A 245 -77.35 40.09 12.58
C LEU A 245 -78.46 39.91 11.54
N LEU A 246 -79.69 39.72 12.03
CA LEU A 246 -80.83 39.52 11.14
C LEU A 246 -81.16 40.76 10.28
N ASP A 247 -81.17 41.94 10.87
CA ASP A 247 -81.47 43.15 10.12
C ASP A 247 -80.38 43.40 9.08
N LEU A 248 -79.15 43.08 9.43
CA LEU A 248 -78.02 43.27 8.54
C LEU A 248 -78.12 42.31 7.34
N LYS A 249 -78.38 41.04 7.62
CA LYS A 249 -78.49 40.03 6.56
C LYS A 249 -79.72 40.22 5.68
N ALA A 250 -80.74 40.86 6.22
CA ALA A 250 -81.96 41.10 5.46
C ALA A 250 -81.78 42.28 4.51
N GLN A 251 -80.87 43.18 4.88
CA GLN A 251 -80.59 44.38 4.08
C GLN A 251 -79.38 44.16 3.19
N HIS A 252 -78.52 43.22 3.56
CA HIS A 252 -77.32 42.93 2.78
C HIS A 252 -77.09 41.43 2.67
N PRO A 253 -78.01 40.69 2.02
CA PRO A 253 -77.94 39.24 1.83
C PRO A 253 -76.59 38.71 1.35
N ASP A 254 -75.81 39.59 0.74
CA ASP A 254 -74.49 39.20 0.24
C ASP A 254 -73.51 39.12 1.40
N ALA A 255 -73.69 40.02 2.38
CA ALA A 255 -72.84 40.06 3.55
C ALA A 255 -72.49 38.65 3.97
N LYS A 256 -71.18 38.37 4.05
CA LYS A 256 -70.68 37.05 4.41
C LYS A 256 -70.53 36.84 5.92
N LEU A 257 -71.14 35.79 6.43
CA LEU A 257 -71.03 35.49 7.85
C LEU A 257 -69.66 34.84 8.05
N VAL A 258 -69.03 35.09 9.19
CA VAL A 258 -67.75 34.47 9.48
C VAL A 258 -67.62 34.24 10.98
N VAL A 259 -67.29 33.01 11.36
CA VAL A 259 -67.12 32.66 12.75
C VAL A 259 -65.68 32.21 12.98
N GLY A 260 -65.38 30.97 12.62
CA GLY A 260 -64.04 30.45 12.78
C GLY A 260 -63.11 30.92 11.67
N ASN A 261 -63.69 31.23 10.52
CA ASN A 261 -62.97 31.70 9.34
C ASN A 261 -62.09 30.62 8.72
N THR A 262 -62.23 29.37 9.17
CA THR A 262 -61.41 28.28 8.66
C THR A 262 -61.83 27.80 7.27
N GLU A 263 -62.89 28.39 6.73
CA GLU A 263 -63.36 28.04 5.40
C GLU A 263 -63.24 29.30 4.53
N ILE A 264 -63.83 30.39 4.99
CA ILE A 264 -63.79 31.65 4.26
C ILE A 264 -62.36 32.16 4.14
N GLY A 265 -61.56 31.91 5.17
CA GLY A 265 -60.17 32.33 5.15
C GLY A 265 -59.42 31.61 4.04
N ILE A 266 -59.77 30.35 3.79
CA ILE A 266 -59.12 29.59 2.74
C ILE A 266 -59.62 30.12 1.39
N GLU A 267 -60.91 30.35 1.28
CA GLU A 267 -61.49 30.86 0.05
C GLU A 267 -60.78 32.14 -0.41
N MET A 268 -60.73 33.15 0.46
CA MET A 268 -60.07 34.42 0.11
C MET A 268 -58.60 34.27 -0.28
N LYS A 269 -57.85 33.51 0.50
CA LYS A 269 -56.43 33.33 0.26
C LYS A 269 -56.06 32.41 -0.92
N PHE A 270 -56.74 31.28 -1.04
CA PHE A 270 -56.44 30.33 -2.09
C PHE A 270 -57.37 30.29 -3.31
N LYS A 271 -58.67 30.47 -3.08
CA LYS A 271 -59.64 30.45 -4.17
C LYS A 271 -59.83 31.87 -4.71
N ASN A 272 -58.95 32.77 -4.28
CA ASN A 272 -59.00 34.17 -4.68
C ASN A 272 -60.44 34.70 -4.79
N MET A 273 -61.08 34.79 -3.64
CA MET A 273 -62.45 35.28 -3.53
C MET A 273 -62.36 36.56 -2.69
N LEU A 274 -63.36 37.41 -2.80
CA LEU A 274 -63.39 38.65 -2.04
C LEU A 274 -64.82 38.95 -1.64
N PHE A 275 -65.10 38.90 -0.34
CA PHE A 275 -66.43 39.19 0.17
C PHE A 275 -66.30 40.57 0.78
N PRO A 276 -66.65 41.61 0.01
CA PRO A 276 -66.56 43.00 0.48
C PRO A 276 -67.24 43.28 1.81
N MET A 277 -68.25 42.50 2.14
CA MET A 277 -68.91 42.70 3.42
C MET A 277 -69.04 41.40 4.21
N ILE A 278 -68.38 41.39 5.37
CA ILE A 278 -68.38 40.25 6.26
C ILE A 278 -69.08 40.63 7.56
N VAL A 279 -69.78 39.69 8.17
CA VAL A 279 -70.44 39.93 9.44
C VAL A 279 -70.12 38.76 10.36
N CYS A 280 -69.56 39.07 11.52
CA CYS A 280 -69.21 38.03 12.48
C CYS A 280 -70.26 37.96 13.59
N PRO A 281 -70.97 36.82 13.69
CA PRO A 281 -72.01 36.63 14.71
C PRO A 281 -71.57 35.89 15.97
N ALA A 282 -70.29 35.53 16.06
CA ALA A 282 -69.77 34.77 17.20
C ALA A 282 -70.16 35.26 18.60
N TRP A 283 -70.31 36.57 18.77
CA TRP A 283 -70.68 37.15 20.07
C TRP A 283 -72.15 36.92 20.44
N ILE A 284 -73.02 36.79 19.44
CA ILE A 284 -74.44 36.61 19.73
C ILE A 284 -74.74 35.37 20.57
N PRO A 285 -75.17 35.58 21.83
CA PRO A 285 -75.48 34.49 22.74
C PRO A 285 -76.45 33.40 22.24
N GLU A 286 -77.48 33.77 21.50
CA GLU A 286 -78.41 32.76 21.00
C GLU A 286 -77.65 31.74 20.16
N LEU A 287 -76.62 32.21 19.46
CA LEU A 287 -75.83 31.35 18.59
C LEU A 287 -74.74 30.56 19.31
N ASN A 288 -74.67 30.69 20.64
CA ASN A 288 -73.68 29.97 21.43
C ASN A 288 -74.31 29.12 22.52
N SER A 289 -75.63 29.15 22.61
CA SER A 289 -76.36 28.40 23.63
C SER A 289 -76.32 26.89 23.41
N VAL A 290 -76.44 26.13 24.48
CA VAL A 290 -76.44 24.66 24.42
C VAL A 290 -77.63 24.20 25.25
N GLU A 291 -78.63 23.62 24.60
CA GLU A 291 -79.82 23.16 25.30
C GLU A 291 -79.98 21.64 25.31
N HIS A 292 -80.35 21.11 26.47
CA HIS A 292 -80.58 19.67 26.62
C HIS A 292 -82.09 19.51 26.64
N GLY A 293 -82.66 19.07 25.52
CA GLY A 293 -84.10 18.90 25.46
C GLY A 293 -84.51 17.44 25.53
N PRO A 294 -85.80 17.16 25.27
CA PRO A 294 -86.34 15.81 25.29
C PRO A 294 -85.97 14.94 24.08
N ASP A 295 -85.67 15.57 22.96
CA ASP A 295 -85.33 14.81 21.76
C ASP A 295 -83.83 14.75 21.47
N GLY A 296 -83.06 15.57 22.17
CA GLY A 296 -81.63 15.59 21.97
C GLY A 296 -80.98 16.82 22.57
N ILE A 297 -79.82 17.18 22.03
CA ILE A 297 -79.10 18.36 22.50
C ILE A 297 -78.90 19.31 21.35
N SER A 298 -79.48 20.51 21.46
CA SER A 298 -79.34 21.50 20.40
C SER A 298 -78.09 22.33 20.69
N PHE A 299 -77.40 22.75 19.64
CA PHE A 299 -76.17 23.53 19.76
C PHE A 299 -76.26 24.83 18.97
N GLY A 300 -76.00 25.96 19.63
CA GLY A 300 -76.03 27.24 18.92
C GLY A 300 -75.16 27.05 17.69
N ALA A 301 -75.49 27.73 16.61
CA ALA A 301 -74.73 27.57 15.37
C ALA A 301 -73.29 28.06 15.36
N ALA A 302 -72.95 28.95 16.29
CA ALA A 302 -71.59 29.48 16.36
C ALA A 302 -70.71 28.65 17.29
N CYS A 303 -71.34 27.69 17.96
CA CYS A 303 -70.63 26.81 18.88
C CYS A 303 -69.46 26.13 18.22
N PRO A 304 -68.25 26.35 18.76
CA PRO A 304 -67.07 25.71 18.17
C PRO A 304 -67.15 24.19 18.34
N LEU A 305 -66.60 23.46 17.37
CA LEU A 305 -66.62 22.00 17.41
C LEU A 305 -66.05 21.43 18.71
N SER A 306 -65.16 22.16 19.37
CA SER A 306 -64.58 21.69 20.63
C SER A 306 -65.66 21.60 21.71
N ILE A 307 -66.61 22.53 21.66
CA ILE A 307 -67.72 22.55 22.60
C ILE A 307 -68.71 21.42 22.29
N VAL A 308 -69.06 21.25 21.03
CA VAL A 308 -69.97 20.17 20.66
C VAL A 308 -69.38 18.87 21.18
N GLU A 309 -68.09 18.69 20.93
CA GLU A 309 -67.36 17.50 21.35
C GLU A 309 -67.37 17.37 22.88
N LYS A 310 -67.03 18.45 23.57
CA LYS A 310 -66.99 18.48 25.03
C LYS A 310 -68.35 18.11 25.62
N THR A 311 -69.42 18.72 25.10
CA THR A 311 -70.78 18.49 25.56
C THR A 311 -71.23 17.03 25.35
N LEU A 312 -70.91 16.50 24.16
CA LEU A 312 -71.29 15.13 23.81
C LEU A 312 -70.53 14.06 24.59
N VAL A 313 -69.24 14.27 24.82
CA VAL A 313 -68.50 13.27 25.58
C VAL A 313 -69.08 13.16 26.99
N ASP A 314 -69.41 14.29 27.62
CA ASP A 314 -70.01 14.27 28.95
C ASP A 314 -71.39 13.58 28.91
N ALA A 315 -72.14 13.78 27.83
CA ALA A 315 -73.46 13.19 27.68
C ALA A 315 -73.39 11.66 27.48
N VAL A 316 -72.42 11.22 26.69
CA VAL A 316 -72.22 9.80 26.42
C VAL A 316 -71.81 9.05 27.70
N ALA A 317 -71.19 9.77 28.64
CA ALA A 317 -70.77 9.15 29.88
C ALA A 317 -71.92 9.07 30.88
N LYS A 318 -72.86 9.99 30.76
CA LYS A 318 -73.99 10.05 31.67
C LYS A 318 -75.26 9.32 31.27
N LEU A 319 -75.53 9.22 29.96
CA LEU A 319 -76.76 8.56 29.50
C LEU A 319 -76.61 7.11 29.08
N PRO A 320 -77.76 6.43 28.91
CA PRO A 320 -77.78 5.03 28.49
C PRO A 320 -77.17 4.93 27.10
N ALA A 321 -76.42 3.87 26.87
CA ALA A 321 -75.78 3.69 25.57
C ALA A 321 -76.80 3.68 24.43
N GLN A 322 -78.01 3.21 24.71
CA GLN A 322 -79.04 3.13 23.67
C GLN A 322 -79.56 4.49 23.19
N LYS A 323 -79.39 5.52 24.01
CA LYS A 323 -79.85 6.86 23.67
C LYS A 323 -78.75 7.75 23.09
N THR A 324 -77.53 7.20 22.95
CA THR A 324 -76.39 7.96 22.44
C THR A 324 -75.69 7.41 21.19
N GLU A 325 -76.38 6.55 20.43
CA GLU A 325 -75.81 5.97 19.22
C GLU A 325 -75.36 7.07 18.25
N VAL A 326 -76.23 8.05 18.01
CA VAL A 326 -75.89 9.13 17.12
C VAL A 326 -74.75 9.98 17.70
N PHE A 327 -74.81 10.23 19.01
CA PHE A 327 -73.78 11.02 19.67
C PHE A 327 -72.39 10.43 19.48
N ARG A 328 -72.31 9.11 19.60
CA ARG A 328 -71.06 8.39 19.43
C ARG A 328 -70.55 8.52 17.99
N GLY A 329 -71.48 8.59 17.05
CA GLY A 329 -71.10 8.71 15.65
C GLY A 329 -70.45 10.06 15.37
N VAL A 330 -71.00 11.11 15.95
CA VAL A 330 -70.48 12.47 15.78
C VAL A 330 -69.12 12.59 16.45
N LEU A 331 -68.95 11.92 17.58
CA LEU A 331 -67.69 11.95 18.32
C LEU A 331 -66.59 11.21 17.58
N GLU A 332 -66.96 10.18 16.83
CA GLU A 332 -65.98 9.42 16.07
C GLU A 332 -65.43 10.29 14.95
N GLN A 333 -66.31 11.09 14.36
CA GLN A 333 -65.92 11.98 13.26
C GLN A 333 -65.01 13.10 13.75
N LEU A 334 -65.43 13.78 14.82
CA LEU A 334 -64.64 14.89 15.36
C LEU A 334 -63.27 14.39 15.82
N ARG A 335 -63.19 13.10 16.10
CA ARG A 335 -61.94 12.49 16.51
C ARG A 335 -60.90 12.64 15.39
N TRP A 336 -61.38 12.64 14.14
CA TRP A 336 -60.51 12.79 12.99
C TRP A 336 -60.82 14.08 12.21
N PHE A 337 -61.39 15.05 12.91
CA PHE A 337 -61.74 16.32 12.29
C PHE A 337 -60.65 17.35 12.56
N ALA A 338 -59.91 17.73 11.53
CA ALA A 338 -58.83 18.71 11.67
C ALA A 338 -57.93 18.43 12.89
N GLY A 339 -57.72 19.46 13.70
CA GLY A 339 -56.89 19.36 14.89
C GLY A 339 -57.45 20.29 15.93
N LYS A 340 -56.81 20.36 17.10
CA LYS A 340 -57.27 21.23 18.19
C LYS A 340 -57.45 22.70 17.80
N GLN A 341 -56.45 23.27 17.14
CA GLN A 341 -56.51 24.68 16.74
C GLN A 341 -57.76 24.99 15.91
N VAL A 342 -58.04 24.18 14.89
CA VAL A 342 -59.21 24.39 14.05
C VAL A 342 -60.52 24.08 14.77
N LYS A 343 -60.54 23.01 15.55
CA LYS A 343 -61.75 22.65 16.28
C LYS A 343 -62.11 23.66 17.37
N SER A 344 -61.13 24.41 17.86
CA SER A 344 -61.41 25.40 18.89
C SER A 344 -62.10 26.67 18.37
N VAL A 345 -61.97 26.93 17.07
CA VAL A 345 -62.58 28.10 16.47
C VAL A 345 -63.64 27.77 15.43
N ALA A 346 -63.52 26.62 14.78
CA ALA A 346 -64.50 26.22 13.77
C ALA A 346 -65.86 25.89 14.40
N SER A 347 -66.89 26.62 13.97
CA SER A 347 -68.23 26.40 14.48
C SER A 347 -68.96 25.28 13.73
N VAL A 348 -69.90 24.64 14.42
CA VAL A 348 -70.68 23.55 13.83
C VAL A 348 -71.52 24.07 12.66
N GLY A 349 -72.09 25.27 12.81
CA GLY A 349 -72.90 25.84 11.76
C GLY A 349 -72.05 26.08 10.53
N GLY A 350 -70.78 26.43 10.77
CA GLY A 350 -69.86 26.68 9.69
C GLY A 350 -69.64 25.45 8.83
N ASN A 351 -69.52 24.28 9.45
CA ASN A 351 -69.32 23.06 8.70
C ASN A 351 -70.55 22.72 7.85
N ILE A 352 -71.72 22.96 8.44
CA ILE A 352 -72.98 22.69 7.75
C ILE A 352 -73.17 23.56 6.50
N ILE A 353 -73.28 24.86 6.70
CA ILE A 353 -73.51 25.80 5.60
C ILE A 353 -72.48 25.73 4.47
N THR A 354 -71.21 25.60 4.80
CA THR A 354 -70.16 25.49 3.78
C THR A 354 -70.62 24.48 2.75
N ALA A 355 -71.24 23.39 3.23
CA ALA A 355 -71.74 22.34 2.35
C ALA A 355 -70.66 21.72 1.47
N SER A 356 -69.47 21.53 2.04
CA SER A 356 -68.40 20.91 1.29
C SER A 356 -68.81 19.46 1.04
N PRO A 357 -68.60 18.96 -0.18
CA PRO A 357 -68.96 17.58 -0.51
C PRO A 357 -68.25 16.58 0.40
N ILE A 358 -67.18 17.03 1.04
CA ILE A 358 -66.42 16.15 1.91
C ILE A 358 -66.57 16.46 3.38
N SER A 359 -67.65 17.16 3.72
CA SER A 359 -67.92 17.48 5.11
C SER A 359 -68.00 16.14 5.85
N ASP A 360 -67.42 16.06 7.03
CA ASP A 360 -67.46 14.82 7.80
C ASP A 360 -68.66 14.80 8.70
N LEU A 361 -69.25 15.97 8.93
CA LEU A 361 -70.40 16.07 9.79
C LEU A 361 -71.74 15.98 9.07
N ASN A 362 -71.86 16.59 7.89
CA ASN A 362 -73.14 16.54 7.19
C ASN A 362 -73.65 15.13 6.87
N PRO A 363 -72.75 14.20 6.51
CA PRO A 363 -73.28 12.86 6.23
C PRO A 363 -73.90 12.27 7.51
N VAL A 364 -73.39 12.68 8.65
CA VAL A 364 -73.88 12.19 9.93
C VAL A 364 -75.17 12.90 10.36
N PHE A 365 -75.23 14.22 10.15
CA PHE A 365 -76.42 14.98 10.52
C PHE A 365 -77.60 14.59 9.63
N MET A 366 -77.30 14.23 8.39
CA MET A 366 -78.32 13.84 7.44
C MET A 366 -78.88 12.46 7.74
N ALA A 367 -78.01 11.48 7.95
CA ALA A 367 -78.46 10.12 8.23
C ALA A 367 -79.28 10.04 9.52
N SER A 368 -79.04 10.96 10.44
CA SER A 368 -79.76 10.95 11.71
C SER A 368 -80.87 12.00 11.68
N GLY A 369 -80.99 12.69 10.56
CA GLY A 369 -82.01 13.71 10.43
C GLY A 369 -81.97 14.77 11.53
N ALA A 370 -80.81 15.39 11.72
CA ALA A 370 -80.65 16.43 12.73
C ALA A 370 -81.66 17.54 12.44
N LYS A 371 -82.17 18.18 13.49
CA LYS A 371 -83.16 19.25 13.30
C LYS A 371 -82.51 20.61 13.30
N LEU A 372 -82.63 21.29 12.17
CA LEU A 372 -82.04 22.61 12.00
C LEU A 372 -83.08 23.73 12.12
N THR A 373 -82.77 24.72 12.96
CA THR A 373 -83.65 25.87 13.16
C THR A 373 -83.05 27.01 12.36
N LEU A 374 -83.78 27.46 11.34
CA LEU A 374 -83.32 28.54 10.48
C LEU A 374 -84.08 29.81 10.77
N VAL A 375 -83.37 30.94 10.81
CA VAL A 375 -84.01 32.22 11.08
C VAL A 375 -83.57 33.34 10.16
N SER A 376 -84.53 34.19 9.84
CA SER A 376 -84.36 35.35 8.98
C SER A 376 -85.05 36.45 9.76
N ARG A 377 -84.87 37.71 9.38
CA ARG A 377 -85.56 38.77 10.12
C ARG A 377 -87.06 38.56 9.96
N GLY A 378 -87.76 38.34 11.07
CA GLY A 378 -89.20 38.12 10.99
C GLY A 378 -89.64 36.68 10.82
N THR A 379 -88.86 35.89 10.08
CA THR A 379 -89.20 34.48 9.85
C THR A 379 -88.42 33.51 10.75
N ARG A 380 -88.98 32.31 10.92
CA ARG A 380 -88.36 31.27 11.73
C ARG A 380 -88.95 29.90 11.39
N ARG A 381 -88.09 28.97 11.02
CA ARG A 381 -88.54 27.63 10.66
C ARG A 381 -87.57 26.55 11.14
N THR A 382 -88.03 25.31 11.04
CA THR A 382 -87.22 24.17 11.45
C THR A 382 -87.31 23.12 10.36
N VAL A 383 -86.21 22.42 10.12
CA VAL A 383 -86.19 21.39 9.10
C VAL A 383 -85.27 20.27 9.57
N GLN A 384 -85.67 19.02 9.38
CA GLN A 384 -84.77 17.97 9.79
C GLN A 384 -84.05 17.54 8.51
N MET A 385 -82.75 17.77 8.51
CA MET A 385 -81.88 17.49 7.39
C MET A 385 -82.09 16.14 6.71
N ASP A 386 -82.20 16.19 5.39
CA ASP A 386 -82.32 14.99 4.58
C ASP A 386 -81.53 15.28 3.30
N HIS A 387 -81.74 14.48 2.26
CA HIS A 387 -81.01 14.68 1.02
C HIS A 387 -81.32 15.98 0.28
N THR A 388 -82.55 16.46 0.42
CA THR A 388 -82.96 17.69 -0.26
C THR A 388 -82.34 18.97 0.32
N PHE A 389 -81.81 18.88 1.54
CA PHE A 389 -81.21 20.05 2.17
C PHE A 389 -79.98 20.57 1.40
N PHE A 390 -79.44 19.74 0.52
CA PHE A 390 -78.29 20.14 -0.28
C PHE A 390 -78.65 20.03 -1.76
N PRO A 391 -79.22 21.11 -2.31
CA PRO A 391 -79.66 21.26 -3.70
C PRO A 391 -78.56 20.97 -4.72
N GLY A 392 -77.49 21.75 -4.66
CA GLY A 392 -76.39 21.57 -5.58
C GLY A 392 -75.04 21.85 -4.95
N TYR A 393 -74.04 22.10 -5.78
CA TYR A 393 -72.69 22.36 -5.29
C TYR A 393 -72.61 23.56 -4.34
N ARG A 394 -72.25 23.27 -3.09
CA ARG A 394 -72.10 24.28 -2.06
C ARG A 394 -73.36 25.09 -1.77
N LYS A 395 -74.53 24.52 -2.07
CA LYS A 395 -75.79 25.22 -1.82
C LYS A 395 -76.60 24.53 -0.72
N THR A 396 -77.49 25.29 -0.09
CA THR A 396 -78.34 24.73 0.96
C THR A 396 -79.72 25.34 0.79
N LEU A 397 -80.69 24.84 1.55
CA LEU A 397 -82.07 25.31 1.47
C LEU A 397 -82.33 26.69 2.05
N LEU A 398 -81.38 27.23 2.82
CA LEU A 398 -81.58 28.56 3.41
C LEU A 398 -81.79 29.62 2.35
N SER A 399 -82.59 30.63 2.66
CA SER A 399 -82.82 31.72 1.74
C SER A 399 -81.66 32.69 1.98
N PRO A 400 -81.48 33.68 1.11
CA PRO A 400 -80.37 34.63 1.31
C PRO A 400 -80.40 35.39 2.64
N GLU A 401 -81.59 35.70 3.14
CA GLU A 401 -81.72 36.44 4.40
C GLU A 401 -81.63 35.55 5.63
N GLU A 402 -81.70 34.24 5.42
CA GLU A 402 -81.66 33.30 6.53
C GLU A 402 -80.26 32.95 7.01
N ILE A 403 -80.17 32.59 8.29
CA ILE A 403 -78.92 32.17 8.88
C ILE A 403 -79.27 30.94 9.70
N LEU A 404 -78.31 30.03 9.87
CA LEU A 404 -78.55 28.83 10.67
C LEU A 404 -78.43 29.27 12.12
N LEU A 405 -79.51 29.06 12.90
CA LEU A 405 -79.54 29.45 14.30
C LEU A 405 -78.96 28.39 15.23
N SER A 406 -79.42 27.16 15.08
CA SER A 406 -78.93 26.06 15.91
C SER A 406 -79.30 24.71 15.30
N ILE A 407 -78.68 23.65 15.80
CA ILE A 407 -78.95 22.30 15.32
C ILE A 407 -79.16 21.36 16.50
N GLU A 408 -80.08 20.41 16.35
CA GLU A 408 -80.36 19.47 17.40
C GLU A 408 -79.86 18.08 17.02
N ILE A 409 -78.90 17.56 17.79
CA ILE A 409 -78.37 16.24 17.52
C ILE A 409 -79.25 15.29 18.34
N PRO A 410 -79.98 14.40 17.66
CA PRO A 410 -80.91 13.39 18.18
C PRO A 410 -80.39 12.32 19.13
N TYR A 411 -81.25 11.93 20.06
CA TYR A 411 -80.94 10.84 20.96
C TYR A 411 -81.23 9.61 20.13
N SER A 412 -80.80 8.45 20.60
CA SER A 412 -81.03 7.24 19.87
C SER A 412 -82.26 6.55 20.48
N ARG A 413 -83.02 5.83 19.66
CA ARG A 413 -84.21 5.13 20.16
C ARG A 413 -83.93 3.64 20.31
N GLU A 414 -84.81 2.92 21.01
CA GLU A 414 -84.61 1.49 21.18
C GLU A 414 -84.60 0.84 19.80
N GLY A 415 -83.67 -0.08 19.60
CA GLY A 415 -83.57 -0.75 18.31
C GLY A 415 -83.14 0.17 17.19
N GLU A 416 -82.39 1.21 17.54
CA GLU A 416 -81.89 2.15 16.55
C GLU A 416 -80.38 2.21 16.77
N TYR A 417 -79.62 2.02 15.71
CA TYR A 417 -78.17 2.03 15.78
C TYR A 417 -77.56 3.01 14.78
N PHE A 418 -76.37 3.52 15.10
CA PHE A 418 -75.71 4.50 14.26
C PHE A 418 -74.20 4.29 14.18
N SER A 419 -73.64 4.46 13.00
CA SER A 419 -72.21 4.33 12.79
C SER A 419 -71.74 5.52 11.97
N ALA A 420 -70.45 5.80 12.04
CA ALA A 420 -69.87 6.90 11.28
C ALA A 420 -68.54 6.41 10.73
N PHE A 421 -68.17 6.88 9.55
CA PHE A 421 -66.93 6.44 8.95
C PHE A 421 -66.18 7.53 8.21
N LYS A 422 -64.87 7.34 8.07
CA LYS A 422 -64.01 8.27 7.37
C LYS A 422 -62.71 7.59 6.96
N GLN A 423 -62.27 7.89 5.76
CA GLN A 423 -61.03 7.33 5.27
C GLN A 423 -60.40 8.36 4.35
N ALA A 424 -59.14 8.64 4.60
CA ALA A 424 -58.41 9.62 3.80
C ALA A 424 -57.06 9.02 3.43
N SER A 425 -56.03 9.84 3.39
CA SER A 425 -54.68 9.38 3.08
C SER A 425 -53.97 9.10 4.40
N ARG A 426 -54.18 9.99 5.36
CA ARG A 426 -53.60 9.88 6.68
C ARG A 426 -54.74 9.98 7.69
N ARG A 427 -54.62 9.30 8.83
CA ARG A 427 -55.68 9.31 9.83
C ARG A 427 -55.98 10.66 10.46
N GLU A 428 -54.93 11.39 10.84
CA GLU A 428 -55.11 12.68 11.50
C GLU A 428 -55.20 13.87 10.56
N ASP A 429 -55.93 14.89 11.01
CA ASP A 429 -56.12 16.13 10.27
C ASP A 429 -55.98 15.94 8.76
N ASP A 430 -57.04 15.47 8.12
CA ASP A 430 -57.04 15.25 6.68
C ASP A 430 -58.42 15.34 6.04
N ILE A 431 -58.45 15.51 4.72
CA ILE A 431 -59.69 15.61 3.95
C ILE A 431 -60.15 14.19 3.62
N ALA A 432 -61.43 13.92 3.85
CA ALA A 432 -61.98 12.59 3.59
C ALA A 432 -62.05 12.25 2.12
N LYS A 433 -61.79 10.98 1.79
CA LYS A 433 -61.90 10.50 0.41
C LYS A 433 -63.39 10.16 0.34
N VAL A 434 -63.82 9.35 1.29
CA VAL A 434 -65.19 8.94 1.43
C VAL A 434 -65.51 9.05 2.93
N THR A 435 -66.60 9.72 3.26
CA THR A 435 -66.95 9.86 4.65
C THR A 435 -68.42 9.51 4.72
N SER A 436 -68.83 8.85 5.81
CA SER A 436 -70.21 8.43 5.92
C SER A 436 -70.85 8.33 7.31
N GLY A 437 -72.18 8.41 7.30
CA GLY A 437 -73.00 8.29 8.49
C GLY A 437 -74.10 7.30 8.13
N MET A 438 -74.16 6.19 8.84
CA MET A 438 -75.17 5.16 8.58
C MET A 438 -76.07 4.92 9.77
N ARG A 439 -77.38 4.90 9.51
CA ARG A 439 -78.38 4.70 10.56
C ARG A 439 -79.43 3.64 10.17
N VAL A 440 -79.96 2.94 11.16
CA VAL A 440 -80.99 1.93 10.90
C VAL A 440 -81.98 1.80 12.05
N LEU A 441 -83.25 1.64 11.72
CA LEU A 441 -84.28 1.48 12.72
C LEU A 441 -85.01 0.16 12.50
N PHE A 442 -84.97 -0.72 13.49
CA PHE A 442 -85.63 -2.01 13.42
C PHE A 442 -87.01 -1.91 14.08
N LYS A 443 -88.01 -2.58 13.50
CA LYS A 443 -89.35 -2.57 14.08
C LYS A 443 -89.15 -3.18 15.47
N PRO A 444 -89.82 -2.63 16.49
CA PRO A 444 -89.74 -3.09 17.89
C PRO A 444 -89.68 -4.59 18.13
N GLY A 445 -88.65 -5.01 18.86
CA GLY A 445 -88.48 -6.42 19.19
C GLY A 445 -88.15 -7.35 18.04
N THR A 446 -88.06 -6.82 16.83
CA THR A 446 -87.74 -7.65 15.67
C THR A 446 -86.39 -7.27 15.10
N THR A 447 -86.09 -7.78 13.91
CA THR A 447 -84.84 -7.46 13.23
C THR A 447 -85.17 -7.05 11.82
N GLU A 448 -86.43 -6.70 11.57
CA GLU A 448 -86.80 -6.27 10.22
C GLU A 448 -86.65 -4.77 10.17
N VAL A 449 -85.99 -4.29 9.12
CA VAL A 449 -85.72 -2.88 8.91
C VAL A 449 -86.95 -1.99 8.69
N GLN A 450 -87.12 -1.02 9.57
CA GLN A 450 -88.23 -0.07 9.48
C GLN A 450 -87.72 1.19 8.80
N GLU A 451 -86.50 1.60 9.13
CA GLU A 451 -85.87 2.77 8.54
C GLU A 451 -84.40 2.46 8.22
N LEU A 452 -83.91 3.01 7.12
CA LEU A 452 -82.51 2.83 6.71
C LEU A 452 -82.01 4.04 5.97
N ALA A 453 -80.85 4.56 6.39
CA ALA A 453 -80.28 5.73 5.77
C ALA A 453 -78.77 5.62 5.70
N LEU A 454 -78.26 5.61 4.48
CA LEU A 454 -76.83 5.53 4.24
C LEU A 454 -76.51 6.80 3.49
N CYS A 455 -75.80 7.69 4.16
CA CYS A 455 -75.44 8.96 3.56
C CYS A 455 -73.95 9.06 3.41
N TYR A 456 -73.51 9.67 2.32
CA TYR A 456 -72.10 9.80 2.05
C TYR A 456 -71.59 11.18 1.69
N GLY A 457 -70.28 11.33 1.84
CA GLY A 457 -69.59 12.55 1.50
C GLY A 457 -68.47 12.06 0.61
N GLY A 458 -68.07 12.89 -0.36
CA GLY A 458 -66.99 12.51 -1.25
C GLY A 458 -67.36 11.59 -2.40
N MET A 459 -68.64 11.30 -2.56
CA MET A 459 -69.06 10.43 -3.65
C MET A 459 -69.88 11.18 -4.69
N ALA A 460 -69.87 12.51 -4.60
CA ALA A 460 -70.63 13.32 -5.54
C ALA A 460 -70.51 14.83 -5.37
N ASN A 461 -71.42 15.51 -6.03
CA ASN A 461 -71.52 16.96 -6.01
C ASN A 461 -71.60 17.54 -4.60
N ARG A 462 -72.14 16.75 -3.67
CA ARG A 462 -72.30 17.15 -2.28
C ARG A 462 -72.76 15.98 -1.42
N THR A 463 -73.14 16.25 -0.17
CA THR A 463 -73.59 15.21 0.73
C THR A 463 -74.86 14.58 0.15
N ILE A 464 -74.84 13.26 -0.02
CA ILE A 464 -75.99 12.56 -0.58
C ILE A 464 -76.45 11.36 0.24
N SER A 465 -77.55 10.75 -0.21
CA SER A 465 -78.13 9.59 0.44
C SER A 465 -78.40 8.48 -0.57
N ALA A 466 -78.13 7.23 -0.18
CA ALA A 466 -78.35 6.08 -1.06
C ALA A 466 -79.82 5.66 -1.04
N LEU A 467 -80.70 6.61 -1.31
CA LEU A 467 -82.14 6.39 -1.30
C LEU A 467 -82.65 5.18 -2.06
N LYS A 468 -82.35 5.09 -3.35
CA LYS A 468 -82.81 3.96 -4.14
C LYS A 468 -82.46 2.63 -3.45
N THR A 469 -81.22 2.50 -2.99
CA THR A 469 -80.77 1.28 -2.35
C THR A 469 -81.35 0.98 -0.97
N THR A 470 -81.54 2.02 -0.15
CA THR A 470 -82.11 1.79 1.19
C THR A 470 -83.60 1.51 1.13
N GLN A 471 -84.33 2.30 0.34
CA GLN A 471 -85.78 2.14 0.23
C GLN A 471 -86.16 0.68 -0.05
N ARG A 472 -85.32 0.01 -0.83
CA ARG A 472 -85.54 -1.38 -1.22
C ARG A 472 -85.31 -2.38 -0.09
N GLN A 473 -84.67 -1.94 0.99
CA GLN A 473 -84.39 -2.83 2.12
C GLN A 473 -85.42 -2.73 3.23
N LEU A 474 -86.40 -1.85 3.08
CA LEU A 474 -87.41 -1.69 4.12
C LEU A 474 -88.21 -2.98 4.29
N SER A 475 -88.43 -3.34 5.55
CA SER A 475 -89.16 -4.55 5.95
C SER A 475 -88.35 -5.83 5.75
N LYS A 476 -87.11 -5.68 5.27
CA LYS A 476 -86.22 -6.82 5.07
C LYS A 476 -85.52 -7.14 6.38
N LEU A 477 -85.26 -8.42 6.63
CA LEU A 477 -84.58 -8.84 7.85
C LEU A 477 -83.09 -8.54 7.67
N TRP A 478 -82.43 -8.17 8.78
CA TRP A 478 -81.00 -7.86 8.74
C TRP A 478 -80.23 -9.16 8.65
N LYS A 479 -80.12 -9.70 7.45
CA LYS A 479 -79.41 -10.95 7.22
C LYS A 479 -78.60 -10.88 5.94
N GLU A 480 -77.83 -11.93 5.67
CA GLU A 480 -76.96 -12.00 4.49
C GLU A 480 -77.56 -11.48 3.19
N GLU A 481 -78.83 -11.80 2.94
CA GLU A 481 -79.52 -11.38 1.72
C GLU A 481 -79.53 -9.86 1.57
N LEU A 482 -79.73 -9.15 2.68
CA LEU A 482 -79.76 -7.69 2.65
C LEU A 482 -78.35 -7.13 2.38
N LEU A 483 -77.34 -7.75 2.97
CA LEU A 483 -75.96 -7.32 2.78
C LEU A 483 -75.60 -7.41 1.31
N GLN A 484 -75.81 -8.58 0.71
CA GLN A 484 -75.49 -8.77 -0.71
C GLN A 484 -76.25 -7.77 -1.60
N ASP A 485 -77.55 -7.60 -1.37
CA ASP A 485 -78.33 -6.67 -2.16
C ASP A 485 -77.91 -5.22 -1.97
N VAL A 486 -77.56 -4.85 -0.74
CA VAL A 486 -77.16 -3.47 -0.46
C VAL A 486 -75.86 -3.11 -1.17
N CYS A 487 -74.87 -4.00 -1.09
CA CYS A 487 -73.58 -3.78 -1.74
C CYS A 487 -73.76 -3.61 -3.24
N ALA A 488 -74.49 -4.55 -3.84
CA ALA A 488 -74.75 -4.50 -5.27
C ALA A 488 -75.44 -3.19 -5.64
N GLY A 489 -76.40 -2.79 -4.80
CA GLY A 489 -77.12 -1.55 -5.04
C GLY A 489 -76.26 -0.30 -4.91
N LEU A 490 -75.43 -0.24 -3.88
CA LEU A 490 -74.55 0.90 -3.67
C LEU A 490 -73.54 1.07 -4.80
N ALA A 491 -73.00 -0.04 -5.30
CA ALA A 491 -72.03 0.02 -6.38
C ALA A 491 -72.65 0.59 -7.63
N GLU A 492 -73.92 0.28 -7.87
CA GLU A 492 -74.60 0.79 -9.05
C GLU A 492 -75.06 2.23 -8.85
N GLU A 493 -75.75 2.48 -7.73
CA GLU A 493 -76.29 3.80 -7.41
C GLU A 493 -75.29 4.88 -7.09
N LEU A 494 -74.11 4.50 -6.60
CA LEU A 494 -73.12 5.51 -6.27
C LEU A 494 -71.91 5.50 -7.18
N HIS A 495 -71.91 4.59 -8.15
CA HIS A 495 -70.81 4.46 -9.11
C HIS A 495 -70.38 5.83 -9.65
N LEU A 496 -69.07 6.02 -9.80
CA LEU A 496 -68.52 7.28 -10.31
C LEU A 496 -67.89 7.12 -11.69
N PRO A 497 -68.03 8.14 -12.55
CA PRO A 497 -67.47 8.10 -13.91
C PRO A 497 -65.93 8.18 -13.87
N PRO A 498 -65.25 7.50 -14.80
CA PRO A 498 -63.79 7.46 -14.92
C PRO A 498 -63.10 8.82 -14.86
N ASP A 499 -63.78 9.86 -15.28
CA ASP A 499 -63.21 11.21 -15.28
C ASP A 499 -63.65 12.04 -14.07
N ALA A 500 -64.28 11.38 -13.10
CA ALA A 500 -64.75 12.07 -11.91
C ALA A 500 -63.66 12.90 -11.28
N PRO A 501 -64.03 14.07 -10.74
CA PRO A 501 -63.07 14.97 -10.09
C PRO A 501 -62.47 14.28 -8.86
N GLY A 502 -61.17 14.44 -8.67
CA GLY A 502 -60.52 13.82 -7.53
C GLY A 502 -59.89 12.47 -7.84
N GLY A 503 -60.45 11.74 -8.81
CA GLY A 503 -59.91 10.44 -9.17
C GLY A 503 -60.20 9.33 -8.18
N MET A 504 -59.42 8.26 -8.27
CA MET A 504 -59.55 7.09 -7.40
C MET A 504 -60.99 6.64 -7.27
N VAL A 505 -61.71 6.61 -8.38
CA VAL A 505 -63.11 6.19 -8.35
C VAL A 505 -63.30 4.78 -7.75
N ASP A 506 -62.59 3.80 -8.27
CA ASP A 506 -62.69 2.43 -7.77
C ASP A 506 -62.55 2.36 -6.24
N PHE A 507 -61.46 2.95 -5.74
CA PHE A 507 -61.20 2.97 -4.30
C PHE A 507 -62.37 3.61 -3.56
N ARG A 508 -62.83 4.75 -4.06
CA ARG A 508 -63.95 5.44 -3.42
C ARG A 508 -65.21 4.60 -3.37
N CYS A 509 -65.60 4.01 -4.49
CA CYS A 509 -66.78 3.17 -4.48
C CYS A 509 -66.57 1.99 -3.53
N THR A 510 -65.44 1.31 -3.66
CA THR A 510 -65.17 0.18 -2.78
C THR A 510 -65.40 0.55 -1.31
N LEU A 511 -65.01 1.76 -0.94
CA LEU A 511 -65.18 2.22 0.43
C LEU A 511 -66.66 2.35 0.85
N THR A 512 -67.53 2.82 -0.05
CA THR A 512 -68.95 2.95 0.32
C THR A 512 -69.56 1.59 0.63
N LEU A 513 -69.10 0.55 -0.06
CA LEU A 513 -69.62 -0.79 0.21
C LEU A 513 -68.94 -1.32 1.47
N SER A 514 -67.62 -1.13 1.53
CA SER A 514 -66.83 -1.57 2.68
C SER A 514 -67.35 -0.93 3.98
N PHE A 515 -67.76 0.33 3.91
CA PHE A 515 -68.27 0.97 5.11
C PHE A 515 -69.54 0.26 5.54
N PHE A 516 -70.44 0.03 4.58
CA PHE A 516 -71.67 -0.64 4.92
C PHE A 516 -71.40 -2.02 5.54
N PHE A 517 -70.45 -2.75 4.98
CA PHE A 517 -70.13 -4.07 5.53
C PHE A 517 -69.79 -3.96 7.03
N LYS A 518 -69.02 -2.94 7.38
CA LYS A 518 -68.67 -2.74 8.79
C LYS A 518 -69.93 -2.41 9.57
N PHE A 519 -70.77 -1.53 9.00
CA PHE A 519 -72.03 -1.14 9.64
C PHE A 519 -72.84 -2.40 9.82
N TYR A 520 -72.97 -3.17 8.75
CA TYR A 520 -73.71 -4.42 8.78
C TYR A 520 -73.23 -5.26 9.95
N LEU A 521 -71.95 -5.63 9.94
CA LEU A 521 -71.39 -6.44 11.02
C LEU A 521 -71.63 -5.84 12.39
N THR A 522 -71.39 -4.54 12.52
CA THR A 522 -71.60 -3.88 13.80
C THR A 522 -73.02 -4.03 14.34
N VAL A 523 -74.01 -3.95 13.45
CA VAL A 523 -75.41 -4.08 13.87
C VAL A 523 -75.73 -5.50 14.34
N LEU A 524 -75.09 -6.50 13.73
CA LEU A 524 -75.31 -7.88 14.12
C LEU A 524 -74.89 -8.04 15.59
N GLN A 525 -73.79 -7.40 15.96
CA GLN A 525 -73.29 -7.46 17.34
C GLN A 525 -74.27 -6.80 18.29
N LYS A 526 -74.67 -5.58 17.93
CA LYS A 526 -75.62 -4.82 18.73
C LYS A 526 -76.96 -5.55 18.88
N LEU A 527 -77.42 -6.22 17.83
CA LEU A 527 -78.66 -6.97 17.94
C LEU A 527 -78.43 -8.13 18.92
N GLY A 528 -77.21 -8.68 18.90
CA GLY A 528 -76.86 -9.78 19.78
C GLY A 528 -76.95 -9.39 21.25
N GLN A 529 -76.82 -8.09 21.49
CA GLN A 529 -76.90 -7.54 22.84
C GLN A 529 -78.37 -7.58 23.27
N GLU A 530 -79.27 -7.49 22.28
CA GLU A 530 -80.72 -7.51 22.50
C GLU A 530 -81.23 -8.95 22.54
N ASN A 531 -80.33 -9.90 22.29
CA ASN A 531 -80.67 -11.32 22.29
C ASN A 531 -81.52 -11.69 21.08
N LEU A 532 -81.35 -10.92 20.01
CA LEU A 532 -82.04 -11.14 18.75
C LEU A 532 -81.04 -11.74 17.78
N GLU A 533 -79.92 -12.22 18.31
CA GLU A 533 -78.86 -12.81 17.49
C GLU A 533 -79.25 -14.13 16.85
N ASP A 534 -80.53 -14.31 16.58
CA ASP A 534 -81.01 -15.51 15.94
C ASP A 534 -81.94 -15.13 14.80
N LYS A 535 -82.47 -13.91 14.86
CA LYS A 535 -83.35 -13.43 13.81
C LYS A 535 -82.53 -12.53 12.86
N CYS A 536 -81.22 -12.64 12.95
CA CYS A 536 -80.31 -11.86 12.09
C CYS A 536 -79.19 -12.77 11.62
N GLY A 537 -78.49 -12.35 10.56
CA GLY A 537 -77.41 -13.13 10.00
C GLY A 537 -76.32 -13.55 11.00
N LYS A 538 -75.64 -14.65 10.70
CA LYS A 538 -74.58 -15.16 11.57
C LYS A 538 -73.36 -14.24 11.62
N LEU A 539 -72.74 -14.12 12.79
CA LEU A 539 -71.55 -13.30 12.94
C LEU A 539 -70.33 -14.19 13.08
N ASP A 540 -69.49 -14.20 12.05
CA ASP A 540 -68.29 -15.03 12.08
C ASP A 540 -67.26 -14.44 13.05
N PRO A 541 -66.71 -15.29 13.93
CA PRO A 541 -65.72 -14.86 14.91
C PRO A 541 -64.51 -14.15 14.29
N THR A 542 -64.05 -14.62 13.13
CA THR A 542 -62.90 -14.01 12.46
C THR A 542 -63.24 -12.65 11.85
N PHE A 543 -64.53 -12.39 11.72
CA PHE A 543 -65.03 -11.13 11.15
C PHE A 543 -65.10 -10.02 12.20
N ALA A 544 -65.26 -10.41 13.46
CA ALA A 544 -65.38 -9.48 14.58
C ALA A 544 -64.47 -8.25 14.61
N SER A 545 -63.15 -8.46 14.48
CA SER A 545 -62.23 -7.33 14.54
C SER A 545 -62.56 -6.19 13.58
N ALA A 546 -63.41 -6.47 12.58
CA ALA A 546 -63.79 -5.45 11.62
C ALA A 546 -64.66 -4.32 12.19
N THR A 547 -65.36 -4.58 13.28
CA THR A 547 -66.22 -3.54 13.85
C THR A 547 -65.52 -2.61 14.83
N LEU A 548 -64.31 -2.98 15.24
CA LEU A 548 -63.55 -2.16 16.18
C LEU A 548 -63.19 -0.77 15.67
N LEU A 549 -63.32 0.23 16.53
CA LEU A 549 -62.99 1.61 16.21
C LEU A 549 -61.49 1.70 16.45
N PHE A 550 -60.81 2.53 15.68
CA PHE A 550 -59.35 2.67 15.83
C PHE A 550 -58.92 2.78 17.28
N GLN A 551 -57.85 2.09 17.62
CA GLN A 551 -57.33 2.10 18.98
C GLN A 551 -55.84 1.73 18.89
N LYS A 552 -55.02 2.25 19.78
CA LYS A 552 -53.59 1.95 19.76
C LYS A 552 -52.99 1.82 21.17
N ASP A 553 -52.17 0.80 21.37
CA ASP A 553 -51.51 0.58 22.66
C ASP A 553 -50.57 1.73 23.01
N PRO A 554 -50.14 1.81 24.28
CA PRO A 554 -49.23 2.90 24.66
C PRO A 554 -47.89 2.69 23.94
N PRO A 555 -47.18 3.79 23.64
CA PRO A 555 -45.89 3.71 22.95
C PRO A 555 -44.79 3.03 23.77
N ALA A 556 -43.93 2.30 23.07
CA ALA A 556 -42.81 1.61 23.70
C ALA A 556 -41.59 2.03 22.92
N ASP A 557 -40.90 3.06 23.40
CA ASP A 557 -39.73 3.58 22.71
C ASP A 557 -38.46 3.43 23.52
N VAL A 558 -37.46 2.80 22.92
CA VAL A 558 -36.18 2.62 23.58
C VAL A 558 -35.03 2.91 22.62
N GLN A 559 -34.01 3.60 23.14
CA GLN A 559 -32.85 3.95 22.34
C GLN A 559 -31.60 3.39 23.03
N LEU A 560 -30.79 2.68 22.27
CA LEU A 560 -29.57 2.11 22.80
C LEU A 560 -28.36 2.63 22.03
N PHE A 561 -27.33 3.02 22.77
CA PHE A 561 -26.10 3.52 22.17
C PHE A 561 -24.93 3.23 23.10
N GLN A 562 -23.72 3.50 22.64
CA GLN A 562 -22.56 3.22 23.48
C GLN A 562 -22.13 4.34 24.40
N GLU A 563 -21.64 3.95 25.56
CA GLU A 563 -21.13 4.88 26.55
C GLU A 563 -19.71 5.23 26.10
N VAL A 564 -19.23 6.42 26.48
CA VAL A 564 -17.89 6.83 26.13
C VAL A 564 -16.88 6.16 27.08
N PRO A 565 -15.61 6.04 26.66
CA PRO A 565 -14.57 5.41 27.48
C PRO A 565 -14.65 5.89 28.93
N LYS A 566 -14.44 4.95 29.86
CA LYS A 566 -14.51 5.25 31.29
C LYS A 566 -13.68 6.45 31.73
N GLY A 567 -12.50 6.63 31.14
CA GLY A 567 -11.66 7.74 31.52
C GLY A 567 -11.68 8.96 30.62
N GLN A 568 -12.68 9.10 29.77
CA GLN A 568 -12.77 10.26 28.89
C GLN A 568 -13.08 11.52 29.69
N SER A 569 -12.28 12.56 29.45
CA SER A 569 -12.45 13.85 30.10
C SER A 569 -13.92 14.26 30.15
N GLU A 570 -14.34 14.80 31.28
CA GLU A 570 -15.72 15.23 31.43
C GLU A 570 -16.01 16.42 30.49
N GLU A 571 -14.97 17.15 30.09
CA GLU A 571 -15.13 18.29 29.19
C GLU A 571 -15.00 17.91 27.71
N ASP A 572 -14.86 16.62 27.44
CA ASP A 572 -14.75 16.13 26.08
C ASP A 572 -16.14 15.63 25.73
N MET A 573 -16.84 16.36 24.86
CA MET A 573 -18.19 15.98 24.49
C MET A 573 -18.34 14.95 23.36
N VAL A 574 -17.27 14.72 22.60
CA VAL A 574 -17.36 13.74 21.52
C VAL A 574 -17.83 12.40 22.08
N GLY A 575 -18.91 11.88 21.52
CA GLY A 575 -19.48 10.61 21.97
C GLY A 575 -20.58 10.80 23.01
N ARG A 576 -20.72 12.01 23.55
CA ARG A 576 -21.73 12.29 24.56
C ARG A 576 -23.00 12.87 23.93
N PRO A 577 -24.17 12.51 24.48
CA PRO A 577 -25.44 13.01 23.95
C PRO A 577 -25.76 14.47 24.26
N LEU A 578 -24.87 15.39 23.86
CA LEU A 578 -25.07 16.82 24.07
C LEU A 578 -26.15 17.31 23.12
N PRO A 579 -27.25 17.85 23.66
CA PRO A 579 -28.37 18.35 22.86
C PRO A 579 -28.01 19.48 21.89
N HIS A 580 -28.79 19.57 20.81
CA HIS A 580 -28.60 20.60 19.79
C HIS A 580 -28.39 21.97 20.43
N LEU A 581 -27.26 22.59 20.13
CA LEU A 581 -26.87 23.89 20.68
C LEU A 581 -27.94 24.97 20.71
N ALA A 582 -28.77 25.04 19.68
CA ALA A 582 -29.80 26.08 19.61
C ALA A 582 -31.19 25.63 20.06
N ALA A 583 -31.28 24.43 20.65
CA ALA A 583 -32.55 23.86 21.10
C ALA A 583 -33.38 24.73 22.04
N ASP A 584 -32.75 25.37 23.02
CA ASP A 584 -33.48 26.23 23.95
C ASP A 584 -34.09 27.45 23.25
N MET A 585 -33.28 28.11 22.44
CA MET A 585 -33.73 29.30 21.71
C MET A 585 -34.75 28.95 20.62
N GLN A 586 -34.76 27.70 20.19
CA GLN A 586 -35.71 27.26 19.16
C GLN A 586 -37.06 27.01 19.83
N ALA A 587 -37.00 26.54 21.07
CA ALA A 587 -38.20 26.25 21.83
C ALA A 587 -38.82 27.54 22.38
N SER A 588 -38.00 28.53 22.66
CA SER A 588 -38.49 29.81 23.19
C SER A 588 -38.83 30.81 22.07
N GLY A 589 -38.67 30.39 20.82
CA GLY A 589 -38.96 31.26 19.70
C GLY A 589 -37.97 32.40 19.48
N GLU A 590 -36.85 32.34 20.17
CA GLU A 590 -35.82 33.36 20.05
C GLU A 590 -34.89 33.11 18.87
N ALA A 591 -34.75 31.85 18.47
CA ALA A 591 -33.89 31.52 17.34
C ALA A 591 -34.42 32.27 16.13
N VAL A 592 -33.52 32.98 15.44
CA VAL A 592 -33.92 33.75 14.29
C VAL A 592 -33.72 33.08 12.95
N TYR A 593 -34.80 32.96 12.18
CA TYR A 593 -34.73 32.40 10.86
C TYR A 593 -34.76 33.57 9.86
N CYS A 594 -34.44 33.30 8.61
CA CYS A 594 -34.40 34.34 7.59
C CYS A 594 -35.49 35.43 7.69
N ASP A 595 -36.75 35.06 7.46
CA ASP A 595 -37.85 36.02 7.52
C ASP A 595 -38.07 36.64 8.90
N ASP A 596 -37.45 36.08 9.95
CA ASP A 596 -37.61 36.63 11.29
C ASP A 596 -36.76 37.87 11.45
N ILE A 597 -35.77 38.04 10.58
CA ILE A 597 -34.91 39.19 10.64
C ILE A 597 -35.76 40.42 10.35
N PRO A 598 -35.65 41.46 11.19
CA PRO A 598 -36.40 42.70 11.05
C PRO A 598 -36.23 43.32 9.65
N ARG A 599 -37.30 43.87 9.10
CA ARG A 599 -37.22 44.51 7.80
C ARG A 599 -36.57 45.87 7.98
N TYR A 600 -35.90 46.37 6.94
CA TYR A 600 -35.31 47.69 7.00
C TYR A 600 -36.48 48.63 6.75
N GLU A 601 -36.40 49.85 7.28
CA GLU A 601 -37.48 50.81 7.10
C GLU A 601 -37.84 51.01 5.61
N ASN A 602 -36.91 50.68 4.72
CA ASN A 602 -37.13 50.85 3.27
C ASN A 602 -37.13 49.54 2.50
N GLU A 603 -37.35 48.43 3.19
CA GLU A 603 -37.34 47.12 2.56
C GLU A 603 -38.65 46.88 1.82
N LEU A 604 -38.60 46.11 0.74
CA LEU A 604 -39.81 45.81 -0.03
C LEU A 604 -40.06 44.31 -0.09
N SER A 605 -41.27 43.93 -0.48
CA SER A 605 -41.63 42.53 -0.60
C SER A 605 -41.71 42.14 -2.06
N LEU A 606 -41.33 40.92 -2.37
CA LEU A 606 -41.37 40.44 -3.75
C LEU A 606 -42.16 39.13 -3.87
N ARG A 607 -42.82 38.97 -4.99
CA ARG A 607 -43.59 37.76 -5.25
C ARG A 607 -43.38 37.38 -6.72
N LEU A 608 -43.16 36.10 -6.95
CA LEU A 608 -42.92 35.59 -8.30
C LEU A 608 -44.21 35.39 -9.09
N VAL A 609 -44.17 35.69 -10.38
CA VAL A 609 -45.30 35.48 -11.26
C VAL A 609 -44.90 34.24 -12.05
N THR A 610 -45.75 33.23 -12.06
CA THR A 610 -45.38 32.00 -12.76
C THR A 610 -46.34 31.55 -13.85
N SER A 611 -45.80 30.75 -14.76
CA SER A 611 -46.56 30.22 -15.88
C SER A 611 -47.70 29.31 -15.45
N THR A 612 -48.80 29.39 -16.19
CA THR A 612 -49.94 28.54 -15.92
C THR A 612 -50.10 27.54 -17.06
N ARG A 613 -49.08 27.47 -17.93
CA ARG A 613 -49.09 26.54 -19.05
C ARG A 613 -47.89 25.62 -18.96
N ALA A 614 -48.09 24.34 -19.27
CA ALA A 614 -47.01 23.36 -19.21
C ALA A 614 -45.94 23.64 -20.28
N HIS A 615 -46.35 24.25 -21.39
CA HIS A 615 -45.43 24.57 -22.46
C HIS A 615 -46.14 25.45 -23.50
N ALA A 616 -45.62 26.65 -23.70
CA ALA A 616 -46.23 27.58 -24.65
C ALA A 616 -45.38 28.82 -24.89
N LYS A 617 -45.75 29.58 -25.92
CA LYS A 617 -45.06 30.83 -26.25
C LYS A 617 -45.74 31.92 -25.45
N ILE A 618 -44.94 32.88 -24.98
CA ILE A 618 -45.50 34.02 -24.25
C ILE A 618 -45.80 35.04 -25.34
N LYS A 619 -47.07 35.30 -25.59
CA LYS A 619 -47.43 36.25 -26.63
C LYS A 619 -47.45 37.68 -26.06
N SER A 620 -47.80 37.81 -24.79
CA SER A 620 -47.83 39.13 -24.17
C SER A 620 -47.90 39.11 -22.66
N ILE A 621 -47.62 40.26 -22.06
CA ILE A 621 -47.66 40.43 -20.63
C ILE A 621 -48.25 41.82 -20.35
N ASP A 622 -49.35 41.84 -19.58
CA ASP A 622 -50.03 43.08 -19.25
C ASP A 622 -49.93 43.39 -17.75
N THR A 623 -49.48 44.61 -17.42
CA THR A 623 -49.32 45.03 -16.03
C THR A 623 -50.44 45.97 -15.55
N SER A 624 -51.20 46.49 -16.49
CA SER A 624 -52.30 47.41 -16.22
C SER A 624 -52.94 47.32 -14.82
N GLU A 625 -53.35 46.13 -14.41
CA GLU A 625 -53.98 45.95 -13.11
C GLU A 625 -53.04 45.93 -11.91
N ALA A 626 -51.83 45.42 -12.11
CA ALA A 626 -50.86 45.37 -11.02
C ALA A 626 -50.50 46.79 -10.59
N LYS A 627 -50.33 47.66 -11.57
CA LYS A 627 -49.99 49.05 -11.32
C LYS A 627 -51.03 49.78 -10.46
N LYS A 628 -52.21 49.19 -10.32
CA LYS A 628 -53.28 49.82 -9.54
C LYS A 628 -53.37 49.36 -8.09
N VAL A 629 -52.43 48.52 -7.65
CA VAL A 629 -52.44 48.03 -6.28
C VAL A 629 -51.65 48.97 -5.38
N PRO A 630 -52.16 49.25 -4.17
CA PRO A 630 -51.46 50.13 -3.24
C PRO A 630 -50.09 49.55 -2.89
N GLY A 631 -49.07 50.40 -2.86
CA GLY A 631 -47.73 49.97 -2.53
C GLY A 631 -46.96 49.28 -3.64
N PHE A 632 -47.53 49.23 -4.83
CA PHE A 632 -46.88 48.59 -5.96
C PHE A 632 -45.65 49.38 -6.41
N VAL A 633 -44.50 48.72 -6.52
CA VAL A 633 -43.29 49.40 -6.94
C VAL A 633 -42.96 49.14 -8.41
N CYS A 634 -42.93 47.86 -8.80
CA CYS A 634 -42.60 47.50 -10.17
C CYS A 634 -42.77 46.01 -10.45
N PHE A 635 -42.51 45.63 -11.69
CA PHE A 635 -42.57 44.26 -12.15
C PHE A 635 -41.29 44.03 -12.95
N ILE A 636 -40.48 43.08 -12.53
CA ILE A 636 -39.26 42.79 -13.26
C ILE A 636 -39.45 41.53 -14.09
N SER A 637 -38.63 41.40 -15.12
CA SER A 637 -38.67 40.26 -16.01
C SER A 637 -37.30 40.11 -16.68
N ALA A 638 -37.18 39.12 -17.54
CA ALA A 638 -35.94 38.84 -18.27
C ALA A 638 -35.23 40.08 -18.83
N ASP A 639 -36.00 41.08 -19.24
CA ASP A 639 -35.42 42.30 -19.80
C ASP A 639 -34.71 43.17 -18.77
N ASP A 640 -34.87 42.85 -17.49
CA ASP A 640 -34.25 43.64 -16.44
C ASP A 640 -32.91 43.11 -15.97
N VAL A 641 -32.57 41.89 -16.41
CA VAL A 641 -31.30 41.30 -16.01
C VAL A 641 -30.14 42.04 -16.64
N PRO A 642 -29.22 42.57 -15.82
CA PRO A 642 -28.08 43.29 -16.38
C PRO A 642 -26.97 42.33 -16.80
N GLY A 643 -26.94 41.15 -16.20
CA GLY A 643 -25.91 40.17 -16.52
C GLY A 643 -26.40 39.09 -17.46
N SER A 644 -26.37 37.85 -17.00
CA SER A 644 -26.80 36.71 -17.81
C SER A 644 -28.13 36.13 -17.34
N ASN A 645 -29.04 35.86 -18.27
CA ASN A 645 -30.34 35.27 -17.91
C ASN A 645 -30.26 33.74 -17.94
N ILE A 646 -29.07 33.22 -18.24
CA ILE A 646 -28.88 31.78 -18.27
C ILE A 646 -28.28 31.36 -16.93
N THR A 647 -28.98 30.46 -16.24
CA THR A 647 -28.51 29.99 -14.93
C THR A 647 -28.73 28.48 -14.80
N GLY A 648 -28.69 27.96 -13.58
CA GLY A 648 -28.89 26.54 -13.37
C GLY A 648 -27.57 25.78 -13.34
N ILE A 649 -27.56 24.63 -12.68
CA ILE A 649 -26.34 23.84 -12.59
C ILE A 649 -25.78 23.46 -13.96
N CYS A 650 -26.66 23.23 -14.92
CA CYS A 650 -26.24 22.86 -16.28
C CYS A 650 -26.49 23.99 -17.29
N ASN A 651 -26.46 25.23 -16.83
CA ASN A 651 -26.74 26.37 -17.71
C ASN A 651 -27.91 25.96 -18.55
N ASP A 652 -28.88 25.37 -17.87
CA ASP A 652 -30.10 24.84 -18.43
C ASP A 652 -31.27 25.81 -18.50
N GLU A 653 -31.40 26.65 -17.48
CA GLU A 653 -32.54 27.54 -17.40
C GLU A 653 -32.32 29.03 -17.38
N THR A 654 -33.44 29.74 -17.39
CA THR A 654 -33.47 31.18 -17.38
C THR A 654 -33.77 31.66 -15.95
N VAL A 655 -33.37 32.89 -15.64
CA VAL A 655 -33.65 33.46 -14.34
C VAL A 655 -35.14 33.81 -14.47
N PHE A 656 -35.46 34.40 -15.61
CA PHE A 656 -36.84 34.76 -15.95
C PHE A 656 -37.13 34.26 -17.35
N ALA A 657 -38.28 33.60 -17.53
CA ALA A 657 -38.67 33.04 -18.81
C ALA A 657 -38.58 34.03 -19.95
N LYS A 658 -38.06 33.58 -21.09
CA LYS A 658 -37.92 34.42 -22.27
C LYS A 658 -38.62 33.79 -23.48
N ASP A 659 -39.67 34.45 -23.93
CA ASP A 659 -40.45 34.01 -25.08
C ASP A 659 -41.23 32.72 -24.85
N LYS A 660 -40.75 31.87 -23.94
CA LYS A 660 -41.41 30.60 -23.69
C LYS A 660 -41.47 30.14 -22.23
N VAL A 661 -42.50 29.35 -21.93
CA VAL A 661 -42.68 28.77 -20.61
C VAL A 661 -42.58 27.26 -20.87
N THR A 662 -41.85 26.54 -20.03
CA THR A 662 -41.68 25.11 -20.26
C THR A 662 -42.21 24.20 -19.16
N CYS A 663 -43.10 24.75 -18.32
CA CYS A 663 -43.74 23.99 -17.25
C CYS A 663 -44.69 24.87 -16.44
N VAL A 664 -45.76 24.27 -15.92
CA VAL A 664 -46.67 25.04 -15.10
C VAL A 664 -45.88 25.37 -13.83
N GLY A 665 -45.48 26.63 -13.68
CA GLY A 665 -44.70 27.05 -12.53
C GLY A 665 -43.43 27.78 -12.96
N HIS A 666 -43.14 27.75 -14.26
CA HIS A 666 -41.96 28.40 -14.84
C HIS A 666 -42.00 29.89 -14.47
N ILE A 667 -41.00 30.35 -13.73
CA ILE A 667 -40.96 31.75 -13.32
C ILE A 667 -40.78 32.71 -14.51
N ILE A 668 -41.77 33.58 -14.69
CA ILE A 668 -41.78 34.54 -15.79
C ILE A 668 -41.26 35.90 -15.36
N GLY A 669 -41.57 36.28 -14.14
CA GLY A 669 -41.12 37.57 -13.65
C GLY A 669 -41.48 37.69 -12.19
N ALA A 670 -41.34 38.89 -11.64
CA ALA A 670 -41.66 39.10 -10.24
C ALA A 670 -42.34 40.45 -10.07
N VAL A 671 -43.11 40.56 -9.01
CA VAL A 671 -43.79 41.80 -8.73
C VAL A 671 -43.28 42.31 -7.37
N VAL A 672 -42.96 43.60 -7.32
CA VAL A 672 -42.43 44.23 -6.11
C VAL A 672 -43.42 45.22 -5.50
N ALA A 673 -43.69 45.07 -4.21
CA ALA A 673 -44.60 45.95 -3.50
C ALA A 673 -44.19 46.07 -2.03
N ASP A 674 -44.94 46.86 -1.29
CA ASP A 674 -44.64 47.10 0.11
C ASP A 674 -45.02 45.98 1.09
N THR A 675 -46.06 45.22 0.78
CA THR A 675 -46.49 44.17 1.70
C THR A 675 -46.74 42.83 1.02
N PRO A 676 -46.69 41.74 1.79
CA PRO A 676 -46.94 40.44 1.17
C PRO A 676 -48.35 40.44 0.61
N GLU A 677 -49.25 41.10 1.32
CA GLU A 677 -50.64 41.19 0.90
C GLU A 677 -50.74 41.92 -0.44
N HIS A 678 -49.97 42.98 -0.58
CA HIS A 678 -50.01 43.76 -1.80
C HIS A 678 -49.34 43.09 -2.99
N THR A 679 -48.28 42.31 -2.75
CA THR A 679 -47.63 41.62 -3.85
C THR A 679 -48.59 40.55 -4.38
N GLN A 680 -49.35 39.95 -3.47
CA GLN A 680 -50.33 38.94 -3.82
C GLN A 680 -51.30 39.51 -4.84
N ARG A 681 -51.86 40.66 -4.51
CA ARG A 681 -52.80 41.33 -5.37
C ARG A 681 -52.13 41.78 -6.67
N ALA A 682 -50.90 42.28 -6.59
CA ALA A 682 -50.21 42.74 -7.78
C ALA A 682 -49.96 41.58 -8.73
N ALA A 683 -49.44 40.47 -8.22
CA ALA A 683 -49.17 39.30 -9.07
C ALA A 683 -50.45 38.87 -9.79
N GLN A 684 -51.56 38.93 -9.06
CA GLN A 684 -52.86 38.56 -9.61
C GLN A 684 -53.21 39.48 -10.78
N GLY A 685 -52.63 40.68 -10.78
CA GLY A 685 -52.92 41.65 -11.83
C GLY A 685 -52.02 41.64 -13.04
N VAL A 686 -51.12 40.67 -13.15
CA VAL A 686 -50.24 40.60 -14.30
C VAL A 686 -50.84 39.61 -15.29
N LYS A 687 -51.59 40.13 -16.27
CA LYS A 687 -52.23 39.28 -17.27
C LYS A 687 -51.20 38.74 -18.25
N ILE A 688 -51.31 37.45 -18.54
CA ILE A 688 -50.38 36.80 -19.44
C ILE A 688 -51.11 35.92 -20.44
N THR A 689 -50.92 36.20 -21.73
CA THR A 689 -51.57 35.39 -22.75
C THR A 689 -50.51 34.50 -23.38
N TYR A 690 -50.89 33.25 -23.67
CA TYR A 690 -49.97 32.29 -24.26
C TYR A 690 -50.48 31.68 -25.56
N GLU A 691 -49.59 30.97 -26.23
CA GLU A 691 -49.87 30.23 -27.47
C GLU A 691 -49.30 28.86 -27.12
N GLU A 692 -50.17 27.88 -26.88
CA GLU A 692 -49.69 26.57 -26.47
C GLU A 692 -48.95 25.73 -27.48
N LEU A 693 -47.99 24.96 -26.98
CA LEU A 693 -47.16 24.07 -27.78
C LEU A 693 -47.32 22.67 -27.20
N PRO A 694 -46.91 21.64 -27.96
CA PRO A 694 -47.03 20.26 -27.47
C PRO A 694 -46.22 20.11 -26.21
N ALA A 695 -46.75 19.39 -25.23
CA ALA A 695 -46.03 19.19 -23.99
C ALA A 695 -45.84 17.72 -23.66
N ILE A 696 -44.65 17.39 -23.15
CA ILE A 696 -44.29 16.04 -22.75
C ILE A 696 -44.37 16.04 -21.22
N ILE A 697 -45.23 15.20 -20.67
CA ILE A 697 -45.40 15.17 -19.22
C ILE A 697 -44.89 13.91 -18.53
N THR A 698 -45.49 12.78 -18.88
CA THR A 698 -45.14 11.51 -18.28
C THR A 698 -43.81 10.92 -18.73
N ILE A 699 -43.30 9.99 -17.95
CA ILE A 699 -42.05 9.32 -18.28
C ILE A 699 -42.31 8.59 -19.59
N GLU A 700 -43.55 8.23 -19.83
CA GLU A 700 -43.92 7.55 -21.06
C GLU A 700 -43.95 8.51 -22.24
N ASP A 701 -44.28 9.77 -22.00
CA ASP A 701 -44.29 10.76 -23.08
C ASP A 701 -42.86 10.96 -23.54
N ALA A 702 -41.94 10.99 -22.58
CA ALA A 702 -40.54 11.18 -22.88
C ALA A 702 -40.01 9.98 -23.66
N ILE A 703 -40.20 8.80 -23.12
CA ILE A 703 -39.74 7.59 -23.79
C ILE A 703 -40.26 7.51 -25.22
N LYS A 704 -41.51 7.91 -25.40
CA LYS A 704 -42.15 7.87 -26.71
C LYS A 704 -41.61 8.93 -27.69
N ASN A 705 -41.20 10.08 -27.17
CA ASN A 705 -40.69 11.17 -28.01
C ASN A 705 -39.17 11.22 -27.99
N ASN A 706 -38.55 10.21 -27.39
CA ASN A 706 -37.10 10.17 -27.26
C ASN A 706 -36.65 11.52 -26.70
N SER A 707 -37.23 11.89 -25.57
CA SER A 707 -36.93 13.16 -24.90
C SER A 707 -36.13 12.92 -23.62
N PHE A 708 -34.82 13.07 -23.71
CA PHE A 708 -33.94 12.85 -22.55
C PHE A 708 -32.85 13.89 -22.41
N TYR A 709 -32.17 13.84 -21.26
CA TYR A 709 -31.05 14.71 -20.97
C TYR A 709 -29.83 13.82 -21.07
N GLY A 710 -28.95 14.13 -22.02
CA GLY A 710 -27.74 13.35 -22.20
C GLY A 710 -27.99 11.90 -22.62
N PRO A 711 -26.93 11.08 -22.64
CA PRO A 711 -27.05 9.67 -23.03
C PRO A 711 -27.54 8.80 -21.90
N GLU A 712 -27.60 7.50 -22.18
CA GLU A 712 -28.00 6.51 -21.21
C GLU A 712 -26.82 6.26 -20.29
N LEU A 713 -27.08 6.10 -19.00
CA LEU A 713 -26.02 5.82 -18.03
C LEU A 713 -26.02 4.30 -17.85
N LYS A 714 -24.86 3.70 -17.60
CA LYS A 714 -24.83 2.25 -17.45
C LYS A 714 -23.62 1.68 -16.72
N ILE A 715 -23.88 0.65 -15.92
CA ILE A 715 -22.84 -0.06 -15.20
C ILE A 715 -23.08 -1.52 -15.53
N GLU A 716 -22.07 -2.20 -16.09
CA GLU A 716 -22.23 -3.59 -16.44
C GLU A 716 -21.06 -4.41 -15.94
N LYS A 717 -21.36 -5.58 -15.40
CA LYS A 717 -20.33 -6.46 -14.88
C LYS A 717 -20.77 -7.91 -15.07
N GLY A 718 -19.83 -8.77 -15.41
CA GLY A 718 -20.16 -10.17 -15.62
C GLY A 718 -20.67 -10.46 -17.02
N ASP A 719 -21.46 -11.51 -17.14
CA ASP A 719 -22.01 -11.93 -18.43
C ASP A 719 -23.51 -12.24 -18.26
N LEU A 720 -24.36 -11.29 -18.65
CA LEU A 720 -25.81 -11.49 -18.54
C LEU A 720 -26.30 -12.72 -19.29
N LYS A 721 -25.95 -12.80 -20.57
CA LYS A 721 -26.36 -13.90 -21.41
C LYS A 721 -26.06 -15.24 -20.73
N LYS A 722 -24.85 -15.39 -20.19
CA LYS A 722 -24.48 -16.62 -19.50
C LYS A 722 -25.23 -16.75 -18.19
N GLY A 723 -25.46 -15.62 -17.53
CA GLY A 723 -26.16 -15.61 -16.25
C GLY A 723 -27.59 -16.12 -16.32
N PHE A 724 -28.39 -15.53 -17.21
CA PHE A 724 -29.78 -15.94 -17.34
C PHE A 724 -29.91 -17.37 -17.88
N SER A 725 -28.87 -17.86 -18.56
CA SER A 725 -28.91 -19.21 -19.10
C SER A 725 -28.62 -20.25 -18.00
N GLU A 726 -27.90 -19.86 -16.96
CA GLU A 726 -27.60 -20.79 -15.89
C GLU A 726 -28.70 -20.72 -14.83
N ALA A 727 -29.50 -19.67 -14.90
CA ALA A 727 -30.60 -19.45 -13.96
C ALA A 727 -31.72 -20.47 -14.06
N ASP A 728 -32.14 -20.99 -12.92
CA ASP A 728 -33.25 -21.94 -12.91
C ASP A 728 -34.54 -21.21 -13.29
N ASN A 729 -34.75 -20.03 -12.71
CA ASN A 729 -35.94 -19.25 -13.00
C ASN A 729 -35.60 -17.80 -13.33
N VAL A 730 -36.43 -17.18 -14.13
CA VAL A 730 -36.24 -15.79 -14.53
C VAL A 730 -37.57 -15.05 -14.38
N VAL A 731 -37.54 -13.95 -13.64
CA VAL A 731 -38.72 -13.13 -13.38
C VAL A 731 -38.60 -11.72 -13.96
N SER A 732 -39.64 -11.28 -14.66
CA SER A 732 -39.65 -9.93 -15.22
C SER A 732 -40.75 -9.16 -14.52
N GLY A 733 -40.49 -7.88 -14.29
CA GLY A 733 -41.48 -7.04 -13.63
C GLY A 733 -41.21 -5.56 -13.80
N GLU A 734 -42.18 -4.77 -13.35
CA GLU A 734 -42.09 -3.32 -13.44
C GLU A 734 -42.64 -2.73 -12.14
N ILE A 735 -42.18 -1.54 -11.79
CA ILE A 735 -42.68 -0.84 -10.60
C ILE A 735 -42.45 0.64 -10.73
N TYR A 736 -43.34 1.40 -10.11
CA TYR A 736 -43.27 2.85 -10.14
C TYR A 736 -43.06 3.40 -8.74
N ILE A 737 -42.18 4.38 -8.62
CA ILE A 737 -41.94 4.99 -7.33
C ILE A 737 -42.27 6.46 -7.47
N GLY A 738 -43.33 6.90 -6.80
CA GLY A 738 -43.73 8.30 -6.87
C GLY A 738 -42.72 9.27 -6.30
N GLY A 739 -42.83 10.54 -6.67
CA GLY A 739 -41.91 11.54 -6.17
C GLY A 739 -42.18 11.89 -4.71
N GLN A 740 -41.73 13.08 -4.30
CA GLN A 740 -41.91 13.54 -2.93
C GLN A 740 -41.52 15.01 -2.77
N GLU A 741 -42.27 15.75 -1.96
CA GLU A 741 -42.01 17.16 -1.69
C GLU A 741 -41.22 17.18 -0.37
N HIS A 742 -40.19 18.00 -0.26
CA HIS A 742 -39.38 18.04 0.95
C HIS A 742 -40.16 18.42 2.20
N PHE A 743 -41.07 19.37 2.02
CA PHE A 743 -41.88 19.92 3.09
C PHE A 743 -41.07 20.34 4.33
N TYR A 744 -40.05 21.15 4.09
CA TYR A 744 -39.25 21.71 5.17
C TYR A 744 -40.23 22.73 5.77
N LEU A 745 -40.41 22.72 7.10
CA LEU A 745 -41.35 23.66 7.70
C LEU A 745 -41.11 25.13 7.31
N GLU A 746 -39.86 25.49 7.06
CA GLU A 746 -39.57 26.85 6.62
C GLU A 746 -39.36 26.76 5.10
N THR A 747 -40.19 27.47 4.35
CA THR A 747 -40.07 27.46 2.89
C THR A 747 -38.85 28.26 2.47
N HIS A 748 -38.69 28.42 1.16
CA HIS A 748 -37.61 29.18 0.59
C HIS A 748 -37.76 30.64 0.94
N CYS A 749 -36.64 31.28 1.24
CA CYS A 749 -36.63 32.68 1.59
C CYS A 749 -35.27 33.31 1.33
N THR A 750 -35.29 34.52 0.79
CA THR A 750 -34.09 35.29 0.48
C THR A 750 -34.30 36.77 0.78
N ILE A 751 -33.35 37.38 1.47
CA ILE A 751 -33.41 38.79 1.78
C ILE A 751 -32.13 39.36 1.18
N ALA A 752 -32.27 40.23 0.19
CA ALA A 752 -31.08 40.80 -0.43
C ALA A 752 -31.00 42.29 -0.14
N VAL A 753 -29.90 42.71 0.47
CA VAL A 753 -29.72 44.12 0.77
C VAL A 753 -28.55 44.66 -0.06
N PRO A 754 -28.86 45.59 -0.98
CA PRO A 754 -27.89 46.22 -1.87
C PRO A 754 -27.14 47.25 -1.06
N LYS A 755 -25.82 47.30 -1.22
CA LYS A 755 -25.02 48.25 -0.46
C LYS A 755 -24.84 49.59 -1.14
N GLY A 756 -25.15 49.66 -2.44
CA GLY A 756 -25.02 50.90 -3.18
C GLY A 756 -23.61 51.24 -3.64
N GLU A 757 -22.64 50.40 -3.29
CA GLU A 757 -21.26 50.62 -3.69
C GLU A 757 -20.68 49.47 -4.52
N ALA A 758 -20.12 49.79 -5.67
CA ALA A 758 -19.49 48.82 -6.56
C ALA A 758 -20.27 47.54 -6.79
N GLY A 759 -21.59 47.63 -6.70
CA GLY A 759 -22.42 46.45 -6.92
C GLY A 759 -22.47 45.48 -5.75
N GLU A 760 -21.92 45.86 -4.59
CA GLU A 760 -21.95 44.96 -3.43
C GLU A 760 -23.38 44.65 -3.02
N MET A 761 -23.60 43.40 -2.65
CA MET A 761 -24.91 42.96 -2.21
C MET A 761 -24.77 41.89 -1.14
N GLU A 762 -25.59 42.00 -0.11
CA GLU A 762 -25.57 41.07 1.01
C GLU A 762 -26.91 40.32 0.99
N LEU A 763 -26.85 38.99 1.01
CA LEU A 763 -28.05 38.17 0.98
C LEU A 763 -28.14 37.21 2.15
N PHE A 764 -29.30 37.18 2.79
CA PHE A 764 -29.55 36.27 3.90
C PHE A 764 -30.47 35.25 3.27
N VAL A 765 -29.99 34.01 3.18
CA VAL A 765 -30.72 32.96 2.49
C VAL A 765 -30.87 31.64 3.20
N SER A 766 -32.05 31.05 3.06
CA SER A 766 -32.32 29.73 3.63
C SER A 766 -31.80 28.79 2.53
N THR A 767 -30.52 28.42 2.62
CA THR A 767 -29.94 27.57 1.58
C THR A 767 -28.81 26.66 2.05
N GLN A 768 -28.73 25.50 1.40
CA GLN A 768 -27.69 24.52 1.71
C GLN A 768 -26.44 24.80 0.87
N ASN A 769 -26.56 25.75 -0.07
CA ASN A 769 -25.46 26.05 -0.97
C ASN A 769 -25.10 27.53 -1.12
N THR A 770 -24.29 28.06 -0.20
CA THR A 770 -23.89 29.46 -0.25
C THR A 770 -23.07 29.77 -1.51
N MET A 771 -22.16 28.87 -1.87
CA MET A 771 -21.31 29.09 -3.04
C MET A 771 -22.04 29.25 -4.38
N LYS A 772 -22.99 28.38 -4.66
CA LYS A 772 -23.73 28.49 -5.91
C LYS A 772 -24.73 29.62 -5.89
N THR A 773 -25.12 30.03 -4.68
CA THR A 773 -26.06 31.14 -4.51
C THR A 773 -25.31 32.42 -4.85
N GLN A 774 -24.09 32.52 -4.31
CA GLN A 774 -23.25 33.67 -4.56
C GLN A 774 -22.89 33.83 -6.04
N SER A 775 -22.43 32.75 -6.67
CA SER A 775 -22.06 32.82 -8.09
C SER A 775 -23.25 32.93 -9.03
N PHE A 776 -24.39 32.35 -8.65
CA PHE A 776 -25.58 32.44 -9.49
C PHE A 776 -26.12 33.87 -9.44
N VAL A 777 -26.01 34.53 -8.28
CA VAL A 777 -26.47 35.90 -8.17
C VAL A 777 -25.46 36.82 -8.86
N ALA A 778 -24.17 36.49 -8.72
CA ALA A 778 -23.12 37.28 -9.36
C ALA A 778 -23.29 37.27 -10.88
N LYS A 779 -23.40 36.07 -11.46
CA LYS A 779 -23.57 35.91 -12.91
C LYS A 779 -24.81 36.65 -13.41
N MET A 780 -25.89 36.58 -12.64
CA MET A 780 -27.14 37.23 -12.99
C MET A 780 -26.97 38.75 -13.03
N LEU A 781 -26.32 39.30 -12.01
CA LEU A 781 -26.10 40.74 -11.94
C LEU A 781 -24.93 41.17 -12.80
N GLY A 782 -24.14 40.21 -13.26
CA GLY A 782 -22.97 40.54 -14.06
C GLY A 782 -21.93 41.31 -13.25
N VAL A 783 -21.54 40.76 -12.09
CA VAL A 783 -20.54 41.38 -11.22
C VAL A 783 -19.65 40.30 -10.64
N PRO A 784 -18.42 40.65 -10.27
CA PRO A 784 -17.49 39.67 -9.69
C PRO A 784 -18.04 39.02 -8.43
N ALA A 785 -17.64 37.79 -8.16
CA ALA A 785 -18.11 37.08 -6.99
C ALA A 785 -17.73 37.76 -5.69
N ASN A 786 -16.62 38.50 -5.70
CA ASN A 786 -16.19 39.17 -4.47
C ASN A 786 -17.13 40.27 -4.01
N ARG A 787 -18.10 40.62 -4.84
CA ARG A 787 -19.05 41.67 -4.49
C ARG A 787 -20.29 41.14 -3.78
N ILE A 788 -20.53 39.83 -3.92
CA ILE A 788 -21.70 39.19 -3.34
C ILE A 788 -21.40 38.28 -2.14
N VAL A 789 -21.96 38.62 -0.99
CA VAL A 789 -21.77 37.81 0.21
C VAL A 789 -23.08 37.17 0.63
N VAL A 790 -23.06 35.86 0.80
CA VAL A 790 -24.25 35.10 1.18
C VAL A 790 -24.12 34.58 2.62
N ARG A 791 -25.06 34.99 3.46
CA ARG A 791 -25.06 34.60 4.87
C ARG A 791 -26.19 33.64 5.25
N VAL A 792 -25.84 32.56 5.95
CA VAL A 792 -26.82 31.57 6.40
C VAL A 792 -26.63 31.27 7.88
N LYS A 793 -27.60 31.62 8.70
CA LYS A 793 -27.48 31.32 10.11
C LYS A 793 -28.07 29.94 10.35
N ARG A 794 -29.27 29.70 9.82
CA ARG A 794 -29.93 28.42 9.96
C ARG A 794 -31.11 28.28 8.98
N MET A 795 -31.49 27.04 8.67
CA MET A 795 -32.61 26.75 7.79
C MET A 795 -33.69 25.95 8.53
N GLY A 796 -34.94 26.26 8.23
CA GLY A 796 -36.04 25.52 8.83
C GLY A 796 -36.24 24.29 7.97
N GLY A 797 -35.16 23.51 7.84
CA GLY A 797 -35.22 22.31 7.03
C GLY A 797 -34.63 22.55 5.65
N GLY A 798 -34.06 21.50 5.08
CA GLY A 798 -33.46 21.58 3.75
C GLY A 798 -33.70 20.28 3.01
N PHE A 799 -33.24 19.18 3.62
CA PHE A 799 -33.40 17.84 3.07
C PHE A 799 -33.01 17.72 1.59
N GLY A 800 -32.18 18.64 1.12
CA GLY A 800 -31.77 18.60 -0.27
C GLY A 800 -32.49 19.59 -1.16
N GLY A 801 -33.72 19.92 -0.78
CA GLY A 801 -34.50 20.86 -1.57
C GLY A 801 -33.95 22.28 -1.67
N LYS A 802 -32.90 22.56 -0.91
CA LYS A 802 -32.28 23.87 -0.91
C LYS A 802 -30.80 23.78 -1.30
N VAL A 803 -30.47 22.76 -2.08
CA VAL A 803 -29.10 22.56 -2.55
C VAL A 803 -28.89 23.39 -3.82
N THR A 804 -29.95 23.58 -4.61
CA THR A 804 -29.85 24.38 -5.83
C THR A 804 -31.08 25.23 -6.15
N ARG A 805 -32.27 24.66 -5.97
CA ARG A 805 -33.50 25.38 -6.29
C ARG A 805 -33.70 26.70 -5.54
N SER A 806 -32.98 26.88 -4.44
CA SER A 806 -33.08 28.12 -3.67
C SER A 806 -32.55 29.34 -4.43
N THR A 807 -31.65 29.14 -5.39
CA THR A 807 -31.09 30.25 -6.17
C THR A 807 -32.16 30.90 -7.03
N VAL A 808 -33.21 30.14 -7.31
CA VAL A 808 -34.32 30.60 -8.12
C VAL A 808 -35.03 31.81 -7.51
N VAL A 809 -35.14 31.83 -6.17
CA VAL A 809 -35.78 32.94 -5.48
C VAL A 809 -34.73 34.01 -5.19
N SER A 810 -33.50 33.57 -4.95
CA SER A 810 -32.38 34.46 -4.67
C SER A 810 -32.06 35.43 -5.81
N THR A 811 -31.98 34.92 -7.04
CA THR A 811 -31.69 35.80 -8.16
C THR A 811 -32.80 36.82 -8.36
N ALA A 812 -34.05 36.37 -8.25
CA ALA A 812 -35.19 37.25 -8.42
C ALA A 812 -35.17 38.41 -7.41
N VAL A 813 -34.94 38.06 -6.14
CA VAL A 813 -34.90 39.07 -5.07
C VAL A 813 -33.68 39.93 -5.29
N ALA A 814 -32.58 39.30 -5.71
CA ALA A 814 -31.36 40.03 -5.98
C ALA A 814 -31.62 41.13 -7.02
N LEU A 815 -32.24 40.75 -8.13
CA LEU A 815 -32.54 41.70 -9.20
C LEU A 815 -33.45 42.84 -8.73
N ALA A 816 -34.41 42.53 -7.88
CA ALA A 816 -35.32 43.55 -7.36
C ALA A 816 -34.53 44.57 -6.52
N ALA A 817 -33.61 44.07 -5.71
CA ALA A 817 -32.77 44.92 -4.87
C ALA A 817 -31.87 45.79 -5.73
N TYR A 818 -31.32 45.18 -6.77
CA TYR A 818 -30.45 45.90 -7.70
C TYR A 818 -31.26 46.94 -8.49
N LYS A 819 -32.50 46.60 -8.84
CA LYS A 819 -33.38 47.49 -9.60
C LYS A 819 -33.92 48.67 -8.79
N THR A 820 -34.29 48.40 -7.55
CA THR A 820 -34.85 49.42 -6.67
C THR A 820 -33.82 50.10 -5.79
N GLY A 821 -32.65 49.50 -5.64
CA GLY A 821 -31.63 50.08 -4.79
C GLY A 821 -32.01 49.90 -3.33
N ARG A 822 -33.15 49.28 -3.10
CA ARG A 822 -33.67 49.05 -1.77
C ARG A 822 -33.58 47.57 -1.39
N PRO A 823 -33.51 47.27 -0.09
CA PRO A 823 -33.45 45.86 0.30
C PRO A 823 -34.79 45.20 -0.01
N VAL A 824 -34.76 43.92 -0.37
CA VAL A 824 -35.99 43.21 -0.69
C VAL A 824 -35.94 41.78 -0.21
N ARG A 825 -37.08 41.24 0.18
CA ARG A 825 -37.15 39.87 0.64
C ARG A 825 -38.32 39.11 0.01
N CYS A 826 -38.29 37.80 0.15
CA CYS A 826 -39.34 36.97 -0.39
C CYS A 826 -39.29 35.58 0.24
N MET A 827 -40.40 35.18 0.84
CA MET A 827 -40.51 33.86 1.44
C MET A 827 -41.73 33.21 0.80
N LEU A 828 -41.48 32.26 -0.09
CA LEU A 828 -42.55 31.57 -0.79
C LEU A 828 -43.62 31.03 0.14
N ASP A 829 -44.87 31.07 -0.29
CA ASP A 829 -45.96 30.50 0.50
C ASP A 829 -45.85 29.01 0.17
N ARG A 830 -46.46 28.16 0.98
CA ARG A 830 -46.36 26.73 0.73
C ARG A 830 -46.79 26.32 -0.68
N ASP A 831 -47.85 26.95 -1.19
CA ASP A 831 -48.34 26.61 -2.51
C ASP A 831 -47.38 26.99 -3.62
N GLU A 832 -46.70 28.13 -3.47
CA GLU A 832 -45.76 28.55 -4.50
C GLU A 832 -44.53 27.62 -4.44
N ASP A 833 -44.07 27.37 -3.21
CA ASP A 833 -42.92 26.53 -2.94
C ASP A 833 -43.08 25.12 -3.51
N MET A 834 -44.17 24.44 -3.18
CA MET A 834 -44.41 23.08 -3.67
C MET A 834 -44.49 23.01 -5.19
N LEU A 835 -45.10 24.02 -5.80
CA LEU A 835 -45.23 24.09 -7.24
C LEU A 835 -43.89 24.38 -7.90
N ILE A 836 -43.30 25.51 -7.51
CA ILE A 836 -42.05 25.97 -8.08
C ILE A 836 -40.75 25.18 -7.85
N THR A 837 -40.47 24.80 -6.60
CA THR A 837 -39.21 24.11 -6.30
C THR A 837 -39.04 22.63 -6.66
N GLY A 838 -40.13 21.93 -6.97
CA GLY A 838 -40.01 20.52 -7.32
C GLY A 838 -39.51 19.69 -6.14
N GLY A 839 -39.19 18.42 -6.38
CA GLY A 839 -38.71 17.57 -5.30
C GLY A 839 -37.99 16.31 -5.76
N ARG A 840 -38.18 15.21 -5.02
CA ARG A 840 -37.54 13.94 -5.34
C ARG A 840 -37.96 13.44 -6.72
N HIS A 841 -37.05 12.74 -7.39
CA HIS A 841 -37.32 12.23 -8.72
C HIS A 841 -38.22 11.01 -8.76
N PRO A 842 -39.31 11.08 -9.57
CA PRO A 842 -40.21 9.93 -9.67
C PRO A 842 -39.41 8.91 -10.47
N PHE A 843 -39.63 7.61 -10.23
CA PHE A 843 -38.91 6.57 -10.95
C PHE A 843 -39.81 5.48 -11.53
N LEU A 844 -39.44 5.00 -12.72
CA LEU A 844 -40.15 3.91 -13.37
C LEU A 844 -39.04 2.93 -13.75
N ALA A 845 -39.13 1.69 -13.26
CA ALA A 845 -38.09 0.72 -13.57
C ALA A 845 -38.62 -0.62 -14.07
N ARG A 846 -37.87 -1.24 -14.96
CA ARG A 846 -38.21 -2.54 -15.53
C ARG A 846 -37.06 -3.47 -15.17
N TYR A 847 -37.37 -4.58 -14.52
CA TYR A 847 -36.32 -5.51 -14.12
C TYR A 847 -36.50 -6.94 -14.62
N LYS A 848 -35.39 -7.68 -14.59
CA LYS A 848 -35.36 -9.07 -15.00
C LYS A 848 -34.30 -9.71 -14.12
N VAL A 849 -34.74 -10.52 -13.16
CA VAL A 849 -33.82 -11.17 -12.27
C VAL A 849 -33.77 -12.68 -12.54
N GLY A 850 -32.56 -13.22 -12.60
CA GLY A 850 -32.36 -14.64 -12.83
C GLY A 850 -31.84 -15.28 -11.57
N PHE A 851 -32.47 -16.37 -11.14
CA PHE A 851 -32.06 -17.02 -9.89
C PHE A 851 -32.24 -18.53 -9.92
N MET A 852 -31.69 -19.18 -8.89
CA MET A 852 -31.80 -20.63 -8.74
C MET A 852 -32.95 -20.96 -7.80
N LYS A 853 -33.30 -22.24 -7.70
CA LYS A 853 -34.39 -22.67 -6.82
C LYS A 853 -33.99 -22.60 -5.35
N THR A 854 -32.73 -22.27 -5.11
CA THR A 854 -32.19 -22.17 -3.77
C THR A 854 -32.23 -20.73 -3.27
N GLY A 855 -32.73 -19.82 -4.11
CA GLY A 855 -32.80 -18.41 -3.73
C GLY A 855 -31.68 -17.54 -4.32
N THR A 856 -30.50 -18.13 -4.53
CA THR A 856 -29.36 -17.42 -5.08
C THR A 856 -29.67 -16.73 -6.42
N VAL A 857 -29.54 -15.40 -6.47
CA VAL A 857 -29.80 -14.68 -7.72
C VAL A 857 -28.48 -14.65 -8.52
N VAL A 858 -28.57 -15.00 -9.79
CA VAL A 858 -27.40 -15.10 -10.65
C VAL A 858 -27.22 -14.01 -11.71
N ALA A 859 -28.31 -13.45 -12.21
CA ALA A 859 -28.23 -12.41 -13.23
C ALA A 859 -29.28 -11.37 -12.93
N LEU A 860 -29.03 -10.14 -13.35
CA LEU A 860 -29.97 -9.06 -13.10
C LEU A 860 -29.86 -7.95 -14.11
N GLU A 861 -31.01 -7.54 -14.65
CA GLU A 861 -31.09 -6.46 -15.62
C GLU A 861 -32.10 -5.48 -15.06
N VAL A 862 -31.74 -4.20 -15.02
CA VAL A 862 -32.65 -3.17 -14.54
C VAL A 862 -32.47 -1.88 -15.32
N ASP A 863 -33.56 -1.39 -15.90
CA ASP A 863 -33.54 -0.15 -16.66
C ASP A 863 -34.33 0.87 -15.86
N HIS A 864 -33.67 1.94 -15.46
CA HIS A 864 -34.31 2.99 -14.68
C HIS A 864 -34.67 4.17 -15.55
N PHE A 865 -35.77 4.84 -15.20
CA PHE A 865 -36.22 6.03 -15.91
C PHE A 865 -36.69 7.05 -14.86
N SER A 866 -36.15 8.26 -14.91
CA SER A 866 -36.53 9.29 -13.97
C SER A 866 -37.12 10.51 -14.66
N ASN A 867 -38.19 11.05 -14.09
CA ASN A 867 -38.81 12.23 -14.64
C ASN A 867 -38.06 13.39 -14.01
N VAL A 868 -37.24 14.10 -14.77
CA VAL A 868 -36.50 15.18 -14.15
C VAL A 868 -37.09 16.59 -14.29
N GLY A 869 -37.91 16.82 -15.30
CA GLY A 869 -38.48 18.15 -15.42
C GLY A 869 -37.92 19.01 -16.53
N ASN A 870 -38.04 20.33 -16.38
CA ASN A 870 -37.59 21.25 -17.41
C ASN A 870 -36.15 21.77 -17.36
N THR A 871 -35.32 21.19 -16.50
CA THR A 871 -33.91 21.54 -16.42
C THR A 871 -33.23 20.26 -15.92
N GLN A 872 -31.96 20.08 -16.25
CA GLN A 872 -31.26 18.87 -15.84
C GLN A 872 -30.89 18.88 -14.35
N ASP A 873 -30.62 20.07 -13.81
CA ASP A 873 -30.26 20.20 -12.40
C ASP A 873 -29.25 19.15 -11.97
N LEU A 874 -29.61 18.33 -10.98
CA LEU A 874 -28.71 17.29 -10.47
C LEU A 874 -29.06 15.88 -10.95
N SER A 875 -29.99 15.81 -11.91
CA SER A 875 -30.46 14.55 -12.49
C SER A 875 -29.40 13.47 -12.71
N GLN A 876 -28.37 13.78 -13.47
CA GLN A 876 -27.33 12.80 -13.75
C GLN A 876 -26.71 12.18 -12.51
N SER A 877 -26.30 13.03 -11.57
CA SER A 877 -25.67 12.56 -10.34
C SER A 877 -26.60 11.68 -9.50
N ILE A 878 -27.89 12.04 -9.51
CA ILE A 878 -28.91 11.31 -8.76
C ILE A 878 -29.12 9.92 -9.36
N MET A 879 -29.08 9.83 -10.69
CA MET A 879 -29.28 8.55 -11.36
C MET A 879 -28.08 7.64 -11.15
N GLU A 880 -26.90 8.24 -11.00
CA GLU A 880 -25.70 7.45 -10.78
C GLU A 880 -25.74 6.81 -9.40
N ARG A 881 -26.07 7.59 -8.37
CA ARG A 881 -26.15 7.04 -7.02
C ARG A 881 -27.18 5.91 -7.05
N ALA A 882 -28.30 6.14 -7.73
CA ALA A 882 -29.34 5.12 -7.84
C ALA A 882 -28.70 3.86 -8.41
N LEU A 883 -27.96 4.00 -9.52
CA LEU A 883 -27.29 2.88 -10.15
C LEU A 883 -26.26 2.27 -9.19
N PHE A 884 -25.63 3.11 -8.37
CA PHE A 884 -24.64 2.61 -7.42
C PHE A 884 -25.27 1.80 -6.30
N HIS A 885 -26.59 1.88 -6.16
CA HIS A 885 -27.26 1.13 -5.11
C HIS A 885 -28.35 0.19 -5.64
N MET A 886 -28.27 -0.17 -6.92
CA MET A 886 -29.25 -1.06 -7.53
C MET A 886 -29.04 -2.49 -7.06
N ASP A 887 -28.00 -2.69 -6.27
CA ASP A 887 -27.65 -3.99 -5.71
C ASP A 887 -28.08 -4.10 -4.25
N ASN A 888 -28.07 -2.96 -3.58
CA ASN A 888 -28.40 -2.85 -2.15
C ASN A 888 -27.31 -3.55 -1.34
N CYS A 889 -27.58 -4.74 -0.83
CA CYS A 889 -26.57 -5.45 -0.05
C CYS A 889 -26.37 -6.85 -0.61
N TYR A 890 -26.83 -7.06 -1.84
CA TYR A 890 -26.74 -8.35 -2.49
C TYR A 890 -25.73 -8.46 -3.60
N LYS A 891 -24.95 -9.53 -3.55
CA LYS A 891 -23.92 -9.79 -4.53
C LYS A 891 -24.55 -10.47 -5.73
N ILE A 892 -24.45 -9.85 -6.90
CA ILE A 892 -24.98 -10.42 -8.14
C ILE A 892 -23.81 -10.46 -9.13
N PRO A 893 -23.32 -11.67 -9.45
CA PRO A 893 -22.19 -11.84 -10.38
C PRO A 893 -22.39 -11.23 -11.76
N ASN A 894 -23.61 -11.31 -12.28
CA ASN A 894 -23.90 -10.80 -13.61
C ASN A 894 -25.00 -9.77 -13.50
N ILE A 895 -24.63 -8.51 -13.72
CA ILE A 895 -25.60 -7.44 -13.56
C ILE A 895 -25.43 -6.32 -14.58
N ARG A 896 -26.57 -5.75 -14.97
CA ARG A 896 -26.62 -4.66 -15.92
C ARG A 896 -27.71 -3.70 -15.46
N GLY A 897 -27.32 -2.46 -15.23
CA GLY A 897 -28.26 -1.45 -14.81
C GLY A 897 -28.07 -0.24 -15.69
N THR A 898 -29.16 0.34 -16.17
CA THR A 898 -29.08 1.52 -17.01
C THR A 898 -30.10 2.54 -16.52
N GLY A 899 -29.90 3.79 -16.90
CA GLY A 899 -30.81 4.84 -16.49
C GLY A 899 -30.91 5.91 -17.53
N ARG A 900 -32.08 6.55 -17.59
CA ARG A 900 -32.34 7.62 -18.53
C ARG A 900 -32.98 8.79 -17.82
N LEU A 901 -32.49 10.00 -18.12
CA LEU A 901 -33.03 11.22 -17.52
C LEU A 901 -34.09 11.75 -18.46
N CYS A 902 -35.36 11.64 -18.06
CA CYS A 902 -36.47 12.09 -18.91
C CYS A 902 -36.73 13.59 -18.88
N LYS A 903 -36.60 14.20 -20.05
CA LYS A 903 -36.82 15.64 -20.21
C LYS A 903 -38.32 15.88 -20.34
N THR A 904 -38.93 16.51 -19.34
CA THR A 904 -40.37 16.77 -19.36
C THR A 904 -40.82 18.18 -18.98
N ASN A 905 -42.01 18.56 -19.43
CA ASN A 905 -42.56 19.88 -19.14
C ASN A 905 -43.21 19.97 -17.76
N LEU A 906 -42.41 19.69 -16.74
CA LEU A 906 -42.87 19.76 -15.36
C LEU A 906 -41.84 20.58 -14.62
N PRO A 907 -42.17 21.04 -13.40
CA PRO A 907 -41.12 21.81 -12.74
C PRO A 907 -39.95 20.86 -12.47
N SER A 908 -38.74 21.38 -12.60
CA SER A 908 -37.55 20.57 -12.42
C SER A 908 -37.38 19.94 -11.04
N ASN A 909 -37.19 18.62 -10.99
CA ASN A 909 -36.99 17.92 -9.72
C ASN A 909 -35.56 18.11 -9.30
N THR A 910 -35.22 17.72 -8.09
CA THR A 910 -33.87 17.93 -7.63
C THR A 910 -33.43 16.91 -6.57
N ALA A 911 -32.48 17.33 -5.75
CA ALA A 911 -31.96 16.48 -4.70
C ALA A 911 -32.91 16.37 -3.51
N PHE A 912 -33.04 15.16 -2.99
CA PHE A 912 -33.87 14.91 -1.83
C PHE A 912 -33.18 13.83 -1.03
N ARG A 913 -33.07 14.04 0.27
CA ARG A 913 -32.44 13.10 1.20
C ARG A 913 -32.41 11.68 0.64
N GLY A 914 -31.22 11.19 0.31
CA GLY A 914 -31.08 9.86 -0.26
C GLY A 914 -30.41 9.96 -1.62
N PHE A 915 -30.69 11.06 -2.31
CA PHE A 915 -30.10 11.34 -3.61
C PHE A 915 -30.10 10.17 -4.60
N GLY A 916 -31.26 9.59 -4.86
CA GLY A 916 -31.33 8.48 -5.79
C GLY A 916 -31.20 7.10 -5.16
N GLY A 917 -30.47 7.02 -4.06
CA GLY A 917 -30.30 5.74 -3.38
C GLY A 917 -31.61 5.04 -3.02
N PRO A 918 -32.55 5.73 -2.34
CA PRO A 918 -33.83 5.12 -1.95
C PRO A 918 -34.61 4.49 -3.10
N GLN A 919 -34.53 5.11 -4.29
CA GLN A 919 -35.24 4.57 -5.44
C GLN A 919 -34.58 3.28 -5.92
N GLY A 920 -33.29 3.36 -6.20
CA GLY A 920 -32.57 2.18 -6.66
C GLY A 920 -32.70 1.00 -5.71
N MET A 921 -32.60 1.26 -4.41
CA MET A 921 -32.69 0.18 -3.43
C MET A 921 -34.10 -0.39 -3.27
N LEU A 922 -35.13 0.44 -3.42
CA LEU A 922 -36.48 -0.09 -3.29
C LEU A 922 -36.72 -1.04 -4.45
N ILE A 923 -36.13 -0.73 -5.60
CA ILE A 923 -36.30 -1.59 -6.76
C ILE A 923 -35.63 -2.93 -6.50
N ALA A 924 -34.44 -2.90 -5.90
CA ALA A 924 -33.73 -4.13 -5.60
C ALA A 924 -34.56 -5.01 -4.65
N GLU A 925 -35.05 -4.42 -3.56
CA GLU A 925 -35.87 -5.17 -2.61
C GLU A 925 -37.17 -5.64 -3.24
N CYS A 926 -37.59 -4.95 -4.29
CA CYS A 926 -38.80 -5.33 -4.98
C CYS A 926 -38.59 -6.74 -5.59
N TRP A 927 -37.74 -6.85 -6.60
CA TRP A 927 -37.49 -8.16 -7.22
C TRP A 927 -36.94 -9.19 -6.23
N MET A 928 -36.27 -8.73 -5.17
CA MET A 928 -35.74 -9.66 -4.18
C MET A 928 -36.90 -10.28 -3.41
N SER A 929 -37.96 -9.52 -3.19
CA SER A 929 -39.11 -10.04 -2.46
C SER A 929 -39.78 -11.10 -3.32
N GLU A 930 -39.67 -10.94 -4.63
CA GLU A 930 -40.28 -11.88 -5.57
C GLU A 930 -39.44 -13.15 -5.70
N VAL A 931 -38.12 -13.01 -5.71
CA VAL A 931 -37.24 -14.16 -5.81
C VAL A 931 -37.62 -15.16 -4.74
N ALA A 932 -37.86 -14.66 -3.54
CA ALA A 932 -38.23 -15.51 -2.41
C ALA A 932 -39.59 -16.14 -2.60
N VAL A 933 -40.60 -15.31 -2.88
CA VAL A 933 -41.94 -15.84 -3.08
C VAL A 933 -41.93 -16.98 -4.07
N THR A 934 -41.17 -16.80 -5.15
CA THR A 934 -41.07 -17.80 -6.22
C THR A 934 -40.31 -19.05 -5.81
N CYS A 935 -39.36 -18.91 -4.90
CA CYS A 935 -38.60 -20.07 -4.42
C CYS A 935 -39.34 -20.71 -3.25
N GLY A 936 -40.47 -20.12 -2.89
CA GLY A 936 -41.26 -20.63 -1.78
C GLY A 936 -40.43 -20.68 -0.50
N MET A 937 -39.45 -19.77 -0.39
CA MET A 937 -38.57 -19.73 0.78
C MET A 937 -38.78 -18.49 1.63
N PRO A 938 -38.47 -18.60 2.93
CA PRO A 938 -38.59 -17.49 3.89
C PRO A 938 -37.73 -16.35 3.37
N ALA A 939 -38.32 -15.16 3.24
CA ALA A 939 -37.59 -14.00 2.73
C ALA A 939 -36.27 -13.66 3.45
N GLU A 940 -36.22 -13.79 4.78
CA GLU A 940 -35.01 -13.46 5.53
C GLU A 940 -33.84 -14.39 5.18
N GLU A 941 -34.17 -15.63 4.82
CA GLU A 941 -33.15 -16.62 4.47
C GLU A 941 -32.59 -16.28 3.09
N VAL A 942 -33.48 -16.04 2.15
CA VAL A 942 -33.11 -15.70 0.78
C VAL A 942 -32.22 -14.47 0.77
N ARG A 943 -32.60 -13.46 1.56
CA ARG A 943 -31.82 -12.23 1.66
C ARG A 943 -30.50 -12.49 2.37
N ARG A 944 -30.54 -13.19 3.49
CA ARG A 944 -29.33 -13.50 4.25
C ARG A 944 -28.27 -14.17 3.36
N LYS A 945 -28.67 -15.15 2.56
CA LYS A 945 -27.72 -15.85 1.70
C LYS A 945 -27.22 -15.07 0.46
N ASN A 946 -27.96 -14.06 0.01
CA ASN A 946 -27.50 -13.30 -1.15
C ASN A 946 -26.71 -12.06 -0.74
N LEU A 947 -26.37 -12.01 0.53
CA LEU A 947 -25.63 -10.89 1.11
C LEU A 947 -24.15 -10.88 0.73
N TYR A 948 -23.59 -9.68 0.61
CA TYR A 948 -22.17 -9.50 0.31
C TYR A 948 -21.46 -9.98 1.57
N LYS A 949 -20.18 -10.32 1.44
CA LYS A 949 -19.41 -10.73 2.60
C LYS A 949 -18.19 -9.80 2.68
N GLU A 950 -17.56 -9.74 3.84
CA GLU A 950 -16.39 -8.88 4.02
C GLU A 950 -15.41 -9.09 2.88
N GLY A 951 -15.00 -8.01 2.22
CA GLY A 951 -14.04 -8.13 1.14
C GLY A 951 -14.56 -8.25 -0.29
N ASP A 952 -15.87 -8.38 -0.46
CA ASP A 952 -16.43 -8.49 -1.81
C ASP A 952 -16.39 -7.16 -2.53
N LEU A 953 -16.49 -7.22 -3.85
CA LEU A 953 -16.51 -6.01 -4.65
C LEU A 953 -17.97 -5.82 -5.04
N THR A 954 -18.36 -4.56 -5.21
CA THR A 954 -19.72 -4.25 -5.61
C THR A 954 -19.76 -4.37 -7.13
N HIS A 955 -20.91 -4.09 -7.73
CA HIS A 955 -20.99 -4.20 -9.19
C HIS A 955 -20.13 -3.13 -9.85
N PHE A 956 -19.84 -2.06 -9.11
CA PHE A 956 -18.97 -0.99 -9.64
C PHE A 956 -17.52 -1.23 -9.15
N ASN A 957 -17.25 -2.47 -8.79
CA ASN A 957 -15.92 -2.93 -8.34
C ASN A 957 -15.23 -2.31 -7.13
N GLN A 958 -15.98 -1.72 -6.21
CA GLN A 958 -15.35 -1.16 -5.01
C GLN A 958 -15.30 -2.25 -3.95
N LYS A 959 -14.32 -2.17 -3.06
CA LYS A 959 -14.17 -3.18 -2.01
C LYS A 959 -14.91 -2.82 -0.75
N LEU A 960 -15.67 -3.77 -0.23
CA LEU A 960 -16.44 -3.56 0.98
C LEU A 960 -15.63 -3.94 2.22
N GLU A 961 -14.90 -2.96 2.76
CA GLU A 961 -14.09 -3.18 3.96
C GLU A 961 -14.87 -2.62 5.15
N GLY A 962 -14.75 -3.24 6.31
CA GLY A 962 -15.47 -2.79 7.48
C GLY A 962 -16.94 -3.07 7.27
N PHE A 963 -17.22 -4.23 6.66
CA PHE A 963 -18.58 -4.65 6.37
C PHE A 963 -19.30 -5.05 7.65
N THR A 964 -19.98 -4.08 8.26
CA THR A 964 -20.69 -4.32 9.51
C THR A 964 -22.16 -4.72 9.35
N LEU A 965 -22.63 -4.81 8.11
CA LEU A 965 -24.01 -5.17 7.81
C LEU A 965 -24.44 -6.51 8.45
N PRO A 966 -23.52 -7.50 8.48
CA PRO A 966 -23.81 -8.82 9.05
C PRO A 966 -24.14 -8.77 10.54
N ARG A 967 -23.41 -7.91 11.26
CA ARG A 967 -23.66 -7.76 12.69
C ARG A 967 -25.03 -7.10 12.87
N CYS A 968 -25.29 -6.04 12.11
CA CYS A 968 -26.56 -5.33 12.19
C CYS A 968 -27.72 -6.29 11.94
N TRP A 969 -27.55 -7.18 10.98
CA TRP A 969 -28.58 -8.15 10.63
C TRP A 969 -28.88 -9.09 11.81
N GLU A 970 -27.86 -9.77 12.29
CA GLU A 970 -28.02 -10.70 13.40
C GLU A 970 -28.50 -9.98 14.66
N GLU A 971 -27.95 -8.80 14.91
CA GLU A 971 -28.32 -8.01 16.08
C GLU A 971 -29.78 -7.58 16.03
N CYS A 972 -30.27 -7.24 14.83
CA CYS A 972 -31.65 -6.80 14.66
C CYS A 972 -32.64 -7.98 14.77
N LEU A 973 -32.22 -9.16 14.30
CA LEU A 973 -33.08 -10.33 14.38
C LEU A 973 -33.34 -10.68 15.83
N ALA A 974 -32.31 -10.58 16.67
CA ALA A 974 -32.45 -10.88 18.08
C ALA A 974 -33.26 -9.79 18.77
N SER A 975 -32.92 -8.54 18.50
CA SER A 975 -33.61 -7.40 19.09
C SER A 975 -35.11 -7.45 18.87
N SER A 976 -35.53 -7.65 17.62
CA SER A 976 -36.96 -7.70 17.30
C SER A 976 -37.58 -9.08 17.49
N GLN A 977 -36.76 -10.08 17.77
CA GLN A 977 -37.25 -11.44 17.97
C GLN A 977 -38.06 -11.82 16.74
N TYR A 978 -37.50 -11.48 15.58
CA TYR A 978 -38.12 -11.73 14.29
C TYR A 978 -38.84 -13.07 14.16
N HIS A 979 -38.12 -14.18 14.34
CA HIS A 979 -38.74 -15.49 14.20
C HIS A 979 -39.90 -15.76 15.15
N ALA A 980 -39.71 -15.46 16.43
CA ALA A 980 -40.77 -15.68 17.42
C ALA A 980 -42.04 -14.90 17.08
N ARG A 981 -41.88 -13.72 16.48
CA ARG A 981 -43.02 -12.88 16.14
C ARG A 981 -43.62 -13.26 14.79
N LYS A 982 -42.85 -14.03 14.01
CA LYS A 982 -43.31 -14.48 12.71
C LYS A 982 -44.50 -15.42 12.91
N SER A 983 -44.54 -16.10 14.06
CA SER A 983 -45.64 -17.01 14.41
C SER A 983 -46.82 -16.20 14.89
N GLU A 984 -46.52 -15.15 15.66
CA GLU A 984 -47.54 -14.25 16.18
C GLU A 984 -48.29 -13.64 15.02
N VAL A 985 -47.58 -13.35 13.94
CA VAL A 985 -48.20 -12.76 12.76
C VAL A 985 -49.11 -13.75 12.06
N ASP A 986 -48.64 -14.97 11.87
CA ASP A 986 -49.48 -15.95 11.21
C ASP A 986 -50.70 -16.22 12.06
N LYS A 987 -50.50 -16.26 13.36
CA LYS A 987 -51.59 -16.54 14.28
C LYS A 987 -52.67 -15.47 14.21
N PHE A 988 -52.27 -14.21 14.12
CA PHE A 988 -53.24 -13.12 14.06
C PHE A 988 -53.98 -13.14 12.74
N ASN A 989 -53.30 -13.52 11.67
CA ASN A 989 -53.92 -13.57 10.36
C ASN A 989 -54.90 -14.73 10.24
N LYS A 990 -54.69 -15.76 11.05
CA LYS A 990 -55.59 -16.90 11.01
C LYS A 990 -56.85 -16.57 11.80
N GLU A 991 -56.70 -15.74 12.82
CA GLU A 991 -57.82 -15.34 13.66
C GLU A 991 -58.61 -14.15 13.11
N ASN A 992 -58.01 -13.41 12.19
CA ASN A 992 -58.69 -12.25 11.61
C ASN A 992 -58.79 -12.33 10.10
N CYS A 993 -60.01 -12.12 9.60
CA CYS A 993 -60.27 -12.18 8.17
C CYS A 993 -60.16 -10.82 7.48
N TRP A 994 -60.62 -9.76 8.13
CA TRP A 994 -60.58 -8.43 7.52
C TRP A 994 -59.47 -7.52 7.98
N LYS A 995 -58.49 -8.11 8.65
CA LYS A 995 -57.33 -7.38 9.12
C LYS A 995 -56.18 -8.37 9.05
N LYS A 996 -55.07 -7.94 8.50
CA LYS A 996 -53.90 -8.80 8.37
C LYS A 996 -52.64 -8.07 8.79
N ARG A 997 -51.62 -8.85 9.12
CA ARG A 997 -50.34 -8.29 9.55
C ARG A 997 -49.19 -8.80 8.69
N GLY A 998 -48.13 -8.00 8.65
CA GLY A 998 -46.95 -8.36 7.88
C GLY A 998 -45.69 -8.02 8.66
N LEU A 999 -44.70 -8.90 8.57
CA LEU A 999 -43.43 -8.70 9.26
C LEU A 999 -42.31 -8.74 8.22
N CYS A 1000 -41.47 -7.72 8.19
CA CYS A 1000 -40.39 -7.70 7.22
C CYS A 1000 -39.10 -7.08 7.73
N ILE A 1001 -37.98 -7.73 7.40
CA ILE A 1001 -36.66 -7.24 7.79
C ILE A 1001 -35.85 -6.87 6.54
N ILE A 1002 -35.36 -5.62 6.51
CA ILE A 1002 -34.61 -5.08 5.38
C ILE A 1002 -33.26 -4.46 5.76
N PRO A 1003 -32.20 -4.78 4.99
CA PRO A 1003 -30.85 -4.25 5.23
C PRO A 1003 -30.62 -3.09 4.27
N THR A 1004 -29.53 -2.36 4.46
CA THR A 1004 -29.22 -1.26 3.57
C THR A 1004 -27.73 -0.96 3.60
N LYS A 1005 -27.25 -0.38 2.53
CA LYS A 1005 -25.85 -0.02 2.38
C LYS A 1005 -25.91 1.30 1.65
N PHE A 1006 -25.27 2.33 2.20
CA PHE A 1006 -25.26 3.65 1.58
C PHE A 1006 -23.83 4.15 1.42
N GLY A 1007 -23.44 4.48 0.19
CA GLY A 1007 -22.10 4.99 -0.07
C GLY A 1007 -21.96 6.43 0.38
N ILE A 1008 -20.94 6.71 1.17
CA ILE A 1008 -20.72 8.06 1.68
C ILE A 1008 -19.66 8.85 0.90
N SER A 1009 -20.05 10.05 0.47
CA SER A 1009 -19.22 11.00 -0.29
C SER A 1009 -19.93 11.45 -1.55
N PHE A 1010 -19.60 12.65 -2.02
CA PHE A 1010 -20.19 13.20 -3.24
C PHE A 1010 -19.71 12.40 -4.46
N THR A 1011 -20.62 12.07 -5.37
CA THR A 1011 -20.28 11.34 -6.58
C THR A 1011 -19.34 12.22 -7.40
N VAL A 1012 -19.46 13.53 -7.20
CA VAL A 1012 -18.59 14.51 -7.86
C VAL A 1012 -17.42 14.61 -6.88
N PRO A 1013 -16.28 13.97 -7.20
CA PRO A 1013 -15.11 13.98 -6.34
C PRO A 1013 -14.67 15.30 -5.76
N PHE A 1014 -14.51 16.32 -6.60
CA PHE A 1014 -14.04 17.61 -6.11
C PHE A 1014 -14.95 18.35 -5.13
N LEU A 1015 -16.13 17.81 -4.85
CA LEU A 1015 -17.02 18.45 -3.89
C LEU A 1015 -16.65 17.95 -2.50
N ASN A 1016 -15.83 16.92 -2.45
CA ASN A 1016 -15.39 16.37 -1.18
C ASN A 1016 -14.22 17.17 -0.61
N GLN A 1017 -14.52 18.42 -0.23
CA GLN A 1017 -13.54 19.33 0.35
C GLN A 1017 -14.30 20.28 1.26
N ALA A 1018 -13.61 20.84 2.24
CA ALA A 1018 -14.24 21.77 3.18
C ALA A 1018 -13.25 22.73 3.82
N GLY A 1019 -13.77 23.87 4.28
CA GLY A 1019 -12.92 24.86 4.91
C GLY A 1019 -13.53 25.36 6.21
N ALA A 1020 -12.67 25.85 7.09
CA ALA A 1020 -13.09 26.38 8.37
C ALA A 1020 -12.20 27.59 8.66
N LEU A 1021 -12.69 28.51 9.48
CA LEU A 1021 -11.91 29.70 9.88
C LEU A 1021 -12.07 29.78 11.38
N LEU A 1022 -10.94 29.79 12.09
CA LEU A 1022 -10.94 29.79 13.54
C LEU A 1022 -10.20 30.99 14.13
N HIS A 1023 -10.88 31.75 14.98
CA HIS A 1023 -10.26 32.91 15.62
C HIS A 1023 -10.29 32.72 17.15
N VAL A 1024 -9.20 33.04 17.83
CA VAL A 1024 -9.18 32.97 19.29
C VAL A 1024 -8.98 34.39 19.77
N TYR A 1025 -9.91 34.94 20.53
CA TYR A 1025 -9.75 36.31 21.00
C TYR A 1025 -8.90 36.36 22.27
N THR A 1026 -8.40 37.55 22.59
CA THR A 1026 -7.55 37.72 23.75
C THR A 1026 -8.21 37.47 25.10
N ASP A 1027 -9.52 37.25 25.10
CA ASP A 1027 -10.24 36.96 26.32
C ASP A 1027 -10.35 35.44 26.40
N GLY A 1028 -9.78 34.78 25.39
CA GLY A 1028 -9.80 33.33 25.35
C GLY A 1028 -10.96 32.70 24.59
N SER A 1029 -12.06 33.43 24.42
CA SER A 1029 -13.21 32.86 23.70
C SER A 1029 -12.87 32.65 22.24
N VAL A 1030 -13.46 31.59 21.67
CA VAL A 1030 -13.23 31.21 20.29
C VAL A 1030 -14.46 31.36 19.41
N LEU A 1031 -14.24 31.89 18.20
CA LEU A 1031 -15.32 32.06 17.22
C LEU A 1031 -14.95 31.22 15.98
N LEU A 1032 -15.72 30.16 15.76
CA LEU A 1032 -15.48 29.21 14.67
C LEU A 1032 -16.53 29.23 13.55
N THR A 1033 -16.07 29.02 12.32
CA THR A 1033 -16.95 28.94 11.14
C THR A 1033 -16.41 27.90 10.17
N HIS A 1034 -17.30 27.33 9.38
CA HIS A 1034 -16.95 26.35 8.37
C HIS A 1034 -18.00 26.44 7.26
N GLY A 1035 -17.77 25.74 6.16
CA GLY A 1035 -18.71 25.79 5.04
C GLY A 1035 -20.08 25.18 5.25
N GLY A 1036 -20.22 24.36 6.29
CA GLY A 1036 -21.51 23.71 6.52
C GLY A 1036 -22.59 24.62 7.05
N THR A 1037 -23.81 24.40 6.60
CA THR A 1037 -24.95 25.19 7.04
C THR A 1037 -25.81 24.34 7.96
N GLU A 1038 -26.37 24.96 9.00
CA GLU A 1038 -27.22 24.27 9.96
C GLU A 1038 -28.67 24.31 9.49
N MET A 1039 -29.24 23.14 9.30
CA MET A 1039 -30.63 23.01 8.85
C MET A 1039 -31.40 22.09 9.82
N GLY A 1040 -30.82 21.88 11.00
CA GLY A 1040 -31.45 21.05 12.00
C GLY A 1040 -30.77 19.71 12.26
N GLN A 1041 -29.71 19.40 11.51
CA GLN A 1041 -29.01 18.12 11.68
C GLN A 1041 -27.96 18.16 12.81
N GLY A 1042 -27.87 19.28 13.50
CA GLY A 1042 -26.93 19.39 14.60
C GLY A 1042 -25.47 19.46 14.20
N LEU A 1043 -25.22 19.89 12.96
CA LEU A 1043 -23.85 20.00 12.46
C LEU A 1043 -22.98 20.95 13.26
N HIS A 1044 -23.51 22.12 13.61
CA HIS A 1044 -22.73 23.08 14.39
C HIS A 1044 -22.45 22.50 15.77
N THR A 1045 -23.43 21.80 16.33
CA THR A 1045 -23.28 21.19 17.65
C THR A 1045 -22.09 20.26 17.60
N LYS A 1046 -22.03 19.43 16.56
CA LYS A 1046 -20.94 18.47 16.40
C LYS A 1046 -19.60 19.17 16.19
N MET A 1047 -19.59 20.18 15.33
CA MET A 1047 -18.37 20.93 15.04
C MET A 1047 -17.78 21.59 16.28
N VAL A 1048 -18.64 22.10 17.15
CA VAL A 1048 -18.17 22.73 18.38
C VAL A 1048 -17.60 21.62 19.25
N GLN A 1049 -18.29 20.49 19.27
CA GLN A 1049 -17.85 19.33 20.04
C GLN A 1049 -16.44 18.93 19.59
N VAL A 1050 -16.26 18.81 18.28
CA VAL A 1050 -14.97 18.43 17.73
C VAL A 1050 -13.88 19.45 18.10
N ALA A 1051 -14.18 20.73 17.88
CA ALA A 1051 -13.24 21.80 18.21
C ALA A 1051 -12.89 21.80 19.69
N SER A 1052 -13.88 21.53 20.54
CA SER A 1052 -13.65 21.48 21.96
C SER A 1052 -12.58 20.44 22.27
N ARG A 1053 -12.85 19.20 21.86
CA ARG A 1053 -11.94 18.07 22.06
C ARG A 1053 -10.52 18.32 21.54
N ALA A 1054 -10.42 18.79 20.31
CA ALA A 1054 -9.12 19.06 19.71
C ALA A 1054 -8.33 20.10 20.50
N LEU A 1055 -8.98 21.20 20.88
CA LEU A 1055 -8.34 22.29 21.60
C LEU A 1055 -8.19 22.02 23.10
N LYS A 1056 -8.85 20.99 23.60
CA LYS A 1056 -8.78 20.65 25.01
C LYS A 1056 -9.34 21.76 25.90
N ILE A 1057 -10.44 22.37 25.44
CA ILE A 1057 -11.12 23.43 26.17
C ILE A 1057 -12.62 23.14 26.13
N PRO A 1058 -13.40 23.66 27.10
CA PRO A 1058 -14.85 23.44 27.14
C PRO A 1058 -15.65 24.02 25.96
N THR A 1059 -16.61 23.25 25.46
CA THR A 1059 -17.44 23.69 24.34
C THR A 1059 -18.08 25.04 24.65
N SER A 1060 -18.15 25.40 25.93
CA SER A 1060 -18.73 26.66 26.34
C SER A 1060 -17.86 27.86 25.97
N LYS A 1061 -16.62 27.60 25.55
CA LYS A 1061 -15.73 28.69 25.16
C LYS A 1061 -15.69 28.86 23.65
N ILE A 1062 -16.44 28.01 22.93
CA ILE A 1062 -16.46 28.06 21.48
C ILE A 1062 -17.87 28.35 20.94
N TYR A 1063 -17.95 29.33 20.05
CA TYR A 1063 -19.23 29.72 19.46
C TYR A 1063 -19.18 29.67 17.94
N ILE A 1064 -20.31 29.33 17.34
CA ILE A 1064 -20.44 29.29 15.89
C ILE A 1064 -21.69 30.10 15.59
N SER A 1065 -21.50 31.27 15.00
CA SER A 1065 -22.62 32.13 14.71
C SER A 1065 -23.32 31.91 13.38
N GLU A 1066 -22.55 31.75 12.31
CA GLU A 1066 -23.16 31.59 11.00
C GLU A 1066 -22.18 31.11 9.93
N THR A 1067 -22.75 30.75 8.78
CA THR A 1067 -21.97 30.31 7.64
C THR A 1067 -22.00 31.49 6.66
N SER A 1068 -20.83 31.90 6.18
CA SER A 1068 -20.77 33.02 5.25
C SER A 1068 -19.71 32.86 4.18
N THR A 1069 -20.07 33.21 2.95
CA THR A 1069 -19.16 33.12 1.82
C THR A 1069 -17.94 34.00 2.00
N ASN A 1070 -18.01 35.00 2.88
CA ASN A 1070 -16.85 35.85 3.06
C ASN A 1070 -15.96 35.49 4.25
N THR A 1071 -16.24 34.37 4.91
CA THR A 1071 -15.37 33.88 5.99
C THR A 1071 -14.76 32.54 5.52
N VAL A 1072 -15.54 31.73 4.78
CA VAL A 1072 -15.04 30.46 4.22
C VAL A 1072 -15.57 30.37 2.78
N PRO A 1073 -14.67 30.56 1.78
CA PRO A 1073 -15.03 30.52 0.36
C PRO A 1073 -15.09 29.14 -0.31
N ASN A 1074 -15.67 29.11 -1.50
CA ASN A 1074 -15.76 27.91 -2.33
C ASN A 1074 -16.19 26.65 -1.59
N THR A 1075 -17.29 26.73 -0.87
CA THR A 1075 -17.79 25.58 -0.11
C THR A 1075 -18.75 24.70 -0.90
N SER A 1076 -18.76 23.42 -0.58
CA SER A 1076 -19.65 22.50 -1.26
C SER A 1076 -21.01 22.62 -0.57
N PRO A 1077 -22.08 22.26 -1.27
CA PRO A 1077 -23.36 22.39 -0.56
C PRO A 1077 -23.35 21.47 0.65
N THR A 1078 -24.16 21.77 1.66
CA THR A 1078 -24.23 20.92 2.84
C THR A 1078 -25.13 19.76 2.42
N ALA A 1079 -24.52 18.71 1.88
CA ALA A 1079 -25.30 17.58 1.39
C ALA A 1079 -24.51 16.28 1.36
N ALA A 1080 -25.15 15.22 0.88
CA ALA A 1080 -24.53 13.92 0.76
C ALA A 1080 -24.13 13.29 2.09
N SER A 1081 -24.54 13.91 3.18
CA SER A 1081 -24.25 13.41 4.53
C SER A 1081 -22.79 13.54 5.00
N VAL A 1082 -21.90 14.05 4.16
CA VAL A 1082 -20.49 14.18 4.54
C VAL A 1082 -20.06 15.47 5.23
N SER A 1083 -20.97 16.43 5.35
CA SER A 1083 -20.65 17.72 5.95
C SER A 1083 -19.96 17.65 7.32
N ALA A 1084 -20.37 16.69 8.15
CA ALA A 1084 -19.75 16.52 9.45
C ALA A 1084 -18.35 15.91 9.29
N ASP A 1085 -18.21 15.03 8.30
CA ASP A 1085 -16.93 14.38 8.03
C ASP A 1085 -15.92 15.39 7.51
N LEU A 1086 -16.33 16.13 6.49
CA LEU A 1086 -15.49 17.13 5.86
C LEU A 1086 -15.13 18.34 6.72
N ASN A 1087 -16.14 19.05 7.23
CA ASN A 1087 -15.88 20.24 8.05
C ASN A 1087 -15.24 19.91 9.39
N GLY A 1088 -15.67 18.81 9.99
CA GLY A 1088 -15.11 18.42 11.27
C GLY A 1088 -13.62 18.21 11.10
N GLN A 1089 -13.24 17.82 9.89
CA GLN A 1089 -11.85 17.58 9.57
C GLN A 1089 -11.11 18.91 9.38
N ALA A 1090 -11.75 19.85 8.70
CA ALA A 1090 -11.16 21.17 8.48
C ALA A 1090 -11.09 21.91 9.81
N VAL A 1091 -12.15 21.78 10.61
CA VAL A 1091 -12.17 22.43 11.92
C VAL A 1091 -10.97 21.88 12.66
N TYR A 1092 -10.83 20.56 12.63
CA TYR A 1092 -9.72 19.88 13.30
C TYR A 1092 -8.38 20.45 12.84
N ALA A 1093 -8.22 20.60 11.53
CA ALA A 1093 -6.97 21.13 10.99
C ALA A 1093 -6.67 22.53 11.52
N ALA A 1094 -7.70 23.36 11.63
CA ALA A 1094 -7.52 24.71 12.14
C ALA A 1094 -7.09 24.68 13.61
N CYS A 1095 -7.70 23.79 14.39
CA CYS A 1095 -7.36 23.69 15.80
C CYS A 1095 -5.89 23.34 15.98
N GLN A 1096 -5.40 22.37 15.20
CA GLN A 1096 -4.01 21.95 15.28
C GLN A 1096 -3.05 23.09 14.98
N THR A 1097 -3.40 23.93 14.00
CA THR A 1097 -2.57 25.08 13.65
C THR A 1097 -2.44 25.99 14.88
N ILE A 1098 -3.56 26.24 15.55
CA ILE A 1098 -3.57 27.09 16.74
C ILE A 1098 -2.78 26.47 17.89
N LEU A 1099 -2.96 25.16 18.10
CA LEU A 1099 -2.24 24.48 19.16
C LEU A 1099 -0.74 24.56 18.92
N LYS A 1100 -0.32 24.28 17.70
CA LYS A 1100 1.09 24.31 17.34
C LYS A 1100 1.72 25.68 17.60
N ARG A 1101 0.91 26.74 17.52
CA ARG A 1101 1.39 28.10 17.75
C ARG A 1101 1.40 28.45 19.23
N LEU A 1102 0.53 27.78 19.98
CA LEU A 1102 0.44 28.02 21.41
C LEU A 1102 1.48 27.20 22.19
N GLU A 1103 1.98 26.15 21.54
CA GLU A 1103 2.96 25.26 22.14
C GLU A 1103 4.04 25.96 22.97
N PRO A 1104 4.80 26.87 22.36
CA PRO A 1104 5.86 27.60 23.07
C PRO A 1104 5.43 28.13 24.43
N TYR A 1105 4.24 28.72 24.49
CA TYR A 1105 3.73 29.30 25.72
C TYR A 1105 3.21 28.26 26.71
N LYS A 1106 2.67 27.16 26.19
CA LYS A 1106 2.19 26.11 27.07
C LYS A 1106 3.41 25.55 27.80
N LYS A 1107 4.50 25.34 27.05
CA LYS A 1107 5.75 24.83 27.62
C LYS A 1107 6.29 25.71 28.74
N LYS A 1108 6.38 27.01 28.48
CA LYS A 1108 6.89 27.95 29.47
C LYS A 1108 6.01 28.06 30.72
N ASN A 1109 4.77 27.60 30.61
CA ASN A 1109 3.86 27.68 31.74
C ASN A 1109 2.85 26.56 31.76
N PRO A 1110 3.32 25.32 31.99
CA PRO A 1110 2.47 24.12 32.02
C PRO A 1110 1.27 24.24 32.93
N SER A 1111 1.49 24.77 34.13
CA SER A 1111 0.41 24.93 35.10
C SER A 1111 -0.51 26.08 34.75
N GLY A 1112 -0.20 26.79 33.67
CA GLY A 1112 -1.03 27.90 33.29
C GLY A 1112 -2.35 27.49 32.65
N SER A 1113 -3.26 28.45 32.52
CA SER A 1113 -4.56 28.17 31.91
C SER A 1113 -4.53 28.58 30.45
N TRP A 1114 -5.59 28.20 29.73
CA TRP A 1114 -5.74 28.51 28.33
C TRP A 1114 -5.68 30.02 28.11
N GLU A 1115 -6.38 30.75 28.95
CA GLU A 1115 -6.40 32.20 28.87
C GLU A 1115 -4.98 32.74 29.01
N ASP A 1116 -4.19 32.07 29.86
CA ASP A 1116 -2.80 32.48 30.09
C ASP A 1116 -1.99 32.36 28.82
N TRP A 1117 -2.11 31.22 28.16
CA TRP A 1117 -1.39 30.96 26.92
C TRP A 1117 -1.80 31.91 25.82
N VAL A 1118 -3.11 32.08 25.64
CA VAL A 1118 -3.60 32.99 24.59
C VAL A 1118 -3.05 34.39 24.80
N THR A 1119 -3.13 34.91 26.02
CA THR A 1119 -2.64 36.24 26.35
C THR A 1119 -1.14 36.34 26.02
N ALA A 1120 -0.40 35.34 26.49
CA ALA A 1120 1.04 35.27 26.26
C ALA A 1120 1.32 35.28 24.77
N ALA A 1121 0.66 34.38 24.04
CA ALA A 1121 0.86 34.29 22.60
C ALA A 1121 0.54 35.61 21.91
N TYR A 1122 -0.57 36.23 22.30
CA TYR A 1122 -0.98 37.50 21.71
C TYR A 1122 0.10 38.54 21.90
N MET A 1123 0.57 38.66 23.13
CA MET A 1123 1.59 39.67 23.40
C MET A 1123 2.98 39.36 22.90
N ASP A 1124 3.16 38.17 22.37
CA ASP A 1124 4.45 37.81 21.79
C ASP A 1124 4.19 37.85 20.29
N THR A 1125 3.16 38.63 19.93
CA THR A 1125 2.76 38.82 18.55
C THR A 1125 2.69 37.54 17.74
N VAL A 1126 1.80 36.64 18.15
CA VAL A 1126 1.59 35.38 17.45
C VAL A 1126 0.15 35.38 16.96
N SER A 1127 -0.04 35.07 15.68
CA SER A 1127 -1.37 35.05 15.06
C SER A 1127 -2.33 34.07 15.74
N LEU A 1128 -3.47 34.57 16.19
CA LEU A 1128 -4.45 33.74 16.85
C LEU A 1128 -5.65 33.45 15.95
N SER A 1129 -5.40 33.46 14.64
CA SER A 1129 -6.41 33.18 13.64
C SER A 1129 -5.85 32.19 12.65
N ALA A 1130 -6.63 31.18 12.30
CA ALA A 1130 -6.19 30.16 11.37
C ALA A 1130 -7.32 29.55 10.54
N THR A 1131 -7.02 29.22 9.30
CA THR A 1131 -7.99 28.57 8.42
C THR A 1131 -7.67 27.08 8.47
N GLY A 1132 -8.65 26.27 8.09
CA GLY A 1132 -8.46 24.83 8.08
C GLY A 1132 -9.05 24.31 6.79
N PHE A 1133 -8.44 23.29 6.23
CA PHE A 1133 -8.92 22.73 4.98
C PHE A 1133 -8.82 21.21 4.98
N TYR A 1134 -9.68 20.57 4.20
CA TYR A 1134 -9.65 19.13 4.10
C TYR A 1134 -10.32 18.66 2.82
N ARG A 1135 -9.82 17.55 2.28
CA ARG A 1135 -10.37 16.98 1.07
C ARG A 1135 -10.23 15.48 1.23
N THR A 1136 -11.25 14.73 0.85
CA THR A 1136 -11.19 13.28 0.97
C THR A 1136 -10.25 12.81 -0.14
N PRO A 1137 -9.32 11.90 0.20
CA PRO A 1137 -8.37 11.38 -0.79
C PRO A 1137 -8.82 10.15 -1.57
N ASN A 1138 -8.20 9.98 -2.74
CA ASN A 1138 -8.44 8.85 -3.61
C ASN A 1138 -9.88 8.57 -4.03
N LEU A 1139 -10.61 9.63 -4.36
CA LEU A 1139 -11.98 9.45 -4.79
C LEU A 1139 -12.04 9.65 -6.29
N GLY A 1140 -12.94 8.92 -6.95
CA GLY A 1140 -13.06 9.06 -8.38
C GLY A 1140 -13.46 7.78 -9.07
N TYR A 1141 -14.64 7.80 -9.68
CA TYR A 1141 -15.14 6.63 -10.38
C TYR A 1141 -15.20 6.98 -11.85
N SER A 1142 -15.13 5.95 -12.69
CA SER A 1142 -15.21 6.11 -14.14
C SER A 1142 -16.18 5.10 -14.70
N PHE A 1143 -17.26 5.58 -15.29
CA PHE A 1143 -18.23 4.65 -15.86
C PHE A 1143 -17.62 3.94 -17.06
N GLU A 1144 -16.59 4.56 -17.63
CA GLU A 1144 -15.90 4.03 -18.79
C GLU A 1144 -15.22 2.70 -18.46
N THR A 1145 -14.30 2.76 -17.51
CA THR A 1145 -13.55 1.58 -17.11
C THR A 1145 -14.12 0.88 -15.88
N ASN A 1146 -15.22 1.40 -15.35
CA ASN A 1146 -15.86 0.85 -14.16
C ASN A 1146 -14.82 0.62 -13.06
N SER A 1147 -14.01 1.63 -12.78
CA SER A 1147 -12.99 1.50 -11.75
C SER A 1147 -12.83 2.78 -10.94
N GLY A 1148 -12.10 2.69 -9.84
CA GLY A 1148 -11.91 3.83 -8.97
C GLY A 1148 -13.01 3.80 -7.91
N ASN A 1149 -12.78 4.46 -6.79
CA ASN A 1149 -13.79 4.46 -5.74
C ASN A 1149 -14.66 5.70 -5.74
N PRO A 1150 -16.00 5.51 -5.73
CA PRO A 1150 -16.95 6.62 -5.70
C PRO A 1150 -17.08 7.12 -4.27
N PHE A 1151 -17.07 6.17 -3.33
CA PHE A 1151 -17.24 6.50 -1.92
C PHE A 1151 -16.01 6.28 -1.07
N HIS A 1152 -15.99 6.94 0.09
CA HIS A 1152 -14.88 6.83 1.01
C HIS A 1152 -15.10 5.65 1.97
N TYR A 1153 -16.36 5.30 2.17
CA TYR A 1153 -16.75 4.20 3.05
C TYR A 1153 -18.27 4.06 2.98
N PHE A 1154 -18.82 3.00 3.56
CA PHE A 1154 -20.26 2.82 3.50
C PHE A 1154 -20.95 2.84 4.86
N SER A 1155 -22.24 3.19 4.84
CA SER A 1155 -23.07 3.22 6.03
C SER A 1155 -23.85 1.90 5.97
N TYR A 1156 -24.13 1.31 7.13
CA TYR A 1156 -24.88 0.05 7.16
C TYR A 1156 -25.98 0.09 8.22
N GLY A 1157 -27.07 -0.60 7.92
CA GLY A 1157 -28.20 -0.67 8.84
C GLY A 1157 -29.18 -1.75 8.44
N VAL A 1158 -30.00 -2.15 9.42
CA VAL A 1158 -31.01 -3.18 9.23
C VAL A 1158 -32.24 -2.76 10.02
N ALA A 1159 -33.42 -3.04 9.49
CA ALA A 1159 -34.64 -2.69 10.20
C ALA A 1159 -35.68 -3.79 10.03
N CYS A 1160 -36.42 -4.05 11.09
CA CYS A 1160 -37.48 -5.05 11.06
C CYS A 1160 -38.76 -4.30 11.37
N SER A 1161 -39.77 -4.44 10.53
CA SER A 1161 -41.02 -3.74 10.77
C SER A 1161 -42.29 -4.57 10.66
N GLU A 1162 -43.18 -4.41 11.63
CA GLU A 1162 -44.47 -5.12 11.65
C GLU A 1162 -45.62 -4.14 11.47
N VAL A 1163 -46.53 -4.48 10.56
CA VAL A 1163 -47.69 -3.63 10.33
C VAL A 1163 -48.99 -4.42 10.39
N GLU A 1164 -50.09 -3.68 10.54
CA GLU A 1164 -51.43 -4.26 10.58
C GLU A 1164 -52.27 -3.38 9.66
N ILE A 1165 -52.83 -3.98 8.60
CA ILE A 1165 -53.65 -3.22 7.67
C ILE A 1165 -55.12 -3.57 7.81
N ASP A 1166 -55.96 -2.61 7.41
CA ASP A 1166 -57.41 -2.79 7.44
C ASP A 1166 -57.80 -3.17 6.01
N CYS A 1167 -58.00 -4.46 5.75
CA CYS A 1167 -58.35 -4.92 4.41
C CYS A 1167 -59.61 -4.26 3.83
N LEU A 1168 -60.34 -3.51 4.66
CA LEU A 1168 -61.58 -2.86 4.23
C LEU A 1168 -61.49 -1.37 3.94
N THR A 1169 -60.48 -0.70 4.47
CA THR A 1169 -60.35 0.75 4.25
C THR A 1169 -59.02 1.14 3.61
N GLY A 1170 -57.97 0.35 3.85
CA GLY A 1170 -56.68 0.68 3.28
C GLY A 1170 -55.80 1.35 4.33
N ASP A 1171 -56.38 1.56 5.51
CA ASP A 1171 -55.67 2.16 6.63
C ASP A 1171 -54.71 1.10 7.17
N HIS A 1172 -53.76 1.51 8.01
CA HIS A 1172 -52.85 0.53 8.60
C HIS A 1172 -52.12 1.16 9.78
N LYS A 1173 -51.64 0.29 10.67
CA LYS A 1173 -50.90 0.74 11.84
C LYS A 1173 -49.45 0.29 11.72
N ASN A 1174 -48.51 1.11 12.16
CA ASN A 1174 -47.12 0.69 12.15
C ASN A 1174 -46.92 0.22 13.57
N LEU A 1175 -47.02 -1.09 13.77
CA LEU A 1175 -46.91 -1.67 15.10
C LEU A 1175 -45.53 -1.59 15.74
N ARG A 1176 -44.53 -2.12 15.07
CA ARG A 1176 -43.19 -2.12 15.65
C ARG A 1176 -42.10 -2.05 14.59
N THR A 1177 -41.06 -1.31 14.93
CA THR A 1177 -39.91 -1.14 14.06
C THR A 1177 -38.64 -1.22 14.89
N ASP A 1178 -37.72 -2.10 14.52
CA ASP A 1178 -36.45 -2.24 15.23
C ASP A 1178 -35.32 -1.86 14.28
N ILE A 1179 -34.55 -0.85 14.64
CA ILE A 1179 -33.45 -0.43 13.79
C ILE A 1179 -32.11 -0.56 14.48
N VAL A 1180 -31.15 -1.14 13.75
CA VAL A 1180 -29.80 -1.29 14.24
C VAL A 1180 -28.98 -0.58 13.19
N MET A 1181 -28.43 0.58 13.56
CA MET A 1181 -27.65 1.39 12.63
C MET A 1181 -26.16 1.46 13.00
N ASP A 1182 -25.31 1.47 11.98
CA ASP A 1182 -23.88 1.58 12.18
C ASP A 1182 -23.41 3.00 11.83
N VAL A 1183 -23.25 3.83 12.85
CA VAL A 1183 -22.79 5.20 12.65
C VAL A 1183 -21.36 5.31 13.21
N GLY A 1184 -20.63 4.21 13.15
CA GLY A 1184 -19.27 4.18 13.67
C GLY A 1184 -19.24 4.65 15.10
N SER A 1185 -18.17 5.33 15.49
CA SER A 1185 -18.07 5.89 16.84
C SER A 1185 -18.77 7.24 16.77
N SER A 1186 -20.04 7.24 17.14
CA SER A 1186 -20.84 8.45 17.10
C SER A 1186 -20.24 9.68 17.77
N LEU A 1187 -20.30 10.81 17.07
CA LEU A 1187 -19.82 12.07 17.60
C LEU A 1187 -20.86 12.54 18.59
N ASN A 1188 -22.11 12.22 18.31
CA ASN A 1188 -23.21 12.61 19.19
C ASN A 1188 -24.42 11.69 19.01
N PRO A 1189 -24.53 10.65 19.84
CA PRO A 1189 -25.64 9.70 19.74
C PRO A 1189 -27.04 10.28 19.92
N ALA A 1190 -27.15 11.47 20.50
CA ALA A 1190 -28.47 12.07 20.63
C ALA A 1190 -28.85 12.56 19.23
N ILE A 1191 -27.90 13.20 18.56
CA ILE A 1191 -28.12 13.72 17.22
C ILE A 1191 -28.35 12.58 16.22
N ASP A 1192 -27.49 11.56 16.27
CA ASP A 1192 -27.59 10.45 15.33
C ASP A 1192 -28.86 9.62 15.45
N ILE A 1193 -29.32 9.38 16.68
CA ILE A 1193 -30.54 8.62 16.83
C ILE A 1193 -31.70 9.47 16.29
N GLY A 1194 -31.63 10.78 16.51
CA GLY A 1194 -32.67 11.67 16.01
C GLY A 1194 -32.61 11.73 14.48
N GLN A 1195 -31.42 11.52 13.92
CA GLN A 1195 -31.25 11.52 12.47
C GLN A 1195 -31.83 10.22 11.91
N VAL A 1196 -31.56 9.11 12.60
CA VAL A 1196 -32.07 7.81 12.20
C VAL A 1196 -33.59 7.87 12.24
N GLU A 1197 -34.13 8.31 13.38
CA GLU A 1197 -35.58 8.41 13.52
C GLU A 1197 -36.17 9.34 12.47
N GLY A 1198 -35.58 10.52 12.31
CA GLY A 1198 -36.09 11.47 11.33
C GLY A 1198 -36.04 10.97 9.90
N ALA A 1199 -34.90 10.40 9.52
CA ALA A 1199 -34.72 9.87 8.17
C ALA A 1199 -35.73 8.77 7.90
N PHE A 1200 -35.85 7.85 8.84
CA PHE A 1200 -36.77 6.73 8.71
C PHE A 1200 -38.20 7.20 8.55
N VAL A 1201 -38.60 8.20 9.32
CA VAL A 1201 -39.96 8.69 9.21
C VAL A 1201 -40.23 9.36 7.87
N GLN A 1202 -39.21 9.99 7.26
CA GLN A 1202 -39.41 10.61 5.94
C GLN A 1202 -39.55 9.47 4.92
N GLY A 1203 -38.85 8.38 5.18
CA GLY A 1203 -38.90 7.23 4.31
C GLY A 1203 -40.29 6.63 4.41
N LEU A 1204 -40.83 6.69 5.62
CA LEU A 1204 -42.17 6.20 5.92
C LEU A 1204 -43.17 7.00 5.09
N GLY A 1205 -42.89 8.29 4.94
CA GLY A 1205 -43.77 9.15 4.18
C GLY A 1205 -43.59 8.93 2.68
N LEU A 1206 -42.36 8.64 2.27
CA LEU A 1206 -42.08 8.40 0.86
C LEU A 1206 -42.73 7.12 0.35
N PHE A 1207 -42.72 6.09 1.20
CA PHE A 1207 -43.28 4.81 0.81
C PHE A 1207 -44.72 4.48 1.19
N THR A 1208 -45.39 5.35 1.97
CA THR A 1208 -46.75 5.00 2.37
C THR A 1208 -47.80 6.11 2.51
N LEU A 1209 -47.38 7.37 2.59
CA LEU A 1209 -48.33 8.46 2.78
C LEU A 1209 -48.27 9.61 1.78
N GLU A 1210 -47.05 10.04 1.45
CA GLU A 1210 -46.86 11.16 0.55
C GLU A 1210 -47.05 10.86 -0.94
N GLU A 1211 -47.85 11.68 -1.60
CA GLU A 1211 -48.12 11.50 -3.04
C GLU A 1211 -48.52 12.82 -3.72
N LEU A 1212 -47.95 13.05 -4.91
CA LEU A 1212 -48.23 14.26 -5.69
C LEU A 1212 -49.04 13.94 -6.95
N HIS A 1213 -50.14 14.65 -7.14
CA HIS A 1213 -51.02 14.45 -8.29
C HIS A 1213 -50.97 15.59 -9.30
N TYR A 1214 -50.76 15.24 -10.56
CA TYR A 1214 -50.70 16.23 -11.62
C TYR A 1214 -51.84 16.02 -12.60
N SER A 1215 -52.40 17.11 -13.09
CA SER A 1215 -53.49 17.01 -14.05
C SER A 1215 -52.91 16.48 -15.36
N PRO A 1216 -53.77 16.15 -16.32
CA PRO A 1216 -53.26 15.64 -17.60
C PRO A 1216 -52.37 16.65 -18.32
N GLU A 1217 -52.66 17.94 -18.15
CA GLU A 1217 -51.88 19.01 -18.78
C GLU A 1217 -50.67 19.50 -17.99
N GLY A 1218 -50.11 18.62 -17.15
CA GLY A 1218 -48.93 18.94 -16.37
C GLY A 1218 -49.05 19.91 -15.20
N SER A 1219 -50.26 20.18 -14.72
CA SER A 1219 -50.45 21.11 -13.62
C SER A 1219 -50.59 20.44 -12.24
N LEU A 1220 -49.66 20.74 -11.34
CA LEU A 1220 -49.69 20.18 -9.99
C LEU A 1220 -50.98 20.50 -9.24
N HIS A 1221 -51.62 19.47 -8.69
CA HIS A 1221 -52.85 19.65 -7.92
C HIS A 1221 -52.55 19.78 -6.43
N THR A 1222 -51.55 19.04 -5.98
CA THR A 1222 -51.15 19.02 -4.57
C THR A 1222 -50.21 20.17 -4.22
N ARG A 1223 -50.72 21.19 -3.54
CA ARG A 1223 -49.89 22.34 -3.18
C ARG A 1223 -49.94 22.76 -1.71
N GLY A 1224 -50.20 21.83 -0.81
CA GLY A 1224 -50.26 22.16 0.60
C GLY A 1224 -50.47 20.97 1.50
N PRO A 1225 -50.29 21.14 2.81
CA PRO A 1225 -50.48 20.03 3.76
C PRO A 1225 -51.88 19.42 3.75
N SER A 1226 -52.85 20.17 3.23
CA SER A 1226 -54.22 19.65 3.19
C SER A 1226 -54.35 18.45 2.25
N THR A 1227 -53.64 18.49 1.13
CA THR A 1227 -53.72 17.41 0.15
C THR A 1227 -52.47 16.54 0.11
N TYR A 1228 -51.36 17.09 0.61
CA TYR A 1228 -50.09 16.37 0.66
C TYR A 1228 -49.91 15.97 2.12
N LYS A 1229 -50.14 14.71 2.43
CA LYS A 1229 -50.06 14.25 3.81
C LYS A 1229 -48.76 13.61 4.25
N ILE A 1230 -47.92 14.36 4.95
CA ILE A 1230 -46.66 13.85 5.43
C ILE A 1230 -46.96 13.17 6.76
N PRO A 1231 -46.00 12.41 7.31
CA PRO A 1231 -46.20 11.69 8.59
C PRO A 1231 -46.57 12.59 9.77
N ALA A 1232 -47.63 12.19 10.48
CA ALA A 1232 -48.10 12.92 11.66
C ALA A 1232 -47.60 12.19 12.90
N PHE A 1233 -47.80 12.76 14.09
CA PHE A 1233 -47.35 12.12 15.33
C PHE A 1233 -47.78 10.65 15.41
N GLY A 1234 -49.05 10.42 15.06
CA GLY A 1234 -49.60 9.08 15.12
C GLY A 1234 -49.19 8.14 14.00
N SER A 1235 -48.41 8.62 13.05
CA SER A 1235 -47.99 7.77 11.94
C SER A 1235 -46.74 6.97 12.28
N ILE A 1236 -46.06 7.30 13.36
CA ILE A 1236 -44.84 6.59 13.71
C ILE A 1236 -45.15 5.24 14.36
N PRO A 1237 -44.19 4.30 14.29
CA PRO A 1237 -44.45 2.99 14.90
C PRO A 1237 -44.61 3.01 16.42
N ILE A 1238 -45.71 2.41 16.88
CA ILE A 1238 -46.04 2.35 18.30
C ILE A 1238 -44.76 2.02 19.07
N GLU A 1239 -44.25 0.81 18.84
CA GLU A 1239 -43.02 0.38 19.49
C GLU A 1239 -41.88 0.74 18.54
N PHE A 1240 -41.11 1.76 18.92
CA PHE A 1240 -40.01 2.24 18.11
C PHE A 1240 -38.67 2.00 18.81
N ARG A 1241 -37.94 0.99 18.34
CA ARG A 1241 -36.64 0.65 18.92
C ARG A 1241 -35.45 0.95 18.03
N VAL A 1242 -34.62 1.89 18.46
CA VAL A 1242 -33.44 2.27 17.69
C VAL A 1242 -32.17 2.08 18.52
N SER A 1243 -31.19 1.39 17.95
CA SER A 1243 -29.93 1.18 18.65
C SER A 1243 -28.72 1.38 17.73
N LEU A 1244 -27.70 2.03 18.26
CA LEU A 1244 -26.46 2.29 17.52
C LEU A 1244 -25.48 1.14 17.74
N LEU A 1245 -25.02 0.54 16.65
CA LEU A 1245 -24.08 -0.59 16.71
C LEU A 1245 -22.86 -0.24 17.56
N ARG A 1246 -22.57 -1.08 18.55
CA ARG A 1246 -21.43 -0.84 19.44
C ARG A 1246 -20.10 -1.28 18.84
N ASP A 1247 -19.02 -0.73 19.39
CA ASP A 1247 -17.65 -1.06 18.99
C ASP A 1247 -17.48 -1.29 17.48
N CYS A 1248 -17.46 -0.20 16.73
CA CYS A 1248 -17.29 -0.27 15.27
C CYS A 1248 -16.70 1.04 14.77
N PRO A 1249 -15.54 1.44 15.31
CA PRO A 1249 -14.86 2.68 14.92
C PRO A 1249 -14.58 2.73 13.42
N ASN A 1250 -14.73 3.91 12.85
CA ASN A 1250 -14.52 4.12 11.43
C ASN A 1250 -13.26 4.95 11.15
N LYS A 1251 -12.14 4.27 10.98
CA LYS A 1251 -10.85 4.93 10.73
C LYS A 1251 -10.91 5.93 9.58
N LYS A 1252 -11.94 5.81 8.76
CA LYS A 1252 -12.12 6.66 7.59
C LYS A 1252 -12.75 8.04 7.84
N ALA A 1253 -13.13 8.35 9.08
CA ALA A 1253 -13.74 9.65 9.32
C ALA A 1253 -13.39 10.29 10.66
N ILE A 1254 -13.59 11.60 10.75
CA ILE A 1254 -13.28 12.35 11.96
C ILE A 1254 -13.69 11.61 13.23
N TYR A 1255 -12.71 11.36 14.09
CA TYR A 1255 -12.94 10.67 15.35
C TYR A 1255 -13.70 9.37 15.24
N ALA A 1256 -13.43 8.61 14.18
CA ALA A 1256 -14.05 7.31 13.98
C ALA A 1256 -15.55 7.27 13.81
N SER A 1257 -16.17 8.41 13.55
CA SER A 1257 -17.61 8.45 13.37
C SER A 1257 -17.97 8.10 11.92
N LYS A 1258 -19.27 8.06 11.62
CA LYS A 1258 -19.75 7.76 10.28
C LYS A 1258 -20.89 8.73 9.97
N ALA A 1259 -21.15 8.93 8.68
CA ALA A 1259 -22.23 9.82 8.27
C ALA A 1259 -23.54 9.15 8.66
N VAL A 1260 -24.61 9.92 8.77
CA VAL A 1260 -25.88 9.32 9.18
C VAL A 1260 -27.10 10.04 8.65
N GLY A 1261 -26.89 11.19 8.02
CA GLY A 1261 -28.01 11.96 7.50
C GLY A 1261 -28.97 11.21 6.59
N GLU A 1262 -28.44 10.63 5.52
CA GLU A 1262 -29.27 9.92 4.54
C GLU A 1262 -29.50 8.42 4.71
N PRO A 1263 -28.42 7.63 4.90
CA PRO A 1263 -28.52 6.17 5.07
C PRO A 1263 -29.79 5.54 5.66
N PRO A 1264 -30.27 6.02 6.82
CA PRO A 1264 -31.48 5.46 7.46
C PRO A 1264 -32.82 5.51 6.69
N LEU A 1265 -33.07 6.59 5.97
CA LEU A 1265 -34.31 6.76 5.23
C LEU A 1265 -34.83 5.56 4.46
N PHE A 1266 -33.97 4.82 3.77
CA PHE A 1266 -34.44 3.66 3.00
C PHE A 1266 -34.93 2.51 3.86
N LEU A 1267 -34.43 2.42 5.08
CA LEU A 1267 -34.85 1.36 5.99
C LEU A 1267 -36.37 1.35 6.21
N ALA A 1268 -37.05 2.43 5.83
CA ALA A 1268 -38.51 2.48 6.00
C ALA A 1268 -39.14 1.55 4.98
N ALA A 1269 -38.31 1.05 4.07
CA ALA A 1269 -38.78 0.13 3.06
C ALA A 1269 -39.29 -1.14 3.73
N SER A 1270 -38.84 -1.39 4.95
CA SER A 1270 -39.28 -2.58 5.66
C SER A 1270 -40.76 -2.50 5.97
N ILE A 1271 -41.28 -1.28 6.11
CA ILE A 1271 -42.71 -1.11 6.37
C ILE A 1271 -43.44 -1.33 5.05
N PHE A 1272 -42.82 -0.90 3.96
CA PHE A 1272 -43.42 -1.07 2.65
C PHE A 1272 -43.65 -2.54 2.34
N PHE A 1273 -42.65 -3.38 2.58
CA PHE A 1273 -42.77 -4.82 2.29
C PHE A 1273 -43.53 -5.61 3.34
N ALA A 1274 -43.66 -5.06 4.54
CA ALA A 1274 -44.43 -5.73 5.59
C ALA A 1274 -45.86 -5.54 5.14
N ILE A 1275 -46.17 -4.34 4.63
CA ILE A 1275 -47.51 -4.04 4.13
C ILE A 1275 -47.85 -5.00 2.99
N LYS A 1276 -46.93 -5.14 2.04
CA LYS A 1276 -47.17 -6.03 0.91
C LYS A 1276 -47.35 -7.47 1.41
N ASP A 1277 -46.67 -7.79 2.51
CA ASP A 1277 -46.77 -9.12 3.11
C ASP A 1277 -48.20 -9.34 3.60
N ALA A 1278 -48.77 -8.31 4.22
CA ALA A 1278 -50.13 -8.36 4.74
C ALA A 1278 -51.14 -8.47 3.59
N ILE A 1279 -50.96 -7.64 2.58
CA ILE A 1279 -51.85 -7.65 1.41
C ILE A 1279 -51.79 -9.04 0.80
N ARG A 1280 -50.63 -9.65 0.91
CA ARG A 1280 -50.40 -11.01 0.40
C ARG A 1280 -51.39 -11.89 1.15
N ALA A 1281 -51.36 -11.76 2.48
CA ALA A 1281 -52.22 -12.52 3.37
C ALA A 1281 -53.70 -12.30 3.04
N ALA A 1282 -54.10 -11.04 2.94
CA ALA A 1282 -55.49 -10.71 2.62
C ALA A 1282 -55.90 -11.36 1.31
N ARG A 1283 -55.09 -11.17 0.26
CA ARG A 1283 -55.39 -11.74 -1.04
C ARG A 1283 -55.55 -13.26 -1.00
N ALA A 1284 -54.60 -13.92 -0.32
CA ALA A 1284 -54.60 -15.38 -0.20
C ALA A 1284 -55.87 -15.96 0.44
N GLN A 1285 -56.61 -15.12 1.15
CA GLN A 1285 -57.82 -15.59 1.81
C GLN A 1285 -59.09 -15.17 1.09
N HIS A 1286 -59.17 -13.93 0.66
CA HIS A 1286 -60.38 -13.44 -0.01
C HIS A 1286 -60.50 -13.81 -1.49
N THR A 1287 -59.56 -14.60 -1.99
CA THR A 1287 -59.61 -15.01 -3.39
C THR A 1287 -58.94 -16.36 -3.56
N GLY A 1288 -59.65 -17.42 -3.19
CA GLY A 1288 -59.08 -18.76 -3.31
C GLY A 1288 -57.66 -18.73 -2.79
N ASN A 1289 -56.70 -18.66 -3.71
CA ASN A 1289 -55.28 -18.61 -3.35
C ASN A 1289 -54.34 -18.78 -4.53
N ASN A 1290 -53.05 -18.67 -4.24
CA ASN A 1290 -51.96 -18.80 -5.20
C ASN A 1290 -50.71 -18.27 -4.50
N VAL A 1291 -50.14 -19.12 -3.64
CA VAL A 1291 -48.98 -18.75 -2.84
C VAL A 1291 -47.76 -18.28 -3.66
N LYS A 1292 -47.77 -18.48 -4.96
CA LYS A 1292 -46.65 -18.05 -5.81
C LYS A 1292 -46.98 -16.75 -6.52
N GLU A 1293 -48.24 -16.33 -6.41
CA GLU A 1293 -48.71 -15.09 -7.04
C GLU A 1293 -47.74 -13.94 -6.87
N LEU A 1294 -47.51 -13.19 -7.95
CA LEU A 1294 -46.62 -12.06 -7.90
C LEU A 1294 -47.35 -10.79 -8.31
N PHE A 1295 -48.11 -10.20 -7.40
CA PHE A 1295 -48.82 -8.97 -7.73
C PHE A 1295 -47.96 -7.75 -7.59
N ARG A 1296 -48.33 -6.69 -8.28
CA ARG A 1296 -47.59 -5.44 -8.26
C ARG A 1296 -48.14 -4.45 -7.24
N LEU A 1297 -47.24 -3.81 -6.51
CA LEU A 1297 -47.59 -2.80 -5.52
C LEU A 1297 -46.60 -1.66 -5.72
N ASP A 1298 -47.09 -0.53 -6.21
CA ASP A 1298 -46.22 0.62 -6.43
C ASP A 1298 -46.11 1.50 -5.18
N SER A 1299 -45.14 2.40 -5.20
CA SER A 1299 -44.92 3.31 -4.10
C SER A 1299 -45.44 4.70 -4.50
N PRO A 1300 -46.05 5.44 -3.56
CA PRO A 1300 -46.26 5.06 -2.16
C PRO A 1300 -47.40 4.07 -2.01
N ALA A 1301 -47.34 3.24 -0.98
CA ALA A 1301 -48.40 2.27 -0.73
C ALA A 1301 -49.42 2.95 0.17
N THR A 1302 -50.20 3.84 -0.45
CA THR A 1302 -51.23 4.61 0.23
C THR A 1302 -52.49 3.78 0.47
N PRO A 1303 -53.43 4.30 1.27
CA PRO A 1303 -54.65 3.51 1.50
C PRO A 1303 -55.41 3.11 0.23
N GLU A 1304 -55.31 3.91 -0.83
CA GLU A 1304 -56.01 3.52 -2.06
C GLU A 1304 -55.40 2.25 -2.64
N LYS A 1305 -54.08 2.27 -2.81
CA LYS A 1305 -53.36 1.13 -3.36
C LYS A 1305 -53.50 -0.12 -2.48
N ILE A 1306 -53.51 0.06 -1.17
CA ILE A 1306 -53.62 -1.07 -0.25
C ILE A 1306 -55.02 -1.70 -0.30
N ARG A 1307 -56.06 -0.88 -0.42
CA ARG A 1307 -57.43 -1.38 -0.47
C ARG A 1307 -57.71 -2.08 -1.81
N ASN A 1308 -57.29 -1.44 -2.90
CA ASN A 1308 -57.50 -2.01 -4.22
C ASN A 1308 -56.72 -3.31 -4.37
N ALA A 1309 -55.58 -3.41 -3.69
CA ALA A 1309 -54.76 -4.61 -3.74
C ALA A 1309 -55.47 -5.75 -3.01
N CYS A 1310 -56.22 -5.39 -1.96
CA CYS A 1310 -56.98 -6.38 -1.19
C CYS A 1310 -58.28 -6.70 -1.92
N VAL A 1311 -58.14 -7.45 -3.01
CA VAL A 1311 -59.29 -7.83 -3.80
C VAL A 1311 -60.20 -8.78 -3.05
N ASP A 1312 -61.47 -8.43 -2.98
CA ASP A 1312 -62.47 -9.24 -2.29
C ASP A 1312 -63.80 -9.09 -3.01
N LYS A 1313 -64.87 -9.62 -2.43
CA LYS A 1313 -66.19 -9.55 -3.03
C LYS A 1313 -66.70 -8.11 -3.17
N PHE A 1314 -66.03 -7.17 -2.51
CA PHE A 1314 -66.43 -5.77 -2.57
C PHE A 1314 -65.80 -5.02 -3.75
N THR A 1315 -64.48 -5.08 -3.87
CA THR A 1315 -63.78 -4.42 -4.96
C THR A 1315 -64.21 -4.98 -6.31
N THR A 1316 -64.64 -6.24 -6.30
CA THR A 1316 -65.10 -6.92 -7.50
C THR A 1316 -66.22 -6.13 -8.18
N LEU A 1317 -67.07 -5.51 -7.34
CA LEU A 1317 -68.20 -4.71 -7.83
C LEU A 1317 -67.76 -3.29 -8.16
N CYS A 1318 -66.54 -2.94 -7.76
CA CYS A 1318 -66.04 -1.59 -7.99
C CYS A 1318 -64.82 -1.52 -8.88
N VAL A 1319 -65.05 -1.36 -10.17
CA VAL A 1319 -63.96 -1.25 -11.14
C VAL A 1319 -64.50 -0.63 -12.42
N THR A 1320 -64.18 0.65 -12.60
CA THR A 1320 -64.62 1.45 -13.75
C THR A 1320 -63.75 1.23 -14.99
N GLY A 1321 -64.38 1.29 -16.17
CA GLY A 1321 -63.70 1.05 -17.44
C GLY A 1321 -62.59 1.95 -17.96
N VAL A 1322 -62.92 3.22 -18.20
CA VAL A 1322 -61.96 4.21 -18.73
C VAL A 1322 -61.82 4.21 -20.25
N PRO A 1323 -62.79 4.85 -20.95
CA PRO A 1323 -62.81 4.94 -22.41
C PRO A 1323 -61.53 5.56 -22.98
N GLU A 1324 -61.50 5.72 -24.29
CA GLU A 1324 -60.35 6.30 -24.95
C GLU A 1324 -60.27 7.81 -24.71
N ASN A 1325 -61.33 8.49 -25.12
CA ASN A 1325 -61.46 9.94 -25.00
C ASN A 1325 -61.48 10.47 -23.57
N CYS A 1326 -61.39 9.59 -22.58
CA CYS A 1326 -61.43 10.03 -21.18
C CYS A 1326 -60.28 10.90 -20.70
N LYS A 1327 -60.63 12.05 -20.15
CA LYS A 1327 -59.68 13.00 -19.60
C LYS A 1327 -59.76 12.82 -18.08
N PRO A 1328 -58.82 12.05 -17.51
CA PRO A 1328 -58.82 11.82 -16.05
C PRO A 1328 -58.43 13.06 -15.25
N TRP A 1329 -58.84 13.10 -13.99
CA TRP A 1329 -58.53 14.24 -13.12
C TRP A 1329 -57.02 14.43 -12.99
N SER A 1330 -56.32 13.31 -12.91
CA SER A 1330 -54.86 13.32 -12.80
C SER A 1330 -54.28 12.11 -13.51
N VAL A 1331 -53.01 12.23 -13.89
CA VAL A 1331 -52.30 11.14 -14.57
C VAL A 1331 -50.97 10.93 -13.88
N ARG A 1332 -50.48 9.70 -13.89
CA ARG A 1332 -49.20 9.38 -13.26
C ARG A 1332 -48.07 10.01 -14.04
N VAL A 1333 -47.18 10.71 -13.33
CA VAL A 1333 -46.04 11.37 -13.95
C VAL A 1333 -44.91 10.39 -14.31
N ALA B 3 -53.88 75.50 2.96
CA ALA B 3 -52.71 75.35 3.87
C ALA B 3 -52.47 73.87 4.18
N ASP B 4 -51.93 73.60 5.37
CA ASP B 4 -51.65 72.24 5.80
C ASP B 4 -50.72 71.42 4.90
N LYS B 5 -51.08 71.28 3.63
CA LYS B 5 -50.28 70.51 2.68
C LYS B 5 -49.00 71.20 2.21
N LEU B 6 -47.86 70.63 2.54
CA LEU B 6 -46.58 71.18 2.10
C LEU B 6 -46.18 70.45 0.82
N VAL B 7 -45.80 71.21 -0.21
CA VAL B 7 -45.43 70.61 -1.48
C VAL B 7 -44.16 71.19 -2.10
N PHE B 8 -43.17 70.32 -2.34
CA PHE B 8 -41.93 70.72 -2.98
C PHE B 8 -41.35 69.56 -3.78
N PHE B 9 -40.18 69.78 -4.39
CA PHE B 9 -39.55 68.75 -5.21
C PHE B 9 -38.11 68.46 -4.79
N VAL B 10 -37.71 67.20 -4.92
CA VAL B 10 -36.34 66.79 -4.58
C VAL B 10 -35.85 65.94 -5.74
N ASN B 11 -34.83 66.45 -6.42
CA ASN B 11 -34.23 65.79 -7.58
C ASN B 11 -35.29 65.42 -8.62
N GLY B 12 -36.23 66.34 -8.85
CA GLY B 12 -37.27 66.11 -9.83
C GLY B 12 -38.56 65.52 -9.30
N ARG B 13 -38.47 64.64 -8.31
CA ARG B 13 -39.66 64.00 -7.76
C ARG B 13 -40.43 64.90 -6.78
N LYS B 14 -41.75 64.92 -6.96
CA LYS B 14 -42.64 65.73 -6.14
C LYS B 14 -42.89 65.11 -4.77
N VAL B 15 -42.79 65.94 -3.74
CA VAL B 15 -42.98 65.52 -2.37
C VAL B 15 -44.17 66.26 -1.76
N VAL B 16 -45.16 65.52 -1.29
CA VAL B 16 -46.32 66.14 -0.69
C VAL B 16 -46.40 65.71 0.77
N GLU B 17 -46.02 66.60 1.68
CA GLU B 17 -46.08 66.31 3.11
C GLU B 17 -47.39 66.89 3.63
N LYS B 18 -48.28 66.02 4.09
CA LYS B 18 -49.59 66.46 4.58
C LYS B 18 -49.63 66.99 5.99
N ASN B 19 -48.65 66.63 6.82
CA ASN B 19 -48.61 67.10 8.19
C ASN B 19 -47.22 67.61 8.49
N ALA B 20 -46.80 68.63 7.74
CA ALA B 20 -45.47 69.22 7.90
C ALA B 20 -45.25 69.78 9.31
N ASP B 21 -44.09 69.49 9.88
CA ASP B 21 -43.76 69.98 11.22
C ASP B 21 -42.73 71.07 11.06
N PRO B 22 -43.01 72.27 11.61
CA PRO B 22 -42.16 73.45 11.58
C PRO B 22 -40.73 73.21 12.07
N GLU B 23 -40.53 72.17 12.86
CA GLU B 23 -39.20 71.88 13.39
C GLU B 23 -38.41 70.85 12.58
N THR B 24 -38.96 70.44 11.45
CA THR B 24 -38.28 69.46 10.59
C THR B 24 -37.37 70.17 9.59
N THR B 25 -36.08 69.82 9.61
CA THR B 25 -35.13 70.42 8.69
C THR B 25 -35.11 69.67 7.38
N LEU B 26 -34.66 70.34 6.32
CA LEU B 26 -34.56 69.70 5.02
C LEU B 26 -33.58 68.52 5.12
N LEU B 27 -32.53 68.69 5.91
CA LEU B 27 -31.52 67.64 6.09
C LEU B 27 -32.14 66.43 6.78
N ALA B 28 -32.92 66.69 7.82
CA ALA B 28 -33.56 65.61 8.56
C ALA B 28 -34.53 64.90 7.61
N TYR B 29 -35.23 65.68 6.79
CA TYR B 29 -36.18 65.12 5.86
C TYR B 29 -35.50 64.29 4.77
N LEU B 30 -34.52 64.87 4.08
CA LEU B 30 -33.79 64.18 3.03
C LEU B 30 -33.22 62.86 3.53
N ARG B 31 -32.54 62.92 4.66
CA ARG B 31 -31.90 61.73 5.20
C ARG B 31 -32.83 60.67 5.78
N ARG B 32 -33.69 61.06 6.70
CA ARG B 32 -34.59 60.10 7.35
C ARG B 32 -36.00 59.99 6.82
N LYS B 33 -36.31 60.69 5.73
CA LYS B 33 -37.66 60.60 5.19
C LYS B 33 -37.62 60.12 3.74
N LEU B 34 -36.65 60.62 2.98
CA LEU B 34 -36.52 60.25 1.58
C LEU B 34 -35.38 59.24 1.35
N GLY B 35 -34.58 59.01 2.38
CA GLY B 35 -33.47 58.07 2.26
C GLY B 35 -32.31 58.52 1.41
N LEU B 36 -32.06 59.83 1.38
CA LEU B 36 -30.96 60.38 0.60
C LEU B 36 -29.78 60.73 1.52
N SER B 37 -28.86 59.78 1.67
CA SER B 37 -27.68 59.89 2.51
C SER B 37 -26.58 60.85 2.03
N GLY B 38 -26.56 61.14 0.74
CA GLY B 38 -25.54 62.02 0.21
C GLY B 38 -25.29 63.26 1.05
N THR B 39 -26.35 64.01 1.33
CA THR B 39 -26.25 65.20 2.16
C THR B 39 -25.91 64.74 3.57
N LYS B 40 -24.78 65.20 4.10
CA LYS B 40 -24.34 64.79 5.42
C LYS B 40 -24.59 65.84 6.50
N LEU B 41 -24.56 65.39 7.75
CA LEU B 41 -24.71 66.26 8.92
C LEU B 41 -23.29 66.40 9.48
N GLY B 42 -22.76 67.63 9.44
CA GLY B 42 -21.42 67.86 9.93
C GLY B 42 -21.36 68.72 11.17
N CYS B 43 -22.37 69.56 11.36
CA CYS B 43 -22.42 70.46 12.51
C CYS B 43 -23.83 70.91 12.90
N GLY B 44 -24.74 70.88 11.92
CA GLY B 44 -26.11 71.32 12.13
C GLY B 44 -26.12 72.78 12.60
N GLU B 45 -24.98 73.44 12.41
CA GLU B 45 -24.76 74.81 12.86
C GLU B 45 -24.51 75.80 11.72
N GLY B 46 -24.54 75.31 10.48
CA GLY B 46 -24.33 76.19 9.33
C GLY B 46 -22.90 76.55 8.97
N GLY B 47 -21.92 76.04 9.71
CA GLY B 47 -20.54 76.39 9.42
C GLY B 47 -19.62 75.43 8.68
N CYS B 48 -20.07 74.20 8.40
CA CYS B 48 -19.19 73.26 7.72
C CYS B 48 -19.56 72.98 6.26
N GLY B 49 -20.85 73.14 5.93
CA GLY B 49 -21.34 72.93 4.57
C GLY B 49 -21.50 71.51 4.05
N ALA B 50 -21.30 70.53 4.91
CA ALA B 50 -21.44 69.14 4.48
C ALA B 50 -22.88 68.85 4.12
N CYS B 51 -23.78 69.78 4.47
CA CYS B 51 -25.20 69.59 4.20
C CYS B 51 -25.66 70.48 3.05
N THR B 52 -24.72 71.00 2.28
CA THR B 52 -25.04 71.88 1.16
C THR B 52 -25.85 71.23 0.05
N VAL B 53 -26.93 71.89 -0.34
CA VAL B 53 -27.76 71.42 -1.45
C VAL B 53 -28.08 72.64 -2.29
N MET B 54 -28.67 72.43 -3.45
CA MET B 54 -29.05 73.58 -4.26
C MET B 54 -30.56 73.69 -4.26
N LEU B 55 -31.04 74.91 -4.15
CA LEU B 55 -32.48 75.17 -4.17
C LEU B 55 -32.80 75.94 -5.46
N SER B 56 -33.98 75.70 -6.00
CA SER B 56 -34.39 76.37 -7.22
C SER B 56 -35.87 76.69 -7.11
N LYS B 57 -36.24 77.85 -7.60
CA LYS B 57 -37.63 78.24 -7.57
C LYS B 57 -37.89 79.26 -8.63
N TYR B 58 -39.16 79.42 -8.96
CA TYR B 58 -39.59 80.40 -9.94
C TYR B 58 -39.84 81.67 -9.16
N ASP B 59 -39.05 82.70 -9.42
CA ASP B 59 -39.20 83.99 -8.76
C ASP B 59 -40.32 84.73 -9.50
N ARG B 60 -41.47 84.88 -8.84
CA ARG B 60 -42.59 85.56 -9.47
C ARG B 60 -42.33 87.05 -9.69
N LEU B 61 -41.45 87.63 -8.89
CA LEU B 61 -41.13 89.05 -9.00
C LEU B 61 -40.37 89.37 -10.30
N GLN B 62 -39.25 88.68 -10.54
CA GLN B 62 -38.46 88.93 -11.74
C GLN B 62 -38.80 87.98 -12.90
N ASN B 63 -39.80 87.13 -12.68
CA ASN B 63 -40.23 86.13 -13.68
C ASN B 63 -39.04 85.37 -14.26
N LYS B 64 -38.31 84.66 -13.40
CA LYS B 64 -37.16 83.89 -13.82
C LYS B 64 -36.93 82.77 -12.82
N ILE B 65 -36.26 81.73 -13.27
CA ILE B 65 -35.94 80.60 -12.43
C ILE B 65 -34.57 80.87 -11.81
N VAL B 66 -34.53 81.01 -10.50
CA VAL B 66 -33.31 81.30 -9.78
C VAL B 66 -32.74 80.07 -9.09
N HIS B 67 -31.42 80.01 -8.98
CA HIS B 67 -30.74 78.88 -8.34
C HIS B 67 -29.77 79.41 -7.29
N PHE B 68 -29.78 78.82 -6.11
CA PHE B 68 -28.85 79.25 -5.07
C PHE B 68 -28.55 78.08 -4.13
N SER B 69 -27.43 78.14 -3.41
CA SER B 69 -27.07 77.07 -2.51
C SER B 69 -27.59 77.36 -1.11
N ALA B 70 -27.63 76.35 -0.25
CA ALA B 70 -28.13 76.55 1.10
C ALA B 70 -27.79 75.41 2.03
N ASN B 71 -27.84 75.68 3.33
CA ASN B 71 -27.56 74.67 4.35
C ASN B 71 -28.82 73.90 4.73
N ALA B 72 -28.87 72.64 4.30
CA ALA B 72 -30.01 71.78 4.56
C ALA B 72 -30.32 71.66 6.04
N CYS B 73 -29.29 71.83 6.87
CA CYS B 73 -29.45 71.71 8.32
C CYS B 73 -30.11 72.89 8.99
N LEU B 74 -30.26 74.01 8.27
CA LEU B 74 -30.89 75.18 8.84
C LEU B 74 -32.15 75.62 8.10
N ALA B 75 -32.48 74.93 7.02
CA ALA B 75 -33.66 75.25 6.24
C ALA B 75 -34.85 74.41 6.72
N PRO B 76 -35.91 75.08 7.18
CA PRO B 76 -37.09 74.34 7.65
C PRO B 76 -37.88 73.91 6.40
N ILE B 77 -38.29 72.65 6.32
CA ILE B 77 -39.03 72.25 5.13
C ILE B 77 -40.28 73.12 4.93
N CYS B 78 -40.84 73.64 6.03
CA CYS B 78 -42.02 74.49 5.96
C CYS B 78 -41.79 75.79 5.19
N SER B 79 -40.52 76.12 4.96
CA SER B 79 -40.18 77.33 4.22
C SER B 79 -39.90 76.98 2.76
N LEU B 80 -39.92 75.69 2.44
CA LEU B 80 -39.61 75.26 1.08
C LEU B 80 -40.81 74.94 0.20
N HIS B 81 -41.97 75.51 0.51
CA HIS B 81 -43.14 75.25 -0.30
C HIS B 81 -42.92 75.77 -1.72
N HIS B 82 -43.08 74.87 -2.69
CA HIS B 82 -42.88 75.18 -4.11
C HIS B 82 -41.43 75.44 -4.50
N VAL B 83 -40.51 74.81 -3.79
CA VAL B 83 -39.11 74.95 -4.10
C VAL B 83 -38.58 73.59 -4.58
N ALA B 84 -37.63 73.63 -5.50
CA ALA B 84 -37.05 72.43 -6.04
C ALA B 84 -35.67 72.19 -5.47
N VAL B 85 -35.51 71.10 -4.71
CA VAL B 85 -34.22 70.79 -4.10
C VAL B 85 -33.42 69.83 -4.98
N THR B 86 -32.12 70.06 -5.05
CA THR B 86 -31.24 69.18 -5.82
C THR B 86 -30.11 68.73 -4.91
N THR B 87 -30.01 67.43 -4.67
CA THR B 87 -28.93 66.95 -3.82
C THR B 87 -27.82 66.43 -4.71
N VAL B 88 -26.74 65.98 -4.10
CA VAL B 88 -25.62 65.46 -4.85
C VAL B 88 -26.09 64.33 -5.76
N GLU B 89 -26.93 63.45 -5.24
CA GLU B 89 -27.42 62.34 -6.05
C GLU B 89 -28.33 62.77 -7.18
N GLY B 90 -28.65 64.07 -7.24
CA GLY B 90 -29.50 64.58 -8.30
C GLY B 90 -28.73 65.04 -9.54
N ILE B 91 -27.42 65.26 -9.40
CA ILE B 91 -26.61 65.73 -10.52
C ILE B 91 -25.78 64.65 -11.24
N GLY B 92 -25.85 63.41 -10.76
CA GLY B 92 -25.10 62.33 -11.39
C GLY B 92 -24.74 61.23 -10.40
N SER B 93 -24.18 60.13 -10.90
CA SER B 93 -23.77 59.03 -10.03
C SER B 93 -23.07 57.95 -10.82
N THR B 94 -22.40 57.03 -10.13
CA THR B 94 -21.70 55.95 -10.80
C THR B 94 -22.74 55.03 -11.45
N LYS B 95 -23.93 54.96 -10.85
CA LYS B 95 -25.00 54.13 -11.38
C LYS B 95 -25.34 54.59 -12.81
N THR B 96 -25.06 55.84 -13.12
CA THR B 96 -25.33 56.36 -14.46
C THR B 96 -24.09 57.04 -15.02
N ARG B 97 -23.96 58.34 -14.75
CA ARG B 97 -22.84 59.12 -15.22
C ARG B 97 -22.50 60.14 -14.15
N LEU B 98 -21.22 60.27 -13.83
CA LEU B 98 -20.81 61.26 -12.85
C LEU B 98 -20.82 62.61 -13.53
N HIS B 99 -21.20 63.66 -12.80
CA HIS B 99 -21.21 65.00 -13.36
C HIS B 99 -19.77 65.53 -13.35
N PRO B 100 -19.42 66.37 -14.34
CA PRO B 100 -18.06 66.90 -14.39
C PRO B 100 -17.48 67.33 -13.04
N VAL B 101 -18.31 67.90 -12.17
CA VAL B 101 -17.87 68.35 -10.85
C VAL B 101 -17.49 67.15 -9.98
N GLN B 102 -18.35 66.15 -9.93
CA GLN B 102 -18.08 64.95 -9.14
C GLN B 102 -16.85 64.27 -9.73
N GLU B 103 -16.85 64.12 -11.05
CA GLU B 103 -15.74 63.48 -11.74
C GLU B 103 -14.38 64.10 -11.44
N ARG B 104 -14.30 65.42 -11.57
CA ARG B 104 -13.04 66.11 -11.34
C ARG B 104 -12.55 66.17 -9.90
N ILE B 105 -13.45 66.36 -8.95
CA ILE B 105 -13.00 66.43 -7.56
C ILE B 105 -12.45 65.07 -7.15
N ALA B 106 -12.96 64.00 -7.77
CA ALA B 106 -12.51 62.64 -7.46
C ALA B 106 -11.17 62.30 -8.13
N LYS B 107 -11.06 62.58 -9.42
CA LYS B 107 -9.85 62.29 -10.19
C LYS B 107 -8.63 63.13 -9.80
N SER B 108 -8.87 64.34 -9.30
CA SER B 108 -7.77 65.21 -8.91
C SER B 108 -7.30 64.96 -7.47
N HIS B 109 -7.82 63.89 -6.87
CA HIS B 109 -7.46 63.49 -5.51
C HIS B 109 -7.92 64.52 -4.48
N GLY B 110 -9.05 65.14 -4.78
CA GLY B 110 -9.60 66.15 -3.90
C GLY B 110 -10.59 65.57 -2.89
N SER B 111 -10.65 64.24 -2.82
CA SER B 111 -11.52 63.58 -1.86
C SER B 111 -10.79 62.46 -1.13
N GLN B 112 -10.69 62.59 0.19
CA GLN B 112 -10.01 61.59 1.02
C GLN B 112 -11.04 60.80 1.82
N CYS B 113 -11.32 61.17 3.07
CA CYS B 113 -12.32 60.42 3.79
C CYS B 113 -13.64 60.56 3.01
N GLY B 114 -13.80 61.70 2.34
CA GLY B 114 -14.98 61.93 1.51
C GLY B 114 -16.26 62.48 2.12
N PHE B 115 -16.30 62.68 3.43
CA PHE B 115 -17.52 63.16 4.08
C PHE B 115 -17.96 64.58 3.68
N CYS B 116 -17.00 65.41 3.29
CA CYS B 116 -17.27 66.80 2.91
C CYS B 116 -17.51 66.97 1.40
N THR B 117 -17.19 65.93 0.65
CA THR B 117 -17.27 65.96 -0.80
C THR B 117 -18.64 66.31 -1.37
N PRO B 118 -19.69 65.65 -0.91
CA PRO B 118 -21.01 65.99 -1.45
C PRO B 118 -21.29 67.48 -1.32
N GLY B 119 -21.05 68.01 -0.12
CA GLY B 119 -21.30 69.43 0.12
C GLY B 119 -20.47 70.38 -0.73
N ILE B 120 -19.20 70.06 -0.90
CA ILE B 120 -18.30 70.89 -1.71
C ILE B 120 -18.72 70.78 -3.18
N VAL B 121 -19.10 69.58 -3.59
CA VAL B 121 -19.56 69.33 -4.95
C VAL B 121 -20.79 70.15 -5.26
N MET B 122 -21.72 70.21 -4.32
CA MET B 122 -22.94 70.99 -4.53
C MET B 122 -22.67 72.49 -4.57
N SER B 123 -21.63 72.95 -3.86
CA SER B 123 -21.27 74.36 -3.88
C SER B 123 -20.67 74.71 -5.24
N MET B 124 -19.85 73.82 -5.78
CA MET B 124 -19.23 74.06 -7.08
C MET B 124 -20.28 74.00 -8.18
N TYR B 125 -21.22 73.09 -7.99
CA TYR B 125 -22.29 72.90 -8.95
C TYR B 125 -23.22 74.11 -9.07
N THR B 126 -23.61 74.68 -7.92
CA THR B 126 -24.50 75.82 -7.93
C THR B 126 -23.78 77.02 -8.53
N LEU B 127 -22.47 77.09 -8.31
CA LEU B 127 -21.67 78.17 -8.88
C LEU B 127 -21.69 78.09 -10.40
N LEU B 128 -21.46 76.89 -10.95
CA LEU B 128 -21.46 76.73 -12.40
C LEU B 128 -22.82 77.02 -13.00
N ARG B 129 -23.87 76.82 -12.24
CA ARG B 129 -25.20 77.07 -12.74
C ARG B 129 -25.62 78.55 -12.83
N ASN B 130 -24.87 79.43 -12.17
CA ASN B 130 -25.18 80.86 -12.21
C ASN B 130 -24.12 81.60 -13.01
N GLN B 131 -22.90 81.09 -12.93
CA GLN B 131 -21.75 81.65 -13.62
C GLN B 131 -21.08 80.47 -14.35
N PRO B 132 -21.52 80.17 -15.57
CA PRO B 132 -21.02 79.07 -16.41
C PRO B 132 -19.50 78.99 -16.62
N GLU B 133 -18.80 80.10 -16.42
CA GLU B 133 -17.35 80.11 -16.61
C GLU B 133 -16.75 81.14 -15.64
N PRO B 134 -16.71 80.80 -14.35
CA PRO B 134 -16.21 81.62 -13.25
C PRO B 134 -14.71 81.89 -13.23
N THR B 135 -14.31 82.85 -12.40
CA THR B 135 -12.90 83.20 -12.22
C THR B 135 -12.44 82.41 -11.01
N MET B 136 -11.13 82.21 -10.87
CA MET B 136 -10.60 81.46 -9.75
C MET B 136 -11.12 82.00 -8.41
N GLU B 137 -11.09 83.32 -8.24
CA GLU B 137 -11.56 83.93 -7.00
C GLU B 137 -13.00 83.52 -6.72
N GLU B 138 -13.84 83.54 -7.74
CA GLU B 138 -15.24 83.16 -7.58
C GLU B 138 -15.39 81.70 -7.14
N ILE B 139 -14.51 80.84 -7.63
CA ILE B 139 -14.54 79.44 -7.28
C ILE B 139 -14.14 79.25 -5.81
N GLU B 140 -13.15 80.02 -5.35
CA GLU B 140 -12.73 79.92 -3.97
C GLU B 140 -13.83 80.46 -3.05
N ASN B 141 -14.47 81.55 -3.46
CA ASN B 141 -15.55 82.13 -2.65
C ASN B 141 -16.75 81.20 -2.56
N ALA B 142 -16.93 80.36 -3.55
CA ALA B 142 -18.05 79.43 -3.54
C ALA B 142 -17.91 78.46 -2.38
N PHE B 143 -16.67 78.33 -1.87
CA PHE B 143 -16.42 77.41 -0.76
C PHE B 143 -16.20 78.06 0.60
N GLN B 144 -16.39 79.38 0.69
CA GLN B 144 -16.23 80.07 1.95
C GLN B 144 -16.96 79.33 3.08
N GLY B 145 -18.07 78.68 2.73
CA GLY B 145 -18.86 77.96 3.72
C GLY B 145 -18.70 76.45 3.72
N ASN B 146 -17.57 75.96 3.20
CA ASN B 146 -17.31 74.53 3.19
C ASN B 146 -15.98 74.21 3.86
N LEU B 147 -15.97 73.18 4.69
CA LEU B 147 -14.77 72.79 5.39
C LEU B 147 -14.32 71.39 5.02
N CYS B 148 -13.01 71.19 5.04
CA CYS B 148 -12.41 69.90 4.76
C CYS B 148 -11.23 69.75 5.71
N ARG B 149 -11.23 68.66 6.46
CA ARG B 149 -10.17 68.42 7.43
C ARG B 149 -9.09 67.46 6.90
N CYS B 150 -9.33 66.86 5.72
CA CYS B 150 -8.37 65.88 5.17
C CYS B 150 -7.38 66.29 4.08
N THR B 151 -7.89 66.92 3.03
CA THR B 151 -7.09 67.29 1.85
C THR B 151 -6.10 68.42 1.86
N GLY B 152 -6.35 69.44 2.68
CA GLY B 152 -5.45 70.59 2.67
C GLY B 152 -5.97 71.56 1.62
N TYR B 153 -7.15 71.25 1.08
CA TYR B 153 -7.83 72.09 0.10
C TYR B 153 -7.20 72.29 -1.28
N ARG B 154 -5.88 72.16 -1.37
CA ARG B 154 -5.21 72.39 -2.64
C ARG B 154 -5.66 71.52 -3.82
N PRO B 155 -5.76 70.20 -3.64
CA PRO B 155 -6.21 69.40 -4.79
C PRO B 155 -7.63 69.72 -5.27
N ILE B 156 -8.48 70.24 -4.37
CA ILE B 156 -9.84 70.57 -4.75
C ILE B 156 -9.84 71.81 -5.63
N LEU B 157 -9.07 72.81 -5.23
CA LEU B 157 -8.99 74.05 -5.99
C LEU B 157 -8.28 73.84 -7.31
N GLN B 158 -7.29 72.96 -7.29
CA GLN B 158 -6.51 72.67 -8.49
C GLN B 158 -7.39 72.02 -9.54
N GLY B 159 -8.13 71.00 -9.15
CA GLY B 159 -9.01 70.31 -10.07
C GLY B 159 -10.12 71.16 -10.64
N PHE B 160 -10.65 72.09 -9.84
CA PHE B 160 -11.72 72.95 -10.31
C PHE B 160 -11.15 74.14 -11.08
N ARG B 161 -9.83 74.30 -11.02
CA ARG B 161 -9.19 75.41 -11.74
C ARG B 161 -9.58 75.25 -13.22
N THR B 162 -9.79 74.00 -13.63
CA THR B 162 -10.18 73.70 -15.01
C THR B 162 -11.49 74.37 -15.42
N PHE B 163 -12.39 74.62 -14.46
CA PHE B 163 -13.66 75.28 -14.77
C PHE B 163 -13.48 76.79 -14.89
N ALA B 164 -12.40 77.30 -14.29
CA ALA B 164 -12.13 78.73 -14.28
C ALA B 164 -11.80 79.34 -15.64
N ARG B 165 -12.22 80.59 -15.84
CA ARG B 165 -11.96 81.28 -17.09
C ARG B 165 -10.56 81.89 -17.09
N ASP B 166 -10.01 82.12 -15.89
CA ASP B 166 -8.66 82.66 -15.76
C ASP B 166 -7.64 81.60 -15.27
N GLY B 167 -6.46 82.04 -14.87
CA GLY B 167 -5.45 81.10 -14.42
C GLY B 167 -5.13 80.00 -15.43
N SER B 192 9.79 64.64 -13.76
CA SER B 192 8.70 64.36 -12.80
C SER B 192 7.32 64.26 -13.46
N PRO B 193 6.52 63.26 -13.06
CA PRO B 193 5.17 63.04 -13.59
C PRO B 193 4.11 63.92 -12.94
N SER B 194 2.86 63.77 -13.40
CA SER B 194 1.73 64.55 -12.89
C SER B 194 0.81 63.70 -12.05
N LEU B 195 0.15 64.32 -11.06
CA LEU B 195 -0.77 63.61 -10.18
C LEU B 195 -2.11 63.24 -10.85
N PHE B 196 -2.50 63.98 -11.88
CA PHE B 196 -3.72 63.69 -12.62
C PHE B 196 -3.70 64.34 -14.01
N LYS B 197 -4.54 63.85 -14.92
CA LYS B 197 -4.60 64.36 -16.29
C LYS B 197 -5.89 65.11 -16.58
N PRO B 198 -5.87 66.44 -16.43
CA PRO B 198 -7.03 67.32 -16.66
C PRO B 198 -7.57 67.29 -18.09
N GLU B 199 -6.68 67.01 -19.05
CA GLU B 199 -7.06 66.98 -20.45
C GLU B 199 -8.10 65.89 -20.72
N GLU B 200 -8.08 64.82 -19.92
CA GLU B 200 -9.06 63.77 -20.13
C GLU B 200 -10.35 63.89 -19.31
N PHE B 201 -10.59 65.07 -18.73
CA PHE B 201 -11.83 65.30 -17.99
C PHE B 201 -12.89 65.44 -19.07
N THR B 202 -14.09 64.94 -18.82
CA THR B 202 -15.16 65.04 -19.78
C THR B 202 -15.67 66.48 -19.84
N PRO B 203 -15.84 67.02 -21.05
CA PRO B 203 -16.32 68.40 -21.17
C PRO B 203 -17.65 68.56 -20.44
N LEU B 204 -17.96 69.79 -20.07
CA LEU B 204 -19.22 70.08 -19.37
C LEU B 204 -20.23 70.69 -20.32
N ASP B 205 -21.36 70.02 -20.53
CA ASP B 205 -22.41 70.56 -21.39
C ASP B 205 -23.58 70.94 -20.51
N PRO B 206 -23.58 72.19 -20.01
CA PRO B 206 -24.63 72.72 -19.13
C PRO B 206 -26.08 72.44 -19.52
N THR B 207 -26.34 72.13 -20.79
CA THR B 207 -27.70 71.86 -21.24
C THR B 207 -28.21 70.47 -20.80
N GLN B 208 -27.29 69.60 -20.38
CA GLN B 208 -27.67 68.27 -19.93
C GLN B 208 -27.97 68.23 -18.43
N GLU B 209 -28.22 69.41 -17.87
CA GLU B 209 -28.52 69.56 -16.45
C GLU B 209 -30.01 69.32 -16.23
N PRO B 210 -30.41 68.83 -15.05
CA PRO B 210 -31.83 68.56 -14.75
C PRO B 210 -32.80 69.70 -15.03
N ILE B 211 -33.92 69.35 -15.67
CA ILE B 211 -34.96 70.31 -16.02
C ILE B 211 -35.60 70.89 -14.78
N PHE B 212 -35.88 72.18 -14.79
CA PHE B 212 -36.56 72.76 -13.63
C PHE B 212 -37.94 72.10 -13.68
N PRO B 213 -38.42 71.55 -12.54
CA PRO B 213 -39.72 70.89 -12.45
C PRO B 213 -40.85 71.60 -13.21
N PRO B 214 -41.25 71.04 -14.36
CA PRO B 214 -42.32 71.61 -15.19
C PRO B 214 -43.60 71.85 -14.37
N GLU B 215 -43.88 70.94 -13.46
CA GLU B 215 -45.07 71.05 -12.63
C GLU B 215 -45.05 72.29 -11.72
N LEU B 216 -43.87 72.69 -11.24
CA LEU B 216 -43.77 73.86 -10.38
C LEU B 216 -44.02 75.08 -11.21
N LEU B 217 -43.60 75.03 -12.47
CA LEU B 217 -43.78 76.15 -13.37
C LEU B 217 -45.28 76.27 -13.66
N ARG B 218 -45.96 75.13 -13.60
CA ARG B 218 -47.40 75.09 -13.81
C ARG B 218 -48.07 75.76 -12.62
N LEU B 219 -47.64 75.39 -11.42
CA LEU B 219 -48.20 75.94 -10.21
C LEU B 219 -47.86 77.42 -10.02
N LYS B 220 -47.14 78.00 -10.97
CA LYS B 220 -46.79 79.42 -10.89
C LYS B 220 -47.99 80.25 -11.29
N ASP B 221 -49.01 79.60 -11.86
CA ASP B 221 -50.21 80.31 -12.29
C ASP B 221 -51.34 80.24 -11.27
N THR B 222 -51.17 79.39 -10.27
CA THR B 222 -52.15 79.28 -9.21
C THR B 222 -51.70 80.29 -8.17
N PRO B 223 -52.57 81.27 -7.84
CA PRO B 223 -52.24 82.31 -6.86
C PRO B 223 -51.75 81.80 -5.50
N ARG B 224 -50.82 82.54 -4.89
CA ARG B 224 -50.28 82.18 -3.58
C ARG B 224 -51.23 82.60 -2.47
N LYS B 225 -51.54 81.67 -1.58
CA LYS B 225 -52.41 81.98 -0.46
C LYS B 225 -51.66 81.64 0.82
N GLN B 226 -52.03 82.31 1.90
CA GLN B 226 -51.39 82.08 3.18
C GLN B 226 -51.52 80.61 3.57
N LEU B 227 -50.44 80.01 4.08
CA LEU B 227 -50.46 78.61 4.50
C LEU B 227 -50.24 78.49 6.00
N ARG B 228 -50.69 77.38 6.57
CA ARG B 228 -50.51 77.13 8.00
C ARG B 228 -50.03 75.68 8.19
N PHE B 229 -48.96 75.51 8.94
CA PHE B 229 -48.43 74.17 9.23
C PHE B 229 -48.41 73.99 10.74
N GLU B 230 -48.80 72.82 11.23
CA GLU B 230 -48.81 72.59 12.67
C GLU B 230 -48.01 71.36 13.06
N GLY B 231 -47.01 71.58 13.92
CA GLY B 231 -46.16 70.49 14.36
C GLY B 231 -46.51 70.04 15.77
N GLU B 232 -45.55 69.42 16.44
CA GLU B 232 -45.79 68.95 17.80
C GLU B 232 -45.81 70.09 18.80
N ARG B 233 -45.02 71.12 18.55
CA ARG B 233 -44.94 72.25 19.47
C ARG B 233 -44.94 73.62 18.79
N VAL B 234 -44.63 73.66 17.50
CA VAL B 234 -44.57 74.93 16.79
C VAL B 234 -45.59 75.08 15.66
N THR B 235 -46.14 76.29 15.52
CA THR B 235 -47.09 76.59 14.45
C THR B 235 -46.41 77.55 13.47
N TRP B 236 -46.48 77.23 12.19
CA TRP B 236 -45.84 78.06 11.18
C TRP B 236 -46.86 78.64 10.20
N ILE B 237 -46.84 79.96 10.05
CA ILE B 237 -47.74 80.62 9.11
C ILE B 237 -46.94 81.32 8.03
N GLN B 238 -47.14 80.89 6.79
CA GLN B 238 -46.46 81.46 5.63
C GLN B 238 -47.37 82.59 5.12
N ALA B 239 -47.03 83.83 5.43
CA ALA B 239 -47.81 84.97 5.00
C ALA B 239 -47.62 85.20 3.50
N SER B 240 -48.69 85.58 2.81
CA SER B 240 -48.63 85.81 1.38
C SER B 240 -48.63 87.29 1.06
N THR B 241 -49.23 88.08 1.94
CA THR B 241 -49.30 89.52 1.72
C THR B 241 -48.75 90.29 2.90
N LEU B 242 -48.45 91.57 2.66
CA LEU B 242 -47.94 92.44 3.70
C LEU B 242 -49.04 92.64 4.74
N LYS B 243 -50.28 92.72 4.27
CA LYS B 243 -51.44 92.91 5.12
C LYS B 243 -51.62 91.78 6.12
N GLU B 244 -51.52 90.54 5.64
CA GLU B 244 -51.67 89.38 6.51
C GLU B 244 -50.60 89.44 7.60
N LEU B 245 -49.39 89.84 7.21
CA LEU B 245 -48.26 89.94 8.14
C LEU B 245 -48.54 90.94 9.25
N LEU B 246 -48.85 92.17 8.88
CA LEU B 246 -49.14 93.20 9.86
C LEU B 246 -50.30 92.78 10.76
N ASP B 247 -51.25 92.03 10.21
CA ASP B 247 -52.39 91.56 10.98
C ASP B 247 -51.97 90.53 12.03
N LEU B 248 -51.17 89.55 11.62
CA LEU B 248 -50.70 88.53 12.55
C LEU B 248 -49.86 89.16 13.66
N LYS B 249 -48.96 90.06 13.28
CA LYS B 249 -48.10 90.70 14.27
C LYS B 249 -48.89 91.57 15.24
N ALA B 250 -50.05 92.05 14.83
CA ALA B 250 -50.86 92.87 15.72
C ALA B 250 -51.58 91.97 16.71
N GLN B 251 -52.01 90.80 16.25
CA GLN B 251 -52.70 89.81 17.09
C GLN B 251 -51.72 88.92 17.84
N HIS B 252 -50.51 88.75 17.30
CA HIS B 252 -49.48 87.92 17.92
C HIS B 252 -48.14 88.64 17.96
N PRO B 253 -48.02 89.65 18.83
CA PRO B 253 -46.79 90.44 18.98
C PRO B 253 -45.58 89.55 19.28
N ASP B 254 -45.86 88.36 19.81
CA ASP B 254 -44.83 87.39 20.18
C ASP B 254 -44.33 86.50 19.03
N ALA B 255 -45.19 86.27 18.05
CA ALA B 255 -44.85 85.44 16.89
C ALA B 255 -43.50 85.85 16.30
N LYS B 256 -42.63 84.87 16.09
CA LYS B 256 -41.31 85.13 15.55
C LYS B 256 -41.31 85.14 14.02
N LEU B 257 -40.80 86.22 13.43
CA LEU B 257 -40.74 86.27 11.99
C LEU B 257 -39.51 85.44 11.64
N VAL B 258 -39.60 84.62 10.62
CA VAL B 258 -38.46 83.82 10.22
C VAL B 258 -38.33 83.89 8.71
N VAL B 259 -37.14 84.22 8.25
CA VAL B 259 -36.84 84.29 6.83
C VAL B 259 -35.82 83.21 6.57
N GLY B 260 -34.54 83.52 6.74
CA GLY B 260 -33.48 82.54 6.52
C GLY B 260 -33.32 81.49 7.60
N ASN B 261 -33.82 81.81 8.80
CA ASN B 261 -33.74 80.92 9.95
C ASN B 261 -32.31 80.68 10.42
N THR B 262 -31.35 81.41 9.87
CA THR B 262 -29.95 81.21 10.25
C THR B 262 -29.64 81.82 11.61
N GLU B 263 -30.64 82.43 12.24
CA GLU B 263 -30.47 82.98 13.58
C GLU B 263 -31.43 82.25 14.53
N ILE B 264 -32.70 82.17 14.15
CA ILE B 264 -33.69 81.49 14.97
C ILE B 264 -33.42 79.99 15.06
N GLY B 265 -32.91 79.41 13.98
CA GLY B 265 -32.62 77.98 14.01
C GLY B 265 -31.50 77.68 14.99
N ILE B 266 -30.61 78.65 15.18
CA ILE B 266 -29.51 78.49 16.12
C ILE B 266 -30.03 78.62 17.54
N GLU B 267 -31.04 79.48 17.72
CA GLU B 267 -31.61 79.68 19.04
C GLU B 267 -32.39 78.46 19.50
N MET B 268 -33.18 77.87 18.62
CA MET B 268 -33.96 76.70 18.97
C MET B 268 -33.07 75.46 19.15
N LYS B 269 -32.08 75.33 18.29
CA LYS B 269 -31.18 74.19 18.33
C LYS B 269 -30.06 74.27 19.39
N PHE B 270 -29.64 75.47 19.75
CA PHE B 270 -28.56 75.60 20.72
C PHE B 270 -28.88 76.39 22.00
N LYS B 271 -29.85 77.29 21.94
CA LYS B 271 -30.21 78.05 23.13
C LYS B 271 -31.40 77.37 23.78
N ASN B 272 -31.79 76.23 23.22
CA ASN B 272 -32.92 75.48 23.74
C ASN B 272 -34.12 76.40 23.94
N MET B 273 -34.47 77.12 22.88
CA MET B 273 -35.59 78.05 22.87
C MET B 273 -36.75 77.41 22.12
N LEU B 274 -37.96 77.92 22.37
CA LEU B 274 -39.14 77.41 21.72
C LEU B 274 -40.13 78.53 21.36
N PHE B 275 -40.25 78.82 20.08
CA PHE B 275 -41.18 79.83 19.61
C PHE B 275 -42.36 79.07 19.05
N PRO B 276 -43.46 78.99 19.81
CA PRO B 276 -44.69 78.28 19.44
C PRO B 276 -45.40 78.82 18.20
N MET B 277 -45.12 80.08 17.88
CA MET B 277 -45.73 80.73 16.73
C MET B 277 -44.67 81.39 15.85
N ILE B 278 -44.60 80.94 14.60
CA ILE B 278 -43.66 81.50 13.64
C ILE B 278 -44.41 81.91 12.38
N VAL B 279 -44.02 83.04 11.80
CA VAL B 279 -44.62 83.53 10.58
C VAL B 279 -43.51 83.89 9.60
N CYS B 280 -43.50 83.24 8.44
CA CYS B 280 -42.48 83.52 7.44
C CYS B 280 -43.02 84.54 6.45
N PRO B 281 -42.39 85.72 6.39
CA PRO B 281 -42.77 86.82 5.51
C PRO B 281 -41.99 86.89 4.19
N ALA B 282 -41.33 85.79 3.85
CA ALA B 282 -40.51 85.70 2.64
C ALA B 282 -41.22 85.96 1.31
N TRP B 283 -42.47 85.52 1.21
CA TRP B 283 -43.20 85.68 -0.03
C TRP B 283 -43.66 87.11 -0.27
N ILE B 284 -43.95 87.83 0.80
CA ILE B 284 -44.43 89.21 0.72
C ILE B 284 -43.54 90.07 -0.19
N PRO B 285 -44.05 90.44 -1.38
CA PRO B 285 -43.27 91.25 -2.31
C PRO B 285 -42.74 92.59 -1.80
N GLU B 286 -43.50 93.26 -0.92
CA GLU B 286 -43.06 94.53 -0.37
C GLU B 286 -41.69 94.38 0.32
N LEU B 287 -41.46 93.22 0.91
CA LEU B 287 -40.21 92.96 1.62
C LEU B 287 -39.09 92.38 0.75
N ASN B 288 -39.31 92.34 -0.56
CA ASN B 288 -38.31 91.82 -1.49
C ASN B 288 -37.98 92.85 -2.57
N SER B 289 -38.51 94.04 -2.37
CA SER B 289 -38.31 95.13 -3.31
C SER B 289 -36.94 95.80 -3.21
N VAL B 290 -36.44 96.22 -4.36
CA VAL B 290 -35.16 96.92 -4.48
C VAL B 290 -35.47 98.18 -5.30
N GLU B 291 -35.39 99.34 -4.66
CA GLU B 291 -35.68 100.60 -5.32
C GLU B 291 -34.49 101.56 -5.31
N HIS B 292 -34.19 102.12 -6.46
CA HIS B 292 -33.09 103.06 -6.57
C HIS B 292 -33.63 104.48 -6.43
N GLY B 293 -33.40 105.09 -5.28
CA GLY B 293 -33.89 106.44 -5.04
C GLY B 293 -32.80 107.50 -5.18
N PRO B 294 -33.15 108.77 -5.01
CA PRO B 294 -32.17 109.86 -5.12
C PRO B 294 -31.18 109.90 -3.96
N ASP B 295 -31.53 109.30 -2.83
CA ASP B 295 -30.65 109.32 -1.68
C ASP B 295 -29.90 108.02 -1.42
N GLY B 296 -30.24 106.99 -2.20
CA GLY B 296 -29.60 105.71 -2.02
C GLY B 296 -30.43 104.58 -2.58
N ILE B 297 -30.09 103.35 -2.21
CA ILE B 297 -30.82 102.18 -2.69
C ILE B 297 -31.50 101.47 -1.52
N SER B 298 -32.83 101.37 -1.57
CA SER B 298 -33.61 100.72 -0.52
C SER B 298 -33.79 99.22 -0.78
N PHE B 299 -33.75 98.42 0.27
CA PHE B 299 -33.89 96.97 0.17
C PHE B 299 -34.97 96.45 1.12
N GLY B 300 -35.92 95.67 0.58
CA GLY B 300 -36.95 95.10 1.44
C GLY B 300 -36.29 94.23 2.50
N ALA B 301 -36.93 94.10 3.66
CA ALA B 301 -36.36 93.32 4.76
C ALA B 301 -36.04 91.84 4.48
N ALA B 302 -36.90 91.16 3.73
CA ALA B 302 -36.67 89.75 3.45
C ALA B 302 -35.57 89.55 2.42
N CYS B 303 -35.05 90.66 1.87
CA CYS B 303 -34.00 90.55 0.87
C CYS B 303 -32.77 89.82 1.42
N PRO B 304 -32.44 88.68 0.82
CA PRO B 304 -31.28 87.90 1.25
C PRO B 304 -29.99 88.68 0.99
N LEU B 305 -29.00 88.49 1.85
CA LEU B 305 -27.72 89.18 1.72
C LEU B 305 -27.06 89.07 0.34
N SER B 306 -27.32 87.97 -0.35
CA SER B 306 -26.73 87.78 -1.68
C SER B 306 -27.27 88.77 -2.72
N ILE B 307 -28.54 89.16 -2.62
CA ILE B 307 -29.04 90.10 -3.62
C ILE B 307 -28.57 91.50 -3.25
N VAL B 308 -28.40 91.77 -1.96
CA VAL B 308 -27.91 93.08 -1.54
C VAL B 308 -26.50 93.22 -2.12
N GLU B 309 -25.72 92.15 -1.98
CA GLU B 309 -24.35 92.11 -2.48
C GLU B 309 -24.37 92.27 -4.00
N LYS B 310 -25.25 91.51 -4.65
CA LYS B 310 -25.38 91.56 -6.10
C LYS B 310 -25.72 92.98 -6.54
N THR B 311 -26.81 93.52 -6.01
CA THR B 311 -27.26 94.87 -6.34
C THR B 311 -26.18 95.93 -6.10
N LEU B 312 -25.39 95.75 -5.05
CA LEU B 312 -24.34 96.71 -4.72
C LEU B 312 -23.11 96.67 -5.62
N VAL B 313 -22.70 95.48 -6.08
CA VAL B 313 -21.53 95.44 -6.94
C VAL B 313 -21.90 96.05 -8.29
N ASP B 314 -23.14 95.87 -8.72
CA ASP B 314 -23.56 96.44 -9.98
C ASP B 314 -23.51 97.97 -9.84
N ALA B 315 -24.09 98.48 -8.76
CA ALA B 315 -24.12 99.92 -8.52
C ALA B 315 -22.73 100.54 -8.37
N VAL B 316 -21.80 99.80 -7.78
CA VAL B 316 -20.46 100.31 -7.59
C VAL B 316 -19.65 100.32 -8.88
N ALA B 317 -20.07 99.53 -9.86
CA ALA B 317 -19.37 99.48 -11.13
C ALA B 317 -19.86 100.55 -12.09
N LYS B 318 -21.13 100.94 -11.93
CA LYS B 318 -21.74 101.96 -12.78
C LYS B 318 -21.61 103.38 -12.24
N LEU B 319 -21.71 103.54 -10.92
CA LEU B 319 -21.65 104.86 -10.29
C LEU B 319 -20.25 105.35 -9.95
N PRO B 320 -20.09 106.69 -9.84
CA PRO B 320 -18.85 107.38 -9.51
C PRO B 320 -18.43 107.02 -8.08
N ALA B 321 -17.17 106.66 -7.90
CA ALA B 321 -16.68 106.28 -6.59
C ALA B 321 -17.10 107.21 -5.46
N GLN B 322 -17.20 108.51 -5.73
CA GLN B 322 -17.59 109.45 -4.69
C GLN B 322 -19.00 109.29 -4.16
N LYS B 323 -19.77 108.38 -4.74
CA LYS B 323 -21.12 108.15 -4.26
C LYS B 323 -21.28 106.75 -3.69
N THR B 324 -20.24 105.94 -3.79
CA THR B 324 -20.29 104.55 -3.32
C THR B 324 -19.44 104.18 -2.09
N GLU B 325 -19.01 105.18 -1.33
CA GLU B 325 -18.20 104.91 -0.14
C GLU B 325 -18.85 103.93 0.84
N VAL B 326 -20.14 104.12 1.10
CA VAL B 326 -20.85 103.24 2.02
C VAL B 326 -21.13 101.91 1.34
N PHE B 327 -21.47 101.97 0.06
CA PHE B 327 -21.76 100.75 -0.69
C PHE B 327 -20.56 99.83 -0.63
N ARG B 328 -19.38 100.40 -0.91
CA ARG B 328 -18.13 99.68 -0.87
C ARG B 328 -17.94 99.10 0.55
N GLY B 329 -18.26 99.90 1.57
CA GLY B 329 -18.13 99.42 2.93
C GLY B 329 -18.98 98.20 3.22
N VAL B 330 -20.26 98.25 2.85
CA VAL B 330 -21.15 97.13 3.07
C VAL B 330 -20.60 95.90 2.35
N LEU B 331 -20.09 96.12 1.13
CA LEU B 331 -19.53 95.04 0.33
C LEU B 331 -18.30 94.42 1.00
N GLU B 332 -17.51 95.23 1.70
CA GLU B 332 -16.34 94.70 2.37
C GLU B 332 -16.77 93.74 3.47
N GLN B 333 -17.80 94.11 4.23
CA GLN B 333 -18.31 93.25 5.30
C GLN B 333 -18.93 91.97 4.75
N LEU B 334 -19.79 92.10 3.74
CA LEU B 334 -20.45 90.93 3.16
C LEU B 334 -19.43 89.92 2.70
N ARG B 335 -18.32 90.45 2.19
CA ARG B 335 -17.22 89.65 1.70
C ARG B 335 -16.77 88.58 2.71
N TRP B 336 -16.80 88.94 3.99
CA TRP B 336 -16.38 88.03 5.04
C TRP B 336 -17.55 87.61 5.93
N PHE B 337 -18.76 87.67 5.37
CA PHE B 337 -19.99 87.32 6.09
C PHE B 337 -20.40 85.87 5.82
N ALA B 338 -20.24 85.01 6.81
CA ALA B 338 -20.59 83.60 6.67
C ALA B 338 -20.04 83.07 5.36
N GLY B 339 -20.87 82.37 4.61
CA GLY B 339 -20.47 81.82 3.32
C GLY B 339 -21.61 82.01 2.33
N LYS B 340 -21.51 81.38 1.17
CA LYS B 340 -22.56 81.51 0.15
C LYS B 340 -23.89 80.91 0.59
N GLN B 341 -23.85 79.74 1.23
CA GLN B 341 -25.08 79.07 1.66
C GLN B 341 -25.90 79.90 2.64
N VAL B 342 -25.23 80.52 3.62
CA VAL B 342 -25.95 81.33 4.59
C VAL B 342 -26.42 82.64 3.94
N LYS B 343 -25.54 83.26 3.14
CA LYS B 343 -25.90 84.51 2.48
C LYS B 343 -27.04 84.41 1.47
N SER B 344 -27.27 83.23 0.91
CA SER B 344 -28.33 83.05 -0.07
C SER B 344 -29.71 83.00 0.58
N VAL B 345 -29.74 82.77 1.89
CA VAL B 345 -31.02 82.68 2.60
C VAL B 345 -31.21 83.73 3.68
N ALA B 346 -30.14 84.20 4.29
CA ALA B 346 -30.27 85.21 5.34
C ALA B 346 -30.73 86.54 4.79
N SER B 347 -31.73 87.12 5.44
CA SER B 347 -32.30 88.40 5.02
C SER B 347 -31.54 89.56 5.63
N VAL B 348 -31.47 90.67 4.91
CA VAL B 348 -30.78 91.85 5.44
C VAL B 348 -31.55 92.33 6.66
N GLY B 349 -32.87 92.13 6.64
CA GLY B 349 -33.70 92.53 7.75
C GLY B 349 -33.38 91.67 8.98
N GLY B 350 -33.24 90.37 8.76
CA GLY B 350 -32.94 89.46 9.84
C GLY B 350 -31.70 89.84 10.63
N ASN B 351 -30.63 90.28 9.94
CA ASN B 351 -29.41 90.65 10.64
C ASN B 351 -29.62 91.91 11.49
N ILE B 352 -30.40 92.85 10.97
CA ILE B 352 -30.66 94.08 11.71
C ILE B 352 -31.46 93.83 13.00
N ILE B 353 -32.61 93.19 12.88
CA ILE B 353 -33.45 92.92 14.04
C ILE B 353 -32.89 91.92 15.04
N THR B 354 -31.98 91.04 14.61
CA THR B 354 -31.38 90.11 15.56
C THR B 354 -30.68 90.98 16.60
N ALA B 355 -30.09 92.06 16.11
CA ALA B 355 -29.40 93.01 16.97
C ALA B 355 -28.27 92.36 17.74
N SER B 356 -27.54 91.45 17.11
CA SER B 356 -26.42 90.79 17.77
C SER B 356 -25.29 91.79 18.04
N PRO B 357 -24.59 91.63 19.17
CA PRO B 357 -23.50 92.55 19.49
C PRO B 357 -22.40 92.45 18.44
N ILE B 358 -22.26 91.27 17.83
CA ILE B 358 -21.22 91.04 16.83
C ILE B 358 -21.69 91.13 15.37
N SER B 359 -22.81 91.81 15.17
CA SER B 359 -23.35 92.01 13.82
C SER B 359 -22.28 92.76 13.02
N ASP B 360 -22.11 92.40 11.75
CA ASP B 360 -21.10 93.06 10.93
C ASP B 360 -21.69 94.18 10.08
N LEU B 361 -23.01 94.16 9.93
CA LEU B 361 -23.69 95.15 9.12
C LEU B 361 -24.30 96.30 9.90
N ASN B 362 -24.74 96.04 11.13
CA ASN B 362 -25.33 97.11 11.94
C ASN B 362 -24.33 98.23 12.26
N PRO B 363 -23.04 97.89 12.44
CA PRO B 363 -22.08 98.94 12.74
C PRO B 363 -21.94 99.85 11.52
N VAL B 364 -22.10 99.25 10.34
CA VAL B 364 -22.00 99.98 9.09
C VAL B 364 -23.28 100.79 8.84
N PHE B 365 -24.43 100.16 9.04
CA PHE B 365 -25.70 100.86 8.85
C PHE B 365 -25.81 102.03 9.84
N MET B 366 -25.27 101.85 11.05
CA MET B 366 -25.34 102.91 12.06
C MET B 366 -24.38 104.06 11.71
N ALA B 367 -23.13 103.72 11.38
CA ALA B 367 -22.14 104.72 11.04
C ALA B 367 -22.58 105.53 9.83
N SER B 368 -23.34 104.90 8.95
CA SER B 368 -23.81 105.59 7.75
C SER B 368 -25.22 106.16 7.96
N GLY B 369 -25.82 105.89 9.11
CA GLY B 369 -27.16 106.40 9.36
C GLY B 369 -28.15 106.01 8.27
N ALA B 370 -28.32 104.70 8.07
CA ALA B 370 -29.24 104.17 7.07
C ALA B 370 -30.69 104.39 7.49
N LYS B 371 -31.56 104.67 6.52
CA LYS B 371 -32.96 104.93 6.80
C LYS B 371 -33.82 103.68 6.87
N LEU B 372 -34.27 103.36 8.07
CA LEU B 372 -35.11 102.20 8.30
C LEU B 372 -36.58 102.60 8.28
N THR B 373 -37.39 101.86 7.54
CA THR B 373 -38.82 102.12 7.46
C THR B 373 -39.51 101.09 8.33
N LEU B 374 -40.30 101.55 9.28
CA LEU B 374 -41.01 100.68 10.20
C LEU B 374 -42.50 100.78 9.97
N VAL B 375 -43.19 99.65 10.05
CA VAL B 375 -44.63 99.62 9.87
C VAL B 375 -45.28 98.55 10.72
N SER B 376 -46.57 98.75 10.98
CA SER B 376 -47.41 97.84 11.75
C SER B 376 -48.78 98.19 11.21
N ARG B 377 -49.80 97.41 11.55
CA ARG B 377 -51.13 97.73 11.05
C ARG B 377 -51.51 99.14 11.50
N GLY B 378 -51.69 100.03 10.53
CA GLY B 378 -52.05 101.39 10.86
C GLY B 378 -50.96 102.43 11.06
N THR B 379 -49.71 102.01 11.19
CA THR B 379 -48.63 102.98 11.37
C THR B 379 -47.56 102.79 10.32
N ARG B 380 -46.69 103.80 10.22
CA ARG B 380 -45.58 103.78 9.29
C ARG B 380 -44.66 104.95 9.64
N ARG B 381 -43.39 104.65 9.81
CA ARG B 381 -42.43 105.68 10.15
C ARG B 381 -41.05 105.32 9.63
N THR B 382 -40.22 106.34 9.50
CA THR B 382 -38.86 106.14 9.05
C THR B 382 -37.95 106.69 10.13
N VAL B 383 -36.89 105.96 10.42
CA VAL B 383 -35.93 106.41 11.41
C VAL B 383 -34.55 106.19 10.83
N GLN B 384 -33.62 107.03 11.25
CA GLN B 384 -32.26 106.92 10.80
C GLN B 384 -31.58 106.12 11.91
N MET B 385 -30.91 105.04 11.55
CA MET B 385 -30.25 104.24 12.56
C MET B 385 -29.14 105.05 13.23
N ASP B 386 -29.12 105.03 14.56
CA ASP B 386 -28.09 105.74 15.32
C ASP B 386 -27.87 104.92 16.58
N HIS B 387 -27.18 105.48 17.57
CA HIS B 387 -26.92 104.69 18.77
C HIS B 387 -28.18 104.29 19.53
N THR B 388 -29.20 105.13 19.47
CA THR B 388 -30.45 104.85 20.19
C THR B 388 -31.24 103.67 19.63
N PHE B 389 -30.94 103.26 18.40
CA PHE B 389 -31.69 102.16 17.79
C PHE B 389 -31.56 100.87 18.58
N PHE B 390 -30.43 100.70 19.25
CA PHE B 390 -30.17 99.51 20.06
C PHE B 390 -30.09 99.89 21.54
N PRO B 391 -31.26 99.90 22.22
CA PRO B 391 -31.46 100.24 23.63
C PRO B 391 -30.69 99.35 24.59
N GLY B 392 -30.70 98.05 24.30
CA GLY B 392 -30.00 97.12 25.17
C GLY B 392 -29.79 95.81 24.45
N TYR B 393 -29.36 94.79 25.19
CA TYR B 393 -29.09 93.49 24.61
C TYR B 393 -30.23 92.94 23.75
N ARG B 394 -29.93 92.71 22.47
CA ARG B 394 -30.88 92.14 21.52
C ARG B 394 -32.20 92.90 21.35
N LYS B 395 -32.20 94.19 21.66
CA LYS B 395 -33.42 94.99 21.52
C LYS B 395 -33.24 96.10 20.48
N THR B 396 -34.37 96.55 19.95
CA THR B 396 -34.38 97.62 18.95
C THR B 396 -35.52 98.59 19.31
N LEU B 397 -35.59 99.71 18.61
CA LEU B 397 -36.62 100.72 18.83
C LEU B 397 -38.00 100.29 18.32
N LEU B 398 -38.07 99.14 17.68
CA LEU B 398 -39.34 98.66 17.15
C LEU B 398 -40.38 98.43 18.22
N SER B 399 -41.64 98.75 17.90
CA SER B 399 -42.71 98.52 18.84
C SER B 399 -43.03 97.03 18.67
N PRO B 400 -43.58 96.39 19.70
CA PRO B 400 -43.90 94.97 19.63
C PRO B 400 -44.80 94.57 18.46
N GLU B 401 -45.40 95.55 17.80
CA GLU B 401 -46.27 95.26 16.67
C GLU B 401 -45.57 95.48 15.34
N GLU B 402 -44.64 96.44 15.31
CA GLU B 402 -43.92 96.78 14.07
C GLU B 402 -43.04 95.68 13.48
N ILE B 403 -42.75 95.84 12.20
CA ILE B 403 -41.86 94.93 11.48
C ILE B 403 -41.05 95.84 10.57
N LEU B 404 -39.77 95.50 10.40
CA LEU B 404 -38.89 96.28 9.54
C LEU B 404 -39.36 96.01 8.12
N LEU B 405 -39.62 97.09 7.37
CA LEU B 405 -40.09 96.93 5.99
C LEU B 405 -38.94 97.03 5.00
N SER B 406 -38.07 98.01 5.21
CA SER B 406 -36.97 98.21 4.32
C SER B 406 -35.90 99.08 4.95
N ILE B 407 -34.72 99.07 4.34
CA ILE B 407 -33.60 99.86 4.81
C ILE B 407 -33.03 100.52 3.58
N GLU B 408 -32.64 101.78 3.70
CA GLU B 408 -32.05 102.45 2.55
C GLU B 408 -30.57 102.70 2.83
N ILE B 409 -29.70 102.00 2.11
CA ILE B 409 -28.27 102.21 2.26
C ILE B 409 -28.02 103.47 1.43
N PRO B 410 -27.50 104.52 2.08
CA PRO B 410 -27.20 105.82 1.48
C PRO B 410 -26.04 105.97 0.51
N TYR B 411 -26.19 106.99 -0.33
CA TYR B 411 -25.15 107.36 -1.29
C TYR B 411 -24.13 108.15 -0.51
N SER B 412 -22.92 108.20 -1.04
CA SER B 412 -21.83 108.92 -0.42
C SER B 412 -21.82 110.35 -1.01
N ARG B 413 -21.61 111.36 -0.17
CA ARG B 413 -21.57 112.75 -0.63
C ARG B 413 -20.14 113.20 -0.89
N GLU B 414 -19.95 114.36 -1.52
CA GLU B 414 -18.60 114.85 -1.79
C GLU B 414 -17.92 115.15 -0.46
N GLY B 415 -16.67 114.71 -0.32
CA GLY B 415 -15.93 114.93 0.91
C GLY B 415 -16.40 114.03 2.05
N GLU B 416 -17.07 112.94 1.70
CA GLU B 416 -17.56 111.99 2.69
C GLU B 416 -16.87 110.66 2.41
N TYR B 417 -16.20 110.10 3.41
CA TYR B 417 -15.49 108.84 3.21
C TYR B 417 -15.95 107.81 4.23
N PHE B 418 -15.85 106.54 3.83
CA PHE B 418 -16.31 105.45 4.69
C PHE B 418 -15.34 104.26 4.67
N SER B 419 -15.35 103.49 5.75
CA SER B 419 -14.51 102.30 5.87
C SER B 419 -15.19 101.27 6.76
N ALA B 420 -15.05 100.02 6.39
CA ALA B 420 -15.63 98.92 7.14
C ALA B 420 -14.48 97.99 7.49
N PHE B 421 -14.48 97.48 8.73
CA PHE B 421 -13.42 96.61 9.23
C PHE B 421 -13.98 95.39 9.97
N LYS B 422 -13.24 94.28 9.90
CA LYS B 422 -13.62 93.06 10.60
C LYS B 422 -12.42 92.19 10.89
N GLN B 423 -12.29 91.81 12.15
CA GLN B 423 -11.20 90.93 12.57
C GLN B 423 -11.75 89.83 13.48
N ALA B 424 -11.61 88.58 13.02
CA ALA B 424 -12.06 87.43 13.79
C ALA B 424 -10.81 86.58 14.02
N SER B 425 -10.98 85.27 14.13
CA SER B 425 -9.84 84.38 14.33
C SER B 425 -9.37 83.85 12.99
N ARG B 426 -10.31 83.76 12.06
CA ARG B 426 -10.04 83.27 10.72
C ARG B 426 -10.73 84.25 9.79
N ARG B 427 -10.19 84.45 8.60
CA ARG B 427 -10.82 85.38 7.66
C ARG B 427 -12.20 84.97 7.18
N GLU B 428 -12.33 83.73 6.70
CA GLU B 428 -13.59 83.23 6.17
C GLU B 428 -14.55 82.59 7.18
N ASP B 429 -15.83 82.87 6.99
CA ASP B 429 -16.92 82.32 7.79
C ASP B 429 -16.63 82.29 9.29
N ASP B 430 -16.51 83.46 9.91
CA ASP B 430 -16.21 83.54 11.33
C ASP B 430 -16.94 84.69 12.06
N ILE B 431 -17.01 84.57 13.39
CA ILE B 431 -17.63 85.55 14.27
C ILE B 431 -16.61 86.66 14.56
N ALA B 432 -17.03 87.91 14.43
CA ALA B 432 -16.13 89.03 14.65
C ALA B 432 -15.71 89.23 16.10
N LYS B 433 -14.44 89.57 16.29
CA LYS B 433 -13.92 89.87 17.61
C LYS B 433 -14.24 91.36 17.77
N VAL B 434 -13.90 92.12 16.73
CA VAL B 434 -14.18 93.54 16.69
C VAL B 434 -14.47 93.89 15.23
N THR B 435 -15.68 94.35 14.99
CA THR B 435 -16.12 94.71 13.65
C THR B 435 -16.44 96.21 13.70
N SER B 436 -16.40 96.89 12.58
CA SER B 436 -16.65 98.32 12.68
C SER B 436 -17.07 99.06 11.42
N GLY B 437 -17.66 100.23 11.65
CA GLY B 437 -18.10 101.13 10.60
C GLY B 437 -17.62 102.52 10.98
N MET B 438 -16.96 103.20 10.06
CA MET B 438 -16.45 104.54 10.36
C MET B 438 -16.76 105.49 9.22
N ARG B 439 -17.26 106.66 9.57
CA ARG B 439 -17.60 107.65 8.56
C ARG B 439 -17.08 109.03 8.93
N VAL B 440 -16.73 109.82 7.91
CA VAL B 440 -16.28 111.18 8.13
C VAL B 440 -16.77 112.09 7.01
N LEU B 441 -17.43 113.16 7.40
CA LEU B 441 -17.93 114.12 6.44
C LEU B 441 -17.17 115.39 6.70
N PHE B 442 -16.55 115.93 5.66
CA PHE B 442 -15.78 117.16 5.76
C PHE B 442 -16.57 118.35 5.22
N LYS B 443 -16.26 119.53 5.76
CA LYS B 443 -16.90 120.75 5.30
C LYS B 443 -16.35 120.98 3.90
N PRO B 444 -17.20 121.37 2.94
CA PRO B 444 -16.84 121.62 1.54
C PRO B 444 -15.48 122.24 1.24
N GLY B 445 -14.67 121.51 0.49
CA GLY B 445 -13.35 121.98 0.09
C GLY B 445 -12.32 122.11 1.20
N THR B 446 -12.51 121.40 2.30
CA THR B 446 -11.59 121.47 3.42
C THR B 446 -11.24 120.12 4.03
N THR B 447 -10.41 120.17 5.07
CA THR B 447 -10.00 118.97 5.78
C THR B 447 -10.47 119.13 7.21
N GLU B 448 -11.49 119.96 7.39
CA GLU B 448 -12.06 120.20 8.70
C GLU B 448 -13.31 119.33 8.87
N VAL B 449 -13.26 118.43 9.84
CA VAL B 449 -14.34 117.49 10.16
C VAL B 449 -15.70 118.13 10.45
N GLN B 450 -16.71 117.77 9.67
CA GLN B 450 -18.06 118.30 9.88
C GLN B 450 -18.86 117.26 10.69
N GLU B 451 -18.67 115.98 10.33
CA GLU B 451 -19.32 114.87 11.02
C GLU B 451 -18.31 113.72 11.12
N LEU B 452 -18.41 112.93 12.18
CA LEU B 452 -17.52 111.79 12.39
C LEU B 452 -18.27 110.73 13.18
N ALA B 453 -18.38 109.53 12.62
CA ALA B 453 -19.08 108.44 13.29
C ALA B 453 -18.24 107.17 13.32
N LEU B 454 -17.96 106.69 14.52
CA LEU B 454 -17.17 105.48 14.69
C LEU B 454 -18.00 104.45 15.46
N CYS B 455 -18.51 103.45 14.75
CA CYS B 455 -19.34 102.42 15.38
C CYS B 455 -18.70 101.04 15.46
N TYR B 456 -18.90 100.39 16.59
CA TYR B 456 -18.29 99.08 16.81
C TYR B 456 -19.23 97.95 17.24
N GLY B 457 -18.78 96.74 16.90
CA GLY B 457 -19.50 95.53 17.27
C GLY B 457 -18.44 94.72 17.99
N GLY B 458 -18.87 93.86 18.92
CA GLY B 458 -17.93 93.03 19.67
C GLY B 458 -17.31 93.72 20.87
N MET B 459 -17.77 94.93 21.17
CA MET B 459 -17.23 95.71 22.27
C MET B 459 -18.21 95.93 23.42
N ALA B 460 -19.47 95.54 23.20
CA ALA B 460 -20.49 95.74 24.22
C ALA B 460 -21.62 94.72 24.04
N ASN B 461 -22.69 94.91 24.79
CA ASN B 461 -23.85 94.04 24.72
C ASN B 461 -24.68 94.41 23.50
N ARG B 462 -24.21 95.42 22.75
CA ARG B 462 -24.91 95.86 21.55
C ARG B 462 -23.99 96.67 20.67
N THR B 463 -24.47 97.02 19.48
CA THR B 463 -23.70 97.83 18.53
C THR B 463 -23.59 99.20 19.18
N ILE B 464 -22.40 99.79 19.19
CA ILE B 464 -22.25 101.10 19.81
C ILE B 464 -21.51 102.10 18.95
N SER B 465 -21.61 103.37 19.36
CA SER B 465 -20.94 104.47 18.68
C SER B 465 -20.08 105.23 19.69
N ALA B 466 -18.82 105.49 19.33
CA ALA B 466 -17.92 106.21 20.23
C ALA B 466 -18.17 107.72 20.20
N LEU B 467 -19.39 108.11 20.56
CA LEU B 467 -19.83 109.51 20.59
C LEU B 467 -19.04 110.44 21.50
N LYS B 468 -18.64 109.95 22.67
CA LYS B 468 -17.88 110.76 23.61
C LYS B 468 -16.56 111.18 22.94
N THR B 469 -15.97 110.26 22.18
CA THR B 469 -14.72 110.55 21.48
C THR B 469 -14.89 111.35 20.20
N THR B 470 -15.78 110.90 19.33
CA THR B 470 -16.00 111.59 18.06
C THR B 470 -16.52 113.02 18.16
N GLN B 471 -17.37 113.29 19.15
CA GLN B 471 -17.92 114.63 19.35
C GLN B 471 -16.82 115.63 19.64
N ARG B 472 -15.76 115.13 20.24
CA ARG B 472 -14.61 115.91 20.63
C ARG B 472 -13.76 116.34 19.41
N GLN B 473 -14.08 115.79 18.23
CA GLN B 473 -13.30 116.08 17.02
C GLN B 473 -13.99 116.98 16.01
N LEU B 474 -15.22 117.37 16.29
CA LEU B 474 -15.93 118.21 15.33
C LEU B 474 -15.19 119.51 15.02
N SER B 475 -15.24 119.89 13.75
CA SER B 475 -14.59 121.10 13.22
C SER B 475 -13.12 121.22 13.59
N LYS B 476 -12.42 120.08 13.50
CA LYS B 476 -11.00 119.99 13.78
C LYS B 476 -10.36 119.47 12.48
N LEU B 477 -9.08 119.73 12.25
CA LEU B 477 -8.42 119.27 11.03
C LEU B 477 -7.91 117.83 11.11
N TRP B 478 -7.94 117.13 9.97
CA TRP B 478 -7.52 115.74 9.91
C TRP B 478 -6.00 115.65 9.96
N LYS B 479 -5.45 115.94 11.14
CA LYS B 479 -4.01 115.91 11.35
C LYS B 479 -3.65 114.91 12.43
N GLU B 480 -2.35 114.70 12.61
CA GLU B 480 -1.82 113.77 13.60
C GLU B 480 -2.49 113.97 14.97
N GLU B 481 -2.71 115.22 15.33
CA GLU B 481 -3.31 115.57 16.62
C GLU B 481 -4.66 114.87 16.81
N LEU B 482 -5.48 114.91 15.77
CA LEU B 482 -6.79 114.25 15.80
C LEU B 482 -6.61 112.75 16.01
N LEU B 483 -5.59 112.19 15.37
CA LEU B 483 -5.31 110.77 15.49
C LEU B 483 -5.04 110.46 16.98
N GLN B 484 -4.23 111.30 17.61
CA GLN B 484 -3.90 111.11 19.03
C GLN B 484 -5.10 111.18 19.96
N ASP B 485 -5.94 112.22 19.80
CA ASP B 485 -7.12 112.36 20.67
C ASP B 485 -8.16 111.25 20.46
N VAL B 486 -8.35 110.83 19.22
CA VAL B 486 -9.31 109.76 18.93
C VAL B 486 -8.85 108.48 19.64
N CYS B 487 -7.59 108.11 19.43
CA CYS B 487 -7.02 106.92 20.02
C CYS B 487 -7.12 106.87 21.55
N ALA B 488 -6.64 107.90 22.22
CA ALA B 488 -6.72 107.92 23.67
C ALA B 488 -8.19 107.88 24.09
N GLY B 489 -9.01 108.69 23.43
CA GLY B 489 -10.42 108.71 23.76
C GLY B 489 -11.04 107.33 23.61
N LEU B 490 -10.70 106.65 22.52
CA LEU B 490 -11.24 105.31 22.25
C LEU B 490 -10.84 104.29 23.32
N ALA B 491 -9.56 104.29 23.69
CA ALA B 491 -9.05 103.36 24.69
C ALA B 491 -9.84 103.47 25.98
N GLU B 492 -10.16 104.70 26.39
CA GLU B 492 -10.92 104.95 27.61
C GLU B 492 -12.42 104.68 27.43
N GLU B 493 -13.01 105.26 26.39
CA GLU B 493 -14.43 105.10 26.14
C GLU B 493 -14.89 103.65 25.92
N LEU B 494 -14.10 102.86 25.22
CA LEU B 494 -14.50 101.48 24.95
C LEU B 494 -13.79 100.47 25.85
N HIS B 495 -13.12 100.98 26.87
CA HIS B 495 -12.41 100.09 27.78
C HIS B 495 -13.29 98.94 28.23
N LEU B 496 -12.73 97.73 28.27
CA LEU B 496 -13.46 96.55 28.70
C LEU B 496 -12.97 96.04 30.06
N PRO B 497 -13.91 95.60 30.91
CA PRO B 497 -13.51 95.08 32.23
C PRO B 497 -12.85 93.72 32.04
N PRO B 498 -11.82 93.40 32.85
CA PRO B 498 -11.11 92.13 32.77
C PRO B 498 -11.98 90.88 32.75
N ASP B 499 -13.18 90.97 33.31
CA ASP B 499 -14.10 89.84 33.36
C ASP B 499 -15.09 89.87 32.21
N ALA B 500 -14.86 90.75 31.23
CA ALA B 500 -15.76 90.88 30.10
C ALA B 500 -15.95 89.56 29.34
N PRO B 501 -17.21 89.25 29.03
CA PRO B 501 -17.54 88.02 28.30
C PRO B 501 -16.75 87.93 26.99
N GLY B 502 -16.22 86.74 26.71
CA GLY B 502 -15.44 86.54 25.51
C GLY B 502 -13.95 86.81 25.67
N GLY B 503 -13.56 87.41 26.79
CA GLY B 503 -12.16 87.71 27.04
C GLY B 503 -11.43 88.46 25.93
N MET B 504 -10.12 88.22 25.84
CA MET B 504 -9.26 88.87 24.83
C MET B 504 -9.50 90.38 24.85
N VAL B 505 -9.71 90.92 26.04
CA VAL B 505 -9.96 92.35 26.22
C VAL B 505 -8.90 93.24 25.60
N ASP B 506 -7.64 93.02 25.96
CA ASP B 506 -6.56 93.83 25.40
C ASP B 506 -6.63 93.80 23.89
N PHE B 507 -6.61 92.58 23.35
CA PHE B 507 -6.67 92.39 21.91
C PHE B 507 -7.82 93.16 21.27
N ARG B 508 -9.01 93.04 21.85
CA ARG B 508 -10.18 93.73 21.31
C ARG B 508 -10.04 95.24 21.35
N CYS B 509 -9.58 95.77 22.49
CA CYS B 509 -9.41 97.21 22.62
C CYS B 509 -8.36 97.68 21.63
N THR B 510 -7.26 96.96 21.54
CA THR B 510 -6.21 97.33 20.60
C THR B 510 -6.78 97.37 19.16
N LEU B 511 -7.76 96.51 18.87
CA LEU B 511 -8.35 96.51 17.53
C LEU B 511 -9.12 97.80 17.24
N THR B 512 -9.91 98.29 18.19
CA THR B 512 -10.68 99.53 17.96
C THR B 512 -9.79 100.69 17.54
N LEU B 513 -8.61 100.83 18.14
CA LEU B 513 -7.71 101.92 17.79
C LEU B 513 -7.06 101.64 16.43
N SER B 514 -6.58 100.42 16.26
CA SER B 514 -5.93 100.00 15.02
C SER B 514 -6.87 100.19 13.83
N PHE B 515 -8.15 99.94 14.03
CA PHE B 515 -9.10 100.12 12.95
C PHE B 515 -9.16 101.61 12.61
N PHE B 516 -9.27 102.44 13.64
CA PHE B 516 -9.33 103.87 13.38
C PHE B 516 -8.04 104.36 12.70
N PHE B 517 -6.90 103.86 13.16
CA PHE B 517 -5.63 104.27 12.57
C PHE B 517 -5.70 104.03 11.07
N LYS B 518 -6.19 102.85 10.68
CA LYS B 518 -6.30 102.51 9.27
C LYS B 518 -7.26 103.48 8.58
N PHE B 519 -8.37 103.78 9.24
CA PHE B 519 -9.37 104.70 8.69
C PHE B 519 -8.70 106.06 8.47
N TYR B 520 -7.95 106.49 9.47
CA TYR B 520 -7.25 107.77 9.43
C TYR B 520 -6.31 107.86 8.24
N LEU B 521 -5.44 106.86 8.11
CA LEU B 521 -4.47 106.83 7.03
C LEU B 521 -5.16 106.78 5.67
N THR B 522 -6.22 105.97 5.59
CA THR B 522 -6.98 105.82 4.35
C THR B 522 -7.58 107.15 3.90
N VAL B 523 -8.11 107.90 4.85
CA VAL B 523 -8.72 109.19 4.55
C VAL B 523 -7.69 110.21 4.07
N LEU B 524 -6.44 110.02 4.46
CA LEU B 524 -5.39 110.93 4.03
C LEU B 524 -5.18 110.72 2.53
N GLN B 525 -5.16 109.46 2.10
CA GLN B 525 -4.98 109.17 0.68
C GLN B 525 -6.16 109.76 -0.09
N LYS B 526 -7.38 109.50 0.39
CA LYS B 526 -8.59 110.01 -0.23
C LYS B 526 -8.60 111.53 -0.25
N LEU B 527 -8.15 112.16 0.83
CA LEU B 527 -8.11 113.61 0.88
C LEU B 527 -7.12 114.08 -0.18
N GLY B 528 -6.06 113.31 -0.40
CA GLY B 528 -5.06 113.66 -1.39
C GLY B 528 -5.60 113.48 -2.80
N GLN B 529 -6.65 112.68 -2.91
CA GLN B 529 -7.31 112.41 -4.18
C GLN B 529 -8.06 113.67 -4.63
N GLU B 530 -8.40 114.52 -3.65
CA GLU B 530 -9.12 115.76 -3.89
C GLU B 530 -8.13 116.92 -4.02
N ASN B 531 -6.85 116.62 -3.81
CA ASN B 531 -5.80 117.62 -3.86
C ASN B 531 -5.90 118.55 -2.67
N LEU B 532 -5.81 117.95 -1.49
CA LEU B 532 -5.85 118.64 -0.21
C LEU B 532 -4.83 117.93 0.68
N GLU B 533 -3.85 117.29 0.05
CA GLU B 533 -2.81 116.55 0.77
C GLU B 533 -1.91 117.45 1.61
N ASP B 534 -1.80 118.72 1.22
CA ASP B 534 -0.97 119.63 1.98
C ASP B 534 -1.78 120.41 3.01
N LYS B 535 -3.03 120.00 3.22
CA LYS B 535 -3.89 120.64 4.21
C LYS B 535 -4.37 119.64 5.27
N CYS B 536 -3.76 118.46 5.27
CA CYS B 536 -4.09 117.41 6.23
C CYS B 536 -2.80 116.72 6.67
N GLY B 537 -2.94 115.64 7.42
CA GLY B 537 -1.78 114.91 7.89
C GLY B 537 -0.86 114.44 6.79
N LYS B 538 0.42 114.28 7.12
CA LYS B 538 1.43 113.84 6.17
C LYS B 538 1.33 112.32 6.06
N LEU B 539 1.51 111.78 4.86
CA LEU B 539 1.43 110.34 4.69
C LEU B 539 2.76 109.69 4.31
N ASP B 540 3.28 108.87 5.21
CA ASP B 540 4.56 108.17 5.00
C ASP B 540 4.38 106.95 4.11
N PRO B 541 5.17 106.85 3.02
CA PRO B 541 5.09 105.72 2.09
C PRO B 541 5.03 104.36 2.78
N THR B 542 5.86 104.17 3.81
CA THR B 542 5.91 102.91 4.53
C THR B 542 4.63 102.61 5.32
N PHE B 543 3.70 103.54 5.31
CA PHE B 543 2.42 103.37 6.02
C PHE B 543 1.31 103.01 5.04
N ALA B 544 1.52 103.36 3.77
CA ALA B 544 0.52 103.13 2.73
C ALA B 544 -0.13 101.74 2.74
N SER B 545 0.68 100.70 2.70
CA SER B 545 0.14 99.34 2.69
C SER B 545 -0.88 99.08 3.80
N ALA B 546 -0.78 99.81 4.90
CA ALA B 546 -1.69 99.62 6.02
C ALA B 546 -3.15 99.90 5.67
N THR B 547 -3.38 100.59 4.56
CA THR B 547 -4.75 100.90 4.18
C THR B 547 -5.27 99.93 3.14
N LEU B 548 -4.41 99.04 2.67
CA LEU B 548 -4.82 98.08 1.64
C LEU B 548 -5.84 97.06 2.12
N LEU B 549 -6.83 96.77 1.27
CA LEU B 549 -7.85 95.78 1.59
C LEU B 549 -7.31 94.42 1.18
N PHE B 550 -7.76 93.37 1.85
CA PHE B 550 -7.26 92.03 1.53
C PHE B 550 -7.22 91.72 0.04
N GLN B 551 -6.03 91.36 -0.43
CA GLN B 551 -5.78 91.02 -1.83
C GLN B 551 -5.07 89.68 -1.79
N LYS B 552 -5.60 88.71 -2.51
CA LYS B 552 -4.99 87.38 -2.52
C LYS B 552 -3.78 87.37 -3.47
N ASP B 553 -3.88 86.60 -4.54
CA ASP B 553 -2.83 86.44 -5.53
C ASP B 553 -3.06 85.04 -6.10
N PRO B 554 -3.09 84.92 -7.44
CA PRO B 554 -3.31 83.56 -7.96
C PRO B 554 -2.39 82.52 -7.33
N PRO B 555 -2.95 81.35 -6.99
CA PRO B 555 -2.21 80.25 -6.38
C PRO B 555 -1.20 79.64 -7.33
N ALA B 556 -0.17 79.01 -6.76
CA ALA B 556 0.86 78.38 -7.56
C ALA B 556 1.23 77.09 -6.83
N ASP B 557 0.82 75.96 -7.40
CA ASP B 557 1.07 74.66 -6.77
C ASP B 557 1.80 73.65 -7.65
N VAL B 558 2.85 73.06 -7.13
CA VAL B 558 3.59 72.06 -7.88
C VAL B 558 3.86 70.88 -6.98
N GLN B 559 3.58 69.68 -7.48
CA GLN B 559 3.83 68.47 -6.71
C GLN B 559 4.90 67.68 -7.44
N LEU B 560 5.93 67.26 -6.71
CA LEU B 560 7.01 66.52 -7.35
C LEU B 560 7.26 65.14 -6.75
N PHE B 561 7.11 64.10 -7.60
CA PHE B 561 7.34 62.73 -7.18
C PHE B 561 8.12 61.94 -8.24
N GLN B 562 8.39 60.66 -7.98
CA GLN B 562 9.15 59.84 -8.92
C GLN B 562 8.33 58.90 -9.81
N GLU B 563 8.70 58.84 -11.08
CA GLU B 563 8.05 57.94 -12.02
C GLU B 563 8.44 56.53 -11.59
N VAL B 564 7.70 55.52 -12.04
CA VAL B 564 8.07 54.16 -11.66
C VAL B 564 9.08 53.66 -12.68
N PRO B 565 9.91 52.67 -12.30
CA PRO B 565 10.92 52.13 -13.20
C PRO B 565 10.34 51.89 -14.60
N LYS B 566 11.08 52.34 -15.62
CA LYS B 566 10.67 52.24 -17.02
C LYS B 566 9.96 50.96 -17.45
N GLY B 567 10.47 49.81 -17.03
CA GLY B 567 9.88 48.54 -17.42
C GLY B 567 8.74 48.00 -16.57
N GLN B 568 8.28 48.78 -15.60
CA GLN B 568 7.19 48.31 -14.75
C GLN B 568 5.91 48.07 -15.53
N SER B 569 5.27 46.94 -15.25
CA SER B 569 4.01 46.56 -15.90
C SER B 569 2.93 47.64 -15.79
N GLU B 570 2.11 47.73 -16.85
CA GLU B 570 1.03 48.71 -16.86
C GLU B 570 0.05 48.30 -15.75
N GLU B 571 0.06 47.02 -15.39
CA GLU B 571 -0.81 46.50 -14.34
C GLU B 571 -0.20 46.58 -12.93
N ASP B 572 1.07 46.99 -12.82
CA ASP B 572 1.69 47.13 -11.51
C ASP B 572 1.39 48.55 -11.05
N MET B 573 0.44 48.69 -10.15
CA MET B 573 0.05 50.00 -9.68
C MET B 573 0.91 50.56 -8.55
N VAL B 574 1.68 49.70 -7.89
CA VAL B 574 2.54 50.15 -6.80
C VAL B 574 3.46 51.26 -7.30
N GLY B 575 3.45 52.38 -6.60
CA GLY B 575 4.28 53.50 -6.99
C GLY B 575 3.57 54.45 -7.92
N ARG B 576 2.45 54.01 -8.48
CA ARG B 576 1.68 54.86 -9.39
C ARG B 576 0.66 55.68 -8.61
N PRO B 577 0.30 56.86 -9.11
CA PRO B 577 -0.68 57.73 -8.45
C PRO B 577 -2.12 57.31 -8.68
N LEU B 578 -2.51 56.15 -8.13
CA LEU B 578 -3.87 55.66 -8.28
C LEU B 578 -4.80 56.40 -7.34
N PRO B 579 -5.88 57.00 -7.88
CA PRO B 579 -6.81 57.73 -7.00
C PRO B 579 -7.48 56.80 -5.99
N HIS B 580 -7.90 57.38 -4.86
CA HIS B 580 -8.59 56.66 -3.80
C HIS B 580 -9.75 55.88 -4.43
N LEU B 581 -9.76 54.57 -4.25
CA LEU B 581 -10.78 53.71 -4.82
C LEU B 581 -12.24 54.18 -4.67
N ALA B 582 -12.62 54.63 -3.49
CA ALA B 582 -13.99 55.08 -3.27
C ALA B 582 -14.23 56.53 -3.67
N ALA B 583 -13.18 57.18 -4.16
CA ALA B 583 -13.29 58.59 -4.56
C ALA B 583 -14.54 58.94 -5.37
N ASP B 584 -14.84 58.18 -6.42
CA ASP B 584 -16.03 58.48 -7.23
C ASP B 584 -17.30 58.40 -6.41
N MET B 585 -17.44 57.31 -5.68
CA MET B 585 -18.62 57.08 -4.86
C MET B 585 -18.75 58.12 -3.76
N GLN B 586 -17.63 58.68 -3.32
CA GLN B 586 -17.67 59.71 -2.30
C GLN B 586 -18.17 61.02 -2.90
N ALA B 587 -17.76 61.29 -4.13
CA ALA B 587 -18.16 62.51 -4.82
C ALA B 587 -19.64 62.49 -5.19
N SER B 588 -20.19 61.28 -5.34
CA SER B 588 -21.59 61.14 -5.69
C SER B 588 -22.53 60.92 -4.52
N GLY B 589 -21.98 60.91 -3.31
CA GLY B 589 -22.81 60.68 -2.15
C GLY B 589 -23.33 59.26 -2.14
N GLU B 590 -22.64 58.37 -2.85
CA GLU B 590 -23.02 56.97 -2.91
C GLU B 590 -22.29 56.19 -1.81
N ALA B 591 -21.04 56.57 -1.53
CA ALA B 591 -20.29 55.90 -0.48
C ALA B 591 -21.09 56.01 0.83
N VAL B 592 -21.22 54.89 1.51
CA VAL B 592 -21.98 54.84 2.75
C VAL B 592 -21.19 54.98 4.05
N TYR B 593 -21.65 55.88 4.92
CA TYR B 593 -21.05 56.07 6.23
C TYR B 593 -22.04 55.57 7.27
N CYS B 594 -21.52 55.21 8.44
CA CYS B 594 -22.34 54.65 9.50
C CYS B 594 -23.80 55.09 9.61
N ASP B 595 -24.05 56.39 9.77
CA ASP B 595 -25.44 56.83 9.89
C ASP B 595 -26.20 56.81 8.56
N ASP B 596 -25.51 56.53 7.46
CA ASP B 596 -26.17 56.48 6.17
C ASP B 596 -26.84 55.12 6.00
N ILE B 597 -26.48 54.19 6.87
CA ILE B 597 -27.04 52.84 6.82
C ILE B 597 -28.50 52.92 7.20
N PRO B 598 -29.39 52.42 6.34
CA PRO B 598 -30.83 52.44 6.60
C PRO B 598 -31.17 51.89 7.99
N ARG B 599 -32.26 52.40 8.58
CA ARG B 599 -32.70 51.95 9.89
C ARG B 599 -33.61 50.77 9.73
N TYR B 600 -33.66 49.90 10.74
CA TYR B 600 -34.58 48.79 10.69
C TYR B 600 -35.88 49.44 11.09
N GLU B 601 -37.01 48.78 10.87
CA GLU B 601 -38.29 49.38 11.22
C GLU B 601 -38.44 49.61 12.72
N ASN B 602 -37.73 48.82 13.53
CA ASN B 602 -37.80 48.93 14.99
C ASN B 602 -36.56 49.58 15.60
N GLU B 603 -35.74 50.23 14.78
CA GLU B 603 -34.51 50.86 15.27
C GLU B 603 -34.77 52.15 16.04
N LEU B 604 -34.14 52.26 17.21
CA LEU B 604 -34.30 53.43 18.07
C LEU B 604 -33.06 54.30 18.07
N SER B 605 -33.25 55.54 18.51
CA SER B 605 -32.19 56.53 18.61
C SER B 605 -31.80 56.72 20.08
N LEU B 606 -30.52 56.98 20.33
CA LEU B 606 -30.03 57.19 21.68
C LEU B 606 -29.31 58.51 21.74
N ARG B 607 -29.25 59.08 22.94
CA ARG B 607 -28.58 60.34 23.16
C ARG B 607 -28.07 60.40 24.59
N LEU B 608 -26.76 60.58 24.73
CA LEU B 608 -26.12 60.65 26.04
C LEU B 608 -26.60 61.82 26.90
N VAL B 609 -26.61 61.60 28.21
CA VAL B 609 -26.98 62.64 29.15
C VAL B 609 -25.69 62.87 29.93
N THR B 610 -25.11 64.05 29.76
CA THR B 610 -23.83 64.35 30.40
C THR B 610 -23.84 65.34 31.55
N SER B 611 -22.75 65.28 32.32
CA SER B 611 -22.56 66.13 33.49
C SER B 611 -22.40 67.60 33.17
N THR B 612 -23.00 68.44 33.99
CA THR B 612 -22.88 69.88 33.81
C THR B 612 -21.95 70.48 34.85
N ARG B 613 -21.32 69.62 35.67
CA ARG B 613 -20.37 70.08 36.70
C ARG B 613 -19.03 69.42 36.47
N ALA B 614 -17.95 70.08 36.89
CA ALA B 614 -16.61 69.53 36.72
C ALA B 614 -16.30 68.49 37.79
N HIS B 615 -16.88 68.65 38.97
CA HIS B 615 -16.65 67.70 40.04
C HIS B 615 -17.75 67.86 41.08
N ALA B 616 -18.55 66.83 41.26
CA ALA B 616 -19.65 66.87 42.22
C ALA B 616 -20.21 65.48 42.46
N LYS B 617 -21.05 65.36 43.47
CA LYS B 617 -21.68 64.10 43.76
C LYS B 617 -23.04 64.12 43.06
N ILE B 618 -23.48 62.97 42.58
CA ILE B 618 -24.79 62.91 41.95
C ILE B 618 -25.79 62.67 43.09
N LYS B 619 -26.44 63.73 43.55
CA LYS B 619 -27.41 63.62 44.62
C LYS B 619 -28.65 62.90 44.14
N SER B 620 -29.10 63.19 42.92
CA SER B 620 -30.29 62.54 42.38
C SER B 620 -30.52 62.78 40.88
N ILE B 621 -31.36 61.94 40.31
CA ILE B 621 -31.72 62.01 38.89
C ILE B 621 -33.22 61.84 38.73
N ASP B 622 -33.87 62.82 38.10
CA ASP B 622 -35.31 62.76 37.89
C ASP B 622 -35.64 62.71 36.40
N THR B 623 -36.49 61.74 36.02
CA THR B 623 -36.87 61.56 34.61
C THR B 623 -38.32 61.94 34.31
N SER B 624 -39.00 62.56 35.26
CA SER B 624 -40.39 62.95 35.08
C SER B 624 -40.71 63.57 33.73
N GLU B 625 -39.90 64.52 33.30
CA GLU B 625 -40.16 65.18 32.02
C GLU B 625 -39.88 64.33 30.77
N ALA B 626 -38.76 63.62 30.77
CA ALA B 626 -38.39 62.80 29.61
C ALA B 626 -39.49 61.79 29.28
N LYS B 627 -40.06 61.19 30.32
CA LYS B 627 -41.12 60.20 30.17
C LYS B 627 -42.33 60.77 29.44
N LYS B 628 -42.49 62.09 29.49
CA LYS B 628 -43.61 62.76 28.83
C LYS B 628 -43.37 63.00 27.34
N VAL B 629 -42.12 62.90 26.92
CA VAL B 629 -41.78 63.15 25.52
C VAL B 629 -42.32 62.05 24.61
N PRO B 630 -42.90 62.45 23.46
CA PRO B 630 -43.46 61.49 22.48
C PRO B 630 -42.36 60.55 21.98
N GLY B 631 -42.66 59.26 21.95
CA GLY B 631 -41.68 58.30 21.47
C GLY B 631 -40.60 57.94 22.46
N PHE B 632 -40.73 58.40 23.69
CA PHE B 632 -39.73 58.08 24.70
C PHE B 632 -39.80 56.61 25.06
N VAL B 633 -38.66 55.92 24.97
CA VAL B 633 -38.61 54.51 25.32
C VAL B 633 -38.06 54.33 26.73
N CYS B 634 -36.86 54.83 26.99
CA CYS B 634 -36.28 54.67 28.31
C CYS B 634 -34.99 55.46 28.53
N PHE B 635 -34.56 55.50 29.78
CA PHE B 635 -33.35 56.17 30.18
C PHE B 635 -32.48 55.12 30.87
N ILE B 636 -31.27 54.91 30.40
CA ILE B 636 -30.42 53.92 31.05
C ILE B 636 -29.27 54.58 31.77
N SER B 637 -28.81 53.95 32.83
CA SER B 637 -27.69 54.47 33.62
C SER B 637 -26.85 53.31 34.12
N ALA B 638 -25.88 53.61 34.97
CA ALA B 638 -24.97 52.59 35.53
C ALA B 638 -25.70 51.41 36.15
N ASP B 639 -26.87 51.67 36.72
CA ASP B 639 -27.66 50.60 37.34
C ASP B 639 -28.07 49.57 36.31
N ASP B 640 -27.97 49.93 35.05
CA ASP B 640 -28.38 49.02 33.99
C ASP B 640 -27.31 48.16 33.37
N VAL B 641 -26.03 48.50 33.52
CA VAL B 641 -25.01 47.66 32.91
C VAL B 641 -25.12 46.27 33.50
N PRO B 642 -25.22 45.24 32.64
CA PRO B 642 -25.34 43.85 33.06
C PRO B 642 -24.00 43.24 33.46
N GLY B 643 -22.92 43.68 32.82
CA GLY B 643 -21.61 43.14 33.14
C GLY B 643 -20.85 44.02 34.11
N SER B 644 -19.89 44.76 33.58
CA SER B 644 -19.06 45.65 34.40
C SER B 644 -19.23 47.11 34.01
N ASN B 645 -19.12 48.01 34.99
CA ASN B 645 -19.22 49.43 34.71
C ASN B 645 -17.84 50.07 34.73
N ILE B 646 -16.79 49.26 34.77
CA ILE B 646 -15.43 49.81 34.74
C ILE B 646 -14.87 49.54 33.36
N THR B 647 -14.44 50.61 32.69
CA THR B 647 -13.91 50.47 31.35
C THR B 647 -12.71 51.38 31.19
N GLY B 648 -12.43 51.79 29.96
CA GLY B 648 -11.30 52.67 29.73
C GLY B 648 -10.03 51.83 29.56
N ILE B 649 -9.05 52.39 28.87
CA ILE B 649 -7.79 51.67 28.65
C ILE B 649 -7.04 51.31 29.92
N CYS B 650 -7.15 52.16 30.92
CA CYS B 650 -6.48 51.92 32.20
C CYS B 650 -7.51 51.61 33.27
N ASN B 651 -8.65 51.04 32.88
CA ASN B 651 -9.72 50.75 33.81
C ASN B 651 -9.90 51.97 34.70
N ASP B 652 -9.76 53.12 34.05
CA ASP B 652 -9.85 54.42 34.69
C ASP B 652 -11.27 54.96 34.83
N GLU B 653 -12.14 54.63 33.88
CA GLU B 653 -13.49 55.19 33.87
C GLU B 653 -14.71 54.27 33.92
N THR B 654 -15.84 54.92 34.18
CA THR B 654 -17.14 54.29 34.26
C THR B 654 -17.76 54.27 32.88
N VAL B 655 -18.66 53.31 32.64
CA VAL B 655 -19.35 53.26 31.35
C VAL B 655 -20.35 54.39 31.53
N PHE B 656 -21.01 54.39 32.68
CA PHE B 656 -21.97 55.43 33.06
C PHE B 656 -21.56 55.91 34.46
N ALA B 657 -21.64 57.22 34.69
CA ALA B 657 -21.27 57.80 35.99
C ALA B 657 -21.85 57.05 37.18
N LYS B 658 -21.11 57.03 38.28
CA LYS B 658 -21.56 56.35 39.49
C LYS B 658 -21.25 57.21 40.71
N ASP B 659 -22.29 57.80 41.30
CA ASP B 659 -22.16 58.67 42.47
C ASP B 659 -21.42 59.98 42.23
N LYS B 660 -20.37 59.93 41.41
CA LYS B 660 -19.58 61.12 41.14
C LYS B 660 -19.47 61.45 39.65
N VAL B 661 -19.27 62.72 39.37
CA VAL B 661 -19.06 63.21 38.02
C VAL B 661 -17.68 63.83 38.19
N THR B 662 -16.80 63.65 37.19
CA THR B 662 -15.45 64.19 37.31
C THR B 662 -15.04 65.15 36.20
N CYS B 663 -16.04 65.71 35.52
CA CYS B 663 -15.83 66.68 34.45
C CYS B 663 -17.14 67.05 33.77
N VAL B 664 -17.17 68.24 33.18
CA VAL B 664 -18.33 68.69 32.45
C VAL B 664 -18.31 67.88 31.16
N GLY B 665 -19.30 67.01 31.00
CA GLY B 665 -19.36 66.18 29.82
C GLY B 665 -19.34 64.72 30.21
N HIS B 666 -19.13 64.47 31.50
CA HIS B 666 -19.07 63.13 32.04
C HIS B 666 -20.42 62.47 31.79
N ILE B 667 -20.39 61.35 31.05
CA ILE B 667 -21.59 60.62 30.71
C ILE B 667 -22.24 59.96 31.94
N ILE B 668 -23.42 60.45 32.28
CA ILE B 668 -24.17 59.96 33.42
C ILE B 668 -25.08 58.82 32.98
N GLY B 669 -25.68 59.00 31.82
CA GLY B 669 -26.56 57.98 31.29
C GLY B 669 -26.92 58.28 29.86
N ALA B 670 -27.99 57.66 29.38
CA ALA B 670 -28.44 57.88 28.02
C ALA B 670 -29.95 57.81 27.96
N VAL B 671 -30.50 58.47 26.95
CA VAL B 671 -31.94 58.48 26.73
C VAL B 671 -32.20 57.78 25.39
N VAL B 672 -33.23 56.94 25.34
CA VAL B 672 -33.56 56.19 24.13
C VAL B 672 -34.98 56.55 23.66
N ALA B 673 -35.11 56.94 22.41
CA ALA B 673 -36.42 57.31 21.86
C ALA B 673 -36.55 56.96 20.38
N ASP B 674 -37.67 57.34 19.77
CA ASP B 674 -37.87 57.02 18.37
C ASP B 674 -37.08 57.91 17.43
N THR B 675 -36.90 59.17 17.79
CA THR B 675 -36.18 60.07 16.89
C THR B 675 -35.13 60.95 17.59
N PRO B 676 -34.16 61.44 16.82
CA PRO B 676 -33.11 62.31 17.34
C PRO B 676 -33.75 63.56 17.94
N GLU B 677 -34.79 64.05 17.27
CA GLU B 677 -35.49 65.23 17.75
C GLU B 677 -36.10 64.95 19.13
N HIS B 678 -36.62 63.74 19.31
CA HIS B 678 -37.23 63.36 20.57
C HIS B 678 -36.19 63.03 21.64
N THR B 679 -35.04 62.50 21.25
CA THR B 679 -34.02 62.18 22.25
C THR B 679 -33.52 63.46 22.89
N GLN B 680 -33.34 64.51 22.08
CA GLN B 680 -32.89 65.78 22.65
C GLN B 680 -33.88 66.28 23.69
N ARG B 681 -35.18 66.17 23.39
CA ARG B 681 -36.19 66.60 24.34
C ARG B 681 -36.16 65.78 25.64
N ALA B 682 -36.10 64.46 25.51
CA ALA B 682 -36.05 63.58 26.66
C ALA B 682 -34.81 63.86 27.50
N ALA B 683 -33.67 64.06 26.84
CA ALA B 683 -32.41 64.33 27.56
C ALA B 683 -32.49 65.60 28.38
N GLN B 684 -33.15 66.63 27.85
CA GLN B 684 -33.29 67.88 28.58
C GLN B 684 -34.32 67.68 29.69
N GLY B 685 -35.07 66.58 29.61
CA GLY B 685 -36.09 66.28 30.60
C GLY B 685 -35.58 65.39 31.73
N VAL B 686 -34.27 65.20 31.77
CA VAL B 686 -33.63 64.39 32.81
C VAL B 686 -32.90 65.34 33.75
N LYS B 687 -33.55 65.76 34.83
CA LYS B 687 -32.91 66.69 35.76
C LYS B 687 -31.98 65.98 36.76
N ILE B 688 -30.84 66.62 37.00
CA ILE B 688 -29.83 66.08 37.91
C ILE B 688 -29.45 67.12 38.96
N THR B 689 -29.49 66.71 40.22
CA THR B 689 -29.11 67.61 41.31
C THR B 689 -27.71 67.20 41.75
N TYR B 690 -26.86 68.21 41.96
CA TYR B 690 -25.48 67.95 42.32
C TYR B 690 -25.04 68.50 43.67
N GLU B 691 -23.87 68.06 44.10
CA GLU B 691 -23.23 68.50 45.33
C GLU B 691 -21.77 68.69 44.92
N GLU B 692 -21.39 69.93 44.61
CA GLU B 692 -20.03 70.21 44.15
C GLU B 692 -18.89 69.92 45.12
N LEU B 693 -17.85 69.32 44.57
CA LEU B 693 -16.64 68.96 45.29
C LEU B 693 -15.54 69.85 44.72
N PRO B 694 -14.45 70.04 45.47
CA PRO B 694 -13.39 70.89 44.94
C PRO B 694 -12.96 70.26 43.63
N ALA B 695 -12.48 71.07 42.69
CA ALA B 695 -12.03 70.54 41.41
C ALA B 695 -10.63 71.00 41.01
N ILE B 696 -9.99 70.25 40.14
CA ILE B 696 -8.67 70.59 39.65
C ILE B 696 -8.82 70.75 38.15
N ILE B 697 -8.68 71.97 37.66
CA ILE B 697 -8.85 72.24 36.23
C ILE B 697 -7.58 72.41 35.41
N THR B 698 -6.76 73.38 35.77
CA THR B 698 -5.53 73.67 35.03
C THR B 698 -4.31 72.88 35.45
N ILE B 699 -3.32 72.84 34.56
CA ILE B 699 -2.08 72.14 34.82
C ILE B 699 -1.43 72.72 36.07
N GLU B 700 -1.59 74.03 36.28
CA GLU B 700 -1.01 74.66 37.46
C GLU B 700 -1.72 74.19 38.72
N ASP B 701 -3.00 73.80 38.59
CA ASP B 701 -3.79 73.30 39.72
C ASP B 701 -3.27 71.92 40.08
N ALA B 702 -3.09 71.10 39.06
CA ALA B 702 -2.59 69.74 39.23
C ALA B 702 -1.24 69.73 39.91
N ILE B 703 -0.38 70.65 39.49
CA ILE B 703 0.96 70.75 40.04
C ILE B 703 0.91 71.17 41.50
N LYS B 704 -0.02 72.07 41.83
CA LYS B 704 -0.16 72.58 43.19
C LYS B 704 -0.75 71.52 44.12
N ASN B 705 -1.71 70.75 43.60
CA ASN B 705 -2.35 69.71 44.40
C ASN B 705 -1.67 68.37 44.19
N ASN B 706 -0.57 68.38 43.45
CA ASN B 706 0.16 67.15 43.18
C ASN B 706 -0.84 66.11 42.68
N SER B 707 -1.54 66.43 41.60
CA SER B 707 -2.52 65.54 41.00
C SER B 707 -1.99 65.01 39.67
N PHE B 708 -1.39 63.84 39.72
CA PHE B 708 -0.81 63.23 38.52
C PHE B 708 -1.20 61.76 38.33
N TYR B 709 -1.02 61.30 37.09
CA TYR B 709 -1.27 59.92 36.73
C TYR B 709 0.09 59.24 36.72
N GLY B 710 0.28 58.28 37.61
CA GLY B 710 1.55 57.59 37.64
C GLY B 710 2.70 58.52 38.02
N PRO B 711 3.94 58.05 37.91
CA PRO B 711 5.13 58.82 38.25
C PRO B 711 5.70 59.65 37.10
N GLU B 712 6.68 60.50 37.44
CA GLU B 712 7.35 61.35 36.48
C GLU B 712 8.06 60.46 35.44
N LEU B 713 7.88 60.77 34.16
CA LEU B 713 8.52 60.02 33.10
C LEU B 713 9.83 60.74 32.82
N LYS B 714 10.88 60.00 32.43
CA LYS B 714 12.15 60.65 32.20
C LYS B 714 13.14 59.90 31.30
N ILE B 715 13.92 60.67 30.56
CA ILE B 715 14.96 60.13 29.68
C ILE B 715 16.17 61.03 29.91
N GLU B 716 17.26 60.47 30.41
CA GLU B 716 18.44 61.29 30.65
C GLU B 716 19.68 60.68 30.05
N LYS B 717 20.49 61.53 29.43
CA LYS B 717 21.74 61.10 28.80
C LYS B 717 22.80 62.18 28.94
N GLY B 718 24.01 61.76 29.29
CA GLY B 718 25.09 62.71 29.45
C GLY B 718 25.19 63.21 30.87
N ASP B 719 25.86 64.35 31.04
CA ASP B 719 26.04 64.92 32.36
C ASP B 719 25.54 66.36 32.29
N LEU B 720 24.36 66.62 32.84
CA LEU B 720 23.81 67.97 32.81
C LEU B 720 24.69 69.00 33.50
N LYS B 721 25.00 68.78 34.78
CA LYS B 721 25.82 69.73 35.52
C LYS B 721 27.07 70.14 34.75
N LYS B 722 27.73 69.17 34.13
CA LYS B 722 28.95 69.43 33.38
C LYS B 722 28.60 70.24 32.11
N GLY B 723 27.55 69.80 31.43
CA GLY B 723 27.13 70.47 30.21
C GLY B 723 26.85 71.94 30.38
N PHE B 724 26.07 72.30 31.39
CA PHE B 724 25.76 73.70 31.62
C PHE B 724 27.01 74.48 32.01
N SER B 725 27.94 73.77 32.63
CA SER B 725 29.19 74.36 33.07
C SER B 725 30.08 74.76 31.88
N GLU B 726 30.17 73.89 30.90
CA GLU B 726 30.99 74.15 29.72
C GLU B 726 30.39 75.21 28.79
N ALA B 727 29.07 75.37 28.84
CA ALA B 727 28.36 76.33 27.98
C ALA B 727 28.76 77.78 28.17
N ASP B 728 28.75 78.54 27.08
CA ASP B 728 29.08 79.97 27.13
C ASP B 728 27.84 80.73 27.56
N ASN B 729 26.71 80.34 26.98
CA ASN B 729 25.42 80.96 27.27
C ASN B 729 24.39 79.93 27.70
N VAL B 730 23.43 80.38 28.49
CA VAL B 730 22.35 79.51 28.97
C VAL B 730 21.05 80.31 28.94
N VAL B 731 20.02 79.75 28.31
CA VAL B 731 18.73 80.44 28.24
C VAL B 731 17.62 79.62 28.89
N SER B 732 16.73 80.30 29.57
CA SER B 732 15.61 79.66 30.22
C SER B 732 14.30 80.27 29.74
N GLY B 733 13.33 79.42 29.41
CA GLY B 733 12.04 79.90 28.95
C GLY B 733 10.93 78.93 29.29
N GLU B 734 9.73 79.24 28.80
CA GLU B 734 8.56 78.42 29.03
C GLU B 734 7.61 78.63 27.86
N ILE B 735 6.92 77.58 27.43
CA ILE B 735 5.96 77.67 26.34
C ILE B 735 4.73 76.88 26.69
N TYR B 736 3.61 77.25 26.09
CA TYR B 736 2.36 76.56 26.31
C TYR B 736 1.81 76.25 24.93
N ILE B 737 1.35 75.02 24.74
CA ILE B 737 0.80 74.61 23.47
C ILE B 737 -0.63 74.15 23.68
N GLY B 738 -1.58 74.95 23.20
CA GLY B 738 -2.99 74.63 23.36
C GLY B 738 -3.37 73.31 22.72
N GLY B 739 -4.37 72.65 23.29
CA GLY B 739 -4.83 71.37 22.76
C GLY B 739 -5.47 71.55 21.40
N GLN B 740 -6.20 70.53 20.95
CA GLN B 740 -6.84 70.60 19.64
C GLN B 740 -7.99 69.62 19.50
N GLU B 741 -8.99 70.01 18.73
CA GLU B 741 -10.15 69.15 18.47
C GLU B 741 -9.93 68.51 17.10
N HIS B 742 -10.08 67.19 17.01
CA HIS B 742 -9.88 66.47 15.75
C HIS B 742 -10.71 67.03 14.60
N PHE B 743 -11.97 67.30 14.89
CA PHE B 743 -12.92 67.82 13.92
C PHE B 743 -13.02 67.01 12.64
N TYR B 744 -13.12 65.69 12.78
CA TYR B 744 -13.32 64.80 11.64
C TYR B 744 -14.72 65.22 11.20
N LEU B 745 -14.96 65.43 9.90
CA LEU B 745 -16.29 65.85 9.46
C LEU B 745 -17.40 64.89 9.90
N GLU B 746 -17.08 63.61 10.04
CA GLU B 746 -18.08 62.66 10.52
C GLU B 746 -17.77 62.42 11.99
N THR B 747 -18.68 62.86 12.85
CA THR B 747 -18.50 62.70 14.28
C THR B 747 -18.70 61.23 14.63
N HIS B 748 -18.55 60.94 15.93
CA HIS B 748 -18.70 59.60 16.45
C HIS B 748 -20.07 59.05 16.16
N CYS B 749 -20.11 57.76 15.82
CA CYS B 749 -21.36 57.11 15.51
C CYS B 749 -21.26 55.62 15.75
N THR B 750 -22.36 55.05 16.25
CA THR B 750 -22.44 53.63 16.50
C THR B 750 -23.87 53.13 16.34
N ILE B 751 -24.01 52.00 15.66
CA ILE B 751 -25.31 51.37 15.46
C ILE B 751 -25.16 50.01 16.13
N ALA B 752 -25.88 49.78 17.22
CA ALA B 752 -25.80 48.48 17.89
C ALA B 752 -27.03 47.68 17.50
N VAL B 753 -26.82 46.47 16.99
CA VAL B 753 -27.94 45.63 16.59
C VAL B 753 -27.89 44.29 17.31
N PRO B 754 -28.84 44.07 18.24
CA PRO B 754 -28.94 42.84 19.02
C PRO B 754 -29.49 41.73 18.14
N LYS B 755 -29.00 40.52 18.33
CA LYS B 755 -29.44 39.39 17.53
C LYS B 755 -30.41 38.49 18.26
N GLY B 756 -30.54 38.65 19.57
CA GLY B 756 -31.47 37.84 20.34
C GLY B 756 -30.98 36.46 20.76
N GLU B 757 -29.89 35.99 20.16
CA GLU B 757 -29.35 34.67 20.49
C GLU B 757 -28.00 34.74 21.22
N ALA B 758 -27.90 34.01 22.31
CA ALA B 758 -26.67 33.93 23.10
C ALA B 758 -25.94 35.26 23.33
N GLY B 759 -26.71 36.33 23.43
CA GLY B 759 -26.11 37.63 23.65
C GLY B 759 -25.36 38.16 22.46
N GLU B 760 -25.51 37.54 21.29
CA GLU B 760 -24.83 37.99 20.08
C GLU B 760 -25.24 39.41 19.74
N MET B 761 -24.28 40.23 19.34
CA MET B 761 -24.59 41.60 18.99
C MET B 761 -23.63 42.09 17.92
N GLU B 762 -24.17 42.79 16.94
CA GLU B 762 -23.40 43.32 15.83
C GLU B 762 -23.32 44.83 15.97
N LEU B 763 -22.11 45.41 15.83
CA LEU B 763 -21.97 46.85 15.94
C LEU B 763 -21.27 47.52 14.76
N PHE B 764 -21.94 48.50 14.16
CA PHE B 764 -21.37 49.25 13.04
C PHE B 764 -20.84 50.51 13.72
N VAL B 765 -19.52 50.63 13.75
CA VAL B 765 -18.87 51.74 14.44
C VAL B 765 -17.88 52.54 13.62
N SER B 766 -17.93 53.85 13.79
CA SER B 766 -16.97 54.72 13.11
C SER B 766 -15.79 54.77 14.09
N THR B 767 -14.92 53.78 14.00
CA THR B 767 -13.78 53.69 14.90
C THR B 767 -12.50 53.21 14.21
N GLN B 768 -11.37 53.48 14.85
CA GLN B 768 -10.08 53.06 14.31
C GLN B 768 -9.62 51.87 15.13
N ASN B 769 -10.39 51.52 16.16
CA ASN B 769 -10.04 50.42 17.05
C ASN B 769 -11.19 49.42 17.19
N THR B 770 -11.32 48.53 16.21
CA THR B 770 -12.36 47.53 16.24
C THR B 770 -12.18 46.58 17.41
N MET B 771 -10.93 46.19 17.68
CA MET B 771 -10.65 45.26 18.77
C MET B 771 -11.07 45.72 20.16
N LYS B 772 -10.74 46.97 20.51
CA LYS B 772 -11.09 47.45 21.83
C LYS B 772 -12.58 47.73 21.91
N THR B 773 -13.19 48.01 20.76
CA THR B 773 -14.62 48.25 20.74
C THR B 773 -15.30 46.95 21.15
N GLN B 774 -14.88 45.88 20.49
CA GLN B 774 -15.41 44.54 20.74
C GLN B 774 -15.30 44.13 22.19
N SER B 775 -14.09 44.20 22.74
CA SER B 775 -13.88 43.80 24.11
C SER B 775 -14.52 44.72 25.15
N PHE B 776 -14.50 46.02 24.92
CA PHE B 776 -15.10 46.95 25.86
C PHE B 776 -16.60 46.75 25.95
N VAL B 777 -17.20 46.41 24.81
CA VAL B 777 -18.64 46.18 24.76
C VAL B 777 -18.92 44.82 25.38
N ALA B 778 -18.00 43.90 25.21
CA ALA B 778 -18.16 42.55 25.75
C ALA B 778 -18.01 42.54 27.28
N LYS B 779 -17.12 43.38 27.79
CA LYS B 779 -16.88 43.47 29.23
C LYS B 779 -18.09 44.14 29.89
N MET B 780 -18.63 45.14 29.20
CA MET B 780 -19.79 45.89 29.68
C MET B 780 -21.04 45.01 29.72
N LEU B 781 -21.22 44.18 28.71
CA LEU B 781 -22.38 43.30 28.64
C LEU B 781 -22.19 42.04 29.45
N GLY B 782 -20.93 41.68 29.65
CA GLY B 782 -20.64 40.48 30.42
C GLY B 782 -20.74 39.23 29.57
N VAL B 783 -20.45 39.34 28.28
CA VAL B 783 -20.50 38.19 27.39
C VAL B 783 -19.11 37.96 26.79
N PRO B 784 -18.85 36.73 26.32
CA PRO B 784 -17.55 36.42 25.72
C PRO B 784 -17.38 37.27 24.48
N ALA B 785 -16.13 37.54 24.11
CA ALA B 785 -15.84 38.36 22.94
C ALA B 785 -16.31 37.73 21.63
N ASN B 786 -16.50 36.42 21.60
CA ASN B 786 -16.93 35.75 20.38
C ASN B 786 -18.39 36.00 20.04
N ARG B 787 -19.11 36.65 20.94
CA ARG B 787 -20.52 36.96 20.71
C ARG B 787 -20.66 38.33 20.08
N ILE B 788 -19.60 39.13 20.16
CA ILE B 788 -19.61 40.49 19.64
C ILE B 788 -18.78 40.71 18.39
N VAL B 789 -19.42 41.13 17.30
CA VAL B 789 -18.71 41.41 16.06
C VAL B 789 -18.83 42.89 15.71
N VAL B 790 -17.68 43.52 15.44
CA VAL B 790 -17.64 44.94 15.11
C VAL B 790 -17.21 45.14 13.67
N ARG B 791 -18.05 45.85 12.91
CA ARG B 791 -17.79 46.14 11.50
C ARG B 791 -17.55 47.64 11.24
N VAL B 792 -16.61 47.92 10.35
CA VAL B 792 -16.26 49.28 9.99
C VAL B 792 -15.95 49.32 8.50
N LYS B 793 -16.83 49.96 7.73
CA LYS B 793 -16.59 50.05 6.30
C LYS B 793 -15.65 51.24 6.06
N ARG B 794 -15.95 52.37 6.70
CA ARG B 794 -15.10 53.57 6.57
C ARG B 794 -15.52 54.62 7.59
N MET B 795 -14.66 55.61 7.82
CA MET B 795 -14.95 56.69 8.75
C MET B 795 -14.77 58.00 8.00
N GLY B 796 -15.60 58.98 8.34
CA GLY B 796 -15.47 60.31 7.74
C GLY B 796 -14.45 61.03 8.61
N GLY B 797 -13.24 60.48 8.68
CA GLY B 797 -12.19 61.08 9.48
C GLY B 797 -11.99 60.39 10.83
N GLY B 798 -10.76 60.38 11.31
CA GLY B 798 -10.43 59.76 12.59
C GLY B 798 -9.34 60.55 13.30
N PHE B 799 -8.16 60.60 12.68
CA PHE B 799 -7.03 61.37 13.22
C PHE B 799 -6.62 61.00 14.64
N GLY B 800 -6.94 59.77 15.06
CA GLY B 800 -6.59 59.33 16.39
C GLY B 800 -7.68 59.56 17.42
N GLY B 801 -8.68 60.36 17.06
CA GLY B 801 -9.77 60.65 17.97
C GLY B 801 -10.74 59.49 18.08
N LYS B 802 -10.50 58.44 17.31
CA LYS B 802 -11.37 57.29 17.35
C LYS B 802 -10.56 56.02 17.65
N VAL B 803 -9.38 56.22 18.22
CA VAL B 803 -8.52 55.11 18.58
C VAL B 803 -9.06 54.51 19.88
N THR B 804 -9.63 55.35 20.73
CA THR B 804 -10.21 54.86 21.98
C THR B 804 -11.54 55.51 22.36
N ARG B 805 -11.60 56.83 22.32
CA ARG B 805 -12.83 57.52 22.72
C ARG B 805 -14.11 57.06 22.03
N SER B 806 -14.03 56.48 20.84
CA SER B 806 -15.25 56.04 20.17
C SER B 806 -16.06 55.05 21.03
N THR B 807 -15.35 54.16 21.75
CA THR B 807 -16.00 53.15 22.60
C THR B 807 -16.97 53.71 23.63
N VAL B 808 -16.78 54.98 23.99
CA VAL B 808 -17.64 55.62 24.97
C VAL B 808 -19.05 55.79 24.44
N VAL B 809 -19.18 55.87 23.12
CA VAL B 809 -20.49 56.00 22.51
C VAL B 809 -20.99 54.58 22.22
N SER B 810 -20.05 53.70 21.89
CA SER B 810 -20.40 52.32 21.58
C SER B 810 -21.02 51.57 22.75
N THR B 811 -20.40 51.63 23.93
CA THR B 811 -20.95 50.93 25.09
C THR B 811 -22.40 51.36 25.36
N ALA B 812 -22.63 52.67 25.31
CA ALA B 812 -23.95 53.20 25.55
C ALA B 812 -24.96 52.57 24.61
N VAL B 813 -24.74 52.73 23.31
CA VAL B 813 -25.63 52.17 22.29
C VAL B 813 -25.83 50.67 22.50
N ALA B 814 -24.75 49.97 22.83
CA ALA B 814 -24.80 48.53 23.07
C ALA B 814 -25.81 48.18 24.17
N LEU B 815 -25.68 48.84 25.32
CA LEU B 815 -26.54 48.60 26.47
C LEU B 815 -28.00 48.93 26.15
N ALA B 816 -28.21 49.90 25.28
CA ALA B 816 -29.56 50.27 24.88
C ALA B 816 -30.16 49.10 24.08
N ALA B 817 -29.39 48.61 23.12
CA ALA B 817 -29.82 47.49 22.29
C ALA B 817 -30.07 46.29 23.18
N TYR B 818 -29.18 46.08 24.14
CA TYR B 818 -29.29 44.98 25.08
C TYR B 818 -30.59 45.12 25.90
N LYS B 819 -30.81 46.30 26.45
CA LYS B 819 -31.99 46.55 27.26
C LYS B 819 -33.31 46.42 26.49
N THR B 820 -33.38 47.02 25.31
CA THR B 820 -34.59 47.00 24.50
C THR B 820 -34.73 45.79 23.58
N GLY B 821 -33.60 45.13 23.30
CA GLY B 821 -33.63 43.98 22.42
C GLY B 821 -33.88 44.43 20.99
N ARG B 822 -33.74 45.74 20.76
CA ARG B 822 -33.96 46.32 19.44
C ARG B 822 -32.73 47.06 18.96
N PRO B 823 -32.56 47.14 17.64
CA PRO B 823 -31.38 47.86 17.16
C PRO B 823 -31.45 49.32 17.62
N VAL B 824 -30.30 49.92 17.90
CA VAL B 824 -30.23 51.31 18.36
C VAL B 824 -29.01 52.00 17.77
N ARG B 825 -29.14 53.29 17.47
CA ARG B 825 -28.01 54.03 16.91
C ARG B 825 -27.88 55.39 17.56
N CYS B 826 -26.69 55.96 17.41
CA CYS B 826 -26.39 57.27 17.93
C CYS B 826 -25.19 57.89 17.24
N MET B 827 -25.42 59.06 16.66
CA MET B 827 -24.36 59.82 16.03
C MET B 827 -24.36 61.10 16.85
N LEU B 828 -23.20 61.50 17.34
CA LEU B 828 -23.11 62.71 18.16
C LEU B 828 -23.22 64.02 17.37
N ASP B 829 -23.84 65.01 17.99
CA ASP B 829 -23.96 66.33 17.38
C ASP B 829 -22.57 66.93 17.62
N ARG B 830 -22.17 67.90 16.81
CA ARG B 830 -20.85 68.51 16.96
C ARG B 830 -20.57 68.97 18.38
N ASP B 831 -21.54 69.67 18.98
CA ASP B 831 -21.37 70.16 20.33
C ASP B 831 -21.21 69.02 21.33
N GLU B 832 -21.90 67.90 21.11
CA GLU B 832 -21.81 66.76 22.01
C GLU B 832 -20.44 66.11 21.87
N ASP B 833 -20.05 65.90 20.61
CA ASP B 833 -18.78 65.30 20.25
C ASP B 833 -17.59 66.09 20.80
N MET B 834 -17.55 67.39 20.53
CA MET B 834 -16.47 68.25 20.98
C MET B 834 -16.34 68.33 22.51
N LEU B 835 -17.44 68.13 23.21
CA LEU B 835 -17.43 68.20 24.66
C LEU B 835 -16.96 66.90 25.30
N ILE B 836 -17.57 65.81 24.88
CA ILE B 836 -17.30 64.48 25.43
C ILE B 836 -16.00 63.75 25.05
N THR B 837 -15.69 63.72 23.76
CA THR B 837 -14.53 62.97 23.25
C THR B 837 -13.12 63.50 23.43
N GLY B 838 -12.97 64.70 23.96
CA GLY B 838 -11.64 65.27 24.15
C GLY B 838 -10.79 65.40 22.90
N GLY B 839 -9.60 65.98 23.03
CA GLY B 839 -8.72 66.15 21.88
C GLY B 839 -7.25 65.97 22.20
N ARG B 840 -6.40 66.74 21.50
CA ARG B 840 -4.96 66.70 21.69
C ARG B 840 -4.52 67.30 23.03
N HIS B 841 -3.62 66.61 23.72
CA HIS B 841 -3.12 67.07 25.01
C HIS B 841 -2.43 68.43 24.98
N PRO B 842 -2.83 69.34 25.89
CA PRO B 842 -2.18 70.65 25.92
C PRO B 842 -0.91 70.47 26.76
N PHE B 843 0.20 70.99 26.26
CA PHE B 843 1.48 70.88 26.96
C PHE B 843 1.93 72.20 27.56
N LEU B 844 2.70 72.09 28.64
CA LEU B 844 3.29 73.25 29.29
C LEU B 844 4.73 72.80 29.57
N ALA B 845 5.69 73.41 28.89
CA ALA B 845 7.08 73.05 29.09
C ALA B 845 7.96 74.18 29.60
N ARG B 846 8.89 73.81 30.48
CA ARG B 846 9.85 74.73 31.08
C ARG B 846 11.22 74.22 30.62
N TYR B 847 11.86 74.95 29.73
CA TYR B 847 13.16 74.53 29.21
C TYR B 847 14.34 75.36 29.69
N LYS B 848 15.52 74.76 29.62
CA LYS B 848 16.76 75.40 30.02
C LYS B 848 17.80 74.85 29.05
N VAL B 849 18.47 75.73 28.31
CA VAL B 849 19.46 75.27 27.35
C VAL B 849 20.81 76.00 27.40
N GLY B 850 21.89 75.22 27.35
CA GLY B 850 23.22 75.79 27.36
C GLY B 850 23.87 75.58 26.01
N PHE B 851 24.52 76.61 25.50
CA PHE B 851 25.16 76.50 24.19
C PHE B 851 26.42 77.35 24.11
N MET B 852 27.19 77.16 23.05
CA MET B 852 28.42 77.92 22.85
C MET B 852 28.11 79.10 21.94
N LYS B 853 28.88 80.18 22.06
CA LYS B 853 28.67 81.37 21.25
C LYS B 853 28.59 81.04 19.75
N THR B 854 29.04 79.84 19.39
CA THR B 854 29.05 79.39 17.99
C THR B 854 27.73 78.77 17.52
N GLY B 855 26.75 78.67 18.41
CA GLY B 855 25.46 78.10 18.05
C GLY B 855 25.28 76.65 18.47
N THR B 856 26.35 76.00 18.90
CA THR B 856 26.32 74.61 19.32
C THR B 856 25.73 74.44 20.72
N VAL B 857 24.70 73.60 20.85
CA VAL B 857 24.10 73.39 22.17
C VAL B 857 24.84 72.23 22.83
N VAL B 858 25.05 72.35 24.14
CA VAL B 858 25.78 71.32 24.87
C VAL B 858 24.98 70.73 26.01
N ALA B 859 23.96 71.46 26.45
CA ALA B 859 23.11 70.98 27.52
C ALA B 859 21.67 71.46 27.34
N LEU B 860 20.72 70.57 27.59
CA LEU B 860 19.32 70.89 27.45
C LEU B 860 18.56 70.24 28.59
N GLU B 861 17.61 70.97 29.15
CA GLU B 861 16.81 70.42 30.23
C GLU B 861 15.35 70.87 30.03
N VAL B 862 14.46 69.92 29.82
CA VAL B 862 13.05 70.26 29.62
C VAL B 862 12.08 69.46 30.47
N ASP B 863 11.15 70.17 31.10
CA ASP B 863 10.13 69.54 31.92
C ASP B 863 8.80 69.72 31.19
N HIS B 864 8.13 68.61 30.92
CA HIS B 864 6.86 68.66 30.22
C HIS B 864 5.72 68.36 31.15
N PHE B 865 4.60 68.99 30.88
CA PHE B 865 3.39 68.80 31.66
C PHE B 865 2.25 68.78 30.65
N SER B 866 1.39 67.79 30.76
CA SER B 866 0.27 67.65 29.84
C SER B 866 -1.01 67.53 30.66
N ASN B 867 -2.07 68.20 30.21
CA ASN B 867 -3.34 68.11 30.90
C ASN B 867 -4.03 66.92 30.27
N VAL B 868 -4.13 65.81 31.00
CA VAL B 868 -4.73 64.63 30.40
C VAL B 868 -6.23 64.43 30.62
N GLY B 869 -6.77 65.04 31.67
CA GLY B 869 -8.20 64.90 31.91
C GLY B 869 -8.61 63.86 32.94
N ASN B 870 -9.91 63.60 33.01
CA ASN B 870 -10.47 62.67 33.99
C ASN B 870 -10.17 61.16 33.88
N THR B 871 -9.36 60.76 32.92
CA THR B 871 -8.94 59.36 32.81
C THR B 871 -7.55 59.38 32.21
N GLN B 872 -6.73 58.36 32.48
CA GLN B 872 -5.38 58.33 31.94
C GLN B 872 -5.36 58.08 30.43
N ASP B 873 -6.24 57.20 29.96
CA ASP B 873 -6.33 56.87 28.54
C ASP B 873 -4.96 56.49 27.95
N LEU B 874 -4.52 57.23 26.94
CA LEU B 874 -3.24 56.95 26.30
C LEU B 874 -2.17 57.98 26.60
N SER B 875 -2.50 58.92 27.48
CA SER B 875 -1.59 60.00 27.86
C SER B 875 -0.13 59.59 28.10
N GLN B 876 0.08 58.43 28.69
CA GLN B 876 1.42 57.96 28.99
C GLN B 876 2.30 57.72 27.76
N SER B 877 1.76 57.07 26.74
CA SER B 877 2.54 56.82 25.53
C SER B 877 2.72 58.13 24.79
N ILE B 878 1.71 58.99 24.86
CA ILE B 878 1.77 60.30 24.20
C ILE B 878 2.91 61.11 24.79
N MET B 879 3.00 61.14 26.12
CA MET B 879 4.07 61.89 26.76
C MET B 879 5.40 61.20 26.46
N GLU B 880 5.37 59.88 26.39
CA GLU B 880 6.59 59.13 26.08
C GLU B 880 7.09 59.50 24.69
N ARG B 881 6.17 59.56 23.74
CA ARG B 881 6.57 59.89 22.37
C ARG B 881 7.07 61.32 22.35
N ALA B 882 6.42 62.19 23.11
CA ALA B 882 6.84 63.59 23.17
C ALA B 882 8.29 63.62 23.63
N LEU B 883 8.63 62.79 24.61
CA LEU B 883 9.99 62.72 25.14
C LEU B 883 10.93 62.13 24.08
N PHE B 884 10.43 61.17 23.30
CA PHE B 884 11.25 60.56 22.25
C PHE B 884 11.61 61.55 21.14
N HIS B 885 10.94 62.69 21.10
CA HIS B 885 11.20 63.68 20.07
C HIS B 885 11.55 65.08 20.59
N MET B 886 11.88 65.18 21.88
CA MET B 886 12.21 66.48 22.46
C MET B 886 13.50 67.02 21.83
N ASP B 887 14.22 66.15 21.15
CA ASP B 887 15.47 66.48 20.49
C ASP B 887 15.22 66.99 19.07
N ASN B 888 14.15 66.49 18.46
CA ASN B 888 13.78 66.81 17.09
C ASN B 888 14.86 66.22 16.19
N CYS B 889 15.68 67.06 15.56
CA CYS B 889 16.75 66.55 14.69
C CYS B 889 18.11 67.01 15.17
N TYR B 890 18.26 67.21 16.46
CA TYR B 890 19.50 67.71 16.99
C TYR B 890 20.29 66.88 18.00
N LYS B 891 21.59 66.82 17.76
CA LYS B 891 22.57 66.10 18.57
C LYS B 891 22.92 66.90 19.83
N ILE B 892 22.38 66.48 20.96
CA ILE B 892 22.63 67.15 22.24
C ILE B 892 23.28 66.17 23.23
N PRO B 893 24.58 66.36 23.52
CA PRO B 893 25.35 65.50 24.44
C PRO B 893 24.79 65.33 25.84
N ASN B 894 24.32 66.42 26.43
CA ASN B 894 23.80 66.37 27.78
C ASN B 894 22.38 66.88 27.79
N ILE B 895 21.46 65.92 27.77
CA ILE B 895 20.04 66.21 27.73
C ILE B 895 19.27 65.51 28.84
N ARG B 896 18.29 66.22 29.38
CA ARG B 896 17.43 65.70 30.44
C ARG B 896 16.00 66.08 30.10
N GLY B 897 15.15 65.08 29.92
CA GLY B 897 13.77 65.35 29.60
C GLY B 897 12.81 64.58 30.50
N THR B 898 11.95 65.31 31.21
CA THR B 898 10.98 64.68 32.10
C THR B 898 9.56 65.02 31.67
N GLY B 899 8.59 64.26 32.14
CA GLY B 899 7.21 64.51 31.78
C GLY B 899 6.23 64.18 32.88
N ARG B 900 5.12 64.91 32.91
CA ARG B 900 4.09 64.70 33.91
C ARG B 900 2.69 64.68 33.34
N LEU B 901 1.94 63.64 33.70
CA LEU B 901 0.57 63.48 33.27
C LEU B 901 -0.33 64.09 34.34
N CYS B 902 -0.88 65.25 34.05
CA CYS B 902 -1.74 65.95 35.01
C CYS B 902 -3.19 65.45 35.09
N LYS B 903 -3.54 64.90 36.25
CA LYS B 903 -4.87 64.38 36.51
C LYS B 903 -5.81 65.54 36.85
N THR B 904 -6.74 65.85 35.94
CA THR B 904 -7.68 66.95 36.15
C THR B 904 -9.13 66.63 35.86
N ASN B 905 -10.02 67.51 36.32
CA ASN B 905 -11.47 67.39 36.12
C ASN B 905 -11.87 67.99 34.78
N LEU B 906 -11.45 67.36 33.68
CA LEU B 906 -11.76 67.84 32.35
C LEU B 906 -12.05 66.62 31.50
N PRO B 907 -12.72 66.81 30.35
CA PRO B 907 -12.96 65.63 29.53
C PRO B 907 -11.59 65.07 29.15
N SER B 908 -11.47 63.76 29.27
CA SER B 908 -10.23 63.05 29.00
C SER B 908 -9.69 63.22 27.58
N ASN B 909 -8.50 63.81 27.46
CA ASN B 909 -7.89 64.01 26.14
C ASN B 909 -7.33 62.69 25.62
N THR B 910 -6.99 62.62 24.34
CA THR B 910 -6.50 61.36 23.80
C THR B 910 -5.56 61.48 22.62
N ALA B 911 -5.46 60.40 21.85
CA ALA B 911 -4.60 60.38 20.68
C ALA B 911 -5.06 61.40 19.63
N PHE B 912 -4.09 62.01 18.98
CA PHE B 912 -4.33 62.98 17.92
C PHE B 912 -3.10 62.98 17.03
N ARG B 913 -3.31 62.72 15.74
CA ARG B 913 -2.25 62.70 14.74
C ARG B 913 -1.02 63.46 15.21
N GLY B 914 0.08 62.73 15.38
CA GLY B 914 1.32 63.35 15.86
C GLY B 914 1.68 62.64 17.15
N PHE B 915 0.63 62.23 17.86
CA PHE B 915 0.76 61.50 19.12
C PHE B 915 1.82 62.01 20.09
N GLY B 916 1.81 63.30 20.38
CA GLY B 916 2.79 63.85 21.31
C GLY B 916 4.05 64.38 20.65
N GLY B 917 4.37 63.86 19.48
CA GLY B 917 5.55 64.33 18.78
C GLY B 917 5.51 65.81 18.45
N PRO B 918 4.41 66.31 17.87
CA PRO B 918 4.32 67.73 17.53
C PRO B 918 4.62 68.64 18.73
N GLN B 919 4.11 68.27 19.90
CA GLN B 919 4.34 69.08 21.10
C GLN B 919 5.81 69.05 21.49
N GLY B 920 6.38 67.85 21.54
CA GLY B 920 7.78 67.71 21.91
C GLY B 920 8.72 68.48 21.00
N MET B 921 8.41 68.51 19.70
CA MET B 921 9.27 69.19 18.74
C MET B 921 9.09 70.71 18.61
N LEU B 922 7.92 71.22 18.95
CA LEU B 922 7.72 72.67 18.86
C LEU B 922 8.54 73.30 19.98
N ILE B 923 8.60 72.61 21.11
CA ILE B 923 9.36 73.07 22.25
C ILE B 923 10.82 73.08 21.86
N ALA B 924 11.24 72.03 21.17
CA ALA B 924 12.62 71.91 20.71
C ALA B 924 12.95 73.10 19.84
N GLU B 925 12.10 73.34 18.85
CA GLU B 925 12.29 74.43 17.92
C GLU B 925 12.13 75.81 18.54
N CYS B 926 11.52 75.86 19.71
CA CYS B 926 11.33 77.12 20.42
C CYS B 926 12.67 77.63 20.98
N TRP B 927 13.36 76.80 21.77
CA TRP B 927 14.65 77.22 22.32
C TRP B 927 15.74 77.20 21.27
N MET B 928 15.55 76.42 20.21
CA MET B 928 16.55 76.39 19.15
C MET B 928 16.57 77.72 18.43
N SER B 929 15.39 78.30 18.23
CA SER B 929 15.29 79.57 17.53
C SER B 929 15.83 80.68 18.43
N GLU B 930 15.80 80.45 19.74
CA GLU B 930 16.30 81.44 20.68
C GLU B 930 17.80 81.34 20.80
N VAL B 931 18.33 80.16 20.47
CA VAL B 931 19.77 79.93 20.52
C VAL B 931 20.40 80.71 19.37
N ALA B 932 19.71 80.75 18.23
CA ALA B 932 20.23 81.47 17.09
C ALA B 932 20.14 82.98 17.30
N VAL B 933 19.13 83.42 18.03
CA VAL B 933 18.97 84.84 18.30
C VAL B 933 20.00 85.33 19.32
N THR B 934 20.23 84.54 20.36
CA THR B 934 21.21 84.91 21.39
C THR B 934 22.64 84.94 20.83
N CYS B 935 22.95 84.00 19.94
CA CYS B 935 24.27 83.95 19.34
C CYS B 935 24.36 84.90 18.16
N GLY B 936 23.24 85.55 17.84
CA GLY B 936 23.22 86.48 16.73
C GLY B 936 23.62 85.90 15.38
N MET B 937 23.24 84.65 15.12
CA MET B 937 23.58 83.98 13.86
C MET B 937 22.35 83.61 13.03
N PRO B 938 22.53 83.25 11.75
CA PRO B 938 21.37 82.88 10.93
C PRO B 938 20.81 81.52 11.39
N ALA B 939 19.51 81.50 11.65
CA ALA B 939 18.83 80.29 12.11
C ALA B 939 19.15 79.07 11.25
N GLU B 940 19.20 79.26 9.94
CA GLU B 940 19.50 78.15 9.06
C GLU B 940 20.81 77.54 9.53
N GLU B 941 21.81 78.38 9.72
CA GLU B 941 23.12 77.92 10.14
C GLU B 941 23.12 77.25 11.51
N VAL B 942 22.53 77.91 12.50
CA VAL B 942 22.49 77.33 13.83
C VAL B 942 21.86 75.95 13.81
N ARG B 943 20.80 75.77 13.03
CA ARG B 943 20.14 74.48 12.94
C ARG B 943 21.00 73.45 12.19
N ARG B 944 21.64 73.86 11.11
CA ARG B 944 22.49 72.94 10.34
C ARG B 944 23.62 72.33 11.18
N LYS B 945 24.39 73.17 11.86
CA LYS B 945 25.50 72.67 12.66
C LYS B 945 25.14 71.80 13.86
N ASN B 946 23.87 71.83 14.29
CA ASN B 946 23.42 71.02 15.42
C ASN B 946 22.70 69.76 14.96
N LEU B 947 22.44 69.69 13.67
CA LEU B 947 21.74 68.57 13.04
C LEU B 947 22.48 67.25 13.24
N TYR B 948 21.73 66.18 13.51
CA TYR B 948 22.32 64.86 13.68
C TYR B 948 23.10 64.54 12.40
N LYS B 949 23.76 63.40 12.37
CA LYS B 949 24.49 62.97 11.19
C LYS B 949 24.42 61.44 11.10
N GLU B 950 24.29 60.93 9.87
CA GLU B 950 24.21 59.50 9.62
C GLU B 950 25.06 58.73 10.60
N GLY B 951 24.44 57.82 11.35
CA GLY B 951 25.19 57.04 12.31
C GLY B 951 25.02 57.48 13.75
N ASP B 952 24.73 58.76 13.97
CA ASP B 952 24.56 59.24 15.34
C ASP B 952 23.50 58.47 16.13
N LEU B 953 23.55 58.62 17.44
CA LEU B 953 22.58 57.98 18.32
C LEU B 953 21.71 59.06 18.98
N THR B 954 20.41 58.83 19.02
CA THR B 954 19.48 59.78 19.62
C THR B 954 19.67 59.78 21.14
N HIS B 955 19.06 60.76 21.81
CA HIS B 955 19.17 60.83 23.27
C HIS B 955 18.65 59.55 23.94
N PHE B 956 17.89 58.74 23.22
CA PHE B 956 17.42 57.48 23.80
C PHE B 956 18.24 56.33 23.24
N ASN B 957 19.33 56.70 22.59
CA ASN B 957 20.33 55.78 22.04
C ASN B 957 20.02 54.89 20.84
N GLN B 958 19.11 55.29 19.98
CA GLN B 958 18.85 54.48 18.80
C GLN B 958 19.73 55.04 17.70
N LYS B 959 20.24 54.16 16.83
CA LYS B 959 21.09 54.60 15.75
C LYS B 959 20.28 55.20 14.59
N LEU B 960 20.81 56.27 13.99
CA LEU B 960 20.14 56.90 12.87
C LEU B 960 20.77 56.46 11.56
N GLU B 961 20.32 55.32 11.05
CA GLU B 961 20.82 54.78 9.79
C GLU B 961 19.80 55.07 8.69
N GLY B 962 20.28 55.38 7.49
CA GLY B 962 19.38 55.70 6.42
C GLY B 962 18.87 57.10 6.71
N PHE B 963 19.76 57.92 7.26
CA PHE B 963 19.48 59.30 7.64
C PHE B 963 19.38 60.18 6.38
N THR B 964 18.16 60.45 5.93
CA THR B 964 17.93 61.27 4.74
C THR B 964 17.59 62.75 5.00
N LEU B 965 17.66 63.17 6.26
CA LEU B 965 17.35 64.56 6.62
C LEU B 965 18.20 65.59 5.89
N PRO B 966 19.52 65.33 5.76
CA PRO B 966 20.41 66.27 5.06
C PRO B 966 19.99 66.56 3.63
N ARG B 967 19.68 65.51 2.88
CA ARG B 967 19.24 65.66 1.49
C ARG B 967 17.96 66.50 1.38
N CYS B 968 17.06 66.32 2.35
CA CYS B 968 15.81 67.07 2.37
C CYS B 968 16.11 68.53 2.63
N TRP B 969 16.96 68.77 3.62
CA TRP B 969 17.37 70.12 3.99
C TRP B 969 17.96 70.84 2.78
N GLU B 970 18.92 70.17 2.14
CA GLU B 970 19.60 70.67 0.95
C GLU B 970 18.62 71.00 -0.18
N GLU B 971 17.88 69.98 -0.60
CA GLU B 971 16.91 70.12 -1.67
C GLU B 971 15.81 71.13 -1.34
N CYS B 972 15.41 71.21 -0.09
CA CYS B 972 14.37 72.16 0.28
C CYS B 972 14.97 73.57 0.19
N LEU B 973 16.23 73.69 0.57
CA LEU B 973 16.94 74.97 0.52
C LEU B 973 17.11 75.50 -0.90
N ALA B 974 17.32 74.59 -1.86
CA ALA B 974 17.49 74.99 -3.26
C ALA B 974 16.13 75.21 -3.91
N SER B 975 15.23 74.26 -3.68
CA SER B 975 13.88 74.33 -4.23
C SER B 975 13.21 75.64 -3.82
N SER B 976 13.30 75.98 -2.54
CA SER B 976 12.67 77.20 -2.02
C SER B 976 13.43 78.49 -2.29
N GLN B 977 14.70 78.37 -2.67
CA GLN B 977 15.54 79.55 -2.93
C GLN B 977 15.50 80.39 -1.67
N TYR B 978 15.79 79.74 -0.56
CA TYR B 978 15.78 80.34 0.76
C TYR B 978 16.66 81.58 0.94
N HIS B 979 17.94 81.47 0.64
CA HIS B 979 18.85 82.59 0.81
C HIS B 979 18.49 83.81 0.00
N ALA B 980 18.00 83.60 -1.22
CA ALA B 980 17.62 84.72 -2.04
C ALA B 980 16.38 85.38 -1.45
N ARG B 981 15.36 84.59 -1.12
CA ARG B 981 14.14 85.14 -0.56
C ARG B 981 14.34 85.86 0.77
N LYS B 982 15.42 85.51 1.47
CA LYS B 982 15.75 86.13 2.75
C LYS B 982 16.01 87.62 2.54
N SER B 983 16.52 87.98 1.37
CA SER B 983 16.82 89.36 1.03
C SER B 983 15.54 90.08 0.67
N GLU B 984 14.62 89.34 0.06
CA GLU B 984 13.33 89.86 -0.37
C GLU B 984 12.53 90.26 0.87
N VAL B 985 12.53 89.39 1.87
CA VAL B 985 11.81 89.63 3.11
C VAL B 985 12.33 90.91 3.78
N ASP B 986 13.63 90.97 4.01
CA ASP B 986 14.23 92.14 4.63
C ASP B 986 13.82 93.43 3.93
N LYS B 987 13.77 93.38 2.60
CA LYS B 987 13.40 94.55 1.81
C LYS B 987 11.97 94.96 2.08
N PHE B 988 11.06 93.99 2.09
CA PHE B 988 9.66 94.27 2.33
C PHE B 988 9.53 94.98 3.67
N ASN B 989 10.11 94.36 4.70
CA ASN B 989 10.06 94.92 6.05
C ASN B 989 10.62 96.32 6.13
N LYS B 990 11.49 96.68 5.19
CA LYS B 990 12.09 98.01 5.18
C LYS B 990 11.19 99.03 4.52
N GLU B 991 10.38 98.58 3.57
CA GLU B 991 9.49 99.46 2.84
C GLU B 991 8.10 99.48 3.45
N ASN B 992 7.84 98.57 4.36
CA ASN B 992 6.54 98.48 5.02
C ASN B 992 6.72 98.62 6.52
N CYS B 993 5.85 99.40 7.13
CA CYS B 993 5.95 99.64 8.54
C CYS B 993 4.94 98.84 9.38
N TRP B 994 3.72 98.69 8.88
CA TRP B 994 2.70 97.97 9.62
C TRP B 994 2.34 96.58 9.10
N LYS B 995 3.25 96.02 8.30
CA LYS B 995 3.10 94.69 7.73
C LYS B 995 4.51 94.12 7.67
N LYS B 996 4.71 92.93 8.20
CA LYS B 996 6.05 92.34 8.18
C LYS B 996 6.00 90.93 7.64
N ARG B 997 7.12 90.50 7.07
CA ARG B 997 7.22 89.16 6.53
C ARG B 997 8.23 88.36 7.34
N GLY B 998 8.06 87.05 7.32
CA GLY B 998 8.96 86.17 8.04
C GLY B 998 9.23 84.98 7.16
N LEU B 999 10.41 84.40 7.31
CA LEU B 999 10.81 83.25 6.52
C LEU B 999 11.46 82.26 7.46
N CYS B 1000 11.12 80.98 7.36
CA CYS B 1000 11.71 80.00 8.26
C CYS B 1000 11.72 78.58 7.73
N ILE B 1001 12.88 77.93 7.80
CA ILE B 1001 13.01 76.55 7.34
C ILE B 1001 13.12 75.63 8.57
N ILE B 1002 12.24 74.63 8.64
CA ILE B 1002 12.22 73.71 9.78
C ILE B 1002 12.32 72.23 9.38
N PRO B 1003 13.13 71.45 10.11
CA PRO B 1003 13.29 70.02 9.83
C PRO B 1003 12.48 69.19 10.82
N THR B 1004 12.27 67.92 10.50
CA THR B 1004 11.55 67.06 11.41
C THR B 1004 11.99 65.61 11.27
N LYS B 1005 11.80 64.86 12.35
CA LYS B 1005 12.15 63.43 12.41
C LYS B 1005 11.04 62.75 13.21
N PHE B 1006 10.41 61.74 12.63
CA PHE B 1006 9.33 61.05 13.34
C PHE B 1006 9.57 59.54 13.49
N GLY B 1007 9.63 59.08 14.73
CA GLY B 1007 9.83 57.66 15.00
C GLY B 1007 8.64 56.85 14.53
N ILE B 1008 8.87 55.84 13.70
CA ILE B 1008 7.78 55.03 13.18
C ILE B 1008 7.63 53.64 13.82
N SER B 1009 6.51 53.46 14.52
CA SER B 1009 6.12 52.23 15.22
C SER B 1009 5.35 52.55 16.50
N PHE B 1010 4.48 51.63 16.92
CA PHE B 1010 3.72 51.83 18.15
C PHE B 1010 4.76 51.80 19.28
N THR B 1011 4.66 52.72 20.24
CA THR B 1011 5.61 52.73 21.35
C THR B 1011 5.41 51.47 22.18
N VAL B 1012 4.22 50.88 22.07
CA VAL B 1012 3.90 49.63 22.77
C VAL B 1012 4.26 48.56 21.74
N PRO B 1013 5.35 47.82 21.98
CA PRO B 1013 5.86 46.76 21.10
C PRO B 1013 4.86 45.78 20.48
N PHE B 1014 4.12 45.06 21.31
CA PHE B 1014 3.18 44.08 20.81
C PHE B 1014 2.03 44.60 19.92
N LEU B 1015 1.87 45.92 19.83
CA LEU B 1015 0.81 46.47 18.97
C LEU B 1015 1.27 46.48 17.51
N ASN B 1016 2.57 46.29 17.30
CA ASN B 1016 3.11 46.26 15.95
C ASN B 1016 2.92 44.90 15.31
N GLN B 1017 1.66 44.58 15.03
CA GLN B 1017 1.27 43.33 14.39
C GLN B 1017 0.01 43.59 13.57
N ALA B 1018 -0.19 42.79 12.53
CA ALA B 1018 -1.35 42.96 11.68
C ALA B 1018 -1.75 41.65 11.04
N GLY B 1019 -3.04 41.51 10.77
CA GLY B 1019 -3.56 40.30 10.14
C GLY B 1019 -4.27 40.61 8.84
N ALA B 1020 -4.56 39.58 8.07
CA ALA B 1020 -5.26 39.70 6.80
C ALA B 1020 -5.88 38.36 6.40
N LEU B 1021 -7.04 38.43 5.76
CA LEU B 1021 -7.74 37.24 5.30
C LEU B 1021 -8.01 37.45 3.82
N LEU B 1022 -7.55 36.51 3.00
CA LEU B 1022 -7.72 36.62 1.55
C LEU B 1022 -8.39 35.42 0.92
N HIS B 1023 -9.49 35.68 0.20
CA HIS B 1023 -10.23 34.62 -0.48
C HIS B 1023 -10.11 34.76 -2.00
N VAL B 1024 -9.99 33.63 -2.68
CA VAL B 1024 -9.93 33.61 -4.14
C VAL B 1024 -11.12 32.77 -4.57
N TYR B 1025 -12.12 33.41 -5.19
CA TYR B 1025 -13.30 32.70 -5.64
C TYR B 1025 -13.04 32.00 -6.96
N THR B 1026 -13.85 30.99 -7.25
CA THR B 1026 -13.70 30.21 -8.49
C THR B 1026 -13.90 30.94 -9.80
N ASP B 1027 -14.24 32.23 -9.75
CA ASP B 1027 -14.39 33.03 -10.96
C ASP B 1027 -13.14 33.92 -11.02
N GLY B 1028 -12.24 33.67 -10.08
CA GLY B 1028 -10.99 34.41 -10.03
C GLY B 1028 -10.99 35.67 -9.19
N SER B 1029 -12.15 36.30 -9.00
CA SER B 1029 -12.17 37.53 -8.22
C SER B 1029 -11.63 37.28 -6.83
N VAL B 1030 -11.02 38.31 -6.24
CA VAL B 1030 -10.43 38.21 -4.92
C VAL B 1030 -11.08 39.13 -3.90
N LEU B 1031 -11.43 38.58 -2.74
CA LEU B 1031 -12.02 39.35 -1.64
C LEU B 1031 -10.92 39.41 -0.62
N LEU B 1032 -10.54 40.61 -0.21
CA LEU B 1032 -9.44 40.79 0.72
C LEU B 1032 -9.78 41.69 1.91
N THR B 1033 -9.39 41.24 3.12
CA THR B 1033 -9.58 42.02 4.35
C THR B 1033 -8.30 42.02 5.17
N HIS B 1034 -8.15 43.06 5.98
CA HIS B 1034 -7.02 43.21 6.87
C HIS B 1034 -7.51 44.03 8.06
N GLY B 1035 -6.68 44.15 9.09
CA GLY B 1035 -7.06 44.87 10.27
C GLY B 1035 -7.25 46.37 10.16
N GLY B 1036 -6.59 47.00 9.20
CA GLY B 1036 -6.71 48.44 9.06
C GLY B 1036 -8.10 48.94 8.67
N THR B 1037 -8.47 50.10 9.19
CA THR B 1037 -9.76 50.69 8.86
C THR B 1037 -9.54 51.91 7.97
N GLU B 1038 -10.42 52.09 6.99
CA GLU B 1038 -10.31 53.22 6.08
C GLU B 1038 -10.93 54.46 6.72
N MET B 1039 -10.17 55.54 6.79
CA MET B 1039 -10.68 56.77 7.37
C MET B 1039 -10.32 57.92 6.45
N GLY B 1040 -10.02 57.59 5.20
CA GLY B 1040 -9.67 58.60 4.22
C GLY B 1040 -8.22 58.64 3.82
N GLN B 1041 -7.36 57.89 4.53
CA GLN B 1041 -5.94 57.89 4.21
C GLN B 1041 -5.62 56.98 3.01
N GLY B 1042 -6.66 56.38 2.44
CA GLY B 1042 -6.47 55.51 1.29
C GLY B 1042 -5.73 54.22 1.62
N LEU B 1043 -5.85 53.77 2.87
CA LEU B 1043 -5.21 52.53 3.28
C LEU B 1043 -5.58 51.36 2.36
N HIS B 1044 -6.87 51.18 2.10
CA HIS B 1044 -7.32 50.08 1.24
C HIS B 1044 -6.78 50.18 -0.17
N THR B 1045 -6.77 51.39 -0.73
CA THR B 1045 -6.25 51.57 -2.06
C THR B 1045 -4.84 50.96 -2.08
N LYS B 1046 -4.02 51.40 -1.14
CA LYS B 1046 -2.65 50.91 -1.03
C LYS B 1046 -2.58 49.40 -0.89
N MET B 1047 -3.44 48.84 -0.05
CA MET B 1047 -3.47 47.41 0.17
C MET B 1047 -3.86 46.66 -1.11
N VAL B 1048 -4.84 47.21 -1.84
CA VAL B 1048 -5.28 46.62 -3.10
C VAL B 1048 -4.12 46.71 -4.10
N GLN B 1049 -3.37 47.80 -4.06
CA GLN B 1049 -2.22 47.98 -4.94
C GLN B 1049 -1.19 46.92 -4.58
N VAL B 1050 -0.82 46.88 -3.31
CA VAL B 1050 0.15 45.93 -2.79
C VAL B 1050 -0.22 44.51 -3.21
N ALA B 1051 -1.46 44.11 -2.92
CA ALA B 1051 -1.92 42.78 -3.24
C ALA B 1051 -1.89 42.53 -4.73
N SER B 1052 -2.24 43.56 -5.50
CA SER B 1052 -2.26 43.44 -6.96
C SER B 1052 -0.88 43.10 -7.51
N ARG B 1053 0.14 43.69 -6.91
CA ARG B 1053 1.51 43.45 -7.31
C ARG B 1053 2.01 42.08 -6.86
N ALA B 1054 1.59 41.67 -5.68
CA ALA B 1054 2.01 40.38 -5.13
C ALA B 1054 1.48 39.18 -5.91
N LEU B 1055 0.22 39.24 -6.33
CA LEU B 1055 -0.40 38.14 -7.07
C LEU B 1055 -0.21 38.27 -8.58
N LYS B 1056 0.16 39.46 -9.02
CA LYS B 1056 0.35 39.71 -10.44
C LYS B 1056 -0.97 39.55 -11.16
N ILE B 1057 -1.95 40.33 -10.74
CA ILE B 1057 -3.28 40.36 -11.32
C ILE B 1057 -3.76 41.80 -11.17
N PRO B 1058 -4.58 42.28 -12.12
CA PRO B 1058 -5.09 43.66 -12.09
C PRO B 1058 -5.84 43.99 -10.80
N THR B 1059 -5.74 45.24 -10.36
CA THR B 1059 -6.44 45.66 -9.16
C THR B 1059 -7.95 45.54 -9.37
N SER B 1060 -8.36 45.48 -10.63
CA SER B 1060 -9.77 45.36 -10.95
C SER B 1060 -10.32 44.02 -10.48
N LYS B 1061 -9.43 43.05 -10.26
CA LYS B 1061 -9.86 41.74 -9.83
C LYS B 1061 -9.82 41.58 -8.30
N ILE B 1062 -9.33 42.61 -7.62
CA ILE B 1062 -9.27 42.55 -6.18
C ILE B 1062 -10.20 43.58 -5.54
N TYR B 1063 -10.95 43.15 -4.53
CA TYR B 1063 -11.86 44.05 -3.87
C TYR B 1063 -11.75 43.94 -2.36
N ILE B 1064 -11.81 45.09 -1.69
CA ILE B 1064 -11.78 45.17 -0.22
C ILE B 1064 -13.11 45.81 0.17
N SER B 1065 -13.88 45.15 1.02
CA SER B 1065 -15.18 45.66 1.41
C SER B 1065 -15.27 46.37 2.75
N GLU B 1066 -14.76 45.74 3.80
CA GLU B 1066 -14.86 46.34 5.12
C GLU B 1066 -13.87 45.72 6.08
N THR B 1067 -13.82 46.29 7.27
CA THR B 1067 -12.94 45.81 8.32
C THR B 1067 -13.88 45.11 9.30
N SER B 1068 -13.52 43.91 9.73
CA SER B 1068 -14.40 43.16 10.61
C SER B 1068 -13.67 42.30 11.63
N THR B 1069 -14.14 42.33 12.88
CA THR B 1069 -13.52 41.53 13.93
C THR B 1069 -13.76 40.03 13.73
N ASN B 1070 -14.68 39.66 12.84
CA ASN B 1070 -14.90 38.24 12.63
C ASN B 1070 -14.24 37.67 11.36
N THR B 1071 -13.38 38.47 10.72
CA THR B 1071 -12.62 38.01 9.56
C THR B 1071 -11.14 38.04 9.96
N VAL B 1072 -10.74 39.10 10.67
CA VAL B 1072 -9.37 39.26 11.16
C VAL B 1072 -9.48 39.71 12.62
N PRO B 1073 -9.08 38.86 13.57
CA PRO B 1073 -9.15 39.17 15.01
C PRO B 1073 -7.94 39.83 15.66
N ASN B 1074 -8.18 40.35 16.86
CA ASN B 1074 -7.14 40.97 17.67
C ASN B 1074 -6.30 42.01 16.94
N THR B 1075 -6.93 42.78 16.07
CA THR B 1075 -6.20 43.79 15.32
C THR B 1075 -5.85 45.00 16.17
N SER B 1076 -4.70 45.60 15.88
CA SER B 1076 -4.26 46.79 16.58
C SER B 1076 -5.04 47.99 16.04
N PRO B 1077 -5.03 49.12 16.74
CA PRO B 1077 -5.77 50.26 16.21
C PRO B 1077 -5.09 50.77 14.96
N THR B 1078 -5.87 51.35 14.05
CA THR B 1078 -5.33 51.92 12.82
C THR B 1078 -4.75 53.27 13.23
N ALA B 1079 -3.49 53.24 13.63
CA ALA B 1079 -2.79 54.44 14.11
C ALA B 1079 -1.28 54.33 13.91
N ALA B 1080 -0.56 55.25 14.53
CA ALA B 1080 0.89 55.31 14.49
C ALA B 1080 1.45 55.28 13.07
N SER B 1081 0.64 55.70 12.11
CA SER B 1081 1.05 55.75 10.71
C SER B 1081 1.54 54.42 10.12
N VAL B 1082 1.57 53.36 10.90
CA VAL B 1082 2.07 52.08 10.40
C VAL B 1082 1.05 51.09 9.88
N SER B 1083 -0.18 51.52 9.66
CA SER B 1083 -1.20 50.61 9.18
C SER B 1083 -0.93 49.98 7.82
N ALA B 1084 -0.29 50.74 6.92
CA ALA B 1084 0.02 50.23 5.60
C ALA B 1084 1.29 49.38 5.68
N ASP B 1085 2.20 49.78 6.57
CA ASP B 1085 3.45 49.04 6.74
C ASP B 1085 3.11 47.62 7.21
N LEU B 1086 2.40 47.57 8.34
CA LEU B 1086 1.99 46.33 9.00
C LEU B 1086 1.03 45.47 8.17
N ASN B 1087 -0.11 46.05 7.77
CA ASN B 1087 -1.08 45.30 6.99
C ASN B 1087 -0.57 44.95 5.60
N GLY B 1088 0.09 45.90 4.94
CA GLY B 1088 0.63 45.62 3.62
C GLY B 1088 1.49 44.36 3.67
N GLN B 1089 2.13 44.15 4.82
CA GLN B 1089 2.99 43.01 5.03
C GLN B 1089 2.15 41.74 5.27
N ALA B 1090 1.03 41.88 5.98
CA ALA B 1090 0.17 40.72 6.24
C ALA B 1090 -0.58 40.33 4.95
N VAL B 1091 -0.99 41.34 4.18
CA VAL B 1091 -1.68 41.10 2.92
C VAL B 1091 -0.69 40.39 2.00
N TYR B 1092 0.56 40.87 2.02
CA TYR B 1092 1.63 40.31 1.22
C TYR B 1092 1.81 38.83 1.52
N ALA B 1093 1.95 38.52 2.81
CA ALA B 1093 2.15 37.14 3.26
C ALA B 1093 1.02 36.23 2.81
N ALA B 1094 -0.22 36.67 3.02
CA ALA B 1094 -1.39 35.90 2.62
C ALA B 1094 -1.28 35.63 1.12
N CYS B 1095 -0.85 36.63 0.35
CA CYS B 1095 -0.71 36.47 -1.08
C CYS B 1095 0.33 35.40 -1.40
N GLN B 1096 1.46 35.44 -0.71
CA GLN B 1096 2.50 34.46 -0.93
C GLN B 1096 1.96 33.05 -0.70
N THR B 1097 1.16 32.87 0.35
CA THR B 1097 0.59 31.56 0.64
C THR B 1097 -0.24 31.09 -0.55
N ILE B 1098 -0.99 32.00 -1.17
CA ILE B 1098 -1.83 31.66 -2.31
C ILE B 1098 -0.98 31.31 -3.52
N LEU B 1099 -0.04 32.17 -3.86
CA LEU B 1099 0.83 31.91 -5.00
C LEU B 1099 1.43 30.51 -4.87
N LYS B 1100 1.90 30.18 -3.67
CA LYS B 1100 2.51 28.90 -3.38
C LYS B 1100 1.61 27.72 -3.77
N ARG B 1101 0.32 27.82 -3.43
CA ARG B 1101 -0.62 26.76 -3.75
C ARG B 1101 -0.98 26.69 -5.21
N LEU B 1102 -0.93 27.81 -5.90
CA LEU B 1102 -1.26 27.84 -7.32
C LEU B 1102 -0.11 27.40 -8.21
N GLU B 1103 1.10 27.44 -7.67
CA GLU B 1103 2.29 27.07 -8.41
C GLU B 1103 2.16 25.82 -9.27
N PRO B 1104 1.78 24.67 -8.67
CA PRO B 1104 1.64 23.43 -9.42
C PRO B 1104 0.81 23.53 -10.69
N TYR B 1105 -0.28 24.28 -10.63
CA TYR B 1105 -1.19 24.45 -11.76
C TYR B 1105 -0.68 25.44 -12.78
N LYS B 1106 0.18 26.35 -12.33
CA LYS B 1106 0.77 27.36 -13.19
C LYS B 1106 1.84 26.68 -14.06
N LYS B 1107 2.49 25.66 -13.51
CA LYS B 1107 3.53 24.93 -14.23
C LYS B 1107 2.95 24.00 -15.28
N LYS B 1108 1.79 23.42 -15.01
CA LYS B 1108 1.16 22.50 -15.95
C LYS B 1108 0.48 23.27 -17.07
N ASN B 1109 0.43 24.59 -16.95
CA ASN B 1109 -0.22 25.41 -17.97
C ASN B 1109 0.21 26.86 -17.86
N PRO B 1110 1.47 27.14 -18.21
CA PRO B 1110 2.09 28.48 -18.19
C PRO B 1110 1.40 29.49 -19.08
N SER B 1111 0.87 29.00 -20.21
CA SER B 1111 0.19 29.86 -21.17
C SER B 1111 -1.20 30.21 -20.65
N GLY B 1112 -1.62 29.51 -19.60
CA GLY B 1112 -2.94 29.74 -19.02
C GLY B 1112 -3.07 31.05 -18.26
N SER B 1113 -4.31 31.45 -18.05
CA SER B 1113 -4.60 32.68 -17.33
C SER B 1113 -4.78 32.38 -15.84
N TRP B 1114 -4.89 33.45 -15.07
CA TRP B 1114 -5.10 33.34 -13.63
C TRP B 1114 -6.41 32.58 -13.37
N GLU B 1115 -7.41 32.79 -14.20
CA GLU B 1115 -8.68 32.10 -14.05
C GLU B 1115 -8.47 30.61 -14.28
N ASP B 1116 -7.68 30.28 -15.29
CA ASP B 1116 -7.42 28.88 -15.59
C ASP B 1116 -6.79 28.19 -14.39
N TRP B 1117 -5.75 28.80 -13.82
CA TRP B 1117 -5.08 28.23 -12.67
C TRP B 1117 -5.99 28.15 -11.46
N VAL B 1118 -6.80 29.18 -11.27
CA VAL B 1118 -7.71 29.18 -10.14
C VAL B 1118 -8.66 27.99 -10.18
N THR B 1119 -9.40 27.83 -11.28
CA THR B 1119 -10.35 26.73 -11.34
C THR B 1119 -9.67 25.35 -11.35
N ALA B 1120 -8.43 25.27 -11.81
CA ALA B 1120 -7.69 24.01 -11.82
C ALA B 1120 -7.41 23.63 -10.37
N ALA B 1121 -7.00 24.63 -9.59
CA ALA B 1121 -6.69 24.46 -8.18
C ALA B 1121 -7.93 23.99 -7.43
N TYR B 1122 -9.05 24.69 -7.64
CA TYR B 1122 -10.29 24.31 -6.99
C TYR B 1122 -10.67 22.89 -7.41
N MET B 1123 -10.68 22.67 -8.72
CA MET B 1123 -11.02 21.36 -9.28
C MET B 1123 -10.17 20.27 -8.66
N ASP B 1124 -8.97 20.63 -8.20
CA ASP B 1124 -8.07 19.66 -7.59
C ASP B 1124 -8.04 19.77 -6.06
N THR B 1125 -9.18 20.17 -5.50
CA THR B 1125 -9.35 20.31 -4.06
C THR B 1125 -8.16 20.95 -3.33
N VAL B 1126 -7.92 22.23 -3.62
CA VAL B 1126 -6.84 22.99 -3.01
C VAL B 1126 -7.47 24.23 -2.39
N SER B 1127 -7.18 24.46 -1.12
CA SER B 1127 -7.72 25.61 -0.40
C SER B 1127 -7.40 26.92 -1.11
N LEU B 1128 -8.44 27.72 -1.38
CA LEU B 1128 -8.25 29.01 -2.02
C LEU B 1128 -8.52 30.16 -1.05
N SER B 1129 -8.22 29.92 0.22
CA SER B 1129 -8.38 30.92 1.27
C SER B 1129 -7.20 30.82 2.22
N ALA B 1130 -6.63 31.97 2.59
CA ALA B 1130 -5.49 31.95 3.49
C ALA B 1130 -5.41 33.23 4.32
N THR B 1131 -4.81 33.11 5.49
CA THR B 1131 -4.63 34.25 6.36
C THR B 1131 -3.20 34.72 6.17
N GLY B 1132 -2.89 35.87 6.74
CA GLY B 1132 -1.55 36.41 6.63
C GLY B 1132 -1.31 37.22 7.88
N PHE B 1133 -0.10 37.12 8.42
CA PHE B 1133 0.23 37.83 9.64
C PHE B 1133 1.62 38.39 9.58
N TYR B 1134 1.83 39.51 10.26
CA TYR B 1134 3.13 40.12 10.28
C TYR B 1134 3.30 40.92 11.55
N ARG B 1135 4.52 40.92 12.08
CA ARG B 1135 4.83 41.67 13.29
C ARG B 1135 6.25 42.22 13.15
N THR B 1136 6.43 43.47 13.52
CA THR B 1136 7.74 44.10 13.44
C THR B 1136 8.71 43.44 14.44
N PRO B 1137 9.95 43.18 14.00
CA PRO B 1137 10.93 42.55 14.87
C PRO B 1137 11.88 43.53 15.54
N ASN B 1138 12.49 43.08 16.64
CA ASN B 1138 13.47 43.87 17.37
C ASN B 1138 13.02 45.23 17.89
N LEU B 1139 11.86 45.29 18.52
CA LEU B 1139 11.38 46.53 19.08
C LEU B 1139 11.32 46.31 20.58
N GLY B 1140 11.38 47.39 21.35
CA GLY B 1140 11.33 47.28 22.79
C GLY B 1140 12.36 48.14 23.50
N TYR B 1141 11.97 49.37 23.84
CA TYR B 1141 12.83 50.31 24.54
C TYR B 1141 12.61 50.18 26.05
N SER B 1142 13.67 50.43 26.82
CA SER B 1142 13.57 50.37 28.28
C SER B 1142 13.86 51.73 28.88
N PHE B 1143 12.94 52.25 29.67
CA PHE B 1143 13.16 53.55 30.30
C PHE B 1143 14.10 53.41 31.47
N GLU B 1144 14.26 52.17 31.94
CA GLU B 1144 15.12 51.87 33.08
C GLU B 1144 16.58 51.82 32.65
N THR B 1145 16.82 51.26 31.47
CA THR B 1145 18.18 51.13 30.95
C THR B 1145 18.48 52.04 29.75
N ASN B 1146 17.46 52.77 29.30
CA ASN B 1146 17.61 53.65 28.15
C ASN B 1146 18.26 52.93 26.96
N SER B 1147 17.79 51.73 26.67
CA SER B 1147 18.30 50.92 25.58
C SER B 1147 17.15 50.19 24.87
N GLY B 1148 17.43 49.66 23.69
CA GLY B 1148 16.40 48.97 22.95
C GLY B 1148 15.76 49.93 21.98
N ASN B 1149 15.47 49.48 20.76
CA ASN B 1149 14.88 50.34 19.76
C ASN B 1149 13.36 50.45 19.83
N PRO B 1150 12.85 51.67 19.99
CA PRO B 1150 11.41 51.91 20.07
C PRO B 1150 10.82 51.87 18.66
N PHE B 1151 11.55 52.47 17.73
CA PHE B 1151 11.11 52.58 16.34
C PHE B 1151 11.80 51.64 15.35
N HIS B 1152 11.08 51.29 14.30
CA HIS B 1152 11.58 50.40 13.25
C HIS B 1152 12.44 51.19 12.28
N TYR B 1153 12.23 52.49 12.25
CA TYR B 1153 12.96 53.43 11.40
C TYR B 1153 12.27 54.78 11.56
N PHE B 1154 12.88 55.84 11.01
CA PHE B 1154 12.30 57.18 11.12
C PHE B 1154 11.89 57.78 9.80
N SER B 1155 11.02 58.79 9.89
CA SER B 1155 10.54 59.54 8.74
C SER B 1155 11.22 60.90 8.86
N TYR B 1156 11.61 61.48 7.73
CA TYR B 1156 12.25 62.79 7.71
C TYR B 1156 11.57 63.67 6.69
N GLY B 1157 11.73 64.98 6.87
CA GLY B 1157 11.16 65.94 5.95
C GLY B 1157 11.60 67.32 6.40
N VAL B 1158 11.64 68.25 5.46
CA VAL B 1158 12.00 69.63 5.77
C VAL B 1158 10.96 70.53 5.15
N ALA B 1159 10.64 71.63 5.83
CA ALA B 1159 9.65 72.56 5.33
C ALA B 1159 10.11 74.01 5.49
N CYS B 1160 9.93 74.78 4.42
CA CYS B 1160 10.30 76.18 4.42
C CYS B 1160 9.03 76.99 4.18
N SER B 1161 8.76 77.94 5.07
CA SER B 1161 7.57 78.76 4.94
C SER B 1161 7.80 80.26 5.07
N GLU B 1162 6.96 81.03 4.38
CA GLU B 1162 7.02 82.47 4.40
C GLU B 1162 5.62 83.00 4.70
N VAL B 1163 5.54 83.99 5.58
CA VAL B 1163 4.28 84.59 5.95
C VAL B 1163 4.36 86.10 5.93
N GLU B 1164 3.20 86.74 5.96
CA GLU B 1164 3.11 88.19 6.01
C GLU B 1164 2.06 88.47 7.06
N ILE B 1165 2.39 89.27 8.06
CA ILE B 1165 1.44 89.58 9.11
C ILE B 1165 0.99 91.01 9.01
N ASP B 1166 -0.20 91.27 9.53
CA ASP B 1166 -0.76 92.62 9.57
C ASP B 1166 -0.58 93.02 11.03
N CYS B 1167 0.48 93.77 11.31
CA CYS B 1167 0.78 94.19 12.67
C CYS B 1167 -0.36 94.94 13.35
N LEU B 1168 -1.29 95.49 12.58
CA LEU B 1168 -2.40 96.25 13.16
C LEU B 1168 -3.68 95.43 13.46
N THR B 1169 -3.75 94.19 12.97
CA THR B 1169 -4.94 93.37 13.20
C THR B 1169 -4.65 91.94 13.69
N GLY B 1170 -3.45 91.44 13.42
CA GLY B 1170 -3.13 90.10 13.84
C GLY B 1170 -3.40 89.11 12.74
N ASP B 1171 -3.94 89.58 11.62
CA ASP B 1171 -4.20 88.70 10.49
C ASP B 1171 -2.85 88.35 9.85
N HIS B 1172 -2.85 87.39 8.94
CA HIS B 1172 -1.62 87.00 8.27
C HIS B 1172 -1.89 86.08 7.09
N LYS B 1173 -1.02 86.16 6.08
CA LYS B 1173 -1.13 85.33 4.90
C LYS B 1173 0.02 84.34 4.84
N ASN B 1174 -0.29 83.13 4.39
CA ASN B 1174 0.73 82.09 4.25
C ASN B 1174 1.15 82.22 2.78
N LEU B 1175 2.07 83.14 2.54
CA LEU B 1175 2.57 83.43 1.22
C LEU B 1175 3.07 82.20 0.46
N ARG B 1176 4.01 81.48 1.04
CA ARG B 1176 4.54 80.31 0.36
C ARG B 1176 5.07 79.23 1.28
N THR B 1177 4.97 77.99 0.84
CA THR B 1177 5.49 76.86 1.61
C THR B 1177 6.12 75.84 0.69
N ASP B 1178 7.30 75.38 1.07
CA ASP B 1178 8.04 74.38 0.32
C ASP B 1178 8.29 73.19 1.22
N ILE B 1179 7.82 72.02 0.82
CA ILE B 1179 8.04 70.82 1.62
C ILE B 1179 8.76 69.73 0.84
N VAL B 1180 9.71 69.09 1.49
CA VAL B 1180 10.44 67.97 0.89
C VAL B 1180 10.23 66.84 1.89
N MET B 1181 9.52 65.80 1.47
CA MET B 1181 9.22 64.70 2.38
C MET B 1181 9.80 63.39 1.90
N ASP B 1182 10.48 62.71 2.82
CA ASP B 1182 11.05 61.41 2.50
C ASP B 1182 10.05 60.35 2.89
N VAL B 1183 9.42 59.75 1.89
CA VAL B 1183 8.46 58.69 2.12
C VAL B 1183 9.01 57.43 1.44
N GLY B 1184 10.34 57.41 1.28
CA GLY B 1184 10.99 56.28 0.64
C GLY B 1184 10.34 56.06 -0.71
N SER B 1185 10.22 54.81 -1.13
CA SER B 1185 9.57 54.51 -2.39
C SER B 1185 8.05 54.47 -2.14
N SER B 1186 7.39 55.59 -2.42
CA SER B 1186 5.97 55.73 -2.23
C SER B 1186 5.08 54.62 -2.82
N LEU B 1187 4.16 54.09 -2.03
CA LEU B 1187 3.28 53.06 -2.55
C LEU B 1187 2.30 53.74 -3.50
N ASN B 1188 2.05 55.03 -3.28
CA ASN B 1188 1.13 55.80 -4.11
C ASN B 1188 1.41 57.28 -3.90
N PRO B 1189 2.13 57.92 -4.84
CA PRO B 1189 2.43 59.35 -4.67
C PRO B 1189 1.25 60.30 -4.53
N ALA B 1190 0.13 60.03 -5.18
CA ALA B 1190 -1.01 60.92 -5.02
C ALA B 1190 -1.54 60.86 -3.59
N ILE B 1191 -1.65 59.66 -3.04
CA ILE B 1191 -2.12 59.51 -1.67
C ILE B 1191 -1.15 60.12 -0.66
N ASP B 1192 0.14 59.92 -0.88
CA ASP B 1192 1.16 60.42 0.03
C ASP B 1192 1.30 61.94 0.01
N ILE B 1193 1.23 62.53 -1.18
CA ILE B 1193 1.34 63.97 -1.27
C ILE B 1193 0.12 64.55 -0.59
N GLY B 1194 -1.03 63.90 -0.78
CA GLY B 1194 -2.27 64.32 -0.15
C GLY B 1194 -2.14 64.22 1.36
N GLN B 1195 -1.44 63.20 1.85
CA GLN B 1195 -1.24 63.03 3.29
C GLN B 1195 -0.33 64.14 3.82
N VAL B 1196 0.69 64.49 3.02
CA VAL B 1196 1.63 65.55 3.38
C VAL B 1196 0.93 66.90 3.50
N GLU B 1197 0.14 67.25 2.48
CA GLU B 1197 -0.57 68.52 2.49
C GLU B 1197 -1.63 68.50 3.59
N GLY B 1198 -2.31 67.37 3.73
CA GLY B 1198 -3.35 67.24 4.74
C GLY B 1198 -2.81 67.34 6.15
N ALA B 1199 -1.71 66.65 6.43
CA ALA B 1199 -1.13 66.70 7.77
C ALA B 1199 -0.58 68.11 8.03
N PHE B 1200 0.04 68.69 7.02
CA PHE B 1200 0.61 70.02 7.15
C PHE B 1200 -0.46 71.07 7.48
N VAL B 1201 -1.57 71.02 6.76
CA VAL B 1201 -2.65 71.97 6.99
C VAL B 1201 -3.27 71.78 8.37
N GLN B 1202 -3.28 70.54 8.85
CA GLN B 1202 -3.83 70.27 10.18
C GLN B 1202 -2.86 70.83 11.21
N GLY B 1203 -1.57 70.78 10.91
CA GLY B 1203 -0.56 71.33 11.81
C GLY B 1203 -0.70 72.85 11.78
N LEU B 1204 -0.98 73.37 10.59
CA LEU B 1204 -1.18 74.80 10.41
C LEU B 1204 -2.31 75.23 11.34
N GLY B 1205 -3.34 74.40 11.45
CA GLY B 1205 -4.45 74.72 12.31
C GLY B 1205 -4.01 74.75 13.77
N LEU B 1206 -3.35 73.67 14.18
CA LEU B 1206 -2.86 73.55 15.54
C LEU B 1206 -2.05 74.75 15.98
N PHE B 1207 -1.09 75.15 15.16
CA PHE B 1207 -0.22 76.27 15.48
C PHE B 1207 -0.70 77.69 15.18
N THR B 1208 -1.82 77.86 14.49
CA THR B 1208 -2.24 79.23 14.21
C THR B 1208 -3.72 79.62 14.29
N LEU B 1209 -4.62 78.65 14.24
CA LEU B 1209 -6.04 79.01 14.28
C LEU B 1209 -6.90 78.35 15.35
N GLU B 1210 -6.66 77.06 15.57
CA GLU B 1210 -7.44 76.28 16.50
C GLU B 1210 -7.19 76.48 17.98
N GLU B 1211 -8.21 77.01 18.67
CA GLU B 1211 -8.12 77.27 20.10
C GLU B 1211 -9.43 76.95 20.82
N LEU B 1212 -9.33 76.18 21.90
CA LEU B 1212 -10.49 75.80 22.69
C LEU B 1212 -10.48 76.60 24.00
N HIS B 1213 -11.61 77.19 24.36
CA HIS B 1213 -11.68 77.94 25.61
C HIS B 1213 -12.55 77.27 26.67
N TYR B 1214 -12.15 77.41 27.93
CA TYR B 1214 -12.88 76.83 29.05
C TYR B 1214 -13.16 77.85 30.14
N SER B 1215 -14.31 77.71 30.81
CA SER B 1215 -14.66 78.60 31.89
C SER B 1215 -13.84 78.16 33.11
N PRO B 1216 -13.68 79.04 34.10
CA PRO B 1216 -12.90 78.70 35.30
C PRO B 1216 -13.38 77.41 35.96
N GLU B 1217 -14.66 77.11 35.81
CA GLU B 1217 -15.24 75.90 36.39
C GLU B 1217 -15.09 74.65 35.50
N GLY B 1218 -14.27 74.76 34.46
CA GLY B 1218 -14.03 73.62 33.58
C GLY B 1218 -15.04 73.28 32.50
N SER B 1219 -15.90 74.24 32.14
CA SER B 1219 -16.89 73.99 31.11
C SER B 1219 -16.38 74.49 29.77
N LEU B 1220 -16.37 73.60 28.79
CA LEU B 1220 -15.91 73.95 27.44
C LEU B 1220 -16.84 74.95 26.76
N HIS B 1221 -16.29 76.07 26.33
CA HIS B 1221 -17.08 77.10 25.66
C HIS B 1221 -17.17 76.81 24.16
N THR B 1222 -16.06 76.34 23.60
CA THR B 1222 -15.95 76.07 22.18
C THR B 1222 -16.55 74.71 21.80
N ARG B 1223 -17.77 74.74 21.25
CA ARG B 1223 -18.44 73.51 20.89
C ARG B 1223 -18.99 73.42 19.47
N GLY B 1224 -18.41 74.17 18.54
CA GLY B 1224 -18.88 74.13 17.18
C GLY B 1224 -17.98 74.96 16.30
N PRO B 1225 -18.03 74.76 14.98
CA PRO B 1225 -17.20 75.49 14.02
C PRO B 1225 -17.38 77.00 14.02
N SER B 1226 -18.46 77.49 14.61
CA SER B 1226 -18.66 78.94 14.68
C SER B 1226 -17.58 79.57 15.55
N THR B 1227 -17.11 78.82 16.56
CA THR B 1227 -16.08 79.29 17.48
C THR B 1227 -14.74 78.56 17.33
N TYR B 1228 -14.78 77.28 16.93
CA TYR B 1228 -13.55 76.52 16.76
C TYR B 1228 -13.22 76.60 15.28
N LYS B 1229 -12.25 77.44 14.95
CA LYS B 1229 -11.88 77.68 13.56
C LYS B 1229 -10.72 76.86 12.99
N ILE B 1230 -11.05 75.83 12.21
CA ILE B 1230 -10.03 75.00 11.59
C ILE B 1230 -9.68 75.67 10.27
N PRO B 1231 -8.58 75.25 9.62
CA PRO B 1231 -8.19 75.86 8.35
C PRO B 1231 -9.28 75.82 7.28
N ALA B 1232 -9.52 76.97 6.66
CA ALA B 1232 -10.53 77.11 5.62
C ALA B 1232 -9.82 77.03 4.26
N PHE B 1233 -10.57 77.06 3.17
CA PHE B 1233 -9.97 77.00 1.83
C PHE B 1233 -8.85 78.02 1.63
N GLY B 1234 -9.12 79.26 2.01
CA GLY B 1234 -8.15 80.34 1.84
C GLY B 1234 -7.11 80.49 2.93
N SER B 1235 -6.94 79.45 3.73
CA SER B 1235 -5.95 79.47 4.79
C SER B 1235 -4.63 78.87 4.31
N ILE B 1236 -4.70 77.98 3.32
CA ILE B 1236 -3.48 77.34 2.85
C ILE B 1236 -2.55 78.31 2.14
N PRO B 1237 -1.26 77.95 2.07
CA PRO B 1237 -0.28 78.80 1.42
C PRO B 1237 -0.54 78.99 -0.08
N ILE B 1238 -0.48 80.24 -0.53
CA ILE B 1238 -0.70 80.59 -1.92
C ILE B 1238 0.21 79.73 -2.80
N GLU B 1239 1.52 79.77 -2.53
CA GLU B 1239 2.48 78.95 -3.26
C GLU B 1239 2.71 77.72 -2.41
N PHE B 1240 2.17 76.60 -2.85
CA PHE B 1240 2.27 75.36 -2.12
C PHE B 1240 3.08 74.40 -2.97
N ARG B 1241 4.28 74.06 -2.50
CA ARG B 1241 5.16 73.14 -3.22
C ARG B 1241 5.47 71.91 -2.39
N VAL B 1242 5.14 70.75 -2.93
CA VAL B 1242 5.38 69.49 -2.24
C VAL B 1242 6.17 68.52 -3.11
N SER B 1243 7.29 68.05 -2.57
CA SER B 1243 8.16 67.11 -3.28
C SER B 1243 8.45 65.87 -2.45
N LEU B 1244 8.32 64.71 -3.07
CA LEU B 1244 8.62 63.46 -2.40
C LEU B 1244 10.08 63.14 -2.75
N LEU B 1245 10.92 63.04 -1.73
CA LEU B 1245 12.34 62.75 -1.92
C LEU B 1245 12.58 61.60 -2.91
N ARG B 1246 13.52 61.79 -3.82
CA ARG B 1246 13.84 60.77 -4.82
C ARG B 1246 14.94 59.78 -4.45
N ASP B 1247 14.86 58.58 -5.01
CA ASP B 1247 15.84 57.52 -4.79
C ASP B 1247 16.17 57.27 -3.33
N CYS B 1248 15.17 56.90 -2.55
CA CYS B 1248 15.38 56.65 -1.13
C CYS B 1248 14.56 55.46 -0.60
N PRO B 1249 14.65 54.30 -1.28
CA PRO B 1249 13.91 53.11 -0.86
C PRO B 1249 14.19 52.73 0.58
N ASN B 1250 13.15 52.38 1.31
CA ASN B 1250 13.29 52.00 2.71
C ASN B 1250 13.15 50.49 2.86
N LYS B 1251 14.29 49.81 3.01
CA LYS B 1251 14.28 48.36 3.14
C LYS B 1251 13.51 47.85 4.35
N LYS B 1252 13.21 48.73 5.30
CA LYS B 1252 12.48 48.35 6.51
C LYS B 1252 10.98 48.12 6.32
N ALA B 1253 10.39 48.70 5.28
CA ALA B 1253 8.95 48.56 5.06
C ALA B 1253 8.54 48.01 3.71
N ILE B 1254 7.28 47.59 3.63
CA ILE B 1254 6.69 47.02 2.42
C ILE B 1254 7.10 47.76 1.14
N TYR B 1255 7.56 46.99 0.16
CA TYR B 1255 8.02 47.51 -1.13
C TYR B 1255 8.86 48.78 -1.07
N ALA B 1256 9.68 48.88 -0.02
CA ALA B 1256 10.59 50.00 0.18
C ALA B 1256 9.96 51.38 0.43
N SER B 1257 8.72 51.40 0.92
CA SER B 1257 8.04 52.66 1.22
C SER B 1257 8.27 53.10 2.66
N LYS B 1258 7.64 54.20 3.05
CA LYS B 1258 7.74 54.70 4.42
C LYS B 1258 6.40 55.27 4.85
N ALA B 1259 6.13 55.20 6.15
CA ALA B 1259 4.91 55.74 6.71
C ALA B 1259 4.88 57.23 6.41
N VAL B 1260 3.68 57.77 6.17
CA VAL B 1260 3.57 59.20 5.86
C VAL B 1260 2.50 59.94 6.65
N GLY B 1261 1.52 59.20 7.16
CA GLY B 1261 0.42 59.79 7.91
C GLY B 1261 0.65 60.92 8.91
N GLU B 1262 1.49 60.69 9.91
CA GLU B 1262 1.75 61.67 10.96
C GLU B 1262 2.92 62.65 10.80
N PRO B 1263 4.11 62.17 10.43
CA PRO B 1263 5.33 62.97 10.23
C PRO B 1263 5.26 64.41 9.68
N PRO B 1264 4.49 64.64 8.60
CA PRO B 1264 4.38 65.99 8.03
C PRO B 1264 3.75 67.10 8.87
N LEU B 1265 2.80 66.73 9.73
CA LEU B 1265 2.08 67.68 10.56
C LEU B 1265 2.92 68.71 11.30
N PHE B 1266 4.03 68.29 11.90
CA PHE B 1266 4.90 69.22 12.62
C PHE B 1266 5.54 70.26 11.73
N LEU B 1267 5.84 69.88 10.49
CA LEU B 1267 6.47 70.80 9.55
C LEU B 1267 5.79 72.16 9.41
N ALA B 1268 4.55 72.25 9.90
CA ALA B 1268 3.79 73.51 9.86
C ALA B 1268 4.37 74.48 10.88
N ALA B 1269 5.23 73.96 11.75
CA ALA B 1269 5.89 74.79 12.74
C ALA B 1269 6.70 75.84 11.97
N SER B 1270 6.91 75.57 10.69
CA SER B 1270 7.64 76.50 9.83
C SER B 1270 6.85 77.81 9.71
N ILE B 1271 5.52 77.70 9.68
CA ILE B 1271 4.67 78.89 9.59
C ILE B 1271 4.66 79.57 10.96
N PHE B 1272 4.68 78.78 12.02
CA PHE B 1272 4.67 79.29 13.38
C PHE B 1272 5.86 80.20 13.65
N PHE B 1273 7.06 79.69 13.39
CA PHE B 1273 8.26 80.47 13.62
C PHE B 1273 8.50 81.52 12.53
N ALA B 1274 7.81 81.39 11.41
CA ALA B 1274 7.95 82.37 10.34
C ALA B 1274 7.13 83.56 10.86
N ILE B 1275 6.03 83.25 11.53
CA ILE B 1275 5.16 84.26 12.13
C ILE B 1275 5.92 84.95 13.27
N LYS B 1276 6.52 84.16 14.14
CA LYS B 1276 7.29 84.74 15.25
C LYS B 1276 8.44 85.57 14.69
N ASP B 1277 8.85 85.24 13.49
CA ASP B 1277 9.93 85.96 12.82
C ASP B 1277 9.40 87.33 12.38
N ALA B 1278 8.16 87.36 11.87
CA ALA B 1278 7.53 88.59 11.42
C ALA B 1278 7.28 89.50 12.62
N ILE B 1279 6.78 88.91 13.70
CA ILE B 1279 6.51 89.65 14.94
C ILE B 1279 7.78 90.35 15.43
N ARG B 1280 8.89 89.62 15.45
CA ARG B 1280 10.17 90.18 15.88
C ARG B 1280 10.50 91.45 15.08
N ALA B 1281 10.36 91.37 13.76
CA ALA B 1281 10.62 92.52 12.91
C ALA B 1281 9.74 93.69 13.34
N ALA B 1282 8.50 93.40 13.74
CA ALA B 1282 7.57 94.44 14.16
C ALA B 1282 7.96 95.04 15.50
N ARG B 1283 8.33 94.17 16.45
CA ARG B 1283 8.74 94.62 17.78
C ARG B 1283 10.02 95.44 17.70
N ALA B 1284 10.94 95.02 16.83
CA ALA B 1284 12.20 95.73 16.70
C ALA B 1284 11.97 97.15 16.22
N GLN B 1285 11.06 97.31 15.26
CA GLN B 1285 10.77 98.63 14.70
C GLN B 1285 9.86 99.53 15.52
N HIS B 1286 9.03 98.93 16.39
CA HIS B 1286 8.09 99.73 17.17
C HIS B 1286 8.36 99.76 18.67
N THR B 1287 9.49 99.21 19.10
CA THR B 1287 9.81 99.19 20.53
C THR B 1287 11.29 99.49 20.76
N GLY B 1288 11.63 99.78 22.00
CA GLY B 1288 13.01 100.07 22.35
C GLY B 1288 13.68 98.80 22.79
N ASN B 1289 13.12 97.68 22.36
CA ASN B 1289 13.64 96.37 22.71
C ASN B 1289 14.87 95.99 21.93
N ASN B 1290 15.78 95.29 22.60
CA ASN B 1290 17.03 94.86 22.02
C ASN B 1290 16.85 93.87 20.87
N VAL B 1291 17.69 94.00 19.85
CA VAL B 1291 17.62 93.11 18.69
C VAL B 1291 17.60 91.64 19.12
N LYS B 1292 18.33 91.32 20.19
CA LYS B 1292 18.42 89.95 20.69
C LYS B 1292 17.42 89.59 21.78
N GLU B 1293 16.29 90.29 21.82
CA GLU B 1293 15.26 90.03 22.83
C GLU B 1293 14.59 88.67 22.66
N LEU B 1294 14.25 88.03 23.78
CA LEU B 1294 13.57 86.74 23.73
C LEU B 1294 12.17 86.88 24.31
N PHE B 1295 11.19 87.11 23.45
CA PHE B 1295 9.79 87.27 23.87
C PHE B 1295 9.03 85.96 23.75
N ARG B 1296 8.03 85.77 24.61
CA ARG B 1296 7.24 84.55 24.62
C ARG B 1296 6.09 84.57 23.61
N LEU B 1297 5.93 83.48 22.87
CA LEU B 1297 4.84 83.33 21.91
C LEU B 1297 4.27 81.93 22.08
N ASP B 1298 3.09 81.83 22.69
CA ASP B 1298 2.45 80.54 22.91
C ASP B 1298 1.68 80.07 21.69
N SER B 1299 1.48 78.75 21.61
CA SER B 1299 0.72 78.14 20.53
C SER B 1299 -0.69 77.98 21.09
N PRO B 1300 -1.72 78.23 20.26
CA PRO B 1300 -1.56 78.67 18.86
C PRO B 1300 -1.32 80.16 18.72
N ALA B 1301 -0.47 80.54 17.77
CA ALA B 1301 -0.17 81.93 17.50
C ALA B 1301 -1.36 82.46 16.69
N THR B 1302 -2.45 82.76 17.40
CA THR B 1302 -3.68 83.27 16.79
C THR B 1302 -3.57 84.76 16.56
N PRO B 1303 -4.54 85.34 15.86
CA PRO B 1303 -4.41 86.79 15.67
C PRO B 1303 -4.35 87.56 16.99
N GLU B 1304 -5.01 87.06 18.03
CA GLU B 1304 -4.95 87.74 19.32
C GLU B 1304 -3.48 87.76 19.76
N LYS B 1305 -2.88 86.59 19.86
CA LYS B 1305 -1.49 86.49 20.27
C LYS B 1305 -0.54 87.26 19.34
N ILE B 1306 -0.80 87.22 18.04
CA ILE B 1306 0.06 87.93 17.10
C ILE B 1306 -0.08 89.43 17.30
N ARG B 1307 -1.31 89.92 17.41
CA ARG B 1307 -1.53 91.34 17.58
C ARG B 1307 -0.92 91.86 18.89
N ASN B 1308 -1.20 91.16 19.99
CA ASN B 1308 -0.66 91.59 21.28
C ASN B 1308 0.85 91.59 21.34
N ALA B 1309 1.48 90.71 20.56
CA ALA B 1309 2.94 90.64 20.55
C ALA B 1309 3.54 91.76 19.72
N CYS B 1310 2.75 92.33 18.80
CA CYS B 1310 3.25 93.41 17.97
C CYS B 1310 3.11 94.73 18.71
N VAL B 1311 3.72 94.80 19.88
CA VAL B 1311 3.68 96.00 20.71
C VAL B 1311 3.89 97.28 19.92
N ASP B 1312 3.22 98.35 20.35
CA ASP B 1312 3.32 99.65 19.69
C ASP B 1312 2.54 100.70 20.46
N LYS B 1313 2.50 101.94 19.97
CA LYS B 1313 1.79 103.01 20.64
C LYS B 1313 0.32 102.67 20.91
N PHE B 1314 -0.28 101.83 20.07
CA PHE B 1314 -1.68 101.46 20.24
C PHE B 1314 -1.92 100.43 21.34
N THR B 1315 -1.08 99.38 21.39
CA THR B 1315 -1.24 98.36 22.41
C THR B 1315 -0.89 98.95 23.76
N THR B 1316 0.04 99.91 23.74
CA THR B 1316 0.50 100.58 24.96
C THR B 1316 -0.62 101.34 25.63
N LEU B 1317 -1.61 101.78 24.85
CA LEU B 1317 -2.75 102.51 25.37
C LEU B 1317 -3.85 101.56 25.86
N CYS B 1318 -3.68 100.27 25.60
CA CYS B 1318 -4.71 99.31 25.99
C CYS B 1318 -4.33 98.22 26.99
N VAL B 1319 -3.04 98.05 27.26
CA VAL B 1319 -2.59 97.02 28.21
C VAL B 1319 -3.49 97.00 29.45
N THR B 1320 -3.98 95.81 29.78
CA THR B 1320 -4.88 95.62 30.90
C THR B 1320 -4.18 95.48 32.25
N GLY B 1321 -4.83 94.76 33.15
CA GLY B 1321 -4.31 94.53 34.48
C GLY B 1321 -5.33 93.71 35.25
N VAL B 1322 -5.29 92.39 35.07
CA VAL B 1322 -6.22 91.50 35.74
C VAL B 1322 -6.08 91.66 37.26
N PRO B 1323 -7.16 92.11 37.93
CA PRO B 1323 -7.17 92.32 39.39
C PRO B 1323 -6.95 91.05 40.21
N GLU B 1324 -7.30 91.13 41.49
CA GLU B 1324 -7.15 90.00 42.39
C GLU B 1324 -8.15 88.89 42.07
N ASN B 1325 -7.64 87.83 41.47
CA ASN B 1325 -8.46 86.68 41.12
C ASN B 1325 -9.86 87.00 40.64
N CYS B 1326 -10.03 88.04 39.82
CA CYS B 1326 -11.36 88.35 39.31
C CYS B 1326 -11.68 87.08 38.53
N LYS B 1327 -12.95 86.78 38.32
CA LYS B 1327 -13.32 85.57 37.61
C LYS B 1327 -13.50 85.88 36.11
N PRO B 1328 -12.45 85.63 35.30
CA PRO B 1328 -12.52 85.89 33.86
C PRO B 1328 -13.48 84.96 33.15
N TRP B 1329 -13.72 85.23 31.87
CA TRP B 1329 -14.62 84.42 31.07
C TRP B 1329 -14.05 83.02 30.83
N SER B 1330 -12.76 82.96 30.51
CA SER B 1330 -12.11 81.68 30.29
C SER B 1330 -10.76 81.63 30.98
N VAL B 1331 -10.17 80.45 31.01
CA VAL B 1331 -8.87 80.29 31.63
C VAL B 1331 -8.11 79.23 30.85
N ARG B 1332 -6.84 79.51 30.56
CA ARG B 1332 -5.98 78.60 29.83
C ARG B 1332 -5.92 77.30 30.64
N VAL B 1333 -6.14 76.17 29.96
CA VAL B 1333 -6.12 74.86 30.64
C VAL B 1333 -4.71 74.23 30.73
N ALA C 3 -2.66 -22.30 -18.17
CA ALA C 3 -2.65 -21.29 -17.07
C ALA C 3 -1.96 -21.84 -15.83
N ASP C 4 -1.41 -23.04 -15.95
CA ASP C 4 -0.73 -23.70 -14.84
C ASP C 4 0.58 -24.35 -15.28
N LYS C 5 0.65 -24.78 -16.54
CA LYS C 5 1.85 -25.42 -17.07
C LYS C 5 2.95 -24.49 -17.54
N LEU C 6 4.15 -24.67 -17.00
CA LEU C 6 5.31 -23.87 -17.37
C LEU C 6 5.99 -24.47 -18.59
N VAL C 7 6.10 -23.67 -19.66
CA VAL C 7 6.71 -24.12 -20.90
C VAL C 7 7.82 -23.22 -21.41
N PHE C 8 9.00 -23.80 -21.64
CA PHE C 8 10.14 -23.06 -22.16
C PHE C 8 11.12 -24.03 -22.82
N PHE C 9 12.22 -23.50 -23.34
CA PHE C 9 13.20 -24.35 -24.00
C PHE C 9 14.60 -24.27 -23.42
N VAL C 10 15.34 -25.36 -23.58
CA VAL C 10 16.71 -25.44 -23.10
C VAL C 10 17.48 -26.15 -24.18
N ASN C 11 18.42 -25.44 -24.78
CA ASN C 11 19.23 -25.98 -25.87
C ASN C 11 18.38 -26.59 -26.98
N GLY C 12 17.32 -25.88 -27.35
CA GLY C 12 16.45 -26.35 -28.41
C GLY C 12 15.31 -27.27 -27.96
N ARG C 13 15.57 -28.11 -26.95
CA ARG C 13 14.57 -29.03 -26.46
C ARG C 13 13.45 -28.36 -25.66
N LYS C 14 12.23 -28.81 -25.90
CA LYS C 14 11.09 -28.24 -25.21
C LYS C 14 10.89 -28.87 -23.83
N VAL C 15 10.74 -28.01 -22.84
CA VAL C 15 10.54 -28.44 -21.47
C VAL C 15 9.14 -28.03 -21.06
N VAL C 16 8.40 -28.98 -20.49
CA VAL C 16 7.04 -28.72 -20.02
C VAL C 16 6.90 -29.18 -18.57
N GLU C 17 6.91 -28.21 -17.66
CA GLU C 17 6.78 -28.49 -16.23
C GLU C 17 5.34 -28.26 -15.81
N LYS C 18 4.68 -29.32 -15.34
CA LYS C 18 3.28 -29.24 -14.92
C LYS C 18 3.04 -28.70 -13.51
N ASN C 19 4.08 -28.70 -12.69
CA ASN C 19 3.96 -28.23 -11.32
C ASN C 19 5.15 -27.37 -10.98
N ALA C 20 5.31 -26.28 -11.72
CA ALA C 20 6.41 -25.36 -11.49
C ALA C 20 6.29 -24.73 -10.11
N ASP C 21 7.36 -24.83 -9.33
CA ASP C 21 7.36 -24.23 -8.00
C ASP C 21 8.03 -22.86 -8.16
N PRO C 22 7.37 -21.79 -7.73
CA PRO C 22 7.90 -20.43 -7.83
C PRO C 22 9.28 -20.23 -7.21
N GLU C 23 9.69 -21.15 -6.34
CA GLU C 23 10.99 -21.02 -5.67
C GLU C 23 12.14 -21.70 -6.40
N THR C 24 11.83 -22.49 -7.42
CA THR C 24 12.86 -23.19 -8.19
C THR C 24 13.61 -22.27 -9.12
N THR C 25 14.93 -22.23 -9.01
CA THR C 25 15.73 -21.37 -9.89
C THR C 25 16.10 -22.11 -11.17
N LEU C 26 16.38 -21.37 -12.23
CA LEU C 26 16.76 -21.99 -13.49
C LEU C 26 18.00 -22.85 -13.26
N LEU C 27 18.90 -22.39 -12.40
CA LEU C 27 20.12 -23.14 -12.14
C LEU C 27 19.77 -24.48 -11.51
N ALA C 28 18.87 -24.45 -10.54
CA ALA C 28 18.45 -25.67 -9.86
C ALA C 28 17.74 -26.63 -10.83
N TYR C 29 17.01 -26.07 -11.78
CA TYR C 29 16.29 -26.87 -12.76
C TYR C 29 17.24 -27.48 -13.79
N LEU C 30 18.20 -26.71 -14.27
CA LEU C 30 19.15 -27.18 -15.26
C LEU C 30 19.98 -28.34 -14.73
N ARG C 31 20.45 -28.19 -13.49
CA ARG C 31 21.29 -29.21 -12.88
C ARG C 31 20.58 -30.42 -12.32
N ARG C 32 19.56 -30.19 -11.50
CA ARG C 32 18.87 -31.30 -10.86
C ARG C 32 17.70 -31.90 -11.61
N LYS C 33 17.24 -31.25 -12.65
CA LYS C 33 16.09 -31.79 -13.37
C LYS C 33 16.48 -32.21 -14.79
N LEU C 34 17.18 -31.33 -15.49
CA LEU C 34 17.58 -31.60 -16.85
C LEU C 34 18.94 -32.29 -16.89
N GLY C 35 19.59 -32.40 -15.74
CA GLY C 35 20.88 -33.05 -15.70
C GLY C 35 21.96 -32.41 -16.54
N LEU C 36 21.96 -31.09 -16.62
CA LEU C 36 22.99 -30.37 -17.36
C LEU C 36 23.91 -29.70 -16.33
N SER C 37 25.02 -30.36 -16.03
CA SER C 37 25.98 -29.87 -15.05
C SER C 37 26.89 -28.74 -15.51
N GLY C 38 26.87 -28.44 -16.81
CA GLY C 38 27.72 -27.38 -17.34
C GLY C 38 27.66 -26.04 -16.61
N THR C 39 26.43 -25.58 -16.35
CA THR C 39 26.19 -24.31 -15.65
C THR C 39 26.51 -24.57 -14.18
N LYS C 40 27.42 -23.79 -13.61
CA LYS C 40 27.84 -23.99 -12.23
C LYS C 40 27.29 -23.04 -11.17
N LEU C 41 27.32 -23.49 -9.92
CA LEU C 41 26.88 -22.69 -8.78
C LEU C 41 28.15 -22.24 -8.07
N GLY C 42 28.41 -20.94 -8.11
CA GLY C 42 29.60 -20.40 -7.47
C GLY C 42 29.31 -19.44 -6.32
N CYS C 43 28.12 -18.85 -6.27
CA CYS C 43 27.80 -17.92 -5.18
C CYS C 43 26.32 -17.79 -4.90
N GLY C 44 25.48 -18.11 -5.87
CA GLY C 44 24.05 -17.99 -5.67
C GLY C 44 23.58 -16.57 -5.37
N GLU C 45 24.42 -15.57 -5.61
CA GLU C 45 24.00 -14.20 -5.35
C GLU C 45 24.26 -13.20 -6.48
N GLY C 46 24.50 -13.72 -7.68
CA GLY C 46 24.72 -12.88 -8.84
C GLY C 46 26.05 -12.19 -9.07
N GLY C 47 27.05 -12.50 -8.24
CA GLY C 47 28.33 -11.83 -8.40
C GLY C 47 29.50 -12.58 -9.01
N CYS C 48 29.32 -13.85 -9.36
CA CYS C 48 30.44 -14.60 -9.92
C CYS C 48 30.27 -15.03 -11.37
N GLY C 49 29.04 -15.06 -11.84
CA GLY C 49 28.77 -15.43 -13.22
C GLY C 49 29.00 -16.88 -13.61
N ALA C 50 29.42 -17.72 -12.68
CA ALA C 50 29.65 -19.13 -13.01
C ALA C 50 28.36 -19.80 -13.54
N CYS C 51 27.21 -19.21 -13.25
CA CYS C 51 25.94 -19.77 -13.67
C CYS C 51 25.35 -19.07 -14.91
N THR C 52 26.17 -18.28 -15.60
CA THR C 52 25.72 -17.55 -16.77
C THR C 52 25.22 -18.40 -17.93
N VAL C 53 24.02 -18.10 -18.40
CA VAL C 53 23.42 -18.79 -19.53
C VAL C 53 22.85 -17.72 -20.46
N MET C 54 22.47 -18.08 -21.67
CA MET C 54 21.89 -17.10 -22.58
C MET C 54 20.37 -17.30 -22.67
N LEU C 55 19.62 -16.21 -22.54
CA LEU C 55 18.18 -16.27 -22.65
C LEU C 55 17.80 -15.66 -23.99
N SER C 56 16.86 -16.29 -24.66
CA SER C 56 16.39 -15.78 -25.94
C SER C 56 14.89 -15.78 -25.86
N LYS C 57 14.26 -14.78 -26.46
CA LYS C 57 12.82 -14.74 -26.47
C LYS C 57 12.35 -13.87 -27.61
N TYR C 58 11.08 -13.98 -27.95
CA TYR C 58 10.49 -13.18 -28.99
C TYR C 58 9.85 -11.98 -28.32
N ASP C 59 10.26 -10.78 -28.71
CA ASP C 59 9.72 -9.55 -28.16
C ASP C 59 8.52 -9.10 -29.02
N ARG C 60 7.31 -9.27 -28.49
CA ARG C 60 6.11 -8.90 -29.22
C ARG C 60 5.96 -7.39 -29.38
N LEU C 61 6.73 -6.64 -28.60
CA LEU C 61 6.68 -5.19 -28.68
C LEU C 61 7.58 -4.71 -29.83
N GLN C 62 8.81 -5.20 -29.89
CA GLN C 62 9.75 -4.83 -30.96
C GLN C 62 9.61 -5.69 -32.21
N ASN C 63 8.98 -6.86 -32.05
CA ASN C 63 8.77 -7.81 -33.13
C ASN C 63 10.09 -8.41 -33.59
N LYS C 64 10.90 -8.87 -32.65
CA LYS C 64 12.17 -9.45 -33.01
C LYS C 64 12.66 -10.43 -31.97
N ILE C 65 13.66 -11.23 -32.34
CA ILE C 65 14.24 -12.21 -31.43
C ILE C 65 15.30 -11.47 -30.66
N VAL C 66 15.27 -11.58 -29.34
CA VAL C 66 16.28 -10.91 -28.53
C VAL C 66 17.19 -11.94 -27.85
N HIS C 67 18.42 -11.54 -27.58
CA HIS C 67 19.38 -12.42 -26.94
C HIS C 67 20.10 -11.70 -25.81
N PHE C 68 20.27 -12.34 -24.66
CA PHE C 68 20.97 -11.70 -23.54
C PHE C 68 21.44 -12.68 -22.47
N SER C 69 22.43 -12.30 -21.68
CA SER C 69 22.93 -13.17 -20.64
C SER C 69 22.16 -12.93 -19.34
N ALA C 70 22.26 -13.91 -18.44
CA ALA C 70 21.57 -13.80 -17.16
C ALA C 70 22.10 -14.84 -16.18
N ASN C 71 21.83 -14.63 -14.90
CA ASN C 71 22.28 -15.55 -13.85
C ASN C 71 21.26 -16.61 -13.59
N ALA C 72 21.59 -17.84 -13.98
CA ALA C 72 20.68 -18.94 -13.76
C ALA C 72 20.37 -18.97 -12.27
N CYS C 73 21.21 -18.37 -11.45
CA CYS C 73 20.93 -18.45 -10.01
C CYS C 73 19.85 -17.55 -9.43
N LEU C 74 19.46 -16.53 -10.17
CA LEU C 74 18.43 -15.67 -9.61
C LEU C 74 17.20 -15.65 -10.48
N ALA C 75 17.23 -16.41 -11.57
CA ALA C 75 16.12 -16.47 -12.49
C ALA C 75 15.16 -17.57 -12.08
N PRO C 76 13.93 -17.19 -11.69
CA PRO C 76 12.92 -18.18 -11.28
C PRO C 76 12.43 -18.81 -12.59
N ILE C 77 12.30 -20.13 -12.64
CA ILE C 77 11.82 -20.73 -13.88
C ILE C 77 10.41 -20.23 -14.19
N CYS C 78 9.64 -19.95 -13.15
CA CYS C 78 8.27 -19.47 -13.36
C CYS C 78 8.26 -18.16 -14.13
N SER C 79 9.39 -17.45 -14.15
CA SER C 79 9.47 -16.19 -14.89
C SER C 79 9.92 -16.40 -16.33
N LEU C 80 10.26 -17.63 -16.66
CA LEU C 80 10.76 -17.96 -18.00
C LEU C 80 9.78 -18.62 -18.96
N HIS C 81 8.49 -18.38 -18.80
CA HIS C 81 7.53 -18.98 -19.71
C HIS C 81 7.81 -18.50 -21.13
N HIS C 82 7.97 -19.43 -22.05
CA HIS C 82 8.25 -19.12 -23.44
C HIS C 82 9.59 -18.46 -23.70
N VAL C 83 10.58 -18.74 -22.85
CA VAL C 83 11.91 -18.19 -23.03
C VAL C 83 12.79 -19.37 -23.46
N ALA C 84 13.79 -19.13 -24.31
CA ALA C 84 14.67 -20.20 -24.78
C ALA C 84 16.05 -20.07 -24.16
N VAL C 85 16.34 -20.96 -23.21
CA VAL C 85 17.62 -20.96 -22.52
C VAL C 85 18.73 -21.67 -23.31
N THR C 86 19.95 -21.13 -23.22
CA THR C 86 21.11 -21.73 -23.88
C THR C 86 22.26 -21.86 -22.90
N THR C 87 22.61 -23.12 -22.59
CA THR C 87 23.69 -23.41 -21.66
C THR C 87 24.97 -23.72 -22.43
N VAL C 88 26.10 -23.73 -21.73
CA VAL C 88 27.38 -24.02 -22.36
C VAL C 88 27.29 -25.24 -23.27
N GLU C 89 26.63 -26.30 -22.82
CA GLU C 89 26.53 -27.50 -23.64
C GLU C 89 25.67 -27.33 -24.89
N GLY C 90 24.97 -26.21 -25.00
CA GLY C 90 24.12 -25.97 -26.16
C GLY C 90 24.80 -25.35 -27.38
N ILE C 91 26.00 -24.79 -27.21
CA ILE C 91 26.70 -24.15 -28.33
C ILE C 91 27.79 -25.04 -28.94
N GLY C 92 28.20 -26.07 -28.20
CA GLY C 92 29.23 -26.97 -28.70
C GLY C 92 29.73 -27.93 -27.64
N SER C 93 30.57 -28.88 -28.05
CA SER C 93 31.16 -29.87 -27.14
C SER C 93 32.20 -30.71 -27.87
N THR C 94 33.01 -31.43 -27.10
CA THR C 94 34.05 -32.27 -27.69
C THR C 94 33.43 -33.50 -28.34
N LYS C 95 32.16 -33.75 -28.06
CA LYS C 95 31.49 -34.90 -28.63
C LYS C 95 31.01 -34.62 -30.05
N THR C 96 31.25 -33.40 -30.52
CA THR C 96 30.85 -33.00 -31.87
C THR C 96 31.82 -31.95 -32.41
N ARG C 97 31.61 -30.70 -32.02
CA ARG C 97 32.43 -29.58 -32.45
C ARG C 97 32.35 -28.49 -31.40
N LEU C 98 33.50 -28.05 -30.89
CA LEU C 98 33.54 -26.98 -29.91
C LEU C 98 33.27 -25.70 -30.65
N HIS C 99 32.54 -24.78 -30.01
CA HIS C 99 32.27 -23.50 -30.63
C HIS C 99 33.56 -22.67 -30.58
N PRO C 100 33.73 -21.74 -31.53
CA PRO C 100 34.94 -20.93 -31.51
C PRO C 100 35.29 -20.32 -30.15
N VAL C 101 34.29 -19.91 -29.39
CA VAL C 101 34.55 -19.31 -28.08
C VAL C 101 35.13 -20.34 -27.12
N GLN C 102 34.60 -21.56 -27.17
CA GLN C 102 35.12 -22.60 -26.29
C GLN C 102 36.52 -22.98 -26.73
N GLU C 103 36.74 -23.04 -28.04
CA GLU C 103 38.04 -23.40 -28.57
C GLU C 103 39.14 -22.44 -28.18
N ARG C 104 38.94 -21.16 -28.46
CA ARG C 104 39.95 -20.16 -28.16
C ARG C 104 40.28 -19.98 -26.68
N ILE C 105 39.28 -19.99 -25.80
CA ILE C 105 39.58 -19.82 -24.39
C ILE C 105 40.33 -21.02 -23.84
N ALA C 106 40.28 -22.14 -24.56
CA ALA C 106 40.97 -23.34 -24.13
C ALA C 106 42.42 -23.31 -24.61
N LYS C 107 42.62 -23.08 -25.90
CA LYS C 107 43.96 -23.05 -26.48
C LYS C 107 44.81 -21.85 -26.04
N SER C 108 44.15 -20.80 -25.57
CA SER C 108 44.83 -19.58 -25.11
C SER C 108 45.36 -19.78 -23.70
N HIS C 109 45.05 -20.93 -23.10
CA HIS C 109 45.46 -21.23 -21.74
C HIS C 109 44.64 -20.33 -20.82
N GLY C 110 43.39 -20.08 -21.24
CA GLY C 110 42.51 -19.23 -20.46
C GLY C 110 41.64 -19.97 -19.46
N SER C 111 41.88 -21.28 -19.32
CA SER C 111 41.12 -22.11 -18.39
C SER C 111 42.03 -23.03 -17.56
N GLN C 112 42.06 -22.79 -16.25
CA GLN C 112 42.87 -23.60 -15.37
C GLN C 112 42.06 -24.65 -14.63
N CYS C 113 41.36 -24.27 -13.55
CA CYS C 113 40.57 -25.27 -12.86
C CYS C 113 39.31 -25.48 -13.69
N GLY C 114 38.98 -24.49 -14.52
CA GLY C 114 37.82 -24.56 -15.39
C GLY C 114 36.41 -24.41 -14.81
N PHE C 115 36.29 -24.09 -13.54
CA PHE C 115 34.97 -23.99 -12.95
C PHE C 115 34.20 -22.76 -13.41
N CYS C 116 34.93 -21.72 -13.79
CA CYS C 116 34.30 -20.48 -14.24
C CYS C 116 34.15 -20.47 -15.76
N THR C 117 34.98 -21.25 -16.43
CA THR C 117 34.99 -21.29 -17.89
C THR C 117 33.62 -21.33 -18.57
N PRO C 118 32.72 -22.24 -18.14
CA PRO C 118 31.41 -22.29 -18.77
C PRO C 118 30.67 -20.95 -18.76
N GLY C 119 30.80 -20.22 -17.64
CA GLY C 119 30.14 -18.93 -17.50
C GLY C 119 30.78 -17.83 -18.34
N ILE C 120 32.11 -17.82 -18.36
CA ILE C 120 32.85 -16.83 -19.13
C ILE C 120 32.48 -17.07 -20.58
N VAL C 121 32.49 -18.35 -20.96
CA VAL C 121 32.16 -18.75 -22.32
C VAL C 121 30.82 -18.20 -22.74
N MET C 122 29.81 -18.36 -21.89
CA MET C 122 28.47 -17.88 -22.21
C MET C 122 28.38 -16.36 -22.30
N SER C 123 29.20 -15.66 -21.51
CA SER C 123 29.18 -14.21 -21.56
C SER C 123 29.82 -13.72 -22.86
N MET C 124 30.83 -14.43 -23.34
CA MET C 124 31.49 -14.06 -24.59
C MET C 124 30.56 -14.43 -25.74
N TYR C 125 29.97 -15.62 -25.65
CA TYR C 125 29.05 -16.11 -26.67
C TYR C 125 27.87 -15.16 -26.91
N THR C 126 27.29 -14.67 -25.81
CA THR C 126 26.15 -13.76 -25.89
C THR C 126 26.56 -12.44 -26.50
N LEU C 127 27.69 -11.89 -26.05
CA LEU C 127 28.16 -10.64 -26.62
C LEU C 127 28.20 -10.81 -28.14
N LEU C 128 29.00 -11.78 -28.60
CA LEU C 128 29.14 -12.05 -30.02
C LEU C 128 27.82 -12.17 -30.76
N ARG C 129 26.79 -12.59 -30.06
CA ARG C 129 25.49 -12.74 -30.69
C ARG C 129 24.81 -11.40 -31.00
N ASN C 130 25.02 -10.40 -30.16
CA ASN C 130 24.43 -9.08 -30.37
C ASN C 130 25.42 -8.14 -31.07
N GLN C 131 26.70 -8.47 -30.96
CA GLN C 131 27.76 -7.68 -31.60
C GLN C 131 28.75 -8.65 -32.23
N PRO C 132 28.58 -8.94 -33.53
CA PRO C 132 29.46 -9.85 -34.26
C PRO C 132 30.96 -9.53 -34.26
N GLU C 133 31.30 -8.25 -34.10
CA GLU C 133 32.71 -7.86 -34.07
C GLU C 133 32.91 -6.72 -33.07
N PRO C 134 32.84 -7.06 -31.77
CA PRO C 134 33.00 -6.09 -30.68
C PRO C 134 34.40 -5.50 -30.54
N THR C 135 34.50 -4.44 -29.74
CA THR C 135 35.78 -3.80 -29.46
C THR C 135 36.33 -4.51 -28.24
N MET C 136 37.64 -4.43 -28.04
CA MET C 136 38.27 -5.08 -26.89
C MET C 136 37.53 -4.64 -25.62
N GLU C 137 37.20 -3.35 -25.59
CA GLU C 137 36.47 -2.75 -24.47
C GLU C 137 35.13 -3.44 -24.22
N GLU C 138 34.37 -3.65 -25.29
CA GLU C 138 33.08 -4.32 -25.17
C GLU C 138 33.31 -5.73 -24.66
N ILE C 139 34.39 -6.36 -25.12
CA ILE C 139 34.70 -7.71 -24.70
C ILE C 139 34.93 -7.75 -23.19
N GLU C 140 35.65 -6.77 -22.67
CA GLU C 140 35.90 -6.73 -21.23
C GLU C 140 34.63 -6.43 -20.43
N ASN C 141 33.73 -5.63 -21.00
CA ASN C 141 32.49 -5.28 -20.30
C ASN C 141 31.52 -6.43 -20.16
N ALA C 142 31.61 -7.40 -21.07
CA ALA C 142 30.71 -8.53 -21.02
C ALA C 142 31.06 -9.41 -19.83
N PHE C 143 32.18 -9.10 -19.18
CA PHE C 143 32.63 -9.87 -18.02
C PHE C 143 32.60 -9.14 -16.67
N GLN C 144 32.03 -7.95 -16.61
CA GLN C 144 31.98 -7.23 -15.34
C GLN C 144 31.41 -8.14 -14.25
N GLY C 145 30.49 -9.01 -14.65
CA GLY C 145 29.87 -9.93 -13.71
C GLY C 145 30.43 -11.35 -13.74
N ASN C 146 31.68 -11.52 -14.15
CA ASN C 146 32.28 -12.87 -14.17
C ASN C 146 33.60 -12.87 -13.39
N LEU C 147 33.78 -13.90 -12.57
CA LEU C 147 35.01 -14.00 -11.77
C LEU C 147 35.79 -15.26 -12.05
N CYS C 148 37.11 -15.13 -12.01
CA CYS C 148 38.02 -16.24 -12.19
C CYS C 148 39.09 -16.03 -11.15
N ARG C 149 39.44 -17.09 -10.43
CA ARG C 149 40.43 -17.02 -9.36
C ARG C 149 41.79 -17.63 -9.74
N CYS C 150 41.85 -18.33 -10.87
CA CYS C 150 43.10 -18.99 -11.30
C CYS C 150 43.99 -18.28 -12.33
N THR C 151 43.39 -17.86 -13.44
CA THR C 151 44.14 -17.27 -14.55
C THR C 151 44.76 -15.90 -14.49
N GLY C 152 44.18 -14.98 -13.71
CA GLY C 152 44.72 -13.64 -13.68
C GLY C 152 44.10 -12.89 -14.86
N TYR C 153 43.08 -13.50 -15.46
CA TYR C 153 42.34 -12.92 -16.58
C TYR C 153 43.04 -12.66 -17.91
N ARG C 154 44.32 -12.29 -17.89
CA ARG C 154 45.05 -11.99 -19.12
C ARG C 154 44.87 -12.97 -20.29
N PRO C 155 45.22 -14.26 -20.10
CA PRO C 155 45.08 -15.25 -21.19
C PRO C 155 43.68 -15.28 -21.80
N ILE C 156 42.64 -15.11 -20.97
CA ILE C 156 41.27 -15.11 -21.48
C ILE C 156 41.06 -13.91 -22.40
N LEU C 157 41.48 -12.72 -21.96
CA LEU C 157 41.31 -11.52 -22.76
C LEU C 157 42.21 -11.54 -24.00
N GLN C 158 43.40 -12.11 -23.87
CA GLN C 158 44.31 -12.17 -25.01
C GLN C 158 43.76 -13.08 -26.09
N GLY C 159 43.19 -14.22 -25.69
CA GLY C 159 42.63 -15.14 -26.66
C GLY C 159 41.37 -14.61 -27.32
N PHE C 160 40.56 -13.88 -26.56
CA PHE C 160 39.32 -13.32 -27.09
C PHE C 160 39.58 -12.06 -27.93
N ARG C 161 40.76 -11.48 -27.78
CA ARG C 161 41.11 -10.29 -28.56
C ARG C 161 40.95 -10.60 -30.05
N THR C 162 41.08 -11.88 -30.41
CA THR C 162 40.95 -12.32 -31.80
C THR C 162 39.55 -12.01 -32.35
N PHE C 163 38.55 -11.93 -31.48
CA PHE C 163 37.19 -11.63 -31.91
C PHE C 163 37.02 -10.13 -32.10
N ALA C 164 37.79 -9.36 -31.34
CA ALA C 164 37.69 -7.90 -31.38
C ALA C 164 37.93 -7.24 -32.71
N ARG C 165 37.16 -6.17 -32.93
CA ARG C 165 37.26 -5.32 -34.11
C ARG C 165 38.52 -4.54 -33.76
N ASP C 166 39.05 -4.90 -32.59
CA ASP C 166 40.26 -4.32 -32.00
C ASP C 166 40.12 -2.82 -31.98
N GLY C 167 39.08 -2.36 -31.31
CA GLY C 167 38.83 -0.93 -31.21
C GLY C 167 39.10 -0.39 -29.82
N SER C 192 62.34 -17.09 -27.89
CA SER C 192 61.25 -16.07 -27.85
C SER C 192 59.94 -16.60 -28.50
N PRO C 193 59.58 -17.87 -28.24
CA PRO C 193 58.37 -18.48 -28.81
C PRO C 193 57.03 -18.03 -28.21
N SER C 194 55.93 -18.48 -28.80
CA SER C 194 54.58 -18.12 -28.35
C SER C 194 53.78 -19.21 -27.63
N LEU C 195 52.95 -18.78 -26.69
CA LEU C 195 52.12 -19.68 -25.88
C LEU C 195 51.04 -20.39 -26.69
N PHE C 196 50.50 -19.71 -27.69
CA PHE C 196 49.49 -20.30 -28.56
C PHE C 196 49.58 -19.70 -29.97
N LYS C 197 48.69 -20.12 -30.86
CA LYS C 197 48.69 -19.63 -32.23
C LYS C 197 47.29 -19.31 -32.74
N PRO C 198 46.88 -18.03 -32.68
CA PRO C 198 45.56 -17.56 -33.13
C PRO C 198 45.27 -17.86 -34.60
N GLU C 199 46.34 -17.88 -35.40
CA GLU C 199 46.21 -18.16 -36.82
C GLU C 199 45.51 -19.49 -37.04
N GLU C 200 45.64 -20.37 -36.05
CA GLU C 200 45.03 -21.69 -36.12
C GLU C 200 43.59 -21.80 -35.62
N PHE C 201 43.08 -20.77 -34.94
CA PHE C 201 41.70 -20.85 -34.45
C PHE C 201 40.77 -21.02 -35.64
N THR C 202 39.73 -21.83 -35.50
CA THR C 202 38.84 -22.00 -36.62
C THR C 202 37.98 -20.73 -36.72
N PRO C 203 37.76 -20.25 -37.94
CA PRO C 203 36.96 -19.05 -38.21
C PRO C 203 35.56 -19.18 -37.61
N LEU C 204 34.92 -18.05 -37.36
CA LEU C 204 33.57 -18.06 -36.81
C LEU C 204 32.53 -17.75 -37.89
N ASP C 205 31.52 -18.62 -38.00
CA ASP C 205 30.43 -18.44 -38.95
C ASP C 205 29.11 -18.42 -38.20
N PRO C 206 28.68 -17.24 -37.73
CA PRO C 206 27.43 -17.09 -36.98
C PRO C 206 26.19 -17.77 -37.57
N THR C 207 26.14 -17.92 -38.89
CA THR C 207 24.96 -18.57 -39.48
C THR C 207 24.81 -20.01 -38.98
N GLN C 208 25.85 -20.50 -38.30
CA GLN C 208 25.84 -21.87 -37.78
C GLN C 208 25.38 -22.00 -36.33
N GLU C 209 25.01 -20.88 -35.73
CA GLU C 209 24.53 -20.84 -34.35
C GLU C 209 23.18 -21.58 -34.26
N PRO C 210 22.83 -22.12 -33.08
CA PRO C 210 21.54 -22.82 -32.96
C PRO C 210 20.35 -21.93 -33.29
N ILE C 211 19.41 -22.51 -34.03
CA ILE C 211 18.20 -21.80 -34.45
C ILE C 211 17.34 -21.40 -33.25
N PHE C 212 16.61 -20.31 -33.40
CA PHE C 212 15.73 -19.91 -32.32
C PHE C 212 14.60 -20.92 -32.47
N PRO C 213 14.23 -21.61 -31.39
CA PRO C 213 13.15 -22.62 -31.45
C PRO C 213 11.91 -22.18 -32.28
N PRO C 214 11.66 -22.87 -33.40
CA PRO C 214 10.52 -22.55 -34.26
C PRO C 214 9.17 -22.64 -33.55
N GLU C 215 9.08 -23.53 -32.57
CA GLU C 215 7.83 -23.70 -31.82
C GLU C 215 7.48 -22.39 -31.11
N LEU C 216 8.48 -21.75 -30.51
CA LEU C 216 8.26 -20.50 -29.79
C LEU C 216 7.82 -19.40 -30.73
N LEU C 217 8.20 -19.53 -31.99
CA LEU C 217 7.86 -18.54 -32.98
C LEU C 217 6.43 -18.75 -33.46
N ARG C 218 5.93 -19.97 -33.27
CA ARG C 218 4.57 -20.31 -33.66
C ARG C 218 3.64 -19.99 -32.49
N LEU C 219 4.20 -19.95 -31.28
CA LEU C 219 3.42 -19.65 -30.09
C LEU C 219 3.29 -18.14 -29.90
N LYS C 220 4.06 -17.36 -30.66
CA LYS C 220 4.03 -15.90 -30.54
C LYS C 220 2.64 -15.38 -30.86
N ASP C 221 1.94 -16.07 -31.75
CA ASP C 221 0.62 -15.67 -32.17
C ASP C 221 -0.47 -16.01 -31.17
N THR C 222 -0.29 -17.12 -30.45
CA THR C 222 -1.27 -17.50 -29.44
C THR C 222 -1.20 -16.42 -28.36
N PRO C 223 -2.30 -15.66 -28.18
CA PRO C 223 -2.40 -14.57 -27.19
C PRO C 223 -1.96 -14.93 -25.78
N ARG C 224 -1.34 -13.96 -25.10
CA ARG C 224 -0.88 -14.16 -23.74
C ARG C 224 -2.04 -14.06 -22.77
N LYS C 225 -2.05 -14.94 -21.78
CA LYS C 225 -3.09 -14.91 -20.77
C LYS C 225 -2.40 -15.06 -19.43
N GLN C 226 -3.05 -14.57 -18.38
CA GLN C 226 -2.49 -14.64 -17.04
C GLN C 226 -2.21 -16.09 -16.65
N LEU C 227 -1.09 -16.31 -15.96
CA LEU C 227 -0.70 -17.65 -15.54
C LEU C 227 -0.51 -17.75 -14.03
N ARG C 228 -0.83 -18.93 -13.50
CA ARG C 228 -0.72 -19.18 -12.07
C ARG C 228 0.09 -20.46 -11.80
N PHE C 229 1.05 -20.36 -10.88
CA PHE C 229 1.89 -21.48 -10.49
C PHE C 229 1.85 -21.58 -8.97
N GLU C 230 1.63 -22.79 -8.46
CA GLU C 230 1.56 -22.98 -7.01
C GLU C 230 2.65 -23.93 -6.54
N GLY C 231 3.53 -23.44 -5.68
CA GLY C 231 4.61 -24.24 -5.16
C GLY C 231 4.34 -24.66 -3.73
N GLU C 232 5.31 -25.30 -3.09
CA GLU C 232 5.11 -25.73 -1.71
C GLU C 232 4.71 -24.58 -0.79
N ARG C 233 5.21 -23.38 -1.06
CA ARG C 233 4.91 -22.25 -0.19
C ARG C 233 4.50 -20.96 -0.91
N VAL C 234 5.03 -20.76 -2.11
CA VAL C 234 4.75 -19.56 -2.86
C VAL C 234 3.79 -19.74 -4.01
N THR C 235 3.05 -18.68 -4.33
CA THR C 235 2.11 -18.66 -5.44
C THR C 235 2.64 -17.53 -6.32
N TRP C 236 2.83 -17.84 -7.60
CA TRP C 236 3.36 -16.87 -8.55
C TRP C 236 2.32 -16.59 -9.61
N ILE C 237 2.06 -15.31 -9.85
CA ILE C 237 1.09 -14.90 -10.86
C ILE C 237 1.73 -14.04 -11.93
N GLN C 238 1.74 -14.55 -13.16
CA GLN C 238 2.34 -13.84 -14.28
C GLN C 238 1.27 -12.96 -14.95
N ALA C 239 1.19 -11.71 -14.53
CA ALA C 239 0.21 -10.77 -15.07
C ALA C 239 0.45 -10.52 -16.56
N SER C 240 -0.63 -10.55 -17.35
CA SER C 240 -0.51 -10.32 -18.79
C SER C 240 -0.90 -8.91 -19.21
N THR C 241 -1.66 -8.22 -18.36
CA THR C 241 -2.08 -6.86 -18.66
C THR C 241 -2.02 -5.97 -17.43
N LEU C 242 -1.85 -4.66 -17.67
CA LEU C 242 -1.79 -3.69 -16.59
C LEU C 242 -3.02 -3.81 -15.69
N LYS C 243 -4.19 -3.95 -16.32
CA LYS C 243 -5.45 -4.09 -15.61
C LYS C 243 -5.40 -5.30 -14.70
N GLU C 244 -4.76 -6.37 -15.17
CA GLU C 244 -4.66 -7.58 -14.39
C GLU C 244 -3.79 -7.32 -13.17
N LEU C 245 -2.70 -6.60 -13.36
CA LEU C 245 -1.79 -6.29 -12.26
C LEU C 245 -2.46 -5.39 -11.24
N LEU C 246 -3.13 -4.34 -11.73
CA LEU C 246 -3.78 -3.41 -10.84
C LEU C 246 -4.91 -4.05 -10.04
N ASP C 247 -5.76 -4.81 -10.72
CA ASP C 247 -6.86 -5.48 -10.03
C ASP C 247 -6.33 -6.41 -8.94
N LEU C 248 -5.19 -7.06 -9.18
CA LEU C 248 -4.60 -7.96 -8.20
C LEU C 248 -4.03 -7.19 -7.01
N LYS C 249 -3.37 -6.06 -7.28
CA LYS C 249 -2.80 -5.26 -6.20
C LYS C 249 -3.90 -4.61 -5.37
N ALA C 250 -5.06 -4.41 -5.99
CA ALA C 250 -6.20 -3.80 -5.31
C ALA C 250 -6.80 -4.78 -4.31
N GLN C 251 -6.92 -6.04 -4.70
CA GLN C 251 -7.48 -7.05 -3.83
C GLN C 251 -6.44 -7.69 -2.91
N HIS C 252 -5.17 -7.61 -3.31
CA HIS C 252 -4.08 -8.19 -2.50
C HIS C 252 -2.82 -7.32 -2.51
N PRO C 253 -2.82 -6.23 -1.74
CA PRO C 253 -1.64 -5.36 -1.68
C PRO C 253 -0.45 -6.16 -1.19
N ASP C 254 -0.77 -7.28 -0.54
CA ASP C 254 0.20 -8.22 0.01
C ASP C 254 1.13 -8.75 -1.10
N ALA C 255 0.58 -8.83 -2.31
CA ALA C 255 1.31 -9.31 -3.48
C ALA C 255 2.62 -8.58 -3.73
N LYS C 256 3.72 -9.35 -3.79
CA LYS C 256 5.06 -8.83 -4.05
C LYS C 256 5.37 -8.85 -5.55
N LEU C 257 5.62 -7.67 -6.12
CA LEU C 257 5.95 -7.63 -7.54
C LEU C 257 7.36 -8.18 -7.71
N VAL C 258 7.60 -8.86 -8.82
CA VAL C 258 8.92 -9.39 -9.08
C VAL C 258 9.17 -9.30 -10.57
N VAL C 259 10.21 -8.58 -10.95
CA VAL C 259 10.55 -8.46 -12.36
C VAL C 259 11.84 -9.22 -12.60
N GLY C 260 12.98 -8.58 -12.34
CA GLY C 260 14.25 -9.24 -12.53
C GLY C 260 14.60 -10.22 -11.43
N ASN C 261 14.08 -9.96 -10.24
CA ASN C 261 14.30 -10.80 -9.06
C ASN C 261 15.71 -10.69 -8.46
N THR C 262 16.50 -9.72 -8.90
CA THR C 262 17.87 -9.58 -8.39
C THR C 262 17.91 -8.96 -6.98
N GLU C 263 16.75 -8.68 -6.41
CA GLU C 263 16.66 -8.14 -5.07
C GLU C 263 15.87 -9.15 -4.23
N ILE C 264 14.66 -9.45 -4.69
CA ILE C 264 13.80 -10.39 -3.98
C ILE C 264 14.44 -11.75 -3.87
N GLY C 265 15.11 -12.18 -4.94
CA GLY C 265 15.80 -13.45 -4.91
C GLY C 265 16.82 -13.44 -3.79
N ILE C 266 17.41 -12.27 -3.57
CA ILE C 266 18.41 -12.11 -2.52
C ILE C 266 17.76 -12.11 -1.14
N GLU C 267 16.64 -11.38 -1.01
CA GLU C 267 15.93 -11.32 0.26
C GLU C 267 15.48 -12.73 0.66
N MET C 268 14.83 -13.44 -0.25
CA MET C 268 14.36 -14.79 0.01
C MET C 268 15.45 -15.80 0.39
N LYS C 269 16.58 -15.77 -0.30
CA LYS C 269 17.65 -16.70 -0.01
C LYS C 269 18.53 -16.26 1.16
N PHE C 270 18.80 -14.97 1.25
CA PHE C 270 19.68 -14.46 2.30
C PHE C 270 19.05 -13.81 3.52
N LYS C 271 18.05 -12.96 3.33
CA LYS C 271 17.43 -12.30 4.47
C LYS C 271 16.26 -13.11 5.03
N ASN C 272 16.20 -14.38 4.67
CA ASN C 272 15.14 -15.30 5.11
C ASN C 272 13.77 -14.64 5.05
N MET C 273 13.40 -14.20 3.85
CA MET C 273 12.13 -13.55 3.60
C MET C 273 11.28 -14.48 2.76
N LEU C 274 10.00 -14.59 3.07
CA LEU C 274 9.11 -15.45 2.30
C LEU C 274 7.89 -14.65 1.89
N PHE C 275 7.63 -14.60 0.60
CA PHE C 275 6.48 -13.85 0.10
C PHE C 275 5.53 -14.85 -0.55
N PRO C 276 4.47 -15.23 0.17
CA PRO C 276 3.44 -16.19 -0.24
C PRO C 276 2.84 -15.92 -1.63
N MET C 277 2.65 -14.65 -1.97
CA MET C 277 2.11 -14.31 -3.27
C MET C 277 2.98 -13.32 -4.02
N ILE C 278 3.44 -13.75 -5.19
CA ILE C 278 4.28 -12.95 -6.05
C ILE C 278 3.51 -12.69 -7.34
N VAL C 279 3.74 -11.54 -7.95
CA VAL C 279 3.07 -11.22 -9.20
C VAL C 279 4.10 -10.59 -10.12
N CYS C 280 4.30 -11.20 -11.28
CA CYS C 280 5.28 -10.70 -12.23
C CYS C 280 4.63 -9.90 -13.35
N PRO C 281 4.94 -8.59 -13.40
CA PRO C 281 4.40 -7.67 -14.42
C PRO C 281 5.24 -7.56 -15.69
N ALA C 282 6.34 -8.29 -15.74
CA ALA C 282 7.26 -8.28 -16.88
C ALA C 282 6.62 -8.18 -18.28
N TRP C 283 5.59 -9.00 -18.53
CA TRP C 283 4.91 -9.02 -19.83
C TRP C 283 4.07 -7.78 -20.15
N ILE C 284 3.62 -7.08 -19.11
CA ILE C 284 2.77 -5.90 -19.31
C ILE C 284 3.45 -4.83 -20.15
N PRO C 285 2.92 -4.60 -21.37
CA PRO C 285 3.45 -3.61 -22.32
C PRO C 285 3.61 -2.19 -21.80
N GLU C 286 2.66 -1.73 -20.99
CA GLU C 286 2.77 -0.38 -20.44
C GLU C 286 4.07 -0.25 -19.68
N LEU C 287 4.42 -1.30 -18.95
CA LEU C 287 5.64 -1.30 -18.14
C LEU C 287 6.92 -1.54 -18.94
N ASN C 288 6.81 -1.59 -20.26
CA ASN C 288 7.98 -1.83 -21.11
C ASN C 288 8.16 -0.77 -22.20
N SER C 289 7.23 0.17 -22.28
CA SER C 289 7.30 1.20 -23.29
C SER C 289 8.39 2.25 -23.00
N VAL C 290 8.95 2.79 -24.08
CA VAL C 290 9.98 3.81 -24.01
C VAL C 290 9.45 4.92 -24.91
N GLU C 291 9.30 6.13 -24.36
CA GLU C 291 8.80 7.22 -25.18
C GLU C 291 9.58 8.50 -24.98
N HIS C 292 9.78 9.23 -26.07
CA HIS C 292 10.54 10.47 -26.05
C HIS C 292 9.59 11.67 -26.01
N GLY C 293 9.55 12.34 -24.87
CA GLY C 293 8.68 13.50 -24.73
C GLY C 293 9.48 14.79 -24.88
N PRO C 294 8.85 15.94 -24.62
CA PRO C 294 9.57 17.21 -24.74
C PRO C 294 10.45 17.52 -23.54
N ASP C 295 10.23 16.82 -22.43
CA ASP C 295 11.02 17.06 -21.22
C ASP C 295 12.12 16.02 -20.94
N GLY C 296 12.01 14.86 -21.56
CA GLY C 296 13.00 13.82 -21.35
C GLY C 296 12.56 12.53 -21.98
N ILE C 297 13.17 11.42 -21.55
CA ILE C 297 12.81 10.11 -22.07
C ILE C 297 12.18 9.31 -20.95
N SER C 298 11.03 8.70 -21.25
CA SER C 298 10.30 7.93 -20.25
C SER C 298 10.48 6.43 -20.45
N PHE C 299 10.61 5.70 -19.35
CA PHE C 299 10.80 4.25 -19.39
C PHE C 299 9.78 3.53 -18.53
N GLY C 300 9.25 2.42 -19.04
CA GLY C 300 8.31 1.62 -18.27
C GLY C 300 9.08 1.00 -17.12
N ALA C 301 8.45 0.91 -15.96
CA ALA C 301 9.10 0.36 -14.76
C ALA C 301 9.74 -1.00 -14.96
N ALA C 302 9.19 -1.81 -15.85
CA ALA C 302 9.72 -3.15 -16.09
C ALA C 302 10.97 -3.10 -16.97
N CYS C 303 11.13 -2.02 -17.72
CA CYS C 303 12.29 -1.85 -18.60
C CYS C 303 13.59 -2.24 -17.93
N PRO C 304 14.25 -3.30 -18.42
CA PRO C 304 15.52 -3.73 -17.83
C PRO C 304 16.60 -2.66 -18.03
N LEU C 305 17.48 -2.55 -17.05
CA LEU C 305 18.55 -1.55 -17.08
C LEU C 305 19.33 -1.55 -18.38
N SER C 306 19.51 -2.72 -18.98
CA SER C 306 20.23 -2.80 -20.23
C SER C 306 19.55 -2.01 -21.35
N ILE C 307 18.21 -1.92 -21.37
CA ILE C 307 17.55 -1.15 -22.43
C ILE C 307 17.55 0.34 -22.08
N VAL C 308 17.67 0.67 -20.80
CA VAL C 308 17.72 2.07 -20.42
C VAL C 308 19.08 2.56 -20.91
N GLU C 309 20.11 1.73 -20.72
CA GLU C 309 21.47 2.06 -21.14
C GLU C 309 21.55 2.16 -22.66
N LYS C 310 20.91 1.23 -23.35
CA LYS C 310 20.89 1.21 -24.80
C LYS C 310 20.26 2.49 -25.32
N THR C 311 19.08 2.82 -24.78
CA THR C 311 18.34 4.01 -25.20
C THR C 311 19.08 5.33 -24.93
N LEU C 312 19.60 5.49 -23.72
CA LEU C 312 20.32 6.71 -23.38
C LEU C 312 21.59 6.88 -24.20
N VAL C 313 22.29 5.78 -24.48
CA VAL C 313 23.51 5.89 -25.27
C VAL C 313 23.18 6.44 -26.65
N ASP C 314 22.11 5.95 -27.26
CA ASP C 314 21.71 6.44 -28.56
C ASP C 314 21.34 7.91 -28.44
N ALA C 315 20.52 8.24 -27.44
CA ALA C 315 20.10 9.61 -27.22
C ALA C 315 21.29 10.56 -27.09
N VAL C 316 22.27 10.14 -26.30
CA VAL C 316 23.47 10.95 -26.08
C VAL C 316 24.30 11.16 -27.36
N ALA C 317 24.06 10.34 -28.38
CA ALA C 317 24.79 10.43 -29.63
C ALA C 317 24.17 11.38 -30.63
N LYS C 318 22.84 11.38 -30.70
CA LYS C 318 22.14 12.24 -31.64
C LYS C 318 21.51 13.48 -31.03
N LEU C 319 21.99 13.88 -29.86
CA LEU C 319 21.45 15.05 -29.19
C LEU C 319 22.51 16.02 -28.69
N PRO C 320 22.16 17.31 -28.59
CA PRO C 320 23.08 18.35 -28.12
C PRO C 320 23.55 18.02 -26.71
N ALA C 321 24.87 17.98 -26.51
CA ALA C 321 25.44 17.65 -25.21
C ALA C 321 24.77 18.36 -24.04
N GLN C 322 24.37 19.61 -24.25
CA GLN C 322 23.74 20.39 -23.20
C GLN C 322 22.39 19.85 -22.75
N LYS C 323 21.73 19.05 -23.58
CA LYS C 323 20.44 18.47 -23.23
C LYS C 323 20.58 17.08 -22.60
N THR C 324 21.81 16.58 -22.53
CA THR C 324 22.05 15.25 -22.00
C THR C 324 22.96 15.15 -20.77
N GLU C 325 23.08 16.22 -20.00
CA GLU C 325 23.92 16.19 -18.80
C GLU C 325 23.45 15.07 -17.87
N VAL C 326 22.14 14.98 -17.68
CA VAL C 326 21.58 13.96 -16.80
C VAL C 326 21.76 12.55 -17.34
N PHE C 327 21.49 12.36 -18.64
CA PHE C 327 21.62 11.04 -19.26
C PHE C 327 23.02 10.52 -19.07
N ARG C 328 23.98 11.36 -19.42
CA ARG C 328 25.40 11.04 -19.31
C ARG C 328 25.72 10.61 -17.87
N GLY C 329 24.98 11.15 -16.90
CA GLY C 329 25.21 10.81 -15.50
C GLY C 329 24.69 9.43 -15.17
N VAL C 330 23.50 9.11 -15.68
CA VAL C 330 22.90 7.81 -15.45
C VAL C 330 23.82 6.76 -16.06
N LEU C 331 24.28 7.04 -17.28
CA LEU C 331 25.17 6.15 -17.99
C LEU C 331 26.45 5.86 -17.21
N GLU C 332 26.99 6.89 -16.57
CA GLU C 332 28.20 6.72 -15.77
C GLU C 332 27.95 5.75 -14.63
N GLN C 333 26.74 5.79 -14.07
CA GLN C 333 26.38 4.91 -12.99
C GLN C 333 26.15 3.49 -13.48
N LEU C 334 25.52 3.36 -14.65
CA LEU C 334 25.24 2.05 -15.22
C LEU C 334 26.53 1.38 -15.67
N ARG C 335 27.56 2.18 -15.80
CA ARG C 335 28.86 1.70 -16.21
C ARG C 335 29.44 0.78 -15.14
N TRP C 336 29.20 1.11 -13.87
CA TRP C 336 29.70 0.34 -12.74
C TRP C 336 28.57 -0.29 -11.95
N PHE C 337 27.49 -0.60 -12.65
CA PHE C 337 26.33 -1.20 -12.02
C PHE C 337 26.34 -2.70 -12.30
N ALA C 338 26.65 -3.50 -11.29
CA ALA C 338 26.68 -4.95 -11.46
C ALA C 338 27.40 -5.36 -12.74
N GLY C 339 26.78 -6.23 -13.52
CA GLY C 339 27.36 -6.70 -14.76
C GLY C 339 26.25 -6.97 -15.77
N LYS C 340 26.61 -7.43 -16.96
CA LYS C 340 25.63 -7.71 -18.02
C LYS C 340 24.49 -8.65 -17.62
N GLN C 341 24.80 -9.71 -16.87
CA GLN C 341 23.77 -10.66 -16.45
C GLN C 341 22.69 -10.00 -15.59
N VAL C 342 23.10 -9.20 -14.61
CA VAL C 342 22.16 -8.52 -13.74
C VAL C 342 21.47 -7.36 -14.46
N LYS C 343 22.23 -6.53 -15.17
CA LYS C 343 21.65 -5.41 -15.89
C LYS C 343 20.66 -5.82 -16.99
N SER C 344 20.77 -7.06 -17.46
CA SER C 344 19.87 -7.55 -18.49
C SER C 344 18.49 -7.93 -17.97
N VAL C 345 18.38 -8.21 -16.69
CA VAL C 345 17.08 -8.58 -16.11
C VAL C 345 16.57 -7.58 -15.08
N ALA C 346 17.49 -6.92 -14.37
CA ALA C 346 17.10 -5.94 -13.36
C ALA C 346 16.38 -4.75 -14.01
N SER C 347 15.18 -4.42 -13.48
CA SER C 347 14.38 -3.31 -14.03
C SER C 347 14.65 -1.99 -13.31
N VAL C 348 14.53 -0.90 -14.06
CA VAL C 348 14.75 0.44 -13.52
C VAL C 348 13.81 0.68 -12.33
N GLY C 349 12.57 0.21 -12.46
CA GLY C 349 11.61 0.36 -11.39
C GLY C 349 12.09 -0.40 -10.16
N GLY C 350 12.55 -1.64 -10.38
CA GLY C 350 13.03 -2.46 -9.28
C GLY C 350 14.11 -1.80 -8.43
N ASN C 351 14.95 -0.97 -9.02
CA ASN C 351 15.99 -0.30 -8.25
C ASN C 351 15.36 0.85 -7.47
N ILE C 352 14.35 1.48 -8.07
CA ILE C 352 13.68 2.61 -7.44
C ILE C 352 12.83 2.21 -6.24
N ILE C 353 11.99 1.19 -6.41
CA ILE C 353 11.14 0.76 -5.32
C ILE C 353 11.86 0.00 -4.22
N THR C 354 12.97 -0.67 -4.56
CA THR C 354 13.74 -1.39 -3.56
C THR C 354 14.18 -0.38 -2.50
N ALA C 355 14.41 0.85 -2.93
CA ALA C 355 14.80 1.95 -2.05
C ALA C 355 15.96 1.59 -1.13
N SER C 356 17.01 1.00 -1.70
CA SER C 356 18.18 0.63 -0.92
C SER C 356 19.02 1.86 -0.63
N PRO C 357 19.55 1.95 0.59
CA PRO C 357 20.39 3.08 0.99
C PRO C 357 21.56 3.32 0.04
N ILE C 358 21.98 2.27 -0.66
CA ILE C 358 23.11 2.39 -1.57
C ILE C 358 22.78 2.27 -3.04
N SER C 359 21.54 2.54 -3.38
CA SER C 359 21.13 2.50 -4.78
C SER C 359 22.05 3.48 -5.49
N ASP C 360 22.49 3.13 -6.69
CA ASP C 360 23.36 4.04 -7.44
C ASP C 360 22.55 4.94 -8.33
N LEU C 361 21.33 4.50 -8.64
CA LEU C 361 20.45 5.27 -9.50
C LEU C 361 19.54 6.26 -8.78
N ASN C 362 19.10 5.91 -7.57
CA ASN C 362 18.22 6.80 -6.83
C ASN C 362 18.77 8.21 -6.55
N PRO C 363 20.08 8.35 -6.29
CA PRO C 363 20.56 9.71 -6.03
C PRO C 363 20.52 10.52 -7.32
N VAL C 364 20.84 9.88 -8.43
CA VAL C 364 20.84 10.55 -9.72
C VAL C 364 19.41 10.97 -10.05
N PHE C 365 18.46 10.07 -9.79
CA PHE C 365 17.05 10.37 -10.04
C PHE C 365 16.57 11.46 -9.09
N MET C 366 17.12 11.47 -7.88
CA MET C 366 16.69 12.49 -6.92
C MET C 366 17.20 13.86 -7.33
N ALA C 367 18.51 13.96 -7.55
CA ALA C 367 19.11 15.23 -7.93
C ALA C 367 18.45 15.82 -9.16
N SER C 368 18.20 14.99 -10.16
CA SER C 368 17.59 15.46 -11.41
C SER C 368 16.08 15.69 -11.31
N GLY C 369 15.46 15.19 -10.25
CA GLY C 369 14.02 15.37 -10.10
C GLY C 369 13.26 14.61 -11.18
N ALA C 370 13.59 13.33 -11.37
CA ALA C 370 12.96 12.48 -12.36
C ALA C 370 11.47 12.32 -12.07
N LYS C 371 10.64 12.38 -13.09
CA LYS C 371 9.20 12.24 -12.87
C LYS C 371 8.75 10.78 -12.83
N LEU C 372 8.08 10.44 -11.75
CA LEU C 372 7.59 9.08 -11.59
C LEU C 372 6.07 9.10 -11.70
N THR C 373 5.53 8.11 -12.39
CA THR C 373 4.08 8.02 -12.54
C THR C 373 3.61 6.79 -11.78
N LEU C 374 2.83 7.01 -10.73
CA LEU C 374 2.33 5.92 -9.90
C LEU C 374 0.86 5.66 -10.21
N VAL C 375 0.49 4.38 -10.23
CA VAL C 375 -0.90 4.02 -10.52
C VAL C 375 -1.40 2.83 -9.72
N SER C 376 -2.70 2.80 -9.49
CA SER C 376 -3.38 1.71 -8.79
C SER C 376 -4.71 1.56 -9.52
N ARG C 377 -5.53 0.58 -9.15
CA ARG C 377 -6.80 0.45 -9.84
C ARG C 377 -7.62 1.69 -9.50
N GLY C 378 -7.80 2.56 -10.48
CA GLY C 378 -8.57 3.77 -10.23
C GLY C 378 -7.75 5.05 -10.16
N THR C 379 -6.58 5.01 -9.53
CA THR C 379 -5.76 6.21 -9.43
C THR C 379 -4.63 6.28 -10.46
N ARG C 380 -4.00 7.45 -10.51
CA ARG C 380 -2.88 7.73 -11.42
C ARG C 380 -2.33 9.09 -11.03
N ARG C 381 -1.04 9.13 -10.66
CA ARG C 381 -0.41 10.38 -10.28
C ARG C 381 1.03 10.44 -10.73
N THR C 382 1.56 11.66 -10.74
CA THR C 382 2.94 11.90 -11.15
C THR C 382 3.67 12.75 -10.15
N VAL C 383 4.73 12.18 -9.57
CA VAL C 383 5.52 12.93 -8.60
C VAL C 383 6.94 13.10 -9.08
N GLN C 384 7.52 14.24 -8.76
CA GLN C 384 8.88 14.53 -9.12
C GLN C 384 9.65 14.07 -7.90
N MET C 385 10.58 13.15 -8.10
CA MET C 385 11.36 12.62 -6.99
C MET C 385 12.22 13.67 -6.30
N ASP C 386 12.10 13.72 -4.98
CA ASP C 386 12.92 14.61 -4.16
C ASP C 386 13.22 13.86 -2.86
N HIS C 387 13.74 14.56 -1.86
CA HIS C 387 14.13 13.92 -0.61
C HIS C 387 13.02 13.23 0.18
N THR C 388 11.78 13.70 0.00
CA THR C 388 10.65 13.12 0.73
C THR C 388 10.16 11.79 0.17
N PHE C 389 10.45 11.53 -1.11
CA PHE C 389 10.02 10.30 -1.75
C PHE C 389 10.40 9.06 -0.93
N PHE C 390 11.52 9.16 -0.20
CA PHE C 390 11.99 8.07 0.65
C PHE C 390 11.80 8.45 2.12
N PRO C 391 10.66 8.03 2.71
CA PRO C 391 10.28 8.30 4.10
C PRO C 391 11.21 7.71 5.15
N GLY C 392 11.64 6.47 4.93
CA GLY C 392 12.51 5.81 5.86
C GLY C 392 13.20 4.61 5.24
N TYR C 393 13.64 3.68 6.08
CA TYR C 393 14.34 2.49 5.60
C TYR C 393 13.49 1.66 4.65
N ARG C 394 13.97 1.52 3.42
CA ARG C 394 13.30 0.73 2.39
C ARG C 394 11.85 1.12 2.13
N LYS C 395 11.48 2.36 2.42
CA LYS C 395 10.12 2.82 2.18
C LYS C 395 10.06 3.83 1.02
N THR C 396 8.84 4.10 0.56
CA THR C 396 8.62 5.06 -0.52
C THR C 396 7.24 5.70 -0.42
N LEU C 397 7.00 6.71 -1.23
CA LEU C 397 5.71 7.40 -1.22
C LEU C 397 4.55 6.53 -1.71
N LEU C 398 4.85 5.50 -2.49
CA LEU C 398 3.82 4.60 -3.02
C LEU C 398 2.89 4.09 -1.91
N SER C 399 1.64 3.81 -2.27
CA SER C 399 0.69 3.25 -1.31
C SER C 399 0.67 1.75 -1.59
N PRO C 400 0.14 0.95 -0.65
CA PRO C 400 0.12 -0.49 -0.89
C PRO C 400 -0.54 -0.94 -2.19
N GLU C 401 -1.50 -0.16 -2.68
CA GLU C 401 -2.21 -0.51 -3.91
C GLU C 401 -1.47 -0.05 -5.16
N GLU C 402 -0.64 0.97 -5.02
CA GLU C 402 0.08 1.52 -6.16
C GLU C 402 1.31 0.75 -6.58
N ILE C 403 1.63 0.91 -7.86
CA ILE C 403 2.83 0.31 -8.42
C ILE C 403 3.47 1.42 -9.25
N LEU C 404 4.77 1.33 -9.48
CA LEU C 404 5.46 2.32 -10.26
C LEU C 404 5.16 2.00 -11.72
N LEU C 405 4.68 2.99 -12.46
CA LEU C 405 4.35 2.79 -13.87
C LEU C 405 5.51 3.17 -14.81
N SER C 406 6.11 4.33 -14.60
CA SER C 406 7.21 4.77 -15.46
C SER C 406 8.04 5.93 -14.90
N ILE C 407 9.25 6.08 -15.42
CA ILE C 407 10.16 7.14 -14.99
C ILE C 407 10.55 8.00 -16.20
N GLU C 408 10.57 9.31 -16.03
CA GLU C 408 11.00 10.20 -17.11
C GLU C 408 12.32 10.82 -16.70
N ILE C 409 13.39 10.42 -17.37
CA ILE C 409 14.69 10.98 -17.09
C ILE C 409 14.72 12.29 -17.87
N PRO C 410 14.90 13.41 -17.16
CA PRO C 410 14.94 14.78 -17.65
C PRO C 410 16.03 15.16 -18.64
N TYR C 411 15.67 15.99 -19.61
CA TYR C 411 16.64 16.49 -20.55
C TYR C 411 17.45 17.48 -19.71
N SER C 412 18.51 18.02 -20.28
CA SER C 412 19.33 18.95 -19.55
C SER C 412 19.12 20.36 -20.12
N ARG C 413 18.88 21.33 -19.24
CA ARG C 413 18.67 22.71 -19.68
C ARG C 413 19.98 23.47 -19.87
N GLU C 414 19.92 24.59 -20.59
CA GLU C 414 21.11 25.41 -20.80
C GLU C 414 21.52 26.00 -19.46
N GLY C 415 22.80 25.87 -19.14
CA GLY C 415 23.31 26.37 -17.87
C GLY C 415 22.99 25.43 -16.72
N GLU C 416 22.73 24.17 -17.06
CA GLU C 416 22.44 23.13 -16.06
C GLU C 416 23.44 22.00 -16.29
N TYR C 417 24.17 21.66 -15.24
CA TYR C 417 25.18 20.61 -15.33
C TYR C 417 24.89 19.51 -14.33
N PHE C 418 25.36 18.31 -14.64
CA PHE C 418 25.11 17.13 -13.81
C PHE C 418 26.30 16.18 -13.81
N SER C 419 26.61 15.64 -12.62
CA SER C 419 27.69 14.69 -12.46
C SER C 419 27.20 13.53 -11.60
N ALA C 420 27.79 12.35 -11.79
CA ALA C 420 27.42 11.19 -11.01
C ALA C 420 28.70 10.59 -10.44
N PHE C 421 28.62 10.00 -9.25
CA PHE C 421 29.82 9.43 -8.63
C PHE C 421 29.59 8.10 -7.94
N LYS C 422 30.65 7.31 -7.83
CA LYS C 422 30.59 6.01 -7.18
C LYS C 422 31.94 5.48 -6.74
N GLN C 423 32.05 5.09 -5.48
CA GLN C 423 33.28 4.54 -4.96
C GLN C 423 32.95 3.38 -4.05
N ALA C 424 33.53 2.23 -4.36
CA ALA C 424 33.31 1.03 -3.56
C ALA C 424 34.69 0.49 -3.26
N SER C 425 34.86 -0.82 -3.32
CA SER C 425 36.16 -1.41 -3.05
C SER C 425 36.84 -1.76 -4.36
N ARG C 426 36.04 -2.22 -5.31
CA ARG C 426 36.54 -2.59 -6.62
C ARG C 426 35.69 -1.81 -7.60
N ARG C 427 36.24 -1.48 -8.76
CA ARG C 427 35.50 -0.74 -9.77
C ARG C 427 34.31 -1.53 -10.31
N GLU C 428 34.60 -2.77 -10.70
CA GLU C 428 33.60 -3.66 -11.29
C GLU C 428 32.67 -4.38 -10.32
N ASP C 429 31.39 -4.41 -10.68
CA ASP C 429 30.36 -5.10 -9.92
C ASP C 429 30.55 -5.07 -8.40
N ASP C 430 30.33 -3.91 -7.81
CA ASP C 430 30.47 -3.75 -6.37
C ASP C 430 29.36 -2.88 -5.78
N ILE C 431 29.21 -2.92 -4.46
CA ILE C 431 28.19 -2.12 -3.78
C ILE C 431 28.80 -0.77 -3.44
N ALA C 432 28.06 0.31 -3.69
CA ALA C 432 28.57 1.64 -3.41
C ALA C 432 28.87 1.82 -1.93
N LYS C 433 30.02 2.44 -1.64
CA LYS C 433 30.41 2.73 -0.26
C LYS C 433 29.78 4.10 -0.06
N VAL C 434 29.84 4.90 -1.12
CA VAL C 434 29.25 6.24 -1.18
C VAL C 434 28.97 6.48 -2.66
N THR C 435 27.71 6.75 -2.99
CA THR C 435 27.33 7.01 -4.37
C THR C 435 26.59 8.32 -4.38
N SER C 436 26.63 9.04 -5.50
CA SER C 436 25.98 10.33 -5.55
C SER C 436 25.68 10.93 -6.92
N GLY C 437 24.71 11.85 -6.92
CA GLY C 437 24.30 12.56 -8.10
C GLY C 437 24.26 14.04 -7.73
N MET C 438 24.91 14.87 -8.52
CA MET C 438 24.94 16.30 -8.26
C MET C 438 24.47 17.09 -9.46
N ARG C 439 23.69 18.13 -9.20
CA ARG C 439 23.14 18.97 -10.26
C ARG C 439 23.22 20.46 -9.90
N VAL C 440 23.46 21.29 -10.90
CA VAL C 440 23.52 22.73 -10.66
C VAL C 440 22.87 23.51 -11.79
N LEU C 441 22.06 24.49 -11.41
CA LEU C 441 21.38 25.35 -12.37
C LEU C 441 21.82 26.79 -12.12
N PHE C 442 22.44 27.41 -13.12
CA PHE C 442 22.90 28.79 -12.98
C PHE C 442 21.88 29.80 -13.49
N LYS C 443 21.96 31.03 -12.97
CA LYS C 443 21.08 32.09 -13.44
C LYS C 443 21.56 32.32 -14.88
N PRO C 444 20.62 32.37 -15.84
CA PRO C 444 20.95 32.58 -17.26
C PRO C 444 22.06 33.58 -17.53
N GLY C 445 23.02 33.18 -18.36
CA GLY C 445 24.13 34.04 -18.70
C GLY C 445 25.12 34.37 -17.59
N THR C 446 24.81 33.97 -16.36
CA THR C 446 25.69 34.28 -15.24
C THR C 446 26.34 33.03 -14.66
N THR C 447 27.02 33.21 -13.54
CA THR C 447 27.66 32.09 -12.85
C THR C 447 27.14 32.02 -11.42
N GLU C 448 25.95 32.57 -11.19
CA GLU C 448 25.40 32.52 -9.86
C GLU C 448 24.35 31.42 -9.78
N VAL C 449 24.53 30.54 -8.81
CA VAL C 449 23.66 29.40 -8.58
C VAL C 449 22.19 29.75 -8.45
N GLN C 450 21.35 29.04 -9.19
CA GLN C 450 19.91 29.25 -9.10
C GLN C 450 19.34 28.03 -8.38
N GLU C 451 19.91 26.87 -8.65
CA GLU C 451 19.51 25.63 -8.02
C GLU C 451 20.75 24.81 -7.78
N LEU C 452 20.75 24.04 -6.70
CA LEU C 452 21.87 23.17 -6.35
C LEU C 452 21.31 21.96 -5.62
N ALA C 453 21.66 20.77 -6.11
CA ALA C 453 21.19 19.52 -5.52
C ALA C 453 22.32 18.51 -5.39
N LEU C 454 22.64 18.16 -4.15
CA LEU C 454 23.67 17.18 -3.87
C LEU C 454 23.01 16.05 -3.14
N CYS C 455 22.87 14.91 -3.81
CA CYS C 455 22.23 13.74 -3.22
C CYS C 455 23.21 12.60 -3.07
N TYR C 456 23.13 11.90 -1.96
CA TYR C 456 24.05 10.78 -1.72
C TYR C 456 23.39 9.49 -1.29
N GLY C 457 24.12 8.42 -1.53
CA GLY C 457 23.68 7.10 -1.13
C GLY C 457 24.82 6.57 -0.29
N GLY C 458 24.51 5.68 0.64
CA GLY C 458 25.53 5.11 1.49
C GLY C 458 25.89 6.02 2.65
N MET C 459 25.18 7.13 2.78
CA MET C 459 25.46 8.06 3.86
C MET C 459 24.38 8.08 4.92
N ALA C 460 23.40 7.19 4.78
CA ALA C 460 22.32 7.13 5.76
C ALA C 460 21.30 6.01 5.55
N ASN C 461 20.18 6.18 6.24
CA ASN C 461 19.07 5.25 6.20
C ASN C 461 18.66 4.98 4.76
N ARG C 462 18.77 6.02 3.93
CA ARG C 462 18.41 5.94 2.52
C ARG C 462 19.01 7.08 1.71
N THR C 463 18.54 7.21 0.47
CA THR C 463 19.01 8.26 -0.43
C THR C 463 18.57 9.60 0.16
N ILE C 464 19.54 10.43 0.52
CA ILE C 464 19.26 11.74 1.10
C ILE C 464 19.79 12.91 0.27
N SER C 465 19.40 14.11 0.67
CA SER C 465 19.81 15.33 -0.01
C SER C 465 20.46 16.30 0.99
N ALA C 466 21.58 16.90 0.60
CA ALA C 466 22.27 17.85 1.48
C ALA C 466 21.58 19.20 1.43
N LEU C 467 20.30 19.22 1.82
CA LEU C 467 19.45 20.40 1.79
C LEU C 467 19.90 21.63 2.59
N LYS C 468 20.32 21.43 3.84
CA LYS C 468 20.76 22.54 4.66
C LYS C 468 21.95 23.25 4.02
N THR C 469 22.78 22.48 3.32
CA THR C 469 23.97 23.02 2.69
C THR C 469 23.74 23.60 1.30
N THR C 470 22.93 22.94 0.49
CA THR C 470 22.68 23.47 -0.84
C THR C 470 21.85 24.74 -0.75
N GLN C 471 21.10 24.89 0.34
CA GLN C 471 20.28 26.08 0.52
C GLN C 471 21.15 27.32 0.59
N ARG C 472 22.18 27.26 1.42
CA ARG C 472 23.11 28.37 1.61
C ARG C 472 23.81 28.88 0.35
N GLN C 473 23.84 28.07 -0.70
CA GLN C 473 24.55 28.45 -1.91
C GLN C 473 23.73 29.11 -3.01
N LEU C 474 22.42 29.17 -2.84
CA LEU C 474 21.58 29.79 -3.86
C LEU C 474 21.90 31.28 -3.96
N SER C 475 22.17 31.73 -5.19
CA SER C 475 22.52 33.13 -5.52
C SER C 475 24.02 33.42 -5.40
N LYS C 476 24.78 32.46 -4.86
CA LYS C 476 26.22 32.60 -4.72
C LYS C 476 26.87 32.31 -6.07
N LEU C 477 28.09 32.80 -6.25
CA LEU C 477 28.82 32.55 -7.48
C LEU C 477 29.63 31.27 -7.31
N TRP C 478 29.94 30.62 -8.43
CA TRP C 478 30.71 29.37 -8.40
C TRP C 478 32.20 29.71 -8.28
N LYS C 479 32.63 30.03 -7.06
CA LYS C 479 34.02 30.38 -6.78
C LYS C 479 34.53 29.67 -5.54
N GLU C 480 35.83 29.77 -5.28
CA GLU C 480 36.45 29.12 -4.10
C GLU C 480 35.66 29.39 -2.82
N GLU C 481 35.18 30.62 -2.67
CA GLU C 481 34.41 31.00 -1.51
C GLU C 481 33.28 30.00 -1.23
N LEU C 482 32.61 29.58 -2.30
CA LEU C 482 31.51 28.61 -2.21
C LEU C 482 31.97 27.17 -1.99
N LEU C 483 33.11 26.81 -2.59
CA LEU C 483 33.66 25.47 -2.43
C LEU C 483 33.85 25.17 -0.95
N GLN C 484 34.55 26.06 -0.27
CA GLN C 484 34.80 25.91 1.16
C GLN C 484 33.51 25.71 1.96
N ASP C 485 32.53 26.59 1.73
CA ASP C 485 31.26 26.50 2.45
C ASP C 485 30.58 25.15 2.22
N VAL C 486 30.56 24.67 0.98
CA VAL C 486 29.93 23.40 0.68
C VAL C 486 30.62 22.25 1.41
N CYS C 487 31.94 22.20 1.31
CA CYS C 487 32.71 21.15 1.96
C CYS C 487 32.50 21.15 3.47
N ALA C 488 32.56 22.34 4.09
CA ALA C 488 32.36 22.45 5.52
C ALA C 488 30.95 22.04 5.86
N GLY C 489 30.01 22.45 5.00
CA GLY C 489 28.60 22.13 5.20
C GLY C 489 28.31 20.64 5.14
N LEU C 490 28.88 19.96 4.16
CA LEU C 490 28.68 18.53 4.00
C LEU C 490 29.28 17.77 5.17
N ALA C 491 30.51 18.13 5.54
CA ALA C 491 31.19 17.47 6.66
C ALA C 491 30.38 17.52 7.94
N GLU C 492 29.63 18.61 8.12
CA GLU C 492 28.80 18.78 9.32
C GLU C 492 27.40 18.20 9.14
N GLU C 493 26.78 18.48 8.01
CA GLU C 493 25.42 18.00 7.74
C GLU C 493 25.32 16.50 7.49
N LEU C 494 26.40 15.88 7.03
CA LEU C 494 26.37 14.45 6.76
C LEU C 494 27.29 13.63 7.64
N HIS C 495 27.81 14.23 8.70
CA HIS C 495 28.71 13.53 9.62
C HIS C 495 28.06 12.24 10.10
N LEU C 496 28.86 11.17 10.20
CA LEU C 496 28.37 9.87 10.65
C LEU C 496 28.99 9.50 11.99
N PRO C 497 28.16 9.02 12.93
CA PRO C 497 28.65 8.61 14.26
C PRO C 497 29.56 7.39 14.17
N PRO C 498 30.56 7.29 15.06
CA PRO C 498 31.52 6.18 15.09
C PRO C 498 30.89 4.79 15.06
N ASP C 499 29.69 4.65 15.63
CA ASP C 499 29.00 3.35 15.66
C ASP C 499 28.14 3.07 14.43
N ALA C 500 28.16 3.98 13.45
CA ALA C 500 27.36 3.81 12.25
C ALA C 500 27.56 2.45 11.61
N PRO C 501 26.49 1.90 11.04
CA PRO C 501 26.55 0.59 10.39
C PRO C 501 27.40 0.69 9.13
N GLY C 502 28.30 -0.28 8.95
CA GLY C 502 29.16 -0.28 7.79
C GLY C 502 30.55 0.22 8.10
N GLY C 503 30.66 1.07 9.12
CA GLY C 503 31.95 1.60 9.52
C GLY C 503 32.56 2.49 8.46
N MET C 504 33.89 2.67 8.54
CA MET C 504 34.62 3.51 7.60
C MET C 504 33.98 4.87 7.48
N VAL C 505 33.61 5.46 8.62
CA VAL C 505 32.96 6.78 8.60
C VAL C 505 33.83 7.91 8.05
N ASP C 506 35.06 8.03 8.52
CA ASP C 506 35.94 9.09 8.03
C ASP C 506 36.04 9.02 6.51
N PHE C 507 36.25 7.81 6.00
CA PHE C 507 36.37 7.59 4.57
C PHE C 507 35.10 8.01 3.84
N ARG C 508 33.95 7.63 4.39
CA ARG C 508 32.68 7.94 3.77
C ARG C 508 32.37 9.43 3.67
N CYS C 509 32.65 10.18 4.73
CA CYS C 509 32.39 11.62 4.69
C CYS C 509 33.39 12.29 3.76
N THR C 510 34.65 11.88 3.86
CA THR C 510 35.67 12.45 3.01
C THR C 510 35.21 12.35 1.55
N LEU C 511 34.70 11.18 1.18
CA LEU C 511 34.22 10.96 -0.17
C LEU C 511 33.12 11.96 -0.55
N THR C 512 32.25 12.33 0.39
CA THR C 512 31.17 13.27 0.06
C THR C 512 31.72 14.64 -0.30
N LEU C 513 32.82 15.05 0.34
CA LEU C 513 33.40 16.35 0.04
C LEU C 513 34.26 16.20 -1.21
N SER C 514 34.94 15.07 -1.31
CA SER C 514 35.81 14.81 -2.44
C SER C 514 34.99 14.71 -3.73
N PHE C 515 33.78 14.18 -3.63
CA PHE C 515 32.95 14.09 -4.83
C PHE C 515 32.53 15.50 -5.22
N PHE C 516 32.08 16.28 -4.24
CA PHE C 516 31.67 17.63 -4.58
C PHE C 516 32.82 18.39 -5.24
N PHE C 517 34.01 18.28 -4.67
CA PHE C 517 35.18 18.96 -5.22
C PHE C 517 35.29 18.68 -6.71
N LYS C 518 35.09 17.42 -7.09
CA LYS C 518 35.17 17.06 -8.51
C LYS C 518 34.02 17.68 -9.28
N PHE C 519 32.84 17.73 -8.66
CA PHE C 519 31.67 18.33 -9.28
C PHE C 519 32.02 19.80 -9.51
N TYR C 520 32.61 20.41 -8.49
CA TYR C 520 33.02 21.80 -8.52
C TYR C 520 33.94 22.08 -9.71
N LEU C 521 35.09 21.40 -9.73
CA LEU C 521 36.04 21.58 -10.81
C LEU C 521 35.41 21.30 -12.18
N THR C 522 34.59 20.26 -12.27
CA THR C 522 33.94 19.92 -13.52
C THR C 522 33.06 21.05 -14.05
N VAL C 523 32.30 21.68 -13.16
CA VAL C 523 31.42 22.77 -13.57
C VAL C 523 32.24 23.98 -14.04
N LEU C 524 33.40 24.20 -13.42
CA LEU C 524 34.25 25.31 -13.81
C LEU C 524 34.65 25.17 -15.28
N GLN C 525 34.98 23.95 -15.71
CA GLN C 525 35.38 23.71 -17.10
C GLN C 525 34.22 23.92 -18.08
N LYS C 526 33.05 23.40 -17.71
CA LYS C 526 31.87 23.52 -18.54
C LYS C 526 31.48 25.00 -18.70
N LEU C 527 31.73 25.78 -17.66
CA LEU C 527 31.44 27.19 -17.71
C LEU C 527 32.45 27.85 -18.66
N GLY C 528 33.62 27.23 -18.79
CA GLY C 528 34.67 27.73 -19.66
C GLY C 528 34.25 27.67 -21.12
N GLN C 529 33.48 26.63 -21.49
CA GLN C 529 32.99 26.48 -22.85
C GLN C 529 31.96 27.56 -23.15
N GLU C 530 31.35 28.09 -22.10
CA GLU C 530 30.34 29.15 -22.20
C GLU C 530 31.06 30.50 -22.11
N ASN C 531 32.38 30.47 -22.15
CA ASN C 531 33.22 31.67 -22.05
C ASN C 531 32.84 32.51 -20.84
N LEU C 532 32.55 31.81 -19.74
CA LEU C 532 32.20 32.45 -18.48
C LEU C 532 33.29 32.04 -17.49
N GLU C 533 34.48 31.72 -18.04
CA GLU C 533 35.61 31.29 -17.23
C GLU C 533 36.16 32.35 -16.26
N ASP C 534 36.02 33.62 -16.62
CA ASP C 534 36.51 34.70 -15.77
C ASP C 534 35.47 35.11 -14.76
N LYS C 535 34.22 34.75 -15.04
CA LYS C 535 33.09 35.07 -14.17
C LYS C 535 33.03 34.08 -13.01
N CYS C 536 33.69 32.93 -13.15
CA CYS C 536 33.71 31.91 -12.13
C CYS C 536 35.12 31.69 -11.58
N GLY C 537 35.26 30.72 -10.67
CA GLY C 537 36.55 30.42 -10.06
C GLY C 537 37.61 29.97 -11.05
N LYS C 538 38.87 30.22 -10.71
CA LYS C 538 39.99 29.85 -11.57
C LYS C 538 40.32 28.37 -11.51
N LEU C 539 40.54 27.77 -12.67
CA LEU C 539 40.87 26.35 -12.76
C LEU C 539 42.35 26.08 -12.95
N ASP C 540 42.98 25.57 -11.89
CA ASP C 540 44.40 25.25 -11.95
C ASP C 540 44.63 24.15 -12.99
N PRO C 541 45.70 24.27 -13.79
CA PRO C 541 46.01 23.28 -14.83
C PRO C 541 46.27 21.87 -14.27
N THR C 542 46.95 21.82 -13.13
CA THR C 542 47.31 20.57 -12.47
C THR C 542 46.13 19.90 -11.75
N PHE C 543 45.00 20.58 -11.75
CA PHE C 543 43.77 20.11 -11.11
C PHE C 543 42.82 19.45 -12.11
N ALA C 544 42.95 19.83 -13.38
CA ALA C 544 42.08 19.32 -14.43
C ALA C 544 41.87 17.82 -14.50
N SER C 545 42.92 17.04 -14.26
CA SER C 545 42.82 15.58 -14.34
C SER C 545 41.85 15.00 -13.30
N ALA C 546 41.46 15.82 -12.33
CA ALA C 546 40.54 15.38 -11.30
C ALA C 546 39.12 15.22 -11.82
N THR C 547 38.79 15.88 -12.93
CA THR C 547 37.43 15.78 -13.46
C THR C 547 37.30 14.68 -14.51
N LEU C 548 38.41 14.04 -14.84
CA LEU C 548 38.42 12.98 -15.85
C LEU C 548 37.64 11.75 -15.39
N LEU C 549 36.84 11.20 -16.30
CA LEU C 549 36.07 9.99 -16.00
C LEU C 549 37.00 8.83 -16.30
N PHE C 550 36.91 7.78 -15.48
CA PHE C 550 37.77 6.63 -15.64
C PHE C 550 37.90 6.18 -17.09
N GLN C 551 39.14 6.07 -17.55
CA GLN C 551 39.43 5.64 -18.90
C GLN C 551 40.54 4.62 -18.83
N LYS C 552 40.42 3.55 -19.60
CA LYS C 552 41.45 2.52 -19.61
C LYS C 552 42.41 2.85 -20.76
N ASP C 553 43.26 1.89 -21.08
CA ASP C 553 44.21 2.06 -22.17
C ASP C 553 44.32 0.66 -22.77
N PRO C 554 44.51 0.57 -24.09
CA PRO C 554 44.60 -0.77 -24.67
C PRO C 554 45.69 -1.60 -23.98
N PRO C 555 45.36 -2.85 -23.63
CA PRO C 555 46.28 -3.76 -22.96
C PRO C 555 47.53 -4.10 -23.77
N ALA C 556 48.63 -4.27 -23.05
CA ALA C 556 49.90 -4.65 -23.65
C ALA C 556 50.34 -5.86 -22.87
N ASP C 557 50.23 -7.03 -23.48
CA ASP C 557 50.61 -8.27 -22.81
C ASP C 557 51.65 -9.05 -23.59
N VAL C 558 52.74 -9.42 -22.93
CA VAL C 558 53.80 -10.17 -23.57
C VAL C 558 54.33 -11.25 -22.63
N GLN C 559 54.53 -12.45 -23.17
CA GLN C 559 55.03 -13.57 -22.41
C GLN C 559 56.31 -14.05 -23.07
N LEU C 560 57.37 -14.18 -22.29
CA LEU C 560 58.64 -14.64 -22.82
C LEU C 560 59.14 -15.86 -22.07
N PHE C 561 59.49 -16.89 -22.82
CA PHE C 561 59.99 -18.11 -22.24
C PHE C 561 61.05 -18.72 -23.17
N GLN C 562 61.61 -19.86 -22.79
CA GLN C 562 62.65 -20.47 -23.61
C GLN C 562 62.13 -21.57 -24.53
N GLU C 563 62.63 -21.60 -25.76
CA GLU C 563 62.24 -22.64 -26.70
C GLU C 563 62.99 -23.88 -26.25
N VAL C 564 62.52 -25.06 -26.65
CA VAL C 564 63.20 -26.29 -26.26
C VAL C 564 64.34 -26.51 -27.24
N PRO C 565 65.34 -27.31 -26.85
CA PRO C 565 66.48 -27.59 -27.71
C PRO C 565 66.08 -27.91 -29.15
N LYS C 566 66.91 -27.46 -30.09
CA LYS C 566 66.69 -27.67 -31.52
C LYS C 566 66.32 -29.13 -31.87
N GLY C 567 67.11 -30.08 -31.37
CA GLY C 567 66.87 -31.48 -31.68
C GLY C 567 65.82 -32.26 -30.90
N GLN C 568 65.29 -31.68 -29.84
CA GLN C 568 64.27 -32.37 -29.04
C GLN C 568 63.16 -32.94 -29.90
N SER C 569 62.86 -34.21 -29.70
CA SER C 569 61.83 -34.90 -30.45
C SER C 569 60.51 -34.13 -30.53
N GLU C 570 59.79 -34.35 -31.62
CA GLU C 570 58.51 -33.70 -31.81
C GLU C 570 57.52 -34.24 -30.77
N GLU C 571 57.67 -35.52 -30.41
CA GLU C 571 56.79 -36.17 -29.45
C GLU C 571 57.15 -35.94 -27.99
N ASP C 572 58.27 -35.27 -27.75
CA ASP C 572 58.66 -34.96 -26.39
C ASP C 572 58.05 -33.59 -26.08
N MET C 573 57.08 -33.55 -25.19
CA MET C 573 56.42 -32.29 -24.87
C MET C 573 57.04 -31.54 -23.70
N VAL C 574 57.91 -32.18 -22.93
CA VAL C 574 58.53 -31.51 -21.80
C VAL C 574 59.24 -30.25 -22.27
N GLY C 575 58.78 -29.11 -21.73
CA GLY C 575 59.34 -27.82 -22.08
C GLY C 575 58.48 -27.08 -23.09
N ARG C 576 57.50 -27.77 -23.65
CA ARG C 576 56.60 -27.19 -24.63
C ARG C 576 55.33 -26.69 -23.95
N PRO C 577 54.71 -25.63 -24.51
CA PRO C 577 53.48 -25.06 -23.94
C PRO C 577 52.19 -25.84 -24.23
N LEU C 578 52.18 -27.12 -23.87
CA LEU C 578 51.02 -27.99 -24.07
C LEU C 578 49.87 -27.53 -23.18
N PRO C 579 48.76 -27.09 -23.78
CA PRO C 579 47.61 -26.63 -22.99
C PRO C 579 47.09 -27.68 -21.99
N HIS C 580 46.41 -27.19 -20.94
CA HIS C 580 45.84 -28.05 -19.89
C HIS C 580 45.04 -29.18 -20.53
N LEU C 581 45.45 -30.42 -20.24
CA LEU C 581 44.79 -31.61 -20.79
C LEU C 581 43.27 -31.60 -20.78
N ALA C 582 42.67 -30.97 -19.78
CA ALA C 582 41.22 -30.95 -19.66
C ALA C 582 40.57 -29.63 -20.13
N ALA C 583 41.39 -28.71 -20.63
CA ALA C 583 40.91 -27.41 -21.09
C ALA C 583 39.69 -27.43 -22.02
N ASP C 584 39.71 -28.27 -23.04
CA ASP C 584 38.59 -28.34 -23.98
C ASP C 584 37.28 -28.71 -23.27
N MET C 585 37.35 -29.74 -22.44
CA MET C 585 36.18 -30.23 -21.72
C MET C 585 35.71 -29.28 -20.63
N GLN C 586 36.62 -28.46 -20.11
CA GLN C 586 36.25 -27.51 -19.09
C GLN C 586 35.51 -26.38 -19.79
N ALA C 587 35.99 -26.02 -20.97
CA ALA C 587 35.41 -24.96 -21.77
C ALA C 587 34.02 -25.33 -22.27
N SER C 588 33.80 -26.62 -22.47
CA SER C 588 32.53 -27.11 -22.97
C SER C 588 31.54 -27.55 -21.88
N GLY C 589 31.98 -27.60 -20.63
CA GLY C 589 31.09 -28.01 -19.55
C GLY C 589 30.96 -29.51 -19.42
N GLU C 590 31.83 -30.25 -20.11
CA GLU C 590 31.79 -31.70 -20.05
C GLU C 590 32.62 -32.19 -18.87
N ALA C 591 33.61 -31.42 -18.46
CA ALA C 591 34.45 -31.81 -17.33
C ALA C 591 33.55 -31.93 -16.10
N VAL C 592 33.73 -33.01 -15.34
CA VAL C 592 32.92 -33.26 -14.18
C VAL C 592 33.53 -32.88 -12.83
N TYR C 593 32.79 -32.09 -12.06
CA TYR C 593 33.23 -31.69 -10.73
C TYR C 593 32.39 -32.46 -9.74
N CYS C 594 32.82 -32.49 -8.50
CA CYS C 594 32.13 -33.24 -7.47
C CYS C 594 30.61 -33.25 -7.60
N ASP C 595 29.99 -32.08 -7.41
CA ASP C 595 28.55 -31.98 -7.48
C ASP C 595 27.93 -32.24 -8.85
N ASP C 596 28.75 -32.31 -9.89
CA ASP C 596 28.22 -32.56 -11.23
C ASP C 596 27.87 -34.03 -11.37
N ILE C 597 28.50 -34.86 -10.55
CA ILE C 597 28.24 -36.29 -10.59
C ILE C 597 26.76 -36.54 -10.34
N PRO C 598 26.11 -37.33 -11.21
CA PRO C 598 24.69 -37.66 -11.09
C PRO C 598 24.44 -38.25 -9.72
N ARG C 599 23.29 -37.97 -9.14
CA ARG C 599 23.00 -38.51 -7.83
C ARG C 599 22.18 -39.79 -7.93
N TYR C 600 22.51 -40.76 -7.07
CA TYR C 600 21.79 -42.02 -7.03
C TYR C 600 20.31 -41.77 -6.73
N GLU C 601 19.45 -42.62 -7.25
CA GLU C 601 18.02 -42.45 -7.05
C GLU C 601 17.64 -42.38 -5.57
N ASN C 602 18.57 -42.78 -4.70
CA ASN C 602 18.32 -42.75 -3.25
C ASN C 602 19.31 -41.88 -2.49
N GLU C 603 19.86 -40.87 -3.17
CA GLU C 603 20.84 -39.99 -2.55
C GLU C 603 20.17 -38.85 -1.77
N LEU C 604 20.77 -38.48 -0.65
CA LEU C 604 20.21 -37.42 0.19
C LEU C 604 21.11 -36.18 0.24
N SER C 605 20.51 -35.06 0.63
CA SER C 605 21.24 -33.81 0.75
C SER C 605 21.54 -33.54 2.21
N LEU C 606 22.62 -32.82 2.48
CA LEU C 606 22.98 -32.51 3.85
C LEU C 606 23.34 -31.03 4.01
N ARG C 607 22.99 -30.47 5.15
CA ARG C 607 23.28 -29.08 5.44
C ARG C 607 23.77 -28.95 6.88
N LEU C 608 24.89 -28.28 7.07
CA LEU C 608 25.45 -28.12 8.41
C LEU C 608 24.73 -27.06 9.25
N VAL C 609 24.63 -27.34 10.55
CA VAL C 609 24.03 -26.40 11.49
C VAL C 609 25.22 -25.88 12.28
N THR C 610 25.40 -24.56 12.27
CA THR C 610 26.53 -23.96 12.96
C THR C 610 26.19 -22.96 14.05
N SER C 611 27.14 -22.74 14.95
CA SER C 611 26.97 -21.83 16.07
C SER C 611 26.86 -20.37 15.67
N THR C 612 25.93 -19.67 16.31
CA THR C 612 25.75 -18.25 16.06
C THR C 612 26.38 -17.47 17.20
N ARG C 613 27.21 -18.16 18.01
CA ARG C 613 27.90 -17.54 19.14
C ARG C 613 29.39 -17.78 19.08
N ALA C 614 30.17 -16.77 19.43
CA ALA C 614 31.62 -16.87 19.40
C ALA C 614 32.15 -17.83 20.46
N HIS C 615 31.47 -17.90 21.60
CA HIS C 615 31.87 -18.78 22.69
C HIS C 615 30.72 -18.86 23.66
N ALA C 616 30.25 -20.08 23.92
CA ALA C 616 29.15 -20.29 24.84
C ALA C 616 28.88 -21.76 25.05
N LYS C 617 28.00 -22.04 26.01
CA LYS C 617 27.60 -23.40 26.33
C LYS C 617 26.34 -23.67 25.53
N ILE C 618 26.15 -24.92 25.11
CA ILE C 618 24.94 -25.28 24.39
C ILE C 618 24.00 -25.82 25.45
N LYS C 619 22.96 -25.06 25.77
CA LYS C 619 22.01 -25.48 26.77
C LYS C 619 21.04 -26.50 26.18
N SER C 620 20.45 -26.19 25.03
CA SER C 620 19.52 -27.12 24.41
C SER C 620 19.51 -27.04 22.89
N ILE C 621 18.94 -28.07 22.28
CA ILE C 621 18.81 -28.14 20.84
C ILE C 621 17.41 -28.67 20.55
N ASP C 622 16.65 -27.94 19.74
CA ASP C 622 15.29 -28.34 19.41
C ASP C 622 15.09 -28.48 17.90
N THR C 623 14.76 -29.68 17.44
CA THR C 623 14.55 -29.93 16.03
C THR C 623 13.07 -30.05 15.63
N SER C 624 12.18 -29.51 16.47
CA SER C 624 10.74 -29.56 16.20
C SER C 624 10.28 -29.00 14.87
N GLU C 625 10.71 -27.79 14.54
CA GLU C 625 10.32 -27.17 13.28
C GLU C 625 10.91 -27.82 12.04
N ALA C 626 12.08 -28.43 12.19
CA ALA C 626 12.74 -29.08 11.06
C ALA C 626 12.00 -30.37 10.72
N LYS C 627 11.63 -31.13 11.75
CA LYS C 627 10.93 -32.39 11.57
C LYS C 627 9.66 -32.21 10.76
N LYS C 628 9.21 -30.96 10.66
CA LYS C 628 7.99 -30.62 9.93
C LYS C 628 8.26 -30.25 8.47
N VAL C 629 9.53 -30.15 8.09
CA VAL C 629 9.84 -29.79 6.71
C VAL C 629 9.73 -31.03 5.81
N PRO C 630 9.16 -30.84 4.60
CA PRO C 630 9.00 -31.94 3.65
C PRO C 630 10.35 -32.51 3.24
N GLY C 631 10.42 -33.83 3.12
CA GLY C 631 11.65 -34.48 2.73
C GLY C 631 12.66 -34.61 3.86
N PHE C 632 12.32 -34.12 5.05
CA PHE C 632 13.24 -34.20 6.18
C PHE C 632 13.52 -35.64 6.57
N VAL C 633 14.77 -35.96 6.80
CA VAL C 633 15.16 -37.30 7.18
C VAL C 633 15.62 -37.38 8.62
N CYS C 634 16.54 -36.53 9.01
CA CYS C 634 17.02 -36.55 10.37
C CYS C 634 18.02 -35.45 10.66
N PHE C 635 18.46 -35.40 11.90
CA PHE C 635 19.43 -34.43 12.38
C PHE C 635 20.49 -35.21 13.12
N ILE C 636 21.75 -35.01 12.77
CA ILE C 636 22.80 -35.72 13.47
C ILE C 636 23.65 -34.76 14.28
N SER C 637 24.30 -35.28 15.31
CA SER C 637 25.15 -34.49 16.16
C SER C 637 26.20 -35.40 16.82
N ALA C 638 26.95 -34.82 17.76
CA ALA C 638 27.99 -35.54 18.48
C ALA C 638 27.57 -36.95 18.94
N ASP C 639 26.33 -37.06 19.42
CA ASP C 639 25.80 -38.33 19.90
C ASP C 639 25.73 -39.43 18.83
N ASP C 640 25.67 -39.04 17.57
CA ASP C 640 25.55 -40.00 16.47
C ASP C 640 26.86 -40.62 16.02
N VAL C 641 27.98 -39.97 16.33
CA VAL C 641 29.27 -40.49 15.92
C VAL C 641 29.52 -41.84 16.59
N PRO C 642 29.90 -42.86 15.80
CA PRO C 642 30.17 -44.20 16.30
C PRO C 642 31.62 -44.44 16.68
N GLY C 643 32.53 -43.73 16.01
CA GLY C 643 33.95 -43.85 16.29
C GLY C 643 34.40 -42.83 17.29
N SER C 644 35.16 -41.83 16.85
CA SER C 644 35.65 -40.78 17.74
C SER C 644 35.15 -39.42 17.31
N ASN C 645 35.01 -38.50 18.26
CA ASN C 645 34.55 -37.16 17.95
C ASN C 645 35.71 -36.15 17.98
N ILE C 646 36.92 -36.62 18.25
CA ILE C 646 38.07 -35.71 18.24
C ILE C 646 38.74 -35.85 16.89
N THR C 647 38.87 -34.73 16.19
CA THR C 647 39.48 -34.74 14.88
C THR C 647 40.46 -33.56 14.77
N GLY C 648 40.75 -33.13 13.56
CA GLY C 648 41.68 -32.03 13.37
C GLY C 648 43.10 -32.51 13.29
N ILE C 649 43.96 -31.72 12.65
CA ILE C 649 45.36 -32.08 12.49
C ILE C 649 46.10 -32.20 13.84
N CYS C 650 45.60 -31.50 14.85
CA CYS C 650 46.21 -31.54 16.18
C CYS C 650 45.25 -32.14 17.20
N ASN C 651 44.32 -32.99 16.77
CA ASN C 651 43.34 -33.59 17.69
C ASN C 651 42.85 -32.45 18.56
N ASP C 652 42.67 -31.33 17.88
CA ASP C 652 42.24 -30.07 18.46
C ASP C 652 40.74 -29.88 18.56
N GLU C 653 40.03 -30.22 17.49
CA GLU C 653 38.58 -30.00 17.43
C GLU C 653 37.67 -31.21 17.45
N THR C 654 36.37 -30.91 17.56
CA THR C 654 35.33 -31.91 17.58
C THR C 654 34.77 -32.05 16.17
N VAL C 655 34.24 -33.22 15.83
CA VAL C 655 33.64 -33.40 14.52
C VAL C 655 32.32 -32.62 14.62
N PHE C 656 31.70 -32.67 15.80
CA PHE C 656 30.46 -31.96 16.10
C PHE C 656 30.60 -31.39 17.51
N ALA C 657 30.28 -30.11 17.67
CA ALA C 657 30.41 -29.46 18.99
C ALA C 657 29.82 -30.32 20.08
N LYS C 658 30.45 -30.27 21.26
CA LYS C 658 30.01 -31.05 22.41
C LYS C 658 29.85 -30.15 23.62
N ASP C 659 28.61 -29.81 23.95
CA ASP C 659 28.31 -28.94 25.10
C ASP C 659 28.77 -27.49 24.95
N LYS C 660 29.75 -27.26 24.08
CA LYS C 660 30.29 -25.93 23.86
C LYS C 660 30.58 -25.60 22.40
N VAL C 661 30.37 -24.34 22.06
CA VAL C 661 30.68 -23.83 20.72
C VAL C 661 31.78 -22.80 20.98
N THR C 662 32.87 -22.88 20.23
CA THR C 662 33.95 -21.94 20.44
C THR C 662 34.21 -20.97 19.28
N CYS C 663 33.16 -20.68 18.51
CA CYS C 663 33.25 -19.71 17.41
C CYS C 663 31.99 -19.66 16.56
N VAL C 664 31.69 -18.48 16.02
CA VAL C 664 30.53 -18.31 15.15
C VAL C 664 30.84 -19.08 13.87
N GLY C 665 30.20 -20.22 13.71
CA GLY C 665 30.43 -21.05 12.54
C GLY C 665 30.86 -22.44 12.99
N HIS C 666 30.93 -22.64 14.30
CA HIS C 666 31.31 -23.92 14.87
C HIS C 666 30.21 -24.92 14.52
N ILE C 667 30.58 -26.00 13.83
CA ILE C 667 29.61 -27.01 13.45
C ILE C 667 29.06 -27.78 14.65
N ILE C 668 27.75 -27.70 14.84
CA ILE C 668 27.08 -28.35 15.96
C ILE C 668 26.47 -29.67 15.50
N GLY C 669 26.02 -29.69 14.26
CA GLY C 669 25.42 -30.89 13.71
C GLY C 669 25.05 -30.68 12.26
N ALA C 670 24.35 -31.66 11.69
CA ALA C 670 23.96 -31.57 10.30
C ALA C 670 22.49 -31.96 10.15
N VAL C 671 21.84 -31.40 9.15
CA VAL C 671 20.45 -31.69 8.87
C VAL C 671 20.44 -32.45 7.53
N VAL C 672 19.65 -33.51 7.43
CA VAL C 672 19.59 -34.33 6.22
C VAL C 672 18.19 -34.36 5.60
N ALA C 673 18.06 -33.87 4.38
CA ALA C 673 16.77 -33.86 3.68
C ALA C 673 16.92 -34.40 2.26
N ASP C 674 15.84 -34.35 1.49
CA ASP C 674 15.87 -34.85 0.13
C ASP C 674 16.43 -33.86 -0.89
N THR C 675 16.34 -32.58 -0.59
CA THR C 675 16.84 -31.55 -1.51
C THR C 675 17.53 -30.42 -0.77
N PRO C 676 18.34 -29.64 -1.48
CA PRO C 676 19.06 -28.52 -0.86
C PRO C 676 18.05 -27.51 -0.32
N GLU C 677 17.02 -27.22 -1.10
CA GLU C 677 16.00 -26.27 -0.71
C GLU C 677 15.37 -26.70 0.62
N HIS C 678 15.23 -28.00 0.80
CA HIS C 678 14.64 -28.53 2.02
C HIS C 678 15.63 -28.59 3.17
N THR C 679 16.92 -28.78 2.89
CA THR C 679 17.87 -28.80 4.01
C THR C 679 18.03 -27.39 4.57
N GLN C 680 17.74 -26.38 3.73
CA GLN C 680 17.82 -25.00 4.18
C GLN C 680 16.66 -24.77 5.15
N ARG C 681 15.45 -25.15 4.73
CA ARG C 681 14.27 -24.97 5.55
C ARG C 681 14.46 -25.74 6.86
N ALA C 682 14.90 -27.00 6.75
CA ALA C 682 15.12 -27.83 7.94
C ALA C 682 16.17 -27.24 8.86
N ALA C 683 17.26 -26.75 8.28
CA ALA C 683 18.32 -26.15 9.08
C ALA C 683 17.75 -25.00 9.90
N GLN C 684 17.04 -24.10 9.24
CA GLN C 684 16.46 -22.95 9.94
C GLN C 684 15.48 -23.41 11.02
N GLY C 685 15.17 -24.70 11.02
CA GLY C 685 14.23 -25.23 11.99
C GLY C 685 14.87 -25.80 13.25
N VAL C 686 16.19 -25.84 13.30
CA VAL C 686 16.86 -26.36 14.48
C VAL C 686 17.15 -25.21 15.44
N LYS C 687 16.31 -25.10 16.48
CA LYS C 687 16.50 -24.04 17.45
C LYS C 687 17.56 -24.43 18.48
N ILE C 688 18.42 -23.48 18.81
CA ILE C 688 19.49 -23.70 19.75
C ILE C 688 19.47 -22.55 20.75
N THR C 689 19.76 -22.86 22.02
CA THR C 689 19.80 -21.84 23.07
C THR C 689 21.18 -21.92 23.68
N TYR C 690 21.82 -20.76 23.85
CA TYR C 690 23.17 -20.69 24.39
C TYR C 690 23.29 -19.98 25.73
N GLU C 691 24.49 -20.07 26.29
CA GLU C 691 24.84 -19.43 27.55
C GLU C 691 26.19 -18.77 27.25
N GLU C 692 26.16 -17.47 26.95
CA GLU C 692 27.36 -16.73 26.61
C GLU C 692 28.50 -16.90 27.59
N LEU C 693 29.70 -17.12 27.05
CA LEU C 693 30.93 -17.26 27.83
C LEU C 693 31.88 -16.18 27.32
N PRO C 694 32.81 -15.72 28.16
CA PRO C 694 33.75 -14.67 27.71
C PRO C 694 34.51 -15.17 26.47
N ALA C 695 34.67 -14.30 25.49
CA ALA C 695 35.35 -14.67 24.25
C ALA C 695 36.60 -13.85 23.93
N ILE C 696 37.55 -14.49 23.26
CA ILE C 696 38.78 -13.84 22.85
C ILE C 696 38.76 -13.79 21.33
N ILE C 697 38.59 -12.58 20.79
CA ILE C 697 38.49 -12.41 19.35
C ILE C 697 39.73 -11.86 18.63
N THR C 698 40.18 -10.70 19.06
CA THR C 698 41.32 -10.06 18.43
C THR C 698 42.68 -10.57 18.89
N ILE C 699 43.73 -10.23 18.12
CA ILE C 699 45.08 -10.63 18.46
C ILE C 699 45.47 -9.89 19.74
N GLU C 700 44.87 -8.72 19.94
CA GLU C 700 45.11 -7.92 21.15
C GLU C 700 44.52 -8.66 22.35
N ASP C 701 43.32 -9.19 22.17
CA ASP C 701 42.64 -9.94 23.22
C ASP C 701 43.45 -11.17 23.62
N ALA C 702 43.93 -11.91 22.63
CA ALA C 702 44.73 -13.09 22.91
C ALA C 702 45.97 -12.68 23.68
N ILE C 703 46.73 -11.74 23.11
CA ILE C 703 47.94 -11.27 23.75
C ILE C 703 47.69 -10.87 25.21
N LYS C 704 46.59 -10.17 25.44
CA LYS C 704 46.25 -9.71 26.78
C LYS C 704 45.90 -10.85 27.73
N ASN C 705 45.28 -11.90 27.20
CA ASN C 705 44.86 -13.04 28.02
C ASN C 705 45.86 -14.19 28.02
N ASN C 706 46.99 -14.00 27.36
CA ASN C 706 48.02 -15.03 27.29
C ASN C 706 47.40 -16.28 26.64
N SER C 707 46.54 -16.05 25.65
CA SER C 707 45.85 -17.12 24.94
C SER C 707 46.59 -17.52 23.66
N PHE C 708 47.47 -18.51 23.74
CA PHE C 708 48.25 -18.95 22.60
C PHE C 708 48.26 -20.46 22.42
N TYR C 709 48.62 -20.88 21.22
CA TYR C 709 48.73 -22.30 20.89
C TYR C 709 50.21 -22.58 21.00
N GLY C 710 50.62 -23.36 21.99
CA GLY C 710 52.02 -23.69 22.14
C GLY C 710 52.90 -22.54 22.60
N PRO C 711 54.23 -22.74 22.60
CA PRO C 711 55.21 -21.74 23.02
C PRO C 711 55.67 -20.84 21.89
N GLU C 712 56.43 -19.81 22.25
CA GLU C 712 56.97 -18.85 21.30
C GLU C 712 57.92 -19.55 20.34
N LEU C 713 57.80 -19.21 19.06
CA LEU C 713 58.65 -19.76 18.03
C LEU C 713 59.70 -18.70 17.75
N LYS C 714 60.95 -19.09 17.57
CA LYS C 714 61.99 -18.11 17.34
C LYS C 714 63.23 -18.60 16.58
N ILE C 715 63.80 -17.70 15.81
CA ILE C 715 65.03 -17.98 15.06
C ILE C 715 65.89 -16.75 15.37
N GLU C 716 67.14 -16.99 15.79
CA GLU C 716 68.02 -15.89 16.14
C GLU C 716 69.46 -16.17 15.74
N LYS C 717 70.06 -15.23 15.02
CA LYS C 717 71.43 -15.36 14.55
C LYS C 717 72.22 -14.07 14.75
N GLY C 718 73.46 -14.20 15.20
CA GLY C 718 74.28 -13.02 15.40
C GLY C 718 74.24 -12.44 16.81
N ASP C 719 74.46 -11.14 16.90
CA ASP C 719 74.46 -10.45 18.19
C ASP C 719 73.64 -9.17 18.05
N LEU C 720 72.37 -9.22 18.47
CA LEU C 720 71.49 -8.07 18.38
C LEU C 720 71.97 -6.85 19.16
N LYS C 721 72.47 -7.07 20.36
CA LYS C 721 72.97 -5.96 21.17
C LYS C 721 74.10 -5.27 20.43
N LYS C 722 75.03 -6.07 19.92
CA LYS C 722 76.17 -5.52 19.18
C LYS C 722 75.59 -4.81 17.97
N GLY C 723 74.79 -5.53 17.19
CA GLY C 723 74.19 -4.98 15.99
C GLY C 723 73.57 -3.59 16.12
N PHE C 724 72.70 -3.40 17.11
CA PHE C 724 72.04 -2.13 17.31
C PHE C 724 72.94 -1.00 17.80
N SER C 725 73.92 -1.32 18.64
CA SER C 725 74.81 -0.29 19.15
C SER C 725 75.77 0.13 18.03
N GLU C 726 75.96 -0.79 17.09
CA GLU C 726 76.83 -0.59 15.94
C GLU C 726 76.10 0.21 14.85
N ALA C 727 74.78 0.13 14.85
CA ALA C 727 73.96 0.82 13.85
C ALA C 727 73.90 2.34 13.98
N ASP C 728 73.91 3.01 12.84
CA ASP C 728 73.85 4.47 12.85
C ASP C 728 72.41 4.95 13.11
N ASN C 729 71.45 4.11 12.76
CA ASN C 729 70.04 4.43 12.94
C ASN C 729 69.22 3.22 13.34
N VAL C 730 68.15 3.46 14.09
CA VAL C 730 67.26 2.40 14.52
C VAL C 730 65.82 2.85 14.30
N VAL C 731 65.01 1.94 13.77
CA VAL C 731 63.63 2.24 13.48
C VAL C 731 62.68 1.16 13.96
N SER C 732 61.66 1.57 14.70
CA SER C 732 60.67 0.65 15.22
C SER C 732 59.35 0.93 14.50
N GLY C 733 58.59 -0.13 14.25
CA GLY C 733 57.33 0.03 13.55
C GLY C 733 56.39 -1.14 13.77
N GLU C 734 55.19 -1.00 13.20
CA GLU C 734 54.16 -2.01 13.32
C GLU C 734 53.31 -2.01 12.04
N ILE C 735 52.84 -3.19 11.65
CA ILE C 735 51.99 -3.32 10.48
C ILE C 735 51.07 -4.50 10.64
N TYR C 736 49.86 -4.36 10.15
CA TYR C 736 48.86 -5.41 10.22
C TYR C 736 48.59 -5.91 8.82
N ILE C 737 48.49 -7.23 8.69
CA ILE C 737 48.23 -7.83 7.39
C ILE C 737 46.93 -8.63 7.51
N GLY C 738 45.89 -8.17 6.83
CA GLY C 738 44.60 -8.84 6.89
C GLY C 738 44.60 -10.23 6.27
N GLY C 739 43.66 -11.07 6.73
CA GLY C 739 43.57 -12.42 6.21
C GLY C 739 43.02 -12.43 4.79
N GLN C 740 42.66 -13.60 4.30
CA GLN C 740 42.15 -13.70 2.94
C GLN C 740 41.39 -15.00 2.78
N GLU C 741 40.25 -14.93 2.09
CA GLU C 741 39.45 -16.12 1.85
C GLU C 741 39.85 -16.66 0.47
N HIS C 742 40.18 -17.95 0.40
CA HIS C 742 40.61 -18.58 -0.84
C HIS C 742 39.75 -18.26 -2.06
N PHE C 743 38.45 -18.33 -1.86
CA PHE C 743 37.47 -18.08 -2.90
C PHE C 743 37.69 -18.94 -4.16
N TYR C 744 37.85 -20.23 -3.93
CA TYR C 744 37.99 -21.18 -5.04
C TYR C 744 36.58 -21.14 -5.68
N LEU C 745 36.49 -21.07 -7.00
CA LEU C 745 35.17 -21.00 -7.60
C LEU C 745 34.24 -22.13 -7.19
N GLU C 746 34.79 -23.34 -7.05
CA GLU C 746 34.02 -24.49 -6.60
C GLU C 746 34.25 -24.63 -5.08
N THR C 747 33.20 -24.42 -4.30
CA THR C 747 33.29 -24.54 -2.84
C THR C 747 33.51 -25.99 -2.42
N HIS C 748 33.52 -26.21 -1.11
CA HIS C 748 33.73 -27.54 -0.54
C HIS C 748 32.59 -28.48 -0.85
N CYS C 749 32.94 -29.71 -1.20
CA CYS C 749 31.92 -30.69 -1.53
C CYS C 749 32.35 -32.13 -1.28
N THR C 750 31.44 -32.91 -0.72
CA THR C 750 31.70 -34.32 -0.46
C THR C 750 30.45 -35.13 -0.77
N ILE C 751 30.67 -36.26 -1.43
CA ILE C 751 29.59 -37.20 -1.74
C ILE C 751 30.10 -38.47 -1.07
N ALA C 752 29.31 -39.03 -0.17
CA ALA C 752 29.71 -40.26 0.50
C ALA C 752 28.71 -41.35 0.18
N VAL C 753 29.20 -42.42 -0.42
CA VAL C 753 28.35 -43.54 -0.76
C VAL C 753 28.74 -44.74 0.09
N PRO C 754 27.85 -45.16 1.00
CA PRO C 754 28.07 -46.29 1.91
C PRO C 754 27.85 -47.58 1.13
N LYS C 755 28.82 -48.50 1.18
CA LYS C 755 28.68 -49.75 0.44
C LYS C 755 27.78 -50.78 1.12
N GLY C 756 27.61 -50.68 2.43
CA GLY C 756 26.75 -51.63 3.11
C GLY C 756 27.44 -52.88 3.59
N GLU C 757 28.68 -53.09 3.16
CA GLU C 757 29.45 -54.25 3.59
C GLU C 757 30.64 -53.82 4.44
N ALA C 758 30.94 -54.63 5.46
CA ALA C 758 32.08 -54.38 6.35
C ALA C 758 32.39 -52.93 6.68
N GLY C 759 31.39 -52.06 6.57
CA GLY C 759 31.60 -50.66 6.89
C GLY C 759 32.33 -49.88 5.82
N GLU C 760 32.35 -50.41 4.59
CA GLU C 760 33.00 -49.72 3.48
C GLU C 760 32.25 -48.46 3.06
N MET C 761 33.02 -47.48 2.62
CA MET C 761 32.44 -46.22 2.17
C MET C 761 33.33 -45.57 1.12
N GLU C 762 32.71 -45.13 0.05
CA GLU C 762 33.42 -44.49 -1.05
C GLU C 762 33.09 -42.99 -0.99
N LEU C 763 34.11 -42.14 -1.00
CA LEU C 763 33.88 -40.70 -0.93
C LEU C 763 34.49 -39.87 -2.06
N PHE C 764 33.64 -39.11 -2.75
CA PHE C 764 34.09 -38.24 -3.82
C PHE C 764 34.19 -36.89 -3.12
N VAL C 765 35.39 -36.33 -3.10
CA VAL C 765 35.60 -35.08 -2.38
C VAL C 765 36.46 -34.06 -3.10
N SER C 766 36.10 -32.80 -2.93
CA SER C 766 36.87 -31.69 -3.51
C SER C 766 37.93 -31.40 -2.45
N THR C 767 39.04 -32.15 -2.49
CA THR C 767 40.11 -31.95 -1.51
C THR C 767 41.49 -32.16 -2.10
N GLN C 768 42.48 -31.54 -1.49
CA GLN C 768 43.85 -31.68 -1.92
C GLN C 768 44.50 -32.74 -1.03
N ASN C 769 43.74 -33.19 -0.04
CA ASN C 769 44.25 -34.17 0.91
C ASN C 769 43.42 -35.46 1.01
N THR C 770 43.63 -36.38 0.08
CA THR C 770 42.91 -37.63 0.11
C THR C 770 43.28 -38.48 1.32
N MET C 771 44.55 -38.49 1.69
CA MET C 771 44.98 -39.30 2.84
C MET C 771 44.33 -38.89 4.16
N LYS C 772 44.35 -37.60 4.48
CA LYS C 772 43.76 -37.14 5.73
C LYS C 772 42.24 -37.23 5.70
N THR C 773 41.66 -37.16 4.51
CA THR C 773 40.22 -37.26 4.39
C THR C 773 39.85 -38.67 4.80
N GLN C 774 40.62 -39.61 4.28
CA GLN C 774 40.45 -41.02 4.56
C GLN C 774 40.60 -41.35 6.05
N SER C 775 41.63 -40.79 6.69
CA SER C 775 41.85 -41.06 8.12
C SER C 775 40.80 -40.42 9.01
N PHE C 776 40.54 -39.13 8.82
CA PHE C 776 39.57 -38.43 9.63
C PHE C 776 38.20 -39.08 9.49
N VAL C 777 37.85 -39.50 8.29
CA VAL C 777 36.56 -40.14 8.12
C VAL C 777 36.58 -41.51 8.80
N ALA C 778 37.68 -42.23 8.68
CA ALA C 778 37.81 -43.54 9.31
C ALA C 778 37.79 -43.43 10.84
N LYS C 779 38.49 -42.44 11.39
CA LYS C 779 38.53 -42.25 12.83
C LYS C 779 37.15 -41.87 13.36
N MET C 780 36.40 -41.13 12.55
CA MET C 780 35.09 -40.71 12.97
C MET C 780 34.15 -41.92 12.97
N LEU C 781 34.29 -42.75 11.94
CA LEU C 781 33.46 -43.94 11.81
C LEU C 781 33.95 -45.08 12.68
N GLY C 782 35.21 -45.01 13.08
CA GLY C 782 35.78 -46.08 13.89
C GLY C 782 35.97 -47.36 13.08
N VAL C 783 36.45 -47.23 11.84
CA VAL C 783 36.68 -48.39 10.98
C VAL C 783 38.09 -48.29 10.41
N PRO C 784 38.77 -49.42 10.16
CA PRO C 784 40.14 -49.36 9.62
C PRO C 784 40.16 -48.53 8.34
N ALA C 785 41.28 -47.87 8.06
CA ALA C 785 41.36 -47.04 6.87
C ALA C 785 41.20 -47.80 5.56
N ASN C 786 41.37 -49.12 5.57
CA ASN C 786 41.23 -49.87 4.33
C ASN C 786 39.79 -50.10 3.87
N ARG C 787 38.82 -49.57 4.63
CA ARG C 787 37.41 -49.70 4.28
C ARG C 787 36.95 -48.44 3.57
N ILE C 788 37.72 -47.37 3.74
CA ILE C 788 37.39 -46.08 3.17
C ILE C 788 38.25 -45.72 1.98
N VAL C 789 37.62 -45.41 0.85
CA VAL C 789 38.36 -45.02 -0.32
C VAL C 789 37.91 -43.62 -0.71
N VAL C 790 38.88 -42.73 -0.89
CA VAL C 790 38.59 -41.36 -1.25
C VAL C 790 39.08 -41.09 -2.68
N ARG C 791 38.19 -40.55 -3.51
CA ARG C 791 38.52 -40.26 -4.89
C ARG C 791 38.35 -38.79 -5.20
N VAL C 792 39.28 -38.25 -5.99
CA VAL C 792 39.27 -36.84 -6.39
C VAL C 792 39.63 -36.76 -7.85
N LYS C 793 38.65 -36.44 -8.71
CA LYS C 793 38.97 -36.33 -10.12
C LYS C 793 39.60 -34.97 -10.38
N ARG C 794 39.01 -33.93 -9.80
CA ARG C 794 39.51 -32.57 -9.94
C ARG C 794 38.81 -31.62 -8.97
N MET C 795 39.34 -30.41 -8.86
CA MET C 795 38.78 -29.38 -8.00
C MET C 795 38.73 -28.06 -8.76
N GLY C 796 37.65 -27.31 -8.55
CA GLY C 796 37.53 -26.00 -9.16
C GLY C 796 38.26 -25.09 -8.19
N GLY C 797 39.57 -25.29 -8.10
CA GLY C 797 40.37 -24.48 -7.21
C GLY C 797 40.41 -25.01 -5.79
N GLY C 798 41.57 -24.83 -5.15
CA GLY C 798 41.80 -25.24 -3.78
C GLY C 798 42.64 -24.18 -3.09
N PHE C 799 43.79 -23.86 -3.70
CA PHE C 799 44.70 -22.84 -3.18
C PHE C 799 45.13 -23.04 -1.73
N GLY C 800 45.01 -24.26 -1.21
CA GLY C 800 45.41 -24.51 0.16
C GLY C 800 44.25 -24.65 1.13
N GLY C 801 43.12 -24.05 0.79
CA GLY C 801 41.95 -24.10 1.65
C GLY C 801 41.33 -25.47 1.72
N LYS C 802 41.71 -26.35 0.79
CA LYS C 802 41.17 -27.70 0.78
C LYS C 802 42.25 -28.72 1.14
N VAL C 803 43.20 -28.31 1.97
CA VAL C 803 44.28 -29.17 2.42
C VAL C 803 43.92 -29.88 3.73
N THR C 804 43.05 -29.26 4.53
CA THR C 804 42.65 -29.86 5.79
C THR C 804 41.20 -29.54 6.17
N ARG C 805 40.74 -28.35 5.81
CA ARG C 805 39.39 -27.95 6.18
C ARG C 805 38.29 -28.70 5.44
N SER C 806 38.64 -29.27 4.29
CA SER C 806 37.63 -30.01 3.55
C SER C 806 37.08 -31.18 4.38
N THR C 807 37.86 -31.67 5.35
CA THR C 807 37.42 -32.80 6.18
C THR C 807 36.26 -32.47 7.11
N VAL C 808 36.12 -31.20 7.48
CA VAL C 808 35.03 -30.83 8.36
C VAL C 808 33.69 -31.15 7.70
N VAL C 809 33.67 -31.11 6.37
CA VAL C 809 32.47 -31.40 5.59
C VAL C 809 32.37 -32.89 5.33
N SER C 810 33.48 -33.50 4.95
CA SER C 810 33.55 -34.94 4.66
C SER C 810 33.08 -35.80 5.81
N THR C 811 33.48 -35.45 7.03
CA THR C 811 33.08 -36.23 8.19
C THR C 811 31.58 -36.19 8.41
N ALA C 812 30.98 -35.01 8.27
CA ALA C 812 29.55 -34.90 8.47
C ALA C 812 28.77 -35.70 7.43
N VAL C 813 29.15 -35.55 6.16
CA VAL C 813 28.48 -36.27 5.09
C VAL C 813 28.65 -37.78 5.25
N ALA C 814 29.80 -38.20 5.76
CA ALA C 814 30.06 -39.62 5.96
C ALA C 814 29.14 -40.20 7.03
N LEU C 815 29.05 -39.50 8.16
CA LEU C 815 28.21 -39.95 9.25
C LEU C 815 26.77 -40.03 8.80
N ALA C 816 26.38 -39.08 7.94
CA ALA C 816 25.01 -39.08 7.44
C ALA C 816 24.81 -40.32 6.58
N ALA C 817 25.85 -40.72 5.86
CA ALA C 817 25.76 -41.91 5.00
C ALA C 817 25.71 -43.18 5.85
N TYR C 818 26.51 -43.20 6.90
CA TYR C 818 26.58 -44.34 7.81
C TYR C 818 25.26 -44.50 8.57
N LYS C 819 24.71 -43.38 9.01
CA LYS C 819 23.46 -43.37 9.77
C LYS C 819 22.22 -43.72 8.93
N THR C 820 22.15 -43.23 7.69
CA THR C 820 21.00 -43.49 6.84
C THR C 820 21.19 -44.72 5.96
N GLY C 821 22.44 -45.11 5.72
CA GLY C 821 22.70 -46.25 4.88
C GLY C 821 22.50 -45.90 3.41
N ARG C 822 22.26 -44.62 3.16
CA ARG C 822 22.02 -44.10 1.83
C ARG C 822 23.10 -43.10 1.42
N PRO C 823 23.40 -43.01 0.12
CA PRO C 823 24.43 -42.05 -0.26
C PRO C 823 24.01 -40.61 0.06
N VAL C 824 24.97 -39.78 0.45
CA VAL C 824 24.68 -38.39 0.80
C VAL C 824 25.72 -37.43 0.25
N ARG C 825 25.31 -36.19 0.01
CA ARG C 825 26.25 -35.20 -0.49
C ARG C 825 25.99 -33.82 0.10
N CYS C 826 26.99 -32.96 -0.04
CA CYS C 826 26.88 -31.62 0.46
C CYS C 826 27.89 -30.70 -0.19
N MET C 827 27.40 -29.62 -0.78
CA MET C 827 28.28 -28.62 -1.38
C MET C 827 27.93 -27.35 -0.62
N LEU C 828 28.91 -26.80 0.08
CA LEU C 828 28.69 -25.58 0.84
C LEU C 828 28.38 -24.39 -0.07
N ASP C 829 27.51 -23.50 0.39
CA ASP C 829 27.22 -22.28 -0.36
C ASP C 829 28.37 -21.35 -0.02
N ARG C 830 28.67 -20.38 -0.90
CA ARG C 830 29.76 -19.43 -0.64
C ARG C 830 29.55 -18.99 0.80
N ASP C 831 28.32 -18.57 1.03
CA ASP C 831 27.77 -18.15 2.30
C ASP C 831 28.34 -19.02 3.47
N GLU C 832 28.06 -20.32 3.45
CA GLU C 832 28.52 -21.22 4.51
C GLU C 832 30.02 -21.47 4.45
N ASP C 833 30.53 -21.58 3.24
CA ASP C 833 31.94 -21.84 2.97
C ASP C 833 32.87 -20.75 3.51
N MET C 834 32.52 -19.48 3.30
CA MET C 834 33.36 -18.38 3.79
C MET C 834 33.34 -18.24 5.30
N LEU C 835 32.30 -18.77 5.92
CA LEU C 835 32.15 -18.70 7.37
C LEU C 835 32.95 -19.80 8.05
N ILE C 836 32.63 -21.04 7.68
CA ILE C 836 33.21 -22.23 8.26
C ILE C 836 34.65 -22.65 7.96
N THR C 837 35.03 -22.65 6.69
CA THR C 837 36.36 -23.12 6.31
C THR C 837 37.59 -22.28 6.68
N GLY C 838 37.39 -21.02 7.05
CA GLY C 838 38.52 -20.18 7.41
C GLY C 838 39.36 -19.77 6.21
N GLY C 839 40.46 -19.05 6.44
CA GLY C 839 41.29 -18.63 5.33
C GLY C 839 42.75 -18.37 5.69
N ARG C 840 43.36 -17.40 5.01
CA ARG C 840 44.75 -17.05 5.26
C ARG C 840 44.87 -16.43 6.64
N HIS C 841 46.01 -16.63 7.29
CA HIS C 841 46.23 -16.09 8.63
C HIS C 841 46.48 -14.59 8.71
N PRO C 842 45.69 -13.90 9.55
CA PRO C 842 45.89 -12.45 9.71
C PRO C 842 47.18 -12.31 10.52
N PHE C 843 47.96 -11.28 10.27
CA PHE C 843 49.21 -11.07 11.01
C PHE C 843 49.34 -9.66 11.59
N LEU C 844 49.94 -9.59 12.77
CA LEU C 844 50.24 -8.32 13.42
C LEU C 844 51.73 -8.42 13.71
N ALA C 845 52.50 -7.43 13.28
CA ALA C 845 53.94 -7.50 13.50
C ALA C 845 54.55 -6.19 13.99
N ARG C 846 55.53 -6.32 14.87
CA ARG C 846 56.27 -5.21 15.46
C ARG C 846 57.74 -5.40 15.11
N TYR C 847 58.34 -4.41 14.47
CA TYR C 847 59.75 -4.52 14.07
C TYR C 847 60.67 -3.42 14.60
N LYS C 848 61.96 -3.72 14.56
CA LYS C 848 63.01 -2.81 15.01
C LYS C 848 64.21 -3.10 14.14
N VAL C 849 64.49 -2.24 13.18
CA VAL C 849 65.62 -2.44 12.28
C VAL C 849 66.73 -1.41 12.48
N GLY C 850 67.97 -1.90 12.48
CA GLY C 850 69.12 -1.04 12.65
C GLY C 850 69.95 -1.02 11.36
N PHE C 851 70.25 0.17 10.86
CA PHE C 851 71.01 0.29 9.61
C PHE C 851 72.01 1.44 9.63
N MET C 852 72.88 1.45 8.63
CA MET C 852 73.89 2.49 8.50
C MET C 852 73.38 3.57 7.55
N LYS C 853 73.98 4.75 7.62
CA LYS C 853 73.56 5.85 6.76
C LYS C 853 73.69 5.47 5.28
N THR C 854 74.33 4.34 5.02
CA THR C 854 74.52 3.85 3.66
C THR C 854 73.38 2.95 3.20
N GLY C 855 72.48 2.60 4.11
CA GLY C 855 71.36 1.76 3.76
C GLY C 855 71.52 0.30 4.16
N THR C 856 72.75 -0.10 4.49
CA THR C 856 73.05 -1.46 4.90
C THR C 856 72.43 -1.78 6.26
N VAL C 857 71.58 -2.81 6.33
CA VAL C 857 70.99 -3.17 7.61
C VAL C 857 71.96 -4.08 8.35
N VAL C 858 72.01 -3.90 9.67
CA VAL C 858 72.94 -4.68 10.48
C VAL C 858 72.26 -5.40 11.64
N ALA C 859 71.04 -5.01 11.97
CA ALA C 859 70.29 -5.62 13.06
C ALA C 859 68.79 -5.54 12.82
N LEU C 860 68.12 -6.67 12.98
CA LEU C 860 66.68 -6.74 12.78
C LEU C 860 65.99 -7.53 13.88
N GLU C 861 64.84 -7.02 14.31
CA GLU C 861 64.05 -7.67 15.36
C GLU C 861 62.59 -7.57 15.00
N VAL C 862 61.99 -8.71 14.67
CA VAL C 862 60.56 -8.74 14.33
C VAL C 862 59.85 -9.75 15.20
N ASP C 863 58.69 -9.35 15.72
CA ASP C 863 57.87 -10.21 16.56
C ASP C 863 56.52 -10.37 15.84
N HIS C 864 56.22 -11.59 15.44
CA HIS C 864 54.98 -11.88 14.72
C HIS C 864 53.88 -12.47 15.60
N PHE C 865 52.65 -12.14 15.26
CA PHE C 865 51.48 -12.66 15.95
C PHE C 865 50.49 -13.01 14.85
N SER C 866 49.88 -14.18 14.94
CA SER C 866 48.91 -14.57 13.96
C SER C 866 47.63 -15.02 14.64
N ASN C 867 46.50 -14.66 14.06
CA ASN C 867 45.21 -15.06 14.61
C ASN C 867 44.90 -16.40 13.95
N VAL C 868 45.04 -17.49 14.68
CA VAL C 868 44.82 -18.81 14.09
C VAL C 868 43.44 -19.44 14.25
N GLY C 869 42.59 -18.83 15.06
CA GLY C 869 41.24 -19.38 15.21
C GLY C 869 41.04 -20.38 16.35
N ASN C 870 39.89 -21.06 16.35
CA ASN C 870 39.58 -22.01 17.41
C ASN C 870 40.24 -23.39 17.36
N THR C 871 41.04 -23.67 16.35
CA THR C 871 41.77 -24.94 16.31
C THR C 871 43.15 -24.62 15.77
N GLN C 872 44.15 -25.37 16.23
CA GLN C 872 45.53 -25.10 15.80
C GLN C 872 45.76 -25.40 14.33
N ASP C 873 45.17 -26.48 13.83
CA ASP C 873 45.36 -26.84 12.43
C ASP C 873 46.84 -26.74 12.04
N LEU C 874 47.15 -26.06 10.95
CA LEU C 874 48.53 -25.93 10.47
C LEU C 874 49.25 -24.65 10.88
N SER C 875 48.72 -23.95 11.87
CA SER C 875 49.31 -22.71 12.35
C SER C 875 50.80 -22.77 12.62
N GLN C 876 51.25 -23.86 13.24
CA GLN C 876 52.67 -24.02 13.58
C GLN C 876 53.54 -23.92 12.34
N SER C 877 53.27 -24.79 11.37
CA SER C 877 54.02 -24.80 10.13
C SER C 877 53.96 -23.49 9.37
N ILE C 878 52.79 -22.84 9.42
CA ILE C 878 52.59 -21.57 8.73
C ILE C 878 53.45 -20.44 9.32
N MET C 879 53.57 -20.39 10.64
CA MET C 879 54.37 -19.36 11.30
C MET C 879 55.86 -19.63 11.01
N GLU C 880 56.23 -20.91 10.99
CA GLU C 880 57.61 -21.28 10.71
C GLU C 880 58.05 -20.85 9.31
N ARG C 881 57.19 -21.02 8.31
CA ARG C 881 57.56 -20.61 6.97
C ARG C 881 57.66 -19.09 6.96
N ALA C 882 56.83 -18.44 7.77
CA ALA C 882 56.87 -16.99 7.85
C ALA C 882 58.24 -16.55 8.35
N LEU C 883 58.71 -17.17 9.43
CA LEU C 883 60.02 -16.86 10.00
C LEU C 883 61.14 -17.23 9.05
N PHE C 884 60.93 -18.28 8.26
CA PHE C 884 61.95 -18.70 7.30
C PHE C 884 62.09 -17.70 6.16
N HIS C 885 61.18 -16.73 6.12
CA HIS C 885 61.22 -15.72 5.06
C HIS C 885 61.19 -14.27 5.56
N MET C 886 61.46 -14.06 6.84
CA MET C 886 61.44 -12.70 7.39
C MET C 886 62.63 -11.90 6.87
N ASP C 887 63.46 -12.58 6.10
CA ASP C 887 64.65 -11.97 5.51
C ASP C 887 64.42 -11.60 4.05
N ASN C 888 63.43 -12.24 3.43
CA ASN C 888 63.12 -12.04 2.03
C ASN C 888 64.42 -12.32 1.27
N CYS C 889 65.00 -11.32 0.62
CA CYS C 889 66.25 -11.56 -0.12
C CYS C 889 67.43 -10.77 0.42
N TYR C 890 67.36 -10.36 1.67
CA TYR C 890 68.42 -9.56 2.27
C TYR C 890 69.25 -10.26 3.34
N LYS C 891 70.55 -9.98 3.33
CA LYS C 891 71.45 -10.56 4.30
C LYS C 891 71.44 -9.66 5.53
N ILE C 892 71.09 -10.23 6.68
CA ILE C 892 71.04 -9.48 7.92
C ILE C 892 71.86 -10.23 8.97
N PRO C 893 73.08 -9.76 9.26
CA PRO C 893 74.04 -10.33 10.21
C PRO C 893 73.48 -10.65 11.59
N ASN C 894 72.72 -9.72 12.14
CA ASN C 894 72.14 -9.88 13.46
C ASN C 894 70.62 -9.77 13.35
N ILE C 895 69.94 -10.86 13.65
CA ILE C 895 68.50 -10.91 13.51
C ILE C 895 67.82 -11.86 14.49
N ARG C 896 66.61 -11.49 14.90
CA ARG C 896 65.83 -12.30 15.81
C ARG C 896 64.36 -12.15 15.45
N GLY C 897 63.71 -13.27 15.19
CA GLY C 897 62.31 -13.26 14.85
C GLY C 897 61.57 -14.20 15.77
N THR C 898 60.38 -13.81 16.19
CA THR C 898 59.55 -14.65 17.05
C THR C 898 58.16 -14.75 16.45
N GLY C 899 57.45 -15.80 16.83
CA GLY C 899 56.12 -16.01 16.32
C GLY C 899 55.18 -16.50 17.42
N ARG C 900 53.93 -16.06 17.34
CA ARG C 900 52.93 -16.46 18.31
C ARG C 900 51.61 -16.86 17.68
N LEU C 901 51.12 -18.04 18.08
CA LEU C 901 49.87 -18.56 17.57
C LEU C 901 48.74 -18.18 18.53
N CYS C 902 47.99 -17.14 18.19
CA CYS C 902 46.90 -16.67 19.03
C CYS C 902 45.66 -17.56 18.99
N LYS C 903 45.27 -18.05 20.17
CA LYS C 903 44.09 -18.90 20.28
C LYS C 903 42.87 -17.97 20.45
N THR C 904 42.02 -17.93 19.43
CA THR C 904 40.85 -17.05 19.47
C THR C 904 39.54 -17.74 19.11
N ASN C 905 38.44 -17.12 19.54
CA ASN C 905 37.12 -17.66 19.26
C ASN C 905 36.66 -17.20 17.87
N LEU C 906 37.36 -17.70 16.85
CA LEU C 906 37.04 -17.37 15.48
C LEU C 906 37.17 -18.64 14.69
N PRO C 907 36.53 -18.70 13.51
CA PRO C 907 36.69 -19.95 12.77
C PRO C 907 38.17 -20.16 12.51
N SER C 908 38.60 -21.42 12.57
CA SER C 908 40.00 -21.74 12.38
C SER C 908 40.59 -21.34 11.03
N ASN C 909 41.72 -20.63 11.05
CA ASN C 909 42.39 -20.25 9.80
C ASN C 909 43.30 -21.39 9.40
N THR C 910 43.63 -21.46 8.12
CA THR C 910 44.43 -22.56 7.62
C THR C 910 45.43 -22.15 6.54
N ALA C 911 45.84 -23.11 5.73
CA ALA C 911 46.79 -22.86 4.67
C ALA C 911 46.22 -22.06 3.50
N PHE C 912 47.07 -21.22 2.94
CA PHE C 912 46.71 -20.40 1.80
C PHE C 912 47.97 -20.27 0.94
N ARG C 913 47.82 -20.33 -0.37
CA ARG C 913 48.93 -20.22 -1.31
C ARG C 913 49.96 -19.22 -0.76
N GLY C 914 51.13 -19.72 -0.38
CA GLY C 914 52.17 -18.90 0.18
C GLY C 914 52.59 -19.47 1.54
N PHE C 915 51.61 -20.04 2.23
CA PHE C 915 51.82 -20.68 3.52
C PHE C 915 52.63 -19.87 4.55
N GLY C 916 52.29 -18.60 4.70
CA GLY C 916 53.00 -17.76 5.66
C GLY C 916 54.08 -16.91 5.03
N GLY C 917 54.69 -17.39 3.96
CA GLY C 917 55.73 -16.64 3.30
C GLY C 917 55.33 -15.24 2.90
N PRO C 918 54.13 -15.05 2.34
CA PRO C 918 53.69 -13.72 1.94
C PRO C 918 53.64 -12.72 3.09
N GLN C 919 53.13 -13.15 4.23
CA GLN C 919 53.06 -12.25 5.38
C GLN C 919 54.47 -11.93 5.88
N GLY C 920 55.29 -12.97 5.99
CA GLY C 920 56.65 -12.76 6.44
C GLY C 920 57.41 -11.79 5.59
N MET C 921 57.34 -11.95 4.26
CA MET C 921 58.08 -11.08 3.36
C MET C 921 57.56 -9.66 3.24
N LEU C 922 56.25 -9.46 3.38
CA LEU C 922 55.72 -8.10 3.29
C LEU C 922 56.21 -7.30 4.49
N ILE C 923 56.29 -7.95 5.64
CA ILE C 923 56.78 -7.28 6.84
C ILE C 923 58.23 -6.84 6.59
N ALA C 924 59.01 -7.73 5.99
CA ALA C 924 60.41 -7.45 5.68
C ALA C 924 60.49 -6.23 4.77
N GLU C 925 59.73 -6.26 3.68
CA GLU C 925 59.70 -5.16 2.71
C GLU C 925 59.14 -3.88 3.31
N CYS C 926 58.41 -4.02 4.41
CA CYS C 926 57.84 -2.86 5.07
C CYS C 926 58.96 -2.03 5.68
N TRP C 927 59.75 -2.62 6.59
CA TRP C 927 60.83 -1.87 7.21
C TRP C 927 61.96 -1.58 6.21
N MET C 928 62.05 -2.38 5.15
CA MET C 928 63.08 -2.16 4.15
C MET C 928 62.81 -0.84 3.44
N SER C 929 61.57 -0.61 3.05
CA SER C 929 61.21 0.63 2.37
C SER C 929 61.41 1.83 3.30
N GLU C 930 61.19 1.63 4.59
CA GLU C 930 61.37 2.71 5.55
C GLU C 930 62.85 3.05 5.75
N VAL C 931 63.72 2.07 5.51
CA VAL C 931 65.15 2.29 5.63
C VAL C 931 65.61 3.20 4.50
N ALA C 932 65.16 2.89 3.28
CA ALA C 932 65.52 3.69 2.13
C ALA C 932 65.10 5.14 2.34
N VAL C 933 63.91 5.33 2.88
CA VAL C 933 63.40 6.66 3.12
C VAL C 933 64.27 7.42 4.11
N THR C 934 64.64 6.78 5.20
CA THR C 934 65.46 7.43 6.22
C THR C 934 66.84 7.80 5.73
N CYS C 935 67.46 6.91 4.94
CA CYS C 935 68.79 7.17 4.41
C CYS C 935 68.71 8.10 3.20
N GLY C 936 67.51 8.56 2.89
CA GLY C 936 67.30 9.45 1.77
C GLY C 936 67.83 8.89 0.47
N MET C 937 67.84 7.57 0.33
CA MET C 937 68.35 6.93 -0.88
C MET C 937 67.28 6.25 -1.71
N PRO C 938 67.56 6.02 -2.99
CA PRO C 938 66.62 5.35 -3.89
C PRO C 938 66.40 3.94 -3.38
N ALA C 939 65.15 3.53 -3.25
CA ALA C 939 64.83 2.20 -2.73
C ALA C 939 65.53 1.06 -3.49
N GLU C 940 65.61 1.17 -4.81
CA GLU C 940 66.26 0.14 -5.63
C GLU C 940 67.69 -0.09 -5.20
N GLU C 941 68.40 1.00 -4.86
CA GLU C 941 69.80 0.93 -4.45
C GLU C 941 69.92 0.25 -3.09
N VAL C 942 69.17 0.75 -2.12
CA VAL C 942 69.18 0.20 -0.77
C VAL C 942 68.86 -1.27 -0.78
N ARG C 943 67.96 -1.68 -1.67
CA ARG C 943 67.59 -3.07 -1.78
C ARG C 943 68.71 -3.86 -2.44
N ARG C 944 69.23 -3.33 -3.55
CA ARG C 944 70.29 -4.02 -4.26
C ARG C 944 71.52 -4.30 -3.39
N LYS C 945 71.90 -3.33 -2.57
CA LYS C 945 73.08 -3.50 -1.72
C LYS C 945 72.91 -4.42 -0.52
N ASN C 946 71.66 -4.69 -0.15
CA ASN C 946 71.41 -5.57 0.98
C ASN C 946 71.11 -6.98 0.52
N LEU C 947 71.09 -7.17 -0.79
CA LEU C 947 70.79 -8.47 -1.37
C LEU C 947 71.82 -9.55 -1.05
N TYR C 948 71.34 -10.77 -0.86
CA TYR C 948 72.18 -11.93 -0.58
C TYR C 948 73.08 -12.13 -1.80
N LYS C 949 74.08 -12.99 -1.67
CA LYS C 949 74.96 -13.29 -2.80
C LYS C 949 75.23 -14.79 -2.80
N GLU C 950 75.44 -15.35 -4.00
CA GLU C 950 75.73 -16.77 -4.15
C GLU C 950 76.67 -17.21 -3.04
N GLY C 951 76.28 -18.25 -2.30
CA GLY C 951 77.13 -18.74 -1.24
C GLY C 951 76.75 -18.27 0.17
N ASP C 952 76.06 -17.14 0.27
CA ASP C 952 75.63 -16.62 1.56
C ASP C 952 74.74 -17.65 2.26
N LEU C 953 74.55 -17.45 3.56
CA LEU C 953 73.68 -18.32 4.34
C LEU C 953 72.53 -17.44 4.85
N THR C 954 71.36 -18.03 4.98
CA THR C 954 70.22 -17.28 5.48
C THR C 954 70.28 -17.23 7.01
N HIS C 955 69.28 -16.62 7.63
CA HIS C 955 69.27 -16.53 9.09
C HIS C 955 69.06 -17.90 9.74
N PHE C 956 68.49 -18.84 8.99
CA PHE C 956 68.30 -20.18 9.50
C PHE C 956 69.48 -21.07 9.05
N ASN C 957 70.49 -20.38 8.52
CA ASN C 957 71.75 -21.00 8.09
C ASN C 957 71.83 -21.93 6.89
N GLN C 958 70.85 -21.86 5.99
CA GLN C 958 70.92 -22.71 4.81
C GLN C 958 71.77 -21.97 3.79
N LYS C 959 72.52 -22.73 3.01
CA LYS C 959 73.40 -22.15 1.99
C LYS C 959 72.60 -21.87 0.69
N LEU C 960 72.80 -20.67 0.14
CA LEU C 960 72.12 -20.28 -1.08
C LEU C 960 72.93 -20.56 -2.35
N GLU C 961 72.66 -21.70 -2.98
CA GLU C 961 73.35 -22.09 -4.20
C GLU C 961 72.37 -21.88 -5.35
N GLY C 962 72.88 -21.75 -6.57
CA GLY C 962 72.01 -21.52 -7.71
C GLY C 962 71.18 -20.27 -7.46
N PHE C 963 71.82 -19.25 -6.89
CA PHE C 963 71.17 -17.98 -6.58
C PHE C 963 70.99 -17.17 -7.85
N THR C 964 69.86 -17.37 -8.52
CA THR C 964 69.56 -16.70 -9.79
C THR C 964 68.85 -15.34 -9.68
N LEU C 965 68.65 -14.86 -8.44
CA LEU C 965 67.98 -13.59 -8.21
C LEU C 965 68.62 -12.38 -8.88
N PRO C 966 69.94 -12.22 -8.74
CA PRO C 966 70.65 -11.09 -9.35
C PRO C 966 70.33 -10.92 -10.85
N ARG C 967 70.21 -12.05 -11.55
CA ARG C 967 69.88 -12.00 -12.98
C ARG C 967 68.45 -11.49 -13.13
N CYS C 968 67.54 -12.06 -12.34
CA CYS C 968 66.14 -11.67 -12.38
C CYS C 968 66.02 -10.17 -12.13
N TRP C 969 66.77 -9.69 -11.14
CA TRP C 969 66.75 -8.29 -10.77
C TRP C 969 67.23 -7.42 -11.95
N GLU C 970 68.33 -7.79 -12.57
CA GLU C 970 68.85 -7.03 -13.71
C GLU C 970 67.90 -7.09 -14.88
N GLU C 971 67.52 -8.30 -15.27
CA GLU C 971 66.61 -8.51 -16.39
C GLU C 971 65.34 -7.68 -16.21
N CYS C 972 64.84 -7.65 -14.99
CA CYS C 972 63.63 -6.91 -14.68
C CYS C 972 63.83 -5.41 -14.83
N LEU C 973 64.94 -4.90 -14.33
CA LEU C 973 65.23 -3.48 -14.44
C LEU C 973 65.32 -3.09 -15.92
N ALA C 974 66.10 -3.85 -16.69
CA ALA C 974 66.27 -3.55 -18.10
C ALA C 974 64.97 -3.58 -18.92
N SER C 975 64.25 -4.69 -18.87
CA SER C 975 63.01 -4.81 -19.63
C SER C 975 61.89 -3.89 -19.13
N SER C 976 61.89 -3.54 -17.85
CA SER C 976 60.85 -2.64 -17.33
C SER C 976 61.28 -1.18 -17.51
N GLN C 977 62.54 -0.98 -17.89
CA GLN C 977 63.07 0.36 -18.09
C GLN C 977 62.77 1.19 -16.84
N TYR C 978 63.03 0.57 -15.70
CA TYR C 978 62.78 1.16 -14.39
C TYR C 978 63.30 2.59 -14.22
N HIS C 979 64.60 2.79 -14.42
CA HIS C 979 65.17 4.12 -14.26
C HIS C 979 64.54 5.13 -15.20
N ALA C 980 64.27 4.72 -16.43
CA ALA C 980 63.67 5.61 -17.41
C ALA C 980 62.31 6.05 -16.90
N ARG C 981 61.52 5.10 -16.41
CA ARG C 981 60.18 5.39 -15.91
C ARG C 981 60.16 6.16 -14.58
N LYS C 982 61.27 6.12 -13.87
CA LYS C 982 61.35 6.84 -12.62
C LYS C 982 61.11 8.32 -12.98
N SER C 983 61.64 8.74 -14.11
CA SER C 983 61.48 10.12 -14.59
C SER C 983 60.04 10.35 -14.99
N GLU C 984 59.47 9.39 -15.71
CA GLU C 984 58.09 9.48 -16.16
C GLU C 984 57.19 9.76 -14.96
N VAL C 985 57.32 8.93 -13.94
CA VAL C 985 56.53 9.05 -12.73
C VAL C 985 56.70 10.42 -12.07
N ASP C 986 57.93 10.88 -11.98
CA ASP C 986 58.19 12.18 -11.35
C ASP C 986 57.51 13.31 -12.10
N LYS C 987 57.59 13.28 -13.43
CA LYS C 987 56.99 14.33 -14.23
C LYS C 987 55.48 14.37 -14.12
N PHE C 988 54.85 13.20 -14.07
CA PHE C 988 53.39 13.13 -13.99
C PHE C 988 52.93 13.72 -12.68
N ASN C 989 53.66 13.41 -11.61
CA ASN C 989 53.30 13.92 -10.29
C ASN C 989 53.38 15.44 -10.22
N LYS C 990 54.26 16.03 -11.01
CA LYS C 990 54.41 17.48 -11.03
C LYS C 990 53.22 18.10 -11.76
N GLU C 991 52.74 17.41 -12.79
CA GLU C 991 51.64 17.93 -13.61
C GLU C 991 50.22 17.60 -13.11
N ASN C 992 50.12 16.72 -12.13
CA ASN C 992 48.83 16.35 -11.57
C ASN C 992 48.88 16.51 -10.08
N CYS C 993 47.81 17.06 -9.51
CA CYS C 993 47.77 17.30 -8.09
C CYS C 993 46.85 16.34 -7.34
N TRP C 994 45.80 15.88 -7.99
CA TRP C 994 44.87 14.98 -7.33
C TRP C 994 44.98 13.54 -7.80
N LYS C 995 46.07 13.28 -8.50
CA LYS C 995 46.38 11.95 -8.98
C LYS C 995 47.89 11.82 -8.89
N LYS C 996 48.34 10.66 -8.45
CA LYS C 996 49.78 10.45 -8.31
C LYS C 996 50.15 9.05 -8.78
N ARG C 997 51.42 8.89 -9.13
CA ARG C 997 51.93 7.62 -9.58
C ARG C 997 53.07 7.17 -8.68
N GLY C 998 53.24 5.85 -8.62
CA GLY C 998 54.29 5.27 -7.82
C GLY C 998 54.83 4.09 -8.60
N LEU C 999 56.15 3.91 -8.51
CA LEU C 999 56.84 2.83 -9.19
C LEU C 999 57.56 2.05 -8.10
N CYS C 1000 57.69 0.74 -8.26
CA CYS C 1000 58.36 -0.06 -7.24
C CYS C 1000 58.78 -1.44 -7.73
N ILE C 1001 60.03 -1.79 -7.45
CA ILE C 1001 60.56 -3.09 -7.84
C ILE C 1001 60.86 -3.91 -6.58
N ILE C 1002 60.36 -5.13 -6.55
CA ILE C 1002 60.54 -6.02 -5.40
C ILE C 1002 61.04 -7.40 -5.82
N PRO C 1003 61.86 -8.04 -4.98
CA PRO C 1003 62.40 -9.38 -5.27
C PRO C 1003 61.76 -10.40 -4.34
N THR C 1004 62.04 -11.67 -4.58
CA THR C 1004 61.50 -12.70 -3.70
C THR C 1004 62.24 -14.04 -3.82
N LYS C 1005 62.32 -14.70 -2.68
CA LYS C 1005 62.97 -15.99 -2.56
C LYS C 1005 61.92 -16.81 -1.83
N PHE C 1006 61.66 -18.03 -2.30
CA PHE C 1006 60.68 -18.88 -1.66
C PHE C 1006 61.27 -20.27 -1.45
N GLY C 1007 61.35 -20.69 -0.19
CA GLY C 1007 61.90 -22.00 0.10
C GLY C 1007 60.97 -23.10 -0.38
N ILE C 1008 61.50 -24.00 -1.21
CA ILE C 1008 60.68 -25.09 -1.75
C ILE C 1008 60.86 -26.42 -1.01
N SER C 1009 59.72 -26.98 -0.58
CA SER C 1009 59.64 -28.26 0.14
C SER C 1009 58.79 -28.11 1.38
N PHE C 1010 58.17 -29.20 1.81
CA PHE C 1010 57.36 -29.21 3.02
C PHE C 1010 58.27 -29.02 4.22
N THR C 1011 57.90 -28.12 5.13
CA THR C 1011 58.71 -27.90 6.32
C THR C 1011 58.65 -29.14 7.23
N VAL C 1012 57.60 -29.95 7.05
CA VAL C 1012 57.46 -31.20 7.79
C VAL C 1012 58.16 -32.20 6.86
N PRO C 1013 59.43 -32.53 7.16
CA PRO C 1013 60.29 -33.45 6.41
C PRO C 1013 59.67 -34.68 5.73
N PHE C 1014 58.99 -35.53 6.50
CA PHE C 1014 58.41 -36.74 5.94
C PHE C 1014 57.30 -36.58 4.89
N LEU C 1015 56.72 -35.39 4.76
CA LEU C 1015 55.67 -35.19 3.76
C LEU C 1015 56.28 -35.03 2.35
N ASN C 1016 57.60 -34.94 2.27
CA ASN C 1016 58.26 -34.81 0.98
C ASN C 1016 58.52 -36.21 0.40
N GLN C 1017 57.43 -36.85 -0.01
CA GLN C 1017 57.45 -38.19 -0.60
C GLN C 1017 56.24 -38.30 -1.54
N ALA C 1018 56.30 -39.19 -2.52
CA ALA C 1018 55.19 -39.35 -3.43
C ALA C 1018 55.14 -40.73 -4.07
N GLY C 1019 53.93 -41.13 -4.47
CA GLY C 1019 53.74 -42.42 -5.10
C GLY C 1019 53.00 -42.32 -6.42
N ALA C 1020 53.22 -43.31 -7.28
CA ALA C 1020 52.56 -43.37 -8.57
C ALA C 1020 52.30 -44.83 -8.87
N LEU C 1021 51.33 -45.08 -9.74
CA LEU C 1021 50.99 -46.43 -10.13
C LEU C 1021 50.82 -46.36 -11.63
N LEU C 1022 51.50 -47.23 -12.36
CA LEU C 1022 51.43 -47.22 -13.81
C LEU C 1022 51.03 -48.58 -14.41
N HIS C 1023 50.02 -48.57 -15.25
CA HIS C 1023 49.56 -49.78 -15.93
C HIS C 1023 49.72 -49.60 -17.43
N VAL C 1024 50.17 -50.67 -18.09
CA VAL C 1024 50.32 -50.66 -19.54
C VAL C 1024 49.46 -51.83 -20.01
N TYR C 1025 48.36 -51.53 -20.70
CA TYR C 1025 47.47 -52.57 -21.20
C TYR C 1025 48.01 -53.15 -22.49
N THR C 1026 47.66 -54.40 -22.76
CA THR C 1026 48.13 -55.08 -23.95
C THR C 1026 47.89 -54.34 -25.27
N ASP C 1027 46.97 -53.37 -25.26
CA ASP C 1027 46.71 -52.59 -26.47
C ASP C 1027 47.72 -51.44 -26.58
N GLY C 1028 48.59 -51.33 -25.58
CA GLY C 1028 49.60 -50.30 -25.58
C GLY C 1028 49.26 -49.03 -24.83
N SER C 1029 47.97 -48.71 -24.71
CA SER C 1029 47.60 -47.50 -23.99
C SER C 1029 48.05 -47.62 -22.54
N VAL C 1030 48.40 -46.48 -21.96
CA VAL C 1030 48.88 -46.44 -20.57
C VAL C 1030 47.92 -45.70 -19.66
N LEU C 1031 47.77 -46.20 -18.44
CA LEU C 1031 46.93 -45.58 -17.43
C LEU C 1031 47.81 -45.21 -16.25
N LEU C 1032 47.95 -43.90 -16.01
CA LEU C 1032 48.79 -43.36 -14.92
C LEU C 1032 48.01 -42.72 -13.77
N THR C 1033 48.48 -42.95 -12.54
CA THR C 1033 47.86 -42.36 -11.34
C THR C 1033 48.97 -41.96 -10.38
N HIS C 1034 48.68 -40.98 -9.54
CA HIS C 1034 49.66 -40.52 -8.56
C HIS C 1034 48.96 -39.74 -7.44
N GLY C 1035 49.65 -39.62 -6.31
CA GLY C 1035 49.08 -38.91 -5.17
C GLY C 1035 48.64 -37.48 -5.40
N GLY C 1036 49.15 -36.84 -6.44
CA GLY C 1036 48.78 -35.45 -6.69
C GLY C 1036 47.36 -35.25 -7.19
N THR C 1037 46.71 -34.19 -6.72
CA THR C 1037 45.35 -33.90 -7.15
C THR C 1037 45.34 -32.65 -8.02
N GLU C 1038 44.50 -32.70 -9.06
CA GLU C 1038 44.35 -31.59 -10.00
C GLU C 1038 43.35 -30.57 -9.47
N MET C 1039 43.80 -29.33 -9.33
CA MET C 1039 42.92 -28.28 -8.85
C MET C 1039 43.00 -27.08 -9.80
N GLY C 1040 43.49 -27.33 -11.01
CA GLY C 1040 43.63 -26.28 -12.00
C GLY C 1040 45.05 -25.87 -12.34
N GLN C 1041 46.03 -26.44 -11.62
CA GLN C 1041 47.44 -26.10 -11.86
C GLN C 1041 48.07 -26.95 -12.96
N GLY C 1042 47.28 -27.81 -13.58
CA GLY C 1042 47.80 -28.64 -14.65
C GLY C 1042 48.87 -29.64 -14.21
N LEU C 1043 48.69 -30.20 -13.03
CA LEU C 1043 49.64 -31.18 -12.50
C LEU C 1043 49.60 -32.47 -13.29
N HIS C 1044 48.41 -32.90 -13.71
CA HIS C 1044 48.30 -34.13 -14.49
C HIS C 1044 48.93 -33.91 -15.85
N THR C 1045 48.68 -32.73 -16.42
CA THR C 1045 49.23 -32.39 -17.73
C THR C 1045 50.74 -32.62 -17.70
N LYS C 1046 51.39 -32.07 -16.69
CA LYS C 1046 52.83 -32.21 -16.55
C LYS C 1046 53.26 -33.68 -16.40
N MET C 1047 52.54 -34.42 -15.54
CA MET C 1047 52.85 -35.82 -15.30
C MET C 1047 52.77 -36.64 -16.59
N VAL C 1048 51.81 -36.31 -17.45
CA VAL C 1048 51.65 -37.00 -18.72
C VAL C 1048 52.83 -36.63 -19.62
N GLN C 1049 53.26 -35.37 -19.53
CA GLN C 1049 54.41 -34.90 -20.31
C GLN C 1049 55.68 -35.62 -19.88
N VAL C 1050 55.88 -35.71 -18.56
CA VAL C 1050 57.04 -36.38 -18.00
C VAL C 1050 57.04 -37.84 -18.42
N ALA C 1051 55.90 -38.50 -18.21
CA ALA C 1051 55.74 -39.91 -18.56
C ALA C 1051 56.03 -40.15 -20.04
N SER C 1052 55.48 -39.30 -20.90
CA SER C 1052 55.66 -39.42 -22.34
C SER C 1052 57.13 -39.29 -22.71
N ARG C 1053 57.87 -38.48 -21.96
CA ARG C 1053 59.30 -38.34 -22.23
C ARG C 1053 60.05 -39.57 -21.74
N ALA C 1054 59.80 -39.96 -20.49
CA ALA C 1054 60.44 -41.12 -19.90
C ALA C 1054 60.22 -42.37 -20.72
N LEU C 1055 58.96 -42.66 -21.04
CA LEU C 1055 58.62 -43.85 -21.83
C LEU C 1055 58.97 -43.75 -23.31
N LYS C 1056 59.11 -42.53 -23.83
CA LYS C 1056 59.40 -42.30 -25.24
C LYS C 1056 58.23 -42.69 -26.15
N ILE C 1057 57.04 -42.24 -25.77
CA ILE C 1057 55.82 -42.49 -26.51
C ILE C 1057 55.00 -41.20 -26.45
N PRO C 1058 54.13 -40.96 -27.45
CA PRO C 1058 53.29 -39.76 -27.50
C PRO C 1058 52.39 -39.63 -26.26
N THR C 1059 52.19 -38.40 -25.81
CA THR C 1059 51.34 -38.17 -24.65
C THR C 1059 49.95 -38.72 -24.91
N SER C 1060 49.62 -38.90 -26.18
CA SER C 1060 48.31 -39.41 -26.55
C SER C 1060 48.04 -40.82 -26.03
N LYS C 1061 49.09 -41.61 -25.83
CA LYS C 1061 48.90 -42.96 -25.35
C LYS C 1061 48.84 -43.07 -23.83
N ILE C 1062 48.90 -41.94 -23.14
CA ILE C 1062 48.87 -41.95 -21.69
C ILE C 1062 47.64 -41.21 -21.16
N TYR C 1063 47.04 -41.75 -20.09
CA TYR C 1063 45.86 -41.12 -19.54
C TYR C 1063 45.83 -41.18 -18.01
N ILE C 1064 45.40 -40.08 -17.40
CA ILE C 1064 45.27 -39.99 -15.95
C ILE C 1064 43.82 -39.65 -15.63
N SER C 1065 43.07 -40.65 -15.18
CA SER C 1065 41.66 -40.46 -14.88
C SER C 1065 41.37 -39.75 -13.56
N GLU C 1066 41.99 -40.21 -12.48
CA GLU C 1066 41.74 -39.62 -11.18
C GLU C 1066 42.76 -40.00 -10.11
N THR C 1067 42.61 -39.37 -8.95
CA THR C 1067 43.47 -39.58 -7.81
C THR C 1067 42.68 -40.39 -6.78
N SER C 1068 43.18 -41.56 -6.38
CA SER C 1068 42.46 -42.40 -5.43
C SER C 1068 43.30 -43.06 -4.34
N THR C 1069 42.80 -43.02 -3.11
CA THR C 1069 43.50 -43.62 -1.97
C THR C 1069 43.74 -45.11 -2.15
N ASN C 1070 42.96 -45.77 -2.99
CA ASN C 1070 43.16 -47.20 -3.20
C ASN C 1070 44.05 -47.55 -4.41
N THR C 1071 44.62 -46.54 -5.06
CA THR C 1071 45.56 -46.75 -6.17
C THR C 1071 46.94 -46.33 -5.68
N VAL C 1072 47.02 -45.22 -4.93
CA VAL C 1072 48.28 -44.73 -4.36
C VAL C 1072 47.98 -44.31 -2.92
N PRO C 1073 48.49 -45.07 -1.93
CA PRO C 1073 48.29 -44.82 -0.50
C PRO C 1073 49.24 -43.84 0.18
N ASN C 1074 48.84 -43.41 1.37
CA ASN C 1074 49.63 -42.52 2.21
C ASN C 1074 50.26 -41.33 1.49
N THR C 1075 49.47 -40.62 0.71
CA THR C 1075 49.99 -39.49 -0.04
C THR C 1075 49.94 -38.14 0.71
N SER C 1076 50.86 -37.24 0.38
CA SER C 1076 50.89 -35.95 1.04
C SER C 1076 49.88 -35.05 0.37
N PRO C 1077 49.42 -34.01 1.08
CA PRO C 1077 48.44 -33.16 0.41
C PRO C 1077 49.09 -32.49 -0.81
N THR C 1078 48.30 -32.22 -1.85
CA THR C 1078 48.87 -31.57 -3.02
C THR C 1078 49.04 -30.13 -2.57
N ALA C 1079 50.22 -29.82 -2.07
CA ALA C 1079 50.49 -28.49 -1.57
C ALA C 1079 51.99 -28.18 -1.54
N ALA C 1080 52.32 -26.97 -1.12
CA ALA C 1080 53.71 -26.51 -1.01
C ALA C 1080 54.45 -26.44 -2.32
N SER C 1081 53.73 -26.32 -3.42
CA SER C 1081 54.33 -26.21 -4.74
C SER C 1081 55.28 -27.34 -5.15
N VAL C 1082 55.34 -28.42 -4.37
CA VAL C 1082 56.25 -29.51 -4.69
C VAL C 1082 55.61 -30.77 -5.29
N SER C 1083 54.32 -30.70 -5.62
CA SER C 1083 53.62 -31.86 -6.15
C SER C 1083 54.12 -32.34 -7.50
N ALA C 1084 54.56 -31.42 -8.36
CA ALA C 1084 55.08 -31.83 -9.66
C ALA C 1084 56.51 -32.36 -9.45
N ASP C 1085 57.20 -31.75 -8.49
CA ASP C 1085 58.56 -32.14 -8.14
C ASP C 1085 58.57 -33.58 -7.63
N LEU C 1086 57.64 -33.85 -6.74
CA LEU C 1086 57.51 -35.15 -6.10
C LEU C 1086 56.89 -36.25 -6.97
N ASN C 1087 55.63 -36.07 -7.36
CA ASN C 1087 54.97 -37.07 -8.18
C ASN C 1087 55.70 -37.22 -9.50
N GLY C 1088 56.33 -36.13 -9.95
CA GLY C 1088 57.08 -36.19 -11.19
C GLY C 1088 58.14 -37.27 -11.08
N GLN C 1089 58.92 -37.21 -10.00
CA GLN C 1089 59.97 -38.18 -9.80
C GLN C 1089 59.41 -39.61 -9.60
N ALA C 1090 58.21 -39.71 -9.03
CA ALA C 1090 57.58 -41.00 -8.79
C ALA C 1090 57.10 -41.63 -10.11
N VAL C 1091 56.55 -40.79 -10.98
CA VAL C 1091 56.08 -41.22 -12.29
C VAL C 1091 57.30 -41.76 -13.01
N TYR C 1092 58.39 -41.01 -12.93
CA TYR C 1092 59.63 -41.36 -13.57
C TYR C 1092 60.12 -42.73 -13.09
N ALA C 1093 60.10 -42.94 -11.78
CA ALA C 1093 60.55 -44.20 -11.24
C ALA C 1093 59.71 -45.36 -11.78
N ALA C 1094 58.41 -45.14 -11.90
CA ALA C 1094 57.52 -46.17 -12.41
C ALA C 1094 57.78 -46.45 -13.89
N CYS C 1095 58.04 -45.38 -14.65
CA CYS C 1095 58.32 -45.51 -16.07
C CYS C 1095 59.59 -46.30 -16.32
N GLN C 1096 60.61 -46.03 -15.51
CA GLN C 1096 61.88 -46.73 -15.67
C GLN C 1096 61.72 -48.22 -15.44
N THR C 1097 60.93 -48.59 -14.44
CA THR C 1097 60.70 -50.00 -14.16
C THR C 1097 60.17 -50.70 -15.42
N ILE C 1098 59.15 -50.11 -16.02
CA ILE C 1098 58.52 -50.66 -17.23
C ILE C 1098 59.50 -50.79 -18.39
N LEU C 1099 60.31 -49.76 -18.58
CA LEU C 1099 61.30 -49.76 -19.65
C LEU C 1099 62.29 -50.90 -19.43
N LYS C 1100 62.73 -51.04 -18.18
CA LYS C 1100 63.68 -52.09 -17.83
C LYS C 1100 63.10 -53.46 -18.14
N ARG C 1101 61.82 -53.64 -17.88
CA ARG C 1101 61.17 -54.92 -18.17
C ARG C 1101 60.93 -55.13 -19.65
N LEU C 1102 60.78 -54.03 -20.39
CA LEU C 1102 60.55 -54.14 -21.82
C LEU C 1102 61.84 -54.27 -22.61
N GLU C 1103 62.96 -53.93 -21.99
CA GLU C 1103 64.27 -54.00 -22.64
C GLU C 1103 64.55 -55.26 -23.45
N PRO C 1104 64.36 -56.44 -22.84
CA PRO C 1104 64.61 -57.69 -23.56
C PRO C 1104 63.95 -57.74 -24.93
N TYR C 1105 62.66 -57.42 -24.97
CA TYR C 1105 61.88 -57.45 -26.20
C TYR C 1105 62.22 -56.33 -27.16
N LYS C 1106 62.57 -55.18 -26.60
CA LYS C 1106 62.95 -54.04 -27.42
C LYS C 1106 64.21 -54.46 -28.16
N LYS C 1107 65.00 -55.33 -27.54
CA LYS C 1107 66.24 -55.83 -28.13
C LYS C 1107 65.96 -56.88 -29.19
N LYS C 1108 65.26 -57.94 -28.81
CA LYS C 1108 64.94 -59.00 -29.75
C LYS C 1108 64.28 -58.46 -31.02
N ASN C 1109 63.79 -57.22 -30.96
CA ASN C 1109 63.13 -56.61 -32.10
C ASN C 1109 63.20 -55.09 -32.08
N PRO C 1110 64.35 -54.51 -32.46
CA PRO C 1110 64.59 -53.07 -32.50
C PRO C 1110 63.67 -52.30 -33.45
N SER C 1111 63.38 -52.89 -34.61
CA SER C 1111 62.51 -52.25 -35.59
C SER C 1111 61.08 -52.21 -35.06
N GLY C 1112 60.81 -53.02 -34.04
CA GLY C 1112 59.48 -53.07 -33.48
C GLY C 1112 58.91 -51.80 -32.90
N SER C 1113 57.59 -51.77 -32.77
CA SER C 1113 56.87 -50.62 -32.22
C SER C 1113 56.56 -50.88 -30.75
N TRP C 1114 56.12 -49.85 -30.06
CA TRP C 1114 55.76 -49.96 -28.64
C TRP C 1114 54.74 -51.08 -28.43
N GLU C 1115 53.68 -51.06 -29.24
CA GLU C 1115 52.64 -52.07 -29.15
C GLU C 1115 53.28 -53.46 -29.28
N ASP C 1116 54.17 -53.59 -30.25
CA ASP C 1116 54.86 -54.86 -30.49
C ASP C 1116 55.56 -55.37 -29.23
N TRP C 1117 56.40 -54.52 -28.63
CA TRP C 1117 57.13 -54.90 -27.42
C TRP C 1117 56.20 -55.22 -26.25
N VAL C 1118 55.14 -54.44 -26.11
CA VAL C 1118 54.19 -54.66 -25.02
C VAL C 1118 53.51 -56.02 -25.11
N THR C 1119 53.03 -56.39 -26.30
CA THR C 1119 52.36 -57.67 -26.41
C THR C 1119 53.37 -58.82 -26.26
N ALA C 1120 54.59 -58.59 -26.73
CA ALA C 1120 55.65 -59.60 -26.61
C ALA C 1120 55.98 -59.81 -25.12
N ALA C 1121 56.02 -58.72 -24.38
CA ALA C 1121 56.29 -58.80 -22.95
C ALA C 1121 55.14 -59.54 -22.25
N TYR C 1122 53.92 -59.29 -22.72
CA TYR C 1122 52.75 -59.92 -22.14
C TYR C 1122 52.64 -61.39 -22.50
N MET C 1123 52.95 -61.71 -23.76
CA MET C 1123 52.90 -63.08 -24.23
C MET C 1123 53.99 -63.89 -23.55
N ASP C 1124 55.01 -63.21 -23.05
CA ASP C 1124 56.12 -63.86 -22.38
C ASP C 1124 55.98 -63.69 -20.87
N THR C 1125 54.73 -63.58 -20.43
CA THR C 1125 54.38 -63.40 -19.02
C THR C 1125 55.27 -62.46 -18.21
N VAL C 1126 55.25 -61.17 -18.56
CA VAL C 1126 56.03 -60.16 -17.86
C VAL C 1126 55.07 -59.09 -17.36
N SER C 1127 55.12 -58.84 -16.06
CA SER C 1127 54.24 -57.86 -15.43
C SER C 1127 54.31 -56.49 -16.08
N LEU C 1128 53.16 -55.97 -16.48
CA LEU C 1128 53.10 -54.65 -17.11
C LEU C 1128 52.50 -53.61 -16.17
N SER C 1129 52.75 -53.78 -14.87
CA SER C 1129 52.26 -52.86 -13.84
C SER C 1129 53.35 -52.59 -12.82
N ALA C 1130 53.56 -51.32 -12.51
CA ALA C 1130 54.58 -50.95 -11.54
C ALA C 1130 54.23 -49.69 -10.76
N THR C 1131 54.67 -49.64 -9.50
CA THR C 1131 54.43 -48.47 -8.66
C THR C 1131 55.68 -47.61 -8.73
N GLY C 1132 55.57 -46.37 -8.27
CA GLY C 1132 56.70 -45.46 -8.29
C GLY C 1132 56.75 -44.70 -6.98
N PHE C 1133 57.95 -44.50 -6.45
CA PHE C 1133 58.10 -43.79 -5.20
C PHE C 1133 59.36 -42.95 -5.19
N TYR C 1134 59.25 -41.78 -4.57
CA TYR C 1134 60.35 -40.84 -4.46
C TYR C 1134 60.18 -40.01 -3.20
N ARG C 1135 61.29 -39.54 -2.66
CA ARG C 1135 61.26 -38.70 -1.46
C ARG C 1135 62.48 -37.79 -1.46
N THR C 1136 62.24 -36.50 -1.25
CA THR C 1136 63.33 -35.53 -1.23
C THR C 1136 64.35 -35.91 -0.15
N PRO C 1137 65.65 -35.85 -0.50
CA PRO C 1137 66.71 -36.19 0.45
C PRO C 1137 67.35 -35.00 1.20
N ASN C 1138 67.94 -35.33 2.35
CA ASN C 1138 68.63 -34.36 3.20
C ASN C 1138 67.80 -33.20 3.75
N LEU C 1139 66.52 -33.45 4.02
CA LEU C 1139 65.68 -32.39 4.58
C LEU C 1139 65.58 -32.54 6.08
N GLY C 1140 65.52 -31.41 6.80
CA GLY C 1140 65.41 -31.49 8.24
C GLY C 1140 66.03 -30.32 8.99
N TYR C 1141 65.18 -29.41 9.44
CA TYR C 1141 65.64 -28.25 10.19
C TYR C 1141 65.38 -28.48 11.66
N SER C 1142 66.19 -27.86 12.51
CA SER C 1142 66.04 -27.97 13.95
C SER C 1142 66.00 -26.57 14.52
N PHE C 1143 64.87 -26.19 15.12
CA PHE C 1143 64.76 -24.85 15.69
C PHE C 1143 65.64 -24.67 16.91
N GLU C 1144 65.99 -25.79 17.54
CA GLU C 1144 66.83 -25.75 18.74
C GLU C 1144 68.27 -25.37 18.44
N THR C 1145 68.80 -25.88 17.33
CA THR C 1145 70.18 -25.61 16.94
C THR C 1145 70.30 -24.77 15.66
N ASN C 1146 69.22 -24.13 15.25
CA ASN C 1146 69.17 -23.31 14.04
C ASN C 1146 70.07 -23.92 12.96
N SER C 1147 69.78 -25.17 12.61
CA SER C 1147 70.58 -25.89 11.62
C SER C 1147 69.74 -26.92 10.87
N GLY C 1148 70.28 -27.40 9.75
CA GLY C 1148 69.56 -28.37 8.95
C GLY C 1148 68.91 -27.65 7.79
N ASN C 1149 68.55 -28.37 6.74
CA ASN C 1149 67.93 -27.74 5.57
C ASN C 1149 66.42 -27.93 5.48
N PRO C 1150 65.65 -26.84 5.63
CA PRO C 1150 64.19 -26.93 5.55
C PRO C 1150 63.78 -27.25 4.11
N PHE C 1151 64.28 -26.43 3.18
CA PHE C 1151 63.94 -26.55 1.77
C PHE C 1151 64.98 -27.27 0.93
N HIS C 1152 64.56 -27.73 -0.23
CA HIS C 1152 65.43 -28.48 -1.14
C HIS C 1152 66.19 -27.56 -2.08
N TYR C 1153 65.60 -26.41 -2.38
CA TYR C 1153 66.19 -25.40 -3.25
C TYR C 1153 65.21 -24.23 -3.18
N PHE C 1154 65.59 -23.06 -3.67
CA PHE C 1154 64.67 -21.93 -3.60
C PHE C 1154 64.20 -21.40 -4.94
N SER C 1155 63.05 -20.74 -4.92
CA SER C 1155 62.48 -20.15 -6.11
C SER C 1155 62.81 -18.66 -6.05
N TYR C 1156 63.12 -18.06 -7.19
CA TYR C 1156 63.46 -16.63 -7.22
C TYR C 1156 62.63 -15.86 -8.23
N GLY C 1157 62.42 -14.59 -7.92
CA GLY C 1157 61.65 -13.74 -8.79
C GLY C 1157 61.78 -12.28 -8.40
N VAL C 1158 61.57 -11.42 -9.38
CA VAL C 1158 61.63 -9.99 -9.19
C VAL C 1158 60.49 -9.38 -9.98
N ALA C 1159 59.85 -8.34 -9.44
CA ALA C 1159 58.75 -7.69 -10.14
C ALA C 1159 58.75 -6.18 -9.97
N CYS C 1160 58.45 -5.49 -11.07
CA CYS C 1160 58.38 -4.04 -11.06
C CYS C 1160 56.96 -3.66 -11.43
N SER C 1161 56.34 -2.83 -10.62
CA SER C 1161 54.98 -2.39 -10.89
C SER C 1161 54.81 -0.89 -10.75
N GLU C 1162 54.02 -0.30 -11.64
CA GLU C 1162 53.74 1.13 -11.58
C GLU C 1162 52.24 1.30 -11.43
N VAL C 1163 51.82 2.18 -10.53
CA VAL C 1163 50.42 2.43 -10.32
C VAL C 1163 50.10 3.92 -10.37
N GLU C 1164 48.81 4.22 -10.42
CA GLU C 1164 48.33 5.59 -10.44
C GLU C 1164 47.09 5.64 -9.54
N ILE C 1165 47.17 6.42 -8.47
CA ILE C 1165 46.03 6.52 -7.57
C ILE C 1165 45.23 7.80 -7.76
N ASP C 1166 43.98 7.74 -7.33
CA ASP C 1166 43.05 8.87 -7.36
C ASP C 1166 43.06 9.34 -5.90
N CYS C 1167 43.76 10.44 -5.63
CA CYS C 1167 43.88 10.96 -4.28
C CYS C 1167 42.55 11.36 -3.66
N LEU C 1168 41.57 11.64 -4.50
CA LEU C 1168 40.26 12.06 -4.03
C LEU C 1168 39.29 10.93 -3.71
N THR C 1169 39.50 9.75 -4.29
CA THR C 1169 38.59 8.63 -4.05
C THR C 1169 39.22 7.38 -3.41
N GLY C 1170 40.47 7.10 -3.76
CA GLY C 1170 41.11 5.92 -3.19
C GLY C 1170 41.24 4.86 -4.27
N ASP C 1171 40.63 5.11 -5.43
CA ASP C 1171 40.71 4.19 -6.54
C ASP C 1171 42.12 4.27 -7.10
N HIS C 1172 42.52 3.27 -7.86
CA HIS C 1172 43.83 3.29 -8.47
C HIS C 1172 43.84 2.28 -9.60
N LYS C 1173 44.76 2.44 -10.55
CA LYS C 1173 44.82 1.49 -11.63
C LYS C 1173 46.23 0.92 -11.70
N ASN C 1174 46.35 -0.35 -12.06
CA ASN C 1174 47.65 -0.98 -12.16
C ASN C 1174 48.12 -0.72 -13.59
N LEU C 1175 48.94 0.31 -13.75
CA LEU C 1175 49.43 0.68 -15.06
C LEU C 1175 50.32 -0.35 -15.74
N ARG C 1176 51.32 -0.86 -15.02
CA ARG C 1176 52.23 -1.82 -15.62
C ARG C 1176 52.96 -2.69 -14.62
N THR C 1177 53.20 -3.93 -14.99
CA THR C 1177 53.94 -4.86 -14.14
C THR C 1177 54.87 -5.68 -15.01
N ASP C 1178 56.08 -5.89 -14.51
CA ASP C 1178 57.08 -6.67 -15.22
C ASP C 1178 57.61 -7.71 -14.26
N ILE C 1179 57.36 -8.97 -14.59
CA ILE C 1179 57.83 -10.04 -13.74
C ILE C 1179 58.88 -10.85 -14.45
N VAL C 1180 59.87 -11.30 -13.68
CA VAL C 1180 60.91 -12.16 -14.19
C VAL C 1180 60.97 -13.26 -13.15
N MET C 1181 60.53 -14.44 -13.53
CA MET C 1181 60.48 -15.57 -12.60
C MET C 1181 61.43 -16.69 -13.01
N ASP C 1182 62.09 -17.27 -12.02
CA ASP C 1182 63.00 -18.38 -12.29
C ASP C 1182 62.29 -19.68 -11.95
N VAL C 1183 61.95 -20.44 -12.99
CA VAL C 1183 61.28 -21.72 -12.81
C VAL C 1183 62.13 -22.82 -13.43
N GLY C 1184 63.44 -22.61 -13.44
CA GLY C 1184 64.35 -23.58 -14.02
C GLY C 1184 63.94 -23.89 -15.45
N SER C 1185 64.22 -25.11 -15.89
CA SER C 1185 63.83 -25.53 -17.24
C SER C 1185 62.38 -25.96 -17.09
N SER C 1186 61.49 -25.03 -17.36
CA SER C 1186 60.05 -25.25 -17.27
C SER C 1186 59.53 -26.54 -17.93
N LEU C 1187 58.74 -27.32 -17.20
CA LEU C 1187 58.15 -28.54 -17.73
C LEU C 1187 57.09 -28.13 -18.74
N ASN C 1188 56.53 -26.94 -18.52
CA ASN C 1188 55.48 -26.44 -19.40
C ASN C 1188 55.32 -24.95 -19.16
N PRO C 1189 56.05 -24.12 -19.94
CA PRO C 1189 56.00 -22.67 -19.80
C PRO C 1189 54.61 -22.06 -19.89
N ALA C 1190 53.68 -22.76 -20.55
CA ALA C 1190 52.32 -22.26 -20.65
C ALA C 1190 51.66 -22.34 -19.26
N ILE C 1191 51.78 -23.51 -18.62
CA ILE C 1191 51.21 -23.72 -17.30
C ILE C 1191 51.88 -22.80 -16.28
N ASP C 1192 53.21 -22.71 -16.36
CA ASP C 1192 53.97 -21.89 -15.42
C ASP C 1192 53.74 -20.39 -15.52
N ILE C 1193 53.64 -19.88 -16.74
CA ILE C 1193 53.38 -18.46 -16.91
C ILE C 1193 51.97 -18.20 -16.38
N GLY C 1194 51.12 -19.21 -16.49
CA GLY C 1194 49.76 -19.09 -16.00
C GLY C 1194 49.73 -19.15 -14.48
N GLN C 1195 50.76 -19.73 -13.89
CA GLN C 1195 50.83 -19.82 -12.43
C GLN C 1195 51.32 -18.49 -11.90
N VAL C 1196 52.28 -17.90 -12.60
CA VAL C 1196 52.83 -16.62 -12.21
C VAL C 1196 51.74 -15.56 -12.24
N GLU C 1197 51.01 -15.50 -13.35
CA GLU C 1197 49.93 -14.52 -13.47
C GLU C 1197 48.85 -14.77 -12.42
N GLY C 1198 48.47 -16.03 -12.28
CA GLY C 1198 47.43 -16.36 -11.32
C GLY C 1198 47.78 -16.07 -9.88
N ALA C 1199 48.97 -16.48 -9.47
CA ALA C 1199 49.41 -16.26 -8.13
C ALA C 1199 49.57 -14.76 -7.89
N PHE C 1200 50.21 -14.09 -8.85
CA PHE C 1200 50.42 -12.66 -8.73
C PHE C 1200 49.10 -11.95 -8.57
N VAL C 1201 48.08 -12.41 -9.28
CA VAL C 1201 46.79 -11.74 -9.16
C VAL C 1201 46.14 -12.02 -7.81
N GLN C 1202 46.42 -13.18 -7.21
CA GLN C 1202 45.84 -13.45 -5.89
C GLN C 1202 46.57 -12.55 -4.90
N GLY C 1203 47.88 -12.41 -5.08
CA GLY C 1203 48.66 -11.55 -4.22
C GLY C 1203 48.11 -10.15 -4.37
N LEU C 1204 47.75 -9.78 -5.60
CA LEU C 1204 47.18 -8.47 -5.92
C LEU C 1204 45.90 -8.22 -5.10
N GLY C 1205 45.11 -9.28 -4.91
CA GLY C 1205 43.89 -9.15 -4.15
C GLY C 1205 44.18 -9.07 -2.66
N LEU C 1206 45.14 -9.86 -2.20
CA LEU C 1206 45.51 -9.88 -0.80
C LEU C 1206 46.05 -8.54 -0.30
N PHE C 1207 46.75 -7.81 -1.16
CA PHE C 1207 47.32 -6.53 -0.74
C PHE C 1207 46.54 -5.28 -1.11
N THR C 1208 45.49 -5.39 -1.91
CA THR C 1208 44.79 -4.18 -2.30
C THR C 1208 43.26 -4.18 -2.37
N LEU C 1209 42.64 -5.35 -2.43
CA LEU C 1209 41.18 -5.41 -2.55
C LEU C 1209 40.44 -6.31 -1.56
N GLU C 1210 41.07 -7.42 -1.19
CA GLU C 1210 40.43 -8.37 -0.30
C GLU C 1210 40.50 -8.08 1.20
N GLU C 1211 39.33 -7.92 1.80
CA GLU C 1211 39.22 -7.61 3.22
C GLU C 1211 38.00 -8.26 3.84
N LEU C 1212 38.17 -8.81 5.03
CA LEU C 1212 37.11 -9.48 5.76
C LEU C 1212 36.78 -8.67 7.03
N HIS C 1213 35.49 -8.46 7.27
CA HIS C 1213 35.05 -7.69 8.42
C HIS C 1213 34.29 -8.54 9.42
N TYR C 1214 34.62 -8.36 10.69
CA TYR C 1214 33.95 -9.10 11.75
C TYR C 1214 33.39 -8.12 12.74
N SER C 1215 32.25 -8.48 13.32
CA SER C 1215 31.59 -7.66 14.32
C SER C 1215 32.39 -7.77 15.62
N PRO C 1216 32.15 -6.87 16.57
CA PRO C 1216 32.87 -6.93 17.85
C PRO C 1216 32.77 -8.32 18.50
N GLU C 1217 31.59 -8.93 18.40
CA GLU C 1217 31.36 -10.25 18.97
C GLU C 1217 31.85 -11.47 18.18
N GLY C 1218 32.73 -11.24 17.20
CA GLY C 1218 33.30 -12.34 16.44
C GLY C 1218 32.57 -12.94 15.26
N SER C 1219 31.46 -12.34 14.84
CA SER C 1219 30.70 -12.88 13.71
C SER C 1219 31.17 -12.26 12.39
N LEU C 1220 31.52 -13.11 11.42
CA LEU C 1220 31.99 -12.65 10.11
C LEU C 1220 30.89 -11.96 9.31
N HIS C 1221 31.18 -10.78 8.79
CA HIS C 1221 30.22 -10.03 7.99
C HIS C 1221 30.36 -10.36 6.51
N THR C 1222 31.60 -10.42 6.05
CA THR C 1222 31.91 -10.69 4.66
C THR C 1222 31.69 -12.16 4.28
N ARG C 1223 30.53 -12.46 3.70
CA ARG C 1223 30.21 -13.84 3.35
C ARG C 1223 29.77 -14.09 1.90
N GLY C 1224 30.04 -13.15 1.00
CA GLY C 1224 29.64 -13.36 -0.37
C GLY C 1224 30.44 -12.49 -1.29
N PRO C 1225 30.43 -12.78 -2.61
CA PRO C 1225 31.20 -11.93 -3.54
C PRO C 1225 30.73 -10.47 -3.58
N SER C 1226 29.56 -10.18 -3.03
CA SER C 1226 29.09 -8.80 -3.03
C SER C 1226 29.94 -7.93 -2.10
N THR C 1227 30.29 -8.49 -0.94
CA THR C 1227 31.07 -7.77 0.05
C THR C 1227 32.56 -8.14 0.03
N TYR C 1228 32.87 -9.36 -0.40
CA TYR C 1228 34.27 -9.76 -0.49
C TYR C 1228 34.64 -9.56 -1.95
N LYS C 1229 35.51 -8.60 -2.23
CA LYS C 1229 35.86 -8.28 -3.61
C LYS C 1229 37.18 -8.82 -4.11
N ILE C 1230 37.17 -9.90 -4.89
CA ILE C 1230 38.41 -10.41 -5.44
C ILE C 1230 38.70 -9.62 -6.72
N PRO C 1231 39.92 -9.76 -7.27
CA PRO C 1231 40.29 -9.06 -8.50
C PRO C 1231 39.40 -9.43 -9.67
N ALA C 1232 38.99 -8.42 -10.44
CA ALA C 1232 38.12 -8.63 -11.59
C ALA C 1232 38.94 -8.54 -12.88
N PHE C 1233 38.29 -8.66 -14.02
CA PHE C 1233 39.02 -8.57 -15.28
C PHE C 1233 39.77 -7.26 -15.44
N GLY C 1234 39.09 -6.17 -15.09
CA GLY C 1234 39.69 -4.85 -15.21
C GLY C 1234 40.58 -4.44 -14.07
N SER C 1235 40.91 -5.39 -13.19
CA SER C 1235 41.77 -5.11 -12.05
C SER C 1235 43.23 -5.47 -12.30
N ILE C 1236 43.51 -6.22 -13.36
CA ILE C 1236 44.89 -6.61 -13.65
C ILE C 1236 45.63 -5.47 -14.30
N PRO C 1237 46.98 -5.51 -14.28
CA PRO C 1237 47.82 -4.46 -14.87
C PRO C 1237 47.66 -4.34 -16.39
N ILE C 1238 47.42 -3.11 -16.86
CA ILE C 1238 47.23 -2.82 -18.27
C ILE C 1238 48.37 -3.42 -19.10
N GLU C 1239 49.60 -3.04 -18.76
CA GLU C 1239 50.78 -3.60 -19.42
C GLU C 1239 51.20 -4.72 -18.49
N PHE C 1240 51.04 -5.95 -18.94
CA PHE C 1240 51.39 -7.11 -18.14
C PHE C 1240 52.50 -7.89 -18.84
N ARG C 1241 53.73 -7.74 -18.35
CA ARG C 1241 54.87 -8.44 -18.96
C ARG C 1241 55.44 -9.52 -18.05
N VAL C 1242 55.31 -10.77 -18.50
CA VAL C 1242 55.81 -11.90 -17.74
C VAL C 1242 56.88 -12.66 -18.53
N SER C 1243 58.03 -12.88 -17.91
CA SER C 1243 59.09 -13.62 -18.59
C SER C 1243 59.79 -14.64 -17.68
N LEU C 1244 59.98 -15.84 -18.22
CA LEU C 1244 60.63 -16.94 -17.52
C LEU C 1244 62.12 -16.85 -17.81
N LEU C 1245 62.94 -16.85 -16.75
CA LEU C 1245 64.39 -16.76 -16.88
C LEU C 1245 64.95 -17.85 -17.81
N ARG C 1246 65.85 -17.46 -18.70
CA ARG C 1246 66.46 -18.41 -19.63
C ARG C 1246 67.73 -19.03 -19.05
N ASP C 1247 68.12 -20.19 -19.58
CA ASP C 1247 69.33 -20.89 -19.16
C ASP C 1247 69.60 -20.88 -17.66
N CYS C 1248 68.78 -21.63 -16.92
CA CYS C 1248 68.93 -21.74 -15.47
C CYS C 1248 68.32 -23.06 -15.01
N PRO C 1249 68.83 -24.19 -15.53
CA PRO C 1249 68.34 -25.51 -15.16
C PRO C 1249 68.57 -25.83 -13.69
N ASN C 1250 67.56 -26.40 -13.06
CA ASN C 1250 67.62 -26.76 -11.66
C ASN C 1250 67.90 -28.24 -11.49
N LYS C 1251 69.12 -28.59 -11.09
CA LYS C 1251 69.49 -29.98 -10.92
C LYS C 1251 68.85 -30.66 -9.71
N LYS C 1252 68.08 -29.89 -8.93
CA LYS C 1252 67.43 -30.45 -7.74
C LYS C 1252 66.01 -30.96 -7.99
N ALA C 1253 65.51 -30.85 -9.21
CA ALA C 1253 64.15 -31.32 -9.49
C ALA C 1253 64.00 -31.99 -10.85
N ILE C 1254 62.91 -32.75 -11.01
CA ILE C 1254 62.60 -33.48 -12.23
C ILE C 1254 62.84 -32.64 -13.48
N TYR C 1255 63.61 -33.20 -14.41
CA TYR C 1255 63.94 -32.53 -15.66
C TYR C 1255 64.33 -31.05 -15.49
N ALA C 1256 65.21 -30.80 -14.54
CA ALA C 1256 65.72 -29.47 -14.24
C ALA C 1256 64.68 -28.35 -14.11
N SER C 1257 63.46 -28.70 -13.75
CA SER C 1257 62.43 -27.70 -13.57
C SER C 1257 62.49 -27.17 -12.14
N LYS C 1258 61.59 -26.25 -11.82
CA LYS C 1258 61.51 -25.67 -10.48
C LYS C 1258 60.04 -25.50 -10.16
N ALA C 1259 59.70 -25.59 -8.88
CA ALA C 1259 58.32 -25.42 -8.45
C ALA C 1259 57.95 -23.98 -8.81
N VAL C 1260 56.65 -23.73 -9.00
CA VAL C 1260 56.20 -22.40 -9.38
C VAL C 1260 54.88 -21.94 -8.77
N GLY C 1261 54.11 -22.86 -8.23
CA GLY C 1261 52.80 -22.52 -7.66
C GLY C 1261 52.61 -21.35 -6.70
N GLU C 1262 53.47 -21.24 -5.68
CA GLU C 1262 53.35 -20.19 -4.67
C GLU C 1262 54.30 -18.99 -4.74
N PRO C 1263 55.58 -19.23 -5.09
CA PRO C 1263 56.56 -18.15 -5.17
C PRO C 1263 56.11 -16.81 -5.77
N PRO C 1264 55.44 -16.83 -6.93
CA PRO C 1264 54.97 -15.60 -7.58
C PRO C 1264 54.07 -14.65 -6.78
N LEU C 1265 53.20 -15.20 -5.95
CA LEU C 1265 52.25 -14.40 -5.16
C LEU C 1265 52.76 -13.17 -4.43
N PHE C 1266 53.84 -13.30 -3.67
CA PHE C 1266 54.35 -12.16 -2.94
C PHE C 1266 54.76 -11.01 -3.84
N LEU C 1267 55.29 -11.34 -5.01
CA LEU C 1267 55.74 -10.32 -5.94
C LEU C 1267 54.72 -9.21 -6.18
N ALA C 1268 53.46 -9.48 -5.86
CA ALA C 1268 52.42 -8.47 -6.05
C ALA C 1268 52.66 -7.33 -5.07
N ALA C 1269 53.63 -7.52 -4.18
CA ALA C 1269 53.97 -6.52 -3.19
C ALA C 1269 54.47 -5.27 -3.90
N SER C 1270 55.03 -5.45 -5.09
CA SER C 1270 55.53 -4.32 -5.85
C SER C 1270 54.39 -3.33 -6.03
N ILE C 1271 53.17 -3.82 -6.23
CA ILE C 1271 52.03 -2.93 -6.40
C ILE C 1271 51.76 -2.28 -5.05
N PHE C 1272 51.68 -3.09 -3.99
CA PHE C 1272 51.41 -2.56 -2.67
C PHE C 1272 52.28 -1.37 -2.33
N PHE C 1273 53.59 -1.51 -2.55
CA PHE C 1273 54.53 -0.45 -2.24
C PHE C 1273 54.60 0.66 -3.29
N ALA C 1274 54.18 0.37 -4.52
CA ALA C 1274 54.17 1.41 -5.54
C ALA C 1274 53.04 2.35 -5.13
N ILE C 1275 52.09 1.80 -4.39
CA ILE C 1275 50.97 2.62 -3.90
C ILE C 1275 51.43 3.50 -2.75
N LYS C 1276 52.14 2.94 -1.78
CA LYS C 1276 52.61 3.73 -0.65
C LYS C 1276 53.47 4.85 -1.23
N ASP C 1277 54.17 4.52 -2.30
CA ASP C 1277 55.03 5.48 -2.99
C ASP C 1277 54.17 6.63 -3.52
N ALA C 1278 53.08 6.29 -4.22
CA ALA C 1278 52.20 7.31 -4.76
C ALA C 1278 51.54 8.12 -3.64
N ILE C 1279 51.05 7.43 -2.62
CA ILE C 1279 50.42 8.08 -1.47
C ILE C 1279 51.41 9.07 -0.87
N ARG C 1280 52.68 8.68 -0.87
CA ARG C 1280 53.73 9.53 -0.34
C ARG C 1280 53.78 10.85 -1.11
N ALA C 1281 53.76 10.74 -2.44
CA ALA C 1281 53.79 11.90 -3.31
C ALA C 1281 52.61 12.82 -3.03
N ALA C 1282 51.47 12.21 -2.69
CA ALA C 1282 50.27 12.97 -2.39
C ALA C 1282 50.40 13.69 -1.06
N ARG C 1283 50.77 12.95 -0.01
CA ARG C 1283 50.93 13.55 1.31
C ARG C 1283 51.89 14.73 1.24
N ALA C 1284 53.03 14.51 0.59
CA ALA C 1284 54.06 15.53 0.44
C ALA C 1284 53.54 16.84 -0.12
N GLN C 1285 52.77 16.76 -1.22
CA GLN C 1285 52.24 17.95 -1.86
C GLN C 1285 51.09 18.64 -1.13
N HIS C 1286 50.19 17.86 -0.53
CA HIS C 1286 49.04 18.45 0.16
C HIS C 1286 49.26 18.76 1.64
N THR C 1287 50.50 18.70 2.10
CA THR C 1287 50.78 18.97 3.51
C THR C 1287 52.24 19.35 3.76
N GLY C 1288 52.61 19.41 5.04
CA GLY C 1288 53.97 19.75 5.41
C GLY C 1288 54.96 18.77 4.80
N ASN C 1289 55.68 19.22 3.79
CA ASN C 1289 56.66 18.38 3.10
C ASN C 1289 57.75 17.87 4.03
N ASN C 1290 57.57 16.64 4.50
CA ASN C 1290 58.56 16.01 5.37
C ASN C 1290 59.10 14.78 4.62
N VAL C 1291 59.91 15.05 3.61
CA VAL C 1291 60.49 14.01 2.76
C VAL C 1291 60.87 12.73 3.49
N LYS C 1292 61.35 12.84 4.72
CA LYS C 1292 61.75 11.66 5.46
C LYS C 1292 60.72 11.17 6.48
N GLU C 1293 59.45 11.44 6.22
CA GLU C 1293 58.38 11.00 7.12
C GLU C 1293 58.12 9.51 6.93
N LEU C 1294 57.64 8.86 7.99
CA LEU C 1294 57.32 7.45 7.91
C LEU C 1294 55.87 7.24 8.31
N PHE C 1295 54.97 7.13 7.34
CA PHE C 1295 53.58 6.92 7.69
C PHE C 1295 53.23 5.44 7.59
N ARG C 1296 52.20 5.04 8.32
CA ARG C 1296 51.76 3.66 8.34
C ARG C 1296 50.66 3.38 7.32
N LEU C 1297 50.82 2.24 6.65
CA LEU C 1297 49.87 1.75 5.65
C LEU C 1297 49.75 0.24 5.86
N ASP C 1298 48.59 -0.21 6.34
CA ASP C 1298 48.38 -1.63 6.57
C ASP C 1298 47.80 -2.31 5.34
N SER C 1299 47.91 -3.64 5.30
CA SER C 1299 47.37 -4.41 4.20
C SER C 1299 46.02 -4.96 4.63
N PRO C 1300 45.05 -5.03 3.69
CA PRO C 1300 45.19 -4.62 2.29
C PRO C 1300 45.06 -3.12 2.09
N ALA C 1301 45.78 -2.58 1.13
CA ALA C 1301 45.71 -1.15 0.83
C ALA C 1301 44.45 -0.91 0.01
N THR C 1302 43.31 -0.94 0.68
CA THR C 1302 42.02 -0.71 0.03
C THR C 1302 41.80 0.78 -0.20
N PRO C 1303 40.77 1.13 -0.97
CA PRO C 1303 40.52 2.55 -1.20
C PRO C 1303 40.27 3.36 0.08
N GLU C 1304 39.72 2.72 1.11
CA GLU C 1304 39.51 3.44 2.36
C GLU C 1304 40.87 3.87 2.91
N LYS C 1305 41.81 2.92 2.93
CA LYS C 1305 43.15 3.19 3.45
C LYS C 1305 43.92 4.16 2.58
N ILE C 1306 43.87 3.99 1.27
CA ILE C 1306 44.58 4.89 0.37
C ILE C 1306 44.05 6.32 0.48
N ARG C 1307 42.71 6.46 0.53
CA ARG C 1307 42.10 7.77 0.63
C ARG C 1307 42.41 8.45 1.96
N ASN C 1308 42.25 7.71 3.06
CA ASN C 1308 42.52 8.28 4.37
C ASN C 1308 44.01 8.65 4.52
N ALA C 1309 44.89 7.91 3.85
CA ALA C 1309 46.32 8.21 3.91
C ALA C 1309 46.62 9.52 3.17
N CYS C 1310 45.87 9.78 2.10
CA CYS C 1310 46.04 11.00 1.32
C CYS C 1310 45.39 12.18 2.04
N VAL C 1311 46.05 12.63 3.11
CA VAL C 1311 45.56 13.74 3.91
C VAL C 1311 45.54 15.07 3.17
N ASP C 1312 44.42 15.79 3.29
CA ASP C 1312 44.25 17.08 2.64
C ASP C 1312 43.13 17.89 3.31
N LYS C 1313 42.82 19.06 2.76
CA LYS C 1313 41.78 19.91 3.32
C LYS C 1313 40.43 19.20 3.48
N PHE C 1314 40.24 18.09 2.78
CA PHE C 1314 38.99 17.34 2.86
C PHE C 1314 38.96 16.34 4.00
N THR C 1315 40.00 15.52 4.11
CA THR C 1315 40.07 14.51 5.17
C THR C 1315 40.16 15.18 6.53
N THR C 1316 40.77 16.35 6.56
CA THR C 1316 40.94 17.10 7.80
C THR C 1316 39.60 17.58 8.36
N LEU C 1317 38.59 17.62 7.49
CA LEU C 1317 37.25 18.06 7.89
C LEU C 1317 36.39 16.85 8.29
N CYS C 1318 36.97 15.65 8.22
CA CYS C 1318 36.23 14.43 8.54
C CYS C 1318 36.95 13.43 9.44
N VAL C 1319 37.65 13.91 10.48
CA VAL C 1319 38.35 12.99 11.36
C VAL C 1319 37.39 12.50 12.44
N THR C 1320 37.25 11.18 12.48
CA THR C 1320 36.36 10.46 13.40
C THR C 1320 36.09 11.01 14.80
N GLY C 1321 36.58 10.30 15.81
CA GLY C 1321 36.36 10.66 17.20
C GLY C 1321 35.64 9.46 17.82
N VAL C 1322 36.39 8.53 18.42
CA VAL C 1322 35.81 7.32 19.00
C VAL C 1322 35.75 7.23 20.53
N PRO C 1323 34.55 7.42 21.10
CA PRO C 1323 34.31 7.36 22.55
C PRO C 1323 34.62 5.97 23.10
N GLU C 1324 34.95 5.90 24.38
CA GLU C 1324 35.27 4.63 25.05
C GLU C 1324 34.15 3.58 24.96
N ASN C 1325 32.94 4.02 25.24
CA ASN C 1325 31.76 3.15 25.22
C ASN C 1325 31.29 2.76 23.82
N CYS C 1326 32.00 3.21 22.80
CA CYS C 1326 31.63 2.93 21.41
C CYS C 1326 31.71 1.47 21.01
N LYS C 1327 30.65 0.99 20.37
CA LYS C 1327 30.57 -0.38 19.87
C LYS C 1327 30.54 -0.22 18.35
N PRO C 1328 31.70 -0.43 17.70
CA PRO C 1328 31.84 -0.30 16.24
C PRO C 1328 31.18 -1.42 15.45
N TRP C 1329 30.83 -1.12 14.21
CA TRP C 1329 30.21 -2.11 13.34
C TRP C 1329 31.15 -3.31 13.19
N SER C 1330 32.45 -3.07 13.18
CA SER C 1330 33.42 -4.15 13.07
C SER C 1330 34.71 -3.80 13.79
N VAL C 1331 35.49 -4.82 14.10
CA VAL C 1331 36.76 -4.65 14.78
C VAL C 1331 37.90 -5.38 14.07
N ARG C 1332 39.11 -4.87 14.24
CA ARG C 1332 40.31 -5.43 13.64
C ARG C 1332 40.65 -6.76 14.30
N VAL C 1333 40.60 -7.84 13.52
CA VAL C 1333 40.90 -9.18 14.04
C VAL C 1333 42.39 -9.37 14.35
N ALA D 3 -10.89 -47.09 -2.26
CA ALA D 3 -10.70 -48.16 -3.28
C ALA D 3 -9.66 -47.74 -4.30
N ASP D 4 -8.56 -47.16 -3.82
CA ASP D 4 -7.49 -46.73 -4.72
C ASP D 4 -6.12 -46.85 -4.07
N LYS D 5 -6.03 -46.46 -2.80
CA LYS D 5 -4.75 -46.53 -2.10
C LYS D 5 -4.42 -47.94 -1.65
N LEU D 6 -3.22 -48.39 -2.01
CA LEU D 6 -2.76 -49.71 -1.61
C LEU D 6 -1.92 -49.55 -0.35
N VAL D 7 -2.22 -50.33 0.68
CA VAL D 7 -1.50 -50.25 1.94
C VAL D 7 -1.08 -51.60 2.50
N PHE D 8 0.20 -51.72 2.83
CA PHE D 8 0.76 -52.94 3.42
C PHE D 8 2.04 -52.58 4.18
N PHE D 9 2.65 -53.57 4.84
CA PHE D 9 3.87 -53.35 5.62
C PHE D 9 5.05 -54.20 5.17
N VAL D 10 6.22 -53.58 5.11
CA VAL D 10 7.45 -54.30 4.74
C VAL D 10 8.41 -54.08 5.90
N ASN D 11 8.75 -55.18 6.56
CA ASN D 11 9.64 -55.18 7.72
C ASN D 11 9.21 -54.21 8.82
N GLY D 12 7.91 -54.20 9.12
CA GLY D 12 7.39 -53.33 10.16
C GLY D 12 6.98 -51.95 9.67
N ARG D 13 7.69 -51.45 8.66
CA ARG D 13 7.43 -50.13 8.08
C ARG D 13 6.15 -50.14 7.23
N LYS D 14 5.37 -49.06 7.34
CA LYS D 14 4.13 -48.94 6.59
C LYS D 14 4.37 -48.33 5.21
N VAL D 15 3.85 -48.99 4.19
CA VAL D 15 3.99 -48.53 2.81
C VAL D 15 2.62 -48.15 2.25
N VAL D 16 2.52 -46.94 1.70
CA VAL D 16 1.27 -46.46 1.12
C VAL D 16 1.51 -46.18 -0.35
N GLU D 17 0.88 -46.98 -1.22
CA GLU D 17 1.02 -46.79 -2.65
C GLU D 17 -0.25 -46.16 -3.21
N LYS D 18 -0.16 -44.88 -3.57
CA LYS D 18 -1.30 -44.14 -4.11
C LYS D 18 -1.71 -44.55 -5.52
N ASN D 19 -0.77 -45.08 -6.28
CA ASN D 19 -1.07 -45.49 -7.66
C ASN D 19 -0.45 -46.86 -7.94
N ALA D 20 -1.07 -47.91 -7.40
CA ALA D 20 -0.59 -49.25 -7.58
C ALA D 20 -0.90 -49.80 -8.96
N ASP D 21 0.11 -50.35 -9.63
CA ASP D 21 -0.11 -50.93 -10.94
C ASP D 21 -0.26 -52.44 -10.74
N PRO D 22 -1.38 -53.00 -11.20
CA PRO D 22 -1.62 -54.44 -11.07
C PRO D 22 -0.46 -55.28 -11.60
N GLU D 23 0.30 -54.73 -12.53
CA GLU D 23 1.42 -55.47 -13.12
C GLU D 23 2.73 -55.41 -12.32
N THR D 24 2.69 -54.73 -11.18
CA THR D 24 3.88 -54.59 -10.33
C THR D 24 4.04 -55.74 -9.33
N THR D 25 5.16 -56.44 -9.41
CA THR D 25 5.42 -57.56 -8.48
C THR D 25 6.08 -57.06 -7.21
N LEU D 26 5.88 -57.79 -6.12
CA LEU D 26 6.49 -57.44 -4.85
C LEU D 26 8.02 -57.40 -4.99
N LEU D 27 8.57 -58.32 -5.79
CA LEU D 27 10.02 -58.36 -5.98
C LEU D 27 10.51 -57.06 -6.63
N ALA D 28 9.74 -56.54 -7.58
CA ALA D 28 10.13 -55.31 -8.25
C ALA D 28 9.93 -54.11 -7.33
N TYR D 29 8.87 -54.16 -6.51
CA TYR D 29 8.59 -53.06 -5.58
C TYR D 29 9.66 -52.98 -4.50
N LEU D 30 9.95 -54.10 -3.84
CA LEU D 30 10.97 -54.13 -2.79
C LEU D 30 12.33 -53.62 -3.32
N ARG D 31 12.72 -54.07 -4.50
CA ARG D 31 14.00 -53.68 -5.08
C ARG D 31 14.08 -52.30 -5.71
N ARG D 32 13.28 -52.02 -6.74
CA ARG D 32 13.35 -50.72 -7.39
C ARG D 32 12.70 -49.58 -6.64
N LYS D 33 11.76 -49.90 -5.75
CA LYS D 33 11.03 -48.86 -5.02
C LYS D 33 11.38 -48.65 -3.56
N LEU D 34 11.64 -49.73 -2.83
CA LEU D 34 11.99 -49.59 -1.42
C LEU D 34 13.48 -49.71 -1.13
N GLY D 35 14.25 -50.16 -2.11
CA GLY D 35 15.69 -50.27 -1.91
C GLY D 35 16.17 -51.49 -1.15
N LEU D 36 15.28 -52.45 -0.93
CA LEU D 36 15.64 -53.66 -0.23
C LEU D 36 16.13 -54.69 -1.25
N SER D 37 17.45 -54.75 -1.37
CA SER D 37 18.14 -55.62 -2.32
C SER D 37 18.31 -57.08 -1.88
N GLY D 38 17.96 -57.37 -0.63
CA GLY D 38 18.11 -58.73 -0.14
C GLY D 38 17.42 -59.79 -0.99
N THR D 39 16.13 -59.58 -1.26
CA THR D 39 15.37 -60.52 -2.06
C THR D 39 15.93 -60.41 -3.47
N LYS D 40 16.27 -61.54 -4.08
CA LYS D 40 16.87 -61.53 -5.43
C LYS D 40 15.96 -62.05 -6.51
N LEU D 41 16.33 -61.74 -7.76
CA LEU D 41 15.61 -62.21 -8.95
C LEU D 41 16.46 -63.37 -9.45
N GLY D 42 15.92 -64.57 -9.43
CA GLY D 42 16.66 -65.74 -9.88
C GLY D 42 16.08 -66.38 -11.12
N CYS D 43 14.79 -66.20 -11.35
CA CYS D 43 14.14 -66.79 -12.51
C CYS D 43 12.83 -66.12 -12.93
N GLY D 44 12.12 -65.53 -11.97
CA GLY D 44 10.85 -64.89 -12.29
C GLY D 44 9.78 -65.93 -12.65
N GLU D 45 10.16 -67.20 -12.59
CA GLU D 45 9.28 -68.35 -12.91
C GLU D 45 8.69 -68.95 -11.64
N GLY D 46 9.27 -68.63 -10.49
CA GLY D 46 8.76 -69.18 -9.25
C GLY D 46 9.37 -70.53 -8.90
N GLY D 47 10.40 -70.95 -9.62
CA GLY D 47 11.02 -72.23 -9.35
C GLY D 47 12.39 -72.28 -8.70
N CYS D 48 12.96 -71.13 -8.35
CA CYS D 48 14.29 -71.11 -7.76
C CYS D 48 14.30 -70.66 -6.29
N GLY D 49 13.26 -69.93 -5.88
CA GLY D 49 13.12 -69.46 -4.51
C GLY D 49 14.04 -68.37 -4.01
N ALA D 50 14.83 -67.75 -4.89
CA ALA D 50 15.73 -66.71 -4.45
C ALA D 50 14.97 -65.43 -4.08
N CYS D 51 13.68 -65.38 -4.42
CA CYS D 51 12.87 -64.20 -4.13
C CYS D 51 11.92 -64.46 -2.96
N THR D 52 12.17 -65.55 -2.24
CA THR D 52 11.34 -65.93 -1.10
C THR D 52 11.30 -64.88 0.02
N VAL D 53 10.09 -64.54 0.46
CA VAL D 53 9.90 -63.59 1.56
C VAL D 53 8.81 -64.22 2.44
N MET D 54 8.57 -63.65 3.60
CA MET D 54 7.51 -64.17 4.43
C MET D 54 6.37 -63.17 4.48
N LEU D 55 5.15 -63.68 4.34
CA LEU D 55 3.97 -62.84 4.40
C LEU D 55 3.20 -63.16 5.69
N SER D 56 2.70 -62.12 6.33
CA SER D 56 1.92 -62.29 7.55
C SER D 56 0.66 -61.50 7.36
N LYS D 57 -0.41 -61.94 7.99
CA LYS D 57 -1.64 -61.22 7.88
C LYS D 57 -2.56 -61.72 8.95
N TYR D 58 -3.57 -60.92 9.23
CA TYR D 58 -4.56 -61.27 10.21
C TYR D 58 -5.64 -62.01 9.44
N ASP D 59 -5.90 -63.25 9.83
CA ASP D 59 -6.93 -64.04 9.18
C ASP D 59 -8.22 -63.82 9.95
N ARG D 60 -9.20 -63.19 9.30
CA ARG D 60 -10.49 -62.89 9.91
C ARG D 60 -11.34 -64.13 10.19
N LEU D 61 -11.34 -65.07 9.26
CA LEU D 61 -12.14 -66.29 9.44
C LEU D 61 -11.79 -67.04 10.72
N GLN D 62 -10.51 -67.25 10.97
CA GLN D 62 -10.10 -67.96 12.18
C GLN D 62 -9.50 -67.10 13.27
N ASN D 63 -9.66 -65.79 13.15
CA ASN D 63 -9.16 -64.85 14.14
C ASN D 63 -7.76 -65.25 14.62
N LYS D 64 -6.79 -65.20 13.73
CA LYS D 64 -5.42 -65.58 14.10
C LYS D 64 -4.40 -64.92 13.18
N ILE D 65 -3.21 -64.65 13.72
CA ILE D 65 -2.14 -64.08 12.91
C ILE D 65 -1.53 -65.28 12.19
N VAL D 66 -1.29 -65.13 10.89
CA VAL D 66 -0.75 -66.22 10.12
C VAL D 66 0.51 -65.87 9.35
N HIS D 67 1.42 -66.83 9.26
CA HIS D 67 2.68 -66.62 8.56
C HIS D 67 2.86 -67.71 7.52
N PHE D 68 3.46 -67.37 6.40
CA PHE D 68 3.73 -68.32 5.33
C PHE D 68 4.72 -67.70 4.35
N SER D 69 5.41 -68.54 3.57
CA SER D 69 6.39 -68.06 2.60
C SER D 69 5.75 -67.84 1.23
N ALA D 70 6.48 -67.19 0.32
CA ALA D 70 5.99 -66.93 -1.02
C ALA D 70 7.05 -66.30 -1.92
N ASN D 71 6.88 -66.45 -3.22
CA ASN D 71 7.82 -65.90 -4.19
C ASN D 71 7.44 -64.46 -4.53
N ALA D 72 8.21 -63.52 -4.01
CA ALA D 72 7.95 -62.10 -4.30
C ALA D 72 7.83 -61.94 -5.81
N CYS D 73 8.36 -62.89 -6.60
CA CYS D 73 8.34 -62.71 -8.06
C CYS D 73 7.00 -62.91 -8.73
N LEU D 74 6.14 -63.67 -8.08
CA LEU D 74 4.86 -63.85 -8.69
C LEU D 74 3.76 -63.18 -7.90
N ALA D 75 4.10 -62.55 -6.79
CA ALA D 75 3.13 -61.88 -5.95
C ALA D 75 2.86 -60.47 -6.44
N PRO D 76 1.64 -60.22 -6.90
CA PRO D 76 1.30 -58.87 -7.38
C PRO D 76 1.04 -58.03 -6.12
N ILE D 77 1.71 -56.89 -6.00
CA ILE D 77 1.51 -56.07 -4.81
C ILE D 77 0.02 -55.76 -4.57
N CYS D 78 -0.77 -55.68 -5.63
CA CYS D 78 -2.20 -55.38 -5.49
C CYS D 78 -2.96 -56.45 -4.70
N SER D 79 -2.29 -57.57 -4.40
CA SER D 79 -2.94 -58.65 -3.66
C SER D 79 -2.50 -58.62 -2.20
N LEU D 80 -1.52 -57.77 -1.91
CA LEU D 80 -0.98 -57.69 -0.57
C LEU D 80 -1.59 -56.58 0.30
N HIS D 81 -2.76 -56.10 -0.06
CA HIS D 81 -3.36 -55.06 0.75
C HIS D 81 -3.57 -55.60 2.16
N HIS D 82 -3.00 -54.89 3.13
CA HIS D 82 -3.06 -55.25 4.55
C HIS D 82 -2.34 -56.55 4.89
N VAL D 83 -1.21 -56.76 4.24
CA VAL D 83 -0.38 -57.93 4.47
C VAL D 83 0.97 -57.42 4.94
N ALA D 84 1.64 -58.19 5.79
CA ALA D 84 2.93 -57.79 6.33
C ALA D 84 4.02 -58.62 5.70
N VAL D 85 4.94 -57.96 5.01
CA VAL D 85 6.05 -58.66 4.37
C VAL D 85 7.30 -58.60 5.23
N THR D 86 8.01 -59.71 5.31
CA THR D 86 9.27 -59.77 6.08
C THR D 86 10.38 -60.26 5.15
N THR D 87 11.30 -59.40 4.78
CA THR D 87 12.38 -59.84 3.90
C THR D 87 13.56 -60.25 4.77
N VAL D 88 14.60 -60.79 4.14
CA VAL D 88 15.77 -61.25 4.87
C VAL D 88 16.37 -60.15 5.73
N GLU D 89 16.28 -58.91 5.27
CA GLU D 89 16.85 -57.81 6.04
C GLU D 89 15.96 -57.42 7.22
N GLY D 90 14.77 -58.03 7.27
CA GLY D 90 13.84 -57.75 8.35
C GLY D 90 14.00 -58.63 9.59
N ILE D 91 14.84 -59.66 9.51
CA ILE D 91 15.02 -60.56 10.65
C ILE D 91 16.38 -60.44 11.33
N GLY D 92 17.29 -59.72 10.68
CA GLY D 92 18.61 -59.56 11.26
C GLY D 92 19.59 -58.93 10.29
N SER D 93 20.76 -58.56 10.78
CA SER D 93 21.78 -57.96 9.93
C SER D 93 23.05 -57.86 10.75
N THR D 94 24.19 -57.79 10.06
CA THR D 94 25.46 -57.68 10.75
C THR D 94 25.53 -56.30 11.40
N LYS D 95 24.75 -55.36 10.87
CA LYS D 95 24.73 -54.01 11.40
C LYS D 95 24.23 -54.05 12.84
N THR D 96 23.44 -55.06 13.17
CA THR D 96 22.92 -55.21 14.52
C THR D 96 23.25 -56.58 15.06
N ARG D 97 22.34 -57.53 14.82
CA ARG D 97 22.53 -58.90 15.28
C ARG D 97 21.93 -59.83 14.23
N LEU D 98 22.73 -60.80 13.79
CA LEU D 98 22.26 -61.78 12.82
C LEU D 98 21.28 -62.71 13.50
N HIS D 99 20.26 -63.14 12.77
CA HIS D 99 19.29 -64.06 13.33
C HIS D 99 19.92 -65.47 13.32
N PRO D 100 19.55 -66.31 14.31
CA PRO D 100 20.10 -67.67 14.34
C PRO D 100 20.12 -68.42 13.02
N VAL D 101 19.13 -68.19 12.17
CA VAL D 101 19.08 -68.85 10.86
C VAL D 101 20.18 -68.34 9.96
N GLN D 102 20.38 -67.03 9.94
CA GLN D 102 21.42 -66.41 9.12
C GLN D 102 22.80 -66.84 9.63
N GLU D 103 22.96 -66.83 10.95
CA GLU D 103 24.22 -67.20 11.58
C GLU D 103 24.68 -68.61 11.24
N ARG D 104 23.82 -69.58 11.49
CA ARG D 104 24.17 -70.98 11.25
C ARG D 104 24.45 -71.35 9.80
N ILE D 105 23.70 -70.79 8.85
CA ILE D 105 23.96 -71.15 7.46
C ILE D 105 25.32 -70.60 7.05
N ALA D 106 25.69 -69.45 7.59
CA ALA D 106 26.98 -68.84 7.26
C ALA D 106 28.15 -69.60 7.91
N LYS D 107 28.02 -69.91 9.20
CA LYS D 107 29.06 -70.62 9.94
C LYS D 107 29.20 -72.09 9.54
N SER D 108 28.19 -72.63 8.88
CA SER D 108 28.19 -74.03 8.44
C SER D 108 28.76 -74.18 7.04
N HIS D 109 29.09 -73.06 6.42
CA HIS D 109 29.64 -73.05 5.06
C HIS D 109 28.54 -73.40 4.06
N GLY D 110 27.32 -73.01 4.41
CA GLY D 110 26.16 -73.26 3.58
C GLY D 110 25.91 -72.13 2.60
N SER D 111 26.84 -71.20 2.53
CA SER D 111 26.73 -70.08 1.61
C SER D 111 28.06 -69.87 0.89
N GLN D 112 28.06 -70.02 -0.44
CA GLN D 112 29.26 -69.84 -1.24
C GLN D 112 29.19 -68.53 -2.02
N CYS D 113 28.51 -68.53 -3.16
CA CYS D 113 28.40 -67.28 -3.90
C CYS D 113 27.38 -66.41 -3.13
N GLY D 114 26.52 -67.09 -2.37
CA GLY D 114 25.53 -66.42 -1.53
C GLY D 114 24.28 -65.82 -2.13
N PHE D 115 24.04 -66.05 -3.42
CA PHE D 115 22.87 -65.46 -4.08
C PHE D 115 21.56 -66.12 -3.68
N CYS D 116 21.61 -67.42 -3.38
CA CYS D 116 20.43 -68.17 -3.01
C CYS D 116 20.16 -68.10 -1.51
N THR D 117 21.17 -67.70 -0.75
CA THR D 117 21.10 -67.65 0.70
C THR D 117 19.93 -66.89 1.33
N PRO D 118 19.67 -65.66 0.88
CA PRO D 118 18.55 -64.92 1.48
C PRO D 118 17.23 -65.68 1.38
N GLY D 119 16.96 -66.23 0.20
CA GLY D 119 15.73 -66.98 -0.01
C GLY D 119 15.65 -68.25 0.80
N ILE D 120 16.74 -68.99 0.90
CA ILE D 120 16.75 -70.21 1.69
C ILE D 120 16.53 -69.79 3.14
N VAL D 121 17.20 -68.72 3.54
CA VAL D 121 17.07 -68.20 4.89
C VAL D 121 15.59 -67.91 5.21
N MET D 122 14.93 -67.17 4.33
CA MET D 122 13.52 -66.86 4.57
C MET D 122 12.66 -68.12 4.62
N SER D 123 13.03 -69.14 3.84
CA SER D 123 12.29 -70.39 3.86
C SER D 123 12.46 -71.07 5.21
N MET D 124 13.70 -71.17 5.70
CA MET D 124 13.97 -71.78 7.00
C MET D 124 13.30 -70.97 8.11
N TYR D 125 13.44 -69.65 8.03
CA TYR D 125 12.85 -68.76 9.03
C TYR D 125 11.33 -68.94 9.13
N THR D 126 10.66 -69.02 7.97
CA THR D 126 9.21 -69.18 7.97
C THR D 126 8.83 -70.48 8.65
N LEU D 127 9.58 -71.55 8.34
CA LEU D 127 9.33 -72.85 8.95
C LEU D 127 9.34 -72.75 10.47
N LEU D 128 10.46 -72.27 11.02
CA LEU D 128 10.64 -72.14 12.46
C LEU D 128 9.59 -71.26 13.11
N ARG D 129 8.94 -70.44 12.29
CA ARG D 129 7.92 -69.53 12.77
C ARG D 129 6.57 -70.24 12.94
N ASN D 130 6.37 -71.30 12.16
CA ASN D 130 5.13 -72.06 12.26
C ASN D 130 5.35 -73.32 13.09
N GLN D 131 6.58 -73.83 13.05
CA GLN D 131 6.96 -75.03 13.79
C GLN D 131 8.30 -74.76 14.48
N PRO D 132 8.26 -74.42 15.79
CA PRO D 132 9.48 -74.12 16.55
C PRO D 132 10.45 -75.27 16.85
N GLU D 133 10.01 -76.51 16.65
CA GLU D 133 10.85 -77.69 16.89
C GLU D 133 10.57 -78.66 15.75
N PRO D 134 10.95 -78.28 14.53
CA PRO D 134 10.73 -79.10 13.33
C PRO D 134 11.51 -80.40 13.20
N THR D 135 11.02 -81.31 12.36
CA THR D 135 11.70 -82.57 12.11
C THR D 135 12.58 -82.34 10.90
N MET D 136 13.64 -83.15 10.75
CA MET D 136 14.54 -82.99 9.62
C MET D 136 13.75 -83.04 8.31
N GLU D 137 12.80 -83.96 8.21
CA GLU D 137 12.02 -84.06 7.00
C GLU D 137 11.31 -82.73 6.74
N GLU D 138 10.75 -82.13 7.78
CA GLU D 138 10.06 -80.84 7.64
C GLU D 138 10.99 -79.74 7.18
N ILE D 139 12.25 -79.81 7.60
CA ILE D 139 13.26 -78.83 7.21
C ILE D 139 13.58 -79.00 5.72
N GLU D 140 13.79 -80.23 5.29
CA GLU D 140 14.10 -80.47 3.88
C GLU D 140 12.91 -80.03 3.04
N ASN D 141 11.71 -80.38 3.49
CA ASN D 141 10.49 -80.02 2.77
C ASN D 141 10.33 -78.52 2.66
N ALA D 142 10.91 -77.79 3.61
CA ALA D 142 10.80 -76.35 3.58
C ALA D 142 11.56 -75.77 2.39
N PHE D 143 12.41 -76.58 1.77
CA PHE D 143 13.22 -76.12 0.65
C PHE D 143 12.89 -76.70 -0.72
N GLN D 144 11.76 -77.38 -0.86
CA GLN D 144 11.41 -77.96 -2.15
C GLN D 144 11.43 -76.89 -3.24
N GLY D 145 11.15 -75.65 -2.86
CA GLY D 145 11.13 -74.55 -3.82
C GLY D 145 12.34 -73.65 -3.79
N ASN D 146 13.47 -74.15 -3.30
CA ASN D 146 14.70 -73.38 -3.26
C ASN D 146 15.82 -74.12 -3.98
N LEU D 147 16.62 -73.39 -4.72
CA LEU D 147 17.72 -73.97 -5.46
C LEU D 147 19.06 -73.35 -5.10
N CYS D 148 20.11 -74.17 -5.15
CA CYS D 148 21.47 -73.71 -4.89
C CYS D 148 22.40 -74.46 -5.82
N ARG D 149 23.20 -73.71 -6.57
CA ARG D 149 24.12 -74.30 -7.54
C ARG D 149 25.53 -74.51 -7.01
N CYS D 150 25.89 -73.82 -5.91
CA CYS D 150 27.23 -73.91 -5.35
C CYS D 150 27.59 -74.95 -4.29
N THR D 151 26.82 -74.97 -3.21
CA THR D 151 27.10 -75.83 -2.07
C THR D 151 26.93 -77.34 -2.09
N GLY D 152 25.98 -77.85 -2.87
CA GLY D 152 25.75 -79.28 -2.87
C GLY D 152 24.73 -79.58 -1.78
N TYR D 153 24.13 -78.51 -1.24
CA TYR D 153 23.08 -78.60 -0.22
C TYR D 153 23.43 -79.17 1.16
N ARG D 154 24.33 -80.15 1.21
CA ARG D 154 24.71 -80.79 2.47
C ARG D 154 25.02 -79.83 3.64
N PRO D 155 26.01 -78.94 3.47
CA PRO D 155 26.33 -78.01 4.57
C PRO D 155 25.15 -77.19 5.05
N ILE D 156 24.19 -76.93 4.18
CA ILE D 156 23.02 -76.16 4.58
C ILE D 156 22.11 -76.98 5.48
N LEU D 157 21.79 -78.20 5.04
CA LEU D 157 20.91 -79.06 5.81
C LEU D 157 21.56 -79.47 7.14
N GLN D 158 22.89 -79.63 7.12
CA GLN D 158 23.59 -80.05 8.33
C GLN D 158 23.61 -78.89 9.32
N GLY D 159 23.79 -77.68 8.82
CA GLY D 159 23.81 -76.55 9.71
C GLY D 159 22.45 -76.40 10.37
N PHE D 160 21.39 -76.57 9.59
CA PHE D 160 20.03 -76.44 10.10
C PHE D 160 19.56 -77.66 10.90
N ARG D 161 20.35 -78.73 10.86
CA ARG D 161 19.99 -79.93 11.59
C ARG D 161 19.90 -79.56 13.08
N THR D 162 20.66 -78.53 13.47
CA THR D 162 20.67 -78.05 14.85
C THR D 162 19.29 -77.57 15.32
N PHE D 163 18.41 -77.22 14.37
CA PHE D 163 17.08 -76.74 14.75
C PHE D 163 16.11 -77.92 14.87
N ALA D 164 16.46 -79.04 14.26
CA ALA D 164 15.61 -80.21 14.25
C ALA D 164 15.47 -80.93 15.59
N ARG D 165 14.29 -81.47 15.84
CA ARG D 165 14.08 -82.23 17.07
C ARG D 165 14.68 -83.59 16.73
N ASP D 166 15.65 -83.55 15.81
CA ASP D 166 16.35 -84.72 15.28
C ASP D 166 15.31 -85.65 14.69
N GLY D 167 15.53 -86.04 13.44
CA GLY D 167 14.58 -86.90 12.76
C GLY D 167 13.47 -86.00 12.25
N SER D 192 40.83 -86.21 13.16
CA SER D 192 40.24 -85.18 12.26
C SER D 192 39.34 -84.18 12.97
N PRO D 193 39.52 -82.87 12.68
CA PRO D 193 38.74 -81.80 13.29
C PRO D 193 37.40 -81.58 12.58
N SER D 194 36.58 -80.68 13.10
CA SER D 194 35.28 -80.38 12.51
C SER D 194 35.26 -79.08 11.72
N LEU D 195 34.42 -79.04 10.68
CA LEU D 195 34.29 -77.87 9.83
C LEU D 195 33.64 -76.67 10.54
N PHE D 196 32.88 -76.94 11.60
CA PHE D 196 32.25 -75.87 12.36
C PHE D 196 31.80 -76.33 13.75
N LYS D 197 31.59 -75.39 14.66
CA LYS D 197 31.20 -75.70 16.02
C LYS D 197 29.75 -75.31 16.35
N PRO D 198 28.84 -76.28 16.23
CA PRO D 198 27.39 -76.13 16.50
C PRO D 198 27.09 -75.70 17.94
N GLU D 199 27.96 -76.09 18.86
CA GLU D 199 27.82 -75.76 20.27
C GLU D 199 27.97 -74.26 20.45
N GLU D 200 28.62 -73.61 19.49
CA GLU D 200 28.82 -72.17 19.57
C GLU D 200 27.68 -71.33 19.00
N PHE D 201 26.69 -71.98 18.41
CA PHE D 201 25.56 -71.24 17.84
C PHE D 201 24.79 -70.50 18.92
N THR D 202 24.25 -69.35 18.55
CA THR D 202 23.47 -68.53 19.47
C THR D 202 22.09 -69.18 19.58
N PRO D 203 21.62 -69.41 20.81
CA PRO D 203 20.31 -70.02 21.01
C PRO D 203 19.20 -69.19 20.38
N LEU D 204 18.20 -69.87 19.84
CA LEU D 204 17.07 -69.20 19.22
C LEU D 204 16.00 -68.88 20.26
N ASP D 205 15.70 -67.59 20.44
CA ASP D 205 14.66 -67.18 21.38
C ASP D 205 13.50 -66.57 20.57
N PRO D 206 12.62 -67.43 20.06
CA PRO D 206 11.47 -67.02 19.26
C PRO D 206 10.71 -65.78 19.73
N THR D 207 10.85 -65.39 21.00
CA THR D 207 10.14 -64.21 21.47
C THR D 207 10.79 -62.91 20.96
N GLN D 208 12.01 -63.01 20.45
CA GLN D 208 12.70 -61.84 19.95
C GLN D 208 12.43 -61.55 18.47
N GLU D 209 11.44 -62.24 17.92
CA GLU D 209 11.05 -62.06 16.52
C GLU D 209 10.28 -60.73 16.40
N PRO D 210 10.21 -60.16 15.19
CA PRO D 210 9.49 -58.90 14.98
C PRO D 210 7.99 -59.00 15.21
N ILE D 211 7.46 -58.02 15.93
CA ILE D 211 6.04 -57.96 16.25
C ILE D 211 5.16 -57.85 15.01
N PHE D 212 4.01 -58.51 15.04
CA PHE D 212 3.10 -58.38 13.92
C PHE D 212 2.64 -56.93 14.03
N PRO D 213 2.81 -56.14 12.95
CA PRO D 213 2.42 -54.72 12.95
C PRO D 213 1.07 -54.44 13.63
N PRO D 214 1.11 -53.83 14.83
CA PRO D 214 -0.07 -53.48 15.62
C PRO D 214 -1.13 -52.74 14.82
N GLU D 215 -0.68 -51.80 13.99
CA GLU D 215 -1.57 -51.01 13.16
C GLU D 215 -2.47 -51.89 12.30
N LEU D 216 -1.89 -52.93 11.70
CA LEU D 216 -2.65 -53.87 10.88
C LEU D 216 -3.71 -54.51 11.73
N LEU D 217 -3.35 -54.76 12.99
CA LEU D 217 -4.27 -55.38 13.92
C LEU D 217 -5.41 -54.40 14.24
N ARG D 218 -5.08 -53.12 14.31
CA ARG D 218 -6.09 -52.11 14.58
C ARG D 218 -6.98 -51.97 13.34
N LEU D 219 -6.36 -52.00 12.17
CA LEU D 219 -7.09 -51.88 10.91
C LEU D 219 -7.99 -53.09 10.66
N LYS D 220 -7.99 -54.05 11.57
CA LYS D 220 -8.82 -55.23 11.41
C LYS D 220 -10.24 -54.91 11.83
N ASP D 221 -10.40 -53.84 12.60
CA ASP D 221 -11.71 -53.42 13.09
C ASP D 221 -12.43 -52.50 12.10
N THR D 222 -11.97 -52.53 10.85
CA THR D 222 -12.58 -51.73 9.80
C THR D 222 -13.02 -52.72 8.73
N PRO D 223 -14.32 -52.75 8.41
CA PRO D 223 -14.86 -53.67 7.40
C PRO D 223 -14.16 -53.56 6.05
N ARG D 224 -13.89 -54.71 5.42
CA ARG D 224 -13.23 -54.74 4.12
C ARG D 224 -14.21 -54.23 3.06
N LYS D 225 -13.71 -53.41 2.14
CA LYS D 225 -14.53 -52.88 1.06
C LYS D 225 -13.81 -53.14 -0.26
N GLN D 226 -14.57 -53.18 -1.34
CA GLN D 226 -14.00 -53.41 -2.66
C GLN D 226 -13.02 -52.31 -3.04
N LEU D 227 -11.82 -52.72 -3.47
CA LEU D 227 -10.79 -51.78 -3.89
C LEU D 227 -10.57 -51.88 -5.41
N ARG D 228 -10.13 -50.78 -6.01
CA ARG D 228 -9.86 -50.75 -7.44
C ARG D 228 -8.48 -50.15 -7.69
N PHE D 229 -7.64 -50.88 -8.40
CA PHE D 229 -6.31 -50.38 -8.72
C PHE D 229 -6.19 -50.29 -10.24
N GLU D 230 -5.80 -49.12 -10.75
CA GLU D 230 -5.67 -48.93 -12.18
C GLU D 230 -4.23 -48.62 -12.56
N GLY D 231 -3.68 -49.42 -13.47
CA GLY D 231 -2.31 -49.23 -13.91
C GLY D 231 -2.22 -48.65 -15.30
N GLU D 232 -1.17 -49.01 -16.03
CA GLU D 232 -0.98 -48.52 -17.38
C GLU D 232 -1.85 -49.28 -18.35
N ARG D 233 -2.01 -50.57 -18.10
CA ARG D 233 -2.79 -51.41 -19.01
C ARG D 233 -3.78 -52.31 -18.30
N VAL D 234 -3.55 -52.58 -17.02
CA VAL D 234 -4.43 -53.47 -16.27
C VAL D 234 -5.20 -52.82 -15.13
N THR D 235 -6.42 -53.30 -14.92
CA THR D 235 -7.27 -52.81 -13.84
C THR D 235 -7.58 -54.00 -12.96
N TRP D 236 -7.23 -53.88 -11.68
CA TRP D 236 -7.43 -54.94 -10.71
C TRP D 236 -8.51 -54.59 -9.69
N ILE D 237 -9.49 -55.48 -9.54
CA ILE D 237 -10.54 -55.24 -8.57
C ILE D 237 -10.56 -56.32 -7.48
N GLN D 238 -10.24 -55.90 -6.26
CA GLN D 238 -10.22 -56.81 -5.12
C GLN D 238 -11.64 -56.84 -4.58
N ALA D 239 -12.35 -57.92 -4.88
CA ALA D 239 -13.72 -58.11 -4.44
C ALA D 239 -13.75 -58.52 -2.97
N SER D 240 -14.62 -57.86 -2.19
CA SER D 240 -14.71 -58.17 -0.77
C SER D 240 -15.78 -59.19 -0.45
N THR D 241 -16.82 -59.25 -1.29
CA THR D 241 -17.92 -60.18 -1.07
C THR D 241 -18.25 -61.00 -2.30
N LEU D 242 -18.81 -62.18 -2.09
CA LEU D 242 -19.18 -63.06 -3.19
C LEU D 242 -20.07 -62.35 -4.20
N LYS D 243 -21.04 -61.58 -3.71
CA LYS D 243 -21.95 -60.87 -4.60
C LYS D 243 -21.18 -59.95 -5.55
N GLU D 244 -20.28 -59.13 -4.99
CA GLU D 244 -19.49 -58.21 -5.79
C GLU D 244 -18.78 -58.99 -6.91
N LEU D 245 -18.35 -60.21 -6.60
CA LEU D 245 -17.68 -61.07 -7.57
C LEU D 245 -18.64 -61.45 -8.66
N LEU D 246 -19.76 -62.04 -8.27
CA LEU D 246 -20.76 -62.46 -9.22
C LEU D 246 -21.26 -61.27 -10.04
N ASP D 247 -21.33 -60.11 -9.42
CA ASP D 247 -21.78 -58.91 -10.11
C ASP D 247 -20.81 -58.49 -11.21
N LEU D 248 -19.52 -58.71 -10.98
CA LEU D 248 -18.51 -58.36 -11.97
C LEU D 248 -18.50 -59.34 -13.14
N LYS D 249 -18.50 -60.64 -12.84
CA LYS D 249 -18.50 -61.64 -13.91
C LYS D 249 -19.74 -61.49 -14.76
N ALA D 250 -20.73 -60.77 -14.24
CA ALA D 250 -21.98 -60.56 -14.97
C ALA D 250 -21.85 -59.34 -15.88
N GLN D 251 -21.23 -58.28 -15.38
CA GLN D 251 -21.03 -57.07 -16.16
C GLN D 251 -19.79 -57.18 -17.05
N HIS D 252 -18.87 -58.07 -16.68
CA HIS D 252 -17.63 -58.26 -17.43
C HIS D 252 -17.23 -59.74 -17.36
N PRO D 253 -17.89 -60.58 -18.17
CA PRO D 253 -17.55 -62.01 -18.17
C PRO D 253 -16.07 -62.16 -18.47
N ASP D 254 -15.58 -61.19 -19.22
CA ASP D 254 -14.19 -61.11 -19.64
C ASP D 254 -13.18 -61.13 -18.48
N ALA D 255 -13.53 -60.46 -17.39
CA ALA D 255 -12.64 -60.35 -16.23
C ALA D 255 -11.96 -61.66 -15.82
N LYS D 256 -10.65 -61.57 -15.65
CA LYS D 256 -9.81 -62.70 -15.24
C LYS D 256 -9.69 -62.78 -13.73
N LEU D 257 -10.16 -63.86 -13.13
CA LEU D 257 -10.04 -63.99 -11.69
C LEU D 257 -8.57 -64.32 -11.43
N VAL D 258 -8.04 -63.86 -10.30
CA VAL D 258 -6.67 -64.16 -9.95
C VAL D 258 -6.60 -64.34 -8.46
N VAL D 259 -6.08 -65.49 -8.03
CA VAL D 259 -5.92 -65.76 -6.60
C VAL D 259 -4.44 -65.79 -6.31
N GLY D 260 -3.79 -66.92 -6.51
CA GLY D 260 -2.36 -67.02 -6.27
C GLY D 260 -1.47 -66.46 -7.39
N ASN D 261 -2.06 -66.19 -8.55
CA ASN D 261 -1.32 -65.64 -9.69
C ASN D 261 -0.16 -66.51 -10.12
N THR D 262 -0.11 -67.76 -9.66
CA THR D 262 0.99 -68.65 -10.03
C THR D 262 0.83 -69.24 -11.43
N GLU D 263 -0.34 -69.03 -12.04
CA GLU D 263 -0.57 -69.52 -13.39
C GLU D 263 -0.68 -68.31 -14.33
N ILE D 264 -1.47 -67.32 -13.91
CA ILE D 264 -1.67 -66.11 -14.68
C ILE D 264 -0.38 -65.30 -14.78
N GLY D 265 0.36 -65.23 -13.66
CA GLY D 265 1.61 -64.51 -13.65
C GLY D 265 2.55 -65.05 -14.71
N ILE D 266 2.54 -66.37 -14.89
CA ILE D 266 3.36 -67.03 -15.90
C ILE D 266 2.84 -66.64 -17.27
N GLU D 267 1.52 -66.63 -17.41
CA GLU D 267 0.89 -66.28 -18.67
C GLU D 267 1.20 -64.84 -19.13
N MET D 268 1.14 -63.88 -18.22
CA MET D 268 1.42 -62.51 -18.59
C MET D 268 2.91 -62.33 -18.87
N LYS D 269 3.74 -62.95 -18.04
CA LYS D 269 5.19 -62.83 -18.19
C LYS D 269 5.77 -63.59 -19.35
N PHE D 270 5.53 -64.90 -19.40
CA PHE D 270 6.10 -65.74 -20.45
C PHE D 270 5.28 -66.02 -21.71
N LYS D 271 3.96 -65.98 -21.62
CA LYS D 271 3.11 -66.26 -22.78
C LYS D 271 2.57 -64.97 -23.35
N ASN D 272 3.18 -63.86 -22.92
CA ASN D 272 2.78 -62.51 -23.34
C ASN D 272 1.28 -62.29 -23.53
N MET D 273 0.53 -62.59 -22.48
CA MET D 273 -0.91 -62.42 -22.43
C MET D 273 -1.13 -61.12 -21.66
N LEU D 274 -2.26 -60.46 -21.92
CA LEU D 274 -2.58 -59.23 -21.23
C LEU D 274 -4.05 -59.32 -20.89
N PHE D 275 -4.37 -59.13 -19.61
CA PHE D 275 -5.75 -59.20 -19.18
C PHE D 275 -6.15 -57.85 -18.61
N PRO D 276 -6.68 -56.97 -19.47
CA PRO D 276 -7.12 -55.61 -19.11
C PRO D 276 -7.83 -55.48 -17.77
N MET D 277 -8.65 -56.47 -17.42
CA MET D 277 -9.35 -56.43 -16.15
C MET D 277 -9.20 -57.69 -15.33
N ILE D 278 -8.73 -57.52 -14.10
CA ILE D 278 -8.54 -58.62 -13.18
C ILE D 278 -9.34 -58.37 -11.90
N VAL D 279 -9.93 -59.44 -11.38
CA VAL D 279 -10.69 -59.34 -10.15
C VAL D 279 -10.18 -60.43 -9.23
N CYS D 280 -9.69 -60.05 -8.05
CA CYS D 280 -9.20 -61.02 -7.09
C CYS D 280 -10.26 -61.27 -6.02
N PRO D 281 -10.75 -62.52 -5.91
CA PRO D 281 -11.77 -62.97 -4.96
C PRO D 281 -11.24 -63.58 -3.66
N ALA D 282 -9.91 -63.54 -3.50
CA ALA D 282 -9.25 -64.10 -2.33
C ALA D 282 -9.88 -63.76 -0.96
N TRP D 283 -10.37 -62.54 -0.80
CA TRP D 283 -10.97 -62.14 0.48
C TRP D 283 -12.34 -62.74 0.74
N ILE D 284 -13.06 -63.12 -0.29
CA ILE D 284 -14.40 -63.68 -0.14
C ILE D 284 -14.43 -64.93 0.75
N PRO D 285 -15.08 -64.82 1.92
CA PRO D 285 -15.17 -65.95 2.87
C PRO D 285 -15.76 -67.25 2.34
N GLU D 286 -16.72 -67.15 1.42
CA GLU D 286 -17.31 -68.36 0.85
C GLU D 286 -16.23 -69.21 0.17
N LEU D 287 -15.30 -68.56 -0.52
CA LEU D 287 -14.23 -69.26 -1.24
C LEU D 287 -13.05 -69.68 -0.38
N ASN D 288 -13.18 -69.56 0.94
CA ASN D 288 -12.10 -69.93 1.86
C ASN D 288 -12.59 -70.86 2.95
N SER D 289 -13.85 -71.26 2.85
CA SER D 289 -14.45 -72.13 3.83
C SER D 289 -14.02 -73.58 3.69
N VAL D 290 -14.05 -74.29 4.81
CA VAL D 290 -13.72 -75.71 4.86
C VAL D 290 -14.82 -76.38 5.69
N GLU D 291 -15.63 -77.22 5.05
CA GLU D 291 -16.70 -77.89 5.75
C GLU D 291 -16.52 -79.39 5.73
N HIS D 292 -16.79 -80.01 6.87
CA HIS D 292 -16.68 -81.44 6.98
C HIS D 292 -18.07 -82.02 6.84
N GLY D 293 -18.41 -82.48 5.65
CA GLY D 293 -19.72 -83.05 5.41
C GLY D 293 -19.75 -84.56 5.62
N PRO D 294 -20.88 -85.19 5.28
CA PRO D 294 -21.04 -86.64 5.44
C PRO D 294 -20.35 -87.41 4.32
N ASP D 295 -20.25 -86.77 3.15
CA ASP D 295 -19.63 -87.43 2.00
C ASP D 295 -18.16 -87.11 1.87
N GLY D 296 -17.72 -85.99 2.45
CA GLY D 296 -16.33 -85.61 2.37
C GLY D 296 -16.08 -84.20 2.88
N ILE D 297 -14.83 -83.77 2.76
CA ILE D 297 -14.43 -82.43 3.18
C ILE D 297 -14.42 -81.54 1.94
N SER D 298 -15.08 -80.39 2.01
CA SER D 298 -15.12 -79.48 0.88
C SER D 298 -14.36 -78.18 1.15
N PHE D 299 -13.66 -77.68 0.13
CA PHE D 299 -12.86 -76.48 0.26
C PHE D 299 -13.30 -75.37 -0.69
N GLY D 300 -13.29 -74.14 -0.18
CA GLY D 300 -13.63 -73.00 -1.03
C GLY D 300 -12.59 -72.93 -2.14
N ALA D 301 -12.99 -72.53 -3.34
CA ALA D 301 -12.08 -72.46 -4.48
C ALA D 301 -10.77 -71.70 -4.25
N ALA D 302 -10.82 -70.67 -3.43
CA ALA D 302 -9.64 -69.85 -3.15
C ALA D 302 -8.72 -70.44 -2.09
N CYS D 303 -9.16 -71.51 -1.43
CA CYS D 303 -8.34 -72.12 -0.41
C CYS D 303 -6.99 -72.53 -0.99
N PRO D 304 -5.89 -72.04 -0.40
CA PRO D 304 -4.56 -72.39 -0.90
C PRO D 304 -4.23 -73.87 -0.70
N LEU D 305 -3.43 -74.41 -1.61
CA LEU D 305 -3.05 -75.82 -1.54
C LEU D 305 -2.48 -76.20 -0.18
N SER D 306 -1.89 -75.24 0.51
CA SER D 306 -1.29 -75.48 1.83
C SER D 306 -2.32 -75.78 2.92
N ILE D 307 -3.52 -75.18 2.85
CA ILE D 307 -4.49 -75.47 3.88
C ILE D 307 -5.24 -76.74 3.51
N VAL D 308 -5.28 -77.06 2.22
CA VAL D 308 -5.92 -78.29 1.78
C VAL D 308 -5.07 -79.44 2.32
N GLU D 309 -3.76 -79.26 2.26
CA GLU D 309 -2.82 -80.26 2.75
C GLU D 309 -2.99 -80.41 4.27
N LYS D 310 -3.02 -79.28 4.97
CA LYS D 310 -3.19 -79.24 6.41
C LYS D 310 -4.42 -80.05 6.83
N THR D 311 -5.58 -79.66 6.30
CA THR D 311 -6.85 -80.32 6.59
C THR D 311 -6.81 -81.81 6.34
N LEU D 312 -6.33 -82.22 5.16
CA LEU D 312 -6.26 -83.63 4.81
C LEU D 312 -5.32 -84.39 5.73
N VAL D 313 -4.17 -83.80 6.08
CA VAL D 313 -3.24 -84.46 6.98
C VAL D 313 -3.92 -84.74 8.33
N ASP D 314 -4.62 -83.75 8.89
CA ASP D 314 -5.29 -83.96 10.17
C ASP D 314 -6.43 -84.95 10.02
N ALA D 315 -7.12 -84.92 8.88
CA ALA D 315 -8.22 -85.84 8.63
C ALA D 315 -7.71 -87.27 8.46
N VAL D 316 -6.50 -87.41 7.93
CA VAL D 316 -5.91 -88.72 7.73
C VAL D 316 -5.49 -89.34 9.05
N ALA D 317 -5.26 -88.51 10.05
CA ALA D 317 -4.83 -89.01 11.36
C ALA D 317 -6.01 -89.37 12.27
N LYS D 318 -7.13 -88.69 12.08
CA LYS D 318 -8.33 -88.91 12.88
C LYS D 318 -9.20 -90.07 12.37
N LEU D 319 -9.57 -90.02 11.10
CA LEU D 319 -10.43 -91.02 10.50
C LEU D 319 -9.80 -92.40 10.24
N PRO D 320 -10.65 -93.41 10.05
CA PRO D 320 -10.20 -94.79 9.79
C PRO D 320 -9.61 -94.78 8.38
N ALA D 321 -8.55 -95.55 8.19
CA ALA D 321 -7.88 -95.62 6.90
C ALA D 321 -8.82 -95.85 5.72
N GLN D 322 -9.77 -96.77 5.87
CA GLN D 322 -10.67 -97.08 4.77
C GLN D 322 -11.49 -95.91 4.25
N LYS D 323 -11.64 -94.86 5.05
CA LYS D 323 -12.41 -93.70 4.60
C LYS D 323 -11.53 -92.61 4.00
N THR D 324 -10.22 -92.81 4.01
CA THR D 324 -9.29 -91.79 3.52
C THR D 324 -8.41 -92.12 2.29
N GLU D 325 -8.72 -93.19 1.58
CA GLU D 325 -7.94 -93.58 0.40
C GLU D 325 -7.72 -92.39 -0.54
N VAL D 326 -8.78 -91.63 -0.83
CA VAL D 326 -8.65 -90.48 -1.72
C VAL D 326 -7.86 -89.36 -1.05
N PHE D 327 -8.15 -89.06 0.21
CA PHE D 327 -7.43 -88.00 0.92
C PHE D 327 -5.94 -88.28 0.81
N ARG D 328 -5.57 -89.53 1.08
CA ARG D 328 -4.19 -89.96 1.02
C ARG D 328 -3.60 -89.71 -0.38
N GLY D 329 -4.37 -90.01 -1.43
CA GLY D 329 -3.91 -89.79 -2.79
C GLY D 329 -3.66 -88.33 -3.12
N VAL D 330 -4.47 -87.45 -2.56
CA VAL D 330 -4.32 -86.01 -2.79
C VAL D 330 -3.01 -85.55 -2.14
N LEU D 331 -2.79 -86.01 -0.91
CA LEU D 331 -1.57 -85.65 -0.18
C LEU D 331 -0.31 -86.07 -0.95
N GLU D 332 -0.34 -87.25 -1.56
CA GLU D 332 0.79 -87.74 -2.35
C GLU D 332 1.15 -86.77 -3.48
N GLN D 333 0.14 -86.26 -4.18
CA GLN D 333 0.38 -85.32 -5.27
C GLN D 333 0.90 -83.99 -4.74
N LEU D 334 0.27 -83.49 -3.68
CA LEU D 334 0.67 -82.22 -3.08
C LEU D 334 2.11 -82.33 -2.63
N ARG D 335 2.49 -83.53 -2.20
CA ARG D 335 3.82 -83.82 -1.74
C ARG D 335 4.91 -83.45 -2.76
N TRP D 336 4.57 -83.55 -4.05
CA TRP D 336 5.51 -83.22 -5.12
C TRP D 336 4.98 -82.09 -6.01
N PHE D 337 4.16 -81.24 -5.41
CA PHE D 337 3.54 -80.11 -6.09
C PHE D 337 4.32 -78.83 -5.78
N ALA D 338 5.07 -78.32 -6.76
CA ALA D 338 5.87 -77.11 -6.57
C ALA D 338 6.65 -77.17 -5.26
N GLY D 339 6.56 -76.10 -4.48
CA GLY D 339 7.26 -76.03 -3.21
C GLY D 339 6.39 -75.31 -2.19
N LYS D 340 6.93 -75.04 -1.02
CA LYS D 340 6.16 -74.37 0.01
C LYS D 340 5.70 -72.98 -0.42
N GLN D 341 6.56 -72.23 -1.11
CA GLN D 341 6.23 -70.88 -1.56
C GLN D 341 5.00 -70.82 -2.47
N VAL D 342 4.95 -71.71 -3.46
CA VAL D 342 3.82 -71.77 -4.38
C VAL D 342 2.57 -72.32 -3.70
N LYS D 343 2.72 -73.36 -2.88
CA LYS D 343 1.56 -73.93 -2.23
C LYS D 343 0.85 -73.01 -1.24
N SER D 344 1.55 -72.02 -0.71
CA SER D 344 0.94 -71.09 0.24
C SER D 344 0.05 -70.03 -0.38
N VAL D 345 0.07 -69.92 -1.70
CA VAL D 345 -0.77 -68.93 -2.37
C VAL D 345 -1.64 -69.57 -3.46
N ALA D 346 -1.10 -70.54 -4.18
CA ALA D 346 -1.84 -71.21 -5.25
C ALA D 346 -3.07 -71.87 -4.64
N SER D 347 -4.23 -71.57 -5.23
CA SER D 347 -5.50 -72.12 -4.73
C SER D 347 -5.92 -73.39 -5.46
N VAL D 348 -6.66 -74.25 -4.77
CA VAL D 348 -7.14 -75.51 -5.34
C VAL D 348 -8.06 -75.21 -6.53
N GLY D 349 -8.77 -74.08 -6.45
CA GLY D 349 -9.65 -73.71 -7.54
C GLY D 349 -8.82 -73.39 -8.75
N GLY D 350 -7.82 -72.52 -8.57
CA GLY D 350 -6.94 -72.14 -9.66
C GLY D 350 -6.27 -73.30 -10.36
N ASN D 351 -6.10 -74.43 -9.68
CA ASN D 351 -5.46 -75.57 -10.32
C ASN D 351 -6.49 -76.28 -11.19
N ILE D 352 -7.74 -76.28 -10.75
CA ILE D 352 -8.80 -76.92 -11.50
C ILE D 352 -9.16 -76.16 -12.78
N ILE D 353 -9.40 -74.87 -12.66
CA ILE D 353 -9.80 -74.07 -13.81
C ILE D 353 -8.70 -73.80 -14.82
N THR D 354 -7.45 -73.79 -14.37
CA THR D 354 -6.36 -73.58 -15.30
C THR D 354 -6.47 -74.71 -16.30
N ALA D 355 -6.97 -75.84 -15.81
CA ALA D 355 -7.18 -77.05 -16.60
C ALA D 355 -5.98 -77.38 -17.47
N SER D 356 -4.81 -77.49 -16.85
CA SER D 356 -3.63 -77.82 -17.59
C SER D 356 -3.57 -79.31 -17.85
N PRO D 357 -2.96 -79.72 -18.96
CA PRO D 357 -2.85 -81.14 -19.29
C PRO D 357 -1.99 -81.86 -18.25
N ILE D 358 -1.01 -81.15 -17.69
CA ILE D 358 -0.13 -81.76 -16.70
C ILE D 358 -0.48 -81.49 -15.24
N SER D 359 -1.70 -81.04 -15.00
CA SER D 359 -2.18 -80.81 -13.65
C SER D 359 -2.03 -82.11 -12.88
N ASP D 360 -1.63 -82.03 -11.61
CA ASP D 360 -1.45 -83.24 -10.80
C ASP D 360 -2.68 -83.53 -9.96
N LEU D 361 -3.54 -82.54 -9.78
CA LEU D 361 -4.75 -82.70 -8.98
C LEU D 361 -5.97 -83.08 -9.80
N ASN D 362 -6.16 -82.48 -10.96
CA ASN D 362 -7.33 -82.81 -11.77
C ASN D 362 -7.43 -84.31 -12.05
N PRO D 363 -6.28 -84.97 -12.29
CA PRO D 363 -6.36 -86.41 -12.55
C PRO D 363 -6.97 -87.13 -11.36
N VAL D 364 -6.60 -86.68 -10.17
CA VAL D 364 -7.07 -87.27 -8.92
C VAL D 364 -8.52 -86.91 -8.60
N PHE D 365 -8.92 -85.68 -8.89
CA PHE D 365 -10.29 -85.25 -8.62
C PHE D 365 -11.26 -85.97 -9.56
N MET D 366 -10.79 -86.25 -10.77
CA MET D 366 -11.62 -86.92 -11.76
C MET D 366 -11.82 -88.41 -11.40
N ALA D 367 -10.72 -89.10 -11.13
CA ALA D 367 -10.78 -90.51 -10.78
C ALA D 367 -11.69 -90.71 -9.59
N SER D 368 -11.74 -89.71 -8.72
CA SER D 368 -12.57 -89.80 -7.53
C SER D 368 -13.89 -89.04 -7.65
N GLY D 369 -14.14 -88.45 -8.82
CA GLY D 369 -15.37 -87.72 -9.03
C GLY D 369 -15.76 -86.74 -7.93
N ALA D 370 -14.87 -85.80 -7.65
CA ALA D 370 -15.11 -84.79 -6.62
C ALA D 370 -16.23 -83.89 -7.11
N LYS D 371 -17.04 -83.37 -6.18
CA LYS D 371 -18.15 -82.50 -6.55
C LYS D 371 -17.73 -81.05 -6.57
N LEU D 372 -17.97 -80.38 -7.69
CA LEU D 372 -17.61 -78.97 -7.82
C LEU D 372 -18.87 -78.14 -7.83
N THR D 373 -18.91 -77.11 -7.00
CA THR D 373 -20.08 -76.25 -6.97
C THR D 373 -19.79 -75.05 -7.87
N LEU D 374 -20.66 -74.80 -8.83
CA LEU D 374 -20.48 -73.68 -9.75
C LEU D 374 -21.60 -72.70 -9.56
N VAL D 375 -21.27 -71.41 -9.54
CA VAL D 375 -22.31 -70.41 -9.36
C VAL D 375 -22.19 -69.20 -10.27
N SER D 376 -23.28 -68.44 -10.37
CA SER D 376 -23.36 -67.23 -11.17
C SER D 376 -24.56 -66.46 -10.63
N ARG D 377 -24.28 -65.29 -10.03
CA ARG D 377 -25.30 -64.45 -9.42
C ARG D 377 -26.72 -64.97 -9.55
N GLY D 378 -27.21 -65.56 -8.47
CA GLY D 378 -28.57 -66.08 -8.47
C GLY D 378 -28.69 -67.59 -8.50
N THR D 379 -27.97 -68.23 -9.41
CA THR D 379 -28.05 -69.67 -9.54
C THR D 379 -26.82 -70.45 -9.06
N ARG D 380 -27.09 -71.65 -8.56
CA ARG D 380 -26.07 -72.56 -8.04
C ARG D 380 -26.30 -73.92 -8.68
N ARG D 381 -25.25 -74.71 -8.80
CA ARG D 381 -25.36 -76.04 -9.38
C ARG D 381 -24.14 -76.88 -9.02
N THR D 382 -24.31 -78.19 -8.99
CA THR D 382 -23.21 -79.08 -8.65
C THR D 382 -23.05 -80.20 -9.66
N VAL D 383 -21.80 -80.47 -10.02
CA VAL D 383 -21.51 -81.53 -10.96
C VAL D 383 -20.29 -82.25 -10.42
N GLN D 384 -20.29 -83.58 -10.50
CA GLN D 384 -19.11 -84.27 -10.02
C GLN D 384 -18.20 -84.45 -11.21
N MET D 385 -16.95 -84.03 -11.02
CA MET D 385 -15.93 -84.11 -12.06
C MET D 385 -15.81 -85.48 -12.70
N ASP D 386 -15.82 -85.50 -14.02
CA ASP D 386 -15.69 -86.72 -14.80
C ASP D 386 -14.95 -86.34 -16.07
N HIS D 387 -14.75 -87.30 -16.97
CA HIS D 387 -14.03 -87.03 -18.20
C HIS D 387 -14.58 -85.89 -19.05
N THR D 388 -15.88 -85.63 -18.94
CA THR D 388 -16.46 -84.55 -19.75
C THR D 388 -16.25 -83.16 -19.16
N PHE D 389 -15.59 -83.05 -18.01
CA PHE D 389 -15.40 -81.74 -17.41
C PHE D 389 -14.37 -80.89 -18.17
N PHE D 390 -13.44 -81.56 -18.84
CA PHE D 390 -12.40 -80.90 -19.61
C PHE D 390 -12.60 -81.24 -21.09
N PRO D 391 -13.37 -80.39 -21.80
CA PRO D 391 -13.66 -80.57 -23.22
C PRO D 391 -12.40 -80.49 -24.04
N GLY D 392 -11.94 -79.27 -24.30
CA GLY D 392 -10.74 -79.07 -25.08
C GLY D 392 -9.59 -78.50 -24.26
N TYR D 393 -8.56 -78.05 -24.96
CA TYR D 393 -7.39 -77.49 -24.32
C TYR D 393 -7.74 -76.25 -23.50
N ARG D 394 -7.41 -76.31 -22.20
CA ARG D 394 -7.66 -75.20 -21.27
C ARG D 394 -9.13 -74.87 -21.02
N LYS D 395 -10.02 -75.73 -21.50
CA LYS D 395 -11.44 -75.49 -21.31
C LYS D 395 -12.10 -76.34 -20.21
N THR D 396 -13.18 -75.82 -19.64
CA THR D 396 -13.92 -76.55 -18.62
C THR D 396 -15.39 -76.30 -18.90
N LEU D 397 -16.25 -77.04 -18.22
CA LEU D 397 -17.68 -76.92 -18.41
C LEU D 397 -18.32 -75.69 -17.74
N LEU D 398 -17.49 -74.74 -17.35
CA LEU D 398 -18.03 -73.54 -16.73
C LEU D 398 -18.52 -72.58 -17.81
N SER D 399 -19.67 -71.98 -17.58
CA SER D 399 -20.19 -71.02 -18.53
C SER D 399 -19.28 -69.80 -18.38
N PRO D 400 -19.46 -68.78 -19.24
CA PRO D 400 -18.59 -67.60 -19.14
C PRO D 400 -18.87 -66.72 -17.91
N GLU D 401 -20.04 -66.85 -17.30
CA GLU D 401 -20.38 -66.04 -16.13
C GLU D 401 -20.13 -66.78 -14.82
N GLU D 402 -19.89 -68.08 -14.90
CA GLU D 402 -19.67 -68.91 -13.71
C GLU D 402 -18.28 -68.84 -13.11
N ILE D 403 -18.21 -69.11 -11.82
CA ILE D 403 -16.95 -69.16 -11.09
C ILE D 403 -17.04 -70.42 -10.24
N LEU D 404 -15.90 -71.02 -9.95
CA LEU D 404 -15.88 -72.24 -9.13
C LEU D 404 -15.98 -71.78 -7.68
N LEU D 405 -16.93 -72.32 -6.94
CA LEU D 405 -17.13 -71.94 -5.54
C LEU D 405 -16.41 -72.85 -4.56
N SER D 406 -16.48 -74.15 -4.79
CA SER D 406 -15.87 -75.09 -3.89
C SER D 406 -15.79 -76.49 -4.47
N ILE D 407 -14.85 -77.28 -3.95
CA ILE D 407 -14.67 -78.65 -4.38
C ILE D 407 -14.79 -79.52 -3.15
N GLU D 408 -15.48 -80.64 -3.27
CA GLU D 408 -15.61 -81.55 -2.15
C GLU D 408 -14.81 -82.80 -2.47
N ILE D 409 -13.80 -83.06 -1.66
CA ILE D 409 -12.96 -84.24 -1.85
C ILE D 409 -13.65 -85.36 -1.07
N PRO D 410 -14.05 -86.42 -1.79
CA PRO D 410 -14.73 -87.66 -1.37
C PRO D 410 -14.11 -88.53 -0.30
N TYR D 411 -14.97 -89.07 0.58
CA TYR D 411 -14.55 -90.01 1.62
C TYR D 411 -14.44 -91.32 0.86
N SER D 412 -13.54 -92.18 1.31
CA SER D 412 -13.33 -93.47 0.68
C SER D 412 -14.35 -94.48 1.19
N ARG D 413 -14.91 -95.29 0.30
CA ARG D 413 -15.90 -96.29 0.70
C ARG D 413 -15.22 -97.64 1.01
N GLU D 414 -15.95 -98.56 1.63
CA GLU D 414 -15.39 -99.86 1.96
C GLU D 414 -15.21 -100.67 0.68
N GLY D 415 -14.02 -101.24 0.50
CA GLY D 415 -13.75 -102.01 -0.70
C GLY D 415 -13.45 -101.06 -1.86
N GLU D 416 -13.08 -99.83 -1.51
CA GLU D 416 -12.76 -98.81 -2.51
C GLU D 416 -11.33 -98.34 -2.24
N TYR D 417 -10.46 -98.47 -3.24
CA TYR D 417 -9.06 -98.08 -3.08
C TYR D 417 -8.62 -97.04 -4.08
N PHE D 418 -7.57 -96.30 -3.71
CA PHE D 418 -7.05 -95.22 -4.55
C PHE D 418 -5.53 -95.14 -4.49
N SER D 419 -4.95 -94.57 -5.53
CA SER D 419 -3.50 -94.39 -5.64
C SER D 419 -3.26 -93.18 -6.52
N ALA D 420 -2.12 -92.53 -6.33
CA ALA D 420 -1.76 -91.35 -7.10
C ALA D 420 -0.30 -91.52 -7.49
N PHE D 421 0.02 -91.19 -8.73
CA PHE D 421 1.39 -91.34 -9.22
C PHE D 421 1.82 -90.08 -9.98
N LYS D 422 3.11 -89.78 -9.92
CA LYS D 422 3.64 -88.63 -10.63
C LYS D 422 5.10 -88.88 -10.90
N GLN D 423 5.45 -88.84 -12.18
CA GLN D 423 6.82 -89.03 -12.59
C GLN D 423 7.22 -87.84 -13.43
N ALA D 424 8.34 -87.23 -13.07
CA ALA D 424 8.84 -86.07 -13.79
C ALA D 424 10.32 -86.34 -14.06
N SER D 425 11.13 -85.29 -14.09
CA SER D 425 12.56 -85.44 -14.32
C SER D 425 13.27 -85.46 -12.96
N ARG D 426 12.71 -84.71 -12.02
CA ARG D 426 13.25 -84.61 -10.67
C ARG D 426 12.06 -84.73 -9.71
N ARG D 427 12.25 -85.38 -8.57
CA ARG D 427 11.15 -85.54 -7.62
C ARG D 427 10.60 -84.21 -7.12
N GLU D 428 11.49 -83.36 -6.62
CA GLU D 428 11.11 -82.05 -6.10
C GLU D 428 10.77 -81.03 -7.18
N ASP D 429 9.78 -80.21 -6.86
CA ASP D 429 9.32 -79.12 -7.70
C ASP D 429 9.55 -79.29 -9.21
N ASP D 430 8.77 -80.16 -9.85
CA ASP D 430 8.90 -80.36 -11.29
C ASP D 430 7.56 -80.64 -11.98
N ILE D 431 7.56 -80.42 -13.29
CA ILE D 431 6.38 -80.64 -14.13
C ILE D 431 6.29 -82.12 -14.46
N ALA D 432 5.10 -82.68 -14.37
CA ALA D 432 4.92 -84.09 -14.63
C ALA D 432 4.99 -84.54 -16.09
N LYS D 433 5.63 -85.68 -16.31
CA LYS D 433 5.69 -86.26 -17.65
C LYS D 433 4.32 -86.91 -17.73
N VAL D 434 4.08 -87.82 -16.77
CA VAL D 434 2.84 -88.55 -16.66
C VAL D 434 2.40 -88.48 -15.19
N THR D 435 1.14 -88.08 -14.97
CA THR D 435 0.59 -88.00 -13.63
C THR D 435 -0.77 -88.66 -13.67
N SER D 436 -1.14 -89.33 -12.58
CA SER D 436 -2.40 -90.06 -12.60
C SER D 436 -3.17 -90.23 -11.30
N GLY D 437 -4.46 -90.47 -11.47
CA GLY D 437 -5.36 -90.72 -10.37
C GLY D 437 -6.04 -92.04 -10.72
N MET D 438 -5.92 -93.04 -9.85
CA MET D 438 -6.53 -94.34 -10.12
C MET D 438 -7.40 -94.80 -8.97
N ARG D 439 -8.59 -95.30 -9.29
CA ARG D 439 -9.53 -95.75 -8.28
C ARG D 439 -10.31 -97.02 -8.66
N VAL D 440 -10.57 -97.87 -7.67
CA VAL D 440 -11.33 -99.09 -7.87
C VAL D 440 -12.29 -99.36 -6.72
N LEU D 441 -13.51 -99.71 -7.07
CA LEU D 441 -14.55 -100.02 -6.09
C LEU D 441 -14.89 -101.49 -6.35
N PHE D 442 -14.98 -102.29 -5.29
CA PHE D 442 -15.31 -103.70 -5.43
C PHE D 442 -16.71 -104.02 -4.94
N LYS D 443 -17.34 -105.03 -5.54
CA LYS D 443 -18.67 -105.46 -5.09
C LYS D 443 -18.43 -105.94 -3.66
N PRO D 444 -19.31 -105.55 -2.73
CA PRO D 444 -19.20 -105.93 -1.31
C PRO D 444 -18.60 -107.30 -1.03
N GLY D 445 -17.59 -107.32 -0.17
CA GLY D 445 -16.93 -108.55 0.22
C GLY D 445 -16.38 -109.44 -0.88
N THR D 446 -16.05 -108.86 -2.03
CA THR D 446 -15.51 -109.66 -3.13
C THR D 446 -14.29 -108.99 -3.74
N THR D 447 -13.75 -109.63 -4.77
CA THR D 447 -12.62 -109.08 -5.48
C THR D 447 -13.07 -108.89 -6.92
N GLU D 448 -14.36 -108.56 -7.08
CA GLU D 448 -14.95 -108.35 -8.39
C GLU D 448 -15.21 -106.86 -8.62
N VAL D 449 -14.53 -106.29 -9.61
CA VAL D 449 -14.65 -104.87 -9.96
C VAL D 449 -16.08 -104.40 -10.20
N GLN D 450 -16.46 -103.28 -9.58
CA GLN D 450 -17.79 -102.70 -9.74
C GLN D 450 -17.62 -101.38 -10.48
N GLU D 451 -16.54 -100.68 -10.14
CA GLU D 451 -16.21 -99.42 -10.76
C GLU D 451 -14.70 -99.36 -10.83
N LEU D 452 -14.20 -98.78 -11.91
CA LEU D 452 -12.77 -98.63 -12.15
C LEU D 452 -12.54 -97.34 -12.91
N ALA D 453 -11.75 -96.45 -12.32
CA ALA D 453 -11.44 -95.18 -12.95
C ALA D 453 -9.92 -94.98 -13.01
N LEU D 454 -9.39 -94.82 -14.23
CA LEU D 454 -7.96 -94.61 -14.42
C LEU D 454 -7.80 -93.32 -15.20
N CYS D 455 -7.45 -92.24 -14.51
CA CYS D 455 -7.27 -90.94 -15.15
C CYS D 455 -5.82 -90.53 -15.29
N TYR D 456 -5.50 -89.81 -16.37
CA TYR D 456 -4.12 -89.40 -16.61
C TYR D 456 -3.93 -87.96 -17.04
N GLY D 457 -2.72 -87.48 -16.81
CA GLY D 457 -2.33 -86.13 -17.19
C GLY D 457 -1.02 -86.34 -17.95
N GLY D 458 -0.72 -85.44 -18.89
CA GLY D 458 0.50 -85.54 -19.67
C GLY D 458 0.38 -86.49 -20.86
N MET D 459 -0.82 -86.97 -21.12
CA MET D 459 -1.04 -87.90 -22.23
C MET D 459 -1.97 -87.32 -23.29
N ALA D 460 -2.29 -86.04 -23.17
CA ALA D 460 -3.17 -85.39 -24.13
C ALA D 460 -3.23 -83.88 -23.87
N ASN D 461 -4.09 -83.19 -24.60
CA ASN D 461 -4.24 -81.76 -24.44
C ASN D 461 -5.04 -81.43 -23.17
N ARG D 462 -5.45 -82.47 -22.43
CA ARG D 462 -6.21 -82.30 -21.20
C ARG D 462 -6.15 -83.56 -20.37
N THR D 463 -6.75 -83.52 -19.18
CA THR D 463 -6.79 -84.68 -18.30
C THR D 463 -7.78 -85.63 -18.95
N ILE D 464 -7.39 -86.89 -19.11
CA ILE D 464 -8.26 -87.87 -19.73
C ILE D 464 -8.45 -89.11 -18.87
N SER D 465 -9.51 -89.86 -19.20
CA SER D 465 -9.81 -91.09 -18.49
C SER D 465 -9.76 -92.24 -19.49
N ALA D 466 -9.13 -93.35 -19.13
CA ALA D 466 -9.06 -94.48 -20.04
C ALA D 466 -10.38 -95.24 -19.95
N LEU D 467 -11.47 -94.54 -20.21
CA LEU D 467 -12.82 -95.11 -20.17
C LEU D 467 -13.01 -96.36 -21.03
N LYS D 468 -12.43 -96.36 -22.21
CA LYS D 468 -12.55 -97.50 -23.12
C LYS D 468 -11.94 -98.76 -22.51
N THR D 469 -10.81 -98.61 -21.82
CA THR D 469 -10.14 -99.75 -21.20
C THR D 469 -10.82 -100.22 -19.91
N THR D 470 -11.04 -99.28 -19.00
CA THR D 470 -11.65 -99.61 -17.73
C THR D 470 -13.08 -100.15 -17.86
N GLN D 471 -13.84 -99.63 -18.82
CA GLN D 471 -15.22 -100.05 -19.04
C GLN D 471 -15.30 -101.52 -19.41
N ARG D 472 -14.17 -102.03 -19.91
CA ARG D 472 -14.02 -103.40 -20.37
C ARG D 472 -13.65 -104.37 -19.24
N GLN D 473 -13.37 -103.85 -18.05
CA GLN D 473 -12.96 -104.65 -16.90
C GLN D 473 -14.03 -104.82 -15.86
N LEU D 474 -15.16 -104.15 -16.04
CA LEU D 474 -16.24 -104.23 -15.07
C LEU D 474 -16.71 -105.67 -14.84
N SER D 475 -17.16 -105.95 -13.62
CA SER D 475 -17.63 -107.29 -13.25
C SER D 475 -16.59 -108.37 -13.49
N LYS D 476 -15.32 -107.98 -13.47
CA LYS D 476 -14.23 -108.93 -13.68
C LYS D 476 -13.42 -109.04 -12.38
N LEU D 477 -12.78 -110.19 -12.17
CA LEU D 477 -11.98 -110.40 -10.97
C LEU D 477 -10.60 -109.75 -11.08
N TRP D 478 -10.07 -109.31 -9.94
CA TRP D 478 -8.76 -108.64 -9.88
C TRP D 478 -7.60 -109.64 -9.89
N LYS D 479 -7.31 -110.22 -11.05
CA LYS D 479 -6.24 -111.22 -11.18
C LYS D 479 -5.39 -110.95 -12.41
N GLU D 480 -4.27 -111.65 -12.52
CA GLU D 480 -3.35 -111.48 -13.66
C GLU D 480 -4.05 -111.19 -14.99
N GLU D 481 -5.17 -111.86 -15.25
CA GLU D 481 -5.91 -111.66 -16.49
C GLU D 481 -6.26 -110.20 -16.70
N LEU D 482 -6.87 -109.58 -15.69
CA LEU D 482 -7.25 -108.17 -15.76
C LEU D 482 -6.03 -107.26 -16.00
N LEU D 483 -4.90 -107.58 -15.35
CA LEU D 483 -3.69 -106.79 -15.56
C LEU D 483 -3.32 -106.83 -17.04
N GLN D 484 -3.29 -108.03 -17.61
CA GLN D 484 -2.96 -108.22 -19.02
C GLN D 484 -3.81 -107.35 -19.93
N ASP D 485 -5.13 -107.42 -19.76
CA ASP D 485 -6.06 -106.65 -20.59
C ASP D 485 -5.98 -105.14 -20.34
N VAL D 486 -5.79 -104.71 -19.10
CA VAL D 486 -5.70 -103.28 -18.82
C VAL D 486 -4.44 -102.73 -19.52
N CYS D 487 -3.32 -103.42 -19.34
CA CYS D 487 -2.07 -102.99 -19.95
C CYS D 487 -2.20 -102.86 -21.46
N ALA D 488 -2.66 -103.92 -22.12
CA ALA D 488 -2.83 -103.89 -23.57
C ALA D 488 -3.74 -102.71 -23.95
N GLY D 489 -4.85 -102.57 -23.25
CA GLY D 489 -5.79 -101.49 -23.54
C GLY D 489 -5.17 -100.11 -23.45
N LEU D 490 -4.46 -99.84 -22.36
CA LEU D 490 -3.82 -98.54 -22.17
C LEU D 490 -2.83 -98.20 -23.28
N ALA D 491 -2.04 -99.19 -23.68
CA ALA D 491 -1.04 -99.03 -24.72
C ALA D 491 -1.71 -98.61 -26.04
N GLU D 492 -2.89 -99.18 -26.30
CA GLU D 492 -3.61 -98.87 -27.52
C GLU D 492 -4.48 -97.62 -27.38
N GLU D 493 -5.04 -97.40 -26.20
CA GLU D 493 -5.90 -96.25 -26.00
C GLU D 493 -5.13 -94.94 -25.83
N LEU D 494 -4.10 -94.96 -24.99
CA LEU D 494 -3.34 -93.75 -24.73
C LEU D 494 -2.09 -93.61 -25.60
N HIS D 495 -2.06 -94.36 -26.70
CA HIS D 495 -0.93 -94.31 -27.60
C HIS D 495 -0.72 -92.87 -28.08
N LEU D 496 0.53 -92.47 -28.22
CA LEU D 496 0.86 -91.13 -28.67
C LEU D 496 1.58 -91.13 -30.01
N PRO D 497 1.29 -90.14 -30.85
CA PRO D 497 1.95 -90.05 -32.17
C PRO D 497 3.39 -89.54 -31.98
N PRO D 498 4.29 -89.92 -32.90
CA PRO D 498 5.69 -89.50 -32.80
C PRO D 498 5.94 -87.99 -32.71
N ASP D 499 5.09 -87.20 -33.34
CA ASP D 499 5.25 -85.74 -33.32
C ASP D 499 4.61 -85.10 -32.07
N ALA D 500 4.19 -85.94 -31.14
CA ALA D 500 3.55 -85.48 -29.91
C ALA D 500 4.35 -84.39 -29.18
N PRO D 501 3.68 -83.28 -28.85
CA PRO D 501 4.33 -82.18 -28.15
C PRO D 501 4.94 -82.65 -26.82
N GLY D 502 6.20 -82.34 -26.61
CA GLY D 502 6.89 -82.75 -25.39
C GLY D 502 7.74 -84.00 -25.62
N GLY D 503 7.50 -84.67 -26.74
CA GLY D 503 8.25 -85.86 -27.08
C GLY D 503 8.24 -86.92 -25.99
N MET D 504 9.27 -87.76 -26.00
CA MET D 504 9.42 -88.83 -25.03
C MET D 504 8.19 -89.71 -24.99
N VAL D 505 7.56 -89.91 -26.15
CA VAL D 505 6.36 -90.73 -26.21
C VAL D 505 6.51 -92.14 -25.66
N ASP D 506 7.63 -92.81 -25.98
CA ASP D 506 7.83 -94.17 -25.46
C ASP D 506 7.85 -94.14 -23.94
N PHE D 507 8.58 -93.19 -23.39
CA PHE D 507 8.68 -93.07 -21.94
C PHE D 507 7.32 -92.80 -21.30
N ARG D 508 6.55 -91.89 -21.89
CA ARG D 508 5.24 -91.54 -21.37
C ARG D 508 4.23 -92.69 -21.38
N CYS D 509 4.17 -93.43 -22.47
CA CYS D 509 3.25 -94.57 -22.56
C CYS D 509 3.64 -95.66 -21.57
N THR D 510 4.92 -96.02 -21.52
CA THR D 510 5.37 -97.04 -20.59
C THR D 510 4.98 -96.63 -19.17
N LEU D 511 5.00 -95.33 -18.89
CA LEU D 511 4.63 -94.85 -17.57
C LEU D 511 3.16 -95.17 -17.24
N THR D 512 2.26 -94.97 -18.20
CA THR D 512 0.85 -95.24 -17.97
C THR D 512 0.59 -96.70 -17.58
N LEU D 513 1.30 -97.65 -18.19
CA LEU D 513 1.12 -99.06 -17.85
C LEU D 513 1.75 -99.34 -16.49
N SER D 514 2.99 -98.85 -16.33
CA SER D 514 3.74 -99.03 -15.10
C SER D 514 2.96 -98.52 -13.88
N PHE D 515 2.36 -97.33 -14.01
CA PHE D 515 1.56 -96.77 -12.91
C PHE D 515 0.47 -97.75 -12.57
N PHE D 516 -0.27 -98.19 -13.57
CA PHE D 516 -1.35 -99.13 -13.31
C PHE D 516 -0.82 -100.37 -12.61
N PHE D 517 0.27 -100.93 -13.12
CA PHE D 517 0.85 -102.12 -12.53
C PHE D 517 1.05 -101.90 -11.03
N LYS D 518 1.57 -100.72 -10.68
CA LYS D 518 1.77 -100.41 -9.27
C LYS D 518 0.44 -100.47 -8.58
N PHE D 519 -0.53 -99.75 -9.12
CA PHE D 519 -1.88 -99.71 -8.57
C PHE D 519 -2.43 -101.12 -8.38
N TYR D 520 -2.20 -101.96 -9.38
CA TYR D 520 -2.64 -103.34 -9.37
C TYR D 520 -2.06 -104.12 -8.18
N LEU D 521 -0.75 -104.04 -8.01
CA LEU D 521 -0.09 -104.75 -6.92
C LEU D 521 -0.53 -104.20 -5.57
N THR D 522 -0.64 -102.86 -5.50
CA THR D 522 -1.07 -102.17 -4.29
C THR D 522 -2.42 -102.67 -3.83
N VAL D 523 -3.34 -102.81 -4.79
CA VAL D 523 -4.68 -103.28 -4.51
C VAL D 523 -4.68 -104.74 -4.07
N LEU D 524 -3.69 -105.52 -4.54
CA LEU D 524 -3.58 -106.91 -4.13
C LEU D 524 -3.25 -106.95 -2.64
N GLN D 525 -2.32 -106.10 -2.23
CA GLN D 525 -1.94 -106.03 -0.82
C GLN D 525 -3.11 -105.59 0.05
N LYS D 526 -3.80 -104.54 -0.41
CA LYS D 526 -4.95 -104.03 0.33
C LYS D 526 -6.04 -105.08 0.39
N LEU D 527 -6.25 -105.79 -0.71
CA LEU D 527 -7.27 -106.84 -0.72
C LEU D 527 -6.90 -107.94 0.27
N GLY D 528 -5.60 -108.21 0.40
CA GLY D 528 -5.13 -109.23 1.34
C GLY D 528 -5.30 -108.78 2.77
N GLN D 529 -5.39 -107.47 2.96
CA GLN D 529 -5.58 -106.87 4.27
C GLN D 529 -6.99 -107.28 4.72
N GLU D 530 -7.86 -107.48 3.73
CA GLU D 530 -9.25 -107.87 3.94
C GLU D 530 -9.32 -109.40 4.01
N ASN D 531 -8.16 -110.04 4.09
CA ASN D 531 -8.10 -111.49 4.12
C ASN D 531 -8.93 -112.04 2.97
N LEU D 532 -8.59 -111.53 1.80
CA LEU D 532 -9.23 -111.89 0.55
C LEU D 532 -8.11 -112.18 -0.44
N GLU D 533 -6.90 -112.36 0.08
CA GLU D 533 -5.73 -112.63 -0.76
C GLU D 533 -5.90 -113.89 -1.60
N ASP D 534 -6.61 -114.86 -1.05
CA ASP D 534 -6.87 -116.13 -1.71
C ASP D 534 -7.88 -116.06 -2.85
N LYS D 535 -8.59 -114.95 -2.98
CA LYS D 535 -9.60 -114.81 -4.03
C LYS D 535 -9.19 -113.85 -5.17
N CYS D 536 -7.98 -113.33 -5.10
CA CYS D 536 -7.49 -112.42 -6.13
C CYS D 536 -6.08 -112.82 -6.56
N GLY D 537 -5.50 -112.03 -7.46
CA GLY D 537 -4.16 -112.32 -7.95
C GLY D 537 -3.11 -112.62 -6.90
N LYS D 538 -2.23 -113.56 -7.20
CA LYS D 538 -1.15 -113.93 -6.28
C LYS D 538 -0.10 -112.82 -6.32
N LEU D 539 0.44 -112.45 -5.16
CA LEU D 539 1.47 -111.41 -5.09
C LEU D 539 2.84 -111.95 -4.69
N ASP D 540 3.78 -111.90 -5.62
CA ASP D 540 5.15 -112.37 -5.41
C ASP D 540 5.88 -111.47 -4.43
N PRO D 541 6.49 -112.05 -3.39
CA PRO D 541 7.23 -111.27 -2.39
C PRO D 541 8.22 -110.28 -3.00
N THR D 542 8.95 -110.73 -4.04
CA THR D 542 9.93 -109.86 -4.69
C THR D 542 9.30 -108.65 -5.38
N PHE D 543 7.97 -108.60 -5.42
CA PHE D 543 7.22 -107.52 -6.06
C PHE D 543 6.70 -106.44 -5.10
N ALA D 544 6.67 -106.75 -3.81
CA ALA D 544 6.13 -105.83 -2.81
C ALA D 544 6.72 -104.42 -2.77
N SER D 545 8.05 -104.31 -2.79
CA SER D 545 8.68 -102.99 -2.74
C SER D 545 8.14 -102.03 -3.80
N ALA D 546 7.64 -102.59 -4.91
CA ALA D 546 7.10 -101.79 -6.00
C ALA D 546 5.93 -100.88 -5.60
N THR D 547 5.16 -101.29 -4.59
CA THR D 547 4.03 -100.50 -4.14
C THR D 547 4.45 -99.44 -3.14
N LEU D 548 5.67 -99.54 -2.66
CA LEU D 548 6.17 -98.61 -1.67
C LEU D 548 6.22 -97.17 -2.14
N LEU D 549 5.70 -96.28 -1.31
CA LEU D 549 5.70 -94.85 -1.60
C LEU D 549 7.09 -94.36 -1.25
N PHE D 550 7.51 -93.25 -1.84
CA PHE D 550 8.84 -92.72 -1.57
C PHE D 550 9.12 -92.45 -0.09
N GLN D 551 10.38 -92.61 0.29
CA GLN D 551 10.85 -92.40 1.65
C GLN D 551 12.37 -92.64 1.67
N LYS D 552 13.08 -92.00 2.59
CA LYS D 552 14.52 -92.21 2.67
C LYS D 552 15.04 -92.09 4.09
N ASP D 553 16.07 -92.85 4.40
CA ASP D 553 16.65 -92.82 5.74
C ASP D 553 17.16 -91.42 6.04
N PRO D 554 17.50 -91.15 7.32
CA PRO D 554 18.00 -89.81 7.64
C PRO D 554 19.38 -89.67 7.02
N PRO D 555 19.81 -88.44 6.72
CA PRO D 555 21.14 -88.26 6.13
C PRO D 555 22.24 -88.61 7.11
N ALA D 556 23.43 -88.84 6.56
CA ALA D 556 24.58 -89.17 7.37
C ALA D 556 25.75 -88.61 6.59
N ASP D 557 26.15 -87.39 6.93
CA ASP D 557 27.25 -86.72 6.24
C ASP D 557 28.43 -86.55 7.18
N VAL D 558 29.62 -86.87 6.68
CA VAL D 558 30.84 -86.74 7.47
C VAL D 558 31.95 -86.19 6.58
N GLN D 559 32.72 -85.26 7.12
CA GLN D 559 33.81 -84.65 6.38
C GLN D 559 35.10 -84.87 7.14
N LEU D 560 36.10 -85.43 6.46
CA LEU D 560 37.39 -85.69 7.07
C LEU D 560 38.51 -84.95 6.40
N PHE D 561 39.28 -84.21 7.19
CA PHE D 561 40.43 -83.47 6.69
C PHE D 561 41.54 -83.49 7.73
N GLN D 562 42.61 -82.75 7.47
CA GLN D 562 43.73 -82.74 8.38
C GLN D 562 43.83 -81.47 9.20
N GLU D 563 44.22 -81.63 10.47
CA GLU D 563 44.40 -80.49 11.36
C GLU D 563 45.78 -79.90 11.02
N VAL D 564 45.96 -78.61 11.30
CA VAL D 564 47.24 -77.97 11.01
C VAL D 564 48.27 -78.37 12.07
N PRO D 565 49.57 -78.27 11.74
CA PRO D 565 50.64 -78.64 12.68
C PRO D 565 50.32 -78.16 14.09
N LYS D 566 50.50 -79.06 15.06
CA LYS D 566 50.21 -78.75 16.47
C LYS D 566 50.73 -77.40 16.94
N GLY D 567 51.94 -77.05 16.50
CA GLY D 567 52.53 -75.79 16.91
C GLY D 567 52.34 -74.61 15.97
N GLN D 568 51.22 -74.58 15.25
CA GLN D 568 50.97 -73.47 14.34
C GLN D 568 50.29 -72.35 15.11
N SER D 569 50.62 -71.11 14.77
CA SER D 569 50.03 -69.96 15.43
C SER D 569 48.52 -69.87 15.26
N GLU D 570 47.87 -69.21 16.22
CA GLU D 570 46.42 -69.04 16.19
C GLU D 570 46.07 -68.05 15.09
N GLU D 571 47.04 -67.22 14.70
CA GLU D 571 46.81 -66.23 13.66
C GLU D 571 47.13 -66.73 12.27
N ASP D 572 47.90 -67.80 12.16
CA ASP D 572 48.21 -68.35 10.86
C ASP D 572 46.93 -69.10 10.50
N MET D 573 46.14 -68.53 9.60
CA MET D 573 44.88 -69.14 9.21
C MET D 573 44.97 -70.15 8.08
N VAL D 574 46.14 -70.25 7.46
CA VAL D 574 46.31 -71.21 6.37
C VAL D 574 46.14 -72.63 6.89
N GLY D 575 45.26 -73.39 6.26
CA GLY D 575 45.02 -74.77 6.67
C GLY D 575 43.82 -74.93 7.59
N ARG D 576 43.36 -73.82 8.17
CA ARG D 576 42.22 -73.84 9.06
C ARG D 576 40.92 -73.62 8.28
N PRO D 577 39.80 -74.20 8.75
CA PRO D 577 38.51 -74.07 8.10
C PRO D 577 37.85 -72.70 8.30
N LEU D 578 38.53 -71.63 7.89
CA LEU D 578 37.99 -70.30 8.03
C LEU D 578 36.79 -70.10 7.10
N PRO D 579 35.62 -69.75 7.67
CA PRO D 579 34.44 -69.55 6.82
C PRO D 579 34.59 -68.42 5.82
N HIS D 580 33.97 -68.59 4.66
CA HIS D 580 33.98 -67.60 3.58
C HIS D 580 33.76 -66.23 4.23
N LEU D 581 34.65 -65.29 3.95
CA LEU D 581 34.61 -63.94 4.52
C LEU D 581 33.29 -63.18 4.45
N ALA D 582 32.61 -63.25 3.30
CA ALA D 582 31.34 -62.55 3.12
C ALA D 582 30.10 -63.34 3.52
N ALA D 583 30.28 -64.58 3.98
CA ALA D 583 29.17 -65.44 4.35
C ALA D 583 28.08 -64.79 5.21
N ASP D 584 28.47 -64.01 6.22
CA ASP D 584 27.48 -63.35 7.07
C ASP D 584 26.58 -62.41 6.26
N MET D 585 27.23 -61.45 5.60
CA MET D 585 26.55 -60.46 4.79
C MET D 585 25.77 -61.09 3.64
N GLN D 586 26.15 -62.31 3.26
CA GLN D 586 25.43 -62.99 2.19
C GLN D 586 24.14 -63.56 2.75
N ALA D 587 24.20 -64.06 3.98
CA ALA D 587 23.05 -64.62 4.66
C ALA D 587 22.13 -63.51 5.17
N SER D 588 22.65 -62.29 5.27
CA SER D 588 21.82 -61.18 5.75
C SER D 588 21.30 -60.29 4.63
N GLY D 589 21.70 -60.60 3.39
CA GLY D 589 21.24 -59.80 2.26
C GLY D 589 21.94 -58.46 2.18
N GLU D 590 23.08 -58.34 2.84
CA GLU D 590 23.84 -57.10 2.83
C GLU D 590 24.90 -57.16 1.73
N ALA D 591 25.32 -58.37 1.37
CA ALA D 591 26.29 -58.53 0.30
C ALA D 591 25.66 -57.97 -0.98
N VAL D 592 26.38 -57.07 -1.64
CA VAL D 592 25.90 -56.44 -2.86
C VAL D 592 26.31 -57.11 -4.17
N TYR D 593 25.34 -57.34 -5.04
CA TYR D 593 25.61 -57.92 -6.35
C TYR D 593 25.29 -56.85 -7.39
N CYS D 594 25.87 -56.98 -8.57
CA CYS D 594 25.68 -55.99 -9.63
C CYS D 594 24.34 -55.27 -9.66
N ASP D 595 23.24 -56.00 -9.86
CA ASP D 595 21.92 -55.37 -9.92
C ASP D 595 21.52 -54.74 -8.59
N ASP D 596 22.15 -55.18 -7.49
CA ASP D 596 21.84 -54.65 -6.17
C ASP D 596 22.29 -53.19 -6.05
N ILE D 597 23.28 -52.82 -6.85
CA ILE D 597 23.81 -51.46 -6.82
C ILE D 597 22.72 -50.45 -7.13
N PRO D 598 22.53 -49.46 -6.24
CA PRO D 598 21.50 -48.43 -6.47
C PRO D 598 21.71 -47.83 -7.87
N ARG D 599 20.63 -47.49 -8.57
CA ARG D 599 20.83 -46.91 -9.87
C ARG D 599 20.72 -45.40 -9.83
N TYR D 600 21.48 -44.75 -10.70
CA TYR D 600 21.46 -43.30 -10.76
C TYR D 600 20.07 -42.82 -11.13
N GLU D 601 19.74 -41.60 -10.74
CA GLU D 601 18.42 -41.09 -11.04
C GLU D 601 18.22 -40.97 -12.56
N ASN D 602 19.32 -40.89 -13.29
CA ASN D 602 19.25 -40.80 -14.75
C ASN D 602 19.62 -42.13 -15.41
N GLU D 603 19.65 -43.20 -14.64
CA GLU D 603 20.00 -44.50 -15.20
C GLU D 603 18.87 -45.08 -16.03
N LEU D 604 19.24 -45.79 -17.09
CA LEU D 604 18.23 -46.38 -17.96
C LEU D 604 18.34 -47.89 -17.98
N SER D 605 17.33 -48.54 -18.54
CA SER D 605 17.33 -50.00 -18.63
C SER D 605 17.44 -50.42 -20.09
N LEU D 606 18.07 -51.57 -20.31
CA LEU D 606 18.27 -52.09 -21.67
C LEU D 606 17.86 -53.54 -21.73
N ARG D 607 17.34 -53.96 -22.87
CA ARG D 607 16.93 -55.33 -23.08
C ARG D 607 17.31 -55.76 -24.49
N LEU D 608 17.99 -56.91 -24.61
CA LEU D 608 18.42 -57.41 -25.90
C LEU D 608 17.29 -57.90 -26.80
N VAL D 609 17.40 -57.58 -28.08
CA VAL D 609 16.44 -58.00 -29.09
C VAL D 609 17.20 -59.07 -29.86
N THR D 610 16.71 -60.31 -29.83
CA THR D 610 17.39 -61.41 -30.50
C THR D 610 16.65 -62.08 -31.64
N SER D 611 17.41 -62.79 -32.46
CA SER D 611 16.86 -63.49 -33.62
C SER D 611 15.92 -64.63 -33.23
N THR D 612 14.89 -64.84 -34.03
CA THR D 612 13.95 -65.94 -33.80
C THR D 612 14.10 -66.96 -34.92
N ARG D 613 15.23 -66.88 -35.63
CA ARG D 613 15.51 -67.80 -36.72
C ARG D 613 16.88 -68.39 -36.52
N ALA D 614 17.05 -69.64 -36.92
CA ALA D 614 18.33 -70.32 -36.78
C ALA D 614 19.34 -69.85 -37.83
N HIS D 615 18.84 -69.35 -38.96
CA HIS D 615 19.70 -68.86 -40.03
C HIS D 615 18.85 -68.20 -41.09
N ALA D 616 19.11 -66.93 -41.33
CA ALA D 616 18.33 -66.20 -42.33
C ALA D 616 18.95 -64.85 -42.59
N LYS D 617 18.36 -64.11 -43.50
CA LYS D 617 18.87 -62.78 -43.80
C LYS D 617 17.92 -61.82 -43.11
N ILE D 618 18.43 -60.70 -42.63
CA ILE D 618 17.55 -59.74 -42.00
C ILE D 618 17.06 -58.82 -43.12
N LYS D 619 15.85 -59.05 -43.61
CA LYS D 619 15.32 -58.22 -44.66
C LYS D 619 14.91 -56.85 -44.11
N SER D 620 14.30 -56.84 -42.93
CA SER D 620 13.88 -55.59 -42.32
C SER D 620 13.68 -55.62 -40.80
N ILE D 621 13.75 -54.44 -40.21
CA ILE D 621 13.56 -54.23 -38.78
C ILE D 621 12.66 -53.02 -38.66
N ASP D 622 11.60 -53.14 -37.87
CA ASP D 622 10.69 -52.03 -37.68
C ASP D 622 10.53 -51.75 -36.19
N THR D 623 10.52 -50.49 -35.81
CA THR D 623 10.40 -50.08 -34.42
C THR D 623 9.16 -49.26 -34.12
N SER D 624 8.30 -49.13 -35.11
CA SER D 624 7.07 -48.37 -34.96
C SER D 624 6.37 -48.56 -33.62
N GLU D 625 6.23 -49.80 -33.19
CA GLU D 625 5.55 -50.08 -31.93
C GLU D 625 6.35 -49.76 -30.67
N ALA D 626 7.64 -50.11 -30.67
CA ALA D 626 8.49 -49.83 -29.53
C ALA D 626 8.38 -48.36 -29.17
N LYS D 627 8.52 -47.52 -30.19
CA LYS D 627 8.45 -46.07 -30.04
C LYS D 627 7.21 -45.61 -29.29
N LYS D 628 6.13 -46.39 -29.40
CA LYS D 628 4.86 -46.05 -28.73
C LYS D 628 4.85 -46.43 -27.26
N VAL D 629 5.87 -47.15 -26.81
CA VAL D 629 5.92 -47.56 -25.41
C VAL D 629 6.36 -46.44 -24.47
N PRO D 630 5.69 -46.29 -23.33
CA PRO D 630 6.05 -45.24 -22.36
C PRO D 630 7.47 -45.43 -21.86
N GLY D 631 8.21 -44.33 -21.72
CA GLY D 631 9.57 -44.41 -21.24
C GLY D 631 10.58 -44.90 -22.25
N PHE D 632 10.14 -45.14 -23.48
CA PHE D 632 11.04 -45.61 -24.52
C PHE D 632 12.08 -44.55 -24.88
N VAL D 633 13.35 -44.94 -24.86
CA VAL D 633 14.46 -44.04 -25.19
C VAL D 633 14.92 -44.27 -26.63
N CYS D 634 15.35 -45.49 -26.93
CA CYS D 634 15.83 -45.78 -28.28
C CYS D 634 16.09 -47.24 -28.53
N PHE D 635 16.51 -47.53 -29.75
CA PHE D 635 16.84 -48.88 -30.18
C PHE D 635 18.23 -48.77 -30.80
N ILE D 636 19.17 -49.60 -30.36
CA ILE D 636 20.49 -49.53 -30.96
C ILE D 636 20.74 -50.82 -31.71
N SER D 637 21.40 -50.68 -32.86
CA SER D 637 21.73 -51.82 -33.69
C SER D 637 23.17 -51.69 -34.11
N ALA D 638 23.60 -52.55 -35.04
CA ALA D 638 24.98 -52.52 -35.50
C ALA D 638 25.33 -51.16 -36.10
N ASP D 639 24.35 -50.47 -36.67
CA ASP D 639 24.61 -49.17 -37.28
C ASP D 639 25.06 -48.10 -36.29
N ASP D 640 25.06 -48.43 -35.01
CA ASP D 640 25.43 -47.47 -34.00
C ASP D 640 26.81 -47.69 -33.39
N VAL D 641 27.39 -48.86 -33.56
CA VAL D 641 28.71 -49.10 -32.99
C VAL D 641 29.70 -48.14 -33.65
N PRO D 642 30.35 -47.29 -32.83
CA PRO D 642 31.32 -46.30 -33.31
C PRO D 642 32.69 -46.89 -33.68
N GLY D 643 33.11 -47.93 -32.96
CA GLY D 643 34.39 -48.55 -33.24
C GLY D 643 34.20 -49.74 -34.16
N SER D 644 34.48 -50.94 -33.63
CA SER D 644 34.35 -52.17 -34.40
C SER D 644 33.10 -52.97 -34.04
N ASN D 645 32.48 -53.61 -35.02
CA ASN D 645 31.30 -54.42 -34.73
C ASN D 645 31.66 -55.90 -34.74
N ILE D 646 32.93 -56.20 -34.90
CA ILE D 646 33.33 -57.59 -34.90
C ILE D 646 34.10 -57.80 -33.59
N THR D 647 33.68 -58.81 -32.84
CA THR D 647 34.25 -59.12 -31.55
C THR D 647 34.44 -60.63 -31.45
N GLY D 648 34.44 -61.13 -30.22
CA GLY D 648 34.60 -62.56 -29.98
C GLY D 648 36.05 -62.90 -29.68
N ILE D 649 36.27 -64.09 -29.13
CA ILE D 649 37.62 -64.54 -28.80
C ILE D 649 38.39 -64.82 -30.08
N CYS D 650 37.66 -65.23 -31.11
CA CYS D 650 38.26 -65.53 -32.40
C CYS D 650 37.88 -64.51 -33.45
N ASN D 651 37.44 -63.32 -33.03
CA ASN D 651 37.02 -62.28 -33.96
C ASN D 651 36.07 -62.94 -34.94
N ASP D 652 35.31 -63.87 -34.36
CA ASP D 652 34.33 -64.72 -35.00
C ASP D 652 32.92 -64.12 -35.08
N GLU D 653 32.57 -63.27 -34.10
CA GLU D 653 31.20 -62.75 -34.05
C GLU D 653 30.96 -61.25 -34.08
N THR D 654 29.68 -60.92 -34.29
CA THR D 654 29.23 -59.53 -34.34
C THR D 654 28.76 -59.09 -32.96
N VAL D 655 28.87 -57.80 -32.68
CA VAL D 655 28.39 -57.26 -31.42
C VAL D 655 26.88 -57.24 -31.65
N PHE D 656 26.49 -56.66 -32.78
CA PHE D 656 25.09 -56.59 -33.18
C PHE D 656 25.03 -57.18 -34.59
N ALA D 657 24.11 -58.11 -34.80
CA ALA D 657 23.98 -58.75 -36.10
C ALA D 657 23.84 -57.76 -37.23
N LYS D 658 24.32 -58.15 -38.41
CA LYS D 658 24.24 -57.30 -39.58
C LYS D 658 23.89 -58.11 -40.83
N ASP D 659 22.72 -57.85 -41.38
CA ASP D 659 22.22 -58.53 -42.58
C ASP D 659 21.94 -60.02 -42.42
N LYS D 660 22.59 -60.64 -41.45
CA LYS D 660 22.43 -62.08 -41.22
C LYS D 660 22.37 -62.45 -39.76
N VAL D 661 21.53 -63.44 -39.44
CA VAL D 661 21.40 -63.97 -38.09
C VAL D 661 21.81 -65.44 -38.28
N THR D 662 22.59 -65.97 -37.35
CA THR D 662 23.06 -67.35 -37.48
C THR D 662 22.64 -68.34 -36.39
N CYS D 663 21.61 -67.99 -35.62
CA CYS D 663 21.07 -68.86 -34.57
C CYS D 663 19.91 -68.17 -33.88
N VAL D 664 19.03 -68.96 -33.30
CA VAL D 664 17.90 -68.44 -32.55
C VAL D 664 18.52 -67.88 -31.27
N GLY D 665 18.50 -66.56 -31.13
CA GLY D 665 19.06 -65.92 -29.95
C GLY D 665 20.15 -64.94 -30.33
N HIS D 666 20.52 -64.94 -31.61
CA HIS D 666 21.54 -64.05 -32.14
C HIS D 666 21.12 -62.62 -31.86
N ILE D 667 21.93 -61.89 -31.10
CA ILE D 667 21.63 -60.50 -30.74
C ILE D 667 21.59 -59.58 -31.97
N ILE D 668 20.43 -58.98 -32.20
CA ILE D 668 20.24 -58.10 -33.35
C ILE D 668 20.34 -56.63 -32.95
N GLY D 669 19.84 -56.32 -31.76
CA GLY D 669 19.88 -54.95 -31.29
C GLY D 669 19.48 -54.93 -29.84
N ALA D 670 19.17 -53.73 -29.35
CA ALA D 670 18.75 -53.59 -27.98
C ALA D 670 17.80 -52.42 -27.82
N VAL D 671 16.92 -52.52 -26.84
CA VAL D 671 15.97 -51.45 -26.56
C VAL D 671 16.42 -50.78 -25.26
N VAL D 672 16.24 -49.48 -25.18
CA VAL D 672 16.63 -48.73 -24.00
C VAL D 672 15.44 -47.93 -23.48
N ALA D 673 14.99 -48.25 -22.27
CA ALA D 673 13.86 -47.54 -21.69
C ALA D 673 14.11 -47.20 -20.23
N ASP D 674 13.08 -46.70 -19.56
CA ASP D 674 13.21 -46.32 -18.16
C ASP D 674 13.09 -47.48 -17.20
N THR D 675 12.44 -48.56 -17.62
CA THR D 675 12.27 -49.71 -16.72
C THR D 675 12.31 -51.05 -17.43
N PRO D 676 12.52 -52.14 -16.68
CA PRO D 676 12.58 -53.49 -17.25
C PRO D 676 11.24 -53.83 -17.89
N GLU D 677 10.16 -53.43 -17.20
CA GLU D 677 8.81 -53.68 -17.67
C GLU D 677 8.60 -53.03 -19.03
N HIS D 678 9.14 -51.83 -19.18
CA HIS D 678 9.00 -51.08 -20.43
C HIS D 678 9.93 -51.56 -21.53
N THR D 679 11.14 -51.98 -21.19
CA THR D 679 12.05 -52.47 -22.22
C THR D 679 11.44 -53.77 -22.71
N GLN D 680 10.76 -54.48 -21.82
CA GLN D 680 10.09 -55.73 -22.15
C GLN D 680 9.04 -55.47 -23.23
N ARG D 681 8.24 -54.42 -23.03
CA ARG D 681 7.20 -54.06 -23.99
C ARG D 681 7.81 -53.53 -25.30
N ALA D 682 8.83 -52.69 -25.17
CA ALA D 682 9.49 -52.13 -26.35
C ALA D 682 10.17 -53.20 -27.19
N ALA D 683 10.85 -54.15 -26.55
CA ALA D 683 11.53 -55.19 -27.31
C ALA D 683 10.52 -56.01 -28.08
N GLN D 684 9.34 -56.17 -27.50
CA GLN D 684 8.28 -56.94 -28.15
C GLN D 684 7.71 -56.11 -29.29
N GLY D 685 8.05 -54.82 -29.30
CA GLY D 685 7.56 -53.91 -30.32
C GLY D 685 8.47 -53.72 -31.52
N VAL D 686 9.56 -54.48 -31.56
CA VAL D 686 10.50 -54.39 -32.68
C VAL D 686 10.22 -55.54 -33.63
N LYS D 687 9.55 -55.26 -34.74
CA LYS D 687 9.25 -56.33 -35.70
C LYS D 687 10.39 -56.57 -36.68
N ILE D 688 10.72 -57.85 -36.89
CA ILE D 688 11.81 -58.24 -37.78
C ILE D 688 11.34 -59.21 -38.86
N THR D 689 11.76 -58.96 -40.09
CA THR D 689 11.37 -59.85 -41.18
C THR D 689 12.60 -60.61 -41.65
N TYR D 690 12.45 -61.90 -41.86
CA TYR D 690 13.57 -62.73 -42.29
C TYR D 690 13.35 -63.40 -43.65
N GLU D 691 14.41 -64.07 -44.10
CA GLU D 691 14.44 -64.80 -45.37
C GLU D 691 15.35 -65.99 -45.06
N GLU D 692 14.73 -67.07 -44.58
CA GLU D 692 15.46 -68.26 -44.19
C GLU D 692 16.48 -68.84 -45.16
N LEU D 693 17.55 -69.39 -44.59
CA LEU D 693 18.64 -70.00 -45.32
C LEU D 693 18.79 -71.40 -44.74
N PRO D 694 19.38 -72.33 -45.51
CA PRO D 694 19.55 -73.68 -44.96
C PRO D 694 20.34 -73.57 -43.67
N ALA D 695 19.92 -74.31 -42.65
CA ALA D 695 20.61 -74.28 -41.37
C ALA D 695 21.26 -75.60 -41.01
N ILE D 696 22.40 -75.53 -40.32
CA ILE D 696 23.10 -76.72 -39.86
C ILE D 696 22.90 -76.70 -38.35
N ILE D 697 22.10 -77.65 -37.86
CA ILE D 697 21.76 -77.72 -36.44
C ILE D 697 22.44 -78.79 -35.59
N THR D 698 22.44 -80.03 -36.06
CA THR D 698 23.04 -81.12 -35.29
C THR D 698 24.47 -81.44 -35.66
N ILE D 699 25.11 -82.24 -34.81
CA ILE D 699 26.48 -82.65 -35.04
C ILE D 699 26.47 -83.44 -36.35
N GLU D 700 25.44 -84.26 -36.51
CA GLU D 700 25.29 -85.09 -37.71
C GLU D 700 25.11 -84.22 -38.97
N ASP D 701 24.55 -83.03 -38.80
CA ASP D 701 24.37 -82.10 -39.91
C ASP D 701 25.73 -81.49 -40.24
N ALA D 702 26.47 -81.20 -39.18
CA ALA D 702 27.81 -80.63 -39.31
C ALA D 702 28.68 -81.58 -40.12
N ILE D 703 28.73 -82.82 -39.65
CA ILE D 703 29.53 -83.85 -40.30
C ILE D 703 29.06 -84.09 -41.73
N LYS D 704 27.77 -83.98 -41.99
CA LYS D 704 27.25 -84.21 -43.32
C LYS D 704 27.67 -83.09 -44.29
N ASN D 705 27.80 -81.88 -43.76
CA ASN D 705 28.16 -80.74 -44.59
C ASN D 705 29.59 -80.24 -44.40
N ASN D 706 30.41 -81.01 -43.71
CA ASN D 706 31.80 -80.62 -43.48
C ASN D 706 31.85 -79.21 -42.87
N SER D 707 30.93 -78.97 -41.94
CA SER D 707 30.84 -77.69 -41.25
C SER D 707 31.66 -77.78 -39.98
N PHE D 708 32.90 -77.31 -40.05
CA PHE D 708 33.80 -77.38 -38.89
C PHE D 708 34.54 -76.10 -38.62
N TYR D 709 35.09 -76.00 -37.42
CA TYR D 709 35.90 -74.86 -37.04
C TYR D 709 37.34 -75.36 -37.08
N GLY D 710 38.10 -74.88 -38.05
CA GLY D 710 39.48 -75.31 -38.14
C GLY D 710 39.61 -76.77 -38.52
N PRO D 711 40.83 -77.32 -38.45
CA PRO D 711 41.11 -78.72 -38.79
C PRO D 711 40.85 -79.66 -37.63
N GLU D 712 41.14 -80.94 -37.87
CA GLU D 712 40.96 -81.97 -36.87
C GLU D 712 42.10 -81.94 -35.85
N LEU D 713 41.74 -82.04 -34.57
CA LEU D 713 42.74 -82.04 -33.51
C LEU D 713 43.06 -83.51 -33.22
N LYS D 714 44.33 -83.83 -33.00
CA LYS D 714 44.69 -85.21 -32.76
C LYS D 714 45.88 -85.42 -31.84
N ILE D 715 45.86 -86.55 -31.15
CA ILE D 715 46.92 -86.96 -30.25
C ILE D 715 46.99 -88.46 -30.51
N GLU D 716 48.17 -88.93 -30.90
CA GLU D 716 48.35 -90.34 -31.21
C GLU D 716 49.70 -90.81 -30.71
N LYS D 717 49.69 -91.90 -29.96
CA LYS D 717 50.92 -92.49 -29.42
C LYS D 717 50.87 -93.99 -29.63
N GLY D 718 52.03 -94.58 -29.87
CA GLY D 718 52.10 -96.02 -30.09
C GLY D 718 51.73 -96.45 -31.50
N ASP D 719 51.35 -97.72 -31.64
CA ASP D 719 50.97 -98.28 -32.93
C ASP D 719 49.59 -98.94 -32.82
N LEU D 720 48.57 -98.30 -33.36
CA LEU D 720 47.23 -98.86 -33.28
C LEU D 720 47.08 -100.18 -34.04
N LYS D 721 47.48 -100.19 -35.31
CA LYS D 721 47.38 -101.37 -36.14
C LYS D 721 47.88 -102.60 -35.37
N LYS D 722 49.12 -102.53 -34.90
CA LYS D 722 49.73 -103.62 -34.15
C LYS D 722 49.00 -103.84 -32.82
N GLY D 723 48.54 -102.77 -32.21
CA GLY D 723 47.82 -102.87 -30.95
C GLY D 723 46.53 -103.68 -31.01
N PHE D 724 45.75 -103.47 -32.07
CA PHE D 724 44.49 -104.19 -32.23
C PHE D 724 44.68 -105.65 -32.67
N SER D 725 45.68 -105.89 -33.53
CA SER D 725 45.94 -107.24 -34.00
C SER D 725 46.41 -108.15 -32.86
N GLU D 726 46.97 -107.55 -31.81
CA GLU D 726 47.45 -108.31 -30.65
C GLU D 726 46.36 -108.47 -29.59
N ALA D 727 45.33 -107.65 -29.69
CA ALA D 727 44.22 -107.70 -28.74
C ALA D 727 43.42 -108.98 -28.87
N ASP D 728 42.97 -109.52 -27.74
CA ASP D 728 42.14 -110.73 -27.76
C ASP D 728 40.76 -110.29 -28.20
N ASN D 729 40.20 -109.33 -27.48
CA ASN D 729 38.87 -108.81 -27.78
C ASN D 729 38.94 -107.38 -28.33
N VAL D 730 37.88 -106.99 -29.03
CA VAL D 730 37.78 -105.65 -29.58
C VAL D 730 36.32 -105.22 -29.54
N VAL D 731 36.07 -104.03 -29.00
CA VAL D 731 34.70 -103.53 -28.92
C VAL D 731 34.55 -102.13 -29.52
N SER D 732 33.50 -101.96 -30.32
CA SER D 732 33.23 -100.66 -30.90
C SER D 732 32.00 -100.15 -30.17
N GLY D 733 31.89 -98.83 -30.07
CA GLY D 733 30.75 -98.26 -29.38
C GLY D 733 30.60 -96.82 -29.75
N GLU D 734 29.49 -96.22 -29.33
CA GLU D 734 29.23 -94.83 -29.61
C GLU D 734 28.42 -94.26 -28.45
N ILE D 735 28.81 -93.08 -27.98
CA ILE D 735 28.09 -92.46 -26.88
C ILE D 735 27.89 -90.96 -27.13
N TYR D 736 26.81 -90.45 -26.55
CA TYR D 736 26.46 -89.03 -26.68
C TYR D 736 26.34 -88.43 -25.29
N ILE D 737 26.81 -87.21 -25.14
CA ILE D 737 26.75 -86.54 -23.86
C ILE D 737 26.12 -85.18 -24.02
N GLY D 738 24.89 -85.04 -23.53
CA GLY D 738 24.18 -83.78 -23.65
C GLY D 738 24.90 -82.62 -22.99
N GLY D 739 24.69 -81.41 -23.49
CA GLY D 739 25.34 -80.24 -22.93
C GLY D 739 24.88 -79.93 -21.52
N GLN D 740 24.96 -78.66 -21.12
CA GLN D 740 24.55 -78.26 -19.79
C GLN D 740 24.51 -76.74 -19.63
N GLU D 741 23.51 -76.26 -18.88
CA GLU D 741 23.36 -74.83 -18.60
C GLU D 741 23.97 -74.57 -17.23
N HIS D 742 24.84 -73.56 -17.14
CA HIS D 742 25.51 -73.21 -15.90
C HIS D 742 24.54 -73.00 -14.75
N PHE D 743 23.54 -72.19 -15.01
CA PHE D 743 22.52 -71.84 -14.05
C PHE D 743 23.09 -71.25 -12.76
N TYR D 744 23.94 -70.24 -12.91
CA TYR D 744 24.50 -69.50 -11.79
C TYR D 744 23.25 -68.74 -11.31
N LEU D 745 22.91 -68.79 -10.03
CA LEU D 745 21.71 -68.09 -9.60
C LEU D 745 21.58 -66.65 -10.07
N GLU D 746 22.70 -65.93 -10.13
CA GLU D 746 22.67 -64.56 -10.63
C GLU D 746 22.96 -64.66 -12.14
N THR D 747 22.01 -64.25 -12.96
CA THR D 747 22.20 -64.28 -14.41
C THR D 747 23.21 -63.22 -14.79
N HIS D 748 23.50 -63.14 -16.09
CA HIS D 748 24.45 -62.15 -16.60
C HIS D 748 23.92 -60.74 -16.33
N CYS D 749 24.83 -59.81 -16.06
CA CYS D 749 24.40 -58.45 -15.75
C CYS D 749 25.54 -57.45 -15.82
N THR D 750 25.27 -56.32 -16.46
CA THR D 750 26.27 -55.29 -16.59
C THR D 750 25.69 -53.90 -16.41
N ILE D 751 26.38 -53.08 -15.63
CA ILE D 751 25.99 -51.69 -15.42
C ILE D 751 27.12 -50.89 -16.06
N ALA D 752 26.78 -50.03 -17.00
CA ALA D 752 27.81 -49.21 -17.65
C ALA D 752 27.49 -47.75 -17.39
N VAL D 753 28.48 -47.01 -16.90
CA VAL D 753 28.27 -45.61 -16.62
C VAL D 753 29.30 -44.76 -17.35
N PRO D 754 28.83 -43.91 -18.28
CA PRO D 754 29.68 -43.02 -19.07
C PRO D 754 30.08 -41.85 -18.18
N LYS D 755 31.32 -41.40 -18.34
CA LYS D 755 31.82 -40.31 -17.54
C LYS D 755 31.73 -38.96 -18.26
N GLY D 756 31.61 -39.00 -19.59
CA GLY D 756 31.49 -37.78 -20.35
C GLY D 756 32.80 -37.12 -20.74
N GLU D 757 33.92 -37.69 -20.29
CA GLU D 757 35.25 -37.17 -20.60
C GLU D 757 36.08 -38.22 -21.30
N ALA D 758 36.83 -37.79 -22.32
CA ALA D 758 37.72 -38.66 -23.07
C ALA D 758 37.19 -40.05 -23.39
N GLY D 759 35.87 -40.22 -23.41
CA GLY D 759 35.29 -41.51 -23.70
C GLY D 759 35.32 -42.43 -22.50
N GLU D 760 35.80 -41.93 -21.36
CA GLU D 760 35.86 -42.72 -20.14
C GLU D 760 34.54 -43.39 -19.78
N MET D 761 34.65 -44.64 -19.36
CA MET D 761 33.48 -45.40 -18.98
C MET D 761 33.89 -46.41 -17.91
N GLU D 762 33.02 -46.59 -16.93
CA GLU D 762 33.27 -47.51 -15.83
C GLU D 762 32.18 -48.57 -15.93
N LEU D 763 32.56 -49.85 -15.87
CA LEU D 763 31.56 -50.92 -15.96
C LEU D 763 31.58 -51.89 -14.79
N PHE D 764 30.40 -52.08 -14.18
CA PHE D 764 30.24 -53.01 -13.09
C PHE D 764 29.70 -54.24 -13.78
N VAL D 765 30.46 -55.33 -13.74
CA VAL D 765 30.06 -56.53 -14.44
C VAL D 765 30.12 -57.81 -13.63
N SER D 766 29.25 -58.75 -13.94
CA SER D 766 29.28 -60.03 -13.28
C SER D 766 30.08 -60.87 -14.26
N THR D 767 31.41 -60.80 -14.15
CA THR D 767 32.25 -61.54 -15.08
C THR D 767 33.52 -62.13 -14.45
N GLN D 768 34.01 -63.22 -15.04
CA GLN D 768 35.22 -63.86 -14.55
C GLN D 768 36.38 -63.36 -15.39
N ASN D 769 36.10 -62.49 -16.35
CA ASN D 769 37.13 -61.97 -17.22
C ASN D 769 37.11 -60.44 -17.35
N THR D 770 37.68 -59.75 -16.38
CA THR D 770 37.71 -58.30 -16.43
C THR D 770 38.48 -57.78 -17.65
N MET D 771 39.59 -58.44 -17.98
CA MET D 771 40.43 -58.03 -19.11
C MET D 771 39.75 -58.07 -20.47
N LYS D 772 39.03 -59.15 -20.77
CA LYS D 772 38.35 -59.24 -22.06
C LYS D 772 37.14 -58.33 -22.11
N THR D 773 36.54 -58.06 -20.95
CA THR D 773 35.39 -57.17 -20.90
C THR D 773 35.92 -55.81 -21.34
N GLN D 774 37.00 -55.40 -20.69
CA GLN D 774 37.63 -54.13 -21.00
C GLN D 774 37.97 -53.99 -22.49
N SER D 775 38.75 -54.94 -23.01
CA SER D 775 39.17 -54.93 -24.41
C SER D 775 38.03 -54.89 -25.40
N PHE D 776 37.06 -55.77 -25.20
CA PHE D 776 35.91 -55.84 -26.08
C PHE D 776 35.08 -54.57 -26.08
N VAL D 777 34.87 -53.99 -24.91
CA VAL D 777 34.08 -52.79 -24.81
C VAL D 777 34.84 -51.66 -25.50
N ALA D 778 36.16 -51.62 -25.29
CA ALA D 778 36.98 -50.59 -25.91
C ALA D 778 37.00 -50.74 -27.43
N LYS D 779 37.19 -51.97 -27.89
CA LYS D 779 37.23 -52.25 -29.32
C LYS D 779 35.91 -51.81 -29.97
N MET D 780 34.80 -52.13 -29.30
CA MET D 780 33.48 -51.78 -29.79
C MET D 780 33.26 -50.27 -29.84
N LEU D 781 33.81 -49.55 -28.85
CA LEU D 781 33.67 -48.09 -28.79
C LEU D 781 34.79 -47.41 -29.58
N GLY D 782 35.82 -48.18 -29.92
CA GLY D 782 36.94 -47.60 -30.65
C GLY D 782 37.75 -46.64 -29.79
N VAL D 783 38.01 -47.05 -28.55
CA VAL D 783 38.79 -46.22 -27.64
C VAL D 783 39.90 -47.06 -27.00
N PRO D 784 40.93 -46.40 -26.44
CA PRO D 784 42.04 -47.11 -25.80
C PRO D 784 41.56 -47.74 -24.50
N ALA D 785 42.14 -48.89 -24.17
CA ALA D 785 41.76 -49.60 -22.96
C ALA D 785 41.90 -48.77 -21.68
N ASN D 786 42.78 -47.77 -21.67
CA ASN D 786 42.99 -46.95 -20.47
C ASN D 786 41.85 -45.99 -20.17
N ARG D 787 40.80 -46.04 -20.97
CA ARG D 787 39.63 -45.19 -20.78
C ARG D 787 38.51 -46.02 -20.15
N ILE D 788 38.66 -47.34 -20.23
CA ILE D 788 37.67 -48.28 -19.74
C ILE D 788 38.12 -49.10 -18.53
N VAL D 789 37.40 -48.96 -17.42
CA VAL D 789 37.72 -49.73 -16.23
C VAL D 789 36.55 -50.63 -15.87
N VAL D 790 36.86 -51.89 -15.60
CA VAL D 790 35.84 -52.88 -15.25
C VAL D 790 35.97 -53.26 -13.76
N ARG D 791 34.86 -53.20 -13.02
CA ARG D 791 34.88 -53.53 -11.60
C ARG D 791 34.01 -54.74 -11.26
N VAL D 792 34.59 -55.70 -10.56
CA VAL D 792 33.86 -56.90 -10.15
C VAL D 792 34.00 -57.14 -8.65
N LYS D 793 32.93 -56.92 -7.89
CA LYS D 793 33.01 -57.16 -6.47
C LYS D 793 32.78 -58.65 -6.22
N ARG D 794 31.79 -59.21 -6.91
CA ARG D 794 31.49 -60.63 -6.78
C ARG D 794 30.44 -61.06 -7.81
N MET D 795 30.33 -62.37 -8.01
CA MET D 795 29.35 -62.92 -8.93
C MET D 795 28.54 -63.95 -8.14
N GLY D 796 27.24 -63.99 -8.39
CA GLY D 796 26.42 -64.99 -7.75
C GLY D 796 26.55 -66.18 -8.69
N GLY D 797 27.74 -66.78 -8.70
CA GLY D 797 27.99 -67.92 -9.58
C GLY D 797 28.55 -67.50 -10.93
N GLY D 798 29.26 -68.43 -11.57
CA GLY D 798 29.86 -68.19 -12.88
C GLY D 798 30.12 -69.51 -13.60
N PHE D 799 30.86 -70.41 -12.94
CA PHE D 799 31.16 -71.74 -13.47
C PHE D 799 31.74 -71.82 -14.88
N GLY D 800 32.37 -70.75 -15.35
CA GLY D 800 32.94 -70.77 -16.68
C GLY D 800 32.02 -70.07 -17.68
N GLY D 801 30.75 -69.91 -17.27
CA GLY D 801 29.78 -69.26 -18.13
C GLY D 801 29.98 -67.75 -18.21
N LYS D 802 30.95 -67.22 -17.47
CA LYS D 802 31.19 -65.78 -17.51
C LYS D 802 32.64 -65.46 -17.86
N VAL D 803 33.34 -66.44 -18.42
CA VAL D 803 34.72 -66.26 -18.85
C VAL D 803 34.73 -65.44 -20.13
N THR D 804 33.84 -65.75 -21.06
CA THR D 804 33.77 -65.00 -22.31
C THR D 804 32.41 -64.45 -22.68
N ARG D 805 31.36 -65.25 -22.54
CA ARG D 805 30.04 -64.81 -22.96
C ARG D 805 29.47 -63.56 -22.30
N SER D 806 29.87 -63.27 -21.07
CA SER D 806 29.35 -62.09 -20.39
C SER D 806 29.58 -60.83 -21.22
N THR D 807 30.65 -60.81 -22.01
CA THR D 807 30.96 -59.64 -22.83
C THR D 807 29.87 -59.31 -23.83
N VAL D 808 29.00 -60.26 -24.10
CA VAL D 808 27.92 -60.06 -25.07
C VAL D 808 26.85 -59.12 -24.49
N VAL D 809 26.76 -59.07 -23.17
CA VAL D 809 25.80 -58.17 -22.52
C VAL D 809 26.52 -56.85 -22.23
N SER D 810 27.79 -56.94 -21.87
CA SER D 810 28.58 -55.76 -21.56
C SER D 810 28.70 -54.76 -22.73
N THR D 811 29.03 -55.27 -23.91
CA THR D 811 29.18 -54.40 -25.07
C THR D 811 27.87 -53.68 -25.39
N ALA D 812 26.75 -54.39 -25.27
CA ALA D 812 25.46 -53.81 -25.56
C ALA D 812 25.16 -52.67 -24.59
N VAL D 813 25.27 -52.94 -23.30
CA VAL D 813 25.01 -51.93 -22.27
C VAL D 813 25.96 -50.76 -22.48
N ALA D 814 27.20 -51.10 -22.81
CA ALA D 814 28.25 -50.11 -23.05
C ALA D 814 27.86 -49.14 -24.17
N LEU D 815 27.37 -49.70 -25.28
CA LEU D 815 26.99 -48.88 -26.41
C LEU D 815 25.80 -47.97 -26.10
N ALA D 816 24.86 -48.46 -25.31
CA ALA D 816 23.69 -47.66 -24.94
C ALA D 816 24.14 -46.46 -24.11
N ALA D 817 25.03 -46.72 -23.15
CA ALA D 817 25.55 -45.67 -22.29
C ALA D 817 26.27 -44.62 -23.12
N TYR D 818 26.95 -45.09 -24.16
CA TYR D 818 27.68 -44.21 -25.06
C TYR D 818 26.70 -43.37 -25.88
N LYS D 819 25.62 -44.00 -26.36
CA LYS D 819 24.63 -43.33 -27.19
C LYS D 819 23.79 -42.32 -26.44
N THR D 820 23.45 -42.66 -25.20
CA THR D 820 22.61 -41.81 -24.38
C THR D 820 23.40 -40.89 -23.45
N GLY D 821 24.67 -41.21 -23.22
CA GLY D 821 25.48 -40.39 -22.34
C GLY D 821 24.98 -40.56 -20.92
N ARG D 822 24.11 -41.55 -20.73
CA ARG D 822 23.55 -41.81 -19.40
C ARG D 822 23.92 -43.21 -18.97
N PRO D 823 24.01 -43.44 -17.66
CA PRO D 823 24.35 -44.80 -17.24
C PRO D 823 23.22 -45.74 -17.62
N VAL D 824 23.58 -46.97 -17.98
CA VAL D 824 22.58 -47.96 -18.38
C VAL D 824 22.97 -49.31 -17.81
N ARG D 825 21.96 -50.12 -17.50
CA ARG D 825 22.21 -51.45 -16.95
C ARG D 825 21.26 -52.44 -17.57
N CYS D 826 21.62 -53.72 -17.48
CA CYS D 826 20.81 -54.80 -18.00
C CYS D 826 21.19 -56.09 -17.31
N MET D 827 20.21 -56.75 -16.72
CA MET D 827 20.42 -58.04 -16.08
C MET D 827 19.48 -58.96 -16.85
N LEU D 828 20.04 -60.00 -17.46
CA LEU D 828 19.25 -60.93 -18.25
C LEU D 828 18.22 -61.71 -17.44
N ASP D 829 17.03 -61.90 -18.01
CA ASP D 829 16.00 -62.70 -17.36
C ASP D 829 16.50 -64.12 -17.61
N ARG D 830 16.07 -65.07 -16.77
CA ARG D 830 16.53 -66.45 -16.91
C ARG D 830 16.39 -67.04 -18.30
N ASP D 831 15.21 -66.86 -18.88
CA ASP D 831 14.92 -67.39 -20.19
C ASP D 831 15.82 -66.74 -21.23
N GLU D 832 16.19 -65.47 -21.02
CA GLU D 832 17.07 -64.76 -21.95
C GLU D 832 18.50 -65.30 -21.82
N ASP D 833 18.92 -65.44 -20.58
CA ASP D 833 20.24 -65.92 -20.24
C ASP D 833 20.52 -67.31 -20.80
N MET D 834 19.57 -68.24 -20.66
CA MET D 834 19.75 -69.60 -21.16
C MET D 834 19.74 -69.72 -22.68
N LEU D 835 19.08 -68.78 -23.35
CA LEU D 835 18.99 -68.79 -24.81
C LEU D 835 20.19 -68.18 -25.50
N ILE D 836 20.73 -67.11 -24.91
CA ILE D 836 21.84 -66.38 -25.50
C ILE D 836 23.27 -66.82 -25.14
N THR D 837 23.51 -67.03 -23.86
CA THR D 837 24.85 -67.36 -23.37
C THR D 837 25.42 -68.76 -23.52
N GLY D 838 24.69 -69.67 -24.16
CA GLY D 838 25.19 -71.03 -24.35
C GLY D 838 25.62 -71.81 -23.10
N GLY D 839 26.11 -73.04 -23.30
CA GLY D 839 26.52 -73.83 -22.15
C GLY D 839 27.66 -74.80 -22.43
N ARG D 840 27.65 -75.94 -21.74
CA ARG D 840 28.68 -76.97 -21.93
C ARG D 840 28.55 -77.57 -23.33
N HIS D 841 29.66 -77.98 -23.92
CA HIS D 841 29.63 -78.54 -25.27
C HIS D 841 29.15 -79.98 -25.32
N PRO D 842 28.13 -80.23 -26.14
CA PRO D 842 27.59 -81.59 -26.28
C PRO D 842 28.64 -82.37 -27.08
N PHE D 843 28.95 -83.58 -26.63
CA PHE D 843 29.95 -84.41 -27.31
C PHE D 843 29.34 -85.68 -27.90
N LEU D 844 29.84 -86.06 -29.07
CA LEU D 844 29.45 -87.29 -29.73
C LEU D 844 30.77 -88.04 -29.89
N ALA D 845 30.84 -89.27 -29.37
CA ALA D 845 32.07 -90.04 -29.47
C ALA D 845 31.90 -91.47 -29.96
N ARG D 846 32.81 -91.87 -30.84
CA ARG D 846 32.82 -93.21 -31.38
C ARG D 846 34.16 -93.82 -30.94
N TYR D 847 34.10 -94.95 -30.25
CA TYR D 847 35.32 -95.59 -29.77
C TYR D 847 35.49 -97.04 -30.23
N LYS D 848 36.72 -97.52 -30.14
CA LYS D 848 37.10 -98.87 -30.52
C LYS D 848 38.22 -99.24 -29.57
N VAL D 849 37.95 -100.19 -28.68
CA VAL D 849 38.97 -100.58 -27.71
C VAL D 849 39.33 -102.06 -27.78
N GLY D 850 40.64 -102.32 -27.79
CA GLY D 850 41.12 -103.68 -27.83
C GLY D 850 41.67 -104.02 -26.46
N PHE D 851 41.54 -105.28 -26.05
CA PHE D 851 42.04 -105.70 -24.75
C PHE D 851 42.28 -107.20 -24.71
N MET D 852 42.87 -107.67 -23.61
CA MET D 852 43.15 -109.08 -23.44
C MET D 852 42.09 -109.66 -22.49
N LYS D 853 41.93 -110.98 -22.48
CA LYS D 853 40.95 -111.64 -21.62
C LYS D 853 41.17 -111.28 -20.15
N THR D 854 42.34 -110.72 -19.85
CA THR D 854 42.68 -110.33 -18.49
C THR D 854 42.14 -108.95 -18.11
N GLY D 855 41.58 -108.23 -19.07
CA GLY D 855 41.03 -106.92 -18.79
C GLY D 855 42.00 -105.80 -19.13
N THR D 856 43.21 -106.17 -19.51
CA THR D 856 44.25 -105.21 -19.88
C THR D 856 43.97 -104.63 -21.26
N VAL D 857 43.84 -103.31 -21.36
CA VAL D 857 43.58 -102.69 -22.64
C VAL D 857 44.88 -102.38 -23.35
N VAL D 858 44.96 -102.76 -24.61
CA VAL D 858 46.16 -102.60 -25.42
C VAL D 858 46.02 -101.55 -26.52
N ALA D 859 44.81 -101.37 -27.02
CA ALA D 859 44.55 -100.40 -28.08
C ALA D 859 43.26 -99.62 -27.87
N LEU D 860 43.33 -98.33 -28.16
CA LEU D 860 42.18 -97.45 -28.02
C LEU D 860 42.16 -96.47 -29.16
N GLU D 861 40.95 -96.12 -29.60
CA GLU D 861 40.78 -95.17 -30.69
C GLU D 861 39.44 -94.49 -30.44
N VAL D 862 39.46 -93.18 -30.22
CA VAL D 862 38.24 -92.44 -29.97
C VAL D 862 38.14 -91.19 -30.84
N ASP D 863 37.01 -91.03 -31.52
CA ASP D 863 36.78 -89.85 -32.35
C ASP D 863 35.75 -89.01 -31.61
N HIS D 864 36.14 -87.79 -31.24
CA HIS D 864 35.25 -86.90 -30.51
C HIS D 864 34.69 -85.84 -31.43
N PHE D 865 33.44 -85.47 -31.17
CA PHE D 865 32.77 -84.43 -31.93
C PHE D 865 32.03 -83.55 -30.95
N SER D 866 32.22 -82.25 -31.06
CA SER D 866 31.54 -81.33 -30.16
C SER D 866 30.73 -80.29 -30.92
N ASN D 867 29.49 -80.10 -30.50
CA ASN D 867 28.63 -79.11 -31.14
C ASN D 867 29.05 -77.77 -30.52
N VAL D 868 29.68 -76.90 -31.30
CA VAL D 868 30.13 -75.63 -30.73
C VAL D 868 29.24 -74.39 -30.88
N GLY D 869 28.49 -74.28 -31.97
CA GLY D 869 27.64 -73.13 -32.14
C GLY D 869 28.10 -72.14 -33.20
N ASN D 870 27.42 -71.01 -33.30
CA ASN D 870 27.74 -70.02 -34.33
C ASN D 870 29.04 -69.20 -34.22
N THR D 871 29.85 -69.46 -33.20
CA THR D 871 31.15 -68.78 -33.06
C THR D 871 32.10 -69.77 -32.40
N GLN D 872 33.39 -69.68 -32.71
CA GLN D 872 34.36 -70.61 -32.14
C GLN D 872 34.59 -70.49 -30.64
N ASP D 873 34.73 -69.25 -30.14
CA ASP D 873 34.92 -69.03 -28.71
C ASP D 873 36.12 -69.81 -28.13
N LEU D 874 35.86 -70.70 -27.18
CA LEU D 874 36.93 -71.48 -26.55
C LEU D 874 36.86 -72.94 -26.91
N SER D 875 36.07 -73.25 -27.94
CA SER D 875 35.89 -74.62 -28.42
C SER D 875 37.18 -75.41 -28.52
N GLN D 876 38.16 -74.83 -29.21
CA GLN D 876 39.46 -75.46 -29.43
C GLN D 876 40.18 -75.90 -28.17
N SER D 877 40.25 -75.02 -27.18
CA SER D 877 40.91 -75.37 -25.92
C SER D 877 40.15 -76.47 -25.19
N ILE D 878 38.81 -76.38 -25.25
CA ILE D 878 37.93 -77.35 -24.61
C ILE D 878 38.13 -78.75 -25.19
N MET D 879 38.15 -78.85 -26.52
CA MET D 879 38.35 -80.15 -27.16
C MET D 879 39.77 -80.65 -26.86
N GLU D 880 40.73 -79.74 -26.78
CA GLU D 880 42.10 -80.13 -26.47
C GLU D 880 42.13 -80.79 -25.10
N ARG D 881 41.51 -80.15 -24.12
CA ARG D 881 41.47 -80.69 -22.77
C ARG D 881 40.71 -82.02 -22.79
N ALA D 882 39.70 -82.12 -23.63
CA ALA D 882 38.93 -83.34 -23.74
C ALA D 882 39.89 -84.44 -24.19
N LEU D 883 40.72 -84.13 -25.19
CA LEU D 883 41.68 -85.09 -25.69
C LEU D 883 42.76 -85.35 -24.64
N PHE D 884 43.12 -84.33 -23.88
CA PHE D 884 44.12 -84.49 -22.82
C PHE D 884 43.66 -85.43 -21.71
N HIS D 885 42.38 -85.76 -21.67
CA HIS D 885 41.88 -86.64 -20.61
C HIS D 885 41.11 -87.87 -21.08
N MET D 886 41.29 -88.25 -22.34
CA MET D 886 40.59 -89.42 -22.88
C MET D 886 41.14 -90.69 -22.25
N ASP D 887 42.27 -90.55 -21.56
CA ASP D 887 42.95 -91.65 -20.90
C ASP D 887 42.42 -91.84 -19.48
N ASN D 888 42.03 -90.72 -18.87
CA ASN D 888 41.54 -90.67 -17.50
C ASN D 888 42.67 -91.06 -16.56
N CYS D 889 42.62 -92.26 -15.99
CA CYS D 889 43.69 -92.68 -15.09
C CYS D 889 44.26 -94.00 -15.59
N TYR D 890 44.04 -94.26 -16.88
CA TYR D 890 44.49 -95.51 -17.48
C TYR D 890 45.60 -95.40 -18.50
N LYS D 891 46.62 -96.24 -18.30
CA LYS D 891 47.79 -96.33 -19.14
C LYS D 891 47.50 -97.16 -20.39
N ILE D 892 47.35 -96.51 -21.53
CA ILE D 892 47.10 -97.22 -22.76
C ILE D 892 48.30 -97.01 -23.69
N PRO D 893 49.00 -98.10 -24.05
CA PRO D 893 50.19 -98.08 -24.92
C PRO D 893 49.94 -97.54 -26.32
N ASN D 894 48.96 -98.11 -27.00
CA ASN D 894 48.62 -97.68 -28.35
C ASN D 894 47.30 -96.96 -28.27
N ILE D 895 47.33 -95.68 -28.63
CA ILE D 895 46.13 -94.87 -28.51
C ILE D 895 46.10 -93.71 -29.48
N ARG D 896 44.92 -93.41 -30.01
CA ARG D 896 44.74 -92.29 -30.93
C ARG D 896 43.40 -91.64 -30.64
N GLY D 897 43.41 -90.33 -30.47
CA GLY D 897 42.18 -89.60 -30.20
C GLY D 897 42.04 -88.39 -31.11
N THR D 898 40.90 -88.26 -31.78
CA THR D 898 40.66 -87.12 -32.65
C THR D 898 39.51 -86.29 -32.11
N GLY D 899 39.42 -85.05 -32.59
CA GLY D 899 38.36 -84.17 -32.15
C GLY D 899 37.99 -83.23 -33.26
N ARG D 900 36.70 -82.95 -33.37
CA ARG D 900 36.19 -82.05 -34.39
C ARG D 900 35.27 -81.02 -33.76
N LEU D 901 35.45 -79.77 -34.16
CA LEU D 901 34.62 -78.68 -33.65
C LEU D 901 33.56 -78.44 -34.71
N CYS D 902 32.32 -78.77 -34.39
CA CYS D 902 31.21 -78.62 -35.32
C CYS D 902 30.59 -77.23 -35.38
N LYS D 903 30.72 -76.57 -36.53
CA LYS D 903 30.17 -75.23 -36.70
C LYS D 903 28.67 -75.35 -36.98
N THR D 904 27.85 -74.82 -36.07
CA THR D 904 26.41 -74.91 -36.24
C THR D 904 25.64 -73.61 -35.98
N ASN D 905 24.39 -73.58 -36.45
CA ASN D 905 23.50 -72.44 -36.29
C ASN D 905 22.77 -72.53 -34.95
N LEU D 906 23.55 -72.67 -33.88
CA LEU D 906 23.04 -72.74 -32.53
C LEU D 906 23.75 -71.66 -31.73
N PRO D 907 23.17 -71.25 -30.60
CA PRO D 907 23.88 -70.22 -29.84
C PRO D 907 25.23 -70.81 -29.43
N SER D 908 26.27 -69.99 -29.53
CA SER D 908 27.61 -70.42 -29.23
C SER D 908 27.78 -70.98 -27.81
N ASN D 909 28.28 -72.22 -27.71
CA ASN D 909 28.50 -72.86 -26.41
C ASN D 909 29.83 -72.34 -25.87
N THR D 910 30.18 -72.69 -24.64
CA THR D 910 31.42 -72.16 -24.07
C THR D 910 31.98 -72.96 -22.90
N ALA D 911 32.78 -72.28 -22.08
CA ALA D 911 33.41 -72.90 -20.93
C ALA D 911 32.44 -73.31 -19.83
N PHE D 912 32.69 -74.47 -19.23
CA PHE D 912 31.86 -74.93 -18.11
C PHE D 912 32.76 -75.76 -17.22
N ARG D 913 32.66 -75.52 -15.92
CA ARG D 913 33.44 -76.23 -14.90
C ARG D 913 33.79 -77.61 -15.44
N GLY D 914 35.08 -77.89 -15.54
CA GLY D 914 35.52 -79.18 -16.07
C GLY D 914 36.24 -78.98 -17.39
N PHE D 915 35.82 -77.94 -18.10
CA PHE D 915 36.41 -77.54 -19.39
C PHE D 915 36.74 -78.66 -20.37
N GLY D 916 35.79 -79.56 -20.62
CA GLY D 916 36.05 -80.65 -21.56
C GLY D 916 36.54 -81.95 -20.94
N GLY D 917 37.23 -81.86 -19.81
CA GLY D 917 37.72 -83.06 -19.17
C GLY D 917 36.61 -84.05 -18.87
N PRO D 918 35.50 -83.60 -18.27
CA PRO D 918 34.39 -84.49 -17.95
C PRO D 918 33.87 -85.32 -19.14
N GLN D 919 33.67 -84.68 -20.28
CA GLN D 919 33.20 -85.38 -21.47
C GLN D 919 34.27 -86.37 -21.93
N GLY D 920 35.52 -85.92 -21.90
CA GLY D 920 36.61 -86.78 -22.31
C GLY D 920 36.71 -88.00 -21.41
N MET D 921 36.51 -87.82 -20.12
CA MET D 921 36.60 -88.94 -19.17
C MET D 921 35.38 -89.85 -19.03
N LEU D 922 34.19 -89.35 -19.34
CA LEU D 922 33.01 -90.22 -19.23
C LEU D 922 33.13 -91.22 -20.38
N ILE D 923 33.56 -90.72 -21.54
CA ILE D 923 33.75 -91.56 -22.70
C ILE D 923 34.72 -92.66 -22.32
N ALA D 924 35.81 -92.27 -21.67
CA ALA D 924 36.82 -93.22 -21.24
C ALA D 924 36.23 -94.27 -20.30
N GLU D 925 35.50 -93.82 -19.28
CA GLU D 925 34.89 -94.74 -18.32
C GLU D 925 33.77 -95.58 -18.92
N CYS D 926 33.29 -95.18 -20.10
CA CYS D 926 32.22 -95.92 -20.75
C CYS D 926 32.77 -97.22 -21.36
N TRP D 927 33.79 -97.11 -22.21
CA TRP D 927 34.35 -98.31 -22.80
C TRP D 927 35.08 -99.14 -21.76
N MET D 928 35.57 -98.49 -20.70
CA MET D 928 36.26 -99.23 -19.66
C MET D 928 35.28 -100.19 -18.99
N SER D 929 34.10 -99.69 -18.64
CA SER D 929 33.09 -100.53 -18.00
C SER D 929 32.61 -101.65 -18.94
N GLU D 930 32.76 -101.42 -20.24
CA GLU D 930 32.35 -102.42 -21.22
C GLU D 930 33.43 -103.48 -21.30
N VAL D 931 34.68 -103.05 -21.11
CA VAL D 931 35.82 -103.97 -21.12
C VAL D 931 35.57 -104.97 -19.99
N ALA D 932 35.36 -104.46 -18.79
CA ALA D 932 35.11 -105.31 -17.62
C ALA D 932 33.97 -106.31 -17.86
N VAL D 933 32.82 -105.81 -18.31
CA VAL D 933 31.68 -106.68 -18.58
C VAL D 933 32.08 -107.78 -19.56
N THR D 934 32.72 -107.38 -20.66
CA THR D 934 33.16 -108.32 -21.68
C THR D 934 34.10 -109.42 -21.16
N CYS D 935 34.97 -109.09 -20.22
CA CYS D 935 35.88 -110.08 -19.67
C CYS D 935 35.22 -110.83 -18.52
N GLY D 936 33.99 -110.46 -18.19
CA GLY D 936 33.32 -111.12 -17.08
C GLY D 936 34.13 -110.95 -15.80
N MET D 937 34.77 -109.80 -15.64
CA MET D 937 35.57 -109.52 -14.46
C MET D 937 35.04 -108.35 -13.64
N PRO D 938 35.32 -108.36 -12.32
CA PRO D 938 34.86 -107.28 -11.44
C PRO D 938 35.47 -105.98 -11.96
N ALA D 939 34.64 -104.95 -12.07
CA ALA D 939 35.08 -103.67 -12.58
C ALA D 939 36.22 -103.01 -11.80
N GLU D 940 36.17 -103.04 -10.47
CA GLU D 940 37.23 -102.42 -9.68
C GLU D 940 38.59 -103.03 -10.04
N GLU D 941 38.59 -104.34 -10.27
CA GLU D 941 39.78 -105.09 -10.64
C GLU D 941 40.31 -104.62 -11.98
N VAL D 942 39.45 -104.65 -13.00
CA VAL D 942 39.83 -104.22 -14.35
C VAL D 942 40.41 -102.80 -14.33
N ARG D 943 39.71 -101.90 -13.66
CA ARG D 943 40.17 -100.51 -13.56
C ARG D 943 41.49 -100.42 -12.81
N ARG D 944 41.62 -101.19 -11.73
CA ARG D 944 42.86 -101.19 -10.94
C ARG D 944 44.09 -101.50 -11.78
N LYS D 945 44.13 -102.68 -12.39
CA LYS D 945 45.28 -103.09 -13.19
C LYS D 945 45.63 -102.14 -14.34
N ASN D 946 44.62 -101.54 -14.97
CA ASN D 946 44.83 -100.62 -16.10
C ASN D 946 45.22 -99.22 -15.64
N LEU D 947 45.40 -99.05 -14.34
CA LEU D 947 45.76 -97.78 -13.74
C LEU D 947 47.24 -97.41 -13.95
N TYR D 948 47.50 -96.13 -14.18
CA TYR D 948 48.86 -95.63 -14.34
C TYR D 948 49.58 -95.89 -13.02
N LYS D 949 50.90 -95.72 -13.02
CA LYS D 949 51.68 -95.87 -11.81
C LYS D 949 52.71 -94.74 -11.79
N GLU D 950 53.09 -94.32 -10.59
CA GLU D 950 54.06 -93.25 -10.42
C GLU D 950 55.14 -93.32 -11.49
N GLY D 951 55.39 -92.18 -12.14
CA GLY D 951 56.42 -92.15 -13.17
C GLY D 951 55.96 -92.45 -14.58
N ASP D 952 54.82 -93.10 -14.75
CA ASP D 952 54.35 -93.39 -16.10
C ASP D 952 54.15 -92.11 -16.90
N LEU D 953 54.15 -92.25 -18.22
CA LEU D 953 53.93 -91.11 -19.10
C LEU D 953 52.49 -91.20 -19.62
N THR D 954 51.83 -90.06 -19.75
CA THR D 954 50.48 -90.05 -20.25
C THR D 954 50.55 -90.20 -21.76
N HIS D 955 49.39 -90.31 -22.40
CA HIS D 955 49.37 -90.43 -23.85
C HIS D 955 49.90 -89.12 -24.46
N PHE D 956 49.81 -88.02 -23.72
CA PHE D 956 50.34 -86.76 -24.23
C PHE D 956 51.77 -86.56 -23.71
N ASN D 957 52.35 -87.68 -23.28
CA ASN D 957 53.74 -87.77 -22.80
C ASN D 957 54.26 -87.02 -21.58
N GLN D 958 53.40 -86.57 -20.68
CA GLN D 958 53.87 -85.89 -19.48
C GLN D 958 54.08 -86.93 -18.39
N LYS D 959 55.15 -86.78 -17.62
CA LYS D 959 55.46 -87.71 -16.56
C LYS D 959 54.54 -87.47 -15.37
N LEU D 960 54.02 -88.55 -14.80
CA LEU D 960 53.13 -88.43 -13.65
C LEU D 960 53.91 -88.53 -12.34
N GLU D 961 54.34 -87.38 -11.83
CA GLU D 961 55.08 -87.33 -10.58
C GLU D 961 54.15 -86.96 -9.43
N GLY D 962 54.28 -87.67 -8.31
CA GLY D 962 53.43 -87.41 -7.17
C GLY D 962 52.05 -87.98 -7.43
N PHE D 963 52.03 -89.16 -8.05
CA PHE D 963 50.79 -89.85 -8.39
C PHE D 963 50.12 -90.35 -7.12
N THR D 964 49.20 -89.56 -6.57
CA THR D 964 48.51 -89.91 -5.34
C THR D 964 47.24 -90.72 -5.55
N LEU D 965 46.88 -90.93 -6.80
CA LEU D 965 45.67 -91.70 -7.15
C LEU D 965 45.58 -93.04 -6.41
N PRO D 966 46.69 -93.80 -6.33
CA PRO D 966 46.71 -95.09 -5.64
C PRO D 966 46.21 -95.05 -4.20
N ARG D 967 46.63 -94.03 -3.45
CA ARG D 967 46.20 -93.90 -2.06
C ARG D 967 44.71 -93.56 -2.02
N CYS D 968 44.29 -92.64 -2.88
CA CYS D 968 42.89 -92.23 -2.95
C CYS D 968 42.06 -93.47 -3.21
N TRP D 969 42.48 -94.25 -4.19
CA TRP D 969 41.79 -95.48 -4.56
C TRP D 969 41.73 -96.44 -3.37
N GLU D 970 42.87 -96.67 -2.72
CA GLU D 970 42.91 -97.56 -1.57
C GLU D 970 42.09 -97.01 -0.41
N GLU D 971 42.31 -95.75 -0.06
CA GLU D 971 41.59 -95.12 1.03
C GLU D 971 40.08 -95.18 0.78
N CYS D 972 39.66 -94.82 -0.43
CA CYS D 972 38.24 -94.82 -0.76
C CYS D 972 37.61 -96.21 -0.66
N LEU D 973 38.28 -97.22 -1.21
CA LEU D 973 37.78 -98.59 -1.16
C LEU D 973 37.55 -99.04 0.29
N ALA D 974 38.45 -98.61 1.18
CA ALA D 974 38.34 -98.98 2.57
C ALA D 974 37.25 -98.22 3.34
N SER D 975 37.22 -96.90 3.22
CA SER D 975 36.21 -96.12 3.95
C SER D 975 34.78 -96.37 3.48
N SER D 976 34.60 -96.73 2.23
CA SER D 976 33.27 -96.99 1.70
C SER D 976 32.91 -98.46 1.85
N GLN D 977 33.89 -99.28 2.24
CA GLN D 977 33.69 -100.70 2.39
C GLN D 977 33.07 -101.24 1.12
N TYR D 978 33.76 -100.97 0.01
CA TYR D 978 33.30 -101.40 -1.30
C TYR D 978 33.00 -102.89 -1.36
N HIS D 979 34.06 -103.69 -1.37
CA HIS D 979 33.91 -105.15 -1.45
C HIS D 979 32.76 -105.68 -0.62
N ALA D 980 32.59 -105.13 0.58
CA ALA D 980 31.51 -105.58 1.45
C ALA D 980 30.14 -105.29 0.82
N ARG D 981 29.84 -104.00 0.62
CA ARG D 981 28.56 -103.58 0.06
C ARG D 981 28.12 -104.21 -1.26
N LYS D 982 29.05 -104.82 -2.00
CA LYS D 982 28.66 -105.47 -3.24
C LYS D 982 27.70 -106.61 -2.89
N SER D 983 28.06 -107.34 -1.85
CA SER D 983 27.25 -108.46 -1.38
C SER D 983 25.85 -107.93 -1.08
N GLU D 984 25.81 -106.82 -0.37
CA GLU D 984 24.55 -106.18 0.00
C GLU D 984 23.74 -105.91 -1.27
N VAL D 985 24.36 -105.24 -2.25
CA VAL D 985 23.68 -104.92 -3.50
C VAL D 985 23.09 -106.14 -4.19
N ASP D 986 23.91 -107.17 -4.38
CA ASP D 986 23.43 -108.39 -5.03
C ASP D 986 22.24 -108.98 -4.32
N LYS D 987 22.28 -108.95 -2.98
CA LYS D 987 21.20 -109.48 -2.17
C LYS D 987 19.91 -108.70 -2.41
N PHE D 988 20.00 -107.38 -2.33
CA PHE D 988 18.84 -106.53 -2.54
C PHE D 988 18.20 -106.82 -3.89
N ASN D 989 19.04 -106.97 -4.91
CA ASN D 989 18.55 -107.25 -6.27
C ASN D 989 18.03 -108.66 -6.42
N LYS D 990 18.24 -109.47 -5.39
CA LYS D 990 17.80 -110.85 -5.41
C LYS D 990 16.45 -110.93 -4.72
N GLU D 991 16.17 -109.93 -3.89
CA GLU D 991 14.91 -109.87 -3.14
C GLU D 991 13.95 -108.86 -3.76
N ASN D 992 14.42 -108.09 -4.73
CA ASN D 992 13.60 -107.09 -5.37
C ASN D 992 13.56 -107.25 -6.87
N CYS D 993 12.36 -107.27 -7.41
CA CYS D 993 12.18 -107.44 -8.83
C CYS D 993 12.06 -106.10 -9.56
N TRP D 994 11.31 -105.16 -8.98
CA TRP D 994 11.10 -103.87 -9.62
C TRP D 994 11.91 -102.69 -9.10
N LYS D 995 12.99 -103.01 -8.39
CA LYS D 995 13.91 -102.01 -7.85
C LYS D 995 15.27 -102.68 -7.87
N LYS D 996 16.31 -101.94 -8.23
CA LYS D 996 17.65 -102.51 -8.28
C LYS D 996 18.66 -101.50 -7.78
N ARG D 997 19.82 -102.00 -7.38
CA ARG D 997 20.89 -101.14 -6.90
C ARG D 997 22.15 -101.27 -7.73
N GLY D 998 22.97 -100.22 -7.69
CA GLY D 998 24.20 -100.22 -8.44
C GLY D 998 25.28 -99.66 -7.54
N LEU D 999 26.50 -100.15 -7.71
CA LEU D 999 27.63 -99.70 -6.90
C LEU D 999 28.82 -99.54 -7.81
N CYS D 1000 29.36 -98.32 -7.91
CA CYS D 1000 30.51 -98.11 -8.77
C CYS D 1000 31.57 -97.22 -8.13
N ILE D 1001 32.84 -97.54 -8.39
CA ILE D 1001 33.95 -96.77 -7.86
C ILE D 1001 34.78 -96.23 -9.04
N ILE D 1002 34.79 -94.92 -9.17
CA ILE D 1002 35.49 -94.26 -10.28
C ILE D 1002 36.60 -93.35 -9.80
N PRO D 1003 37.71 -93.29 -10.56
CA PRO D 1003 38.87 -92.45 -10.23
C PRO D 1003 38.93 -91.33 -11.26
N THR D 1004 39.72 -90.31 -10.99
CA THR D 1004 39.86 -89.21 -11.94
C THR D 1004 41.21 -88.51 -11.83
N LYS D 1005 41.61 -87.90 -12.93
CA LYS D 1005 42.89 -87.19 -13.01
C LYS D 1005 42.65 -85.88 -13.76
N PHE D 1006 43.04 -84.76 -13.16
CA PHE D 1006 42.81 -83.49 -13.83
C PHE D 1006 44.09 -82.67 -13.99
N GLY D 1007 44.37 -82.27 -15.23
CA GLY D 1007 45.55 -81.47 -15.50
C GLY D 1007 45.31 -80.03 -15.08
N ILE D 1008 46.16 -79.54 -14.18
CA ILE D 1008 46.06 -78.18 -13.64
C ILE D 1008 46.95 -77.16 -14.37
N SER D 1009 46.30 -76.13 -14.91
CA SER D 1009 46.93 -75.02 -15.64
C SER D 1009 46.19 -74.71 -16.93
N PHE D 1010 46.15 -73.43 -17.29
CA PHE D 1010 45.50 -73.01 -18.54
C PHE D 1010 46.25 -73.75 -19.65
N THR D 1011 45.52 -74.30 -20.62
CA THR D 1011 46.20 -75.00 -21.71
C THR D 1011 47.00 -73.99 -22.55
N VAL D 1012 46.62 -72.72 -22.46
CA VAL D 1012 47.32 -71.64 -23.17
C VAL D 1012 48.32 -71.11 -22.15
N PRO D 1013 49.61 -71.41 -22.35
CA PRO D 1013 50.72 -70.99 -21.48
C PRO D 1013 50.75 -69.59 -20.88
N PHE D 1014 50.63 -68.55 -21.70
CA PHE D 1014 50.71 -67.19 -21.16
C PHE D 1014 49.57 -66.77 -20.21
N LEU D 1015 48.47 -67.51 -20.21
CA LEU D 1015 47.37 -67.15 -19.30
C LEU D 1015 47.74 -67.47 -17.86
N ASN D 1016 48.70 -68.38 -17.70
CA ASN D 1016 49.14 -68.78 -16.37
C ASN D 1016 50.05 -67.73 -15.72
N GLN D 1017 49.45 -66.59 -15.41
CA GLN D 1017 50.14 -65.46 -14.76
C GLN D 1017 49.10 -64.70 -13.95
N ALA D 1018 49.57 -63.90 -13.01
CA ALA D 1018 48.64 -63.13 -12.19
C ALA D 1018 49.36 -62.02 -11.46
N GLY D 1019 48.61 -60.95 -11.16
CA GLY D 1019 49.16 -59.84 -10.43
C GLY D 1019 48.35 -59.54 -9.19
N ALA D 1020 48.86 -58.65 -8.37
CA ALA D 1020 48.19 -58.24 -7.14
C ALA D 1020 48.76 -56.90 -6.71
N LEU D 1021 47.94 -56.09 -6.04
CA LEU D 1021 48.37 -54.78 -5.56
C LEU D 1021 48.07 -54.73 -4.08
N LEU D 1022 49.08 -54.45 -3.26
CA LEU D 1022 48.90 -54.40 -1.82
C LEU D 1022 49.30 -53.06 -1.22
N HIS D 1023 48.38 -52.45 -0.48
CA HIS D 1023 48.68 -51.17 0.17
C HIS D 1023 48.66 -51.35 1.68
N VAL D 1024 49.53 -50.63 2.37
CA VAL D 1024 49.57 -50.65 3.82
C VAL D 1024 49.37 -49.21 4.27
N TYR D 1025 48.30 -48.97 5.02
CA TYR D 1025 48.03 -47.61 5.47
C TYR D 1025 48.73 -47.30 6.78
N THR D 1026 48.94 -46.01 7.04
CA THR D 1026 49.63 -45.60 8.24
C THR D 1026 49.00 -46.08 9.54
N ASP D 1027 47.79 -46.63 9.45
CA ASP D 1027 47.11 -47.14 10.65
C ASP D 1027 47.34 -48.64 10.76
N GLY D 1028 48.01 -49.20 9.76
CA GLY D 1028 48.33 -50.62 9.77
C GLY D 1028 47.41 -51.52 8.98
N SER D 1029 46.17 -51.09 8.77
CA SER D 1029 45.23 -51.92 8.02
C SER D 1029 45.72 -52.03 6.59
N VAL D 1030 45.51 -53.20 5.99
CA VAL D 1030 45.96 -53.49 4.63
C VAL D 1030 44.82 -53.65 3.62
N LEU D 1031 44.95 -53.00 2.47
CA LEU D 1031 43.95 -53.11 1.41
C LEU D 1031 44.60 -53.89 0.30
N LEU D 1032 44.16 -55.14 0.13
CA LEU D 1032 44.70 -56.03 -0.88
C LEU D 1032 43.76 -56.27 -2.06
N THR D 1033 44.34 -56.44 -3.24
CA THR D 1033 43.55 -56.72 -4.42
C THR D 1033 44.41 -57.54 -5.39
N HIS D 1034 43.75 -58.38 -6.19
CA HIS D 1034 44.41 -59.22 -7.16
C HIS D 1034 43.47 -59.47 -8.33
N GLY D 1035 43.98 -60.12 -9.37
CA GLY D 1035 43.21 -60.37 -10.56
C GLY D 1035 42.06 -61.36 -10.42
N GLY D 1036 42.10 -62.23 -9.41
CA GLY D 1036 41.02 -63.19 -9.26
C GLY D 1036 39.66 -62.60 -8.93
N THR D 1037 38.61 -63.16 -9.50
CA THR D 1037 37.24 -62.69 -9.22
C THR D 1037 36.52 -63.65 -8.26
N GLU D 1038 35.74 -63.11 -7.33
CA GLU D 1038 34.98 -63.94 -6.39
C GLU D 1038 33.60 -64.28 -6.95
N MET D 1039 33.31 -65.58 -7.04
CA MET D 1039 32.03 -66.05 -7.54
C MET D 1039 31.47 -67.10 -6.58
N GLY D 1040 32.01 -67.15 -5.37
CA GLY D 1040 31.56 -68.10 -4.36
C GLY D 1040 32.58 -69.17 -4.00
N GLN D 1041 33.62 -69.31 -4.81
CA GLN D 1041 34.66 -70.31 -4.59
C GLN D 1041 35.58 -69.98 -3.41
N GLY D 1042 35.39 -68.82 -2.80
CA GLY D 1042 36.21 -68.44 -1.66
C GLY D 1042 37.62 -67.96 -1.99
N LEU D 1043 37.83 -67.54 -3.23
CA LEU D 1043 39.13 -67.06 -3.66
C LEU D 1043 39.70 -65.99 -2.72
N HIS D 1044 38.92 -64.96 -2.43
CA HIS D 1044 39.38 -63.90 -1.55
C HIS D 1044 39.72 -64.38 -0.14
N THR D 1045 38.82 -65.15 0.46
CA THR D 1045 39.04 -65.70 1.79
C THR D 1045 40.43 -66.34 1.78
N LYS D 1046 40.69 -67.14 0.77
CA LYS D 1046 41.98 -67.83 0.63
C LYS D 1046 43.14 -66.87 0.48
N MET D 1047 42.99 -65.89 -0.40
CA MET D 1047 44.05 -64.91 -0.61
C MET D 1047 44.35 -64.16 0.67
N VAL D 1048 43.30 -63.77 1.38
CA VAL D 1048 43.46 -63.05 2.64
C VAL D 1048 44.23 -63.90 3.63
N GLN D 1049 43.93 -65.20 3.64
CA GLN D 1049 44.60 -66.15 4.53
C GLN D 1049 46.09 -66.17 4.18
N VAL D 1050 46.41 -66.40 2.91
CA VAL D 1050 47.79 -66.42 2.46
C VAL D 1050 48.53 -65.17 2.89
N ALA D 1051 47.92 -64.01 2.62
CA ALA D 1051 48.51 -62.72 2.96
C ALA D 1051 48.80 -62.65 4.45
N SER D 1052 47.82 -63.09 5.25
CA SER D 1052 47.94 -63.10 6.71
C SER D 1052 49.16 -63.90 7.19
N ARG D 1053 49.32 -65.12 6.68
CA ARG D 1053 50.48 -65.91 7.07
C ARG D 1053 51.75 -65.20 6.61
N ALA D 1054 51.76 -64.77 5.35
CA ALA D 1054 52.91 -64.07 4.76
C ALA D 1054 53.35 -62.82 5.53
N LEU D 1055 52.41 -61.94 5.83
CA LEU D 1055 52.71 -60.70 6.55
C LEU D 1055 52.84 -60.90 8.05
N LYS D 1056 52.46 -62.09 8.51
CA LYS D 1056 52.51 -62.43 9.93
C LYS D 1056 51.66 -61.46 10.74
N ILE D 1057 50.44 -61.21 10.26
CA ILE D 1057 49.47 -60.32 10.91
C ILE D 1057 48.06 -60.94 10.79
N PRO D 1058 47.20 -60.68 11.79
CA PRO D 1058 45.82 -61.21 11.81
C PRO D 1058 45.04 -60.88 10.52
N THR D 1059 44.30 -61.86 10.02
CA THR D 1059 43.51 -61.65 8.82
C THR D 1059 42.54 -60.49 9.01
N SER D 1060 42.26 -60.16 10.27
CA SER D 1060 41.35 -59.06 10.58
C SER D 1060 41.90 -57.71 10.11
N LYS D 1061 43.20 -57.64 9.87
CA LYS D 1061 43.81 -56.39 9.43
C LYS D 1061 43.96 -56.32 7.92
N ILE D 1062 43.52 -57.36 7.25
CA ILE D 1062 43.62 -57.41 5.80
C ILE D 1062 42.23 -57.42 5.19
N TYR D 1063 42.03 -56.60 4.17
CA TYR D 1063 40.73 -56.55 3.53
C TYR D 1063 40.84 -56.55 2.00
N ILE D 1064 39.95 -57.29 1.36
CA ILE D 1064 39.90 -57.31 -0.09
C ILE D 1064 38.51 -56.79 -0.44
N SER D 1065 38.46 -55.70 -1.19
CA SER D 1065 37.18 -55.10 -1.56
C SER D 1065 36.62 -55.54 -2.91
N GLU D 1066 37.46 -55.54 -3.93
CA GLU D 1066 36.99 -55.90 -5.26
C GLU D 1066 38.13 -56.17 -6.24
N THR D 1067 37.75 -56.57 -7.45
CA THR D 1067 38.70 -56.84 -8.51
C THR D 1067 38.49 -55.71 -9.53
N SER D 1068 39.57 -55.05 -9.93
CA SER D 1068 39.47 -53.94 -10.87
C SER D 1068 40.56 -53.92 -11.94
N THR D 1069 40.23 -53.38 -13.11
CA THR D 1069 41.21 -53.30 -14.19
C THR D 1069 42.20 -52.15 -13.92
N ASN D 1070 41.84 -51.18 -13.08
CA ASN D 1070 42.78 -50.10 -12.81
C ASN D 1070 43.63 -50.27 -11.54
N THR D 1071 43.56 -51.44 -10.90
CA THR D 1071 44.41 -51.72 -9.76
C THR D 1071 45.36 -52.84 -10.19
N VAL D 1072 44.85 -53.80 -10.96
CA VAL D 1072 45.65 -54.91 -11.46
C VAL D 1072 45.25 -55.12 -12.92
N PRO D 1073 46.15 -54.84 -13.87
CA PRO D 1073 45.84 -55.00 -15.31
C PRO D 1073 46.21 -56.33 -15.93
N ASN D 1074 45.81 -56.50 -17.18
CA ASN D 1074 46.09 -57.69 -17.98
C ASN D 1074 45.94 -59.00 -17.24
N THR D 1075 44.87 -59.09 -16.45
CA THR D 1075 44.62 -60.28 -15.67
C THR D 1075 43.95 -61.38 -16.49
N SER D 1076 44.28 -62.62 -16.18
CA SER D 1076 43.70 -63.76 -16.87
C SER D 1076 42.32 -64.04 -16.28
N PRO D 1077 41.45 -64.72 -17.04
CA PRO D 1077 40.14 -64.99 -16.48
C PRO D 1077 40.25 -65.88 -15.26
N THR D 1078 39.31 -65.75 -14.33
CA THR D 1078 39.31 -66.57 -13.14
C THR D 1078 38.73 -67.90 -13.56
N ALA D 1079 39.62 -68.81 -13.96
CA ALA D 1079 39.23 -70.12 -14.44
C ALA D 1079 40.38 -71.13 -14.34
N ALA D 1080 40.16 -72.31 -14.92
CA ALA D 1080 41.15 -73.39 -14.92
C ALA D 1080 41.50 -73.84 -13.52
N SER D 1081 40.70 -73.43 -12.54
CA SER D 1081 40.92 -73.82 -11.15
C SER D 1081 42.24 -73.32 -10.56
N VAL D 1082 43.02 -72.59 -11.35
CA VAL D 1082 44.32 -72.12 -10.89
C VAL D 1082 44.40 -70.71 -10.33
N SER D 1083 43.27 -70.06 -10.13
CA SER D 1083 43.28 -68.68 -9.61
C SER D 1083 43.92 -68.49 -8.25
N ALA D 1084 43.76 -69.47 -7.36
CA ALA D 1084 44.33 -69.36 -6.02
C ALA D 1084 45.83 -69.67 -6.09
N ASP D 1085 46.20 -70.58 -6.99
CA ASP D 1085 47.60 -70.95 -7.17
C ASP D 1085 48.39 -69.77 -7.71
N LEU D 1086 47.81 -69.10 -8.71
CA LEU D 1086 48.42 -67.95 -9.36
C LEU D 1086 48.35 -66.68 -8.53
N ASN D 1087 47.14 -66.22 -8.20
CA ASN D 1087 47.02 -65.00 -7.41
C ASN D 1087 47.62 -65.15 -6.03
N GLY D 1088 47.47 -66.33 -5.44
CA GLY D 1088 48.02 -66.57 -4.12
C GLY D 1088 49.51 -66.34 -4.16
N GLN D 1089 50.13 -66.78 -5.25
CA GLN D 1089 51.56 -66.63 -5.45
C GLN D 1089 51.93 -65.16 -5.69
N ALA D 1090 51.04 -64.41 -6.34
CA ALA D 1090 51.30 -62.99 -6.60
C ALA D 1090 51.08 -62.13 -5.36
N VAL D 1091 50.11 -62.53 -4.52
CA VAL D 1091 49.83 -61.83 -3.26
C VAL D 1091 51.06 -62.00 -2.39
N TYR D 1092 51.51 -63.25 -2.31
CA TYR D 1092 52.70 -63.64 -1.54
C TYR D 1092 53.90 -62.77 -1.92
N ALA D 1093 54.15 -62.65 -3.22
CA ALA D 1093 55.26 -61.85 -3.71
C ALA D 1093 55.17 -60.42 -3.18
N ALA D 1094 54.00 -59.81 -3.32
CA ALA D 1094 53.83 -58.44 -2.85
C ALA D 1094 54.09 -58.36 -1.34
N CYS D 1095 53.65 -59.35 -0.59
CA CYS D 1095 53.86 -59.35 0.85
C CYS D 1095 55.35 -59.41 1.17
N GLN D 1096 56.08 -60.22 0.41
CA GLN D 1096 57.51 -60.35 0.63
C GLN D 1096 58.21 -59.02 0.39
N THR D 1097 57.76 -58.27 -0.60
CA THR D 1097 58.35 -56.97 -0.90
C THR D 1097 58.12 -56.03 0.29
N ILE D 1098 56.89 -56.04 0.81
CA ILE D 1098 56.54 -55.18 1.93
C ILE D 1098 57.39 -55.51 3.16
N LEU D 1099 57.53 -56.80 3.46
CA LEU D 1099 58.34 -57.23 4.61
C LEU D 1099 59.77 -56.73 4.45
N LYS D 1100 60.33 -56.97 3.28
CA LYS D 1100 61.68 -56.55 2.93
C LYS D 1100 61.89 -55.09 3.32
N ARG D 1101 60.93 -54.23 2.98
CA ARG D 1101 61.01 -52.81 3.27
C ARG D 1101 60.87 -52.46 4.74
N LEU D 1102 60.16 -53.30 5.49
CA LEU D 1102 59.94 -53.03 6.91
C LEU D 1102 61.02 -53.58 7.82
N GLU D 1103 61.83 -54.52 7.30
CA GLU D 1103 62.90 -55.14 8.07
C GLU D 1103 63.74 -54.16 8.88
N PRO D 1104 64.21 -53.06 8.25
CA PRO D 1104 65.02 -52.08 8.97
C PRO D 1104 64.39 -51.59 10.28
N TYR D 1105 63.08 -51.40 10.26
CA TYR D 1105 62.36 -50.90 11.44
C TYR D 1105 61.99 -51.97 12.46
N LYS D 1106 61.88 -53.21 11.99
CA LYS D 1106 61.56 -54.34 12.85
C LYS D 1106 62.83 -54.60 13.67
N LYS D 1107 63.99 -54.38 13.05
CA LYS D 1107 65.27 -54.56 13.72
C LYS D 1107 65.48 -53.49 14.78
N LYS D 1108 65.29 -52.24 14.41
CA LYS D 1108 65.46 -51.13 15.34
C LYS D 1108 64.46 -51.17 16.51
N ASN D 1109 63.52 -52.11 16.45
CA ASN D 1109 62.54 -52.22 17.52
C ASN D 1109 61.79 -53.55 17.47
N PRO D 1110 62.50 -54.64 17.79
CA PRO D 1110 61.92 -55.99 17.79
C PRO D 1110 60.71 -56.08 18.72
N SER D 1111 60.80 -55.36 19.83
CA SER D 1111 59.73 -55.35 20.83
C SER D 1111 58.44 -54.79 20.24
N GLY D 1112 58.58 -53.78 19.40
CA GLY D 1112 57.43 -53.13 18.79
C GLY D 1112 56.44 -53.96 18.01
N SER D 1113 55.26 -53.38 17.79
CA SER D 1113 54.19 -54.03 17.06
C SER D 1113 54.25 -53.68 15.56
N TRP D 1114 53.38 -54.32 14.78
CA TRP D 1114 53.29 -54.09 13.35
C TRP D 1114 52.91 -52.63 13.10
N GLU D 1115 51.97 -52.11 13.90
CA GLU D 1115 51.55 -50.73 13.76
C GLU D 1115 52.79 -49.85 13.90
N ASP D 1116 53.62 -50.15 14.90
CA ASP D 1116 54.85 -49.38 15.13
C ASP D 1116 55.75 -49.35 13.91
N TRP D 1117 56.16 -50.54 13.45
CA TRP D 1117 57.04 -50.66 12.29
C TRP D 1117 56.51 -49.92 11.08
N VAL D 1118 55.19 -49.97 10.88
CA VAL D 1118 54.55 -49.30 9.75
C VAL D 1118 54.68 -47.79 9.84
N THR D 1119 54.29 -47.21 10.97
CA THR D 1119 54.37 -45.77 11.09
C THR D 1119 55.83 -45.32 11.13
N ALA D 1120 56.73 -46.23 11.49
CA ALA D 1120 58.16 -45.89 11.51
C ALA D 1120 58.59 -45.82 10.05
N ALA D 1121 58.20 -46.83 9.28
CA ALA D 1121 58.53 -46.86 7.87
C ALA D 1121 58.01 -45.60 7.23
N TYR D 1122 56.70 -45.35 7.36
CA TYR D 1122 56.11 -44.15 6.76
C TYR D 1122 56.86 -42.89 7.21
N MET D 1123 57.07 -42.75 8.52
CA MET D 1123 57.76 -41.59 9.08
C MET D 1123 59.15 -41.44 8.47
N ASP D 1124 59.69 -42.54 7.96
CA ASP D 1124 61.02 -42.52 7.34
C ASP D 1124 60.94 -42.61 5.82
N THR D 1125 59.83 -42.11 5.29
CA THR D 1125 59.56 -42.06 3.87
C THR D 1125 59.91 -43.32 3.06
N VAL D 1126 59.21 -44.41 3.37
CA VAL D 1126 59.39 -45.67 2.68
C VAL D 1126 58.04 -46.00 2.07
N SER D 1127 58.04 -46.41 0.80
CA SER D 1127 56.81 -46.76 0.10
C SER D 1127 56.12 -47.94 0.79
N LEU D 1128 54.85 -47.77 1.10
CA LEU D 1128 54.08 -48.83 1.74
C LEU D 1128 53.06 -49.41 0.78
N SER D 1129 53.42 -49.45 -0.50
CA SER D 1129 52.58 -50.00 -1.53
C SER D 1129 53.42 -50.83 -2.50
N ALA D 1130 52.91 -52.00 -2.87
CA ALA D 1130 53.62 -52.88 -3.78
C ALA D 1130 52.71 -53.74 -4.66
N THR D 1131 53.18 -54.02 -5.86
CA THR D 1131 52.43 -54.85 -6.78
C THR D 1131 53.13 -56.20 -6.71
N GLY D 1132 52.37 -57.29 -6.83
CA GLY D 1132 52.96 -58.61 -6.80
C GLY D 1132 52.65 -59.29 -8.10
N PHE D 1133 53.59 -60.08 -8.60
CA PHE D 1133 53.38 -60.78 -9.86
C PHE D 1133 53.92 -62.19 -9.82
N TYR D 1134 53.34 -63.05 -10.65
CA TYR D 1134 53.77 -64.44 -10.72
C TYR D 1134 53.30 -65.09 -12.01
N ARG D 1135 54.07 -66.07 -12.47
CA ARG D 1135 53.75 -66.81 -13.69
C ARG D 1135 54.30 -68.24 -13.58
N THR D 1136 53.47 -69.23 -13.83
CA THR D 1136 53.92 -70.62 -13.76
C THR D 1136 54.99 -70.89 -14.82
N PRO D 1137 56.09 -71.53 -14.43
CA PRO D 1137 57.18 -71.85 -15.35
C PRO D 1137 57.13 -73.21 -16.05
N ASN D 1138 57.82 -73.28 -17.18
CA ASN D 1138 57.97 -74.50 -17.98
C ASN D 1138 56.72 -75.14 -18.55
N LEU D 1139 55.75 -74.35 -18.98
CA LEU D 1139 54.55 -74.92 -19.57
C LEU D 1139 54.65 -74.77 -21.08
N GLY D 1140 53.94 -75.62 -21.81
CA GLY D 1140 53.97 -75.54 -23.26
C GLY D 1140 53.98 -76.88 -23.95
N TYR D 1141 52.81 -77.31 -24.39
CA TYR D 1141 52.67 -78.58 -25.09
C TYR D 1141 52.64 -78.29 -26.58
N SER D 1142 53.10 -79.27 -27.36
CA SER D 1142 53.12 -79.16 -28.82
C SER D 1142 52.33 -80.32 -29.42
N PHE D 1143 51.27 -80.01 -30.15
CA PHE D 1143 50.48 -81.07 -30.77
C PHE D 1143 51.24 -81.68 -31.94
N GLU D 1144 52.17 -80.90 -32.49
CA GLU D 1144 52.97 -81.32 -33.63
C GLU D 1144 54.00 -82.41 -33.30
N THR D 1145 54.50 -82.41 -32.07
CA THR D 1145 55.50 -83.38 -31.64
C THR D 1145 55.06 -84.23 -30.44
N ASN D 1146 53.90 -83.87 -29.88
CA ASN D 1146 53.38 -84.56 -28.71
C ASN D 1146 54.42 -84.58 -27.59
N SER D 1147 54.84 -83.38 -27.18
CA SER D 1147 55.84 -83.21 -26.13
C SER D 1147 55.65 -81.88 -25.40
N GLY D 1148 56.37 -81.68 -24.31
CA GLY D 1148 56.21 -80.46 -23.54
C GLY D 1148 55.12 -80.71 -22.50
N ASN D 1149 55.11 -79.94 -21.42
CA ASN D 1149 54.09 -80.14 -20.38
C ASN D 1149 52.94 -79.16 -20.46
N PRO D 1150 51.72 -79.66 -20.67
CA PRO D 1150 50.55 -78.78 -20.74
C PRO D 1150 50.17 -78.32 -19.35
N PHE D 1151 50.40 -79.19 -18.37
CA PHE D 1151 50.04 -78.92 -16.98
C PHE D 1151 51.22 -78.80 -16.01
N HIS D 1152 51.00 -78.01 -14.96
CA HIS D 1152 52.00 -77.78 -13.93
C HIS D 1152 51.98 -78.94 -12.95
N TYR D 1153 50.82 -79.60 -12.86
CA TYR D 1153 50.65 -80.75 -11.98
C TYR D 1153 49.24 -81.31 -12.15
N PHE D 1154 48.96 -82.47 -11.56
CA PHE D 1154 47.63 -83.05 -11.67
C PHE D 1154 46.91 -83.24 -10.34
N SER D 1155 45.59 -83.19 -10.39
CA SER D 1155 44.75 -83.39 -9.23
C SER D 1155 44.23 -84.82 -9.33
N TYR D 1156 44.01 -85.47 -8.19
CA TYR D 1156 43.52 -86.84 -8.16
C TYR D 1156 42.41 -87.02 -7.14
N GLY D 1157 41.48 -87.92 -7.46
CA GLY D 1157 40.38 -88.18 -6.56
C GLY D 1157 39.67 -89.46 -6.98
N VAL D 1158 38.97 -90.06 -6.02
CA VAL D 1158 38.23 -91.27 -6.29
C VAL D 1158 36.87 -91.17 -5.60
N ALA D 1159 35.84 -91.69 -6.25
CA ALA D 1159 34.51 -91.65 -5.68
C ALA D 1159 33.80 -92.98 -5.85
N CYS D 1160 33.15 -93.42 -4.79
CA CYS D 1160 32.38 -94.65 -4.81
C CYS D 1160 30.94 -94.28 -4.52
N SER D 1161 30.04 -94.62 -5.45
CA SER D 1161 28.62 -94.31 -5.29
C SER D 1161 27.70 -95.52 -5.41
N GLU D 1162 26.57 -95.46 -4.71
CA GLU D 1162 25.59 -96.53 -4.75
C GLU D 1162 24.22 -95.92 -5.04
N VAL D 1163 23.44 -96.55 -5.91
CA VAL D 1163 22.11 -96.04 -6.24
C VAL D 1163 21.07 -97.13 -6.28
N GLU D 1164 19.81 -96.72 -6.18
CA GLU D 1164 18.68 -97.63 -6.26
C GLU D 1164 17.75 -97.00 -7.27
N ILE D 1165 17.45 -97.73 -8.34
CA ILE D 1165 16.56 -97.20 -9.37
C ILE D 1165 15.20 -97.86 -9.27
N ASP D 1166 14.19 -97.16 -9.77
CA ASP D 1166 12.83 -97.65 -9.79
C ASP D 1166 12.64 -98.11 -11.23
N CYS D 1167 12.75 -99.42 -11.45
CA CYS D 1167 12.64 -100.00 -12.78
C CYS D 1167 11.31 -99.70 -13.44
N LEU D 1168 10.32 -99.27 -12.66
CA LEU D 1168 9.00 -98.99 -13.20
C LEU D 1168 8.70 -97.53 -13.56
N THR D 1169 9.44 -96.59 -12.99
CA THR D 1169 9.19 -95.17 -13.30
C THR D 1169 10.42 -94.41 -13.82
N GLY D 1170 11.61 -94.91 -13.54
CA GLY D 1170 12.80 -94.23 -13.99
C GLY D 1170 13.40 -93.38 -12.89
N ASP D 1171 12.74 -93.32 -11.73
CA ASP D 1171 13.25 -92.54 -10.61
C ASP D 1171 14.40 -93.31 -9.97
N HIS D 1172 15.25 -92.62 -9.21
CA HIS D 1172 16.35 -93.29 -8.55
C HIS D 1172 16.79 -92.53 -7.31
N LYS D 1173 17.44 -93.23 -6.40
CA LYS D 1173 17.95 -92.63 -5.17
C LYS D 1173 19.47 -92.75 -5.08
N ASN D 1174 20.11 -91.70 -4.61
CA ASN D 1174 21.57 -91.71 -4.45
C ASN D 1174 21.77 -92.10 -2.99
N LEU D 1175 21.78 -93.39 -2.74
CA LEU D 1175 21.93 -93.91 -1.40
C LEU D 1175 23.19 -93.43 -0.70
N ARG D 1176 24.34 -93.59 -1.33
CA ARG D 1176 25.58 -93.20 -0.69
C ARG D 1176 26.72 -92.87 -1.65
N THR D 1177 27.56 -91.92 -1.24
CA THR D 1177 28.73 -91.52 -2.01
C THR D 1177 29.90 -91.26 -1.08
N ASP D 1178 31.04 -91.89 -1.38
CA ASP D 1178 32.27 -91.73 -0.60
C ASP D 1178 33.30 -91.09 -1.51
N ILE D 1179 33.91 -89.99 -1.06
CA ILE D 1179 34.91 -89.33 -1.86
C ILE D 1179 36.19 -89.05 -1.11
N VAL D 1180 37.30 -89.34 -1.78
CA VAL D 1180 38.63 -89.10 -1.24
C VAL D 1180 39.30 -88.25 -2.31
N MET D 1181 39.51 -86.98 -1.99
CA MET D 1181 40.11 -86.03 -2.94
C MET D 1181 41.48 -85.58 -2.48
N ASP D 1182 42.38 -85.36 -3.43
CA ASP D 1182 43.73 -84.90 -3.11
C ASP D 1182 43.87 -83.42 -3.45
N VAL D 1183 43.79 -82.58 -2.43
CA VAL D 1183 43.94 -81.14 -2.61
C VAL D 1183 45.25 -80.71 -1.97
N GLY D 1184 46.23 -81.62 -1.97
CA GLY D 1184 47.53 -81.37 -1.36
C GLY D 1184 47.31 -80.88 0.05
N SER D 1185 48.10 -79.91 0.50
CA SER D 1185 47.93 -79.34 1.82
C SER D 1185 46.94 -78.19 1.62
N SER D 1186 45.69 -78.41 2.04
CA SER D 1186 44.64 -77.42 1.88
C SER D 1186 44.86 -76.05 2.54
N LEU D 1187 44.41 -75.01 1.85
CA LEU D 1187 44.52 -73.65 2.34
C LEU D 1187 43.30 -73.39 3.21
N ASN D 1188 42.25 -74.15 2.96
CA ASN D 1188 41.02 -73.99 3.71
C ASN D 1188 40.17 -75.23 3.50
N PRO D 1189 40.35 -76.25 4.34
CA PRO D 1189 39.57 -77.48 4.19
C PRO D 1189 38.06 -77.27 4.07
N ALA D 1190 37.55 -76.19 4.65
CA ALA D 1190 36.11 -75.92 4.58
C ALA D 1190 35.72 -75.53 3.17
N ILE D 1191 36.43 -74.54 2.63
CA ILE D 1191 36.18 -74.07 1.28
C ILE D 1191 36.38 -75.22 0.30
N ASP D 1192 37.44 -76.00 0.51
CA ASP D 1192 37.77 -77.12 -0.37
C ASP D 1192 36.72 -78.23 -0.37
N ILE D 1193 36.32 -78.68 0.82
CA ILE D 1193 35.29 -79.72 0.90
C ILE D 1193 34.04 -79.18 0.20
N GLY D 1194 33.74 -77.90 0.42
CA GLY D 1194 32.60 -77.28 -0.20
C GLY D 1194 32.71 -77.36 -1.71
N GLN D 1195 33.90 -77.14 -2.25
CA GLN D 1195 34.09 -77.21 -3.69
C GLN D 1195 33.89 -78.65 -4.18
N VAL D 1196 34.44 -79.60 -3.45
CA VAL D 1196 34.30 -81.00 -3.81
C VAL D 1196 32.81 -81.34 -3.88
N GLU D 1197 32.07 -81.08 -2.80
CA GLU D 1197 30.64 -81.36 -2.79
C GLU D 1197 29.95 -80.60 -3.93
N GLY D 1198 30.13 -79.29 -3.97
CA GLY D 1198 29.51 -78.46 -5.00
C GLY D 1198 29.78 -78.96 -6.41
N ALA D 1199 31.04 -79.21 -6.72
CA ALA D 1199 31.42 -79.68 -8.04
C ALA D 1199 30.77 -81.07 -8.32
N PHE D 1200 30.82 -81.94 -7.32
CA PHE D 1200 30.25 -83.27 -7.46
C PHE D 1200 28.78 -83.22 -7.78
N VAL D 1201 28.05 -82.34 -7.09
CA VAL D 1201 26.62 -82.20 -7.34
C VAL D 1201 26.37 -81.60 -8.71
N GLN D 1202 27.22 -80.69 -9.15
CA GLN D 1202 27.01 -80.09 -10.46
C GLN D 1202 27.25 -81.18 -11.52
N GLY D 1203 28.18 -82.09 -11.21
CA GLY D 1203 28.48 -83.19 -12.12
C GLY D 1203 27.31 -84.16 -12.08
N LEU D 1204 26.65 -84.19 -10.93
CA LEU D 1204 25.48 -85.03 -10.72
C LEU D 1204 24.35 -84.59 -11.67
N GLY D 1205 24.21 -83.29 -11.83
CA GLY D 1205 23.17 -82.77 -12.70
C GLY D 1205 23.43 -83.06 -14.17
N LEU D 1206 24.70 -82.97 -14.55
CA LEU D 1206 25.11 -83.22 -15.93
C LEU D 1206 24.84 -84.66 -16.37
N PHE D 1207 25.08 -85.61 -15.48
CA PHE D 1207 24.89 -87.01 -15.82
C PHE D 1207 23.55 -87.63 -15.44
N THR D 1208 22.70 -86.92 -14.70
CA THR D 1208 21.45 -87.55 -14.31
C THR D 1208 20.18 -86.70 -14.29
N LEU D 1209 20.28 -85.39 -14.36
CA LEU D 1209 19.08 -84.57 -14.30
C LEU D 1209 18.92 -83.52 -15.38
N GLU D 1210 20.01 -82.79 -15.64
CA GLU D 1210 20.03 -81.71 -16.59
C GLU D 1210 19.99 -82.06 -18.06
N GLU D 1211 19.03 -81.48 -18.77
CA GLU D 1211 18.87 -81.74 -20.19
C GLU D 1211 18.18 -80.58 -20.91
N LEU D 1212 18.77 -80.16 -22.03
CA LEU D 1212 18.23 -79.07 -22.84
C LEU D 1212 17.63 -79.65 -24.11
N HIS D 1213 16.38 -79.29 -24.40
CA HIS D 1213 15.72 -79.79 -25.61
C HIS D 1213 15.63 -78.67 -26.67
N TYR D 1214 15.80 -79.03 -27.92
CA TYR D 1214 15.74 -78.08 -29.03
C TYR D 1214 14.79 -78.53 -30.11
N SER D 1215 14.16 -77.58 -30.79
CA SER D 1215 13.26 -77.91 -31.88
C SER D 1215 14.09 -78.26 -33.10
N PRO D 1216 13.49 -78.96 -34.07
CA PRO D 1216 14.28 -79.31 -35.25
C PRO D 1216 14.80 -78.05 -35.95
N GLU D 1217 14.20 -76.90 -35.64
CA GLU D 1217 14.60 -75.63 -36.23
C GLU D 1217 15.71 -74.92 -35.47
N GLY D 1218 16.20 -75.53 -34.39
CA GLY D 1218 17.27 -74.93 -33.62
C GLY D 1218 16.84 -73.97 -32.53
N SER D 1219 15.55 -73.99 -32.21
CA SER D 1219 14.98 -73.12 -31.18
C SER D 1219 15.00 -73.83 -29.83
N LEU D 1220 15.70 -73.24 -28.87
CA LEU D 1220 15.83 -73.82 -27.53
C LEU D 1220 14.48 -73.86 -26.81
N HIS D 1221 14.04 -75.05 -26.42
CA HIS D 1221 12.77 -75.23 -25.71
C HIS D 1221 12.93 -74.93 -24.22
N THR D 1222 13.99 -75.47 -23.62
CA THR D 1222 14.28 -75.33 -22.20
C THR D 1222 14.82 -73.97 -21.82
N ARG D 1223 13.99 -73.13 -21.22
CA ARG D 1223 14.44 -71.80 -20.87
C ARG D 1223 14.18 -71.34 -19.45
N GLY D 1224 14.06 -72.30 -18.54
CA GLY D 1224 13.80 -71.93 -17.15
C GLY D 1224 13.88 -73.12 -16.23
N PRO D 1225 13.86 -72.88 -14.92
CA PRO D 1225 13.94 -73.97 -13.95
C PRO D 1225 12.76 -74.93 -14.02
N SER D 1226 11.64 -74.47 -14.55
CA SER D 1226 10.47 -75.33 -14.65
C SER D 1226 10.71 -76.52 -15.58
N THR D 1227 11.62 -76.35 -16.54
CA THR D 1227 11.93 -77.40 -17.50
C THR D 1227 13.38 -77.87 -17.46
N TYR D 1228 14.25 -77.07 -16.86
CA TYR D 1228 15.65 -77.43 -16.72
C TYR D 1228 15.84 -77.72 -15.24
N LYS D 1229 15.98 -79.00 -14.90
CA LYS D 1229 16.10 -79.38 -13.51
C LYS D 1229 17.50 -79.64 -13.02
N ILE D 1230 18.03 -78.72 -12.22
CA ILE D 1230 19.36 -78.91 -11.66
C ILE D 1230 19.10 -79.64 -10.37
N PRO D 1231 20.15 -80.21 -9.75
CA PRO D 1231 19.96 -80.94 -8.50
C PRO D 1231 19.23 -80.13 -7.41
N ALA D 1232 18.30 -80.80 -6.73
CA ALA D 1232 17.51 -80.19 -5.68
C ALA D 1232 18.06 -80.59 -4.32
N PHE D 1233 17.51 -80.03 -3.25
CA PHE D 1233 17.98 -80.36 -1.91
C PHE D 1233 17.98 -81.87 -1.67
N GLY D 1234 16.96 -82.54 -2.21
CA GLY D 1234 16.84 -83.97 -2.02
C GLY D 1234 17.42 -84.85 -3.10
N SER D 1235 18.26 -84.28 -3.95
CA SER D 1235 18.86 -85.04 -5.03
C SER D 1235 20.19 -85.62 -4.62
N ILE D 1236 20.75 -85.11 -3.53
CA ILE D 1236 22.06 -85.56 -3.06
C ILE D 1236 22.08 -86.91 -2.35
N PRO D 1237 23.26 -87.53 -2.26
CA PRO D 1237 23.36 -88.82 -1.58
C PRO D 1237 23.02 -88.76 -0.09
N ILE D 1238 22.16 -89.68 0.34
CA ILE D 1238 21.73 -89.78 1.73
C ILE D 1238 22.99 -89.75 2.62
N GLU D 1239 23.90 -90.68 2.36
CA GLU D 1239 25.16 -90.74 3.08
C GLU D 1239 26.15 -90.07 2.14
N PHE D 1240 26.67 -88.93 2.54
CA PHE D 1240 27.62 -88.17 1.71
C PHE D 1240 28.92 -88.08 2.50
N ARG D 1241 29.97 -88.73 2.01
CA ARG D 1241 31.27 -88.69 2.71
C ARG D 1241 32.40 -88.10 1.90
N VAL D 1242 33.06 -87.11 2.48
CA VAL D 1242 34.17 -86.46 1.80
C VAL D 1242 35.40 -86.44 2.70
N SER D 1243 36.54 -86.78 2.12
CA SER D 1243 37.79 -86.79 2.86
C SER D 1243 38.90 -86.22 1.99
N LEU D 1244 39.70 -85.34 2.58
CA LEU D 1244 40.82 -84.74 1.88
C LEU D 1244 42.04 -85.55 2.27
N LEU D 1245 42.74 -86.07 1.27
CA LEU D 1245 43.91 -86.89 1.48
C LEU D 1245 44.87 -86.27 2.50
N ARG D 1246 45.25 -87.06 3.49
CA ARG D 1246 46.18 -86.60 4.52
C ARG D 1246 47.64 -86.80 4.08
N ASP D 1247 48.49 -85.90 4.54
CA ASP D 1247 49.91 -85.96 4.25
C ASP D 1247 50.23 -86.11 2.77
N CYS D 1248 50.05 -85.03 2.02
CA CYS D 1248 50.31 -85.05 0.59
C CYS D 1248 50.60 -83.63 0.09
N PRO D 1249 51.52 -82.92 0.75
CA PRO D 1249 51.86 -81.56 0.35
C PRO D 1249 52.31 -81.49 -1.11
N ASN D 1250 51.82 -80.48 -1.82
CA ASN D 1250 52.17 -80.30 -3.21
C ASN D 1250 53.19 -79.17 -3.35
N LYS D 1251 54.45 -79.52 -3.51
CA LYS D 1251 55.50 -78.51 -3.65
C LYS D 1251 55.25 -77.63 -4.87
N LYS D 1252 54.43 -78.12 -5.80
CA LYS D 1252 54.12 -77.41 -7.02
C LYS D 1252 53.29 -76.13 -6.87
N ALA D 1253 52.67 -75.93 -5.71
CA ALA D 1253 51.83 -74.75 -5.53
C ALA D 1253 51.93 -74.05 -4.20
N ILE D 1254 51.45 -72.81 -4.19
CA ILE D 1254 51.43 -71.95 -3.01
C ILE D 1254 51.11 -72.76 -1.75
N TYR D 1255 51.96 -72.59 -0.74
CA TYR D 1255 51.84 -73.29 0.55
C TYR D 1255 51.46 -74.77 0.48
N ALA D 1256 52.01 -75.46 -0.52
CA ALA D 1256 51.79 -76.88 -0.73
C ALA D 1256 50.36 -77.30 -0.98
N SER D 1257 49.53 -76.38 -1.46
CA SER D 1257 48.13 -76.69 -1.74
C SER D 1257 47.93 -77.13 -3.19
N LYS D 1258 46.70 -77.48 -3.52
CA LYS D 1258 46.34 -77.91 -4.88
C LYS D 1258 44.98 -77.35 -5.29
N ALA D 1259 44.81 -77.14 -6.59
CA ALA D 1259 43.55 -76.65 -7.13
C ALA D 1259 42.45 -77.65 -6.77
N VAL D 1260 41.24 -77.14 -6.58
CA VAL D 1260 40.10 -77.99 -6.23
C VAL D 1260 38.82 -77.66 -7.02
N GLY D 1261 38.81 -76.51 -7.68
CA GLY D 1261 37.65 -76.09 -8.43
C GLY D 1261 36.92 -77.05 -9.35
N GLU D 1262 37.59 -77.48 -10.41
CA GLU D 1262 37.02 -78.36 -11.42
C GLU D 1262 37.17 -79.88 -11.24
N PRO D 1263 38.37 -80.36 -10.88
CA PRO D 1263 38.68 -81.78 -10.67
C PRO D 1263 37.60 -82.71 -10.11
N PRO D 1264 36.96 -82.33 -9.00
CA PRO D 1264 35.93 -83.15 -8.36
C PRO D 1264 34.70 -83.50 -9.21
N LEU D 1265 34.29 -82.58 -10.05
CA LEU D 1265 33.10 -82.77 -10.87
C LEU D 1265 32.91 -84.10 -11.59
N PHE D 1266 33.95 -84.61 -12.27
CA PHE D 1266 33.79 -85.87 -12.98
C PHE D 1266 33.49 -87.06 -12.07
N LEU D 1267 33.87 -86.95 -10.80
CA LEU D 1267 33.61 -88.04 -9.89
C LEU D 1267 32.13 -88.39 -9.75
N ALA D 1268 31.28 -87.56 -10.33
CA ALA D 1268 29.84 -87.81 -10.29
C ALA D 1268 29.52 -88.98 -11.22
N ALA D 1269 30.45 -89.30 -12.10
CA ALA D 1269 30.29 -90.39 -13.04
C ALA D 1269 30.10 -91.73 -12.31
N SER D 1270 30.50 -91.77 -11.04
CA SER D 1270 30.34 -92.98 -10.25
C SER D 1270 28.87 -93.24 -10.06
N ILE D 1271 28.06 -92.18 -10.04
CA ILE D 1271 26.61 -92.33 -9.90
C ILE D 1271 26.03 -92.74 -11.25
N PHE D 1272 26.62 -92.22 -12.31
CA PHE D 1272 26.20 -92.53 -13.66
C PHE D 1272 26.39 -94.00 -13.97
N PHE D 1273 27.55 -94.53 -13.62
CA PHE D 1273 27.83 -95.93 -13.90
C PHE D 1273 27.20 -96.88 -12.88
N ALA D 1274 26.82 -96.34 -11.72
CA ALA D 1274 26.14 -97.16 -10.71
C ALA D 1274 24.74 -97.41 -11.27
N ILE D 1275 24.13 -96.35 -11.79
CA ILE D 1275 22.79 -96.44 -12.39
C ILE D 1275 22.81 -97.45 -13.52
N LYS D 1276 23.86 -97.38 -14.36
CA LYS D 1276 23.98 -98.30 -15.48
C LYS D 1276 24.02 -99.73 -14.97
N ASP D 1277 24.65 -99.92 -13.81
CA ASP D 1277 24.73 -101.23 -13.18
C ASP D 1277 23.34 -101.67 -12.76
N ALA D 1278 22.62 -100.78 -12.09
CA ALA D 1278 21.26 -101.11 -11.66
C ALA D 1278 20.45 -101.50 -12.89
N ILE D 1279 20.56 -100.73 -13.97
CA ILE D 1279 19.83 -101.02 -15.18
C ILE D 1279 20.16 -102.40 -15.73
N ARG D 1280 21.46 -102.73 -15.73
CA ARG D 1280 21.90 -104.04 -16.21
C ARG D 1280 21.19 -105.15 -15.45
N ALA D 1281 21.15 -105.04 -14.12
CA ALA D 1281 20.50 -106.02 -13.29
C ALA D 1281 19.05 -106.22 -13.73
N ALA D 1282 18.34 -105.11 -13.95
CA ALA D 1282 16.94 -105.19 -14.37
C ALA D 1282 16.77 -105.87 -15.73
N ARG D 1283 17.65 -105.53 -16.67
CA ARG D 1283 17.61 -106.11 -18.02
C ARG D 1283 17.97 -107.58 -18.04
N ALA D 1284 18.96 -107.97 -17.24
CA ALA D 1284 19.37 -109.37 -17.21
C ALA D 1284 18.24 -110.22 -16.64
N GLN D 1285 17.31 -109.56 -15.96
CA GLN D 1285 16.20 -110.26 -15.33
C GLN D 1285 14.85 -110.19 -16.05
N HIS D 1286 14.47 -108.98 -16.46
CA HIS D 1286 13.18 -108.78 -17.11
C HIS D 1286 13.22 -109.15 -18.58
N THR D 1287 14.31 -109.77 -19.00
CA THR D 1287 14.50 -110.20 -20.38
C THR D 1287 15.66 -111.18 -20.49
N GLY D 1288 15.83 -111.75 -21.67
CA GLY D 1288 16.92 -112.70 -21.87
C GLY D 1288 17.97 -112.06 -22.76
N ASN D 1289 18.42 -110.88 -22.38
CA ASN D 1289 19.42 -110.18 -23.17
C ASN D 1289 20.83 -110.52 -22.75
N ASN D 1290 21.09 -111.80 -22.51
CA ASN D 1290 22.43 -112.24 -22.11
C ASN D 1290 22.93 -111.45 -20.90
N VAL D 1291 24.10 -111.84 -20.39
CA VAL D 1291 24.67 -111.17 -19.23
C VAL D 1291 25.76 -110.18 -19.63
N LYS D 1292 26.56 -110.55 -20.63
CA LYS D 1292 27.65 -109.72 -21.10
C LYS D 1292 27.23 -108.71 -22.16
N GLU D 1293 25.93 -108.47 -22.25
CA GLU D 1293 25.36 -107.51 -23.20
C GLU D 1293 25.93 -106.11 -22.97
N LEU D 1294 26.17 -105.37 -24.06
CA LEU D 1294 26.69 -104.01 -23.96
C LEU D 1294 25.67 -103.02 -24.53
N PHE D 1295 24.70 -102.63 -23.71
CA PHE D 1295 23.66 -101.68 -24.16
C PHE D 1295 24.11 -100.23 -24.07
N ARG D 1296 23.60 -99.41 -24.97
CA ARG D 1296 23.96 -98.01 -25.01
C ARG D 1296 23.15 -97.14 -24.07
N LEU D 1297 23.85 -96.43 -23.20
CA LEU D 1297 23.22 -95.51 -22.27
C LEU D 1297 23.93 -94.16 -22.41
N ASP D 1298 23.19 -93.18 -22.90
CA ASP D 1298 23.75 -91.84 -23.07
C ASP D 1298 23.55 -91.01 -21.80
N SER D 1299 24.26 -89.88 -21.76
CA SER D 1299 24.17 -88.97 -20.63
C SER D 1299 23.34 -87.79 -21.13
N PRO D 1300 22.48 -87.25 -20.27
CA PRO D 1300 22.22 -87.66 -18.89
C PRO D 1300 21.27 -88.84 -18.77
N ALA D 1301 21.56 -89.73 -17.84
CA ALA D 1301 20.70 -90.88 -17.58
C ALA D 1301 19.48 -90.40 -16.81
N THR D 1302 18.66 -89.60 -17.48
CA THR D 1302 17.44 -89.04 -16.88
C THR D 1302 16.46 -90.16 -16.61
N PRO D 1303 15.39 -89.88 -15.85
CA PRO D 1303 14.47 -90.99 -15.62
C PRO D 1303 13.94 -91.59 -16.93
N GLU D 1304 13.92 -90.80 -18.00
CA GLU D 1304 13.45 -91.32 -19.28
C GLU D 1304 14.39 -92.42 -19.79
N LYS D 1305 15.66 -92.06 -19.95
CA LYS D 1305 16.65 -93.01 -20.45
C LYS D 1305 16.79 -94.24 -19.54
N ILE D 1306 16.53 -94.05 -18.25
CA ILE D 1306 16.64 -95.17 -17.31
C ILE D 1306 15.47 -96.13 -17.49
N ARG D 1307 14.26 -95.56 -17.59
CA ARG D 1307 13.05 -96.34 -17.76
C ARG D 1307 13.03 -97.06 -19.10
N ASN D 1308 13.40 -96.34 -20.16
CA ASN D 1308 13.44 -96.95 -21.47
C ASN D 1308 14.45 -98.10 -21.48
N ALA D 1309 15.53 -97.96 -20.70
CA ALA D 1309 16.55 -99.01 -20.65
C ALA D 1309 16.04 -100.21 -19.87
N CYS D 1310 15.22 -99.97 -18.86
CA CYS D 1310 14.70 -101.09 -18.10
C CYS D 1310 13.62 -101.80 -18.91
N VAL D 1311 14.07 -102.48 -19.95
CA VAL D 1311 13.19 -103.23 -20.85
C VAL D 1311 12.45 -104.34 -20.16
N ASP D 1312 11.13 -104.36 -20.33
CA ASP D 1312 10.29 -105.38 -19.72
C ASP D 1312 9.01 -105.56 -20.52
N LYS D 1313 8.10 -106.39 -20.01
CA LYS D 1313 6.85 -106.63 -20.71
C LYS D 1313 6.09 -105.33 -21.02
N PHE D 1314 6.21 -104.35 -20.13
CA PHE D 1314 5.52 -103.08 -20.31
C PHE D 1314 6.09 -102.20 -21.40
N THR D 1315 7.42 -102.11 -21.48
CA THR D 1315 8.02 -101.29 -22.52
C THR D 1315 7.78 -101.95 -23.87
N THR D 1316 7.79 -103.28 -23.86
CA THR D 1316 7.57 -104.05 -25.08
C THR D 1316 6.25 -103.72 -25.76
N LEU D 1317 5.26 -103.30 -24.98
CA LEU D 1317 3.96 -102.96 -25.54
C LEU D 1317 3.91 -101.54 -26.09
N CYS D 1318 4.86 -100.69 -25.70
CA CYS D 1318 4.85 -99.30 -26.13
C CYS D 1318 5.91 -98.79 -27.13
N VAL D 1319 6.97 -99.56 -27.36
CA VAL D 1319 8.02 -99.14 -28.29
C VAL D 1319 7.46 -98.78 -29.67
N THR D 1320 7.17 -97.49 -29.87
CA THR D 1320 6.62 -97.00 -31.12
C THR D 1320 7.53 -97.19 -32.34
N GLY D 1321 8.44 -96.23 -32.55
CA GLY D 1321 9.34 -96.30 -33.69
C GLY D 1321 9.02 -95.20 -34.68
N VAL D 1322 9.71 -94.06 -34.53
CA VAL D 1322 9.50 -92.91 -35.40
C VAL D 1322 9.42 -93.27 -36.88
N PRO D 1323 8.24 -93.08 -37.49
CA PRO D 1323 7.96 -93.37 -38.91
C PRO D 1323 8.96 -92.74 -39.87
N GLU D 1324 8.71 -92.96 -41.16
CA GLU D 1324 9.53 -92.45 -42.25
C GLU D 1324 10.51 -91.36 -41.84
N ASN D 1325 9.98 -90.30 -41.24
CA ASN D 1325 10.75 -89.16 -40.78
C ASN D 1325 9.80 -87.99 -40.57
N CYS D 1326 9.02 -88.04 -39.49
CA CYS D 1326 8.08 -86.98 -39.17
C CYS D 1326 8.84 -85.87 -38.45
N LYS D 1327 8.13 -84.79 -38.12
CA LYS D 1327 8.73 -83.66 -37.42
C LYS D 1327 8.51 -83.82 -35.91
N PRO D 1328 9.54 -84.30 -35.18
CA PRO D 1328 9.37 -84.46 -33.73
C PRO D 1328 9.35 -83.11 -33.03
N TRP D 1329 8.90 -83.12 -31.79
CA TRP D 1329 8.83 -81.89 -31.01
C TRP D 1329 10.22 -81.29 -30.81
N SER D 1330 11.20 -82.13 -30.53
CA SER D 1330 12.57 -81.70 -30.33
C SER D 1330 13.52 -82.67 -31.01
N VAL D 1331 14.75 -82.24 -31.23
CA VAL D 1331 15.75 -83.09 -31.86
C VAL D 1331 17.02 -83.12 -31.02
N ARG D 1332 17.87 -84.11 -31.28
CA ARG D 1332 19.13 -84.29 -30.59
C ARG D 1332 20.20 -83.40 -31.23
N VAL D 1333 20.75 -82.48 -30.45
CA VAL D 1333 21.79 -81.57 -30.94
C VAL D 1333 23.18 -82.23 -31.00
C BCT E . -33.69 12.04 -5.13
O1 BCT E . -34.08 11.08 -4.35
O2 BCT E . -34.29 12.35 -6.26
O3 BCT E . -32.67 12.70 -4.73
CA CA F . -38.98 21.38 -2.95
CA CA G . -29.97 30.23 -3.09
FE1 FES H . -37.70 20.78 12.06
FE2 FES H . -39.77 20.07 13.69
S1 FES H . -37.64 20.18 14.21
S2 FES H . -39.86 20.65 11.61
FE1 FES I . -50.90 28.18 10.25
FE2 FES I . -49.48 26.24 8.92
S1 FES I . -51.30 25.98 10.13
S2 FES I . -49.05 28.37 9.03
PA FAD J . -66.41 30.14 8.46
O1A FAD J . -66.34 31.36 9.47
O2A FAD J . -65.24 30.05 7.56
O5B FAD J . -67.68 30.00 7.50
C5B FAD J . -67.95 29.02 6.48
C4B FAD J . -69.23 29.36 5.71
O4B FAD J . -70.41 29.20 6.54
C3B FAD J . -69.31 30.73 5.05
O3B FAD J . -69.91 30.45 3.79
C2B FAD J . -70.24 31.47 5.98
O2B FAD J . -70.91 32.65 5.54
C1B FAD J . -71.19 30.43 6.54
N9A FAD J . -71.83 30.44 7.88
C8A FAD J . -71.28 30.34 9.11
N7A FAD J . -72.21 30.38 10.06
C5A FAD J . -73.39 30.52 9.46
C6A FAD J . -74.74 30.62 9.87
N6A FAD J . -75.05 30.59 11.18
N1A FAD J . -75.75 30.75 8.92
C2A FAD J . -75.51 30.80 7.56
N3A FAD J . -74.21 30.69 7.15
C4A FAD J . -73.15 30.55 8.05
N1 FAD J . -64.27 20.08 7.46
C2 FAD J . -64.76 18.77 7.65
O2 FAD J . -65.93 18.51 7.44
N3 FAD J . -63.86 17.77 8.11
C4 FAD J . -62.47 18.06 8.35
O4 FAD J . -61.76 17.15 8.75
C4X FAD J . -61.97 19.38 8.15
N5 FAD J . -60.63 19.70 8.37
C5X FAD J . -60.08 20.98 8.18
C6 FAD J . -58.67 21.18 8.43
C7 FAD J . -58.10 22.50 8.23
C7M FAD J . -56.61 22.61 8.51
C8 FAD J . -58.96 23.62 7.77
C8M FAD J . -58.47 25.06 7.53
C9 FAD J . -60.34 23.39 7.54
C9A FAD J . -60.96 22.07 7.72
N10 FAD J . -62.39 21.78 7.48
C10 FAD J . -62.89 20.41 7.69
C1' FAD J . -63.48 22.75 7.00
C2' FAD J . -63.86 23.67 8.22
O2' FAD J . -62.93 23.65 9.31
C3' FAD J . -65.33 23.38 8.67
O3' FAD J . -66.18 23.45 7.52
C4' FAD J . -65.70 24.34 9.84
O4' FAD J . -66.73 23.98 10.73
C5' FAD J . -66.02 25.72 9.18
O5' FAD J . -66.53 26.58 10.21
P FAD J . -65.97 28.07 10.44
O1P FAD J . -64.39 28.29 10.44
O2P FAD J . -66.70 28.48 11.65
O3P FAD J . -66.65 28.77 9.21
N1 MTE K . -32.31 16.92 9.45
C2 MTE K . -33.08 18.07 9.73
N2 MTE K . -33.65 18.14 10.95
N3 MTE K . -33.21 19.03 8.79
C4 MTE K . -32.60 18.94 7.52
O4 MTE K . -32.71 19.84 6.58
N5 MTE K . -31.07 17.47 5.66
C6 MTE K . -30.79 15.89 5.44
C7 MTE K . -30.17 15.21 6.84
N8 MTE K . -30.88 15.47 8.07
C9 MTE K . -31.78 17.76 7.15
C10 MTE K . -31.64 16.62 8.31
C1' MTE K . -29.99 15.61 4.30
S1' MTE K . -30.83 15.47 2.90
C2' MTE K . -28.51 15.51 4.53
S2' MTE K . -27.56 15.18 3.12
C3' MTE K . -27.87 15.67 5.96
O3' MTE K . -28.85 15.80 7.03
C4' MTE K . -27.06 16.80 5.73
O4' MTE K . -26.24 17.03 6.88
P MTE K . -24.92 16.63 7.01
O1P MTE K . -24.24 16.67 5.61
O2P MTE K . -24.81 15.27 7.62
O3P MTE K . -24.24 17.48 7.84
MO1 MOM L . -29.23 15.89 1.10
OM3 MOM L . -30.52 15.59 0.00
OM1 MOM L . -27.60 15.35 0.02
OM2 MOM L . -28.77 17.47 0.60
C1' SAL M . -24.38 13.31 -3.68
O1' SAL M . -23.67 12.46 -4.23
O2' SAL M . -24.99 12.89 -2.68
C1 SAL M . -24.50 14.67 -4.17
C2 SAL M . -23.81 15.15 -5.31
C3 SAL M . -23.94 16.50 -5.80
C4 SAL M . -24.79 17.38 -5.12
C5 SAL M . -25.51 16.98 -3.97
C6 SAL M . -25.36 15.62 -3.51
O2 SAL M . -22.98 14.37 -6.02
C BCT N . -1.27 64.17 21.08
O1 BCT N . -2.05 64.54 22.04
O2 BCT N . -0.59 64.99 20.33
O3 BCT N . -1.17 62.92 20.88
CA CA O . -12.43 64.23 19.85
CA CA P . -15.99 52.19 19.57
FE1 FES Q . -12.50 64.27 4.79
FE2 FES Q . -12.85 66.49 3.28
S1 FES Q . -12.05 64.57 2.63
S2 FES Q . -13.29 66.24 5.36
FE1 FES R . -24.98 72.17 7.88
FE2 FES R . -22.47 71.79 8.87
S1 FES R . -23.26 73.57 7.80
S2 FES R . -24.12 70.43 8.95
PA FAD S . -33.94 84.75 10.99
O1A FAD S . -35.02 84.15 9.99
O2A FAD S . -33.33 83.75 11.89
O5B FAD S . -34.40 85.97 11.96
C5B FAD S . -33.69 86.60 13.04
C4B FAD S . -34.57 87.61 13.82
O4B FAD S . -35.00 88.69 12.99
C3B FAD S . -35.79 87.08 14.60
O3B FAD S . -35.60 87.61 15.90
C2B FAD S . -36.95 87.73 13.86
O2B FAD S . -38.20 87.94 14.50
C1B FAD S . -36.41 88.96 13.19
N9A FAD S . -36.83 89.49 11.87
C8A FAD S . -36.56 89.02 10.64
N7A FAD S . -37.12 89.77 9.70
C5A FAD S . -37.77 90.74 10.31
C6A FAD S . -38.57 91.85 9.91
N6A FAD S . -38.77 92.07 8.60
N1A FAD S . -39.12 92.70 10.86
C2A FAD S . -38.94 92.52 12.22
N3A FAD S . -38.18 91.45 12.64
C4A FAD S . -37.59 90.57 11.72
N1 FAD S . -24.01 87.63 11.27
C2 FAD S . -23.09 88.70 11.05
O2 FAD S . -23.40 89.85 11.35
N3 FAD S . -21.82 88.41 10.48
C4 FAD S . -21.44 87.06 10.12
O4 FAD S . -20.33 86.90 9.64
C4X FAD S . -22.36 85.97 10.34
N5 FAD S . -22.03 84.66 10.02
C5X FAD S . -22.85 83.57 10.20
C6 FAD S . -22.39 82.25 9.84
C7 FAD S . -23.25 81.11 10.03
C7M FAD S . -22.67 79.77 9.62
C8 FAD S . -24.60 81.28 10.60
C8M FAD S . -25.62 80.14 10.85
C9 FAD S . -25.04 82.58 10.97
C9A FAD S . -24.21 83.77 10.79
N10 FAD S . -24.61 85.15 11.15
C10 FAD S . -23.66 86.26 10.93
C1' FAD S . -25.92 85.59 11.78
C2' FAD S . -27.06 85.55 10.70
O2' FAD S . -26.75 84.78 9.53
C3' FAD S . -27.51 87.00 10.38
O3' FAD S . -27.87 87.62 11.64
C4' FAD S . -28.62 86.97 9.27
O4' FAD S . -28.83 88.10 8.45
C5' FAD S . -29.94 86.59 9.99
O5' FAD S . -30.99 86.64 9.01
P FAD S . -32.05 85.43 8.85
O1P FAD S . -31.45 83.97 8.71
O2P FAD S . -32.91 85.93 7.76
O3P FAD S . -32.82 85.60 10.23
N1 MTE T . -6.19 61.17 6.58
C2 MTE T . -7.56 61.34 6.36
N2 MTE T . -7.94 61.81 5.14
N3 MTE T . -8.43 61.05 7.36
C4 MTE T . -8.01 60.56 8.62
O4 MTE T . -8.82 60.27 9.60
N5 MTE T . -5.91 59.82 10.09
C6 MTE T . -4.45 60.15 10.50
C7 MTE T . -3.56 60.04 9.08
N8 MTE T . -4.18 60.55 7.87
C9 MTE T . -6.57 60.35 8.91
C10 MTE T . -5.56 60.72 7.70
C1' MTE T . -3.77 59.57 11.59
S1' MTE T . -3.95 60.39 13.01
C2' MTE T . -3.01 58.33 11.34
S2' MTE T . -2.17 57.61 12.72
C3' MTE T . -2.95 57.67 9.90
O3' MTE T . -3.31 58.63 8.84
C4' MTE T . -3.50 56.53 9.58
O4' MTE T . -2.82 56.01 8.51
P MTE T . -2.09 54.86 8.31
O1P MTE T . -1.78 54.26 9.71
O2P MTE T . -0.83 55.13 7.57
O3P MTE T . -2.80 53.94 7.60
MO1 MOM U . -3.16 58.67 14.70
OM3 MOM U . -3.27 59.73 16.06
OM1 MOM U . -1.63 57.45 15.24
OM2 MOM U . -4.13 57.37 15.26
C1' SAL V . 1.90 55.75 18.69
O1' SAL V . 3.06 55.61 19.09
O2' SAL V . 1.78 56.52 17.74
C1 SAL V . 0.78 55.06 19.29
C2 SAL V . 0.91 54.17 20.39
C3 SAL V . -0.21 53.50 20.99
C4 SAL V . -1.48 53.72 20.47
C5 SAL V . -1.70 54.59 19.37
C6 SAL V . -0.55 55.26 18.80
O2 SAL V . 2.11 53.91 20.95
C BCT W . 48.88 -18.57 5.31
O1 BCT W . 47.81 -18.48 6.05
O2 BCT W . 49.17 -17.75 4.33
O3 BCT W . 49.67 -19.53 5.58
CA CA X . 38.14 -21.15 3.09
CA CA Y . 38.17 -33.60 2.87
FE1 FES Z . 39.61 -21.54 -11.95
FE2 FES Z . 38.59 -19.65 -13.61
S1 FES Z . 40.00 -21.26 -14.10
S2 FES Z . 38.19 -19.89 -11.51
FE1 FES AA . 25.15 -17.22 -10.11
FE2 FES AA . 27.49 -16.79 -8.79
S1 FES AA . 26.35 -15.34 -10.01
S2 FES AA . 26.35 -18.62 -8.88
PA FAD BA . 12.99 -7.31 -8.12
O1A FAD BA . 12.16 -8.20 -9.13
O2A FAD BA . 13.85 -8.07 -7.20
O5B FAD BA . 12.20 -6.27 -7.19
C5B FAD BA . 12.71 -5.40 -6.17
C4B FAD BA . 11.58 -4.72 -5.39
O4B FAD BA . 10.88 -3.75 -6.21
C3B FAD BA . 10.53 -5.60 -4.73
O3B FAD BA . 10.30 -4.96 -3.49
C2B FAD BA . 9.36 -5.44 -5.68
O2B FAD BA . 8.05 -5.78 -5.26
C1B FAD BA . 9.46 -4.05 -6.23
N9A FAD BA . 9.02 -3.61 -7.58
C8A FAD BA . 9.51 -3.94 -8.79
N7A FAD BA . 8.85 -3.33 -9.76
C5A FAD BA . 7.92 -2.58 -9.19
C6A FAD BA . 6.90 -1.67 -9.63
N6A FAD BA . 6.74 -1.45 -10.95
N1A FAD BA . 6.08 -1.04 -8.71
C2A FAD BA . 6.20 -1.22 -7.34
N3A FAD BA . 7.17 -2.08 -6.90
C4A FAD BA . 8.03 -2.75 -7.78
N1 FAD BA . 21.79 -1.89 -7.19
C2 FAD BA . 22.40 -0.65 -7.40
O2 FAD BA . 21.77 0.37 -7.21
N3 FAD BA . 23.74 -0.61 -7.85
C4 FAD BA . 24.49 -1.82 -8.09
O4 FAD BA . 25.65 -1.70 -8.48
C4X FAD BA . 23.89 -3.10 -7.87
N5 FAD BA . 24.57 -4.29 -8.08
C5X FAD BA . 24.04 -5.55 -7.87
C6 FAD BA . 24.86 -6.71 -8.12
C7 FAD BA . 24.31 -8.02 -7.91
C7M FAD BA . 25.28 -9.16 -8.20
C8 FAD BA . 22.93 -8.19 -7.46
C8M FAD BA . 22.23 -9.54 -7.21
C9 FAD BA . 22.12 -7.03 -7.22
C9A FAD BA . 22.64 -5.68 -7.41
N10 FAD BA . 21.86 -4.44 -7.18
C10 FAD BA . 22.51 -3.13 -7.41
C1' FAD BA . 20.41 -4.32 -6.69
C2' FAD BA . 19.46 -4.63 -7.91
O2' FAD BA . 20.13 -5.16 -9.08
C3' FAD BA . 18.57 -3.38 -8.22
O3' FAD BA . 17.92 -2.98 -6.99
C4' FAD BA . 17.61 -3.69 -9.43
O4' FAD BA . 17.07 -2.62 -10.19
C5' FAD BA . 16.45 -4.56 -8.86
O5' FAD BA . 15.49 -4.75 -9.92
P FAD BA . 14.75 -6.18 -10.16
O1P FAD BA . 15.66 -7.47 -10.19
O2P FAD BA . 13.93 -5.88 -11.34
O3P FAD BA . 13.82 -6.18 -8.89
N1 MTE CA . 46.26 -23.02 -9.50
C2 MTE CA . 44.91 -23.23 -9.79
N2 MTE CA . 44.53 -22.94 -11.05
N3 MTE CA . 44.08 -23.69 -8.84
C4 MTE CA . 44.49 -23.99 -7.54
O4 MTE CA . 43.72 -24.44 -6.59
N5 MTE CA . 46.76 -24.09 -5.71
C6 MTE CA . 47.92 -23.44 -5.38
C7 MTE CA . 48.89 -23.31 -6.76
N8 MTE CA . 48.25 -23.03 -8.03
C9 MTE CA . 45.90 -23.81 -7.13
C10 MTE CA . 46.89 -23.24 -8.29
C1' MTE CA . 48.68 -23.79 -4.24
S1' MTE CA . 48.14 -23.12 -2.82
C2' MTE CA . 49.84 -24.70 -4.44
S2' MTE CA . 50.70 -25.10 -2.99
C3' MTE CA . 50.25 -25.27 -5.85
O3' MTE CA . 49.52 -24.61 -6.92
C4' MTE CA . 49.87 -26.57 -5.90
O4' MTE CA . 50.62 -27.16 -6.49
P MTE CA . 51.58 -27.98 -7.05
O1P MTE CA . 52.30 -28.73 -5.89
O2P MTE CA . 52.54 -27.21 -7.90
O3P MTE CA . 50.96 -28.90 -7.85
MO1 MOM DA . 49.15 -24.44 -1.02
OM3 MOM DA . 48.50 -23.38 0.17
OM1 MOM DA . 50.71 -25.29 -0.05
OM2 MOM DA . 48.35 -25.90 -0.61
C1' SAL EA . 53.86 -26.08 3.24
O1' SAL EA . 55.03 -25.75 3.49
O2' SAL EA . 53.35 -25.52 2.27
C1 SAL EA . 53.16 -27.05 4.03
C2 SAL EA . 53.72 -27.73 5.14
C3 SAL EA . 53.01 -28.70 5.92
C4 SAL EA . 51.69 -29.01 5.57
C5 SAL EA . 51.05 -28.38 4.47
C6 SAL EA . 51.79 -27.40 3.71
O2 SAL EA . 54.99 -27.48 5.55
C BCT FA . 32.94 -77.70 -21.48
O1 BCT FA . 32.78 -78.72 -20.71
O2 BCT FA . 32.23 -77.46 -22.55
O3 BCT FA . 33.88 -76.91 -21.13
CA CA GA . 25.48 -69.98 -19.99
CA CA HA . 27.66 -59.02 -18.90
FE1 FES IA . 25.55 -69.92 -5.01
FE2 FES IA . 23.71 -71.07 -3.34
S1 FES IA . 25.73 -70.41 -2.82
S2 FES IA . 23.48 -70.62 -5.44
FE1 FES JA . 11.13 -66.16 -7.73
FE2 FES JA . 13.10 -67.63 -8.92
S1 FES JA . 11.40 -68.38 -7.74
S2 FES JA . 12.87 -65.49 -8.91
PA FAD KA . -4.27 -68.23 -10.71
O1A FAD KA . -4.51 -66.97 -9.77
O2A FAD KA . -3.06 -68.12 -11.55
O5B FAD KA . -5.46 -68.69 -11.71
C5B FAD KA . -5.43 -69.55 -12.86
C4B FAD KA . -6.79 -69.60 -13.60
O4B FAD KA . -7.84 -70.00 -12.70
C3B FAD KA . -7.26 -68.34 -14.34
O3B FAD KA . -7.76 -68.85 -15.58
C2B FAD KA . -8.36 -67.85 -13.42
O2B FAD KA . -9.33 -66.92 -13.88
C1B FAD KA . -8.97 -69.11 -12.84
N9A FAD KA . -9.65 -69.21 -11.52
C8A FAD KA . -9.12 -69.17 -10.28
N7A FAD KA . -10.05 -69.30 -9.34
C5A FAD KA . -11.22 -69.42 -9.97
C6A FAD KA . -12.58 -69.59 -9.59
N6A FAD KA . -12.90 -69.65 -8.29
N1A FAD KA . -13.58 -69.68 -10.57
C2A FAD KA . -13.30 -69.62 -11.92
N3A FAD KA . -11.99 -69.46 -12.31
C4A FAD KA . -10.96 -69.36 -11.38
N1 FAD KA . 0.47 -77.44 -11.04
C2 FAD KA . 0.34 -78.82 -10.83
O2 FAD KA . -0.70 -79.40 -11.10
N3 FAD KA . 1.45 -79.55 -10.30
C4 FAD KA . 2.68 -78.89 -9.99
O4 FAD KA . 3.58 -79.59 -9.53
C4X FAD KA . 2.83 -77.49 -10.21
N5 FAD KA . 4.02 -76.82 -9.93
C5X FAD KA . 4.23 -75.46 -10.14
C6 FAD KA . 5.51 -74.89 -9.83
C7 FAD KA . 5.72 -73.47 -10.04
C7M FAD KA . 7.12 -72.96 -9.70
C8 FAD KA . 4.64 -72.63 -10.57
C8M FAD KA . 4.72 -71.11 -10.84
C9 FAD KA . 3.38 -73.22 -10.88
C9A FAD KA . 3.12 -74.64 -10.68
N10 FAD KA . 1.83 -75.31 -10.98
C10 FAD KA . 1.69 -76.74 -10.75
C1' FAD KA . 0.58 -74.67 -11.59
C2' FAD KA . -0.16 -73.80 -10.52
O2' FAD KA . 0.59 -73.54 -9.32
C3' FAD KA . -1.57 -74.39 -10.27
O3' FAD KA . -2.25 -74.42 -11.54
C4' FAD KA . -2.29 -73.60 -9.11
O4' FAD KA . -3.37 -74.21 -8.43
C5' FAD KA . -2.76 -72.27 -9.74
O5' FAD KA . -3.56 -71.60 -8.75
P FAD KA . -3.50 -70.00 -8.55
O1P FAD KA . -2.07 -69.32 -8.48
O2P FAD KA . -4.43 -69.80 -7.43
O3P FAD KA . -4.25 -69.58 -9.88
N1 MTE LA . 32.08 -72.15 -6.93
C2 MTE LA . 31.02 -71.29 -6.70
N2 MTE LA . 30.46 -71.35 -5.47
N3 MTE LA . 30.60 -70.46 -7.68
C4 MTE LA . 31.21 -70.41 -8.95
O4 MTE LA . 30.84 -69.61 -9.92
N5 MTE LA . 33.27 -71.34 -10.60
C6 MTE LA . 33.99 -72.67 -10.86
C7 MTE LA . 34.67 -73.27 -9.45
N8 MTE LA . 33.89 -73.16 -8.24
C9 MTE LA . 32.36 -71.29 -9.27
C10 MTE LA . 32.82 -72.28 -8.06
C1' MTE LA . 34.87 -72.81 -11.96
S1' MTE LA . 34.11 -73.18 -13.38
C2' MTE LA . 36.31 -72.59 -11.69
S2' MTE LA . 37.40 -72.77 -13.06
C3' MTE LA . 36.85 -72.24 -10.24
O3' MTE LA . 35.89 -72.51 -9.18
C4' MTE LA . 37.31 -70.98 -10.17
O4' MTE LA . 38.28 -71.00 -9.61
P MTE LA . 39.52 -70.94 -8.99
O1P MTE LA . 40.60 -70.76 -10.14
O2P MTE LA . 39.82 -72.14 -8.16
O3P MTE LA . 39.57 -69.83 -8.18
MO1 MOM MA . 35.96 -72.68 -15.03
OM3 MOM MA . 34.95 -73.37 -16.24
OM1 MOM MA . 37.80 -72.92 -15.82
OM2 MOM MA . 36.11 -71.08 -15.62
C1' SAL NA . 41.24 -74.10 -19.06
O1' SAL NA . 42.12 -74.91 -19.35
O2' SAL NA . 40.52 -74.45 -18.12
C1 SAL NA . 41.06 -72.85 -19.75
C2 SAL NA . 41.87 -72.43 -20.85
C3 SAL NA . 41.69 -71.19 -21.54
C4 SAL NA . 40.65 -70.34 -21.12
C5 SAL NA . 39.79 -70.69 -20.05
C6 SAL NA . 40.01 -71.94 -19.37
O2 SAL NA . 42.90 -73.19 -21.30
#